data_8GTD
#
_entry.id   8GTD
#
loop_
_entity.id
_entity.type
_entity.pdbx_description
1 polymer 'Portal protein'
2 polymer 'Head-to-tail joining protein'
#
loop_
_entity_poly.entity_id
_entity_poly.type
_entity_poly.pdbx_seq_one_letter_code
_entity_poly.pdbx_strand_id
1 'polypeptide(L)'
;MRFWPFSKTTNAATRAEPMVTRPDTAPRVRSYRAAKSDRIAGGFGVFPTTPRDELRREIRGLVGHSRHAAQNFDYARAYE
MLTRRHVIGFNGIRLQMDVRDPGGKKDVAAGAQIESAWARWGKMKNSPTPCGRLSWWGVECQVATGIAREGGSFVRIHQG
TNRGRFGFQVEPIPFDLLDLDLTGPTPGGGFVGIAREGGSFVRIHQGTNRGRFGFQVEPIPFDLLDLDLTGPTPGGGFVE
SGVEFDATDRVVAYHMWSAAMSEGHRPGARRRLRIPAAQMLYVLVPEEIGQALGVPRSATALRLMNLSEKFQESALTAAN
YGASNMVFFERAADNGVVTGPEDDAQIPIDQIEAGTLTELPPGVKAVSHNPAYPDAAVGPFLRQMGTSQAAGLGVSYETL
TADLSGANFSSLRAGKGEEREEWRMLQRAVFEGLHDRVFSRWLPLAMLSGEVRLPLAKLDKFDAATWRPRGWPSVNPKDD
ATAHEKDLKNGVRTRTEICAERGRDFADVVAEAAAERQMMRDAGLDPDAPLRTSPPETPPDPGEEIEGKDT
;
A,B,C,D,E,F,G,H,I,J,K,L
2 'polypeptide(L)'
;MTVSIHPPATLVAGDSWAWEAGAVFEDHPDPWAASYVLRPEAGGDPVTVSGGLEVLAPVFRLPASVTADLPPGEWTWFAV
AVDATTDARAVLAQGRVTVIPDPLAGTEDRRTPARRILAAIEATLEGRATKDADTYSIEGRSITRTPLPDLLRLRAVYAE
QVARETGRSPYRQRRVSF
;
M,N,O,P,Q,R,S,T,U,V,W,X
#
# COMPACT_ATOMS: atom_id res chain seq x y z
N TYR A 32 -25.78 3.62 -39.09
CA TYR A 32 -27.05 3.92 -39.74
C TYR A 32 -28.18 3.91 -38.72
N ARG A 33 -28.56 2.73 -38.25
CA ARG A 33 -29.62 2.62 -37.27
C ARG A 33 -29.01 2.59 -35.88
N ALA A 34 -28.51 3.75 -35.46
CA ALA A 34 -27.86 3.86 -34.17
C ALA A 34 -28.74 4.65 -33.23
N ALA A 35 -29.26 5.77 -33.74
CA ALA A 35 -30.05 6.64 -32.90
C ALA A 35 -31.51 6.72 -33.34
N LYS A 36 -31.94 5.79 -34.20
CA LYS A 36 -33.21 5.83 -34.92
C LYS A 36 -34.46 6.02 -34.06
N SER A 37 -34.40 5.60 -32.80
CA SER A 37 -35.55 5.68 -31.91
C SER A 37 -35.12 5.51 -30.46
N ASP A 38 -36.12 5.35 -29.59
CA ASP A 38 -35.93 5.45 -28.15
C ASP A 38 -36.33 4.15 -27.45
N ARG A 39 -35.87 3.01 -27.94
CA ARG A 39 -36.30 1.68 -27.51
C ARG A 39 -36.00 1.47 -26.03
N ILE A 40 -34.74 1.49 -25.63
CA ILE A 40 -34.41 1.35 -24.22
C ILE A 40 -33.41 2.41 -23.78
N ALA A 41 -32.79 3.08 -24.75
CA ALA A 41 -31.71 4.01 -24.47
C ALA A 41 -31.81 5.30 -25.30
N GLY A 42 -32.98 5.93 -25.35
CA GLY A 42 -33.12 7.06 -26.23
C GLY A 42 -33.83 8.24 -25.58
N GLY A 43 -34.69 8.87 -26.36
CA GLY A 43 -35.35 10.11 -25.98
C GLY A 43 -35.21 11.13 -27.09
N PHE A 44 -34.84 10.67 -28.29
CA PHE A 44 -34.37 11.54 -29.36
C PHE A 44 -35.49 12.21 -30.15
N GLY A 45 -36.47 12.75 -29.43
CA GLY A 45 -37.68 13.23 -30.08
C GLY A 45 -38.39 12.12 -30.86
N VAL A 46 -39.17 12.52 -31.86
CA VAL A 46 -39.84 11.54 -32.72
C VAL A 46 -39.62 12.01 -34.14
N PHE A 47 -39.67 13.32 -34.35
CA PHE A 47 -39.46 13.88 -35.69
C PHE A 47 -38.56 15.11 -35.58
N PRO A 48 -37.79 15.40 -36.65
CA PRO A 48 -36.97 16.62 -36.62
C PRO A 48 -37.83 17.88 -36.53
N THR A 49 -37.38 18.86 -35.74
CA THR A 49 -38.15 20.08 -35.57
C THR A 49 -37.29 21.32 -35.76
N THR A 50 -37.91 22.44 -36.14
CA THR A 50 -37.18 23.67 -36.35
C THR A 50 -36.51 24.19 -35.06
N PRO A 51 -35.16 24.39 -35.05
CA PRO A 51 -34.59 24.91 -33.81
C PRO A 51 -35.23 26.22 -33.47
N ARG A 52 -35.79 26.96 -34.42
CA ARG A 52 -36.35 28.27 -34.13
C ARG A 52 -37.35 28.33 -32.97
N ASP A 53 -38.52 27.69 -33.11
CA ASP A 53 -39.56 27.82 -32.07
C ASP A 53 -39.07 27.27 -30.75
N GLU A 54 -38.38 26.14 -30.87
CA GLU A 54 -37.84 25.54 -29.68
C GLU A 54 -36.90 26.60 -29.18
N LEU A 55 -36.09 27.19 -30.06
CA LEU A 55 -35.09 28.14 -29.59
C LEU A 55 -35.77 29.29 -28.90
N ARG A 56 -36.82 29.88 -29.44
CA ARG A 56 -37.40 31.02 -28.75
C ARG A 56 -37.95 30.67 -27.36
N ARG A 57 -38.68 29.55 -27.27
CA ARG A 57 -39.26 29.30 -25.95
C ARG A 57 -38.13 29.05 -24.99
N GLU A 58 -37.15 28.30 -25.49
CA GLU A 58 -36.06 27.90 -24.63
C GLU A 58 -35.38 29.12 -24.13
N ILE A 59 -35.09 30.09 -25.00
CA ILE A 59 -34.40 31.29 -24.61
C ILE A 59 -35.18 32.17 -23.66
N ARG A 60 -36.48 32.35 -23.83
CA ARG A 60 -37.14 33.18 -22.81
C ARG A 60 -36.99 32.50 -21.44
N GLY A 61 -37.24 31.18 -21.47
CA GLY A 61 -37.19 30.50 -20.18
C GLY A 61 -35.81 30.61 -19.60
N LEU A 62 -34.79 30.46 -20.43
CA LEU A 62 -33.40 30.46 -20.02
C LEU A 62 -32.87 31.79 -19.61
N VAL A 63 -33.34 32.88 -20.18
CA VAL A 63 -32.82 34.12 -19.73
C VAL A 63 -33.33 34.14 -18.32
N GLY A 64 -34.61 33.78 -18.16
CA GLY A 64 -35.04 33.86 -16.77
C GLY A 64 -34.16 32.97 -15.89
N HIS A 65 -33.86 31.76 -16.34
CA HIS A 65 -33.09 30.81 -15.53
C HIS A 65 -31.68 31.21 -15.20
N SER A 66 -30.96 31.75 -16.17
CA SER A 66 -29.58 32.15 -15.99
C SER A 66 -29.56 33.31 -15.05
N ARG A 67 -30.56 34.18 -15.19
CA ARG A 67 -30.59 35.24 -14.22
C ARG A 67 -30.53 34.61 -12.85
N HIS A 68 -31.23 33.50 -12.64
CA HIS A 68 -31.30 32.98 -11.28
C HIS A 68 -30.01 32.32 -10.91
N ALA A 69 -29.45 31.51 -11.80
CA ALA A 69 -28.24 30.75 -11.46
C ALA A 69 -27.05 31.61 -11.18
N ALA A 70 -26.84 32.61 -12.02
CA ALA A 70 -25.67 33.41 -11.85
C ALA A 70 -25.81 34.03 -10.51
N GLN A 71 -26.98 34.53 -10.20
CA GLN A 71 -27.02 35.15 -8.89
C GLN A 71 -26.91 34.24 -7.68
N ASN A 72 -27.51 33.06 -7.72
CA ASN A 72 -27.50 32.27 -6.50
C ASN A 72 -26.56 31.09 -6.34
N PHE A 73 -26.04 30.54 -7.43
CA PHE A 73 -25.23 29.31 -7.32
C PHE A 73 -23.76 29.52 -7.16
N ASP A 74 -22.98 29.02 -8.08
CA ASP A 74 -21.59 29.38 -8.16
C ASP A 74 -21.09 28.96 -9.50
N TYR A 75 -19.78 29.01 -9.73
CA TYR A 75 -19.17 28.60 -11.01
C TYR A 75 -19.59 29.44 -12.20
N ALA A 76 -20.84 29.79 -12.27
CA ALA A 76 -21.29 30.62 -13.35
C ALA A 76 -20.95 32.06 -13.03
N ARG A 77 -21.05 32.43 -11.76
CA ARG A 77 -20.65 33.76 -11.40
C ARG A 77 -19.23 33.83 -11.89
N ALA A 78 -18.56 32.69 -11.85
CA ALA A 78 -17.17 32.67 -12.27
C ALA A 78 -17.05 32.78 -13.76
N TYR A 79 -17.90 32.08 -14.49
CA TYR A 79 -17.89 32.23 -15.92
C TYR A 79 -18.03 33.70 -16.23
N GLU A 80 -19.06 34.31 -15.69
CA GLU A 80 -19.31 35.70 -15.96
C GLU A 80 -18.06 36.50 -15.74
N MET A 81 -17.38 36.28 -14.63
CA MET A 81 -16.23 37.10 -14.33
C MET A 81 -15.20 36.80 -15.36
N LEU A 82 -15.03 35.52 -15.66
CA LEU A 82 -13.98 35.15 -16.58
C LEU A 82 -14.21 35.78 -17.92
N THR A 83 -15.45 35.70 -18.40
CA THR A 83 -15.70 36.19 -19.73
C THR A 83 -15.39 37.60 -19.76
N ARG A 84 -15.91 38.32 -18.78
CA ARG A 84 -15.73 39.73 -18.89
C ARG A 84 -14.29 40.06 -18.93
N ARG A 85 -13.52 39.54 -17.98
CA ARG A 85 -12.17 40.03 -17.97
C ARG A 85 -11.40 39.67 -19.20
N HIS A 86 -11.48 38.41 -19.59
CA HIS A 86 -10.65 38.00 -20.69
C HIS A 86 -11.02 38.69 -21.98
N VAL A 87 -12.30 38.93 -22.19
CA VAL A 87 -12.68 39.49 -23.48
C VAL A 87 -12.71 41.02 -23.54
N ILE A 88 -12.66 41.67 -22.38
CA ILE A 88 -12.80 43.12 -22.42
C ILE A 88 -11.55 43.93 -22.55
N GLY A 89 -10.81 44.10 -21.48
CA GLY A 89 -9.69 45.01 -21.55
C GLY A 89 -9.34 45.76 -20.27
N PHE A 90 -8.07 45.68 -19.91
CA PHE A 90 -7.48 46.70 -19.07
C PHE A 90 -7.47 48.03 -19.81
N ASN A 91 -7.12 48.00 -21.09
CA ASN A 91 -7.18 49.15 -21.95
C ASN A 91 -8.46 49.17 -22.77
N GLY A 92 -9.39 48.27 -22.48
CA GLY A 92 -10.60 48.16 -23.27
C GLY A 92 -10.29 47.57 -24.63
N ILE A 93 -11.01 48.05 -25.64
CA ILE A 93 -10.68 47.79 -27.04
C ILE A 93 -10.44 49.14 -27.70
N ARG A 94 -9.25 49.36 -28.22
CA ARG A 94 -8.94 50.67 -28.78
C ARG A 94 -9.15 50.76 -30.28
N LEU A 95 -9.08 51.97 -30.84
CA LEU A 95 -9.32 52.16 -32.26
C LEU A 95 -8.14 52.75 -33.01
N GLN A 96 -7.73 52.11 -34.11
CA GLN A 96 -6.67 52.68 -34.93
C GLN A 96 -7.25 52.73 -36.33
N MET A 97 -7.15 53.87 -36.99
CA MET A 97 -7.75 53.99 -38.31
C MET A 97 -6.72 54.39 -39.33
N ASP A 98 -6.72 53.71 -40.47
CA ASP A 98 -5.74 54.00 -41.50
C ASP A 98 -6.41 54.73 -42.63
N VAL A 99 -5.92 55.91 -42.96
CA VAL A 99 -6.58 56.70 -43.98
C VAL A 99 -6.56 56.02 -45.33
N ARG A 100 -5.40 55.57 -45.75
CA ARG A 100 -5.30 54.84 -47.01
C ARG A 100 -4.17 53.85 -46.97
N ASP A 101 -3.62 53.51 -48.12
CA ASP A 101 -2.40 52.70 -48.16
C ASP A 101 -1.36 53.19 -47.15
N PRO A 102 -0.91 52.33 -46.24
CA PRO A 102 -0.06 52.82 -45.13
C PRO A 102 1.40 53.04 -45.50
N GLY A 103 1.77 52.97 -46.78
CA GLY A 103 3.12 53.33 -47.17
C GLY A 103 3.38 54.82 -47.05
N GLY A 104 2.72 55.60 -47.89
CA GLY A 104 2.77 57.04 -47.79
C GLY A 104 1.40 57.66 -47.97
N LYS A 105 0.45 56.84 -48.41
CA LYS A 105 -0.88 57.33 -48.74
C LYS A 105 -1.79 57.44 -47.52
N LYS A 106 -1.45 56.75 -46.43
CA LYS A 106 -2.10 56.98 -45.14
C LYS A 106 -1.30 58.08 -44.43
N ASP A 107 -2.01 58.99 -43.78
CA ASP A 107 -1.37 60.06 -43.03
C ASP A 107 -1.83 60.06 -41.57
N VAL A 108 -0.98 60.56 -40.69
CA VAL A 108 -1.30 60.50 -39.27
C VAL A 108 -2.21 61.58 -38.76
N ALA A 109 -2.36 62.69 -39.47
CA ALA A 109 -3.16 63.78 -38.89
C ALA A 109 -4.62 63.39 -38.66
N ALA A 110 -5.23 62.79 -39.67
CA ALA A 110 -6.61 62.40 -39.55
C ALA A 110 -6.74 61.36 -38.47
N GLY A 111 -5.77 60.46 -38.42
CA GLY A 111 -5.83 59.41 -37.43
C GLY A 111 -5.81 59.98 -36.04
N ALA A 112 -4.92 60.92 -35.81
CA ALA A 112 -4.79 61.47 -34.49
C ALA A 112 -6.08 62.12 -34.17
N GLN A 113 -6.64 62.89 -35.09
CA GLN A 113 -7.83 63.62 -34.73
C GLN A 113 -8.95 62.67 -34.35
N ILE A 114 -9.17 61.64 -35.15
CA ILE A 114 -10.29 60.77 -34.85
C ILE A 114 -10.10 60.04 -33.53
N GLU A 115 -8.88 59.56 -33.31
CA GLU A 115 -8.67 58.77 -32.11
C GLU A 115 -8.90 59.65 -30.93
N SER A 116 -8.39 60.87 -31.02
CA SER A 116 -8.47 61.75 -29.88
C SER A 116 -9.92 61.99 -29.61
N ALA A 117 -10.71 62.28 -30.63
CA ALA A 117 -12.09 62.59 -30.35
C ALA A 117 -12.81 61.42 -29.71
N TRP A 118 -12.61 60.22 -30.24
CA TRP A 118 -13.36 59.11 -29.68
C TRP A 118 -13.01 58.92 -28.23
N ALA A 119 -11.71 58.92 -27.97
CA ALA A 119 -11.31 58.63 -26.61
C ALA A 119 -11.84 59.70 -25.70
N ARG A 120 -11.80 60.95 -26.10
CA ARG A 120 -12.36 62.04 -25.26
C ARG A 120 -13.73 61.72 -24.62
N TRP A 121 -14.75 61.55 -25.45
CA TRP A 121 -16.10 61.23 -24.94
C TRP A 121 -16.14 59.87 -24.25
N GLY A 122 -15.24 58.96 -24.62
CA GLY A 122 -15.17 57.67 -23.96
C GLY A 122 -14.82 57.89 -22.49
N LYS A 123 -13.98 58.87 -22.20
CA LYS A 123 -13.62 59.19 -20.81
C LYS A 123 -14.82 59.79 -20.10
N MET A 124 -14.80 59.81 -18.76
CA MET A 124 -16.01 60.24 -18.03
C MET A 124 -16.49 61.60 -18.47
N LYS A 125 -17.76 61.68 -18.86
CA LYS A 125 -18.33 62.93 -19.36
C LYS A 125 -19.84 62.84 -19.38
N ASN A 126 -20.52 63.97 -19.55
CA ASN A 126 -21.98 63.95 -19.71
C ASN A 126 -22.38 63.23 -21.00
N SER A 127 -21.58 63.38 -22.05
CA SER A 127 -21.91 62.82 -23.38
C SER A 127 -22.10 61.31 -23.60
N PRO A 128 -21.30 60.44 -22.95
CA PRO A 128 -21.45 59.01 -23.27
C PRO A 128 -22.81 58.35 -23.04
N THR A 129 -23.54 58.66 -21.97
CA THR A 129 -24.79 57.94 -21.68
C THR A 129 -25.93 58.80 -21.08
N PRO A 130 -27.23 58.42 -21.30
CA PRO A 130 -28.26 59.16 -20.56
C PRO A 130 -28.23 58.89 -19.06
N CYS A 131 -27.45 57.90 -18.65
CA CYS A 131 -26.85 57.88 -17.32
C CYS A 131 -25.69 58.86 -17.27
N GLY A 132 -24.64 58.51 -16.54
CA GLY A 132 -23.67 59.47 -16.08
C GLY A 132 -22.91 58.98 -14.89
N ARG A 133 -23.13 57.72 -14.50
CA ARG A 133 -22.19 56.99 -13.68
C ARG A 133 -21.27 56.11 -14.52
N LEU A 134 -21.35 56.21 -15.85
CA LEU A 134 -20.67 55.26 -16.72
C LEU A 134 -19.75 55.93 -17.75
N SER A 135 -19.23 55.11 -18.64
CA SER A 135 -18.30 55.58 -19.66
C SER A 135 -18.23 54.49 -20.72
N TRP A 136 -17.39 54.66 -21.74
CA TRP A 136 -17.30 53.69 -22.83
C TRP A 136 -16.79 52.34 -22.44
N TRP A 137 -15.81 52.35 -21.56
CA TRP A 137 -15.23 51.11 -21.11
C TRP A 137 -16.34 50.36 -20.42
N GLY A 138 -17.10 51.09 -19.63
CA GLY A 138 -18.15 50.47 -18.90
C GLY A 138 -19.12 49.90 -19.88
N VAL A 139 -19.49 50.65 -20.89
CA VAL A 139 -20.47 50.06 -21.77
C VAL A 139 -19.93 48.80 -22.40
N GLU A 140 -18.68 48.76 -22.86
CA GLU A 140 -18.26 47.49 -23.47
C GLU A 140 -18.33 46.36 -22.49
N CYS A 141 -17.82 46.58 -21.29
CA CYS A 141 -17.76 45.45 -20.36
C CYS A 141 -19.16 44.97 -20.11
N GLN A 142 -20.05 45.90 -19.91
CA GLN A 142 -21.38 45.48 -19.59
C GLN A 142 -22.12 44.80 -20.69
N VAL A 143 -21.95 45.30 -21.89
CA VAL A 143 -22.66 44.71 -22.98
C VAL A 143 -22.13 43.30 -23.07
N ALA A 144 -20.83 43.09 -22.88
CA ALA A 144 -20.32 41.73 -22.88
C ALA A 144 -20.81 40.80 -21.79
N THR A 145 -20.96 41.29 -20.58
CA THR A 145 -21.50 40.43 -19.52
C THR A 145 -22.90 40.07 -19.89
N GLY A 146 -23.61 41.05 -20.42
CA GLY A 146 -25.00 40.81 -20.71
C GLY A 146 -25.01 39.75 -21.74
N ILE A 147 -24.07 39.84 -22.66
CA ILE A 147 -24.02 38.93 -23.72
C ILE A 147 -23.80 37.57 -23.18
N ALA A 148 -22.83 37.33 -22.33
CA ALA A 148 -22.72 35.94 -21.96
C ALA A 148 -24.05 35.52 -21.35
N ARG A 149 -24.36 36.01 -20.16
CA ARG A 149 -25.57 35.57 -19.44
C ARG A 149 -26.88 35.47 -20.23
N GLU A 150 -27.16 36.43 -21.10
CA GLU A 150 -28.45 36.40 -21.79
C GLU A 150 -28.34 36.02 -23.24
N GLY A 151 -27.16 35.59 -23.66
CA GLY A 151 -26.96 35.30 -25.08
C GLY A 151 -27.18 36.50 -25.98
N GLY A 152 -26.71 37.67 -25.55
CA GLY A 152 -26.83 38.87 -26.36
C GLY A 152 -27.71 39.96 -25.83
N SER A 153 -27.41 41.19 -26.18
CA SER A 153 -28.16 42.32 -25.67
C SER A 153 -28.08 43.45 -26.65
N PHE A 154 -28.89 44.48 -26.46
CA PHE A 154 -28.94 45.54 -27.45
C PHE A 154 -28.64 46.91 -26.90
N VAL A 155 -28.19 47.81 -27.77
CA VAL A 155 -27.95 49.19 -27.34
C VAL A 155 -28.66 50.11 -28.30
N ARG A 156 -29.06 51.29 -27.83
CA ARG A 156 -29.74 52.22 -28.70
C ARG A 156 -29.11 53.59 -28.65
N ILE A 157 -29.15 54.30 -29.77
CA ILE A 157 -28.51 55.61 -29.83
C ILE A 157 -29.51 56.74 -29.92
N HIS A 158 -29.24 57.84 -29.21
CA HIS A 158 -30.14 59.00 -29.22
C HIS A 158 -29.40 60.21 -29.76
N GLN A 159 -30.04 61.03 -30.57
CA GLN A 159 -29.39 62.25 -31.01
C GLN A 159 -30.16 63.52 -30.69
N GLY A 160 -29.51 64.66 -30.47
CA GLY A 160 -30.19 65.92 -30.16
C GLY A 160 -30.20 66.32 -28.70
N THR A 161 -30.73 65.46 -27.81
CA THR A 161 -30.66 65.74 -26.37
C THR A 161 -29.23 65.70 -25.90
N ASN A 162 -28.45 64.68 -26.28
CA ASN A 162 -27.03 64.53 -25.89
C ASN A 162 -26.78 64.42 -24.40
N PHE A 213 -23.23 67.78 -28.56
CA PHE A 213 -22.85 66.47 -29.09
C PHE A 213 -24.08 65.66 -29.46
N GLY A 214 -23.97 64.34 -29.39
CA GLY A 214 -25.10 63.48 -29.74
C GLY A 214 -24.65 62.03 -29.82
N PHE A 215 -25.52 61.16 -30.31
CA PHE A 215 -25.21 59.73 -30.46
C PHE A 215 -24.82 59.06 -29.15
N GLN A 216 -25.47 59.44 -28.05
CA GLN A 216 -25.22 58.77 -26.78
C GLN A 216 -25.82 57.36 -26.85
N VAL A 217 -25.12 56.39 -26.28
CA VAL A 217 -25.59 55.01 -26.36
C VAL A 217 -26.09 54.50 -25.02
N GLU A 218 -27.31 53.97 -25.00
CA GLU A 218 -27.86 53.45 -23.76
C GLU A 218 -28.19 51.96 -23.87
N PRO A 219 -27.74 51.14 -22.88
CA PRO A 219 -28.15 49.74 -23.04
C PRO A 219 -29.52 49.48 -22.46
N ILE A 220 -30.28 48.59 -23.08
CA ILE A 220 -31.61 48.29 -22.62
C ILE A 220 -31.68 46.84 -22.20
N PRO A 221 -32.36 46.56 -21.09
CA PRO A 221 -32.40 45.19 -20.58
C PRO A 221 -33.06 44.22 -21.54
N PHE A 222 -32.61 42.97 -21.56
CA PHE A 222 -33.14 41.98 -22.49
C PHE A 222 -34.61 41.71 -22.31
N ASP A 223 -35.07 41.70 -21.07
CA ASP A 223 -36.47 41.32 -20.81
C ASP A 223 -37.48 42.26 -21.45
N LEU A 224 -37.05 43.45 -21.83
CA LEU A 224 -37.96 44.41 -22.42
C LEU A 224 -38.60 43.88 -23.71
N LEU A 225 -37.91 43.03 -24.47
CA LEU A 225 -38.45 42.52 -25.73
C LEU A 225 -39.75 41.74 -25.57
N ASP A 226 -40.71 41.94 -26.48
CA ASP A 226 -42.00 41.27 -26.43
C ASP A 226 -42.01 39.96 -27.19
N LEU A 227 -42.03 38.84 -26.48
CA LEU A 227 -42.00 37.55 -27.17
C LEU A 227 -43.33 37.24 -27.85
N ASP A 228 -44.40 37.86 -27.37
CA ASP A 228 -45.73 37.52 -27.86
C ASP A 228 -46.18 38.08 -29.18
N LEU A 229 -45.65 39.21 -29.58
CA LEU A 229 -46.14 39.81 -30.80
C LEU A 229 -45.83 38.87 -31.92
N THR A 230 -46.87 38.50 -32.68
CA THR A 230 -46.72 37.53 -33.77
C THR A 230 -47.83 37.82 -34.75
N GLY A 231 -47.84 37.12 -35.88
CA GLY A 231 -48.93 37.28 -36.84
C GLY A 231 -48.55 38.24 -37.95
N PRO A 232 -48.61 37.79 -39.21
CA PRO A 232 -48.24 38.64 -40.35
C PRO A 232 -49.32 39.63 -40.76
N THR A 233 -48.93 40.72 -41.41
CA THR A 233 -49.92 41.67 -41.91
C THR A 233 -50.28 41.28 -43.35
N PRO A 234 -51.48 41.68 -43.87
CA PRO A 234 -51.73 41.23 -45.24
C PRO A 234 -50.68 41.74 -46.21
N GLY A 235 -50.25 42.99 -46.06
CA GLY A 235 -49.20 43.52 -46.90
C GLY A 235 -47.81 43.41 -46.30
N GLY A 236 -47.68 42.78 -45.13
CA GLY A 236 -46.41 42.73 -44.45
C GLY A 236 -45.94 41.38 -43.92
N GLY A 237 -44.64 41.25 -43.71
CA GLY A 237 -44.08 40.00 -43.20
C GLY A 237 -44.29 39.77 -41.71
N PHE A 238 -43.95 38.59 -41.21
CA PHE A 238 -44.18 38.22 -39.81
C PHE A 238 -43.49 39.09 -38.75
N VAL A 239 -44.18 39.32 -37.63
CA VAL A 239 -43.59 40.13 -36.54
C VAL A 239 -43.23 39.26 -35.30
N GLU A 240 -43.19 37.95 -35.47
CA GLU A 240 -42.82 37.01 -34.38
C GLU A 240 -41.60 37.38 -33.52
N SER A 241 -41.64 37.02 -32.23
CA SER A 241 -40.56 37.33 -31.31
C SER A 241 -40.12 38.75 -31.45
N GLY A 242 -41.07 39.64 -31.69
CA GLY A 242 -40.74 41.05 -31.76
C GLY A 242 -39.77 41.45 -32.83
N VAL A 243 -39.73 40.75 -33.94
CA VAL A 243 -38.87 41.21 -35.03
C VAL A 243 -39.72 41.51 -36.25
N GLU A 244 -39.54 42.69 -36.82
CA GLU A 244 -40.38 43.06 -37.93
C GLU A 244 -39.67 42.68 -39.20
N PHE A 245 -40.13 41.64 -39.84
CA PHE A 245 -39.55 41.25 -41.11
C PHE A 245 -40.16 42.11 -42.19
N ASP A 246 -39.55 42.13 -43.37
CA ASP A 246 -40.08 42.90 -44.47
C ASP A 246 -40.63 42.03 -45.58
N ALA A 247 -41.04 42.62 -46.68
CA ALA A 247 -41.42 41.85 -47.86
C ALA A 247 -40.24 41.08 -48.46
N THR A 248 -39.02 41.57 -48.25
CA THR A 248 -37.81 40.85 -48.61
C THR A 248 -37.44 39.86 -47.50
N ASP A 249 -38.20 39.88 -46.39
CA ASP A 249 -37.92 39.18 -45.14
C ASP A 249 -36.56 39.63 -44.61
N ARG A 250 -36.33 40.93 -44.69
CA ARG A 250 -35.15 41.61 -44.19
C ARG A 250 -35.51 42.34 -42.91
N VAL A 251 -34.53 42.54 -42.04
CA VAL A 251 -34.79 43.17 -40.75
C VAL A 251 -34.93 44.67 -40.95
N VAL A 252 -36.00 45.24 -40.41
CA VAL A 252 -36.24 46.68 -40.50
C VAL A 252 -36.68 47.26 -39.18
N ALA A 253 -37.48 46.54 -38.43
CA ALA A 253 -37.85 47.08 -37.15
C ALA A 253 -37.81 46.11 -36.00
N TYR A 254 -37.78 46.64 -34.80
CA TYR A 254 -37.78 45.80 -33.63
C TYR A 254 -38.97 46.23 -32.81
N HIS A 255 -39.47 45.34 -31.97
CA HIS A 255 -40.66 45.66 -31.20
C HIS A 255 -40.46 45.41 -29.73
N MET A 256 -39.72 46.27 -29.04
CA MET A 256 -39.56 46.12 -27.60
C MET A 256 -40.90 46.39 -26.95
N TRP A 257 -41.09 45.87 -25.75
CA TRP A 257 -42.30 46.18 -25.00
C TRP A 257 -42.36 47.61 -24.80
N SER A 258 -41.72 48.05 -23.77
CA SER A 258 -41.90 49.41 -23.52
C SER A 258 -40.91 49.90 -22.62
N ALA A 259 -41.07 51.13 -22.24
CA ALA A 259 -40.18 51.66 -21.29
C ALA A 259 -40.41 50.95 -20.03
N ALA A 260 -41.62 50.61 -19.78
CA ALA A 260 -41.88 50.02 -18.53
C ALA A 260 -41.06 48.78 -18.43
N ALA A 269 -44.88 54.09 -19.74
CA ALA A 269 -45.63 52.89 -19.51
C ALA A 269 -46.29 52.53 -20.79
N ARG A 270 -46.12 53.36 -21.79
CA ARG A 270 -46.86 53.08 -22.97
C ARG A 270 -46.13 52.03 -23.57
N ARG A 271 -46.80 50.95 -23.73
CA ARG A 271 -46.11 49.85 -24.23
C ARG A 271 -45.96 49.89 -25.73
N ARG A 272 -45.28 48.90 -26.29
CA ARG A 272 -45.09 48.79 -27.70
C ARG A 272 -44.44 49.92 -28.42
N LEU A 273 -43.16 49.83 -28.79
CA LEU A 273 -42.60 50.86 -29.62
C LEU A 273 -41.86 50.21 -30.73
N ARG A 274 -42.30 50.46 -31.95
CA ARG A 274 -41.56 49.94 -33.07
C ARG A 274 -40.33 50.79 -33.04
N ILE A 275 -39.15 50.18 -33.10
CA ILE A 275 -37.96 50.97 -33.14
C ILE A 275 -37.19 50.64 -34.40
N PRO A 276 -36.74 51.67 -35.11
CA PRO A 276 -36.04 51.42 -36.37
C PRO A 276 -34.77 50.66 -36.08
N ALA A 277 -34.37 49.82 -37.00
CA ALA A 277 -33.20 48.99 -36.79
C ALA A 277 -32.00 49.85 -36.57
N ALA A 278 -31.94 51.01 -37.22
CA ALA A 278 -30.75 51.81 -37.12
C ALA A 278 -30.50 52.14 -35.67
N GLN A 279 -31.56 52.35 -34.91
CA GLN A 279 -31.38 52.74 -33.53
C GLN A 279 -31.01 51.55 -32.66
N MET A 280 -31.53 50.37 -32.96
CA MET A 280 -31.25 49.23 -32.08
C MET A 280 -30.43 48.15 -32.73
N LEU A 281 -29.29 47.84 -32.16
CA LEU A 281 -28.43 46.83 -32.73
C LEU A 281 -28.27 45.68 -31.76
N TYR A 282 -28.50 44.46 -32.23
CA TYR A 282 -28.43 43.29 -31.34
C TYR A 282 -27.22 42.48 -31.71
N VAL A 283 -26.30 42.28 -30.76
CA VAL A 283 -25.15 41.43 -31.02
C VAL A 283 -25.65 40.01 -30.84
N LEU A 284 -25.12 39.07 -31.60
CA LEU A 284 -25.68 37.71 -31.54
C LEU A 284 -24.86 36.44 -31.36
N VAL A 285 -23.54 36.52 -31.23
CA VAL A 285 -22.70 35.29 -31.17
C VAL A 285 -23.28 34.09 -31.99
N PRO A 286 -23.11 34.10 -33.35
CA PRO A 286 -23.75 33.03 -34.10
C PRO A 286 -23.28 31.63 -33.86
N GLU A 287 -24.21 30.70 -33.74
CA GLU A 287 -23.84 29.31 -33.59
C GLU A 287 -24.51 28.62 -34.75
N GLU A 288 -25.70 28.07 -34.53
CA GLU A 288 -26.42 27.50 -35.65
C GLU A 288 -26.90 28.71 -36.37
N ILE A 289 -26.82 28.70 -37.70
CA ILE A 289 -27.19 29.90 -38.43
C ILE A 289 -28.66 30.34 -38.40
N GLY A 290 -29.59 29.39 -38.48
CA GLY A 290 -30.98 29.81 -38.59
C GLY A 290 -31.63 30.19 -37.28
N GLN A 291 -31.19 31.31 -36.73
CA GLN A 291 -31.81 31.78 -35.49
C GLN A 291 -32.06 33.27 -35.51
N ALA A 292 -33.10 33.70 -34.81
CA ALA A 292 -33.33 35.13 -34.69
C ALA A 292 -32.84 35.60 -33.34
N LEU A 293 -32.23 34.72 -32.56
CA LEU A 293 -31.83 35.08 -31.21
C LEU A 293 -30.70 34.24 -30.68
N GLY A 294 -30.05 34.68 -29.60
CA GLY A 294 -29.01 33.87 -29.00
C GLY A 294 -29.19 33.31 -27.60
N VAL A 295 -28.93 32.02 -27.44
CA VAL A 295 -29.13 31.36 -26.15
C VAL A 295 -28.07 31.72 -25.13
N PRO A 296 -28.42 31.65 -23.84
CA PRO A 296 -27.37 31.88 -22.84
C PRO A 296 -26.32 30.82 -23.01
N ARG A 297 -25.05 31.20 -22.99
CA ARG A 297 -23.97 30.25 -23.22
C ARG A 297 -23.81 29.30 -22.04
N SER A 298 -24.54 29.56 -20.97
CA SER A 298 -24.44 28.72 -19.78
C SER A 298 -25.46 27.61 -19.76
N ALA A 299 -26.23 27.45 -20.84
CA ALA A 299 -27.32 26.47 -20.84
C ALA A 299 -26.90 25.03 -20.62
N THR A 300 -25.80 24.62 -21.21
CA THR A 300 -25.37 23.23 -21.09
C THR A 300 -25.07 22.85 -19.65
N ALA A 301 -24.39 23.74 -18.91
CA ALA A 301 -24.04 23.45 -17.53
C ALA A 301 -25.06 23.95 -16.52
N LEU A 302 -26.12 24.62 -16.99
CA LEU A 302 -27.09 25.19 -16.07
C LEU A 302 -27.75 24.12 -15.24
N ARG A 303 -28.09 23.01 -15.86
CA ARG A 303 -28.70 21.91 -15.13
C ARG A 303 -27.72 21.29 -14.14
N LEU A 304 -26.51 20.98 -14.62
CA LEU A 304 -25.52 20.32 -13.73
C LEU A 304 -25.18 21.17 -12.50
N MET A 305 -25.00 22.47 -12.65
CA MET A 305 -24.67 23.37 -11.57
C MET A 305 -25.72 23.49 -10.49
N ASN A 306 -26.98 23.52 -10.89
CA ASN A 306 -27.99 23.66 -9.89
C ASN A 306 -27.86 22.44 -9.03
N LEU A 307 -27.76 21.30 -9.70
CA LEU A 307 -27.74 20.14 -8.83
C LEU A 307 -26.51 20.18 -7.92
N SER A 308 -25.39 20.59 -8.48
CA SER A 308 -24.18 20.61 -7.69
C SER A 308 -24.20 21.53 -6.49
N GLU A 309 -24.76 22.73 -6.64
CA GLU A 309 -24.85 23.62 -5.51
C GLU A 309 -25.78 23.08 -4.46
N LYS A 310 -26.89 22.48 -4.89
CA LYS A 310 -27.69 21.91 -3.82
C LYS A 310 -26.88 20.84 -3.07
N PHE A 311 -26.11 20.04 -3.81
CA PHE A 311 -25.29 19.03 -3.14
C PHE A 311 -24.27 19.61 -2.17
N GLN A 312 -23.59 20.67 -2.58
CA GLN A 312 -22.59 21.26 -1.71
C GLN A 312 -23.27 21.77 -0.47
N GLU A 313 -24.44 22.37 -0.62
CA GLU A 313 -25.15 22.81 0.58
C GLU A 313 -25.57 21.68 1.52
N SER A 314 -26.02 20.56 0.98
CA SER A 314 -26.35 19.44 1.87
C SER A 314 -25.20 18.79 2.62
N ALA A 315 -24.12 18.47 1.95
CA ALA A 315 -22.97 17.81 2.55
C ALA A 315 -22.40 18.60 3.72
N LEU A 316 -22.24 19.91 3.57
CA LEU A 316 -21.64 20.59 4.71
C LEU A 316 -22.59 20.43 5.88
N THR A 317 -23.88 20.54 5.61
CA THR A 317 -24.79 20.47 6.74
C THR A 317 -24.75 19.12 7.46
N ALA A 318 -24.68 18.06 6.67
CA ALA A 318 -24.60 16.74 7.26
C ALA A 318 -23.34 16.57 8.08
N ALA A 319 -22.23 17.09 7.59
CA ALA A 319 -21.02 17.02 8.38
C ALA A 319 -21.15 17.74 9.69
N ASN A 320 -21.75 18.91 9.68
CA ASN A 320 -21.92 19.57 10.95
C ASN A 320 -22.74 18.69 11.87
N TYR A 321 -23.83 18.12 11.38
CA TYR A 321 -24.67 17.35 12.32
C TYR A 321 -23.89 16.18 12.87
N GLY A 322 -23.11 15.55 12.02
CA GLY A 322 -22.35 14.40 12.43
C GLY A 322 -21.33 14.73 13.49
N ALA A 323 -20.64 15.85 13.35
CA ALA A 323 -19.74 16.24 14.43
C ALA A 323 -20.49 16.57 15.70
N SER A 324 -21.63 17.23 15.60
CA SER A 324 -22.34 17.65 16.81
C SER A 324 -22.98 16.62 17.75
N ASN A 325 -23.60 15.56 17.26
CA ASN A 325 -24.31 14.62 18.10
C ASN A 325 -23.40 13.77 18.94
N MET A 326 -22.11 13.81 18.70
CA MET A 326 -21.17 13.09 19.54
C MET A 326 -21.56 11.63 19.76
N VAL A 327 -21.53 11.16 21.00
CA VAL A 327 -21.90 9.79 21.28
C VAL A 327 -23.37 9.52 21.46
N PHE A 328 -23.84 8.32 21.13
CA PHE A 328 -25.24 7.96 21.37
C PHE A 328 -25.21 6.92 22.48
N PHE A 329 -25.91 7.14 23.58
CA PHE A 329 -25.97 6.12 24.64
C PHE A 329 -27.10 5.13 24.45
N GLU A 330 -26.96 4.18 23.53
CA GLU A 330 -28.03 3.23 23.24
C GLU A 330 -28.34 2.25 24.34
N ARG A 331 -29.60 1.85 24.44
CA ARG A 331 -30.00 0.98 25.52
C ARG A 331 -30.66 -0.29 25.05
N ALA A 332 -30.63 -1.34 25.87
CA ALA A 332 -31.32 -2.57 25.51
C ALA A 332 -32.80 -2.35 25.74
N ALA A 333 -33.63 -3.30 25.34
CA ALA A 333 -35.08 -3.07 25.46
C ALA A 333 -35.64 -3.42 26.84
N ASP A 334 -35.30 -2.63 27.85
CA ASP A 334 -35.82 -2.87 29.17
C ASP A 334 -36.46 -1.68 29.86
N ASN A 335 -35.71 -0.60 30.03
CA ASN A 335 -36.24 0.52 30.82
C ASN A 335 -36.45 1.84 30.11
N GLY A 336 -36.17 2.93 30.81
CA GLY A 336 -36.45 4.23 30.23
C GLY A 336 -37.91 4.48 30.51
N VAL A 337 -38.51 3.63 31.33
CA VAL A 337 -39.93 3.75 31.61
C VAL A 337 -40.34 5.01 32.33
N VAL A 338 -41.50 5.55 31.97
CA VAL A 338 -42.04 6.71 32.68
C VAL A 338 -41.08 7.85 32.84
N THR A 339 -40.34 8.14 31.79
CA THR A 339 -39.49 9.31 31.84
C THR A 339 -40.54 10.38 31.98
N GLY A 340 -40.55 11.09 33.10
CA GLY A 340 -41.61 12.04 33.34
C GLY A 340 -41.75 13.16 32.35
N PRO A 341 -42.99 13.44 31.94
CA PRO A 341 -43.24 14.52 30.98
C PRO A 341 -42.93 15.90 31.49
N GLU A 342 -43.25 16.19 32.74
CA GLU A 342 -43.12 17.56 33.22
C GLU A 342 -41.73 18.18 33.23
N ASP A 343 -40.73 17.42 33.64
CA ASP A 343 -39.39 17.95 33.71
C ASP A 343 -38.88 18.31 32.34
N ASP A 344 -39.38 17.65 31.31
CA ASP A 344 -38.86 17.86 29.97
C ASP A 344 -38.94 19.26 29.43
N ALA A 345 -40.06 19.93 29.67
CA ALA A 345 -40.24 21.25 29.08
C ALA A 345 -39.25 22.32 29.55
N GLN A 346 -38.91 22.37 30.83
CA GLN A 346 -38.07 23.45 31.33
C GLN A 346 -36.65 23.62 30.81
N ILE A 347 -35.85 22.56 30.74
CA ILE A 347 -34.46 22.73 30.31
C ILE A 347 -33.79 21.49 29.77
N PRO A 348 -32.75 21.67 28.93
CA PRO A 348 -31.96 20.52 28.52
C PRO A 348 -30.77 20.53 29.44
N ILE A 349 -30.56 19.47 30.19
CA ILE A 349 -29.50 19.49 31.20
C ILE A 349 -28.08 19.75 30.71
N ASP A 350 -27.29 20.52 31.47
CA ASP A 350 -25.88 20.75 31.12
C ASP A 350 -25.01 19.96 32.08
N GLN A 351 -24.13 19.12 31.56
CA GLN A 351 -23.25 18.29 32.39
C GLN A 351 -21.80 18.64 32.13
N ILE A 352 -21.00 18.85 33.18
CA ILE A 352 -19.63 19.30 32.97
C ILE A 352 -18.61 18.19 32.73
N GLU A 353 -17.94 18.22 31.58
CA GLU A 353 -16.91 17.24 31.27
C GLU A 353 -15.63 17.97 31.05
N ALA A 354 -15.56 19.20 31.53
CA ALA A 354 -14.39 20.02 31.28
C ALA A 354 -13.13 19.42 31.85
N GLY A 355 -13.23 18.77 33.00
CA GLY A 355 -12.03 18.27 33.61
C GLY A 355 -11.33 17.31 32.68
N THR A 356 -10.01 17.42 32.61
CA THR A 356 -9.25 16.57 31.72
C THR A 356 -9.60 15.11 31.84
N LEU A 357 -9.27 14.50 32.96
CA LEU A 357 -9.50 13.10 33.08
C LEU A 357 -10.90 12.95 33.61
N THR A 358 -11.74 12.30 32.84
CA THR A 358 -13.07 12.09 33.31
C THR A 358 -13.54 10.71 32.94
N GLU A 359 -12.96 9.69 33.54
CA GLU A 359 -13.43 8.36 33.29
C GLU A 359 -14.88 8.33 33.71
N LEU A 360 -15.75 7.74 32.91
CA LEU A 360 -17.17 7.75 33.22
C LEU A 360 -17.77 6.37 33.34
N PRO A 361 -18.60 6.13 34.36
CA PRO A 361 -19.28 4.83 34.46
C PRO A 361 -20.74 4.89 34.05
N PRO A 362 -21.18 4.02 33.13
CA PRO A 362 -22.57 4.04 32.63
C PRO A 362 -23.47 2.91 33.11
N GLY A 363 -24.77 3.16 33.25
CA GLY A 363 -25.70 2.11 33.63
C GLY A 363 -25.89 0.94 32.65
N VAL A 364 -25.85 1.19 31.32
CA VAL A 364 -26.09 0.13 30.30
C VAL A 364 -25.10 -0.05 29.12
N LYS A 365 -25.03 0.86 28.15
CA LYS A 365 -24.07 0.75 27.03
C LYS A 365 -23.76 2.06 26.33
N ALA A 366 -22.70 2.10 25.54
CA ALA A 366 -22.35 3.32 24.77
C ALA A 366 -21.91 3.07 23.33
N VAL A 367 -22.11 4.04 22.45
CA VAL A 367 -21.66 3.89 21.07
C VAL A 367 -21.11 5.20 20.52
N SER A 368 -20.26 5.14 19.51
CA SER A 368 -19.65 6.35 18.98
C SER A 368 -20.13 6.59 17.57
N HIS A 369 -20.61 7.79 17.30
CA HIS A 369 -21.15 8.08 15.99
C HIS A 369 -20.03 8.08 15.00
N ASN A 370 -20.21 7.40 13.88
CA ASN A 370 -19.20 7.44 12.85
C ASN A 370 -19.77 8.26 11.73
N PRO A 371 -19.11 9.37 11.42
CA PRO A 371 -19.68 10.24 10.40
C PRO A 371 -19.53 9.61 9.07
N ALA A 372 -20.60 9.61 8.30
CA ALA A 372 -20.54 9.06 6.96
C ALA A 372 -20.62 10.21 6.01
N TYR A 373 -20.45 11.42 6.52
CA TYR A 373 -20.58 12.58 5.67
C TYR A 373 -19.56 12.38 4.65
N PRO A 374 -19.89 12.70 3.36
CA PRO A 374 -18.86 12.39 2.37
C PRO A 374 -17.50 12.85 2.84
N ASP A 375 -16.54 11.95 2.93
CA ASP A 375 -15.27 12.33 3.49
C ASP A 375 -14.19 12.68 2.49
N ALA A 376 -13.70 11.68 1.79
CA ALA A 376 -12.70 11.94 0.77
C ALA A 376 -13.24 11.51 -0.57
N ALA A 377 -14.43 10.97 -0.57
CA ALA A 377 -15.06 10.58 -1.82
C ALA A 377 -15.30 11.80 -2.65
N VAL A 378 -15.63 12.90 -1.99
CA VAL A 378 -16.01 14.07 -2.72
C VAL A 378 -15.01 14.65 -3.71
N GLY A 379 -13.73 14.67 -3.40
CA GLY A 379 -12.83 15.32 -4.34
C GLY A 379 -12.81 14.71 -5.71
N PRO A 380 -12.67 13.37 -5.79
CA PRO A 380 -12.77 12.78 -7.12
C PRO A 380 -14.16 12.90 -7.77
N PHE A 381 -15.22 12.68 -7.01
CA PHE A 381 -16.56 12.70 -7.60
C PHE A 381 -16.88 14.07 -8.15
N LEU A 382 -16.58 15.11 -7.39
CA LEU A 382 -16.94 16.44 -7.84
C LEU A 382 -16.19 16.80 -9.09
N ARG A 383 -14.92 16.43 -9.14
CA ARG A 383 -14.13 16.84 -10.29
C ARG A 383 -14.69 16.28 -11.55
N GLN A 384 -15.09 15.02 -11.55
CA GLN A 384 -15.53 14.44 -12.80
C GLN A 384 -16.79 15.11 -13.34
N MET A 385 -17.76 15.38 -12.48
CA MET A 385 -18.95 16.08 -12.94
C MET A 385 -18.53 17.45 -13.41
N GLY A 386 -17.59 18.07 -12.69
CA GLY A 386 -17.11 19.38 -13.04
C GLY A 386 -16.46 19.44 -14.41
N THR A 387 -15.69 18.43 -14.79
CA THR A 387 -15.00 18.49 -16.05
C THR A 387 -16.03 18.59 -17.13
N SER A 388 -17.13 17.88 -16.97
CA SER A 388 -18.16 17.92 -17.98
C SER A 388 -18.71 19.32 -18.17
N GLN A 389 -18.94 20.02 -17.07
CA GLN A 389 -19.51 21.35 -17.17
C GLN A 389 -18.57 22.25 -17.92
N ALA A 390 -17.28 22.14 -17.62
CA ALA A 390 -16.32 23.03 -18.24
C ALA A 390 -16.29 22.82 -19.72
N ALA A 391 -16.34 21.57 -20.14
CA ALA A 391 -16.25 21.30 -21.56
C ALA A 391 -17.44 21.96 -22.20
N GLY A 392 -18.58 21.89 -21.54
CA GLY A 392 -19.79 22.49 -22.06
C GLY A 392 -19.70 23.99 -22.22
N LEU A 393 -19.07 24.66 -21.28
CA LEU A 393 -19.04 26.11 -21.33
C LEU A 393 -17.90 26.63 -22.19
N GLY A 394 -17.13 25.72 -22.76
CA GLY A 394 -16.05 26.14 -23.64
C GLY A 394 -14.90 26.81 -22.93
N VAL A 395 -14.62 26.39 -21.71
CA VAL A 395 -13.49 26.96 -20.97
C VAL A 395 -12.67 25.86 -20.29
N SER A 396 -11.39 26.10 -20.06
CA SER A 396 -10.56 25.11 -19.37
C SER A 396 -10.99 25.00 -17.94
N TYR A 397 -10.93 23.79 -17.39
CA TYR A 397 -11.42 23.57 -16.03
C TYR A 397 -10.65 24.38 -15.02
N GLU A 398 -9.34 24.47 -15.19
CA GLU A 398 -8.54 25.15 -14.20
C GLU A 398 -8.94 26.61 -14.11
N THR A 399 -9.19 27.26 -15.22
CA THR A 399 -9.65 28.63 -15.14
C THR A 399 -11.02 28.75 -14.52
N LEU A 400 -11.94 27.89 -14.90
CA LEU A 400 -13.32 28.02 -14.41
C LEU A 400 -13.42 27.80 -12.94
N THR A 401 -12.77 26.76 -12.46
CA THR A 401 -12.81 26.50 -11.05
C THR A 401 -11.37 26.39 -10.67
N ALA A 402 -10.96 27.08 -9.61
CA ALA A 402 -9.54 27.06 -9.32
C ALA A 402 -9.10 25.82 -8.56
N ASP A 403 -9.31 24.65 -9.13
CA ASP A 403 -8.79 23.44 -8.49
C ASP A 403 -7.29 23.51 -8.55
N LEU A 404 -6.74 23.84 -9.71
CA LEU A 404 -5.30 24.06 -9.84
C LEU A 404 -4.48 22.96 -9.19
N SER A 405 -4.85 21.72 -9.47
CA SER A 405 -4.15 20.61 -8.83
C SER A 405 -3.65 19.60 -9.85
N GLY A 406 -2.55 18.94 -9.52
CA GLY A 406 -2.00 17.95 -10.42
C GLY A 406 -1.74 18.48 -11.80
N ALA A 407 -1.04 19.59 -11.90
CA ALA A 407 -0.70 20.10 -13.21
C ALA A 407 0.78 20.37 -13.44
N ASN A 408 1.35 19.78 -14.47
CA ASN A 408 2.72 20.07 -14.82
C ASN A 408 2.73 21.31 -15.68
N PHE A 409 3.89 21.84 -16.00
CA PHE A 409 3.94 23.07 -16.75
C PHE A 409 3.24 22.87 -18.07
N SER A 410 3.48 21.74 -18.69
CA SER A 410 2.91 21.53 -20.00
C SER A 410 1.40 21.54 -19.97
N SER A 411 0.80 20.93 -18.95
CA SER A 411 -0.65 20.83 -18.94
C SER A 411 -1.25 22.19 -18.91
N LEU A 412 -0.67 23.07 -18.12
CA LEU A 412 -1.18 24.41 -18.04
C LEU A 412 -1.06 25.13 -19.36
N ARG A 413 0.06 24.95 -20.05
CA ARG A 413 0.24 25.67 -21.29
C ARG A 413 -0.81 25.26 -22.28
N ALA A 414 -1.10 23.98 -22.36
CA ALA A 414 -2.07 23.50 -23.32
C ALA A 414 -3.45 24.07 -23.06
N GLY A 415 -3.82 24.10 -21.79
CA GLY A 415 -5.15 24.56 -21.45
C GLY A 415 -5.32 26.00 -21.87
N LYS A 416 -4.29 26.80 -21.64
CA LYS A 416 -4.39 28.19 -21.97
C LYS A 416 -4.57 28.31 -23.45
N GLY A 417 -3.86 27.51 -24.22
CA GLY A 417 -3.94 27.67 -25.66
C GLY A 417 -5.34 27.47 -26.19
N GLU A 418 -6.04 26.45 -25.70
CA GLU A 418 -7.40 26.18 -26.16
C GLU A 418 -8.38 27.29 -25.81
N GLU A 419 -8.29 27.78 -24.59
CA GLU A 419 -9.16 28.87 -24.20
C GLU A 419 -8.85 30.08 -25.03
N ARG A 420 -7.58 30.29 -25.33
CA ARG A 420 -7.22 31.49 -26.05
C ARG A 420 -7.91 31.54 -27.39
N GLU A 421 -8.00 30.40 -28.04
CA GLU A 421 -8.71 30.43 -29.28
C GLU A 421 -10.15 30.86 -29.09
N GLU A 422 -10.81 30.33 -28.07
CA GLU A 422 -12.22 30.64 -27.91
C GLU A 422 -12.44 32.11 -27.64
N TRP A 423 -11.60 32.69 -26.79
CA TRP A 423 -11.77 34.08 -26.47
C TRP A 423 -11.59 34.90 -27.70
N ARG A 424 -10.63 34.53 -28.53
CA ARG A 424 -10.34 35.33 -29.68
C ARG A 424 -11.57 35.37 -30.53
N MET A 425 -12.25 34.24 -30.65
CA MET A 425 -13.41 34.21 -31.52
C MET A 425 -14.50 35.14 -31.03
N LEU A 426 -14.75 35.11 -29.72
CA LEU A 426 -15.78 35.98 -29.18
C LEU A 426 -15.38 37.42 -29.33
N GLN A 427 -14.09 37.71 -29.18
CA GLN A 427 -13.63 39.08 -29.25
C GLN A 427 -13.91 39.68 -30.62
N ARG A 428 -13.68 38.92 -31.66
CA ARG A 428 -13.91 39.44 -32.99
C ARG A 428 -15.36 39.75 -33.14
N ALA A 429 -16.22 38.83 -32.69
CA ALA A 429 -17.65 39.02 -32.89
C ALA A 429 -18.31 40.19 -32.18
N VAL A 430 -17.97 40.43 -30.92
CA VAL A 430 -18.66 41.49 -30.22
C VAL A 430 -18.36 42.82 -30.89
N PHE A 431 -17.12 43.01 -31.27
CA PHE A 431 -16.76 44.25 -31.92
C PHE A 431 -16.96 44.22 -33.39
N GLU A 432 -17.28 43.06 -33.94
CA GLU A 432 -17.60 43.00 -35.35
C GLU A 432 -18.82 43.84 -35.45
N GLY A 433 -19.70 43.68 -34.47
CA GLY A 433 -20.94 44.42 -34.52
C GLY A 433 -21.02 45.77 -33.85
N LEU A 434 -20.77 45.84 -32.56
CA LEU A 434 -20.98 47.12 -31.91
C LEU A 434 -20.05 48.22 -32.39
N HIS A 435 -18.76 47.94 -32.50
CA HIS A 435 -17.83 48.98 -32.86
C HIS A 435 -18.07 49.49 -34.23
N ASP A 436 -18.28 48.59 -35.16
CA ASP A 436 -18.40 49.02 -36.53
C ASP A 436 -19.62 49.91 -36.71
N ARG A 437 -20.74 49.50 -36.15
CA ARG A 437 -21.92 50.31 -36.28
C ARG A 437 -21.70 51.63 -35.58
N VAL A 438 -21.18 51.58 -34.37
CA VAL A 438 -21.05 52.83 -33.66
C VAL A 438 -20.06 53.78 -34.30
N PHE A 439 -18.92 53.29 -34.76
CA PHE A 439 -17.96 54.21 -35.30
C PHE A 439 -18.55 54.85 -36.51
N SER A 440 -19.18 54.05 -37.35
CA SER A 440 -19.68 54.62 -38.58
C SER A 440 -20.74 55.64 -38.29
N ARG A 441 -21.66 55.31 -37.41
CA ARG A 441 -22.74 56.22 -37.12
C ARG A 441 -22.22 57.46 -36.45
N TRP A 442 -21.27 57.31 -35.53
CA TRP A 442 -20.76 58.44 -34.78
C TRP A 442 -20.11 59.45 -35.67
N LEU A 443 -19.42 59.00 -36.69
CA LEU A 443 -18.66 59.95 -37.47
C LEU A 443 -19.44 61.08 -38.11
N PRO A 444 -20.58 60.79 -38.75
CA PRO A 444 -21.23 61.97 -39.33
C PRO A 444 -21.64 63.02 -38.34
N LEU A 445 -22.26 62.63 -37.23
CA LEU A 445 -22.74 63.66 -36.33
C LEU A 445 -21.58 64.44 -35.78
N ALA A 446 -20.51 63.74 -35.43
CA ALA A 446 -19.37 64.39 -34.87
C ALA A 446 -18.75 65.33 -35.89
N MET A 447 -18.70 64.91 -37.15
CA MET A 447 -18.20 65.82 -38.18
C MET A 447 -19.09 67.04 -38.33
N LEU A 448 -20.41 66.84 -38.31
CA LEU A 448 -21.36 67.95 -38.44
C LEU A 448 -21.27 68.92 -37.28
N SER A 449 -21.13 68.39 -36.07
CA SER A 449 -21.01 69.24 -34.89
C SER A 449 -19.65 69.87 -34.88
N GLY A 450 -18.78 69.39 -35.75
CA GLY A 450 -17.47 69.97 -35.85
C GLY A 450 -16.72 69.57 -34.62
N GLU A 451 -17.29 68.64 -33.84
CA GLU A 451 -16.55 68.15 -32.68
C GLU A 451 -15.21 67.68 -33.16
N VAL A 452 -15.17 67.01 -34.30
CA VAL A 452 -13.90 66.60 -34.85
C VAL A 452 -13.66 67.52 -36.02
N ARG A 453 -12.44 68.02 -36.13
CA ARG A 453 -12.14 68.96 -37.20
C ARG A 453 -11.64 68.27 -38.45
N LEU A 454 -12.45 68.26 -39.51
CA LEU A 454 -12.09 67.61 -40.77
C LEU A 454 -13.25 67.82 -41.78
N PRO A 455 -13.00 67.71 -43.12
CA PRO A 455 -14.16 67.96 -43.98
C PRO A 455 -15.07 66.76 -44.22
N LEU A 456 -16.37 66.97 -44.15
CA LEU A 456 -17.35 65.89 -44.30
C LEU A 456 -17.42 65.16 -45.64
N ALA A 457 -17.24 65.87 -46.74
CA ALA A 457 -17.44 65.24 -48.05
C ALA A 457 -16.59 64.01 -48.38
N LYS A 458 -15.30 64.02 -48.07
CA LYS A 458 -14.49 62.83 -48.30
C LYS A 458 -14.58 61.88 -47.11
N LEU A 459 -15.75 61.34 -46.85
CA LEU A 459 -15.94 60.45 -45.70
C LEU A 459 -15.12 59.19 -45.83
N ASP A 460 -15.01 58.67 -47.04
CA ASP A 460 -14.30 57.40 -47.26
C ASP A 460 -12.85 57.42 -46.85
N LYS A 461 -12.18 58.56 -47.03
CA LYS A 461 -10.78 58.65 -46.70
C LYS A 461 -10.56 58.35 -45.23
N PHE A 462 -11.44 58.83 -44.37
CA PHE A 462 -11.32 58.50 -42.96
C PHE A 462 -12.23 57.36 -42.52
N ASP A 463 -12.96 56.76 -43.45
CA ASP A 463 -13.93 55.71 -43.10
C ASP A 463 -13.32 54.47 -42.46
N ALA A 464 -12.17 54.01 -42.93
CA ALA A 464 -11.61 52.78 -42.42
C ALA A 464 -11.31 52.88 -40.94
N ALA A 465 -11.64 51.83 -40.19
CA ALA A 465 -11.44 51.85 -38.76
C ALA A 465 -11.13 50.46 -38.26
N THR A 466 -10.03 50.30 -37.56
CA THR A 466 -9.65 48.99 -37.09
C THR A 466 -9.65 48.92 -35.58
N TRP A 467 -10.27 47.89 -35.05
CA TRP A 467 -10.35 47.74 -33.60
C TRP A 467 -9.28 46.77 -33.12
N ARG A 468 -8.56 47.12 -32.05
CA ARG A 468 -7.47 46.25 -31.61
C ARG A 468 -7.73 45.54 -30.29
N PRO A 469 -7.75 44.21 -30.29
CA PRO A 469 -7.91 43.43 -29.06
C PRO A 469 -6.61 43.35 -28.28
N ARG A 470 -6.66 42.96 -27.00
CA ARG A 470 -5.41 42.77 -26.25
C ARG A 470 -5.12 41.33 -25.85
N GLY A 471 -3.93 40.84 -26.21
CA GLY A 471 -3.57 39.46 -25.92
C GLY A 471 -3.06 39.17 -24.54
N TRP A 472 -2.93 37.89 -24.22
CA TRP A 472 -2.47 37.50 -22.90
C TRP A 472 -1.01 37.03 -22.84
N PRO A 473 -0.24 37.50 -21.85
CA PRO A 473 1.19 37.19 -21.74
C PRO A 473 1.63 35.76 -21.42
N SER A 474 2.79 35.34 -21.95
CA SER A 474 3.30 33.97 -21.75
C SER A 474 4.03 33.69 -20.46
N VAL A 475 4.01 32.44 -20.02
CA VAL A 475 4.73 32.03 -18.81
C VAL A 475 6.27 32.09 -18.89
N ASN A 476 6.85 31.70 -20.03
CA ASN A 476 8.30 31.68 -20.16
C ASN A 476 8.83 32.79 -21.05
N PRO A 477 9.16 33.96 -20.49
CA PRO A 477 9.58 34.98 -21.44
C PRO A 477 10.90 34.75 -22.12
N LYS A 478 11.83 34.04 -21.52
CA LYS A 478 13.13 33.93 -22.16
C LYS A 478 13.01 33.24 -23.52
N ASP A 479 12.25 32.16 -23.55
CA ASP A 479 12.12 31.40 -24.78
C ASP A 479 11.46 32.25 -25.82
N ASP A 480 10.43 32.97 -25.42
CA ASP A 480 9.69 33.72 -26.39
C ASP A 480 10.61 34.75 -26.96
N ALA A 481 11.40 35.39 -26.12
CA ALA A 481 12.27 36.45 -26.60
C ALA A 481 13.31 35.94 -27.56
N THR A 482 13.89 34.79 -27.25
CA THR A 482 14.86 34.22 -28.16
C THR A 482 14.23 33.90 -29.52
N ALA A 483 13.03 33.32 -29.48
CA ALA A 483 12.36 32.98 -30.72
C ALA A 483 12.07 34.22 -31.51
N HIS A 484 11.64 35.28 -30.85
CA HIS A 484 11.30 36.50 -31.53
C HIS A 484 12.53 37.12 -32.17
N GLU A 485 13.66 37.09 -31.48
CA GLU A 485 14.86 37.62 -32.10
C GLU A 485 15.17 36.81 -33.34
N LYS A 486 15.07 35.48 -33.22
CA LYS A 486 15.43 34.68 -34.37
C LYS A 486 14.52 35.00 -35.53
N ASP A 487 13.23 35.18 -35.26
CA ASP A 487 12.27 35.48 -36.32
C ASP A 487 12.48 36.82 -36.98
N LEU A 488 12.82 37.83 -36.19
CA LEU A 488 13.07 39.14 -36.75
C LEU A 488 14.25 38.98 -37.66
N LYS A 489 15.20 38.17 -37.24
CA LYS A 489 16.34 37.90 -38.10
C LYS A 489 15.91 37.31 -39.43
N ASN A 490 15.01 36.34 -39.41
CA ASN A 490 14.72 35.70 -40.73
C ASN A 490 13.68 36.37 -41.65
N GLY A 491 13.37 37.65 -41.45
CA GLY A 491 12.34 38.38 -42.17
C GLY A 491 11.02 37.64 -42.21
N VAL A 492 10.85 36.67 -41.31
CA VAL A 492 9.62 35.87 -41.30
C VAL A 492 8.52 36.61 -40.56
N ARG A 493 8.76 37.02 -39.32
CA ARG A 493 7.86 37.90 -38.60
C ARG A 493 8.27 39.34 -38.88
N THR A 494 7.26 40.16 -39.11
CA THR A 494 7.52 41.58 -39.25
C THR A 494 7.45 42.09 -37.84
N ARG A 495 8.00 43.28 -37.62
CA ARG A 495 7.98 43.85 -36.29
C ARG A 495 6.56 44.11 -35.85
N THR A 496 5.69 44.51 -36.75
CA THR A 496 4.34 44.88 -36.37
C THR A 496 3.55 43.77 -35.73
N GLU A 497 3.69 42.55 -36.22
CA GLU A 497 2.88 41.46 -35.70
C GLU A 497 3.12 41.19 -34.23
N ILE A 498 4.37 41.25 -33.80
CA ILE A 498 4.67 40.92 -32.42
C ILE A 498 3.95 41.88 -31.50
N CYS A 499 3.97 43.15 -31.86
CA CYS A 499 3.32 44.16 -31.04
C CYS A 499 1.84 43.86 -31.00
N ALA A 500 1.31 43.40 -32.12
CA ALA A 500 -0.12 43.16 -32.20
C ALA A 500 -0.58 42.10 -31.22
N GLU A 501 0.22 41.07 -31.02
CA GLU A 501 -0.22 40.01 -30.14
C GLU A 501 -0.45 40.56 -28.76
N ARG A 502 0.47 41.39 -28.29
CA ARG A 502 0.25 42.03 -27.01
C ARG A 502 -0.94 42.95 -27.17
N GLY A 503 -1.08 43.59 -28.33
CA GLY A 503 -2.16 44.54 -28.56
C GLY A 503 -1.76 46.00 -28.51
N ARG A 504 -0.52 46.28 -28.17
CA ARG A 504 -0.03 47.64 -28.13
C ARG A 504 0.04 48.38 -29.46
N ASP A 505 0.56 47.78 -30.54
CA ASP A 505 0.74 48.51 -31.84
C ASP A 505 2.04 49.31 -32.13
N PHE A 506 2.52 49.19 -33.37
CA PHE A 506 3.77 49.83 -33.77
C PHE A 506 3.87 51.36 -33.74
N ALA A 507 2.82 52.07 -34.09
CA ALA A 507 2.88 53.52 -34.01
C ALA A 507 3.10 53.92 -32.56
N ASP A 508 2.40 53.22 -31.67
CA ASP A 508 2.52 53.54 -30.26
C ASP A 508 3.96 53.30 -29.89
N VAL A 509 4.48 52.18 -30.37
CA VAL A 509 5.84 51.88 -29.98
C VAL A 509 6.80 52.97 -30.46
N VAL A 510 6.66 53.43 -31.69
CA VAL A 510 7.53 54.47 -32.24
C VAL A 510 7.43 55.82 -31.53
N ALA A 511 6.21 56.23 -31.16
CA ALA A 511 6.09 57.48 -30.43
C ALA A 511 6.81 57.36 -29.09
N GLU A 512 6.62 56.21 -28.46
CA GLU A 512 7.27 56.03 -27.19
C GLU A 512 8.78 56.04 -27.34
N ALA A 513 9.28 55.48 -28.44
CA ALA A 513 10.71 55.50 -28.72
C ALA A 513 11.25 56.90 -28.92
N ALA A 514 10.49 57.75 -29.60
CA ALA A 514 10.91 59.14 -29.71
C ALA A 514 10.98 59.81 -28.32
N ALA A 515 10.01 59.49 -27.47
CA ALA A 515 10.10 60.04 -26.11
C ALA A 515 11.36 59.54 -25.39
N GLU A 516 11.69 58.27 -25.58
CA GLU A 516 12.89 57.71 -24.98
C GLU A 516 14.12 58.43 -25.50
N ARG A 517 14.15 58.75 -26.78
CA ARG A 517 15.26 59.54 -27.36
C ARG A 517 15.40 60.94 -26.75
N GLN A 518 14.29 61.63 -26.52
CA GLN A 518 14.43 62.91 -25.81
C GLN A 518 14.96 62.72 -24.36
N MET A 519 14.50 61.65 -23.74
CA MET A 519 15.05 61.38 -22.41
C MET A 519 16.54 61.07 -22.47
N MET A 520 17.02 60.69 -23.64
CA MET A 520 18.44 60.40 -23.80
C MET A 520 19.25 61.67 -23.85
N ARG A 521 18.66 62.73 -24.37
CA ARG A 521 19.41 63.97 -24.52
C ARG A 521 19.86 64.47 -23.17
N ASP A 522 18.98 64.42 -22.17
CA ASP A 522 19.36 64.81 -20.83
C ASP A 522 20.41 63.90 -20.17
N ALA A 523 20.28 62.58 -20.35
CA ALA A 523 21.21 61.64 -19.72
C ALA A 523 22.04 60.81 -20.70
N GLY A 524 21.54 59.63 -21.08
CA GLY A 524 22.25 58.77 -22.01
C GLY A 524 21.28 57.81 -22.67
N LEU A 525 21.67 57.19 -23.78
CA LEU A 525 20.80 56.18 -24.42
C LEU A 525 21.22 54.79 -24.03
N ASP A 526 21.83 54.04 -24.94
CA ASP A 526 22.16 52.66 -24.63
C ASP A 526 23.51 52.25 -25.18
N PRO A 527 24.11 51.21 -24.58
CA PRO A 527 25.38 50.70 -25.13
C PRO A 527 25.17 49.52 -26.09
N MET B 1 -59.13 31.99 19.05
CA MET B 1 -58.26 33.16 19.07
C MET B 1 -57.06 32.97 20.00
N THR B 2 -56.63 34.05 20.63
CA THR B 2 -55.49 34.00 21.53
C THR B 2 -55.82 33.21 22.78
N VAL B 3 -54.81 32.58 23.38
CA VAL B 3 -55.03 31.72 24.54
C VAL B 3 -53.82 31.68 25.45
N SER B 4 -54.05 31.65 26.76
CA SER B 4 -52.94 31.57 27.70
C SER B 4 -53.14 30.47 28.73
N ILE B 5 -52.99 29.23 28.32
CA ILE B 5 -53.14 28.16 29.26
C ILE B 5 -51.80 27.90 29.92
N HIS B 6 -51.55 28.55 31.06
CA HIS B 6 -50.33 28.22 31.78
C HIS B 6 -50.44 28.09 33.30
N PRO B 7 -51.22 27.12 33.78
CA PRO B 7 -51.24 26.92 35.23
C PRO B 7 -49.88 26.37 35.61
N PRO B 8 -49.38 26.73 36.81
CA PRO B 8 -48.05 26.16 37.04
C PRO B 8 -48.19 24.65 37.05
N ALA B 9 -47.28 23.96 36.40
CA ALA B 9 -47.35 22.51 36.28
C ALA B 9 -47.44 21.82 37.62
N THR B 10 -46.66 22.30 38.59
CA THR B 10 -46.69 21.71 39.93
C THR B 10 -47.64 22.50 40.82
N LEU B 11 -48.87 22.04 40.94
CA LEU B 11 -49.83 22.78 41.73
C LEU B 11 -49.99 22.06 43.03
N VAL B 12 -49.76 22.76 44.12
CA VAL B 12 -49.80 22.10 45.42
C VAL B 12 -51.12 22.33 46.10
N ALA B 13 -51.61 21.31 46.79
CA ALA B 13 -52.92 21.40 47.40
C ALA B 13 -52.99 22.37 48.55
N GLY B 14 -54.21 22.75 48.92
CA GLY B 14 -54.39 23.69 50.01
C GLY B 14 -53.73 25.04 49.84
N ASP B 15 -53.17 25.27 48.65
CA ASP B 15 -52.45 26.50 48.40
C ASP B 15 -53.21 27.27 47.34
N SER B 16 -53.10 28.58 47.38
CA SER B 16 -53.83 29.40 46.43
C SER B 16 -53.24 29.21 45.05
N TRP B 17 -54.11 29.13 44.04
CA TRP B 17 -53.62 28.87 42.69
C TRP B 17 -53.94 30.03 41.76
N ALA B 18 -52.95 30.50 41.01
CA ALA B 18 -53.18 31.58 40.06
C ALA B 18 -52.39 31.56 38.77
N TRP B 19 -53.03 31.76 37.61
CA TRP B 19 -52.23 31.92 36.38
C TRP B 19 -52.41 33.33 35.81
N GLU B 20 -53.54 33.97 36.07
CA GLU B 20 -53.76 35.27 35.49
C GLU B 20 -53.53 35.23 33.99
N ALA B 21 -54.25 34.36 33.28
CA ALA B 21 -54.01 34.17 31.84
C ALA B 21 -54.10 35.42 30.99
N GLY B 22 -53.13 35.60 30.10
CA GLY B 22 -53.09 36.79 29.27
C GLY B 22 -54.15 37.07 28.22
N ALA B 23 -54.55 36.08 27.42
CA ALA B 23 -55.47 36.37 26.32
C ALA B 23 -56.44 35.29 25.86
N VAL B 24 -56.66 34.27 26.67
CA VAL B 24 -57.49 33.15 26.24
C VAL B 24 -58.92 33.55 25.93
N PHE B 25 -59.47 34.43 26.75
CA PHE B 25 -60.87 34.80 26.57
C PHE B 25 -61.03 36.14 25.87
N GLU B 26 -60.06 36.50 25.03
CA GLU B 26 -60.14 37.82 24.43
C GLU B 26 -61.17 37.70 23.35
N ASP B 27 -61.30 36.53 22.75
CA ASP B 27 -62.39 36.35 21.82
C ASP B 27 -63.68 36.29 22.59
N HIS B 28 -64.74 36.80 22.02
CA HIS B 28 -66.02 36.84 22.72
C HIS B 28 -65.89 37.52 24.07
N PRO B 29 -65.14 38.63 24.13
CA PRO B 29 -64.93 39.20 25.46
C PRO B 29 -66.19 39.76 26.11
N ASP B 30 -67.02 40.46 25.35
CA ASP B 30 -68.18 41.12 25.93
C ASP B 30 -69.29 40.26 26.53
N PRO B 31 -69.71 39.20 25.84
CA PRO B 31 -70.79 38.45 26.50
C PRO B 31 -70.44 37.03 26.97
N TRP B 32 -69.19 36.61 26.92
CA TRP B 32 -68.89 35.22 27.29
C TRP B 32 -68.05 35.13 28.57
N ALA B 33 -68.29 34.12 29.39
CA ALA B 33 -67.60 34.01 30.68
C ALA B 33 -66.21 33.36 30.67
N ALA B 34 -65.51 33.43 31.81
CA ALA B 34 -64.20 32.77 31.94
C ALA B 34 -64.36 31.52 32.80
N SER B 35 -63.66 30.43 32.48
CA SER B 35 -63.87 29.19 33.24
C SER B 35 -62.67 28.43 33.79
N TYR B 36 -61.69 28.16 32.92
CA TYR B 36 -60.53 27.39 33.34
C TYR B 36 -60.97 26.17 34.13
N VAL B 37 -61.75 25.29 33.48
CA VAL B 37 -62.26 24.10 34.17
C VAL B 37 -61.14 23.18 34.61
N LEU B 38 -61.21 22.71 35.85
CA LEU B 38 -60.21 21.81 36.34
C LEU B 38 -60.95 20.54 36.67
N ARG B 39 -60.56 19.42 36.08
CA ARG B 39 -61.31 18.18 36.30
C ARG B 39 -60.40 17.08 36.72
N PRO B 40 -60.80 16.36 37.76
CA PRO B 40 -59.96 15.20 38.07
C PRO B 40 -60.12 14.17 36.99
N GLU B 41 -59.04 13.60 36.52
CA GLU B 41 -59.13 12.64 35.44
C GLU B 41 -59.85 11.35 35.81
N ALA B 42 -59.59 10.83 37.00
CA ALA B 42 -60.17 9.55 37.42
C ALA B 42 -61.21 9.72 38.51
N GLY B 43 -62.40 10.22 38.20
CA GLY B 43 -63.35 10.53 39.25
C GLY B 43 -63.55 12.01 39.41
N GLY B 44 -64.25 12.41 40.46
CA GLY B 44 -64.39 13.82 40.74
C GLY B 44 -65.43 14.60 39.98
N ASP B 45 -65.54 15.88 40.31
CA ASP B 45 -66.52 16.73 39.67
C ASP B 45 -65.77 17.96 39.25
N PRO B 46 -66.00 18.39 38.01
CA PRO B 46 -65.17 19.51 37.58
C PRO B 46 -65.34 20.72 38.46
N VAL B 47 -64.23 21.30 38.93
CA VAL B 47 -64.34 22.53 39.69
C VAL B 47 -63.97 23.65 38.74
N THR B 48 -64.47 24.85 38.99
CA THR B 48 -64.20 25.96 38.09
C THR B 48 -63.71 27.24 38.71
N VAL B 49 -62.98 28.03 37.92
CA VAL B 49 -62.46 29.29 38.41
C VAL B 49 -63.05 30.45 37.62
N SER B 50 -63.50 31.49 38.31
CA SER B 50 -64.09 32.64 37.64
C SER B 50 -63.11 33.79 37.50
N GLY B 51 -63.59 35.02 37.64
CA GLY B 51 -62.72 36.15 37.44
C GLY B 51 -62.17 36.86 38.66
N GLY B 52 -62.99 37.64 39.36
CA GLY B 52 -62.48 38.41 40.48
C GLY B 52 -61.28 39.21 40.03
N LEU B 53 -61.41 39.97 38.94
CA LEU B 53 -60.24 40.63 38.38
C LEU B 53 -60.16 42.12 38.16
N GLU B 54 -58.97 42.62 37.84
CA GLU B 54 -58.83 44.00 37.42
C GLU B 54 -59.24 43.99 35.97
N VAL B 55 -59.87 45.05 35.49
CA VAL B 55 -60.38 45.03 34.11
C VAL B 55 -59.33 44.88 33.00
N LEU B 56 -58.22 45.61 33.07
CA LEU B 56 -57.24 45.56 31.98
C LEU B 56 -56.62 44.20 31.79
N ALA B 57 -56.23 43.56 32.89
CA ALA B 57 -55.67 42.23 32.80
C ALA B 57 -56.45 41.31 33.71
N PRO B 58 -57.04 40.27 33.13
CA PRO B 58 -57.76 39.32 33.97
C PRO B 58 -56.82 38.57 34.88
N VAL B 59 -57.17 38.42 36.14
CA VAL B 59 -56.37 37.61 37.03
C VAL B 59 -57.24 36.54 37.65
N PHE B 60 -56.79 35.30 37.55
CA PHE B 60 -57.61 34.19 38.01
C PHE B 60 -57.07 33.72 39.33
N ARG B 61 -57.94 33.52 40.29
CA ARG B 61 -57.47 33.12 41.59
C ARG B 61 -58.37 32.10 42.25
N LEU B 62 -57.78 31.20 43.02
CA LEU B 62 -58.58 30.24 43.77
C LEU B 62 -58.16 30.29 45.25
N PRO B 63 -59.14 30.37 46.16
CA PRO B 63 -58.84 30.41 47.60
C PRO B 63 -58.23 29.13 48.12
N ALA B 64 -57.30 29.25 49.04
CA ALA B 64 -56.63 28.07 49.58
C ALA B 64 -57.55 27.13 50.33
N SER B 65 -58.45 27.69 51.12
CA SER B 65 -59.33 26.86 51.91
C SER B 65 -60.22 26.01 51.02
N VAL B 66 -60.67 26.58 49.92
CA VAL B 66 -61.48 25.81 48.98
C VAL B 66 -60.71 24.63 48.37
N THR B 67 -59.42 24.82 48.10
CA THR B 67 -58.64 23.76 47.49
C THR B 67 -58.62 22.57 48.41
N ALA B 68 -58.41 22.81 49.71
CA ALA B 68 -58.45 21.74 50.71
C ALA B 68 -58.52 20.29 50.31
N ASP B 69 -59.72 19.79 50.02
CA ASP B 69 -59.90 18.37 49.78
C ASP B 69 -59.72 17.89 48.36
N LEU B 70 -59.17 18.71 47.49
CA LEU B 70 -59.08 18.32 46.09
C LEU B 70 -58.25 17.05 45.94
N PRO B 71 -58.63 16.18 44.98
CA PRO B 71 -57.94 14.89 44.83
C PRO B 71 -56.45 14.89 44.53
N PRO B 72 -55.68 14.05 45.25
CA PRO B 72 -54.26 13.92 44.93
C PRO B 72 -54.11 13.08 43.69
N GLY B 73 -53.27 13.44 42.72
CA GLY B 73 -53.20 12.69 41.48
C GLY B 73 -53.01 13.57 40.26
N GLU B 74 -53.61 13.17 39.14
CA GLU B 74 -53.48 13.94 37.90
C GLU B 74 -54.75 14.73 37.52
N TRP B 75 -54.59 15.97 37.11
CA TRP B 75 -55.74 16.82 36.79
C TRP B 75 -55.59 17.46 35.42
N THR B 76 -56.70 17.79 34.77
CA THR B 76 -56.65 18.40 33.45
C THR B 76 -57.17 19.83 33.41
N TRP B 77 -56.62 20.64 32.52
CA TRP B 77 -57.01 22.05 32.41
C TRP B 77 -57.61 22.36 31.07
N PHE B 78 -58.88 22.76 31.03
CA PHE B 78 -59.48 23.15 29.77
C PHE B 78 -60.16 24.50 30.01
N ALA B 79 -60.02 25.46 29.09
CA ALA B 79 -60.62 26.78 29.27
C ALA B 79 -61.79 27.00 28.34
N VAL B 80 -62.94 27.36 28.88
CA VAL B 80 -64.12 27.51 28.06
C VAL B 80 -64.79 28.86 28.22
N ALA B 81 -65.20 29.46 27.11
CA ALA B 81 -65.93 30.73 27.17
C ALA B 81 -67.33 30.41 26.70
N VAL B 82 -68.35 30.81 27.45
CA VAL B 82 -69.71 30.42 27.06
C VAL B 82 -70.74 31.54 27.12
N ASP B 83 -71.61 31.63 26.12
CA ASP B 83 -72.69 32.62 26.18
C ASP B 83 -74.05 31.98 25.92
N ALA B 84 -75.00 32.22 26.79
CA ALA B 84 -76.34 31.65 26.64
C ALA B 84 -77.12 32.13 25.41
N THR B 85 -77.04 33.43 25.11
CA THR B 85 -77.76 33.95 23.97
C THR B 85 -77.19 33.26 22.76
N THR B 86 -75.87 33.13 22.72
CA THR B 86 -75.23 32.43 21.61
C THR B 86 -75.51 30.93 21.63
N ASP B 87 -75.89 30.38 22.78
CA ASP B 87 -76.14 28.93 22.94
C ASP B 87 -74.95 28.16 22.46
N ALA B 88 -73.77 28.68 22.76
CA ALA B 88 -72.55 28.04 22.33
C ALA B 88 -71.50 28.19 23.40
N ARG B 89 -70.51 27.33 23.38
CA ARG B 89 -69.40 27.46 24.30
C ARG B 89 -68.25 27.46 23.35
N ALA B 90 -67.10 27.95 23.77
CA ALA B 90 -65.93 27.85 22.91
C ALA B 90 -64.73 27.37 23.72
N VAL B 91 -64.01 26.39 23.22
CA VAL B 91 -62.91 25.88 24.00
C VAL B 91 -61.61 26.25 23.33
N LEU B 92 -60.74 26.95 24.06
CA LEU B 92 -59.48 27.40 23.48
C LEU B 92 -58.23 26.83 24.14
N ALA B 93 -58.37 26.00 25.17
CA ALA B 93 -57.18 25.54 25.92
C ALA B 93 -57.02 24.07 26.25
N GLN B 94 -55.77 23.65 26.47
CA GLN B 94 -55.50 22.27 26.88
C GLN B 94 -54.28 22.24 27.81
N GLY B 95 -54.19 21.25 28.70
CA GLY B 95 -53.05 21.15 29.57
C GLY B 95 -53.15 19.99 30.55
N ARG B 96 -52.14 19.81 31.39
CA ARG B 96 -52.17 18.75 32.40
C ARG B 96 -51.37 19.16 33.62
N VAL B 97 -51.96 19.05 34.79
CA VAL B 97 -51.30 19.48 36.01
C VAL B 97 -51.44 18.42 37.09
N THR B 98 -50.46 18.30 37.97
CA THR B 98 -50.51 17.28 39.00
C THR B 98 -50.70 17.89 40.37
N VAL B 99 -51.53 17.26 41.19
CA VAL B 99 -51.77 17.78 42.52
C VAL B 99 -50.95 17.02 43.53
N ILE B 100 -50.00 17.70 44.15
CA ILE B 100 -49.15 17.08 45.16
C ILE B 100 -49.98 16.84 46.39
N PRO B 101 -49.76 15.70 47.08
CA PRO B 101 -50.63 15.52 48.24
C PRO B 101 -50.43 16.63 49.26
N ASP B 102 -51.52 17.09 49.89
CA ASP B 102 -51.44 18.18 50.87
C ASP B 102 -50.23 18.05 51.79
N PRO B 103 -49.31 19.05 51.77
CA PRO B 103 -48.15 18.80 52.60
C PRO B 103 -48.31 19.20 54.06
N LEU B 104 -49.39 19.87 54.42
CA LEU B 104 -49.50 20.35 55.78
C LEU B 104 -50.33 19.46 56.67
N ALA B 105 -50.77 18.31 56.15
CA ALA B 105 -51.65 17.46 56.94
C ALA B 105 -51.67 15.99 56.57
N GLY B 106 -52.25 15.16 57.45
CA GLY B 106 -52.43 13.75 57.13
C GLY B 106 -51.64 12.71 57.86
N THR B 107 -52.24 11.54 58.04
CA THR B 107 -51.55 10.45 58.71
C THR B 107 -50.35 9.83 57.96
N GLU B 108 -50.49 9.52 56.68
CA GLU B 108 -49.35 9.01 55.91
C GLU B 108 -49.37 9.14 54.40
N ASP B 109 -48.22 9.41 53.80
CA ASP B 109 -48.11 9.42 52.34
C ASP B 109 -46.75 8.81 52.08
N ARG B 110 -46.67 7.78 51.27
CA ARG B 110 -45.36 7.22 50.93
C ARG B 110 -44.81 7.86 49.70
N ARG B 111 -43.69 7.35 49.22
CA ARG B 111 -43.14 7.87 48.01
C ARG B 111 -43.89 7.33 46.80
N THR B 112 -43.55 7.81 45.62
CA THR B 112 -44.18 7.38 44.39
C THR B 112 -43.83 5.91 44.23
N PRO B 113 -44.55 5.20 43.35
CA PRO B 113 -44.33 3.76 43.28
C PRO B 113 -42.90 3.34 43.07
N ALA B 114 -42.05 4.12 42.46
CA ALA B 114 -40.72 3.64 42.23
C ALA B 114 -40.06 3.26 43.55
N ARG B 115 -40.23 4.07 44.57
CA ARG B 115 -39.65 3.72 45.85
C ARG B 115 -40.23 2.44 46.44
N ARG B 116 -41.53 2.26 46.33
CA ARG B 116 -42.17 1.09 46.92
C ARG B 116 -41.61 -0.17 46.29
N ILE B 117 -41.50 -0.19 44.97
CA ILE B 117 -41.07 -1.40 44.34
C ILE B 117 -39.66 -1.69 44.77
N LEU B 118 -38.84 -0.65 44.82
CA LEU B 118 -37.45 -0.84 45.19
C LEU B 118 -37.31 -1.34 46.60
N ALA B 119 -38.09 -0.78 47.52
CA ALA B 119 -37.97 -1.20 48.90
C ALA B 119 -38.35 -2.65 49.02
N ALA B 120 -39.41 -3.04 48.35
CA ALA B 120 -39.86 -4.41 48.46
C ALA B 120 -38.82 -5.38 47.92
N ILE B 121 -38.16 -5.03 46.83
CA ILE B 121 -37.20 -5.95 46.22
C ILE B 121 -36.11 -6.21 47.22
N GLU B 122 -35.71 -5.17 47.93
CA GLU B 122 -34.72 -5.37 48.96
C GLU B 122 -35.24 -6.31 50.02
N ALA B 123 -36.50 -6.17 50.39
CA ALA B 123 -37.07 -7.08 51.35
C ALA B 123 -37.16 -8.54 50.88
N THR B 124 -37.63 -8.76 49.66
CA THR B 124 -37.78 -10.14 49.20
C THR B 124 -36.46 -10.84 49.03
N LEU B 125 -35.47 -10.11 48.54
CA LEU B 125 -34.15 -10.68 48.37
C LEU B 125 -33.63 -11.09 49.72
N GLU B 126 -33.92 -10.30 50.75
CA GLU B 126 -33.42 -10.60 52.08
C GLU B 126 -33.89 -11.95 52.53
N GLY B 127 -35.16 -12.23 52.31
CA GLY B 127 -35.70 -13.50 52.71
C GLY B 127 -35.10 -14.67 51.99
N ARG B 128 -34.90 -14.52 50.69
CA ARG B 128 -34.44 -15.67 49.93
C ARG B 128 -32.97 -15.83 50.01
N ALA B 129 -32.30 -14.91 50.67
CA ALA B 129 -30.89 -15.09 50.87
C ALA B 129 -30.69 -16.32 51.73
N THR B 130 -31.48 -16.42 52.78
CA THR B 130 -31.39 -17.57 53.67
C THR B 130 -32.57 -18.41 53.29
N LYS B 131 -32.70 -19.60 53.89
CA LYS B 131 -33.85 -20.45 53.63
C LYS B 131 -34.01 -20.64 52.15
N ASP B 132 -32.90 -20.87 51.46
CA ASP B 132 -32.97 -20.94 50.01
C ASP B 132 -33.86 -22.05 49.52
N ALA B 133 -34.75 -21.73 48.59
CA ALA B 133 -35.68 -22.73 48.10
C ALA B 133 -36.41 -22.36 46.84
N ASP B 134 -36.33 -23.21 45.83
CA ASP B 134 -37.10 -22.95 44.63
C ASP B 134 -38.36 -23.77 44.59
N THR B 135 -38.56 -24.69 45.52
CA THR B 135 -39.82 -25.43 45.59
C THR B 135 -40.20 -25.86 47.00
N TYR B 136 -40.94 -25.04 47.73
CA TYR B 136 -41.30 -25.39 49.08
C TYR B 136 -42.47 -26.31 49.03
N SER B 137 -42.30 -27.50 48.46
CA SER B 137 -43.45 -28.37 48.26
C SER B 137 -43.80 -29.34 49.36
N ILE B 138 -44.86 -29.06 50.11
CA ILE B 138 -45.25 -29.94 51.20
C ILE B 138 -46.65 -30.43 51.04
N GLU B 139 -46.84 -31.74 51.03
CA GLU B 139 -48.16 -32.35 50.92
C GLU B 139 -48.95 -32.12 49.64
N GLY B 140 -49.45 -30.92 49.43
CA GLY B 140 -50.17 -30.62 48.21
C GLY B 140 -49.95 -29.19 47.78
N ARG B 141 -48.99 -28.51 48.38
CA ARG B 141 -48.76 -27.13 48.06
C ARG B 141 -47.37 -26.92 47.51
N SER B 142 -47.24 -26.27 46.37
CA SER B 142 -45.92 -25.95 45.86
C SER B 142 -45.74 -24.50 45.40
N ILE B 143 -44.94 -23.72 46.11
CA ILE B 143 -44.71 -22.34 45.73
C ILE B 143 -43.88 -21.94 44.49
N THR B 144 -42.75 -22.57 44.24
CA THR B 144 -41.88 -22.24 43.07
C THR B 144 -41.39 -20.80 42.72
N ARG B 145 -40.73 -20.08 43.62
CA ARG B 145 -40.23 -18.69 43.39
C ARG B 145 -39.63 -18.20 42.05
N THR B 146 -39.59 -16.86 41.82
CA THR B 146 -39.07 -16.30 40.57
C THR B 146 -37.59 -16.38 40.56
N PRO B 147 -37.01 -16.65 39.39
CA PRO B 147 -35.58 -16.86 39.38
C PRO B 147 -34.79 -15.68 39.88
N LEU B 148 -33.70 -15.95 40.59
CA LEU B 148 -32.88 -14.87 41.15
C LEU B 148 -32.32 -13.94 40.08
N PRO B 149 -31.91 -14.48 38.92
CA PRO B 149 -31.47 -13.50 37.94
C PRO B 149 -32.58 -12.52 37.59
N ASP B 150 -33.80 -12.99 37.49
CA ASP B 150 -34.90 -12.11 37.13
C ASP B 150 -35.14 -11.00 38.14
N LEU B 151 -35.07 -11.31 39.43
CA LEU B 151 -35.35 -10.31 40.45
C LEU B 151 -34.34 -9.22 40.34
N LEU B 152 -33.10 -9.59 40.06
CA LEU B 152 -32.05 -8.60 40.01
C LEU B 152 -32.34 -7.58 38.92
N ARG B 153 -32.84 -8.03 37.78
CA ARG B 153 -33.05 -7.10 36.68
C ARG B 153 -34.05 -6.04 37.08
N LEU B 154 -35.09 -6.43 37.80
CA LEU B 154 -36.12 -5.49 38.20
C LEU B 154 -35.49 -4.44 39.08
N ARG B 155 -34.59 -4.84 39.96
CA ARG B 155 -34.04 -3.89 40.89
C ARG B 155 -33.33 -2.80 40.12
N ALA B 156 -32.55 -3.18 39.13
CA ALA B 156 -31.78 -2.17 38.44
C ALA B 156 -32.65 -1.18 37.71
N VAL B 157 -33.67 -1.66 37.02
CA VAL B 157 -34.46 -0.72 36.23
C VAL B 157 -35.11 0.29 37.15
N TYR B 158 -35.68 -0.21 38.23
CA TYR B 158 -36.36 0.68 39.13
C TYR B 158 -35.42 1.65 39.79
N ALA B 159 -34.24 1.20 40.15
CA ALA B 159 -33.31 2.07 40.87
C ALA B 159 -32.98 3.24 40.00
N GLU B 160 -32.83 3.01 38.71
CA GLU B 160 -32.53 4.11 37.82
C GLU B 160 -33.66 5.14 37.85
N GLN B 161 -34.91 4.70 37.86
CA GLN B 161 -35.98 5.67 37.83
C GLN B 161 -35.92 6.52 39.07
N VAL B 162 -35.66 5.91 40.23
CA VAL B 162 -35.71 6.70 41.43
C VAL B 162 -34.62 7.74 41.30
N ALA B 163 -33.50 7.37 40.73
CA ALA B 163 -32.45 8.33 40.55
C ALA B 163 -32.87 9.44 39.63
N ARG B 164 -33.58 9.11 38.56
CA ARG B 164 -33.97 10.14 37.61
C ARG B 164 -34.90 11.15 38.24
N GLU B 165 -35.86 10.68 39.01
CA GLU B 165 -36.81 11.59 39.65
C GLU B 165 -36.13 12.49 40.64
N THR B 166 -35.25 11.93 41.43
CA THR B 166 -34.51 12.73 42.39
C THR B 166 -33.65 13.71 41.62
N GLY B 167 -33.12 13.30 40.47
CA GLY B 167 -32.24 14.15 39.70
C GLY B 167 -30.77 13.89 39.93
N ARG B 168 -30.45 12.83 40.66
CA ARG B 168 -29.06 12.49 40.90
C ARG B 168 -28.61 11.46 39.85
N SER B 169 -29.45 11.23 38.85
CA SER B 169 -29.16 10.23 37.79
C SER B 169 -27.97 10.37 36.85
N PRO B 170 -27.43 11.59 36.68
CA PRO B 170 -26.35 11.64 35.71
C PRO B 170 -25.28 10.61 36.00
N TYR B 171 -24.78 9.97 34.96
CA TYR B 171 -23.80 8.92 35.14
C TYR B 171 -22.58 9.45 35.86
N ARG B 172 -22.07 8.69 36.81
CA ARG B 172 -20.95 9.18 37.63
C ARG B 172 -19.63 9.41 36.94
N GLN B 173 -18.84 10.37 37.44
CA GLN B 173 -17.56 10.69 36.83
C GLN B 173 -16.44 10.77 37.85
N ARG B 174 -15.35 10.03 37.64
CA ARG B 174 -14.21 10.11 38.55
C ARG B 174 -13.07 10.77 37.81
N ARG B 175 -12.51 11.83 38.36
CA ARG B 175 -11.48 12.55 37.62
C ARG B 175 -10.13 12.07 38.08
N VAL B 176 -9.29 11.60 37.17
CA VAL B 176 -8.03 11.04 37.60
C VAL B 176 -7.26 12.11 38.28
N SER B 177 -7.16 13.26 37.62
CA SER B 177 -6.51 14.42 38.25
C SER B 177 -5.21 14.03 38.93
N PHE B 178 -4.39 13.24 38.26
CA PHE B 178 -3.16 12.75 38.85
C PHE B 178 -3.38 12.31 40.28
N TYR C 32 -32.18 22.72 -25.58
CA TYR C 32 -33.42 23.48 -25.66
C TYR C 32 -34.23 23.32 -24.38
N ARG C 33 -34.80 22.15 -24.18
CA ARG C 33 -35.58 21.89 -22.99
C ARG C 33 -34.70 21.23 -21.95
N ALA C 34 -33.80 22.02 -21.39
CA ALA C 34 -32.85 21.52 -20.41
C ALA C 34 -33.20 22.07 -19.06
N ALA C 35 -33.48 23.37 -19.00
CA ALA C 35 -33.76 24.01 -17.73
C ALA C 35 -35.18 24.53 -17.63
N LYS C 36 -36.06 24.07 -18.53
CA LYS C 36 -37.40 24.62 -18.76
C LYS C 36 -38.29 24.72 -17.51
N SER C 37 -38.07 23.85 -16.54
CA SER C 37 -38.88 23.81 -15.33
C SER C 37 -38.18 23.06 -14.22
N ASP C 38 -38.95 22.76 -13.16
CA ASP C 38 -38.41 22.29 -11.90
C ASP C 38 -39.00 20.94 -11.53
N ARG C 39 -39.01 19.99 -12.46
CA ARG C 39 -39.70 18.70 -12.32
C ARG C 39 -39.13 17.90 -11.16
N ILE C 40 -37.86 17.53 -11.20
CA ILE C 40 -37.26 16.82 -10.08
C ILE C 40 -35.91 17.43 -9.70
N ALA C 41 -35.38 18.27 -10.58
CA ALA C 41 -34.04 18.81 -10.40
C ALA C 41 -33.96 20.31 -10.74
N GLY C 42 -34.86 21.12 -10.21
CA GLY C 42 -34.87 22.51 -10.61
C GLY C 42 -35.02 23.46 -9.46
N GLY C 43 -35.82 24.51 -9.69
CA GLY C 43 -35.98 25.61 -8.76
C GLY C 43 -35.81 26.93 -9.49
N PHE C 44 -35.90 26.88 -10.83
CA PHE C 44 -35.45 27.98 -11.70
C PHE C 44 -36.49 29.08 -11.84
N GLY C 45 -37.07 29.51 -10.70
CA GLY C 45 -38.20 30.41 -10.76
C GLY C 45 -39.36 29.83 -11.55
N VAL C 46 -40.21 30.71 -12.07
CA VAL C 46 -41.32 30.27 -12.92
C VAL C 46 -41.33 31.18 -14.13
N PHE C 47 -41.04 32.47 -13.91
CA PHE C 47 -40.99 33.42 -15.01
C PHE C 47 -39.77 34.33 -14.85
N PRO C 48 -39.24 34.84 -15.97
CA PRO C 48 -38.11 35.78 -15.84
C PRO C 48 -38.51 37.05 -15.11
N THR C 49 -37.62 37.58 -14.28
CA THR C 49 -37.93 38.77 -13.49
C THR C 49 -36.81 39.80 -13.57
N THR C 50 -37.16 41.07 -13.39
CA THR C 50 -36.16 42.13 -13.45
C THR C 50 -35.08 41.99 -12.35
N PRO C 51 -33.77 41.90 -12.73
CA PRO C 51 -32.81 41.81 -11.65
C PRO C 51 -32.93 43.00 -10.75
N ARG C 52 -33.45 44.13 -11.20
CA ARG C 52 -33.52 45.33 -10.36
C ARG C 52 -34.15 45.14 -8.98
N ASP C 53 -35.44 44.83 -8.91
CA ASP C 53 -36.13 44.77 -7.60
C ASP C 53 -35.51 43.70 -6.74
N GLU C 54 -35.24 42.58 -7.40
CA GLU C 54 -34.63 41.49 -6.69
C GLU C 54 -33.32 42.07 -6.24
N LEU C 55 -32.61 42.79 -7.11
CA LEU C 55 -31.30 43.29 -6.74
C LEU C 55 -31.42 44.20 -5.56
N ARG C 56 -32.36 45.14 -5.52
CA ARG C 56 -32.39 46.04 -4.38
C ARG C 56 -32.66 45.31 -3.06
N ARG C 57 -33.65 44.41 -3.07
CA ARG C 57 -33.94 43.79 -1.77
C ARG C 57 -32.74 42.99 -1.35
N GLU C 58 -32.17 42.30 -2.34
CA GLU C 58 -31.08 41.41 -2.04
C GLU C 58 -29.97 42.22 -1.45
N ILE C 59 -29.63 43.36 -2.04
CA ILE C 59 -28.54 44.17 -1.56
C ILE C 59 -28.77 44.76 -0.19
N ARG C 60 -29.96 45.24 0.13
CA ARG C 60 -30.09 45.75 1.51
C ARG C 60 -29.82 44.59 2.49
N GLY C 61 -30.44 43.45 2.16
CA GLY C 61 -30.29 42.36 3.10
C GLY C 61 -28.84 41.96 3.19
N LEU C 62 -28.14 41.94 2.08
CA LEU C 62 -26.76 41.52 1.99
C LEU C 62 -25.77 42.47 2.57
N VAL C 63 -26.04 43.76 2.54
CA VAL C 63 -25.08 44.63 3.14
C VAL C 63 -25.21 44.22 4.57
N GLY C 64 -26.46 44.08 5.03
CA GLY C 64 -26.49 43.72 6.44
C GLY C 64 -25.73 42.41 6.68
N HIS C 65 -25.92 41.42 5.82
CA HIS C 65 -25.30 40.11 6.01
C HIS C 65 -23.78 40.08 5.98
N SER C 66 -23.20 40.79 5.02
CA SER C 66 -21.76 40.83 4.85
C SER C 66 -21.17 41.53 6.03
N ARG C 67 -21.87 42.56 6.50
CA ARG C 67 -21.37 43.17 7.68
C ARG C 67 -21.16 42.08 8.70
N HIS C 68 -22.08 41.13 8.80
CA HIS C 68 -21.98 40.17 9.88
C HIS C 68 -20.89 39.17 9.61
N ALA C 69 -20.82 38.66 8.38
CA ALA C 69 -19.84 37.62 8.06
C ALA C 69 -18.43 38.06 8.18
N ALA C 70 -18.14 39.24 7.66
CA ALA C 70 -16.78 39.68 7.65
C ALA C 70 -16.39 39.78 9.10
N GLN C 71 -17.27 40.34 9.90
CA GLN C 71 -16.81 40.43 11.27
C GLN C 71 -16.68 39.13 12.06
N ASN C 72 -17.59 38.19 11.87
CA ASN C 72 -17.53 37.02 12.72
C ASN C 72 -16.95 35.70 12.21
N PHE C 73 -16.90 35.51 10.90
CA PHE C 73 -16.49 34.20 10.36
C PHE C 73 -15.03 34.05 10.09
N ASP C 74 -14.68 33.78 8.86
CA ASP C 74 -13.30 33.86 8.45
C ASP C 74 -13.28 33.88 6.95
N TYR C 75 -12.12 33.77 6.33
CA TYR C 75 -11.98 33.74 4.87
C TYR C 75 -12.39 35.02 4.19
N ALA C 76 -13.48 35.62 4.63
CA ALA C 76 -13.90 36.87 4.06
C ALA C 76 -13.09 37.98 4.66
N ARG C 77 -12.77 37.87 5.94
CA ARG C 77 -11.93 38.87 6.53
C ARG C 77 -10.72 38.84 5.64
N ALA C 78 -10.40 37.66 5.12
CA ALA C 78 -9.23 37.52 4.29
C ALA C 78 -9.45 38.16 2.94
N TYR C 79 -10.61 37.95 2.37
CA TYR C 79 -10.90 38.61 1.11
C TYR C 79 -10.68 40.09 1.32
N GLU C 80 -11.32 40.64 2.33
CA GLU C 80 -11.20 42.06 2.58
C GLU C 80 -9.76 42.47 2.60
N MET C 81 -8.93 41.72 3.31
CA MET C 81 -7.55 42.14 3.45
C MET C 81 -6.93 42.05 2.10
N LEU C 82 -7.22 40.97 1.40
CA LEU C 82 -6.59 40.78 0.11
C LEU C 82 -6.93 41.87 -0.83
N THR C 83 -8.22 42.23 -0.88
CA THR C 83 -8.63 43.20 -1.85
C THR C 83 -7.93 44.44 -1.54
N ARG C 84 -7.96 44.84 -0.29
CA ARG C 84 -7.41 46.12 -0.03
C ARG C 84 -5.99 46.15 -0.43
N ARG C 85 -5.21 45.19 0.01
CA ARG C 85 -3.80 45.36 -0.28
C ARG C 85 -3.50 45.34 -1.75
N HIS C 86 -4.03 44.36 -2.44
CA HIS C 86 -3.65 44.24 -3.82
C HIS C 86 -4.09 45.41 -4.65
N VAL C 87 -5.27 45.95 -4.35
CA VAL C 87 -5.76 47.02 -5.21
C VAL C 87 -5.35 48.43 -4.81
N ILE C 88 -4.84 48.59 -3.59
CA ILE C 88 -4.55 49.94 -3.15
C ILE C 88 -3.19 50.50 -3.43
N GLY C 89 -2.19 50.10 -2.67
CA GLY C 89 -0.90 50.74 -2.82
C GLY C 89 -0.06 50.88 -1.57
N PHE C 90 1.18 50.42 -1.68
CA PHE C 90 2.23 50.93 -0.81
C PHE C 90 2.45 52.40 -1.09
N ASN C 91 2.46 52.79 -2.37
CA ASN C 91 2.53 54.17 -2.78
C ASN C 91 1.16 54.73 -3.09
N GLY C 92 0.10 53.99 -2.80
CA GLY C 92 -1.24 54.40 -3.13
C GLY C 92 -1.45 54.33 -4.63
N ILE C 93 -2.23 55.27 -5.17
CA ILE C 93 -2.33 55.49 -6.60
C ILE C 93 -1.87 56.90 -6.88
N ARG C 94 -0.83 57.08 -7.68
CA ARG C 94 -0.28 58.41 -7.88
C ARG C 94 -0.82 59.10 -9.13
N LEU C 95 -0.53 60.38 -9.28
CA LEU C 95 -1.04 61.13 -10.44
C LEU C 95 0.05 61.71 -11.32
N GLN C 96 -0.02 61.47 -12.62
CA GLN C 96 0.93 62.07 -13.55
C GLN C 96 0.07 62.76 -14.60
N MET C 97 0.34 64.01 -14.89
CA MET C 97 -0.50 64.74 -15.83
C MET C 97 0.33 65.27 -16.97
N ASP C 98 -0.15 65.08 -18.19
CA ASP C 98 0.60 65.54 -19.35
C ASP C 98 -0.08 66.75 -19.93
N VAL C 99 0.65 67.84 -20.03
CA VAL C 99 0.03 69.08 -20.49
C VAL C 99 -0.48 68.94 -21.92
N ARG C 100 0.36 68.47 -22.82
CA ARG C 100 -0.08 68.25 -24.18
C ARG C 100 0.70 67.13 -24.81
N ASP C 101 0.84 67.13 -26.12
CA ASP C 101 1.71 66.18 -26.81
C ASP C 101 3.06 66.05 -26.10
N PRO C 102 3.45 64.85 -25.67
CA PRO C 102 4.64 64.72 -24.82
C PRO C 102 5.96 64.77 -25.56
N GLY C 103 5.97 65.11 -26.84
CA GLY C 103 7.25 65.32 -27.53
C GLY C 103 7.94 66.58 -27.06
N GLY C 104 7.36 67.73 -27.38
CA GLY C 104 7.87 68.99 -26.87
C GLY C 104 6.73 69.88 -26.41
N LYS C 105 5.50 69.48 -26.73
CA LYS C 105 4.34 70.31 -26.45
C LYS C 105 3.83 70.13 -25.03
N LYS C 106 4.20 69.03 -24.36
CA LYS C 106 3.98 68.89 -22.93
C LYS C 106 5.20 69.47 -22.22
N ASP C 107 4.98 70.19 -21.13
CA ASP C 107 6.07 70.77 -20.35
C ASP C 107 5.98 70.31 -18.90
N VAL C 108 7.13 70.28 -18.23
CA VAL C 108 7.15 69.76 -16.88
C VAL C 108 6.76 70.73 -15.81
N ALA C 109 6.78 72.03 -16.06
CA ALA C 109 6.49 72.95 -14.96
C ALA C 109 5.08 72.80 -14.39
N ALA C 110 4.10 72.74 -15.27
CA ALA C 110 2.73 72.62 -14.83
C ALA C 110 2.57 71.29 -14.12
N GLY C 111 3.22 70.27 -14.65
CA GLY C 111 3.09 68.96 -14.07
C GLY C 111 3.60 68.96 -12.66
N ALA C 112 4.76 69.56 -12.45
CA ALA C 112 5.35 69.55 -11.16
C ALA C 112 4.43 70.26 -10.25
N GLN C 113 3.93 71.42 -10.68
CA GLN C 113 3.12 72.18 -9.74
C GLN C 113 1.90 71.38 -9.31
N ILE C 114 1.20 70.79 -10.27
CA ILE C 114 -0.02 70.10 -9.88
C ILE C 114 0.26 68.91 -8.99
N GLU C 115 1.30 68.16 -9.32
CA GLU C 115 1.55 66.96 -8.55
C GLU C 115 1.88 67.36 -7.15
N SER C 116 2.69 68.41 -7.04
CA SER C 116 3.14 68.81 -5.74
C SER C 116 1.94 69.19 -4.95
N ALA C 117 1.05 69.98 -5.52
CA ALA C 117 -0.07 70.43 -4.73
C ALA C 117 -0.93 69.28 -4.26
N TRP C 118 -1.22 68.33 -5.16
CA TRP C 118 -2.11 67.27 -4.74
C TRP C 118 -1.48 66.48 -3.61
N ALA C 119 -0.22 66.14 -3.79
CA ALA C 119 0.39 65.30 -2.79
C ALA C 119 0.42 66.02 -1.49
N ARG C 120 0.74 67.32 -1.48
CA ARG C 120 0.73 68.10 -0.23
C ARG C 120 -0.47 67.83 0.69
N TRP C 121 -1.67 68.18 0.24
CA TRP C 121 -2.88 67.96 1.04
C TRP C 121 -3.14 66.48 1.27
N GLY C 122 -2.69 65.62 0.37
CA GLY C 122 -2.83 64.19 0.57
C GLY C 122 -2.09 63.77 1.82
N LYS C 123 -0.95 64.40 2.12
CA LYS C 123 -0.20 64.10 3.33
C LYS C 123 -0.97 64.60 4.54
N MET C 124 -0.62 64.14 5.74
CA MET C 124 -1.43 64.48 6.92
C MET C 124 -1.58 65.98 7.09
N LYS C 125 -2.83 66.44 7.18
CA LYS C 125 -3.11 67.86 7.28
C LYS C 125 -4.54 68.09 7.74
N ASN C 126 -4.88 69.31 8.12
CA ASN C 126 -6.27 69.63 8.46
C ASN C 126 -7.15 69.53 7.22
N SER C 127 -6.62 69.91 6.06
CA SER C 127 -7.43 69.95 4.82
C SER C 127 -8.08 68.70 4.23
N PRO C 128 -7.45 67.51 4.29
CA PRO C 128 -8.09 66.36 3.63
C PRO C 128 -9.48 65.94 4.08
N THR C 129 -9.80 65.96 5.38
CA THR C 129 -11.11 65.45 5.83
C THR C 129 -11.76 66.23 6.99
N PRO C 130 -13.13 66.21 7.11
CA PRO C 130 -13.69 66.81 8.34
C PRO C 130 -13.39 66.00 9.58
N CYS C 131 -12.85 64.80 9.41
CA CYS C 131 -11.99 64.17 10.40
C CYS C 131 -10.60 64.82 10.36
N GLY C 132 -9.56 64.03 10.55
CA GLY C 132 -8.27 64.54 10.94
C GLY C 132 -7.43 63.50 11.61
N ARG C 133 -7.92 62.27 11.67
CA ARG C 133 -7.07 61.10 11.88
C ARG C 133 -6.67 60.46 10.55
N LEU C 134 -7.03 61.05 9.42
CA LEU C 134 -6.90 60.38 8.14
C LEU C 134 -6.09 61.19 7.12
N SER C 135 -6.07 60.67 5.89
CA SER C 135 -5.31 61.30 4.82
C SER C 135 -5.82 60.69 3.53
N TRP C 136 -5.24 61.06 2.38
CA TRP C 136 -5.71 60.57 1.09
C TRP C 136 -5.53 59.10 0.87
N TRP C 137 -4.41 58.59 1.34
CA TRP C 137 -4.13 57.18 1.19
C TRP C 137 -5.22 56.46 1.94
N GLY C 138 -5.51 56.98 3.12
CA GLY C 138 -6.50 56.34 3.94
C GLY C 138 -7.79 56.38 3.21
N VAL C 139 -8.17 57.51 2.65
CA VAL C 139 -9.46 57.49 2.00
C VAL C 139 -9.47 56.47 0.88
N GLU C 140 -8.44 56.36 0.05
CA GLU C 140 -8.57 55.35 -1.01
C GLU C 140 -8.73 53.98 -0.45
N CYS C 141 -7.91 53.63 0.53
CA CYS C 141 -7.96 52.26 1.01
C CYS C 141 -9.34 51.98 1.55
N GLN C 142 -9.84 52.94 2.29
CA GLN C 142 -11.12 52.69 2.90
C GLN C 142 -12.26 52.62 1.95
N VAL C 143 -12.26 53.49 0.96
CA VAL C 143 -13.34 53.50 0.04
C VAL C 143 -13.29 52.15 -0.63
N ALA C 144 -12.10 51.63 -0.94
CA ALA C 144 -12.03 50.30 -1.52
C ALA C 144 -12.49 49.13 -0.65
N THR C 145 -12.19 49.17 0.63
CA THR C 145 -12.70 48.11 1.49
C THR C 145 -14.18 48.17 1.51
N GLY C 146 -14.68 49.40 1.56
CA GLY C 146 -16.11 49.56 1.69
C GLY C 146 -16.68 48.98 0.45
N ILE C 147 -15.99 49.22 -0.65
CA ILE C 147 -16.48 48.77 -1.90
C ILE C 147 -16.54 47.30 -1.88
N ALA C 148 -15.52 46.59 -1.51
CA ALA C 148 -15.74 45.16 -1.61
C ALA C 148 -16.95 44.82 -0.77
N ARG C 149 -16.80 44.87 0.55
CA ARG C 149 -17.87 44.45 1.46
C ARG C 149 -19.30 44.89 1.16
N GLU C 150 -19.49 46.14 0.74
CA GLU C 150 -20.85 46.61 0.54
C GLU C 150 -21.20 46.79 -0.91
N GLY C 151 -20.36 46.33 -1.81
CA GLY C 151 -20.59 46.55 -3.23
C GLY C 151 -20.66 48.02 -3.61
N GLY C 152 -19.77 48.83 -3.04
CA GLY C 152 -19.73 50.24 -3.37
C GLY C 152 -20.11 51.20 -2.27
N SER C 153 -19.54 52.40 -2.32
CA SER C 153 -19.79 53.37 -1.28
C SER C 153 -19.61 54.74 -1.85
N PHE C 154 -20.01 55.77 -1.11
CA PHE C 154 -19.98 57.11 -1.67
C PHE C 154 -19.16 58.09 -0.87
N VAL C 155 -18.70 59.15 -1.52
CA VAL C 155 -17.96 60.19 -0.81
C VAL C 155 -18.58 61.52 -1.18
N ARG C 156 -18.49 62.50 -0.28
CA ARG C 156 -19.05 63.80 -0.55
C ARG C 156 -18.06 64.91 -0.31
N ILE C 157 -18.15 65.98 -1.08
CA ILE C 157 -17.20 67.06 -0.96
C ILE C 157 -17.81 68.32 -0.37
N HIS C 158 -17.07 69.01 0.49
CA HIS C 158 -17.55 70.23 1.12
C HIS C 158 -16.65 71.39 0.76
N GLN C 159 -17.20 72.56 0.49
CA GLN C 159 -16.33 73.70 0.24
C GLN C 159 -16.60 74.89 1.15
N GLY C 160 -15.60 75.71 1.48
CA GLY C 160 -15.79 76.88 2.35
C GLY C 160 -15.33 76.70 3.78
N THR C 161 -15.86 75.70 4.50
CA THR C 161 -15.37 75.39 5.85
C THR C 161 -13.94 74.91 5.80
N ASN C 162 -13.62 73.98 4.90
CA ASN C 162 -12.26 73.42 4.74
C ASN C 162 -11.70 72.72 5.95
N PHE C 213 -8.43 76.63 2.05
CA PHE C 213 -8.59 75.57 1.07
C PHE C 213 -10.05 75.20 0.91
N GLY C 214 -10.33 73.96 0.54
CA GLY C 214 -11.70 73.52 0.33
C GLY C 214 -11.74 72.15 -0.29
N PHE C 215 -12.92 71.71 -0.73
CA PHE C 215 -13.07 70.40 -1.38
C PHE C 215 -12.61 69.23 -0.52
N GLN C 216 -12.84 69.30 0.78
CA GLN C 216 -12.49 68.17 1.63
C GLN C 216 -13.46 67.03 1.36
N VAL C 217 -12.97 65.80 1.34
CA VAL C 217 -13.83 64.67 1.02
C VAL C 217 -14.12 63.81 2.24
N GLU C 218 -15.40 63.55 2.50
CA GLU C 218 -15.77 62.74 3.64
C GLU C 218 -16.54 61.47 3.21
N PRO C 219 -16.12 60.28 3.69
CA PRO C 219 -16.96 59.14 3.27
C PRO C 219 -18.17 58.95 4.17
N ILE C 220 -19.27 58.52 3.60
CA ILE C 220 -20.49 58.33 4.36
C ILE C 220 -20.87 56.88 4.33
N PRO C 221 -21.33 56.34 5.46
CA PRO C 221 -21.64 54.92 5.52
C PRO C 221 -22.76 54.52 4.58
N PHE C 222 -22.72 53.30 4.06
CA PHE C 222 -23.72 52.85 3.09
C PHE C 222 -25.11 52.82 3.66
N ASP C 223 -25.26 52.44 4.92
CA ASP C 223 -26.59 52.27 5.51
C ASP C 223 -27.41 53.55 5.54
N LEU C 224 -26.75 54.70 5.41
CA LEU C 224 -27.45 55.96 5.45
C LEU C 224 -28.51 56.08 4.35
N LEU C 225 -28.30 55.46 3.20
CA LEU C 225 -29.26 55.57 2.09
C LEU C 225 -30.64 55.05 2.43
N ASP C 226 -31.68 55.75 1.98
CA ASP C 226 -33.07 55.37 2.25
C ASP C 226 -33.65 54.46 1.18
N LEU C 227 -33.83 53.19 1.49
CA LEU C 227 -34.35 52.28 0.48
C LEU C 227 -35.83 52.50 0.21
N ASP C 228 -36.52 53.08 1.18
CA ASP C 228 -37.96 53.20 1.07
C ASP C 228 -38.54 54.30 0.20
N LEU C 229 -37.81 55.38 0.00
CA LEU C 229 -38.38 56.48 -0.75
C LEU C 229 -38.65 55.97 -2.14
N THR C 230 -39.89 56.11 -2.59
CA THR C 230 -40.30 55.61 -3.90
C THR C 230 -41.48 56.45 -4.34
N GLY C 231 -41.96 56.24 -5.55
CA GLY C 231 -43.15 56.94 -6.01
C GLY C 231 -42.79 58.15 -6.85
N PRO C 232 -43.28 58.23 -8.08
CA PRO C 232 -42.96 59.34 -8.98
C PRO C 232 -43.77 60.60 -8.70
N THR C 233 -43.24 61.76 -9.09
CA THR C 233 -43.99 63.00 -8.93
C THR C 233 -44.79 63.25 -10.22
N PRO C 234 -45.90 64.04 -10.17
CA PRO C 234 -46.60 64.18 -11.46
C PRO C 234 -45.71 64.79 -12.52
N GLY C 235 -44.91 65.79 -12.15
CA GLY C 235 -43.98 66.39 -13.10
C GLY C 235 -42.58 65.79 -13.05
N GLY C 236 -42.38 64.78 -12.22
CA GLY C 236 -41.04 64.22 -12.05
C GLY C 236 -40.89 62.72 -12.12
N GLY C 237 -39.67 62.26 -12.40
CA GLY C 237 -39.39 60.83 -12.49
C GLY C 237 -39.30 60.11 -11.15
N PHE C 238 -39.21 58.78 -11.18
CA PHE C 238 -39.20 57.98 -9.94
C PHE C 238 -38.05 58.24 -8.96
N VAL C 239 -38.35 58.17 -7.66
CA VAL C 239 -37.31 58.38 -6.63
C VAL C 239 -36.93 57.08 -5.91
N GLU C 240 -37.31 55.94 -6.46
CA GLU C 240 -37.00 54.61 -5.89
C GLU C 240 -35.56 54.39 -5.38
N SER C 241 -35.38 53.59 -4.33
CA SER C 241 -34.07 53.32 -3.77
C SER C 241 -33.28 54.59 -3.62
N GLY C 242 -33.95 55.66 -3.26
CA GLY C 242 -33.26 56.90 -3.01
C GLY C 242 -32.49 57.48 -4.17
N VAL C 243 -32.93 57.25 -5.39
CA VAL C 243 -32.26 57.90 -6.51
C VAL C 243 -33.25 58.80 -7.23
N GLU C 244 -32.87 60.04 -7.45
CA GLU C 244 -33.80 60.95 -8.08
C GLU C 244 -33.55 60.95 -9.55
N PHE C 245 -34.46 60.32 -10.29
CA PHE C 245 -34.34 60.32 -11.73
C PHE C 245 -34.91 61.62 -12.25
N ASP C 246 -34.62 61.96 -13.49
CA ASP C 246 -35.15 63.17 -14.09
C ASP C 246 -36.17 62.89 -15.16
N ALA C 247 -36.64 63.92 -15.83
CA ALA C 247 -37.50 63.72 -16.99
C ALA C 247 -36.79 63.02 -18.14
N THR C 248 -35.47 63.16 -18.22
CA THR C 248 -34.63 62.41 -19.14
C THR C 248 -34.33 61.02 -18.57
N ASP C 249 -34.76 60.77 -17.32
CA ASP C 249 -34.40 59.62 -16.49
C ASP C 249 -32.88 59.57 -16.32
N ARG C 250 -32.31 60.74 -16.09
CA ARG C 250 -30.89 60.94 -15.83
C ARG C 250 -30.71 61.21 -14.34
N VAL C 251 -29.53 60.86 -13.83
CA VAL C 251 -29.28 61.02 -12.40
C VAL C 251 -29.02 62.48 -12.09
N VAL C 252 -29.71 63.01 -11.08
CA VAL C 252 -29.52 64.39 -10.65
C VAL C 252 -29.45 64.52 -9.16
N ALA C 253 -30.22 63.73 -8.44
CA ALA C 253 -30.10 63.83 -7.00
C ALA C 253 -30.07 62.51 -6.28
N TYR C 254 -29.60 62.55 -5.05
CA TYR C 254 -29.57 61.35 -4.24
C TYR C 254 -30.33 61.66 -2.99
N HIS C 255 -30.87 60.64 -2.34
CA HIS C 255 -31.69 60.87 -1.17
C HIS C 255 -31.22 60.06 0.01
N MET C 256 -30.13 60.45 0.65
CA MET C 256 -29.67 59.75 1.84
C MET C 256 -30.68 60.01 2.94
N TRP C 257 -30.71 59.13 3.93
CA TRP C 257 -31.56 59.36 5.09
C TRP C 257 -31.15 60.59 5.71
N SER C 258 -30.18 60.49 6.55
CA SER C 258 -29.89 61.67 7.24
C SER C 258 -28.61 61.59 7.87
N ALA C 259 -28.32 62.59 8.63
CA ALA C 259 -27.10 62.56 9.35
C ALA C 259 -27.22 61.49 10.34
N ALA C 260 -28.38 61.32 10.86
CA ALA C 260 -28.48 60.37 11.89
C ALA C 260 -28.08 59.05 11.34
N ALA C 269 -30.36 65.10 12.99
CA ALA C 269 -31.35 64.07 13.10
C ALA C 269 -32.38 64.35 12.05
N ARG C 270 -32.21 65.44 11.34
CA ARG C 270 -33.26 65.77 10.45
C ARG C 270 -33.05 64.89 9.36
N ARG C 271 -34.02 64.09 9.11
CA ARG C 271 -33.82 63.15 8.12
C ARG C 271 -34.03 63.70 6.73
N ARG C 272 -33.83 62.89 5.71
CA ARG C 272 -34.02 63.27 4.34
C ARG C 272 -33.27 64.45 3.83
N LEU C 273 -32.19 64.24 3.05
CA LEU C 273 -31.57 65.39 2.43
C LEU C 273 -31.34 65.07 0.99
N ARG C 274 -31.97 65.83 0.12
CA ARG C 274 -31.71 65.63 -1.29
C ARG C 274 -30.32 66.15 -1.40
N ILE C 275 -29.42 65.40 -2.02
CA ILE C 275 -28.09 65.90 -2.22
C ILE C 275 -27.78 65.92 -3.70
N PRO C 276 -27.23 67.02 -4.18
CA PRO C 276 -26.94 67.13 -5.61
C PRO C 276 -25.94 66.09 -5.98
N ALA C 277 -26.03 65.58 -7.20
CA ALA C 277 -25.15 64.53 -7.63
C ALA C 277 -23.73 65.00 -7.58
N ALA C 278 -23.49 66.27 -7.83
CA ALA C 278 -22.13 66.73 -7.89
C ALA C 278 -21.45 66.46 -6.57
N GLN C 279 -22.19 66.58 -5.49
CA GLN C 279 -21.58 66.37 -4.19
C GLN C 279 -21.37 64.91 -3.89
N MET C 280 -22.27 64.04 -4.34
CA MET C 280 -22.15 62.64 -3.97
C MET C 280 -21.86 61.73 -5.15
N LEU C 281 -20.75 61.02 -5.10
CA LEU C 281 -20.39 60.15 -6.20
C LEU C 281 -20.35 58.71 -5.71
N TYR C 282 -21.03 57.81 -6.42
CA TYR C 282 -21.10 56.42 -5.99
C TYR C 282 -20.31 55.57 -6.96
N VAL C 283 -19.30 54.88 -6.47
CA VAL C 283 -18.54 53.97 -7.33
C VAL C 283 -19.37 52.71 -7.42
N LEU C 284 -19.34 52.03 -8.57
CA LEU C 284 -20.24 50.89 -8.73
C LEU C 284 -19.82 49.51 -9.21
N VAL C 285 -18.54 49.27 -9.51
CA VAL C 285 -18.12 47.98 -10.09
C VAL C 285 -19.19 47.30 -10.99
N PRO C 286 -19.37 47.79 -12.25
CA PRO C 286 -20.45 47.21 -13.05
C PRO C 286 -20.38 45.76 -13.40
N GLU C 287 -21.48 45.05 -13.26
CA GLU C 287 -21.52 43.66 -13.66
C GLU C 287 -22.60 43.58 -14.69
N GLU C 288 -23.82 43.24 -14.26
CA GLU C 288 -24.91 43.27 -15.19
C GLU C 288 -25.19 44.74 -15.34
N ILE C 289 -25.43 45.20 -16.55
CA ILE C 289 -25.59 46.64 -16.73
C ILE C 289 -26.82 47.30 -16.10
N GLY C 290 -27.97 46.66 -16.14
CA GLY C 290 -29.16 47.34 -15.66
C GLY C 290 -29.34 47.33 -14.17
N GLN C 291 -28.48 48.06 -13.47
CA GLN C 291 -28.61 48.15 -12.04
C GLN C 291 -28.41 49.55 -11.52
N ALA C 292 -29.07 49.89 -10.43
CA ALA C 292 -28.84 51.18 -9.81
C ALA C 292 -27.93 51.02 -8.63
N LEU C 293 -27.43 49.81 -8.39
CA LEU C 293 -26.63 49.56 -7.19
C LEU C 293 -25.70 48.38 -7.34
N GLY C 294 -24.71 48.26 -6.45
CA GLY C 294 -23.84 47.09 -6.50
C GLY C 294 -23.85 46.11 -5.35
N VAL C 295 -23.94 44.82 -5.67
CA VAL C 295 -24.00 43.78 -4.65
C VAL C 295 -22.68 43.52 -3.98
N PRO C 296 -22.71 43.05 -2.72
CA PRO C 296 -21.45 42.69 -2.09
C PRO C 296 -20.82 41.59 -2.90
N ARG C 297 -19.52 41.69 -3.19
CA ARG C 297 -18.86 40.69 -4.03
C ARG C 297 -18.71 39.37 -3.31
N SER C 298 -19.06 39.34 -2.04
CA SER C 298 -18.91 38.12 -1.24
C SER C 298 -20.19 37.30 -1.23
N ALA C 299 -21.20 37.71 -1.98
CA ALA C 299 -22.51 37.04 -1.92
C ALA C 299 -22.48 35.56 -2.28
N THR C 300 -21.72 35.18 -3.31
CA THR C 300 -21.71 33.80 -3.74
C THR C 300 -21.20 32.86 -2.66
N ALA C 301 -20.14 33.26 -1.96
CA ALA C 301 -19.56 32.42 -0.92
C ALA C 301 -20.12 32.70 0.47
N LEU C 302 -21.01 33.68 0.59
CA LEU C 302 -21.52 34.05 1.91
C LEU C 302 -22.25 32.90 2.56
N ARG C 303 -23.03 32.18 1.77
CA ARG C 303 -23.76 31.03 2.30
C ARG C 303 -22.79 29.92 2.68
N LEU C 304 -21.88 29.58 1.77
CA LEU C 304 -20.95 28.46 2.04
C LEU C 304 -20.08 28.70 3.28
N MET C 305 -19.58 29.91 3.48
CA MET C 305 -18.73 30.27 4.61
C MET C 305 -19.42 30.18 5.95
N ASN C 306 -20.67 30.59 6.02
CA ASN C 306 -21.33 30.54 7.29
C ASN C 306 -21.35 29.09 7.65
N LEU C 307 -21.76 28.29 6.68
CA LEU C 307 -21.88 26.91 7.11
C LEU C 307 -20.51 26.37 7.54
N SER C 308 -19.48 26.74 6.79
CA SER C 308 -18.16 26.22 7.10
C SER C 308 -17.63 26.62 8.47
N GLU C 309 -17.82 27.87 8.87
CA GLU C 309 -17.39 28.28 10.19
C GLU C 309 -18.14 27.58 11.26
N LYS C 310 -19.44 27.40 11.06
CA LYS C 310 -20.10 26.64 12.11
C LYS C 310 -19.49 25.24 12.20
N PHE C 311 -19.19 24.64 11.06
CA PHE C 311 -18.57 23.32 11.09
C PHE C 311 -17.22 23.28 11.80
N GLN C 312 -16.38 24.27 11.53
CA GLN C 312 -15.07 24.29 12.15
C GLN C 312 -15.25 24.42 13.64
N GLU C 313 -16.19 25.25 14.06
CA GLU C 313 -16.43 25.34 15.50
C GLU C 313 -16.93 24.05 16.14
N SER C 314 -17.81 23.32 15.48
CA SER C 314 -18.23 22.03 16.06
C SER C 314 -17.18 20.94 16.15
N ALA C 315 -16.43 20.70 15.10
CA ALA C 315 -15.41 19.65 15.09
C ALA C 315 -14.37 19.82 16.17
N LEU C 316 -13.88 21.04 16.36
CA LEU C 316 -12.85 21.13 17.39
C LEU C 316 -13.49 20.73 18.71
N THR C 317 -14.72 21.18 18.93
CA THR C 317 -15.31 20.87 20.23
C THR C 317 -15.50 19.36 20.45
N ALA C 318 -15.94 18.68 19.41
CA ALA C 318 -16.10 17.25 19.51
C ALA C 318 -14.80 16.55 19.78
N ALA C 319 -13.73 16.99 19.15
CA ALA C 319 -12.44 16.40 19.44
C ALA C 319 -12.04 16.59 20.87
N ASN C 320 -12.25 17.79 21.40
CA ASN C 320 -11.91 17.93 22.78
C ASN C 320 -12.70 16.96 23.63
N TYR C 321 -14.01 16.83 23.38
CA TYR C 321 -14.77 15.94 24.27
C TYR C 321 -14.27 14.53 24.16
N GLY C 322 -13.94 14.12 22.94
CA GLY C 322 -13.47 12.77 22.72
C GLY C 322 -12.17 12.49 23.45
N ALA C 323 -11.24 13.42 23.42
CA ALA C 323 -10.04 13.21 24.21
C ALA C 323 -10.33 13.17 25.70
N SER C 324 -11.21 14.03 26.17
CA SER C 324 -11.46 14.10 27.61
C SER C 324 -12.12 12.94 28.36
N ASN C 325 -13.12 12.28 27.81
CA ASN C 325 -13.86 11.25 28.51
C ASN C 325 -13.07 9.99 28.73
N MET C 326 -11.92 9.87 28.09
CA MET C 326 -11.05 8.72 28.33
C MET C 326 -11.80 7.40 28.22
N VAL C 327 -11.61 6.50 29.18
CA VAL C 327 -12.29 5.21 29.16
C VAL C 327 -13.69 5.20 29.72
N PHE C 328 -14.55 4.32 29.22
CA PHE C 328 -15.89 4.17 29.78
C PHE C 328 -15.90 2.81 30.46
N PHE C 329 -16.23 2.73 31.75
CA PHE C 329 -16.33 1.43 32.41
C PHE C 329 -17.72 0.82 32.32
N GLU C 330 -18.08 0.26 31.16
CA GLU C 330 -19.43 -0.28 30.97
C GLU C 330 -19.72 -1.52 31.77
N ARG C 331 -20.99 -1.68 32.15
CA ARG C 331 -21.36 -2.80 33.00
C ARG C 331 -22.45 -3.65 32.41
N ALA C 332 -22.54 -4.91 32.82
CA ALA C 332 -23.62 -5.76 32.37
C ALA C 332 -24.88 -5.37 33.12
N ALA C 333 -26.03 -5.92 32.76
CA ALA C 333 -27.26 -5.48 33.40
C ALA C 333 -27.55 -6.19 34.71
N ASP C 334 -26.75 -5.91 35.75
CA ASP C 334 -27.00 -6.53 37.03
C ASP C 334 -27.07 -5.58 38.21
N ASN C 335 -26.02 -4.81 38.45
CA ASN C 335 -25.99 -3.98 39.66
C ASN C 335 -25.97 -2.48 39.48
N GLY C 336 -25.23 -1.80 40.34
CA GLY C 336 -25.24 -0.34 40.30
C GLY C 336 -26.44 0.07 41.09
N VAL C 337 -27.05 -0.90 41.77
CA VAL C 337 -28.27 -0.63 42.52
C VAL C 337 -28.10 0.34 43.68
N VAL C 338 -29.10 1.18 43.89
CA VAL C 338 -29.09 2.07 45.05
C VAL C 338 -27.83 2.87 45.21
N THR C 339 -27.31 3.38 44.11
CA THR C 339 -26.17 4.26 44.23
C THR C 339 -26.80 5.38 45.03
N GLY C 340 -26.33 5.61 46.24
CA GLY C 340 -26.97 6.60 47.09
C GLY C 340 -27.01 8.02 46.58
N PRO C 341 -28.17 8.66 46.70
CA PRO C 341 -28.31 10.04 46.24
C PRO C 341 -27.51 11.04 47.00
N GLU C 342 -27.42 10.90 48.32
CA GLU C 342 -26.77 11.94 49.11
C GLU C 342 -25.30 12.24 48.85
N ASP C 343 -24.51 11.20 48.67
CA ASP C 343 -23.09 11.39 48.45
C ASP C 343 -22.83 12.13 47.15
N ASP C 344 -23.74 12.02 46.20
CA ASP C 344 -23.52 12.60 44.89
C ASP C 344 -23.32 14.09 44.86
N ALA C 345 -24.10 14.83 45.62
CA ALA C 345 -24.02 16.28 45.55
C ALA C 345 -22.68 16.89 45.96
N GLN C 346 -22.04 16.38 47.01
CA GLN C 346 -20.82 17.04 47.51
C GLN C 346 -19.58 17.11 46.62
N ILE C 347 -19.17 16.01 45.99
CA ILE C 347 -17.94 16.05 45.21
C ILE C 347 -17.80 15.00 44.13
N PRO C 348 -17.00 15.27 43.10
CA PRO C 348 -16.71 14.22 42.12
C PRO C 348 -15.39 13.67 42.56
N ILE C 349 -15.32 12.38 42.86
CA ILE C 349 -14.09 11.82 43.41
C ILE C 349 -12.81 11.96 42.59
N ASP C 350 -11.68 12.25 43.24
CA ASP C 350 -10.39 12.30 42.54
C ASP C 350 -9.59 11.07 42.88
N GLN C 351 -9.14 10.32 41.87
CA GLN C 351 -8.37 9.09 42.09
C GLN C 351 -6.99 9.22 41.48
N ILE C 352 -5.95 8.87 42.22
CA ILE C 352 -4.59 9.09 41.73
C ILE C 352 -4.03 7.98 40.84
N GLU C 353 -3.68 8.30 39.60
CA GLU C 353 -3.10 7.32 38.69
C GLU C 353 -1.73 7.83 38.29
N ALA C 354 -1.20 8.75 39.07
CA ALA C 354 0.07 9.36 38.72
C ALA C 354 1.19 8.36 38.63
N GLY C 355 1.19 7.37 39.50
CA GLY C 355 2.29 6.45 39.51
C GLY C 355 2.44 5.79 38.16
N THR C 356 3.67 5.67 37.69
CA THR C 356 3.91 5.07 36.39
C THR C 356 3.18 3.77 36.18
N LEU C 357 3.59 2.74 36.90
CA LEU C 357 2.98 1.46 36.67
C LEU C 357 1.77 1.40 37.56
N THR C 358 0.63 1.26 36.96
CA THR C 358 -0.57 1.15 37.74
C THR C 358 -1.49 0.12 37.16
N GLU C 359 -1.11 -1.14 37.21
CA GLU C 359 -1.99 -2.16 36.73
C GLU C 359 -3.25 -2.08 37.58
N LEU C 360 -4.42 -2.14 36.97
CA LEU C 360 -5.65 -1.97 37.72
C LEU C 360 -6.58 -3.16 37.60
N PRO C 361 -7.17 -3.60 38.72
CA PRO C 361 -8.15 -4.68 38.65
C PRO C 361 -9.60 -4.19 38.78
N PRO C 362 -10.48 -4.56 37.84
CA PRO C 362 -11.87 -4.08 37.84
C PRO C 362 -12.92 -5.11 38.24
N GLY C 363 -14.02 -4.68 38.87
CA GLY C 363 -15.11 -5.59 39.20
C GLY C 363 -15.85 -6.26 38.03
N VAL C 364 -16.07 -5.55 36.91
CA VAL C 364 -16.85 -6.09 35.75
C VAL C 364 -16.26 -6.02 34.32
N LYS C 365 -16.17 -4.84 33.70
CA LYS C 365 -15.57 -4.71 32.35
C LYS C 365 -15.08 -3.32 32.00
N ALA C 366 -14.26 -3.19 30.96
CA ALA C 366 -13.77 -1.86 30.51
C ALA C 366 -13.78 -1.65 29.00
N VAL C 367 -13.89 -0.40 28.57
CA VAL C 367 -13.84 -0.11 27.14
C VAL C 367 -13.09 1.18 26.86
N SER C 368 -12.56 1.33 25.65
CA SER C 368 -11.77 2.52 25.33
C SER C 368 -12.48 3.35 24.30
N HIS C 369 -12.63 4.63 24.57
CA HIS C 369 -13.37 5.47 23.65
C HIS C 369 -12.57 5.63 22.41
N ASN C 370 -13.21 5.47 21.26
CA ASN C 370 -12.51 5.69 20.00
C ASN C 370 -13.07 6.96 19.44
N PRO C 371 -12.20 7.94 19.27
CA PRO C 371 -12.71 9.23 18.80
C PRO C 371 -13.08 9.13 17.36
N ALA C 372 -14.25 9.62 17.03
CA ALA C 372 -14.68 9.61 15.65
C ALA C 372 -14.64 11.01 15.16
N TYR C 373 -14.00 11.89 15.92
CA TYR C 373 -14.00 13.28 15.55
C TYR C 373 -13.35 13.28 14.22
N PRO C 374 -13.87 14.11 13.28
CA PRO C 374 -13.25 14.00 11.97
C PRO C 374 -11.74 13.99 12.08
N ASP C 375 -11.10 12.95 11.58
CA ASP C 375 -9.67 12.84 11.78
C ASP C 375 -8.82 13.32 10.63
N ALA C 376 -8.82 12.58 9.55
CA ALA C 376 -8.06 13.00 8.38
C ALA C 376 -9.00 13.21 7.23
N ALA C 377 -10.27 12.95 7.45
CA ALA C 377 -11.26 13.18 6.42
C ALA C 377 -11.34 14.64 6.12
N VAL C 378 -11.16 15.45 7.14
CA VAL C 378 -11.34 16.87 6.96
C VAL C 378 -10.48 17.57 5.91
N GLY C 379 -9.21 17.23 5.79
CA GLY C 379 -8.42 18.00 4.84
C GLY C 379 -8.91 17.93 3.42
N PRO C 380 -9.19 16.73 2.91
CA PRO C 380 -9.78 16.70 1.57
C PRO C 380 -11.18 17.31 1.48
N PHE C 381 -12.05 17.04 2.44
CA PHE C 381 -13.42 17.53 2.35
C PHE C 381 -13.44 19.04 2.37
N LEU C 382 -12.67 19.65 3.26
CA LEU C 382 -12.73 21.09 3.38
C LEU C 382 -12.23 21.74 2.11
N ARG C 383 -11.18 21.18 1.53
CA ARG C 383 -10.60 21.83 0.38
C ARG C 383 -11.58 21.89 -0.74
N GLN C 384 -12.32 20.82 -0.98
CA GLN C 384 -13.20 20.85 -2.12
C GLN C 384 -14.30 21.90 -2.01
N MET C 385 -14.92 22.01 -0.83
CA MET C 385 -15.93 23.05 -0.65
C MET C 385 -15.23 24.39 -0.80
N GLY C 386 -14.02 24.49 -0.29
CA GLY C 386 -13.27 25.73 -0.37
C GLY C 386 -12.97 26.17 -1.78
N THR C 387 -12.67 25.24 -2.67
CA THR C 387 -12.31 25.61 -4.02
C THR C 387 -13.48 26.32 -4.62
N SER C 388 -14.67 25.83 -4.32
CA SER C 388 -15.86 26.43 -4.89
C SER C 388 -16.00 27.88 -4.46
N GLN C 389 -15.73 28.15 -3.19
CA GLN C 389 -15.90 29.51 -2.70
C GLN C 389 -14.94 30.42 -3.41
N ALA C 390 -13.72 29.96 -3.60
CA ALA C 390 -12.72 30.81 -4.21
C ALA C 390 -13.10 31.17 -5.61
N ALA C 391 -13.62 30.20 -6.33
CA ALA C 391 -13.95 30.47 -7.72
C ALA C 391 -15.02 31.53 -7.72
N GLY C 392 -15.93 31.44 -6.77
CA GLY C 392 -17.00 32.41 -6.66
C GLY C 392 -16.51 33.82 -6.38
N LEU C 393 -15.50 33.96 -5.55
CA LEU C 393 -15.06 35.28 -5.17
C LEU C 393 -14.06 35.85 -6.17
N GLY C 394 -13.75 35.09 -7.20
CA GLY C 394 -12.84 35.59 -8.21
C GLY C 394 -11.42 35.73 -7.75
N VAL C 395 -10.98 34.83 -6.88
CA VAL C 395 -9.60 34.85 -6.42
C VAL C 395 -9.01 33.44 -6.40
N SER C 396 -7.69 33.33 -6.54
CA SER C 396 -7.04 32.03 -6.48
C SER C 396 -7.13 31.47 -5.09
N TYR C 397 -7.30 30.15 -4.97
CA TYR C 397 -7.49 29.54 -3.67
C TYR C 397 -6.30 29.76 -2.77
N GLU C 398 -5.10 29.65 -3.32
CA GLU C 398 -3.92 29.75 -2.49
C GLU C 398 -3.84 31.11 -1.85
N THR C 399 -4.15 32.17 -2.58
CA THR C 399 -4.15 33.46 -1.95
C THR C 399 -5.23 33.62 -0.91
N LEU C 400 -6.43 33.15 -1.21
CA LEU C 400 -7.55 33.35 -0.28
C LEU C 400 -7.36 32.63 1.01
N THR C 401 -6.95 31.38 0.93
CA THR C 401 -6.72 30.62 2.13
C THR C 401 -5.33 30.11 1.97
N ALA C 402 -4.49 30.25 2.99
CA ALA C 402 -3.12 29.86 2.78
C ALA C 402 -2.89 28.39 2.95
N ASP C 403 -3.57 27.55 2.16
CA ASP C 403 -3.29 26.13 2.21
C ASP C 403 -1.89 25.92 1.68
N LEU C 404 -1.57 26.56 0.56
CA LEU C 404 -0.20 26.52 0.04
C LEU C 404 0.39 25.12 0.02
N SER C 405 -0.38 24.17 -0.48
CA SER C 405 0.09 22.80 -0.46
C SER C 405 0.02 22.14 -1.83
N GLY C 406 0.92 21.22 -2.10
CA GLY C 406 0.91 20.53 -3.37
C GLY C 406 0.97 21.49 -4.53
N ALA C 407 1.94 22.40 -4.52
CA ALA C 407 2.08 23.28 -5.67
C ALA C 407 3.48 23.32 -6.28
N ASN C 408 3.58 23.07 -7.56
CA ASN C 408 4.86 23.19 -8.24
C ASN C 408 5.01 24.63 -8.64
N PHE C 409 6.17 25.01 -9.16
CA PHE C 409 6.40 26.40 -9.48
C PHE C 409 5.39 26.84 -10.50
N SER C 410 5.11 25.99 -11.47
CA SER C 410 4.22 26.39 -12.51
C SER C 410 2.83 26.69 -12.00
N SER C 411 2.33 25.88 -11.07
CA SER C 411 0.97 26.05 -10.61
C SER C 411 0.82 27.40 -9.98
N LEU C 412 1.80 27.79 -9.20
CA LEU C 412 1.75 29.08 -8.56
C LEU C 412 1.75 30.20 -9.58
N ARG C 413 2.57 30.07 -10.62
CA ARG C 413 2.66 31.16 -11.57
C ARG C 413 1.32 31.36 -12.24
N ALA C 414 0.66 30.27 -12.59
CA ALA C 414 -0.62 30.39 -13.28
C ALA C 414 -1.65 31.07 -12.43
N GLY C 415 -1.69 30.70 -11.16
CA GLY C 415 -2.70 31.25 -10.29
C GLY C 415 -2.53 32.75 -10.18
N LYS C 416 -1.29 33.18 -10.07
CA LYS C 416 -1.05 34.58 -9.93
C LYS C 416 -1.54 35.28 -11.15
N GLY C 417 -1.31 34.70 -12.31
CA GLY C 417 -1.67 35.40 -13.53
C GLY C 417 -3.16 35.68 -13.61
N GLU C 418 -3.98 34.70 -13.25
CA GLU C 418 -5.43 34.90 -13.29
C GLU C 418 -5.93 35.96 -12.33
N GLU C 419 -5.41 35.94 -11.13
CA GLU C 419 -5.80 36.95 -10.17
C GLU C 419 -5.37 38.31 -10.65
N ARG C 420 -4.20 38.36 -11.28
CA ARG C 420 -3.68 39.65 -11.68
C ARG C 420 -4.62 40.31 -12.64
N GLU C 421 -5.21 39.55 -13.53
CA GLU C 421 -6.15 40.16 -14.42
C GLU C 421 -7.31 40.76 -13.64
N GLU C 422 -7.83 40.02 -12.67
CA GLU C 422 -9.01 40.53 -11.96
C GLU C 422 -8.70 41.80 -11.22
N TRP C 423 -7.56 41.85 -10.56
CA TRP C 423 -7.23 43.02 -9.79
C TRP C 423 -7.11 44.19 -10.72
N ARG C 424 -6.54 43.98 -11.89
CA ARG C 424 -6.31 45.08 -12.77
C ARG C 424 -7.65 45.67 -13.12
N MET C 425 -8.63 44.82 -13.35
CA MET C 425 -9.92 45.34 -13.76
C MET C 425 -10.53 46.21 -12.68
N LEU C 426 -10.47 45.75 -11.44
CA LEU C 426 -11.02 46.52 -10.36
C LEU C 426 -10.27 47.83 -10.20
N GLN C 427 -8.96 47.79 -10.39
CA GLN C 427 -8.15 48.97 -10.21
C GLN C 427 -8.56 50.07 -11.16
N ARG C 428 -8.82 49.72 -12.40
CA ARG C 428 -9.19 50.73 -13.36
C ARG C 428 -10.48 51.34 -12.93
N ALA C 429 -11.44 50.51 -12.51
CA ALA C 429 -12.76 51.03 -12.17
C ALA C 429 -12.85 51.96 -10.97
N VAL C 430 -12.17 51.65 -9.89
CA VAL C 430 -12.33 52.49 -8.72
C VAL C 430 -11.82 53.88 -9.03
N PHE C 431 -10.70 53.96 -9.72
CA PHE C 431 -10.16 55.25 -10.04
C PHE C 431 -10.71 55.82 -11.31
N GLU C 432 -11.48 55.01 -12.04
CA GLU C 432 -12.13 55.55 -13.21
C GLU C 432 -13.04 56.58 -12.66
N GLY C 433 -13.67 56.25 -11.54
CA GLY C 433 -14.60 57.18 -10.96
C GLY C 433 -14.12 58.16 -9.93
N LEU C 434 -13.56 57.70 -8.83
CA LEU C 434 -13.22 58.67 -7.80
C LEU C 434 -12.16 59.67 -8.22
N HIS C 435 -11.07 59.20 -8.82
CA HIS C 435 -9.98 60.11 -9.13
C HIS C 435 -10.39 61.12 -10.13
N ASP C 436 -11.07 60.68 -11.17
CA ASP C 436 -11.38 61.61 -12.22
C ASP C 436 -12.29 62.72 -11.73
N ARG C 437 -13.32 62.35 -10.98
CA ARG C 437 -14.20 63.36 -10.47
C ARG C 437 -13.45 64.26 -9.52
N VAL C 438 -12.68 63.67 -8.62
CA VAL C 438 -12.03 64.53 -7.65
C VAL C 438 -10.99 65.44 -8.28
N PHE C 439 -10.19 64.93 -9.20
CA PHE C 439 -9.15 65.78 -9.73
C PHE C 439 -9.81 66.93 -10.44
N SER C 440 -10.82 66.64 -11.22
CA SER C 440 -11.41 67.71 -11.99
C SER C 440 -12.02 68.73 -11.08
N ARG C 441 -12.76 68.27 -10.09
CA ARG C 441 -13.42 69.20 -9.20
C ARG C 441 -12.40 69.98 -8.40
N TRP C 442 -11.36 69.33 -7.94
CA TRP C 442 -10.37 69.98 -7.09
C TRP C 442 -9.69 71.11 -7.80
N LEU C 443 -9.43 70.93 -9.09
CA LEU C 443 -8.64 71.94 -9.75
C LEU C 443 -9.18 73.35 -9.73
N PRO C 444 -10.48 73.54 -10.01
CA PRO C 444 -10.86 74.96 -9.98
C PRO C 444 -10.70 75.63 -8.64
N LEU C 445 -11.11 74.99 -7.56
CA LEU C 445 -11.04 75.67 -6.29
C LEU C 445 -9.60 75.95 -5.94
N ALA C 446 -8.75 74.98 -6.18
CA ALA C 446 -7.36 75.15 -5.86
C ALA C 446 -6.76 76.26 -6.71
N MET C 447 -7.14 76.34 -7.98
CA MET C 447 -6.65 77.44 -8.79
C MET C 447 -7.15 78.78 -8.28
N LEU C 448 -8.43 78.85 -7.88
CA LEU C 448 -9.01 80.08 -7.36
C LEU C 448 -8.36 80.52 -6.06
N SER C 449 -8.10 79.57 -5.19
CA SER C 449 -7.46 79.88 -3.91
C SER C 449 -6.01 80.18 -4.16
N GLY C 450 -5.55 79.90 -5.37
CA GLY C 450 -4.20 80.21 -5.72
C GLY C 450 -3.33 79.24 -4.98
N GLU C 451 -3.94 78.23 -4.36
CA GLU C 451 -3.13 77.21 -3.71
C GLU C 451 -2.13 76.69 -4.72
N VAL C 452 -2.57 76.50 -5.95
CA VAL C 452 -1.65 76.09 -6.98
C VAL C 452 -1.43 77.32 -7.83
N ARG C 453 -0.19 77.58 -8.19
CA ARG C 453 0.11 78.77 -8.96
C ARG C 453 0.07 78.50 -10.45
N LEU C 454 -0.93 79.05 -11.14
CA LEU C 454 -1.10 78.86 -12.59
C LEU C 454 -2.35 79.64 -13.05
N PRO C 455 -2.46 79.99 -14.36
CA PRO C 455 -3.67 80.76 -14.68
C PRO C 455 -4.93 79.94 -14.96
N LEU C 456 -6.06 80.36 -14.41
CA LEU C 456 -7.31 79.62 -14.54
C LEU C 456 -7.92 79.47 -15.94
N ALA C 457 -7.80 80.48 -16.78
CA ALA C 457 -8.48 80.43 -18.07
C ALA C 457 -8.14 79.27 -19.01
N LYS C 458 -6.87 78.92 -19.15
CA LYS C 458 -6.53 77.75 -19.98
C LYS C 458 -6.60 76.48 -19.16
N LEU C 459 -7.79 76.11 -18.70
CA LEU C 459 -7.94 74.92 -17.88
C LEU C 459 -7.59 73.66 -18.63
N ASP C 460 -7.93 73.61 -19.91
CA ASP C 460 -7.71 72.42 -20.72
C ASP C 460 -6.25 72.00 -20.81
N LYS C 461 -5.35 72.97 -20.86
CA LYS C 461 -3.93 72.65 -21.00
C LYS C 461 -3.47 71.80 -19.83
N PHE C 462 -3.93 72.09 -18.63
CA PHE C 462 -3.59 71.24 -17.50
C PHE C 462 -4.66 70.21 -17.15
N ASP C 463 -5.74 70.16 -17.93
CA ASP C 463 -6.85 69.26 -17.60
C ASP C 463 -6.50 67.78 -17.59
N ALA C 464 -5.69 67.32 -18.53
CA ALA C 464 -5.40 65.89 -18.61
C ALA C 464 -4.74 65.38 -17.36
N ALA C 465 -5.18 64.22 -16.89
CA ALA C 465 -4.64 63.67 -15.66
C ALA C 465 -4.65 62.16 -15.74
N THR C 466 -3.51 61.54 -15.51
CA THR C 466 -3.43 60.10 -15.60
C THR C 466 -3.10 59.48 -14.27
N TRP C 467 -3.84 58.46 -13.89
CA TRP C 467 -3.61 57.81 -12.62
C TRP C 467 -2.79 56.54 -12.81
N ARG C 468 -1.77 56.32 -12.00
CA ARG C 468 -0.91 55.15 -12.21
C ARG C 468 -1.03 54.08 -11.14
N PRO C 469 -1.44 52.87 -11.55
CA PRO C 469 -1.53 51.75 -10.61
C PRO C 469 -0.17 51.13 -10.37
N ARG C 470 -0.02 50.31 -9.32
CA ARG C 470 1.26 49.63 -9.10
C ARG C 470 1.21 48.11 -9.27
N GLY C 471 2.08 47.57 -10.12
CA GLY C 471 2.07 46.14 -10.40
C GLY C 471 2.80 45.27 -9.41
N TRP C 472 2.61 43.96 -9.54
CA TRP C 472 3.25 43.03 -8.62
C TRP C 472 4.46 42.29 -9.19
N PRO C 473 5.55 42.21 -8.41
CA PRO C 473 6.82 41.60 -8.87
C PRO C 473 6.86 40.10 -9.15
N SER C 474 7.70 39.70 -10.13
CA SER C 474 7.81 38.29 -10.52
C SER C 474 8.72 37.41 -9.69
N VAL C 475 8.42 36.11 -9.65
CA VAL C 475 9.28 35.14 -8.93
C VAL C 475 10.69 34.94 -9.49
N ASN C 476 10.84 34.90 -10.81
CA ASN C 476 12.15 34.64 -11.40
C ASN C 476 12.74 35.88 -12.05
N PRO C 477 13.54 36.67 -11.31
CA PRO C 477 14.00 37.87 -12.00
C PRO C 477 14.98 37.65 -13.11
N LYS C 478 15.79 36.62 -13.09
CA LYS C 478 16.80 36.50 -14.12
C LYS C 478 16.17 36.40 -15.50
N ASP C 479 15.13 35.57 -15.61
CA ASP C 479 14.49 35.37 -16.89
C ASP C 479 13.89 36.65 -17.36
N ASP C 480 13.22 37.35 -16.45
CA ASP C 480 12.54 38.54 -16.86
C ASP C 480 13.56 39.50 -17.36
N ALA C 481 14.68 39.63 -16.67
CA ALA C 481 15.68 40.60 -17.07
C ALA C 481 16.26 40.29 -18.43
N THR C 482 16.54 39.02 -18.68
CA THR C 482 17.05 38.65 -19.99
C THR C 482 16.04 38.99 -21.09
N ALA C 483 14.77 38.68 -20.84
CA ALA C 483 13.76 38.95 -21.83
C ALA C 483 13.66 40.43 -22.08
N HIS C 484 13.74 41.22 -21.03
CA HIS C 484 13.62 42.66 -21.16
C HIS C 484 14.77 43.22 -21.96
N GLU C 485 15.98 42.72 -21.72
CA GLU C 485 17.10 43.20 -22.51
C GLU C 485 16.85 42.85 -23.97
N LYS C 486 16.40 41.64 -24.22
CA LYS C 486 16.22 41.26 -25.61
C LYS C 486 15.18 42.16 -26.26
N ASP C 487 14.12 42.47 -25.54
CA ASP C 487 13.07 43.32 -26.08
C ASP C 487 13.50 44.75 -26.34
N LEU C 488 14.29 45.30 -25.45
CA LEU C 488 14.78 46.64 -25.64
C LEU C 488 15.60 46.62 -26.90
N LYS C 489 16.35 45.54 -27.07
CA LYS C 489 17.11 45.40 -28.28
C LYS C 489 16.23 45.44 -29.51
N ASN C 490 15.10 44.73 -29.50
CA ASN C 490 14.33 44.68 -30.78
C ASN C 490 13.34 45.84 -31.06
N GLY C 491 13.48 46.97 -30.41
CA GLY C 491 12.59 48.11 -30.49
C GLY C 491 11.14 47.69 -30.32
N VAL C 492 10.90 46.52 -29.75
CA VAL C 492 9.54 46.03 -29.57
C VAL C 492 8.91 46.64 -28.32
N ARG C 493 9.56 46.50 -27.17
CA ARG C 493 9.15 47.21 -25.97
C ARG C 493 9.88 48.54 -25.93
N THR C 494 9.15 49.57 -25.56
CA THR C 494 9.76 50.86 -25.35
C THR C 494 10.18 50.82 -23.92
N ARG C 495 11.09 51.70 -23.54
CA ARG C 495 11.56 51.75 -22.18
C ARG C 495 10.43 52.09 -21.22
N THR C 496 9.53 52.96 -21.64
CA THR C 496 8.48 53.41 -20.74
C THR C 496 7.57 52.31 -20.25
N GLU C 497 7.23 51.36 -21.09
CA GLU C 497 6.28 50.33 -20.67
C GLU C 497 6.78 49.49 -19.52
N ILE C 498 8.05 49.15 -19.53
CA ILE C 498 8.57 48.27 -18.49
C ILE C 498 8.41 48.95 -17.14
N CYS C 499 8.71 50.24 -17.10
CA CYS C 499 8.60 50.97 -15.85
C CYS C 499 7.15 50.97 -15.42
N ALA C 500 6.25 51.07 -16.39
CA ALA C 500 4.85 51.16 -16.06
C ALA C 500 4.34 49.92 -15.35
N GLU C 501 4.84 48.75 -15.73
CA GLU C 501 4.32 47.55 -15.12
C GLU C 501 4.60 47.58 -13.64
N ARG C 502 5.81 47.99 -13.27
CA ARG C 502 6.10 48.14 -11.86
C ARG C 502 5.22 49.26 -11.34
N GLY C 503 5.01 50.30 -12.14
CA GLY C 503 4.23 51.46 -11.72
C GLY C 503 5.05 52.69 -11.36
N ARG C 504 6.36 52.57 -11.38
CA ARG C 504 7.22 53.71 -11.10
C ARG C 504 7.18 54.86 -12.11
N ASP C 505 7.23 54.62 -13.41
CA ASP C 505 7.31 55.71 -14.43
C ASP C 505 8.67 56.31 -14.88
N PHE C 506 8.77 56.56 -16.18
CA PHE C 506 10.04 57.05 -16.75
C PHE C 506 10.58 58.41 -16.32
N ALA C 507 9.73 59.39 -16.07
CA ALA C 507 10.24 60.66 -15.59
C ALA C 507 10.90 60.45 -14.24
N ASP C 508 10.27 59.62 -13.42
CA ASP C 508 10.81 59.36 -12.10
C ASP C 508 12.16 58.74 -12.31
N VAL C 509 12.19 57.79 -13.25
CA VAL C 509 13.45 57.10 -13.43
C VAL C 509 14.54 58.09 -13.85
N VAL C 510 14.25 58.99 -14.79
CA VAL C 510 15.24 59.97 -15.25
C VAL C 510 15.72 60.96 -14.16
N ALA C 511 14.80 61.42 -13.32
CA ALA C 511 15.22 62.31 -12.25
C ALA C 511 16.18 61.57 -11.32
N GLU C 512 15.81 60.34 -11.04
CA GLU C 512 16.67 59.57 -10.16
C GLU C 512 18.04 59.35 -10.79
N ALA C 513 18.07 59.15 -12.11
CA ALA C 513 19.33 59.00 -12.82
C ALA C 513 20.19 60.24 -12.76
N ALA C 514 19.58 61.41 -12.86
CA ALA C 514 20.35 62.63 -12.69
C ALA C 514 20.94 62.71 -11.27
N ALA C 515 20.14 62.28 -10.29
CA ALA C 515 20.72 62.26 -8.93
C ALA C 515 21.92 61.31 -8.85
N GLU C 516 21.80 60.16 -9.50
CA GLU C 516 22.90 59.20 -9.51
C GLU C 516 24.12 59.81 -10.18
N ARG C 517 23.94 60.58 -11.24
CA ARG C 517 25.06 61.29 -11.88
C ARG C 517 25.74 62.29 -10.96
N GLN C 518 24.97 63.05 -10.19
CA GLN C 518 25.65 63.93 -9.22
C GLN C 518 26.43 63.12 -8.15
N MET C 519 25.84 62.00 -7.77
CA MET C 519 26.59 61.17 -6.83
C MET C 519 27.85 60.62 -7.46
N MET C 520 27.91 60.61 -8.78
CA MET C 520 29.11 60.14 -9.48
C MET C 520 30.22 61.16 -9.41
N ARG C 521 29.86 62.43 -9.36
CA ARG C 521 30.88 63.45 -9.38
C ARG C 521 31.77 63.32 -8.17
N ASP C 522 31.17 63.08 -7.01
CA ASP C 522 31.96 62.86 -5.79
C ASP C 522 32.81 61.58 -5.82
N ALA C 523 32.28 60.49 -6.33
CA ALA C 523 33.01 59.22 -6.36
C ALA C 523 33.29 58.66 -7.75
N GLY C 524 32.40 57.83 -8.27
CA GLY C 524 32.57 57.25 -9.60
C GLY C 524 31.23 56.81 -10.15
N LEU C 525 31.15 56.58 -11.46
CA LEU C 525 29.90 56.08 -12.05
C LEU C 525 29.97 54.58 -12.25
N ASP C 526 30.09 54.12 -13.49
CA ASP C 526 30.07 52.70 -13.73
C ASP C 526 31.06 52.26 -14.79
N PRO C 527 31.46 50.98 -14.77
CA PRO C 527 32.34 50.47 -15.81
C PRO C 527 31.57 49.80 -16.96
N MET D 1 -40.74 33.39 45.91
CA MET D 1 -39.59 34.27 45.99
C MET D 1 -38.31 33.54 46.37
N THR D 2 -37.44 34.20 47.12
CA THR D 2 -36.19 33.60 47.54
C THR D 2 -36.43 32.48 48.54
N VAL D 3 -35.53 31.49 48.55
CA VAL D 3 -35.71 30.33 49.43
C VAL D 3 -34.37 29.72 49.83
N SER D 4 -34.29 29.24 51.06
CA SER D 4 -33.06 28.62 51.52
C SER D 4 -33.33 27.27 52.19
N ILE D 5 -33.65 26.27 51.39
CA ILE D 5 -33.87 24.97 51.98
C ILE D 5 -32.55 24.23 52.06
N HIS D 6 -31.86 24.35 53.19
CA HIS D 6 -30.66 23.56 53.34
C HIS D 6 -30.44 22.90 54.70
N PRO D 7 -31.32 21.98 55.10
CA PRO D 7 -31.04 21.27 56.34
C PRO D 7 -29.86 20.37 56.09
N PRO D 8 -29.00 20.16 57.10
CA PRO D 8 -27.89 19.29 56.70
C PRO D 8 -28.46 17.95 56.32
N ALA D 9 -27.98 17.38 55.22
CA ALA D 9 -28.50 16.12 54.70
C ALA D 9 -28.46 15.01 55.73
N THR D 10 -27.37 14.94 56.49
CA THR D 10 -27.25 13.93 57.53
C THR D 10 -27.67 14.49 58.87
N LEU D 11 -28.92 14.26 59.24
CA LEU D 11 -29.40 14.83 60.49
C LEU D 11 -29.45 13.73 61.49
N VAL D 12 -28.77 13.90 62.61
CA VAL D 12 -28.70 12.85 63.58
C VAL D 12 -29.68 13.05 64.69
N ALA D 13 -30.27 11.97 65.17
CA ALA D 13 -31.31 12.07 66.17
C ALA D 13 -30.81 12.54 67.51
N GLY D 14 -31.74 12.98 68.36
CA GLY D 14 -31.36 13.47 69.67
C GLY D 14 -30.41 14.62 69.70
N ASP D 15 -30.09 15.17 68.53
CA ASP D 15 -29.14 16.25 68.43
C ASP D 15 -29.86 17.48 67.96
N SER D 16 -29.38 18.63 68.35
CA SER D 16 -30.03 19.88 67.98
C SER D 16 -29.88 20.10 66.48
N TRP D 17 -30.94 20.56 65.84
CA TRP D 17 -30.89 20.74 64.39
C TRP D 17 -31.07 22.20 64.00
N ALA D 18 -30.19 22.72 63.14
CA ALA D 18 -30.32 24.09 62.70
C ALA D 18 -29.90 24.41 61.27
N TRP D 19 -30.71 25.13 60.50
CA TRP D 19 -30.22 25.58 59.19
C TRP D 19 -30.11 27.10 59.14
N GLU D 20 -30.90 27.79 59.94
CA GLU D 20 -30.86 29.25 59.88
C GLU D 20 -31.02 29.73 58.44
N ALA D 21 -32.11 29.33 57.78
CA ALA D 21 -32.30 29.66 56.36
C ALA D 21 -32.22 31.12 55.99
N GLY D 22 -31.46 31.42 54.94
CA GLY D 22 -31.29 32.80 54.53
C GLY D 22 -32.44 33.65 54.02
N ALA D 23 -33.30 33.12 53.13
CA ALA D 23 -34.33 33.98 52.53
C ALA D 23 -35.65 33.35 52.12
N VAL D 24 -35.95 32.16 52.61
CA VAL D 24 -37.16 31.47 52.17
C VAL D 24 -38.43 32.22 52.47
N PHE D 25 -38.50 32.83 53.65
CA PHE D 25 -39.72 33.49 54.07
C PHE D 25 -39.64 35.00 53.86
N GLU D 26 -38.83 35.46 52.92
CA GLU D 26 -38.67 36.89 52.78
C GLU D 26 -39.92 37.37 52.13
N ASP D 27 -40.53 36.56 51.28
CA ASP D 27 -41.82 36.96 50.75
C ASP D 27 -42.83 36.86 51.85
N HIS D 28 -43.81 37.75 51.84
CA HIS D 28 -44.81 37.77 52.89
C HIS D 28 -44.16 37.86 54.26
N PRO D 29 -43.12 38.70 54.40
CA PRO D 29 -42.46 38.68 55.70
C PRO D 29 -43.31 39.20 56.86
N ASP D 30 -44.03 40.29 56.66
CA ASP D 30 -44.78 40.89 57.75
C ASP D 30 -45.91 40.09 58.40
N PRO D 31 -46.79 39.46 57.60
CA PRO D 31 -47.84 38.75 58.32
C PRO D 31 -47.82 37.22 58.20
N TRP D 32 -46.80 36.61 57.63
CA TRP D 32 -46.83 35.16 57.44
C TRP D 32 -45.79 34.45 58.29
N ALA D 33 -46.12 33.26 58.81
CA ALA D 33 -45.19 32.55 59.71
C ALA D 33 -44.10 31.71 59.06
N ALA D 34 -43.16 31.20 59.88
CA ALA D 34 -42.11 30.31 59.36
C ALA D 34 -42.41 28.88 59.81
N SER D 35 -42.17 27.87 58.98
CA SER D 35 -42.55 26.51 59.36
C SER D 35 -41.53 25.39 59.23
N TYR D 36 -40.91 25.26 58.06
CA TYR D 36 -39.96 24.19 57.82
C TYR D 36 -40.54 22.88 58.30
N VAL D 37 -41.68 22.47 57.73
CA VAL D 37 -42.33 21.23 58.16
C VAL D 37 -41.46 20.01 57.92
N LEU D 38 -41.36 19.15 58.91
CA LEU D 38 -40.58 17.94 58.75
C LEU D 38 -41.56 16.81 58.91
N ARG D 39 -41.68 15.93 57.93
CA ARG D 39 -42.68 14.88 58.00
C ARG D 39 -42.07 13.55 57.76
N PRO D 40 -42.39 12.57 58.60
CA PRO D 40 -41.88 11.24 58.28
C PRO D 40 -42.60 10.74 57.05
N GLU D 41 -41.87 10.19 56.09
CA GLU D 41 -42.50 9.73 54.86
C GLU D 41 -43.44 8.57 55.07
N ALA D 42 -43.07 7.60 55.89
CA ALA D 42 -43.90 6.40 56.08
C ALA D 42 -44.54 6.35 57.45
N GLY D 43 -45.57 7.14 57.71
CA GLY D 43 -46.11 7.23 59.05
C GLY D 43 -45.83 8.55 59.70
N GLY D 44 -46.09 8.65 60.98
CA GLY D 44 -45.74 9.87 61.70
C GLY D 44 -46.65 11.05 61.59
N ASP D 45 -46.31 12.11 62.31
CA ASP D 45 -47.12 13.32 62.29
C ASP D 45 -46.17 14.44 62.04
N PRO D 46 -46.54 15.34 61.14
CA PRO D 46 -45.56 16.34 60.80
C PRO D 46 -45.14 17.14 62.01
N VAL D 47 -43.84 17.31 62.24
CA VAL D 47 -43.39 18.16 63.32
C VAL D 47 -42.94 19.45 62.69
N THR D 48 -42.99 20.54 63.43
CA THR D 48 -42.64 21.84 62.86
C THR D 48 -41.66 22.67 63.64
N VAL D 49 -40.94 23.54 62.93
CA VAL D 49 -39.97 24.41 63.57
C VAL D 49 -40.37 25.87 63.41
N SER D 50 -40.32 26.64 64.48
CA SER D 50 -40.68 28.04 64.40
C SER D 50 -39.46 28.96 64.29
N GLY D 51 -39.52 30.12 64.94
CA GLY D 51 -38.42 31.05 64.81
C GLY D 51 -37.42 31.14 65.94
N GLY D 52 -37.78 31.76 67.06
CA GLY D 52 -36.80 31.93 68.13
C GLY D 52 -35.57 32.59 67.57
N LEU D 53 -35.73 33.71 66.88
CA LEU D 53 -34.58 34.30 66.17
C LEU D 53 -34.13 35.71 66.40
N GLU D 54 -32.96 36.06 65.86
CA GLU D 54 -32.52 37.44 65.86
C GLU D 54 -33.26 38.05 64.68
N VAL D 55 -33.64 39.32 64.77
CA VAL D 55 -34.45 39.89 63.69
C VAL D 55 -33.79 39.97 62.32
N LEU D 56 -32.53 40.39 62.23
CA LEU D 56 -31.90 40.57 60.92
C LEU D 56 -31.78 39.28 60.14
N ALA D 57 -31.33 38.22 60.81
CA ALA D 57 -31.23 36.93 60.15
C ALA D 57 -32.01 35.91 60.95
N PRO D 58 -32.99 35.29 60.32
CA PRO D 58 -33.74 34.25 61.02
C PRO D 58 -32.88 33.05 61.30
N VAL D 59 -32.95 32.52 62.51
CA VAL D 59 -32.21 31.30 62.80
C VAL D 59 -33.19 30.27 63.33
N PHE D 60 -33.17 29.09 62.73
CA PHE D 60 -34.14 28.08 63.08
C PHE D 60 -33.45 27.06 63.93
N ARG D 61 -34.09 26.68 65.02
CA ARG D 61 -33.48 25.75 65.92
C ARG D 61 -34.44 24.76 66.51
N LEU D 62 -33.98 23.53 66.75
CA LEU D 62 -34.81 22.54 67.39
C LEU D 62 -34.07 21.95 68.59
N PRO D 63 -34.72 21.87 69.75
CA PRO D 63 -34.08 21.32 70.96
C PRO D 63 -33.78 19.85 70.86
N ALA D 64 -32.65 19.44 71.40
CA ALA D 64 -32.26 18.03 71.32
C ALA D 64 -33.20 17.08 72.02
N SER D 65 -33.68 17.48 73.18
CA SER D 65 -34.55 16.59 73.94
C SER D 65 -35.83 16.33 73.18
N VAL D 66 -36.35 17.34 72.51
CA VAL D 66 -37.55 17.14 71.70
C VAL D 66 -37.33 16.15 70.55
N THR D 67 -36.16 16.17 69.94
CA THR D 67 -35.88 15.28 68.83
C THR D 67 -35.99 13.85 69.30
N ALA D 68 -35.42 13.55 70.45
CA ALA D 68 -35.54 12.22 71.05
C ALA D 68 -36.11 11.05 70.29
N ASP D 69 -37.43 10.95 70.27
CA ASP D 69 -38.08 9.78 69.69
C ASP D 69 -38.41 9.83 68.21
N LEU D 70 -37.86 10.80 67.50
CA LEU D 70 -38.23 10.95 66.10
C LEU D 70 -37.87 9.68 65.32
N PRO D 71 -38.70 9.31 64.33
CA PRO D 71 -38.48 8.07 63.58
C PRO D 71 -37.17 7.89 62.83
N PRO D 72 -36.53 6.72 62.97
CA PRO D 72 -35.33 6.44 62.18
C PRO D 72 -35.75 6.11 60.77
N GLY D 73 -35.09 6.64 59.74
CA GLY D 73 -35.54 6.41 58.37
C GLY D 73 -35.41 7.61 57.47
N GLU D 74 -36.34 7.79 56.55
CA GLU D 74 -36.30 8.92 55.62
C GLU D 74 -37.33 10.02 55.92
N TRP D 75 -36.92 11.28 55.88
CA TRP D 75 -37.80 12.38 56.21
C TRP D 75 -37.80 13.45 55.13
N THR D 76 -38.90 14.19 55.01
CA THR D 76 -38.99 15.23 53.99
C THR D 76 -39.06 16.64 54.54
N TRP D 77 -38.52 17.61 53.81
CA TRP D 77 -38.49 19.00 54.25
C TRP D 77 -39.28 19.91 53.34
N PHE D 78 -40.34 20.52 53.84
CA PHE D 78 -41.10 21.45 53.02
C PHE D 78 -41.27 22.72 53.86
N ALA D 79 -41.08 23.90 53.27
CA ALA D 79 -41.20 25.16 54.01
C ALA D 79 -42.44 25.94 53.63
N VAL D 80 -43.26 26.27 54.60
CA VAL D 80 -44.52 26.95 54.30
C VAL D 80 -44.70 28.24 55.06
N ALA D 81 -45.16 29.28 54.37
CA ALA D 81 -45.46 30.54 55.04
C ALA D 81 -46.95 30.70 54.99
N VAL D 82 -47.60 30.99 56.11
CA VAL D 82 -49.07 31.03 56.10
C VAL D 82 -49.68 32.23 56.81
N ASP D 83 -50.70 32.86 56.22
CA ASP D 83 -51.40 33.93 56.93
C ASP D 83 -52.89 33.70 56.94
N ALA D 84 -53.50 33.79 58.11
CA ALA D 84 -54.94 33.58 58.24
C ALA D 84 -55.81 34.63 57.54
N THR D 85 -55.43 35.90 57.62
CA THR D 85 -56.22 36.94 56.99
C THR D 85 -56.19 36.66 55.52
N THR D 86 -55.02 36.29 55.01
CA THR D 86 -54.90 35.94 53.60
C THR D 86 -55.59 34.62 53.26
N ASP D 87 -55.83 33.78 54.26
CA ASP D 87 -56.45 32.46 54.05
C ASP D 87 -55.68 31.69 53.00
N ALA D 88 -54.37 31.82 53.05
CA ALA D 88 -53.53 31.18 52.07
C ALA D 88 -52.26 30.72 52.72
N ARG D 89 -51.60 29.75 52.12
CA ARG D 89 -50.31 29.31 52.63
C ARG D 89 -49.48 29.43 51.41
N ALA D 90 -48.18 29.50 51.55
CA ALA D 90 -47.33 29.51 50.36
C ALA D 90 -46.16 28.55 50.55
N VAL D 91 -45.91 27.69 49.58
CA VAL D 91 -44.84 26.73 49.77
C VAL D 91 -43.70 27.07 48.86
N LEU D 92 -42.51 27.27 49.45
CA LEU D 92 -41.35 27.64 48.65
C LEU D 92 -40.20 26.65 48.65
N ALA D 93 -40.33 25.53 49.38
CA ALA D 93 -39.19 24.62 49.51
C ALA D 93 -39.38 23.12 49.33
N GLN D 94 -38.30 22.41 49.00
CA GLN D 94 -38.36 20.95 48.85
C GLN D 94 -37.01 20.35 49.29
N GLY D 95 -37.02 19.11 49.76
CA GLY D 95 -35.77 18.47 50.16
C GLY D 95 -35.98 17.08 50.71
N ARG D 96 -34.90 16.41 51.09
CA ARG D 96 -35.00 15.07 51.68
C ARG D 96 -33.84 14.84 52.63
N VAL D 97 -34.14 14.42 53.86
CA VAL D 97 -33.10 14.24 54.86
C VAL D 97 -33.29 12.90 55.56
N THR D 98 -32.21 12.27 55.99
CA THR D 98 -32.31 10.97 56.63
C THR D 98 -31.97 11.06 58.11
N VAL D 99 -32.74 10.35 58.92
CA VAL D 99 -32.49 10.37 60.35
C VAL D 99 -31.70 9.14 60.76
N ILE D 100 -30.48 9.35 61.21
CA ILE D 100 -29.62 8.26 61.64
C ILE D 100 -30.17 7.73 62.95
N PRO D 101 -30.13 6.41 63.16
CA PRO D 101 -30.71 5.98 64.44
C PRO D 101 -29.96 6.56 65.63
N ASP D 102 -30.68 6.96 66.68
CA ASP D 102 -30.05 7.57 67.85
C ASP D 102 -28.75 6.89 68.25
N PRO D 103 -27.62 7.62 68.22
CA PRO D 103 -26.42 6.86 68.51
C PRO D 103 -26.09 6.72 69.98
N LEU D 104 -26.81 7.39 70.86
CA LEU D 104 -26.44 7.34 72.27
C LEU D 104 -27.26 6.37 73.08
N ALA D 105 -28.12 5.61 72.40
CA ALA D 105 -29.00 4.70 73.15
C ALA D 105 -29.55 3.51 72.39
N GLY D 106 -30.11 2.55 73.12
CA GLY D 106 -30.78 1.43 72.48
C GLY D 106 -30.17 0.05 72.58
N THR D 107 -31.02 -0.96 72.57
CA THR D 107 -30.54 -2.34 72.62
C THR D 107 -29.80 -2.85 71.38
N GLU D 108 -30.34 -2.63 70.18
CA GLU D 108 -29.61 -3.03 68.97
C GLU D 108 -29.95 -2.36 67.66
N ASP D 109 -28.95 -2.10 66.82
CA ASP D 109 -29.20 -1.57 65.47
C ASP D 109 -28.17 -2.29 64.63
N ARG D 110 -28.60 -2.95 63.56
CA ARG D 110 -27.63 -3.59 62.68
C ARG D 110 -27.24 -2.65 61.57
N ARG D 111 -26.46 -3.15 60.64
CA ARG D 111 -26.09 -2.33 59.50
C ARG D 111 -27.23 -2.23 58.51
N THR D 112 -27.06 -1.43 57.48
CA THR D 112 -28.06 -1.25 56.46
C THR D 112 -28.22 -2.58 55.77
N PRO D 113 -29.30 -2.76 55.00
CA PRO D 113 -29.54 -4.09 54.44
C PRO D 113 -28.39 -4.67 53.67
N ALA D 114 -27.52 -3.88 53.07
CA ALA D 114 -26.48 -4.50 52.28
C ALA D 114 -25.66 -5.46 53.13
N ARG D 115 -25.34 -5.08 54.35
CA ARG D 115 -24.60 -5.98 55.21
C ARG D 115 -25.37 -7.24 55.55
N ARG D 116 -26.66 -7.12 55.82
CA ARG D 116 -27.44 -8.28 56.20
C ARG D 116 -27.46 -9.29 55.09
N ILE D 117 -27.68 -8.85 53.87
CA ILE D 117 -27.78 -9.80 52.78
C ILE D 117 -26.45 -10.48 52.64
N LEU D 118 -25.38 -9.72 52.72
CA LEU D 118 -24.07 -10.29 52.53
C LEU D 118 -23.75 -11.31 53.61
N ALA D 119 -24.08 -10.99 54.86
CA ALA D 119 -23.76 -11.90 55.93
C ALA D 119 -24.51 -13.19 55.73
N ALA D 120 -25.77 -13.09 55.37
CA ALA D 120 -26.56 -14.29 55.20
C ALA D 120 -26.02 -15.17 54.09
N ILE D 121 -25.55 -14.58 53.00
CA ILE D 121 -25.09 -15.37 51.86
C ILE D 121 -23.93 -16.19 52.34
N GLU D 122 -23.07 -15.59 53.15
CA GLU D 122 -21.96 -16.34 53.68
C GLU D 122 -22.48 -17.48 54.52
N ALA D 123 -23.51 -17.25 55.32
CA ALA D 123 -24.08 -18.33 56.09
C ALA D 123 -24.69 -19.46 55.26
N THR D 124 -25.48 -19.12 54.26
CA THR D 124 -26.14 -20.17 53.49
C THR D 124 -25.16 -20.99 52.71
N LEU D 125 -24.15 -20.34 52.15
CA LEU D 125 -23.15 -21.06 51.40
C LEU D 125 -22.45 -22.03 52.31
N GLU D 126 -22.26 -21.64 53.57
CA GLU D 126 -21.55 -22.49 54.50
C GLU D 126 -22.28 -23.80 54.66
N GLY D 127 -23.59 -23.73 54.80
CA GLY D 127 -24.36 -24.93 54.97
C GLY D 127 -24.33 -25.83 53.77
N ARG D 128 -24.41 -25.27 52.58
CA ARG D 128 -24.51 -26.11 51.41
C ARG D 128 -23.17 -26.58 50.95
N ALA D 129 -22.12 -26.10 51.60
CA ALA D 129 -20.83 -26.63 51.26
C ALA D 129 -20.79 -28.09 51.62
N THR D 130 -21.30 -28.42 52.78
CA THR D 130 -21.35 -29.81 53.21
C THR D 130 -22.78 -30.22 53.00
N LYS D 131 -23.10 -31.49 53.23
CA LYS D 131 -24.48 -31.94 53.13
C LYS D 131 -25.04 -31.53 51.79
N ASP D 132 -24.25 -31.70 50.74
CA ASP D 132 -24.68 -31.21 49.44
C ASP D 132 -25.94 -31.86 48.97
N ALA D 133 -26.89 -31.06 48.50
CA ALA D 133 -28.17 -31.61 48.08
C ALA D 133 -29.03 -30.67 47.29
N ASP D 134 -29.45 -31.08 46.11
CA ASP D 134 -30.37 -30.26 45.37
C ASP D 134 -31.80 -30.73 45.50
N THR D 135 -32.03 -31.88 46.13
CA THR D 135 -33.40 -32.33 46.38
C THR D 135 -33.53 -33.17 47.64
N TYR D 136 -33.80 -32.55 48.78
CA TYR D 136 -33.91 -33.30 50.01
C TYR D 136 -35.27 -33.90 50.07
N SER D 137 -35.60 -34.80 49.15
CA SER D 137 -36.97 -35.30 49.10
C SER D 137 -37.33 -36.52 49.90
N ILE D 138 -38.04 -36.33 51.00
CA ILE D 138 -38.40 -37.46 51.85
C ILE D 138 -39.88 -37.58 52.03
N GLU D 139 -40.43 -38.72 51.69
CA GLU D 139 -41.86 -38.99 51.84
C GLU D 139 -42.84 -38.15 51.01
N GLY D 140 -43.00 -36.88 51.34
CA GLY D 140 -43.87 -36.02 50.58
C GLY D 140 -43.34 -34.61 50.53
N ARG D 141 -42.12 -34.41 50.97
CA ARG D 141 -41.57 -33.07 51.01
C ARG D 141 -40.35 -32.94 50.14
N SER D 142 -40.32 -31.95 49.25
CA SER D 142 -39.12 -31.73 48.46
C SER D 142 -38.64 -30.28 48.42
N ILE D 143 -37.50 -29.99 49.03
CA ILE D 143 -36.97 -28.64 49.02
C ILE D 143 -36.39 -27.98 47.77
N THR D 144 -35.58 -28.67 46.97
CA THR D 144 -34.96 -28.11 45.74
C THR D 144 -34.17 -26.76 45.68
N ARG D 145 -33.13 -26.57 46.50
CA ARG D 145 -32.32 -25.31 46.53
C ARG D 145 -31.95 -24.48 45.29
N THR D 146 -31.57 -23.21 45.46
CA THR D 146 -31.22 -22.34 44.34
C THR D 146 -29.87 -22.68 43.82
N PRO D 147 -29.71 -22.60 42.51
CA PRO D 147 -28.43 -23.07 41.96
C PRO D 147 -27.24 -22.33 42.50
N LEU D 148 -26.14 -23.04 42.70
CA LEU D 148 -24.94 -22.43 43.26
C LEU D 148 -24.40 -21.31 42.39
N PRO D 149 -24.46 -21.44 41.06
CA PRO D 149 -23.99 -20.27 40.32
C PRO D 149 -24.82 -19.03 40.66
N ASP D 150 -26.12 -19.19 40.84
CA ASP D 150 -26.96 -18.05 41.14
C ASP D 150 -26.60 -17.37 42.45
N LEU D 151 -26.33 -18.15 43.49
CA LEU D 151 -26.05 -17.56 44.79
C LEU D 151 -24.82 -16.71 44.68
N LEU D 152 -23.84 -17.19 43.92
CA LEU D 152 -22.60 -16.47 43.82
C LEU D 152 -22.82 -15.09 43.24
N ARG D 153 -23.69 -14.98 42.26
CA ARG D 153 -23.88 -13.68 41.62
C ARG D 153 -24.39 -12.68 42.62
N LEU D 154 -25.31 -13.10 43.48
CA LEU D 154 -25.87 -12.19 44.46
C LEU D 154 -24.78 -11.68 45.35
N ARG D 155 -23.86 -12.55 45.72
CA ARG D 155 -22.84 -12.13 46.66
C ARG D 155 -22.06 -11.00 46.06
N ALA D 156 -21.67 -11.13 44.81
CA ALA D 156 -20.83 -10.10 44.25
C ALA D 156 -21.52 -8.76 44.16
N VAL D 157 -22.76 -8.74 43.74
CA VAL D 157 -23.41 -7.45 43.57
C VAL D 157 -23.50 -6.75 44.89
N TYR D 158 -23.91 -7.49 45.90
CA TYR D 158 -24.07 -6.88 47.20
C TYR D 158 -22.75 -6.43 47.76
N ALA D 159 -21.70 -7.20 47.57
CA ALA D 159 -20.42 -6.85 48.17
C ALA D 159 -19.97 -5.52 47.64
N GLU D 160 -20.22 -5.29 46.36
CA GLU D 160 -19.83 -4.02 45.79
C GLU D 160 -20.56 -2.88 46.49
N GLN D 161 -21.84 -3.05 46.77
CA GLN D 161 -22.56 -1.93 47.38
C GLN D 161 -21.96 -1.65 48.74
N VAL D 162 -21.62 -2.68 49.50
CA VAL D 162 -21.13 -2.40 50.83
C VAL D 162 -19.86 -1.60 50.67
N ALA D 163 -19.06 -1.96 49.68
CA ALA D 163 -17.85 -1.22 49.46
C ALA D 163 -18.14 0.21 49.10
N ARG D 164 -19.15 0.45 48.28
CA ARG D 164 -19.44 1.81 47.86
C ARG D 164 -19.84 2.68 49.03
N GLU D 165 -20.70 2.15 49.90
CA GLU D 165 -21.16 2.92 51.04
C GLU D 165 -20.02 3.24 51.97
N THR D 166 -19.17 2.26 52.24
CA THR D 166 -18.03 2.49 53.08
C THR D 166 -17.12 3.51 52.41
N GLY D 167 -17.04 3.46 51.08
CA GLY D 167 -16.16 4.35 50.36
C GLY D 167 -14.82 3.74 50.00
N ARG D 168 -14.66 2.45 50.24
CA ARG D 168 -13.41 1.77 49.90
C ARG D 168 -13.55 1.15 48.52
N SER D 169 -14.63 1.47 47.81
CA SER D 169 -14.92 0.90 46.47
C SER D 169 -14.00 1.14 45.28
N PRO D 170 -13.19 2.22 45.32
CA PRO D 170 -12.40 2.41 44.11
C PRO D 170 -11.64 1.17 43.71
N TYR D 171 -11.62 0.87 42.42
CA TYR D 171 -10.98 -0.34 41.97
C TYR D 171 -9.52 -0.35 42.35
N ARG D 172 -9.04 -1.49 42.82
CA ARG D 172 -7.67 -1.58 43.33
C ARG D 172 -6.54 -1.36 42.34
N GLN D 173 -5.42 -0.83 42.83
CA GLN D 173 -4.28 -0.56 41.95
C GLN D 173 -2.97 -1.07 42.53
N ARG D 174 -2.24 -1.89 41.78
CA ARG D 174 -0.93 -2.36 42.23
C ARG D 174 0.13 -1.71 41.39
N ARG D 175 1.10 -1.05 42.00
CA ARG D 175 2.08 -0.34 41.22
C ARG D 175 3.30 -1.21 41.06
N VAL D 176 3.73 -1.46 39.82
CA VAL D 176 4.83 -2.37 39.64
C VAL D 176 6.02 -1.78 40.31
N SER D 177 6.30 -0.52 40.03
CA SER D 177 7.38 0.17 40.72
C SER D 177 8.63 -0.70 40.80
N PHE D 178 9.00 -1.31 39.68
CA PHE D 178 10.14 -2.21 39.67
C PHE D 178 10.14 -3.10 40.89
N TYR E 32 -29.25 36.30 -5.76
CA TYR E 32 -30.19 37.25 -5.19
C TYR E 32 -30.68 36.79 -3.83
N ARG E 33 -31.52 35.76 -3.81
CA ARG E 33 -32.03 35.23 -2.57
C ARG E 33 -31.15 34.08 -2.12
N ALA E 34 -29.95 34.42 -1.67
CA ALA E 34 -28.99 33.43 -1.26
C ALA E 34 -28.83 33.48 0.25
N ALA E 35 -28.69 34.70 0.76
CA ALA E 35 -28.45 34.87 2.19
C ALA E 35 -29.60 35.57 2.89
N LYS E 36 -30.77 35.67 2.23
CA LYS E 36 -31.90 36.51 2.63
C LYS E 36 -32.39 36.31 4.07
N SER E 37 -32.21 35.11 4.63
CA SER E 37 -32.68 34.79 5.95
C SER E 37 -32.00 33.55 6.50
N ASP E 38 -32.54 33.05 7.61
CA ASP E 38 -31.87 32.05 8.42
C ASP E 38 -32.72 30.79 8.56
N ARG E 39 -33.24 30.28 7.44
CA ARG E 39 -34.22 29.19 7.40
C ARG E 39 -33.65 27.91 8.04
N ILE E 40 -32.59 27.35 7.48
CA ILE E 40 -31.97 26.18 8.07
C ILE E 40 -30.46 26.34 8.14
N ALA E 41 -29.92 27.32 7.44
CA ALA E 41 -28.48 27.49 7.32
C ALA E 41 -28.05 28.96 7.43
N GLY E 42 -28.53 29.67 8.44
CA GLY E 42 -28.22 31.09 8.49
C GLY E 42 -27.80 31.56 9.87
N GLY E 43 -28.29 32.74 10.23
CA GLY E 43 -27.90 33.44 11.43
C GLY E 43 -27.53 34.87 11.11
N PHE E 44 -27.94 35.35 9.93
CA PHE E 44 -27.42 36.57 9.33
C PHE E 44 -28.08 37.83 9.87
N GLY E 45 -28.23 37.92 11.20
CA GLY E 45 -29.01 38.97 11.79
C GLY E 45 -30.46 38.96 11.28
N VAL E 46 -31.11 40.11 11.35
CA VAL E 46 -32.46 40.24 10.83
C VAL E 46 -32.49 41.52 10.01
N PHE E 47 -31.80 42.54 10.49
CA PHE E 47 -31.74 43.82 9.77
C PHE E 47 -30.31 44.34 9.79
N PRO E 48 -29.93 45.12 8.75
CA PRO E 48 -28.59 45.72 8.78
C PRO E 48 -28.40 46.68 9.94
N THR E 49 -27.23 46.66 10.57
CA THR E 49 -26.98 47.53 11.72
C THR E 49 -25.67 48.28 11.58
N THR E 50 -25.56 49.42 12.24
CA THR E 50 -24.34 50.23 12.17
C THR E 50 -23.12 49.49 12.77
N PRO E 51 -22.02 49.30 11.98
CA PRO E 51 -20.91 48.63 12.61
C PRO E 51 -20.45 49.40 13.80
N ARG E 52 -20.71 50.69 13.90
CA ARG E 52 -20.22 51.49 15.03
C ARG E 52 -20.53 50.91 16.43
N ASP E 53 -21.79 50.87 16.82
CA ASP E 53 -22.13 50.45 18.20
C ASP E 53 -21.68 49.04 18.46
N GLU E 54 -21.92 48.22 17.44
CA GLU E 54 -21.50 46.85 17.55
C GLU E 54 -20.00 46.96 17.71
N LEU E 55 -19.35 47.80 16.91
CA LEU E 55 -17.90 47.87 16.95
C LEU E 55 -17.46 48.28 18.33
N ARG E 56 -18.04 49.29 18.94
CA ARG E 56 -17.54 49.70 20.24
C ARG E 56 -17.69 48.60 21.30
N ARG E 57 -18.87 47.98 21.35
CA ARG E 57 -19.01 46.99 22.43
C ARG E 57 -18.02 45.87 22.18
N GLU E 58 -17.94 45.50 20.90
CA GLU E 58 -17.12 44.38 20.55
C GLU E 58 -15.71 44.68 20.94
N ILE E 59 -15.20 45.87 20.65
CA ILE E 59 -13.84 46.22 20.97
C ILE E 59 -13.56 46.29 22.45
N ARG E 60 -14.44 46.84 23.27
CA ARG E 60 -14.08 46.82 24.70
C ARG E 60 -13.93 45.36 25.14
N GLY E 61 -14.92 44.56 24.71
CA GLY E 61 -14.89 43.19 25.18
C GLY E 61 -13.64 42.51 24.68
N LEU E 62 -13.26 42.77 23.44
CA LEU E 62 -12.12 42.16 22.79
C LEU E 62 -10.79 42.61 23.27
N VAL E 63 -10.66 43.85 23.71
CA VAL E 63 -9.38 44.24 24.19
C VAL E 63 -9.27 43.36 25.40
N GLY E 64 -10.36 43.30 26.18
CA GLY E 64 -10.17 42.46 27.35
C GLY E 64 -9.78 41.04 26.93
N HIS E 65 -10.46 40.49 25.93
CA HIS E 65 -10.23 39.10 25.51
C HIS E 65 -8.84 38.81 24.97
N SER E 66 -8.31 39.68 24.14
CA SER E 66 -7.01 39.52 23.52
C SER E 66 -5.98 39.60 24.60
N ARG E 67 -6.21 40.49 25.55
CA ARG E 67 -5.28 40.52 26.64
C ARG E 67 -5.17 39.11 27.16
N HIS E 68 -6.28 38.39 27.26
CA HIS E 68 -6.21 37.10 27.92
C HIS E 68 -5.55 36.09 27.02
N ALA E 69 -5.94 36.06 25.75
CA ALA E 69 -5.41 35.04 24.84
C ALA E 69 -3.94 35.12 24.61
N ALA E 70 -3.45 36.33 24.40
CA ALA E 70 -2.06 36.47 24.08
C ALA E 70 -1.34 35.96 25.27
N GLN E 71 -1.78 36.34 26.45
CA GLN E 71 -1.00 35.83 27.56
C GLN E 71 -1.08 34.33 27.83
N ASN E 72 -2.24 33.72 27.68
CA ASN E 72 -2.33 32.31 28.08
C ASN E 72 -2.31 31.21 27.05
N PHE E 73 -2.63 31.50 25.80
CA PHE E 73 -2.76 30.43 24.79
C PHE E 73 -1.51 30.11 24.03
N ASP E 74 -1.56 30.26 22.73
CA ASP E 74 -0.36 30.23 21.93
C ASP E 74 -0.71 30.79 20.60
N TYR E 75 0.20 30.69 19.62
CA TYR E 75 -0.03 31.18 18.26
C TYR E 75 -0.20 32.68 18.16
N ALA E 76 -0.93 33.27 19.09
CA ALA E 76 -1.10 34.70 19.08
C ALA E 76 0.14 35.32 19.68
N ARG E 77 0.70 34.69 20.68
CA ARG E 77 1.91 35.22 21.23
C ARG E 77 2.82 35.27 20.05
N ALA E 78 2.63 34.35 19.12
CA ALA E 78 3.48 34.30 17.95
C ALA E 78 3.15 35.42 17.01
N TYR E 79 1.87 35.67 16.81
CA TYR E 79 1.50 36.79 15.97
C TYR E 79 2.18 38.01 16.52
N GLU E 80 2.00 38.27 17.81
CA GLU E 80 2.58 39.44 18.40
C GLU E 80 4.03 39.53 18.07
N MET E 81 4.75 38.42 18.22
CA MET E 81 6.18 38.49 18.02
C MET E 81 6.41 38.79 16.58
N LEU E 82 5.66 38.11 15.73
CA LEU E 82 5.89 38.29 14.31
C LEU E 82 5.66 39.71 13.90
N THR E 83 4.56 40.30 14.38
CA THR E 83 4.23 41.61 13.93
C THR E 83 5.32 42.50 14.34
N ARG E 84 5.70 42.39 15.59
CA ARG E 84 6.66 43.36 16.03
C ARG E 84 7.88 43.27 15.21
N ARG E 85 8.42 42.07 15.07
CA ARG E 85 9.71 42.07 14.41
C ARG E 85 9.63 42.54 12.98
N HIS E 86 8.69 42.00 12.25
CA HIS E 86 8.66 42.33 10.84
C HIS E 86 8.41 43.79 10.59
N VAL E 87 7.55 44.40 11.40
CA VAL E 87 7.20 45.78 11.10
C VAL E 87 8.10 46.83 11.75
N ILE E 88 8.90 46.42 12.71
CA ILE E 88 9.67 47.44 13.42
C ILE E 88 11.03 47.78 12.88
N GLY E 89 12.02 46.95 13.13
CA GLY E 89 13.36 47.34 12.77
C GLY E 89 14.48 46.85 13.66
N PHE E 90 15.46 46.24 13.01
CA PHE E 90 16.80 46.17 13.60
C PHE E 90 17.37 47.58 13.72
N ASN E 91 17.17 48.38 12.69
CA ASN E 91 17.56 49.78 12.70
C ASN E 91 16.37 50.68 13.03
N GLY E 92 15.25 50.09 13.42
CA GLY E 92 14.04 50.85 13.68
C GLY E 92 13.47 51.38 12.38
N ILE E 93 12.90 52.58 12.44
CA ILE E 93 12.53 53.33 11.24
C ILE E 93 13.31 54.63 11.27
N ARG E 94 14.13 54.88 10.25
CA ARG E 94 14.98 56.07 10.29
C ARG E 94 14.38 57.25 9.54
N LEU E 95 14.99 58.42 9.69
CA LEU E 95 14.46 59.63 9.04
C LEU E 95 15.43 60.28 8.08
N GLN E 96 14.97 60.54 6.86
CA GLN E 96 15.81 61.26 5.90
C GLN E 96 14.96 62.42 5.43
N MET E 97 15.51 63.63 5.45
CA MET E 97 14.72 64.79 5.09
C MET E 97 15.37 65.55 3.96
N ASP E 98 14.58 65.91 2.96
CA ASP E 98 15.13 66.61 1.81
C ASP E 98 14.71 68.06 1.87
N VAL E 99 15.68 68.96 1.87
CA VAL E 99 15.36 70.37 2.02
C VAL E 99 14.52 70.87 0.87
N ARG E 100 14.94 70.61 -0.35
CA ARG E 100 14.15 71.00 -1.50
C ARG E 100 14.38 70.05 -2.65
N ASP E 101 14.19 70.52 -3.88
CA ASP E 101 14.56 69.74 -5.06
C ASP E 101 15.94 69.10 -4.89
N PRO E 102 16.04 67.76 -5.00
CA PRO E 102 17.31 67.10 -4.66
C PRO E 102 18.39 67.18 -5.74
N GLY E 103 18.18 67.96 -6.80
CA GLY E 103 19.25 68.16 -7.76
C GLY E 103 20.38 68.99 -7.20
N GLY E 104 20.11 70.27 -6.95
CA GLY E 104 21.07 71.14 -6.28
C GLY E 104 20.39 72.00 -5.24
N LYS E 105 19.06 71.99 -5.24
CA LYS E 105 18.28 72.85 -4.37
C LYS E 105 18.10 72.26 -2.98
N LYS E 106 18.27 70.95 -2.82
CA LYS E 106 18.38 70.33 -1.50
C LYS E 106 19.85 70.37 -1.10
N ASP E 107 20.12 70.66 0.16
CA ASP E 107 21.48 70.69 0.68
C ASP E 107 21.62 69.75 1.87
N VAL E 108 22.83 69.26 2.09
CA VAL E 108 23.03 68.27 3.15
C VAL E 108 23.20 68.84 4.53
N ALA E 109 23.54 70.11 4.67
CA ALA E 109 23.81 70.60 6.03
C ALA E 109 22.60 70.52 6.96
N ALA E 110 21.46 70.98 6.46
CA ALA E 110 20.25 70.96 7.27
C ALA E 110 19.90 69.53 7.57
N GLY E 111 20.07 68.67 6.57
CA GLY E 111 19.70 67.30 6.76
C GLY E 111 20.51 66.67 7.86
N ALA E 112 21.81 66.92 7.83
CA ALA E 112 22.67 66.32 8.80
C ALA E 112 22.24 66.81 10.14
N GLN E 113 22.01 68.11 10.25
CA GLN E 113 21.71 68.61 11.59
C GLN E 113 20.45 67.96 12.13
N ILE E 114 19.41 67.91 11.33
CA ILE E 114 18.15 67.39 11.86
C ILE E 114 18.28 65.91 12.23
N GLU E 115 18.94 65.15 11.36
CA GLU E 115 19.02 63.73 11.62
C GLU E 115 19.77 63.52 12.89
N SER E 116 20.86 64.27 13.03
CA SER E 116 21.69 64.06 14.17
C SER E 116 20.89 64.35 15.39
N ALA E 117 20.16 65.46 15.39
CA ALA E 117 19.45 65.79 16.61
C ALA E 117 18.43 64.73 16.96
N TRP E 118 17.67 64.26 15.97
CA TRP E 118 16.63 63.32 16.32
C TRP E 118 17.24 62.05 16.91
N ALA E 119 18.27 61.57 16.22
CA ALA E 119 18.83 60.32 16.68
C ALA E 119 19.39 60.49 18.05
N ARG E 120 20.06 61.60 18.33
CA ARG E 120 20.58 61.86 19.69
C ARG E 120 19.62 61.51 20.84
N TRP E 121 18.49 62.22 20.92
CA TRP E 121 17.51 61.95 21.97
C TRP E 121 16.88 60.58 21.83
N GLY E 122 16.84 60.04 20.61
CA GLY E 122 16.33 58.69 20.40
C GLY E 122 17.19 57.70 21.18
N LYS E 123 18.49 57.95 21.25
CA LYS E 123 19.41 57.08 22.01
C LYS E 123 19.12 57.25 23.50
N MET E 124 19.60 56.31 24.32
CA MET E 124 19.23 56.34 25.74
C MET E 124 19.57 57.67 26.39
N LYS E 125 18.58 58.30 27.02
CA LYS E 125 18.76 59.61 27.62
C LYS E 125 17.61 59.92 28.56
N ASN E 126 17.75 60.94 29.38
CA ASN E 126 16.64 61.38 30.24
C ASN E 126 15.49 61.92 29.38
N SER E 127 15.81 62.60 28.28
CA SER E 127 14.79 63.24 27.44
C SER E 127 13.67 62.45 26.75
N PRO E 128 13.93 61.22 26.26
CA PRO E 128 12.84 60.55 25.52
C PRO E 128 11.53 60.26 26.26
N THR E 129 11.54 59.86 27.54
CA THR E 129 10.31 59.48 28.21
C THR E 129 10.20 59.89 29.69
N PRO E 130 8.95 60.10 30.24
CA PRO E 130 8.91 60.29 31.70
C PRO E 130 9.25 59.04 32.49
N CYS E 131 9.35 57.91 31.80
CA CYS E 131 10.20 56.80 32.22
C CYS E 131 11.67 57.14 31.93
N GLY E 132 12.45 56.15 31.53
CA GLY E 132 13.87 56.22 31.61
C GLY E 132 14.51 54.87 31.63
N ARG E 133 13.72 53.82 31.47
CA ARG E 133 14.21 52.53 31.04
C ARG E 133 14.07 52.35 29.53
N LEU E 134 13.64 53.38 28.81
CA LEU E 134 13.26 53.21 27.41
C LEU E 134 13.99 54.17 26.48
N SER E 135 13.58 54.14 25.21
CA SER E 135 14.20 54.97 24.19
C SER E 135 13.24 54.99 23.01
N TRP E 136 13.61 55.63 21.91
CA TRP E 136 12.73 55.76 20.75
C TRP E 136 12.42 54.46 20.06
N TRP E 137 13.41 53.62 19.96
CA TRP E 137 13.21 52.34 19.33
C TRP E 137 12.18 51.61 20.14
N GLY E 138 12.35 51.71 21.45
CA GLY E 138 11.45 51.01 22.32
C GLY E 138 10.08 51.57 22.10
N VAL E 139 9.93 52.87 22.05
CA VAL E 139 8.58 53.33 21.88
C VAL E 139 8.00 52.84 20.59
N GLU E 140 8.71 52.84 19.47
CA GLU E 140 8.05 52.34 18.26
C GLU E 140 7.63 50.92 18.40
N CYS E 141 8.53 50.08 18.91
CA CYS E 141 8.19 48.67 18.96
C CYS E 141 6.96 48.48 19.82
N GLN E 142 6.96 49.17 20.92
CA GLN E 142 5.85 48.97 21.80
C GLN E 142 4.54 49.47 21.31
N VAL E 143 4.57 50.63 20.68
CA VAL E 143 3.34 51.19 20.20
C VAL E 143 2.83 50.19 19.19
N ALA E 144 3.70 49.61 18.38
CA ALA E 144 3.24 48.60 17.43
C ALA E 144 2.68 47.31 18.01
N THR E 145 3.27 46.80 19.08
CA THR E 145 2.71 45.62 19.71
C THR E 145 1.36 45.96 20.23
N GLY E 146 1.25 47.16 20.80
CA GLY E 146 0.02 47.53 21.43
C GLY E 146 -0.98 47.57 20.33
N ILE E 147 -0.53 48.07 19.20
CA ILE E 147 -1.41 48.21 18.09
C ILE E 147 -1.90 46.87 17.70
N ALA E 148 -1.07 45.89 17.48
CA ALA E 148 -1.72 44.68 17.04
C ALA E 148 -2.73 44.29 18.09
N ARG E 149 -2.26 43.82 19.24
CA ARG E 149 -3.16 43.30 20.28
C ARG E 149 -4.43 44.10 20.60
N GLU E 150 -4.34 45.42 20.67
CA GLU E 150 -5.51 46.19 21.07
C GLU E 150 -6.13 46.95 19.94
N GLY E 151 -5.69 46.70 18.72
CA GLY E 151 -6.20 47.48 17.59
C GLY E 151 -5.91 48.96 17.70
N GLY E 152 -4.72 49.31 18.16
CA GLY E 152 -4.34 50.72 18.27
C GLY E 152 -4.14 51.25 19.66
N SER E 153 -3.28 52.25 19.78
CA SER E 153 -2.98 52.80 21.08
C SER E 153 -2.55 54.23 20.93
N PHE E 154 -2.44 54.96 22.02
CA PHE E 154 -2.15 56.38 21.91
C PHE E 154 -0.91 56.82 22.65
N VAL E 155 -0.33 57.93 22.23
CA VAL E 155 0.83 58.48 22.93
C VAL E 155 0.56 59.94 23.20
N ARG E 156 1.14 60.48 24.27
CA ARG E 156 0.93 61.87 24.58
C ARG E 156 2.24 62.60 24.81
N ILE E 157 2.28 63.87 24.45
CA ILE E 157 3.52 64.63 24.58
C ILE E 157 3.46 65.68 25.68
N HIS E 158 4.55 65.84 26.41
CA HIS E 158 4.61 66.81 27.50
C HIS E 158 5.70 67.82 27.22
N GLN E 159 5.47 69.10 27.50
CA GLN E 159 6.54 70.06 27.34
C GLN E 159 6.85 70.85 28.60
N GLY E 160 8.11 71.28 28.80
CA GLY E 160 8.47 72.05 30.00
C GLY E 160 9.19 71.28 31.09
N THR E 161 8.59 70.20 31.60
CA THR E 161 9.27 69.34 32.57
C THR E 161 10.44 68.64 31.91
N ASN E 162 10.25 68.07 30.71
CA ASN E 162 11.31 67.36 29.96
C ASN E 162 11.91 66.16 30.67
N PHE E 213 15.15 70.53 27.26
CA PHE E 213 14.46 69.96 26.11
C PHE E 213 12.96 69.97 26.33
N GLY E 214 12.24 69.02 25.73
CA GLY E 214 10.81 68.97 25.86
C GLY E 214 10.21 67.96 24.89
N PHE E 215 8.90 67.95 24.77
CA PHE E 215 8.21 67.03 23.84
C PHE E 215 8.50 65.55 24.11
N GLN E 216 8.62 65.17 25.38
CA GLN E 216 8.81 63.76 25.71
C GLN E 216 7.51 63.02 25.43
N VAL E 217 7.60 61.82 24.90
CA VAL E 217 6.40 61.08 24.55
C VAL E 217 6.17 59.90 25.49
N GLU E 218 4.97 59.82 26.05
CA GLU E 218 4.66 58.72 26.96
C GLU E 218 3.47 57.88 26.46
N PRO E 219 3.62 56.53 26.40
CA PRO E 219 2.43 55.82 25.96
C PRO E 219 1.46 55.55 27.10
N ILE E 220 0.17 55.58 26.81
CA ILE E 220 -0.82 55.36 27.85
C ILE E 220 -1.60 54.13 27.51
N PRO E 221 -1.92 53.30 28.52
CA PRO E 221 -2.60 52.05 28.25
C PRO E 221 -3.99 52.25 27.66
N PHE E 222 -4.44 51.33 26.81
CA PHE E 222 -5.72 51.47 26.14
C PHE E 222 -6.88 51.50 27.10
N ASP E 223 -6.83 50.71 28.16
CA ASP E 223 -7.97 50.60 29.07
C ASP E 223 -8.35 51.91 29.74
N LEU E 224 -7.44 52.87 29.75
CA LEU E 224 -7.70 54.14 30.39
C LEU E 224 -8.91 54.86 29.79
N LEU E 225 -9.17 54.69 28.50
CA LEU E 225 -10.29 55.37 27.85
C LEU E 225 -11.66 55.04 28.45
N ASP E 226 -12.51 56.05 28.60
CA ASP E 226 -13.84 55.86 29.18
C ASP E 226 -14.90 55.55 28.14
N LEU E 227 -15.37 54.31 28.10
CA LEU E 227 -16.35 53.95 27.09
C LEU E 227 -17.72 54.54 27.40
N ASP E 228 -17.96 54.85 28.67
CA ASP E 228 -19.29 55.29 29.08
C ASP E 228 -19.71 56.70 28.80
N LEU E 229 -18.76 57.62 28.71
CA LEU E 229 -19.15 58.99 28.54
C LEU E 229 -19.87 59.10 27.23
N THR E 230 -21.10 59.64 27.27
CA THR E 230 -21.93 59.74 26.08
C THR E 230 -22.89 60.89 26.33
N GLY E 231 -23.68 61.25 25.33
CA GLY E 231 -24.69 62.28 25.51
C GLY E 231 -24.20 63.62 25.00
N PRO E 232 -24.93 64.24 24.07
CA PRO E 232 -24.52 65.53 23.49
C PRO E 232 -24.83 66.73 24.39
N THR E 233 -24.09 67.82 24.20
CA THR E 233 -24.39 69.03 24.96
C THR E 233 -25.37 69.89 24.13
N PRO E 234 -26.16 70.81 24.76
CA PRO E 234 -27.07 71.55 23.88
C PRO E 234 -26.31 72.33 22.82
N GLY E 235 -25.19 72.94 23.18
CA GLY E 235 -24.38 73.66 22.22
C GLY E 235 -23.25 72.83 21.63
N GLY E 236 -23.16 71.55 22.00
CA GLY E 236 -22.05 70.73 21.55
C GLY E 236 -22.36 69.36 21.00
N GLY E 237 -21.43 68.81 20.21
CA GLY E 237 -21.62 67.50 19.62
C GLY E 237 -21.43 66.33 20.57
N PHE E 238 -21.74 65.11 20.13
CA PHE E 238 -21.66 63.91 21.00
C PHE E 238 -20.29 63.58 21.59
N VAL E 239 -20.27 63.09 22.82
CA VAL E 239 -19.01 62.70 23.47
C VAL E 239 -18.87 61.18 23.62
N GLU E 240 -19.69 60.42 22.90
CA GLU E 240 -19.64 58.93 22.93
C GLU E 240 -18.26 58.27 22.84
N SER E 241 -18.08 57.12 23.49
CA SER E 241 -16.81 56.42 23.49
C SER E 241 -15.67 57.37 23.75
N GLY E 242 -15.88 58.34 24.60
CA GLY E 242 -14.83 59.24 24.97
C GLY E 242 -14.22 60.04 23.85
N VAL E 243 -14.99 60.37 22.82
CA VAL E 243 -14.45 61.24 21.79
C VAL E 243 -15.26 62.51 21.74
N GLU E 244 -14.61 63.66 21.79
CA GLU E 244 -15.36 64.90 21.79
C GLU E 244 -15.49 65.38 20.39
N PHE E 245 -16.68 65.26 19.83
CA PHE E 245 -16.91 65.77 18.50
C PHE E 245 -17.18 67.26 18.60
N ASP E 246 -17.11 67.97 17.50
CA ASP E 246 -17.39 69.40 17.50
C ASP E 246 -18.68 69.73 16.78
N ALA E 247 -18.98 71.01 16.63
CA ALA E 247 -20.11 71.43 15.81
C ALA E 247 -19.92 71.08 14.34
N THR E 248 -18.68 70.97 13.88
CA THR E 248 -18.36 70.46 12.56
C THR E 248 -18.33 68.94 12.57
N ASP E 249 -18.51 68.33 13.76
CA ASP E 249 -18.31 66.91 14.04
C ASP E 249 -16.88 66.50 13.67
N ARG E 250 -15.95 67.37 14.05
CA ARG E 250 -14.52 67.19 13.88
C ARG E 250 -13.91 66.85 15.24
N VAL E 251 -12.80 66.12 15.22
CA VAL E 251 -12.18 65.68 16.46
C VAL E 251 -11.44 66.85 17.09
N VAL E 252 -11.69 67.08 18.38
CA VAL E 252 -11.01 68.16 19.10
C VAL E 252 -10.54 67.70 20.46
N ALA E 253 -11.31 66.87 21.14
CA ALA E 253 -10.83 66.39 22.41
C ALA E 253 -11.02 64.93 22.66
N TYR E 254 -10.27 64.42 23.61
CA TYR E 254 -10.41 63.03 23.97
C TYR E 254 -10.73 62.99 25.45
N HIS E 255 -11.36 61.93 25.90
CA HIS E 255 -11.77 61.87 27.28
C HIS E 255 -11.29 60.59 27.95
N MET E 256 -10.02 60.51 28.28
CA MET E 256 -9.51 59.34 29.00
C MET E 256 -10.10 59.36 30.39
N TRP E 257 -10.16 58.21 31.03
CA TRP E 257 -10.60 58.16 32.42
C TRP E 257 -9.70 58.96 33.20
N SER E 258 -8.64 58.38 33.63
CA SER E 258 -7.85 59.14 34.48
C SER E 258 -6.54 58.59 34.61
N ALA E 259 -5.80 59.16 35.49
CA ALA E 259 -4.52 58.63 35.74
C ALA E 259 -4.69 57.32 36.35
N ALA E 260 -5.69 57.20 37.14
CA ALA E 260 -5.82 55.97 37.82
C ALA E 260 -5.96 54.90 36.81
N ALA E 269 -5.91 60.22 40.82
CA ALA E 269 -7.10 59.44 40.93
C ALA E 269 -8.22 60.27 40.40
N ARG E 270 -7.92 61.50 40.04
CA ARG E 270 -9.01 62.33 39.68
C ARG E 270 -9.33 61.89 38.37
N ARG E 271 -10.52 61.44 38.23
CA ARG E 271 -10.86 60.91 36.98
C ARG E 271 -11.23 61.98 35.98
N ARG E 272 -11.51 61.56 34.76
CA ARG E 272 -11.91 62.45 33.70
C ARG E 272 -10.99 63.58 33.34
N LEU E 273 -10.24 63.47 32.23
CA LEU E 273 -9.48 64.62 31.81
C LEU E 273 -9.70 64.82 30.36
N ARG E 274 -10.27 65.95 30.00
CA ARG E 274 -10.43 66.23 28.60
C ARG E 274 -9.01 66.49 28.19
N ILE E 275 -8.56 65.85 27.12
CA ILE E 275 -7.22 66.14 26.65
C ILE E 275 -7.28 66.64 25.23
N PRO E 276 -6.56 67.72 24.95
CA PRO E 276 -6.61 68.28 23.61
C PRO E 276 -6.07 67.28 22.62
N ALA E 277 -6.60 67.29 21.42
CA ALA E 277 -6.19 66.31 20.43
C ALA E 277 -4.72 66.45 20.15
N ALA E 278 -4.19 67.66 20.23
CA ALA E 278 -2.81 67.84 19.86
C ALA E 278 -1.95 66.97 20.75
N GLN E 279 -2.34 66.83 22.00
CA GLN E 279 -1.53 66.05 22.90
C GLN E 279 -1.70 64.55 22.68
N MET E 280 -2.88 64.10 22.30
CA MET E 280 -3.09 62.67 22.18
C MET E 280 -3.37 62.23 20.77
N LEU E 281 -2.54 61.34 20.23
CA LEU E 281 -2.73 60.89 18.87
C LEU E 281 -3.00 59.40 18.87
N TYR E 282 -4.06 58.97 18.19
CA TYR E 282 -4.43 57.56 18.18
C TYR E 282 -4.18 57.00 16.81
N VAL E 283 -3.33 55.99 16.71
CA VAL E 283 -3.09 55.34 15.42
C VAL E 283 -4.26 54.39 15.24
N LEU E 284 -4.70 54.18 14.01
CA LEU E 284 -5.92 53.38 13.82
C LEU E 284 -6.03 52.22 12.83
N VAL E 285 -4.99 51.87 12.08
CA VAL E 285 -5.12 50.82 11.03
C VAL E 285 -6.53 50.75 10.37
N PRO E 286 -6.86 51.69 9.45
CA PRO E 286 -8.22 51.67 8.92
C PRO E 286 -8.65 50.47 8.14
N GLU E 287 -9.85 49.98 8.42
CA GLU E 287 -10.39 48.87 7.67
C GLU E 287 -11.67 49.39 7.07
N GLU E 288 -12.79 49.16 7.75
CA GLU E 288 -14.02 49.74 7.27
C GLU E 288 -13.87 51.18 7.67
N ILE E 289 -14.25 52.10 6.80
CA ILE E 289 -14.03 53.50 7.11
C ILE E 289 -14.82 54.11 8.28
N GLY E 290 -16.09 53.75 8.42
CA GLY E 290 -16.87 54.44 9.45
C GLY E 290 -16.68 53.90 10.84
N GLN E 291 -15.50 54.14 11.40
CA GLN E 291 -15.25 53.72 12.76
C GLN E 291 -14.53 54.76 13.57
N ALA E 292 -14.78 54.80 14.87
CA ALA E 292 -14.04 55.70 15.72
C ALA E 292 -12.96 54.95 16.45
N LEU E 293 -12.80 53.66 16.14
CA LEU E 293 -11.84 52.84 16.88
C LEU E 293 -11.37 51.64 16.09
N GLY E 294 -10.29 51.01 16.54
CA GLY E 294 -9.83 49.80 15.86
C GLY E 294 -9.83 48.47 16.61
N VAL E 295 -10.37 47.44 15.97
CA VAL E 295 -10.50 46.14 16.60
C VAL E 295 -9.18 45.40 16.70
N PRO E 296 -9.06 44.51 17.69
CA PRO E 296 -7.84 43.70 17.73
C PRO E 296 -7.78 42.89 16.48
N ARG E 297 -6.62 42.84 15.83
CA ARG E 297 -6.49 42.11 14.56
C ARG E 297 -6.56 40.61 14.77
N SER E 298 -6.60 40.18 16.02
CA SER E 298 -6.63 38.75 16.32
C SER E 298 -8.05 38.24 16.52
N ALA E 299 -9.05 39.09 16.28
CA ALA E 299 -10.43 38.71 16.57
C ALA E 299 -10.94 37.49 15.80
N THR E 300 -10.59 37.39 14.51
CA THR E 300 -11.09 36.28 13.71
C THR E 300 -10.62 34.93 14.24
N ALA E 301 -9.36 34.83 14.64
CA ALA E 301 -8.82 33.57 15.13
C ALA E 301 -8.92 33.43 16.65
N LEU E 302 -9.43 34.44 17.34
CA LEU E 302 -9.48 34.40 18.80
C LEU E 302 -10.35 33.24 19.28
N ARG E 303 -11.47 33.02 18.61
CA ARG E 303 -12.35 31.94 18.99
C ARG E 303 -11.68 30.59 18.68
N LEU E 304 -11.15 30.44 17.47
CA LEU E 304 -10.56 29.15 17.07
C LEU E 304 -9.40 28.74 17.99
N MET E 305 -8.51 29.67 18.36
CA MET E 305 -7.36 29.41 19.20
C MET E 305 -7.70 28.97 20.60
N ASN E 306 -8.72 29.57 21.19
CA ASN E 306 -9.04 29.17 22.53
C ASN E 306 -9.40 27.73 22.44
N LEU E 307 -10.25 27.43 21.45
CA LEU E 307 -10.66 26.04 21.47
C LEU E 307 -9.45 25.14 21.26
N SER E 308 -8.57 25.55 20.36
CA SER E 308 -7.43 24.71 20.06
C SER E 308 -6.49 24.47 21.22
N GLU E 309 -6.20 25.48 22.01
CA GLU E 309 -5.36 25.29 23.17
C GLU E 309 -6.02 24.40 24.18
N LYS E 310 -7.31 24.57 24.38
CA LYS E 310 -7.90 23.61 25.31
C LYS E 310 -7.72 22.18 24.77
N PHE E 311 -7.90 22.00 23.47
CA PHE E 311 -7.70 20.68 22.91
C PHE E 311 -6.30 20.13 23.09
N GLN E 312 -5.29 20.95 22.87
CA GLN E 312 -3.92 20.48 23.00
C GLN E 312 -3.69 20.09 24.44
N GLU E 313 -4.22 20.88 25.37
CA GLU E 313 -4.07 20.47 26.77
C GLU E 313 -4.75 19.16 27.13
N SER E 314 -5.94 18.90 26.59
CA SER E 314 -6.57 17.61 26.88
C SER E 314 -5.90 16.38 26.30
N ALA E 315 -5.53 16.39 25.03
CA ALA E 315 -4.90 15.26 24.38
C ALA E 315 -3.62 14.81 25.07
N LEU E 316 -2.76 15.75 25.44
CA LEU E 316 -1.53 15.25 26.06
C LEU E 316 -1.93 14.53 27.33
N THR E 317 -2.89 15.09 28.06
CA THR E 317 -3.21 14.44 29.32
C THR E 317 -3.78 13.03 29.13
N ALA E 318 -4.63 12.88 28.15
CA ALA E 318 -5.18 11.57 27.86
C ALA E 318 -4.11 10.58 27.48
N ALA E 319 -3.14 11.02 26.69
CA ALA E 319 -2.06 10.12 26.35
C ALA E 319 -1.28 9.69 27.58
N ASN E 320 -1.01 10.61 28.47
CA ASN E 320 -0.32 10.17 29.64
C ASN E 320 -1.13 9.13 30.37
N TYR E 321 -2.43 9.36 30.54
CA TYR E 321 -3.19 8.37 31.32
C TYR E 321 -3.17 7.03 30.64
N GLY E 322 -3.28 7.04 29.33
CA GLY E 322 -3.28 5.80 28.57
C GLY E 322 -2.00 5.03 28.71
N ALA E 323 -0.86 5.71 28.67
CA ALA E 323 0.38 5.00 28.91
C ALA E 323 0.45 4.47 30.33
N SER E 324 0.00 5.25 31.30
CA SER E 324 0.14 4.82 32.70
C SER E 324 -0.64 3.62 33.24
N ASN E 325 -1.89 3.42 32.88
CA ASN E 325 -2.70 2.36 33.45
C ASN E 325 -2.29 0.98 33.01
N MET E 326 -1.41 0.89 32.03
CA MET E 326 -0.89 -0.41 31.62
C MET E 326 -1.99 -1.43 31.37
N VAL E 327 -1.85 -2.63 31.91
CA VAL E 327 -2.87 -3.66 31.72
C VAL E 327 -4.04 -3.62 32.68
N PHE E 328 -5.21 -4.07 32.24
CA PHE E 328 -6.36 -4.15 33.15
C PHE E 328 -6.60 -5.64 33.36
N PHE E 329 -6.62 -6.13 34.59
CA PHE E 329 -6.93 -7.53 34.84
C PHE E 329 -8.42 -7.79 35.02
N GLU E 330 -9.19 -7.79 33.95
CA GLU E 330 -10.65 -7.97 34.05
C GLU E 330 -11.10 -9.32 34.51
N ARG E 331 -12.22 -9.37 35.21
CA ARG E 331 -12.69 -10.63 35.77
C ARG E 331 -14.09 -10.97 35.33
N ALA E 332 -14.44 -12.26 35.37
CA ALA E 332 -15.80 -12.65 35.06
C ALA E 332 -16.66 -12.34 36.26
N ALA E 333 -17.98 -12.48 36.14
CA ALA E 333 -18.84 -12.08 37.26
C ALA E 333 -19.00 -13.16 38.32
N ASP E 334 -17.93 -13.43 39.07
CA ASP E 334 -18.04 -14.42 40.12
C ASP E 334 -17.54 -13.98 41.48
N ASN E 335 -16.29 -13.57 41.57
CA ASN E 335 -15.73 -13.27 42.90
C ASN E 335 -15.31 -11.84 43.17
N GLY E 336 -14.22 -11.68 43.91
CA GLY E 336 -13.81 -10.34 44.30
C GLY E 336 -14.62 -10.03 45.54
N VAL E 337 -15.30 -11.04 46.05
CA VAL E 337 -16.17 -10.84 47.21
C VAL E 337 -15.46 -10.42 48.47
N VAL E 338 -16.08 -9.54 49.25
CA VAL E 338 -15.54 -9.16 50.55
C VAL E 338 -14.08 -8.74 50.52
N THR E 339 -13.72 -7.98 49.51
CA THR E 339 -12.39 -7.43 49.51
C THR E 339 -12.45 -6.58 50.76
N GLY E 340 -11.65 -6.92 51.77
CA GLY E 340 -11.76 -6.21 53.02
C GLY E 340 -11.49 -4.73 52.99
N PRO E 341 -12.35 -3.96 53.67
CA PRO E 341 -12.20 -2.51 53.71
C PRO E 341 -10.97 -2.04 54.43
N GLU E 342 -10.61 -2.67 55.54
CA GLU E 342 -9.51 -2.14 56.35
C GLU E 342 -8.13 -2.06 55.72
N ASP E 343 -7.75 -3.08 55.00
CA ASP E 343 -6.42 -3.10 54.40
C ASP E 343 -6.28 -2.00 53.37
N ASP E 344 -7.40 -1.57 52.77
CA ASP E 344 -7.33 -0.60 51.69
C ASP E 344 -6.71 0.73 52.04
N ALA E 345 -7.03 1.26 53.21
CA ALA E 345 -6.55 2.60 53.54
C ALA E 345 -5.03 2.74 53.65
N GLN E 346 -4.34 1.77 54.24
CA GLN E 346 -2.90 1.94 54.49
C GLN E 346 -1.94 2.09 53.30
N ILE E 347 -2.04 1.26 52.28
CA ILE E 347 -1.07 1.35 51.19
C ILE E 347 -1.52 0.75 49.87
N PRO E 348 -0.93 1.23 48.75
CA PRO E 348 -1.22 0.58 47.47
C PRO E 348 -0.04 -0.34 47.27
N ILE E 349 -0.29 -1.63 47.14
CA ILE E 349 0.82 -2.58 47.07
C ILE E 349 1.85 -2.40 45.96
N ASP E 350 3.14 -2.60 46.25
CA ASP E 350 4.17 -2.53 45.22
C ASP E 350 4.64 -3.94 44.89
N GLN E 351 4.59 -4.33 43.62
CA GLN E 351 4.99 -5.67 43.21
C GLN E 351 6.17 -5.59 42.25
N ILE E 352 7.21 -6.40 42.46
CA ILE E 352 8.41 -6.27 41.64
C ILE E 352 8.39 -7.06 40.35
N GLU E 353 8.51 -6.38 39.21
CA GLU E 353 8.55 -7.04 37.91
C GLU E 353 9.85 -6.70 37.26
N ALA E 354 10.81 -6.25 38.06
CA ALA E 354 12.08 -5.81 37.50
C ALA E 354 12.80 -6.90 36.76
N GLY E 355 12.71 -8.13 37.25
CA GLY E 355 13.47 -9.17 36.63
C GLY E 355 13.09 -9.31 35.18
N THR E 356 14.07 -9.48 34.31
CA THR E 356 13.82 -9.59 32.89
C THR E 356 12.72 -10.55 32.56
N LEU E 357 12.95 -11.83 32.78
CA LEU E 357 11.97 -12.80 32.38
C LEU E 357 11.05 -12.95 33.55
N THR E 358 9.79 -12.63 33.34
CA THR E 358 8.85 -12.79 34.41
C THR E 358 7.56 -13.34 33.88
N GLU E 359 7.55 -14.57 33.43
CA GLU E 359 6.32 -15.15 32.99
C GLU E 359 5.38 -15.14 34.18
N LEU E 360 4.14 -14.76 34.00
CA LEU E 360 3.22 -14.64 35.13
C LEU E 360 1.99 -15.49 34.97
N PRO E 361 1.57 -16.19 36.04
CA PRO E 361 0.33 -16.96 35.97
C PRO E 361 -0.83 -16.29 36.71
N PRO E 362 -1.98 -16.10 36.04
CA PRO E 362 -3.12 -15.41 36.64
C PRO E 362 -4.31 -16.29 37.04
N GLY E 363 -5.04 -15.92 38.08
CA GLY E 363 -6.24 -16.66 38.45
C GLY E 363 -7.40 -16.69 37.46
N VAL E 364 -7.66 -15.59 36.74
CA VAL E 364 -8.81 -15.51 35.79
C VAL E 364 -8.60 -15.02 34.33
N LYS E 365 -8.32 -13.73 34.10
CA LYS E 365 -8.05 -13.24 32.72
C LYS E 365 -7.27 -11.93 32.67
N ALA E 366 -6.72 -11.59 31.50
CA ALA E 366 -5.99 -10.31 31.33
C ALA E 366 -6.29 -9.56 30.05
N VAL E 367 -6.14 -8.24 30.06
CA VAL E 367 -6.35 -7.47 28.85
C VAL E 367 -5.34 -6.33 28.72
N SER E 368 -5.09 -5.85 27.51
CA SER E 368 -4.09 -4.81 27.32
C SER E 368 -4.75 -3.53 26.87
N HIS E 369 -4.46 -2.44 27.54
CA HIS E 369 -5.11 -1.19 27.21
C HIS E 369 -4.62 -0.74 25.88
N ASN E 370 -5.54 -0.35 25.00
CA ASN E 370 -5.13 0.18 23.72
C ASN E 370 -5.40 1.66 23.77
N PRO E 371 -4.35 2.46 23.63
CA PRO E 371 -4.55 3.89 23.75
C PRO E 371 -5.27 4.40 22.55
N ALA E 372 -6.30 5.19 22.77
CA ALA E 372 -7.02 5.77 21.67
C ALA E 372 -6.70 7.23 21.64
N TYR E 373 -5.67 7.62 22.37
CA TYR E 373 -5.34 9.02 22.46
C TYR E 373 -5.06 9.39 21.04
N PRO E 374 -5.52 10.59 20.62
CA PRO E 374 -5.29 10.86 19.20
C PRO E 374 -3.88 10.51 18.80
N ASP E 375 -3.71 9.62 17.84
CA ASP E 375 -2.37 9.19 17.52
C ASP E 375 -1.72 9.88 16.36
N ALA E 376 -2.19 9.61 15.17
CA ALA E 376 -1.65 10.26 14.00
C ALA E 376 -2.73 11.07 13.33
N ALA E 377 -3.93 11.00 13.87
CA ALA E 377 -5.04 11.77 13.33
C ALA E 377 -4.73 13.22 13.52
N VAL E 378 -4.09 13.56 14.62
CA VAL E 378 -3.89 14.94 14.94
C VAL E 378 -3.15 15.80 13.93
N GLY E 379 -2.09 15.30 13.29
CA GLY E 379 -1.35 16.19 12.41
C GLY E 379 -2.17 16.75 11.28
N PRO E 380 -2.90 15.90 10.55
CA PRO E 380 -3.78 16.48 9.53
C PRO E 380 -4.92 17.35 10.09
N PHE E 381 -5.58 16.91 11.16
CA PHE E 381 -6.71 17.65 11.67
C PHE E 381 -6.29 19.02 12.14
N LEU E 382 -5.20 19.09 12.87
CA LEU E 382 -4.80 20.38 13.42
C LEU E 382 -4.44 21.32 12.31
N ARG E 383 -3.78 20.84 11.29
CA ARG E 383 -3.33 21.74 10.25
C ARG E 383 -4.48 22.40 9.58
N GLN E 384 -5.54 21.66 9.29
CA GLN E 384 -6.62 22.27 8.56
C GLN E 384 -7.30 23.39 9.34
N MET E 385 -7.56 23.19 10.62
CA MET E 385 -8.14 24.26 11.43
C MET E 385 -7.15 25.40 11.46
N GLY E 386 -5.87 25.07 11.55
CA GLY E 386 -4.83 26.08 11.60
C GLY E 386 -4.76 26.94 10.37
N THR E 387 -4.97 26.36 9.19
CA THR E 387 -4.85 27.14 7.97
C THR E 387 -5.88 28.22 8.03
N SER E 388 -7.05 27.90 8.54
CA SER E 388 -8.11 28.88 8.59
C SER E 388 -7.71 30.06 9.46
N GLN E 389 -7.08 29.79 10.60
CA GLN E 389 -6.72 30.88 11.49
C GLN E 389 -5.73 31.79 10.81
N ALA E 390 -4.78 31.20 10.11
CA ALA E 390 -3.75 32.01 9.49
C ALA E 390 -4.34 32.92 8.45
N ALA E 391 -5.27 32.42 7.68
CA ALA E 391 -5.84 33.23 6.63
C ALA E 391 -6.50 34.40 7.29
N GLY E 392 -7.15 34.14 8.42
CA GLY E 392 -7.82 35.19 9.15
C GLY E 392 -6.91 36.28 9.66
N LEU E 393 -5.73 35.90 10.10
CA LEU E 393 -4.83 36.88 10.70
C LEU E 393 -3.98 37.58 9.65
N GLY E 394 -4.16 37.20 8.39
CA GLY E 394 -3.43 37.86 7.34
C GLY E 394 -1.95 37.54 7.32
N VAL E 395 -1.60 36.32 7.70
CA VAL E 395 -0.21 35.89 7.67
C VAL E 395 -0.07 34.50 7.09
N SER E 396 1.09 34.19 6.49
CA SER E 396 1.32 32.86 5.95
C SER E 396 1.40 31.85 7.06
N TYR E 397 0.89 30.65 6.83
CA TYR E 397 0.85 29.65 7.89
C TYR E 397 2.23 29.29 8.36
N GLU E 398 3.17 29.16 7.45
CA GLU E 398 4.49 28.72 7.84
C GLU E 398 5.13 29.71 8.79
N THR E 399 4.97 30.99 8.55
CA THR E 399 5.50 31.94 9.50
C THR E 399 4.79 31.90 10.84
N LEU E 400 3.47 31.83 10.82
CA LEU E 400 2.72 31.87 12.07
C LEU E 400 2.99 30.71 12.96
N THR E 401 2.99 29.53 12.38
CA THR E 401 3.26 28.34 13.15
C THR E 401 4.37 27.67 12.42
N ALA E 402 5.42 27.26 13.09
CA ALA E 402 6.54 26.72 12.34
C ALA E 402 6.35 25.27 11.98
N ASP E 403 5.29 24.93 11.25
CA ASP E 403 5.14 23.57 10.78
C ASP E 403 6.25 23.31 9.80
N LEU E 404 6.47 24.23 8.86
CA LEU E 404 7.60 24.12 7.93
C LEU E 404 7.72 22.75 7.32
N SER E 405 6.61 22.21 6.84
CA SER E 405 6.66 20.87 6.29
C SER E 405 6.06 20.81 4.90
N GLY E 406 6.56 19.89 4.08
CA GLY E 406 6.05 19.74 2.75
C GLY E 406 6.11 21.03 1.96
N ALA E 407 7.27 21.66 1.92
CA ALA E 407 7.39 22.86 1.11
C ALA E 407 8.55 22.86 0.13
N ASN E 408 8.27 23.07 -1.14
CA ASN E 408 9.32 23.19 -2.13
C ASN E 408 9.78 24.62 -2.11
N PHE E 409 10.84 24.92 -2.84
CA PHE E 409 11.39 26.27 -2.79
C PHE E 409 10.33 27.24 -3.24
N SER E 410 9.60 26.88 -4.28
CA SER E 410 8.64 27.81 -4.80
C SER E 410 7.56 28.15 -3.80
N SER E 411 7.10 27.16 -3.05
CA SER E 411 5.98 27.42 -2.13
C SER E 411 6.40 28.44 -1.12
N LEU E 412 7.61 28.31 -0.63
CA LEU E 412 8.09 29.26 0.34
C LEU E 412 8.18 30.65 -0.25
N ARG E 413 8.64 30.77 -1.48
CA ARG E 413 8.82 32.08 -2.05
C ARG E 413 7.48 32.78 -2.15
N ALA E 414 6.46 32.04 -2.57
CA ALA E 414 5.15 32.65 -2.75
C ALA E 414 4.61 33.15 -1.44
N GLY E 415 4.76 32.35 -0.40
CA GLY E 415 4.20 32.73 0.89
C GLY E 415 4.83 34.01 1.37
N LYS E 416 6.12 34.14 1.19
CA LYS E 416 6.78 35.31 1.66
C LYS E 416 6.24 36.49 0.92
N GLY E 417 6.01 36.34 -0.37
CA GLY E 417 5.58 37.49 -1.13
C GLY E 417 4.28 38.07 -0.64
N GLU E 418 3.31 37.21 -0.33
CA GLU E 418 2.01 37.67 0.15
C GLU E 418 2.09 38.38 1.49
N GLU E 419 2.85 37.82 2.40
CA GLU E 419 3.02 38.45 3.69
C GLU E 419 3.71 39.78 3.51
N ARG E 420 4.66 39.85 2.59
CA ARG E 420 5.42 41.06 2.43
C ARG E 420 4.51 42.21 2.07
N GLU E 421 3.52 41.95 1.24
CA GLU E 421 2.63 43.02 0.94
C GLU E 421 1.92 43.50 2.19
N GLU E 422 1.45 42.58 3.02
CA GLU E 422 0.67 42.99 4.18
C GLU E 422 1.50 43.82 5.13
N TRP E 423 2.74 43.40 5.36
CA TRP E 423 3.57 44.12 6.29
C TRP E 423 3.80 45.50 5.76
N ARG E 424 4.00 45.63 4.46
CA ARG E 424 4.32 46.92 3.92
C ARG E 424 3.17 47.84 4.22
N MET E 425 1.95 47.33 4.08
CA MET E 425 0.81 48.20 4.29
C MET E 425 0.77 48.72 5.72
N LEU E 426 0.98 47.83 6.67
CA LEU E 426 0.95 48.24 8.06
C LEU E 426 2.07 49.22 8.34
N GLN E 427 3.23 49.00 7.72
CA GLN E 427 4.37 49.86 7.97
C GLN E 427 4.09 51.28 7.58
N ARG E 428 3.43 51.47 6.45
CA ARG E 428 3.16 52.81 6.01
C ARG E 428 2.24 53.47 6.99
N ALA E 429 1.22 52.75 7.44
CA ALA E 429 0.23 53.34 8.33
C ALA E 429 0.70 53.77 9.71
N VAL E 430 1.51 52.95 10.36
CA VAL E 430 1.89 53.31 11.72
C VAL E 430 2.68 54.59 11.68
N PHE E 431 3.59 54.70 10.73
CA PHE E 431 4.39 55.89 10.64
C PHE E 431 3.74 56.98 9.84
N GLU E 432 2.62 56.67 9.21
CA GLU E 432 1.89 57.71 8.51
C GLU E 432 1.49 58.62 9.62
N GLY E 433 1.07 58.03 10.73
CA GLY E 433 0.62 58.84 11.83
C GLY E 433 1.59 59.27 12.89
N LEU E 434 2.25 58.33 13.55
CA LEU E 434 3.09 58.76 14.65
C LEU E 434 4.26 59.62 14.23
N HIS E 435 5.00 59.21 13.20
CA HIS E 435 6.19 59.95 12.83
C HIS E 435 5.88 61.31 12.36
N ASP E 436 4.86 61.41 11.53
CA ASP E 436 4.60 62.72 10.96
C ASP E 436 4.20 63.72 12.02
N ARG E 437 3.32 63.30 12.92
CA ARG E 437 2.92 64.21 13.97
C ARG E 437 4.11 64.52 14.83
N VAL E 438 4.86 63.51 15.22
CA VAL E 438 5.95 63.80 16.13
C VAL E 438 7.02 64.65 15.50
N PHE E 439 7.39 64.39 14.26
CA PHE E 439 8.48 65.16 13.70
C PHE E 439 8.04 66.59 13.62
N SER E 440 6.83 66.80 13.16
CA SER E 440 6.42 68.17 12.97
C SER E 440 6.37 68.89 14.29
N ARG E 441 5.78 68.24 15.29
CA ARG E 441 5.66 68.89 16.58
C ARG E 441 7.02 69.11 17.21
N TRP E 442 7.90 68.14 17.07
CA TRP E 442 9.21 68.24 17.71
C TRP E 442 10.00 69.39 17.18
N LEU E 443 9.89 69.66 15.90
CA LEU E 443 10.76 70.67 15.34
C LEU E 443 10.67 72.05 15.95
N PRO E 444 9.47 72.57 16.18
CA PRO E 444 9.52 73.92 16.75
C PRO E 444 10.20 74.00 18.09
N LEU E 445 9.88 73.10 19.01
CA LEU E 445 10.46 73.24 20.34
C LEU E 445 11.95 73.09 20.26
N ALA E 446 12.40 72.13 19.48
CA ALA E 446 13.81 71.90 19.36
C ALA E 446 14.49 73.11 18.74
N MET E 447 13.86 73.72 17.74
CA MET E 447 14.44 74.93 17.18
C MET E 447 14.49 76.06 18.20
N LEU E 448 13.43 76.21 18.99
CA LEU E 448 13.37 77.26 20.02
C LEU E 448 14.41 77.05 21.10
N SER E 449 14.59 75.81 21.52
CA SER E 449 15.57 75.49 22.54
C SER E 449 16.94 75.59 21.93
N GLY E 450 16.99 75.69 20.62
CA GLY E 450 18.26 75.84 19.96
C GLY E 450 18.95 74.52 20.05
N GLU E 451 18.24 73.49 20.50
CA GLU E 451 18.85 72.17 20.53
C GLU E 451 19.38 71.88 19.14
N VAL E 452 18.63 72.24 18.12
CA VAL E 452 19.11 72.07 16.78
C VAL E 452 19.46 73.45 16.31
N ARG E 453 20.61 73.59 15.66
CA ARG E 453 21.05 74.90 15.22
C ARG E 453 20.57 75.22 13.82
N LEU E 454 19.64 76.16 13.68
CA LEU E 454 19.08 76.55 12.38
C LEU E 454 18.05 77.67 12.61
N PRO E 455 17.73 78.50 11.56
CA PRO E 455 16.76 79.56 11.90
C PRO E 455 15.30 79.14 11.82
N LEU E 456 14.50 79.54 12.80
CA LEU E 456 13.08 79.16 12.87
C LEU E 456 12.15 79.65 11.77
N ALA E 457 12.36 80.87 11.28
CA ALA E 457 11.39 81.42 10.33
C ALA E 457 11.15 80.66 9.03
N LYS E 458 12.19 80.15 8.38
CA LYS E 458 11.95 79.33 7.19
C LYS E 458 11.72 77.87 7.56
N LEU E 459 10.62 77.60 8.25
CA LEU E 459 10.32 76.24 8.69
C LEU E 459 10.11 75.31 7.53
N ASP E 460 9.47 75.81 6.48
CA ASP E 460 9.13 74.96 5.32
C ASP E 460 10.34 74.35 4.64
N LYS E 461 11.45 75.07 4.60
CA LYS E 461 12.63 74.56 3.92
C LYS E 461 13.08 73.27 4.56
N PHE E 462 13.02 73.18 5.88
CA PHE E 462 13.37 71.91 6.53
C PHE E 462 12.16 71.07 6.89
N ASP E 463 10.97 71.51 6.53
CA ASP E 463 9.74 70.79 6.91
C ASP E 463 9.63 69.37 6.37
N ALA E 464 10.04 69.14 5.13
CA ALA E 464 9.85 67.82 4.53
C ALA E 464 10.62 66.76 5.30
N ALA E 465 9.98 65.61 5.51
CA ALA E 465 10.62 64.56 6.28
C ALA E 465 10.15 63.22 5.77
N THR E 466 11.08 62.35 5.43
CA THR E 466 10.71 61.06 4.88
C THR E 466 11.15 59.94 5.79
N TRP E 467 10.25 59.01 6.07
CA TRP E 467 10.58 57.91 6.95
C TRP E 467 10.92 56.67 6.11
N ARG E 468 12.00 55.97 6.46
CA ARG E 468 12.40 54.83 5.64
C ARG E 468 12.23 53.48 6.32
N PRO E 469 11.40 52.61 5.74
CA PRO E 469 11.21 51.25 6.28
C PRO E 469 12.34 50.33 5.87
N ARG E 470 12.50 49.19 6.51
CA ARG E 470 13.54 48.24 6.09
C ARG E 470 13.00 46.92 5.50
N GLY E 471 13.44 46.58 4.31
CA GLY E 471 12.95 45.38 3.63
C GLY E 471 13.60 44.08 4.03
N TRP E 472 13.02 42.98 3.58
CA TRP E 472 13.55 41.67 3.93
C TRP E 472 14.32 40.99 2.80
N PRO E 473 15.49 40.41 3.13
CA PRO E 473 16.38 39.79 2.11
C PRO E 473 15.92 38.51 1.40
N SER E 474 16.32 38.34 0.13
CA SER E 474 15.93 37.18 -0.68
C SER E 474 16.71 35.91 -0.48
N VAL E 475 16.07 34.77 -0.74
CA VAL E 475 16.74 33.47 -0.65
C VAL E 475 17.87 33.21 -1.67
N ASN E 476 17.67 33.63 -2.91
CA ASN E 476 18.67 33.36 -3.96
C ASN E 476 19.42 34.62 -4.36
N PRO E 477 20.57 34.91 -3.73
CA PRO E 477 21.18 36.16 -4.14
C PRO E 477 21.76 36.19 -5.52
N LYS E 478 22.21 35.08 -6.08
CA LYS E 478 22.86 35.17 -7.37
C LYS E 478 21.91 35.71 -8.43
N ASP E 479 20.69 35.18 -8.43
CA ASP E 479 19.73 35.61 -9.43
C ASP E 479 19.43 37.06 -9.28
N ASP E 480 19.24 37.48 -8.04
CA ASP E 480 18.87 38.85 -7.82
C ASP E 480 19.97 39.72 -8.32
N ALA E 481 21.21 39.36 -8.04
CA ALA E 481 22.32 40.20 -8.43
C ALA E 481 22.44 40.31 -9.93
N THR E 482 22.26 39.18 -10.63
CA THR E 482 22.32 39.25 -12.08
C THR E 482 21.22 40.15 -12.63
N ALA E 483 20.03 40.01 -12.09
CA ALA E 483 18.92 40.83 -12.57
C ALA E 483 19.20 42.28 -12.32
N HIS E 484 19.75 42.60 -11.16
CA HIS E 484 20.04 43.97 -10.83
C HIS E 484 21.08 44.56 -11.75
N GLU E 485 22.11 43.78 -12.08
CA GLU E 485 23.09 44.29 -13.01
C GLU E 485 22.42 44.57 -14.34
N LYS E 486 21.58 43.64 -14.78
CA LYS E 486 20.97 43.84 -16.08
C LYS E 486 20.12 45.10 -16.06
N ASP E 487 19.40 45.32 -14.98
CA ASP E 487 18.54 46.50 -14.87
C ASP E 487 19.30 47.81 -14.83
N LEU E 488 20.42 47.83 -14.11
CA LEU E 488 21.21 49.04 -14.05
C LEU E 488 21.66 49.31 -15.46
N LYS E 489 22.00 48.25 -16.17
CA LYS E 489 22.37 48.43 -17.55
C LYS E 489 21.27 49.09 -18.36
N ASN E 490 20.02 48.65 -18.19
CA ASN E 490 18.99 49.23 -19.09
C ASN E 490 18.35 50.57 -18.69
N GLY E 491 18.96 51.34 -17.80
CA GLY E 491 18.44 52.58 -17.26
C GLY E 491 17.03 52.42 -16.75
N VAL E 492 16.60 51.18 -16.51
CA VAL E 492 15.24 50.94 -16.05
C VAL E 492 15.13 51.15 -14.54
N ARG E 493 15.97 50.47 -13.76
CA ARG E 493 16.09 50.75 -12.34
C ARG E 493 17.16 51.80 -12.14
N THR E 494 16.87 52.74 -11.26
CA THR E 494 17.86 53.73 -10.91
C THR E 494 18.59 53.08 -9.76
N ARG E 495 19.78 53.56 -9.46
CA ARG E 495 20.55 53.00 -8.38
C ARG E 495 19.84 53.19 -7.06
N THR E 496 19.16 54.30 -6.88
CA THR E 496 18.54 54.58 -5.60
C THR E 496 17.48 53.57 -5.17
N GLU E 497 16.69 53.09 -6.11
CA GLU E 497 15.61 52.18 -5.72
C GLU E 497 16.11 50.90 -5.10
N ILE E 498 17.18 50.34 -5.63
CA ILE E 498 17.65 49.07 -5.12
C ILE E 498 18.02 49.21 -3.67
N CYS E 499 18.69 50.30 -3.33
CA CYS E 499 19.10 50.54 -1.96
C CYS E 499 17.87 50.65 -1.11
N ALA E 500 16.84 51.28 -1.65
CA ALA E 500 15.63 51.50 -0.88
C ALA E 500 14.97 50.22 -0.44
N GLU E 501 14.99 49.20 -1.28
CA GLU E 501 14.31 47.97 -0.92
C GLU E 501 14.94 47.41 0.33
N ARG E 502 16.26 47.40 0.38
CA ARG E 502 16.91 46.97 1.60
C ARG E 502 16.56 47.96 2.69
N GLY E 503 16.47 49.25 2.34
CA GLY E 503 16.20 50.29 3.32
C GLY E 503 17.40 51.13 3.73
N ARG E 504 18.57 50.78 3.25
CA ARG E 504 19.77 51.54 3.56
C ARG E 504 19.83 52.96 3.01
N ASP E 505 19.48 53.22 1.75
CA ASP E 505 19.64 54.57 1.14
C ASP E 505 20.97 55.01 0.46
N PHE E 506 20.82 55.71 -0.66
CA PHE E 506 22.00 56.12 -1.45
C PHE E 506 23.00 57.09 -0.83
N ALA E 507 22.56 58.05 -0.04
CA ALA E 507 23.52 58.94 0.60
C ALA E 507 24.39 58.13 1.53
N ASP E 508 23.77 57.18 2.24
CA ASP E 508 24.51 56.36 3.17
C ASP E 508 25.53 55.60 2.35
N VAL E 509 25.05 55.08 1.22
CA VAL E 509 25.97 54.29 0.44
C VAL E 509 27.17 55.13 0.00
N VAL E 510 26.94 56.35 -0.48
CA VAL E 510 28.04 57.22 -0.92
C VAL E 510 29.02 57.64 0.18
N ALA E 511 28.51 57.91 1.38
CA ALA E 511 29.42 58.24 2.47
C ALA E 511 30.32 57.04 2.77
N GLU E 512 29.67 55.88 2.78
CA GLU E 512 30.45 54.70 3.07
C GLU E 512 31.51 54.47 1.98
N ALA E 513 31.16 54.76 0.74
CA ALA E 513 32.11 54.65 -0.37
C ALA E 513 33.29 55.60 -0.23
N ALA E 514 33.04 56.82 0.23
CA ALA E 514 34.15 57.72 0.50
C ALA E 514 35.06 57.14 1.60
N ALA E 515 34.44 56.55 2.62
CA ALA E 515 35.29 55.91 3.64
C ALA E 515 36.14 54.79 3.04
N GLU E 516 35.53 54.00 2.15
CA GLU E 516 36.27 52.92 1.49
C GLU E 516 37.42 53.49 0.68
N ARG E 517 37.22 54.61 0.02
CA ARG E 517 38.31 55.29 -0.71
C ARG E 517 39.46 55.73 0.18
N GLN E 518 39.15 56.28 1.35
CA GLN E 518 40.27 56.59 2.28
C GLN E 518 41.01 55.31 2.73
N MET E 519 40.24 54.26 2.94
CA MET E 519 40.91 53.02 3.29
C MET E 519 41.77 52.51 2.15
N MET E 520 41.49 52.97 0.94
CA MET E 520 42.30 52.57 -0.21
C MET E 520 43.64 53.26 -0.21
N ARG E 521 43.69 54.47 0.31
CA ARG E 521 44.93 55.21 0.28
C ARG E 521 46.00 54.47 1.04
N ASP E 522 45.66 53.93 2.21
CA ASP E 522 46.62 53.14 2.97
C ASP E 522 47.03 51.83 2.29
N ALA E 523 46.08 51.12 1.68
CA ALA E 523 46.38 49.83 1.04
C ALA E 523 46.15 49.79 -0.47
N GLY E 524 44.95 49.39 -0.88
CA GLY E 524 44.63 49.33 -2.30
C GLY E 524 43.13 49.39 -2.50
N LEU E 525 42.67 49.68 -3.71
CA LEU E 525 41.22 49.68 -3.99
C LEU E 525 40.80 48.38 -4.64
N ASP E 526 40.49 48.40 -5.91
CA ASP E 526 39.99 47.19 -6.56
C ASP E 526 40.53 46.99 -7.95
N PRO E 527 40.52 45.74 -8.42
CA PRO E 527 40.94 45.50 -9.82
C PRO E 527 39.76 45.46 -10.79
N MET F 1 -16.93 21.24 64.38
CA MET F 1 -15.58 21.78 64.33
C MET F 1 -14.53 20.72 64.05
N THR F 2 -13.35 20.89 64.63
CA THR F 2 -12.26 19.94 64.42
C THR F 2 -12.57 18.60 65.06
N VAL F 3 -12.03 17.53 64.49
CA VAL F 3 -12.33 16.18 64.98
C VAL F 3 -11.17 15.22 64.73
N SER F 4 -10.93 14.32 65.67
CA SER F 4 -9.87 13.34 65.50
C SER F 4 -10.36 11.92 65.79
N ILE F 5 -11.13 11.37 64.88
CA ILE F 5 -11.58 10.02 65.10
C ILE F 5 -10.57 9.07 64.52
N HIS F 6 -9.62 8.63 65.35
CA HIS F 6 -8.69 7.60 64.85
C HIS F 6 -8.36 6.46 65.81
N PRO F 7 -9.35 5.66 66.19
CA PRO F 7 -9.01 4.50 67.00
C PRO F 7 -8.24 3.55 66.11
N PRO F 8 -7.27 2.81 66.67
CA PRO F 8 -6.58 1.96 65.71
C PRO F 8 -7.60 1.00 65.15
N ALA F 9 -7.59 0.79 63.85
CA ALA F 9 -8.56 -0.07 63.18
C ALA F 9 -8.59 -1.46 63.77
N THR F 10 -7.43 -2.02 64.06
CA THR F 10 -7.36 -3.35 64.65
C THR F 10 -7.26 -3.25 66.17
N LEU F 11 -8.40 -3.36 66.85
CA LEU F 11 -8.38 -3.21 68.28
C LEU F 11 -8.51 -4.57 68.87
N VAL F 12 -7.56 -4.95 69.70
CA VAL F 12 -7.57 -6.29 70.25
C VAL F 12 -8.16 -6.32 71.62
N ALA F 13 -8.90 -7.37 71.92
CA ALA F 13 -9.60 -7.45 73.20
C ALA F 13 -8.68 -7.61 74.37
N GLY F 14 -9.20 -7.35 75.56
CA GLY F 14 -8.40 -7.46 76.76
C GLY F 14 -7.17 -6.60 76.81
N ASP F 15 -7.00 -5.73 75.82
CA ASP F 15 -5.82 -4.90 75.74
C ASP F 15 -6.24 -3.48 75.92
N SER F 16 -5.36 -2.66 76.46
CA SER F 16 -5.69 -1.26 76.70
C SER F 16 -5.84 -0.54 75.38
N TRP F 17 -6.85 0.32 75.28
CA TRP F 17 -7.09 1.01 74.02
C TRP F 17 -6.93 2.51 74.16
N ALA F 18 -6.17 3.12 73.26
CA ALA F 18 -5.98 4.57 73.30
C ALA F 18 -5.85 5.31 71.97
N TRP F 19 -6.57 6.41 71.77
CA TRP F 19 -6.30 7.21 70.56
C TRP F 19 -5.76 8.59 70.94
N GLU F 20 -6.10 9.08 72.11
CA GLU F 20 -5.65 10.41 72.48
C GLU F 20 -6.01 11.41 71.37
N ALA F 21 -7.29 11.50 71.02
CA ALA F 21 -7.70 12.36 69.91
C ALA F 21 -7.29 13.80 69.98
N GLY F 22 -6.75 14.33 68.88
CA GLY F 22 -6.29 15.70 68.86
C GLY F 22 -7.23 16.88 69.03
N ALA F 23 -8.38 16.89 68.36
CA ALA F 23 -9.23 18.08 68.42
C ALA F 23 -10.74 17.92 68.28
N VAL F 24 -11.25 16.72 68.47
CA VAL F 24 -12.68 16.49 68.26
C VAL F 24 -13.56 17.30 69.17
N PHE F 25 -13.16 17.44 70.43
CA PHE F 25 -14.00 18.12 71.39
C PHE F 25 -13.53 19.55 71.64
N GLU F 26 -12.88 20.16 70.66
CA GLU F 26 -12.34 21.48 70.91
C GLU F 26 -13.51 22.40 70.88
N ASP F 27 -14.51 22.09 70.07
CA ASP F 27 -15.72 22.89 70.13
C ASP F 27 -16.42 22.60 71.42
N HIS F 28 -17.08 23.60 71.99
CA HIS F 28 -17.74 23.42 73.26
C HIS F 28 -16.78 22.88 74.31
N PRO F 29 -15.54 23.39 74.35
CA PRO F 29 -14.62 22.76 75.30
C PRO F 29 -14.98 22.96 76.76
N ASP F 30 -15.38 24.17 77.14
CA ASP F 30 -15.63 24.45 78.54
C ASP F 30 -16.76 23.70 79.26
N PRO F 31 -17.95 23.60 78.64
CA PRO F 31 -18.95 22.89 79.42
C PRO F 31 -19.42 21.54 78.86
N TRP F 32 -18.78 21.00 77.83
CA TRP F 32 -19.29 19.76 77.24
C TRP F 32 -18.32 18.58 77.45
N ALA F 33 -18.85 17.38 77.67
CA ALA F 33 -17.99 16.23 77.98
C ALA F 33 -17.38 15.49 76.78
N ALA F 34 -16.47 14.55 77.06
CA ALA F 34 -15.87 13.72 75.99
C ALA F 34 -16.46 12.32 76.08
N SER F 35 -16.74 11.67 74.95
CA SER F 35 -17.40 10.35 75.02
C SER F 35 -16.82 9.19 74.23
N TYR F 36 -16.56 9.38 72.94
CA TYR F 36 -16.04 8.32 72.10
C TYR F 36 -16.85 7.06 72.33
N VAL F 37 -18.16 7.11 72.07
CA VAL F 37 -19.03 5.96 72.30
C VAL F 37 -18.64 4.77 71.44
N LEU F 38 -18.56 3.60 72.04
CA LEU F 38 -18.24 2.41 71.29
C LEU F 38 -19.44 1.51 71.42
N ARG F 39 -20.03 1.10 70.31
CA ARG F 39 -21.25 0.31 70.39
C ARG F 39 -21.13 -0.93 69.57
N PRO F 40 -21.52 -2.06 70.15
CA PRO F 40 -21.51 -3.25 69.30
C PRO F 40 -22.62 -3.11 68.29
N GLU F 41 -22.34 -3.40 67.03
CA GLU F 41 -23.34 -3.25 66.00
C GLU F 41 -24.52 -4.20 66.13
N ALA F 42 -24.25 -5.45 66.48
CA ALA F 42 -25.33 -6.45 66.55
C ALA F 42 -25.60 -6.88 67.98
N GLY F 43 -26.27 -6.06 68.79
CA GLY F 43 -26.43 -6.38 70.19
C GLY F 43 -25.62 -5.46 71.07
N GLY F 44 -25.53 -5.80 72.34
CA GLY F 44 -24.68 -5.02 73.22
C GLY F 44 -25.20 -3.72 73.78
N ASP F 45 -24.39 -3.10 74.62
CA ASP F 45 -24.79 -1.85 75.23
C ASP F 45 -23.64 -0.91 75.02
N PRO F 46 -23.95 0.31 74.59
CA PRO F 46 -22.82 1.16 74.28
C PRO F 46 -21.91 1.37 75.47
N VAL F 47 -20.60 1.17 75.30
CA VAL F 47 -19.67 1.46 76.38
C VAL F 47 -19.03 2.79 76.04
N THR F 48 -18.58 3.52 77.04
CA THR F 48 -18.01 4.84 76.80
C THR F 48 -16.67 5.12 77.42
N VAL F 49 -15.92 6.03 76.81
CA VAL F 49 -14.62 6.40 77.32
C VAL F 49 -14.60 7.86 77.74
N SER F 50 -14.06 8.15 78.91
CA SER F 50 -14.01 9.54 79.38
C SER F 50 -12.64 10.16 79.15
N GLY F 51 -12.20 10.99 80.10
CA GLY F 51 -10.94 11.68 79.90
C GLY F 51 -9.71 11.15 80.61
N GLY F 52 -9.60 11.36 81.92
CA GLY F 52 -8.39 10.95 82.62
C GLY F 52 -7.19 11.51 81.90
N LEU F 53 -7.18 12.81 81.66
CA LEU F 53 -6.11 13.39 80.83
C LEU F 53 -5.22 14.51 81.31
N GLU F 54 -4.16 14.79 80.54
CA GLU F 54 -3.35 15.96 80.81
C GLU F 54 -4.14 17.10 80.17
N VAL F 55 -4.11 18.29 80.75
CA VAL F 55 -4.93 19.37 80.23
C VAL F 55 -4.64 19.83 78.79
N LEU F 56 -3.36 19.99 78.43
CA LEU F 56 -3.04 20.52 77.10
C LEU F 56 -3.49 19.61 75.98
N ALA F 57 -3.24 18.32 76.12
CA ALA F 57 -3.68 17.37 75.12
C ALA F 57 -4.51 16.29 75.79
N PRO F 58 -5.75 16.15 75.35
CA PRO F 58 -6.57 15.09 75.92
C PRO F 58 -6.06 13.73 75.54
N VAL F 59 -5.99 12.81 76.49
CA VAL F 59 -5.60 11.46 76.15
C VAL F 59 -6.68 10.51 76.63
N PHE F 60 -7.15 9.65 75.73
CA PHE F 60 -8.26 8.79 76.07
C PHE F 60 -7.72 7.42 76.32
N ARG F 61 -8.16 6.80 77.39
CA ARG F 61 -7.65 5.49 77.71
C ARG F 61 -8.69 4.56 78.27
N LEU F 62 -8.57 3.28 77.97
CA LEU F 62 -9.47 2.29 78.52
C LEU F 62 -8.67 1.17 79.18
N PRO F 63 -9.02 0.80 80.42
CA PRO F 63 -8.30 -0.27 81.13
C PRO F 63 -8.48 -1.63 80.50
N ALA F 64 -7.42 -2.43 80.51
CA ALA F 64 -7.50 -3.74 79.88
C ALA F 64 -8.48 -4.68 80.54
N SER F 65 -8.53 -4.67 81.86
CA SER F 65 -9.41 -5.58 82.56
C SER F 65 -10.85 -5.30 82.21
N VAL F 66 -11.20 -4.03 82.08
CA VAL F 66 -12.56 -3.67 81.69
C VAL F 66 -12.92 -4.19 80.29
N THR F 67 -11.97 -4.18 79.37
CA THR F 67 -12.25 -4.62 78.02
C THR F 67 -12.66 -6.08 78.05
N ALA F 68 -11.94 -6.89 78.81
CA ALA F 68 -12.30 -8.30 79.00
C ALA F 68 -13.36 -8.96 78.16
N ASP F 69 -14.61 -8.80 78.55
CA ASP F 69 -15.69 -9.53 77.88
C ASP F 69 -16.33 -8.88 76.68
N LEU F 70 -15.72 -7.83 76.14
CA LEU F 70 -16.35 -7.12 75.05
C LEU F 70 -16.57 -8.04 73.86
N PRO F 71 -17.69 -7.85 73.13
CA PRO F 71 -18.03 -8.74 72.01
C PRO F 71 -17.05 -8.88 70.86
N PRO F 72 -16.77 -10.12 70.43
CA PRO F 72 -15.93 -10.32 69.25
C PRO F 72 -16.75 -10.01 68.03
N GLY F 73 -16.23 -9.28 67.04
CA GLY F 73 -17.05 -8.90 65.89
C GLY F 73 -16.78 -7.50 65.40
N GLU F 74 -17.81 -6.82 64.92
CA GLU F 74 -17.66 -5.45 64.41
C GLU F 74 -18.22 -4.37 65.34
N TRP F 75 -17.48 -3.28 65.54
CA TRP F 75 -17.90 -2.23 66.46
C TRP F 75 -17.85 -0.87 65.79
N THR F 76 -18.67 0.06 66.27
CA THR F 76 -18.70 1.40 65.69
C THR F 76 -18.21 2.50 66.63
N TRP F 77 -17.61 3.55 66.08
CA TRP F 77 -17.07 4.63 66.89
C TRP F 77 -17.75 5.95 66.58
N PHE F 78 -18.43 6.52 67.56
CA PHE F 78 -19.05 7.82 67.34
C PHE F 78 -18.64 8.71 68.54
N ALA F 79 -18.26 9.96 68.29
CA ALA F 79 -17.82 10.84 69.37
C ALA F 79 -18.84 11.93 69.65
N VAL F 80 -19.27 12.05 70.90
CA VAL F 80 -20.30 13.00 71.24
C VAL F 80 -19.91 13.94 72.35
N ALA F 81 -20.20 15.23 72.21
CA ALA F 81 -19.94 16.19 73.28
C ALA F 81 -21.29 16.63 73.76
N VAL F 82 -21.54 16.61 75.06
CA VAL F 82 -22.88 16.92 75.54
C VAL F 82 -22.93 17.88 76.73
N ASP F 83 -23.83 18.86 76.72
CA ASP F 83 -23.99 19.71 77.91
C ASP F 83 -25.44 19.79 78.34
N ALA F 84 -25.70 19.54 79.62
CA ALA F 84 -27.06 19.59 80.15
C ALA F 84 -27.74 20.96 80.10
N THR F 85 -26.99 22.01 80.43
CA THR F 85 -27.56 23.35 80.42
C THR F 85 -27.96 23.63 79.00
N THR F 86 -27.11 23.26 78.06
CA THR F 86 -27.45 23.43 76.65
C THR F 86 -28.55 22.50 76.19
N ASP F 87 -28.77 21.40 76.91
CA ASP F 87 -29.79 20.40 76.53
C ASP F 87 -29.56 19.94 75.12
N ALA F 88 -28.29 19.79 74.77
CA ALA F 88 -27.94 19.41 73.42
C ALA F 88 -26.74 18.51 73.46
N ARG F 89 -26.55 17.71 72.43
CA ARG F 89 -25.38 16.89 72.33
C ARG F 89 -24.86 17.29 70.99
N ALA F 90 -23.60 17.05 70.71
CA ALA F 90 -23.10 17.33 69.38
C ALA F 90 -22.25 16.17 68.88
N VAL F 91 -22.50 15.69 67.68
CA VAL F 91 -21.75 14.55 67.21
C VAL F 91 -20.80 14.96 66.13
N LEU F 92 -19.52 14.71 66.32
CA LEU F 92 -18.53 15.11 65.33
C LEU F 92 -17.76 13.98 64.67
N ALA F 93 -18.03 12.73 65.03
CA ALA F 93 -17.20 11.63 64.51
C ALA F 93 -17.86 10.37 63.96
N GLN F 94 -17.15 9.64 63.11
CA GLN F 94 -17.66 8.38 62.57
C GLN F 94 -16.49 7.42 62.35
N GLY F 95 -16.74 6.11 62.39
CA GLY F 95 -15.69 5.14 62.15
C GLY F 95 -16.15 3.71 62.31
N ARG F 96 -15.26 2.75 62.09
CA ARG F 96 -15.60 1.34 62.27
C ARG F 96 -14.36 0.56 62.69
N VAL F 97 -14.47 -0.22 63.75
CA VAL F 97 -13.33 -0.96 64.25
C VAL F 97 -13.73 -2.39 64.54
N THR F 98 -12.81 -3.33 64.40
CA THR F 98 -13.13 -4.73 64.62
C THR F 98 -12.45 -5.26 65.86
N VAL F 99 -13.16 -6.07 66.63
CA VAL F 99 -12.57 -6.62 67.84
C VAL F 99 -12.11 -8.03 67.59
N ILE F 100 -10.81 -8.26 67.66
CA ILE F 100 -10.23 -9.57 67.45
C ILE F 100 -10.59 -10.42 68.64
N PRO F 101 -10.89 -11.70 68.43
CA PRO F 101 -11.24 -12.46 69.64
C PRO F 101 -10.10 -12.51 70.63
N ASP F 102 -10.39 -12.40 71.92
CA ASP F 102 -9.35 -12.40 72.96
C ASP F 102 -8.25 -13.42 72.68
N PRO F 103 -7.00 -12.96 72.50
CA PRO F 103 -6.03 -13.99 72.15
C PRO F 103 -5.43 -14.73 73.33
N LEU F 104 -5.68 -14.29 74.55
CA LEU F 104 -5.02 -14.93 75.68
C LEU F 104 -5.87 -15.96 76.38
N ALA F 105 -7.05 -16.25 75.84
CA ALA F 105 -7.95 -17.16 76.53
C ALA F 105 -8.98 -17.86 75.68
N GLY F 106 -9.62 -18.90 76.22
CA GLY F 106 -10.71 -19.56 75.53
C GLY F 106 -10.53 -20.96 75.01
N THR F 107 -11.63 -21.72 74.99
CA THR F 107 -11.57 -23.08 74.47
C THR F 107 -11.32 -23.23 72.97
N GLU F 108 -12.05 -22.49 72.12
CA GLU F 108 -11.78 -22.54 70.68
C GLU F 108 -12.21 -21.38 69.82
N ASP F 109 -11.41 -21.03 68.80
CA ASP F 109 -11.80 -20.00 67.84
C ASP F 109 -11.27 -20.54 66.52
N ARG F 110 -12.11 -20.65 65.52
CA ARG F 110 -11.62 -21.10 64.22
C ARG F 110 -11.24 -19.91 63.38
N ARG F 111 -10.90 -20.17 62.14
CA ARG F 111 -10.58 -19.08 61.24
C ARG F 111 -11.85 -18.41 60.75
N THR F 112 -11.70 -17.32 60.01
CA THR F 112 -12.82 -16.59 59.47
C THR F 112 -13.52 -17.52 58.50
N PRO F 113 -14.76 -17.19 58.12
CA PRO F 113 -15.50 -18.14 57.30
C PRO F 113 -14.80 -18.61 56.05
N ALA F 114 -13.90 -17.84 55.47
CA ALA F 114 -13.32 -18.31 54.24
C ALA F 114 -12.63 -19.66 54.45
N ARG F 115 -11.93 -19.82 55.55
CA ARG F 115 -11.31 -21.10 55.82
C ARG F 115 -12.31 -22.23 55.99
N ARG F 116 -13.40 -21.96 56.70
CA ARG F 116 -14.36 -23.01 56.96
C ARG F 116 -14.95 -23.52 55.66
N ILE F 117 -15.32 -22.62 54.77
CA ILE F 117 -15.95 -23.07 53.55
C ILE F 117 -14.96 -23.89 52.78
N LEU F 118 -13.72 -23.43 52.74
CA LEU F 118 -12.72 -24.14 51.97
C LEU F 118 -12.46 -25.52 52.53
N ALA F 119 -12.38 -25.63 53.85
CA ALA F 119 -12.09 -26.90 54.44
C ALA F 119 -13.20 -27.86 54.13
N ALA F 120 -14.43 -27.39 54.23
CA ALA F 120 -15.56 -28.27 53.99
C ALA F 120 -15.57 -28.77 52.57
N ILE F 121 -15.24 -27.91 51.60
CA ILE F 121 -15.31 -28.30 50.20
C ILE F 121 -14.36 -29.45 50.00
N GLU F 122 -13.20 -29.37 50.64
CA GLU F 122 -12.26 -30.46 50.53
C GLU F 122 -12.87 -31.72 51.11
N ALA F 123 -13.57 -31.59 52.23
CA ALA F 123 -14.23 -32.76 52.79
C ALA F 123 -15.32 -33.35 51.91
N THR F 124 -16.20 -32.52 51.36
CA THR F 124 -17.31 -33.06 50.58
C THR F 124 -16.83 -33.71 49.31
N LEU F 125 -15.83 -33.12 48.67
CA LEU F 125 -15.29 -33.68 47.46
C LEU F 125 -14.71 -35.04 47.78
N GLU F 126 -14.11 -35.18 48.95
CA GLU F 126 -13.49 -36.44 49.30
C GLU F 126 -14.51 -37.55 49.30
N GLY F 127 -15.66 -37.28 49.88
CA GLY F 127 -16.70 -38.28 49.91
C GLY F 127 -17.22 -38.67 48.57
N ARG F 128 -17.41 -37.69 47.69
CA ARG F 128 -18.03 -38.01 46.42
C ARG F 128 -17.04 -38.53 45.44
N ALA F 129 -15.77 -38.54 45.83
CA ALA F 129 -14.81 -39.13 44.94
C ALA F 129 -15.12 -40.60 44.81
N THR F 130 -15.41 -41.25 45.93
CA THR F 130 -15.76 -42.65 45.91
C THR F 130 -17.25 -42.67 46.07
N LYS F 131 -17.86 -43.84 46.01
CA LYS F 131 -19.31 -43.95 46.23
C LYS F 131 -20.02 -42.98 45.33
N ASP F 132 -19.59 -42.90 44.08
CA ASP F 132 -20.16 -41.89 43.20
C ASP F 132 -21.63 -42.07 42.99
N ALA F 133 -22.39 -40.99 43.13
CA ALA F 133 -23.83 -41.08 43.00
C ALA F 133 -24.53 -39.77 42.85
N ASP F 134 -25.33 -39.63 41.80
CA ASP F 134 -26.12 -38.43 41.69
C ASP F 134 -27.55 -38.64 42.13
N THR F 135 -27.94 -39.87 42.42
CA THR F 135 -29.28 -40.11 42.96
C THR F 135 -29.36 -41.31 43.90
N TYR F 136 -29.15 -41.11 45.19
CA TYR F 136 -29.18 -42.23 46.11
C TYR F 136 -30.61 -42.53 46.43
N SER F 137 -31.39 -42.95 45.45
CA SER F 137 -32.82 -43.11 45.69
C SER F 137 -33.30 -44.46 46.17
N ILE F 138 -33.64 -44.56 47.44
CA ILE F 138 -34.10 -45.83 47.99
C ILE F 138 -35.47 -45.71 48.59
N GLU F 139 -36.40 -46.52 48.13
CA GLU F 139 -37.77 -46.55 48.65
C GLU F 139 -38.63 -45.29 48.49
N GLY F 140 -38.32 -44.22 49.21
CA GLY F 140 -39.05 -42.99 49.06
C GLY F 140 -38.17 -41.81 49.27
N ARG F 141 -36.86 -42.01 49.31
CA ARG F 141 -35.96 -40.92 49.58
C ARG F 141 -35.01 -40.71 48.43
N SER F 142 -34.89 -39.49 47.92
CA SER F 142 -33.90 -39.23 46.87
C SER F 142 -33.04 -37.98 47.12
N ILE F 143 -31.76 -38.16 47.37
CA ILE F 143 -30.88 -37.03 47.59
C ILE F 143 -30.45 -36.08 46.47
N THR F 144 -30.08 -36.58 45.29
CA THR F 144 -29.66 -35.73 44.16
C THR F 144 -28.54 -34.64 44.24
N ARG F 145 -27.32 -34.96 44.69
CA ARG F 145 -26.20 -33.99 44.83
C ARG F 145 -25.90 -32.85 43.83
N THR F 146 -25.14 -31.81 44.24
CA THR F 146 -24.82 -30.68 43.38
C THR F 146 -23.80 -31.06 42.37
N PRO F 147 -23.95 -30.53 41.16
CA PRO F 147 -23.04 -31.00 40.12
C PRO F 147 -21.58 -30.75 40.43
N LEU F 148 -20.73 -31.69 40.05
CA LEU F 148 -19.30 -31.58 40.34
C LEU F 148 -18.68 -30.34 39.72
N PRO F 149 -19.09 -29.96 38.50
CA PRO F 149 -18.49 -28.71 38.02
C PRO F 149 -18.81 -27.56 38.97
N ASP F 150 -20.02 -27.51 39.51
CA ASP F 150 -20.39 -26.42 40.39
C ASP F 150 -19.55 -26.35 41.65
N LEU F 151 -19.28 -27.50 42.26
CA LEU F 151 -18.54 -27.50 43.51
C LEU F 151 -17.17 -26.93 43.26
N LEU F 152 -16.59 -27.27 42.13
CA LEU F 152 -15.25 -26.82 41.84
C LEU F 152 -15.19 -25.31 41.80
N ARG F 153 -16.20 -24.67 41.23
CA ARG F 153 -16.14 -23.22 41.10
C ARG F 153 -16.09 -22.57 42.46
N LEU F 154 -16.85 -23.11 43.41
CA LEU F 154 -16.87 -22.53 44.74
C LEU F 154 -15.50 -22.61 45.34
N ARG F 155 -14.81 -23.71 45.12
CA ARG F 155 -13.53 -23.87 45.75
C ARG F 155 -12.60 -22.78 45.30
N ALA F 156 -12.59 -22.50 44.01
CA ALA F 156 -11.65 -21.52 43.52
C ALA F 156 -11.91 -20.14 44.07
N VAL F 157 -13.17 -19.73 44.11
CA VAL F 157 -13.43 -18.36 44.54
C VAL F 157 -12.98 -18.21 45.96
N TYR F 158 -13.35 -19.17 46.80
CA TYR F 158 -13.00 -19.06 48.19
C TYR F 158 -11.51 -19.11 48.40
N ALA F 159 -10.80 -19.95 47.65
CA ALA F 159 -9.37 -20.09 47.87
C ALA F 159 -8.70 -18.79 47.64
N GLU F 160 -9.16 -18.05 46.65
CA GLU F 160 -8.57 -16.76 46.39
C GLU F 160 -8.74 -15.84 47.58
N GLN F 161 -9.91 -15.85 48.21
CA GLN F 161 -10.09 -14.93 49.32
C GLN F 161 -9.14 -15.28 50.43
N VAL F 162 -8.94 -16.57 50.70
CA VAL F 162 -8.09 -16.89 51.82
C VAL F 162 -6.71 -16.36 51.50
N ALA F 163 -6.33 -16.46 50.25
CA ALA F 163 -5.03 -15.95 49.86
C ALA F 163 -4.97 -14.46 50.06
N ARG F 164 -6.04 -13.74 49.72
CA ARG F 164 -6.00 -12.29 49.85
C ARG F 164 -5.84 -11.86 51.27
N GLU F 165 -6.57 -12.50 52.19
CA GLU F 165 -6.51 -12.12 53.59
C GLU F 165 -5.13 -12.39 54.15
N THR F 166 -4.57 -13.55 53.82
CA THR F 166 -3.24 -13.88 54.28
C THR F 166 -2.27 -12.87 53.67
N GLY F 167 -2.53 -12.45 52.45
CA GLY F 167 -1.62 -11.54 51.77
C GLY F 167 -0.65 -12.22 50.84
N ARG F 168 -0.81 -13.52 50.61
CA ARG F 168 0.05 -14.24 49.70
C ARG F 168 -0.59 -14.27 48.32
N SER F 169 -1.67 -13.51 48.13
CA SER F 169 -2.42 -13.48 46.86
C SER F 169 -1.78 -13.00 45.56
N PRO F 170 -0.71 -12.19 45.64
CA PRO F 170 -0.21 -11.72 44.35
C PRO F 170 0.04 -12.85 43.38
N TYR F 171 -0.35 -12.64 42.13
CA TYR F 171 -0.22 -13.70 41.15
C TYR F 171 1.22 -14.14 41.02
N ARG F 172 1.45 -15.44 40.95
CA ARG F 172 2.81 -15.97 40.94
C ARG F 172 3.69 -15.62 39.75
N GLN F 173 4.99 -15.54 39.97
CA GLN F 173 5.92 -15.18 38.89
C GLN F 173 7.12 -16.11 38.83
N ARG F 174 7.38 -16.72 37.67
CA ARG F 174 8.55 -17.57 37.51
C ARG F 174 9.53 -16.88 36.61
N ARG F 175 10.77 -16.69 37.04
CA ARG F 175 11.70 -15.94 36.23
C ARG F 175 12.53 -16.90 35.43
N VAL F 176 12.56 -16.75 34.10
CA VAL F 176 13.27 -17.73 33.31
C VAL F 176 14.70 -17.67 33.70
N SER F 177 15.26 -16.47 33.73
CA SER F 177 16.64 -16.31 34.21
C SER F 177 17.55 -17.36 33.60
N PHE F 178 17.45 -17.58 32.30
CA PHE F 178 18.23 -18.61 31.66
C PHE F 178 18.28 -19.87 32.49
N TYR G 32 -17.77 40.75 15.14
CA TYR G 32 -18.23 41.59 16.23
C TYR G 32 -18.49 40.76 17.48
N ARG G 33 -19.56 39.99 17.47
CA ARG G 33 -19.88 39.14 18.60
C ARG G 33 -19.30 37.75 18.37
N ALA G 34 -17.99 37.68 18.49
CA ALA G 34 -17.29 36.43 18.25
C ALA G 34 -16.76 35.89 19.56
N ALA G 35 -16.15 36.78 20.34
CA ALA G 35 -15.55 36.35 21.59
C ALA G 35 -16.23 36.96 22.81
N LYS G 36 -17.44 37.52 22.63
CA LYS G 36 -18.14 38.35 23.60
C LYS G 36 -18.32 37.73 24.99
N SER G 37 -18.37 36.40 25.07
CA SER G 37 -18.58 35.72 26.34
C SER G 37 -18.18 34.25 26.23
N ASP G 38 -18.56 33.50 27.25
CA ASP G 38 -18.03 32.14 27.47
C ASP G 38 -19.17 31.12 27.49
N ARG G 39 -20.06 31.16 26.51
CA ARG G 39 -21.29 30.38 26.49
C ARG G 39 -21.00 28.88 26.48
N ILE G 40 -20.31 28.37 25.46
CA ILE G 40 -19.95 26.97 25.44
C ILE G 40 -18.49 26.79 25.07
N ALA G 41 -17.86 27.84 24.55
CA ALA G 41 -16.51 27.76 24.03
C ALA G 41 -15.66 28.97 24.42
N GLY G 42 -15.64 29.34 25.69
CA GLY G 42 -14.94 30.54 26.06
C GLY G 42 -14.09 30.39 27.29
N GLY G 43 -14.09 31.43 28.12
CA GLY G 43 -13.23 31.54 29.29
C GLY G 43 -12.56 32.89 29.30
N PHE G 44 -13.07 33.83 28.51
CA PHE G 44 -12.38 35.07 28.17
C PHE G 44 -12.50 36.14 29.26
N GLY G 45 -12.28 35.76 30.50
CA GLY G 45 -12.56 36.65 31.61
C GLY G 45 -14.02 37.10 31.62
N VAL G 46 -14.27 38.26 32.24
CA VAL G 46 -15.61 38.82 32.25
C VAL G 46 -15.45 40.28 31.90
N PHE G 47 -14.40 40.91 32.42
CA PHE G 47 -14.14 42.32 32.12
C PHE G 47 -12.66 42.52 31.83
N PRO G 48 -12.32 43.53 31.01
CA PRO G 48 -10.90 43.80 30.76
C PRO G 48 -10.17 44.21 32.04
N THR G 49 -8.94 43.74 32.20
CA THR G 49 -8.18 44.05 33.42
C THR G 49 -6.77 44.53 33.08
N THR G 50 -6.19 45.31 33.99
CA THR G 50 -4.84 45.83 33.76
C THR G 50 -3.79 44.71 33.68
N PRO G 51 -3.02 44.61 32.56
CA PRO G 51 -2.03 43.55 32.55
C PRO G 51 -1.09 43.73 33.70
N ARG G 52 -0.92 44.92 34.27
CA ARG G 52 0.03 45.13 35.35
C ARG G 52 -0.09 44.16 36.54
N ASP G 53 -1.18 44.21 37.28
CA ASP G 53 -1.28 43.38 38.51
C ASP G 53 -1.21 41.92 38.17
N GLU G 54 -1.92 41.59 37.10
CA GLU G 54 -1.90 40.22 36.65
C GLU G 54 -0.46 39.98 36.35
N LEU G 55 0.20 40.92 35.66
CA LEU G 55 1.58 40.68 35.25
C LEU G 55 2.44 40.46 36.45
N ARG G 56 2.35 41.27 37.50
CA ARG G 56 3.25 41.05 38.62
C ARG G 56 3.03 39.70 39.30
N ARG G 57 1.77 39.34 39.54
CA ARG G 57 1.61 38.06 40.26
C ARG G 57 2.13 36.96 39.38
N GLU G 58 1.79 37.07 38.11
CA GLU G 58 2.14 36.03 37.18
C GLU G 58 3.63 35.88 37.17
N ILE G 59 4.37 36.97 37.10
CA ILE G 59 5.82 36.91 37.04
C ILE G 59 6.45 36.39 38.30
N ARG G 60 5.98 36.74 39.49
CA ARG G 60 6.66 36.13 40.64
C ARG G 60 6.47 34.61 40.56
N GLY G 61 5.22 34.23 40.26
CA GLY G 61 4.96 32.79 40.26
C GLY G 61 5.80 32.13 39.21
N LEU G 62 5.93 32.75 38.04
CA LEU G 62 6.64 32.21 36.91
C LEU G 62 8.13 32.20 37.04
N VAL G 63 8.71 33.14 37.76
CA VAL G 63 10.14 33.06 37.89
C VAL G 63 10.26 31.79 38.68
N GLY G 64 9.42 31.66 39.72
CA GLY G 64 9.64 30.42 40.45
C GLY G 64 9.48 29.22 39.53
N HIS G 65 8.45 29.22 38.69
CA HIS G 65 8.16 28.07 37.83
C HIS G 65 9.22 27.73 36.79
N SER G 66 9.77 28.74 36.14
CA SER G 66 10.78 28.56 35.11
C SER G 66 12.01 28.03 35.77
N ARG G 67 12.28 28.55 36.96
CA ARG G 67 13.42 27.98 37.64
C ARG G 67 13.23 26.49 37.66
N HIS G 68 12.02 26.01 37.90
CA HIS G 68 11.86 24.58 38.09
C HIS G 68 11.95 23.87 36.75
N ALA G 69 11.29 24.39 35.73
CA ALA G 69 11.26 23.70 34.45
C ALA G 69 12.59 23.58 33.79
N ALA G 70 13.34 24.66 33.80
CA ALA G 70 14.59 24.63 33.09
C ALA G 70 15.40 23.59 33.78
N GLN G 71 15.37 23.58 35.10
CA GLN G 71 16.21 22.56 35.69
C GLN G 71 15.77 21.11 35.51
N ASN G 72 14.49 20.84 35.58
CA ASN G 72 14.08 19.43 35.55
C ASN G 72 13.54 18.80 34.28
N PHE G 73 13.02 19.59 33.35
CA PHE G 73 12.34 19.02 32.17
C PHE G 73 13.21 18.77 30.99
N ASP G 74 12.90 19.39 29.89
CA ASP G 74 13.82 19.43 28.76
C ASP G 74 13.35 20.50 27.84
N TYR G 75 13.92 20.59 26.65
CA TYR G 75 13.52 21.58 25.64
C TYR G 75 13.78 23.01 26.06
N ALA G 76 13.50 23.35 27.30
CA ALA G 76 13.76 24.68 27.76
C ALA G 76 15.23 24.79 28.09
N ARG G 77 15.81 23.73 28.62
CA ARG G 77 17.23 23.78 28.87
C ARG G 77 17.79 24.11 27.53
N ALA G 78 17.12 23.64 26.49
CA ALA G 78 17.62 23.86 25.14
C ALA G 78 17.41 25.29 24.73
N TYR G 79 16.24 25.84 25.05
CA TYR G 79 16.04 27.23 24.74
C TYR G 79 17.16 28.01 25.38
N GLU G 80 17.37 27.80 26.67
CA GLU G 80 18.39 28.54 27.37
C GLU G 80 19.69 28.45 26.62
N MET G 81 20.06 27.25 26.19
CA MET G 81 21.36 27.12 25.56
C MET G 81 21.32 27.88 24.28
N LEU G 82 20.22 27.73 23.56
CA LEU G 82 20.13 28.37 22.28
C LEU G 82 20.24 29.85 22.40
N THR G 83 19.52 30.41 23.36
CA THR G 83 19.49 31.85 23.45
C THR G 83 20.86 32.29 23.72
N ARG G 84 21.48 31.65 24.70
CA ARG G 84 22.75 32.20 25.06
C ARG G 84 23.66 32.18 23.90
N ARG G 85 23.78 31.04 23.25
CA ARG G 85 24.81 31.04 22.22
C ARG G 85 24.53 32.00 21.12
N HIS G 86 23.32 31.96 20.60
CA HIS G 86 23.06 32.79 19.44
C HIS G 86 23.20 34.26 19.73
N VAL G 87 22.78 34.68 20.92
CA VAL G 87 22.78 36.11 21.18
C VAL G 87 24.08 36.66 21.78
N ILE G 88 24.93 35.77 22.27
CA ILE G 88 26.11 36.28 22.95
C ILE G 88 27.34 36.53 22.13
N GLY G 89 28.08 35.50 21.78
CA GLY G 89 29.35 35.73 21.13
C GLY G 89 30.44 34.73 21.41
N PHE G 90 31.02 34.22 20.33
CA PHE G 90 32.38 33.69 20.41
C PHE G 90 33.34 34.81 20.74
N ASN G 91 33.17 35.97 20.11
CA ASN G 91 33.93 37.16 20.41
C ASN G 91 33.18 38.08 21.36
N GLY G 92 32.06 37.63 21.90
CA GLY G 92 31.23 38.45 22.76
C GLY G 92 30.54 39.51 21.94
N ILE G 93 30.38 40.69 22.52
CA ILE G 93 29.97 41.90 21.81
C ILE G 93 31.08 42.92 21.96
N ARG G 94 31.67 43.36 20.85
CA ARG G 94 32.81 44.26 20.96
C ARG G 94 32.42 45.73 20.83
N LEU G 95 33.37 46.62 21.12
CA LEU G 95 33.07 48.06 21.07
C LEU G 95 33.93 48.83 20.07
N GLN G 96 33.30 49.60 19.20
CA GLN G 96 34.05 50.44 18.27
C GLN G 96 33.50 51.84 18.49
N MET G 97 34.37 52.82 18.68
CA MET G 97 33.90 54.17 18.97
C MET G 97 34.45 55.14 17.95
N ASP G 98 33.58 56.00 17.43
CA ASP G 98 34.02 56.95 16.43
C ASP G 98 34.07 58.32 17.04
N VAL G 99 35.23 58.96 16.99
CA VAL G 99 35.38 60.24 17.65
C VAL G 99 34.47 61.28 17.04
N ARG G 100 34.50 61.42 15.72
CA ARG G 100 33.60 62.36 15.06
C ARG G 100 33.26 61.87 13.69
N ASP G 101 32.94 62.79 12.77
CA ASP G 101 32.77 62.44 11.37
C ASP G 101 33.89 61.53 10.88
N PRO G 102 33.57 60.35 10.36
CA PRO G 102 34.64 59.37 10.05
C PRO G 102 35.39 59.63 8.75
N GLY G 103 35.17 60.78 8.10
CA GLY G 103 35.99 61.10 6.94
C GLY G 103 37.41 61.45 7.32
N GLY G 104 37.60 62.56 8.01
CA GLY G 104 38.90 62.92 8.56
C GLY G 104 38.77 63.44 9.97
N LYS G 105 37.54 63.70 10.40
CA LYS G 105 37.29 64.30 11.69
C LYS G 105 37.28 63.28 12.83
N LYS G 106 37.09 62.00 12.52
CA LYS G 106 37.32 60.93 13.48
C LYS G 106 38.79 60.53 13.38
N ASP G 107 39.42 60.28 14.52
CA ASP G 107 40.82 59.85 14.54
C ASP G 107 40.97 58.54 15.30
N VAL G 108 41.99 57.77 14.94
CA VAL G 108 42.13 56.45 15.53
C VAL G 108 42.79 56.41 16.89
N ALA G 109 43.51 57.45 17.29
CA ALA G 109 44.24 57.35 18.56
C ALA G 109 43.31 57.16 19.76
N ALA G 110 42.28 57.98 19.82
CA ALA G 110 41.35 57.89 20.94
C ALA G 110 40.66 56.56 20.90
N GLY G 111 40.33 56.12 19.69
CA GLY G 111 39.63 54.86 19.57
C GLY G 111 40.47 53.73 20.11
N ALA G 112 41.73 53.72 19.73
CA ALA G 112 42.58 52.64 20.15
C ALA G 112 42.65 52.69 21.63
N GLN G 113 42.85 53.87 22.19
CA GLN G 113 43.04 53.88 23.64
C GLN G 113 41.81 53.34 24.35
N ILE G 114 40.64 53.80 23.96
CA ILE G 114 39.45 53.36 24.68
C ILE G 114 39.23 51.86 24.54
N GLU G 115 39.41 51.36 23.32
CA GLU G 115 39.12 49.95 23.10
C GLU G 115 40.06 49.15 23.93
N SER G 116 41.31 49.57 23.93
CA SER G 116 42.31 48.80 24.62
C SER G 116 41.94 48.76 26.07
N ALA G 117 41.59 49.90 26.63
CA ALA G 117 41.32 49.90 28.05
C ALA G 117 40.15 49.01 28.39
N TRP G 118 39.08 49.09 27.61
CA TRP G 118 37.91 48.29 27.98
C TRP G 118 38.26 46.82 27.93
N ALA G 119 38.90 46.44 26.85
CA ALA G 119 39.15 45.02 26.70
C ALA G 119 40.06 44.56 27.80
N ARG G 120 41.07 45.34 28.15
CA ARG G 120 41.95 44.97 29.28
C ARG G 120 41.23 44.41 30.52
N TRP G 121 40.42 45.24 31.17
CA TRP G 121 39.69 44.80 32.36
C TRP G 121 38.66 43.72 32.03
N GLY G 122 38.18 43.69 30.79
CA GLY G 122 37.27 42.64 30.37
C GLY G 122 37.95 41.29 30.49
N LYS G 123 39.25 41.24 30.20
CA LYS G 123 40.02 40.00 30.34
C LYS G 123 40.17 39.65 31.81
N MET G 124 40.52 38.39 32.12
CA MET G 124 40.53 37.97 33.53
C MET G 124 41.40 38.88 34.39
N LYS G 125 40.80 39.40 35.46
CA LYS G 125 41.51 40.34 36.33
C LYS G 125 40.76 40.49 37.64
N ASN G 126 41.39 41.09 38.64
CA ASN G 126 40.69 41.39 39.89
C ASN G 126 39.58 42.42 39.66
N SER G 127 39.81 43.37 38.77
CA SER G 127 38.86 44.47 38.54
C SER G 127 37.42 44.22 38.05
N PRO G 128 37.18 43.24 37.16
CA PRO G 128 35.80 43.11 36.66
C PRO G 128 34.68 42.82 37.66
N THR G 129 34.88 41.99 38.68
CA THR G 129 33.78 41.63 39.59
C THR G 129 34.16 41.47 41.07
N PRO G 130 33.20 41.70 42.03
CA PRO G 130 33.56 41.34 43.41
C PRO G 130 33.71 39.85 43.64
N CYS G 131 33.30 39.06 42.64
CA CYS G 131 33.87 37.73 42.42
C CYS G 131 35.25 37.87 41.78
N GLY G 132 35.58 36.97 40.88
CA GLY G 132 36.95 36.73 40.50
C GLY G 132 37.15 35.37 39.91
N ARG G 133 36.07 34.62 39.72
CA ARG G 133 36.04 33.51 38.78
C ARG G 133 35.49 33.93 37.42
N LEU G 134 35.22 35.23 37.22
CA LEU G 134 34.49 35.67 36.04
C LEU G 134 35.23 36.73 35.25
N SER G 135 34.53 37.26 34.24
CA SER G 135 35.11 38.26 33.36
C SER G 135 33.94 38.91 32.62
N TRP G 136 34.22 39.83 31.71
CA TRP G 136 33.15 40.54 30.99
C TRP G 136 32.31 39.68 30.09
N TRP G 137 32.96 38.75 29.43
CA TRP G 137 32.25 37.87 28.54
C TRP G 137 31.28 37.11 29.39
N GLY G 138 31.78 36.68 30.55
CA GLY G 138 30.95 35.89 31.41
C GLY G 138 29.79 36.75 31.82
N VAL G 139 30.02 37.98 32.21
CA VAL G 139 28.87 38.73 32.64
C VAL G 139 27.87 38.87 31.52
N GLU G 140 28.27 39.13 30.29
CA GLU G 140 27.22 39.27 29.27
C GLU G 140 26.45 37.99 29.11
N CYS G 141 27.15 36.88 29.03
CA CYS G 141 26.43 35.63 28.76
C CYS G 141 25.45 35.39 29.88
N GLN G 142 25.91 35.60 31.08
CA GLN G 142 25.04 35.31 32.18
C GLN G 142 23.86 36.20 32.31
N VAL G 143 24.07 37.48 32.07
CA VAL G 143 22.99 38.39 32.21
C VAL G 143 21.99 37.96 31.17
N ALA G 144 22.42 37.58 29.98
CA ALA G 144 21.47 37.10 28.99
C ALA G 144 20.71 35.82 29.32
N THR G 145 21.37 34.85 29.93
CA THR G 145 20.65 33.65 30.33
C THR G 145 19.63 34.02 31.33
N GLY G 146 20.02 34.91 32.23
CA GLY G 146 19.13 35.26 33.32
C GLY G 146 17.96 35.90 32.66
N ILE G 147 18.25 36.69 31.65
CA ILE G 147 17.21 37.39 30.98
C ILE G 147 16.27 36.42 30.39
N ALA G 148 16.70 35.44 29.64
CA ALA G 148 15.63 34.63 29.08
C ALA G 148 14.83 34.08 30.25
N ARG G 149 15.40 33.14 30.99
CA ARG G 149 14.66 32.45 32.07
C ARG G 149 13.81 33.31 33.01
N GLU G 150 14.30 34.46 33.43
CA GLU G 150 13.54 35.24 34.39
C GLU G 150 12.92 36.47 33.81
N GLY G 151 12.95 36.61 32.49
CA GLY G 151 12.45 37.83 31.88
C GLY G 151 13.17 39.08 32.33
N GLY G 152 14.49 39.01 32.45
CA GLY G 152 15.28 40.17 32.84
C GLY G 152 15.95 40.10 34.19
N SER G 153 17.07 40.80 34.31
CA SER G 153 17.83 40.76 35.54
C SER G 153 18.60 42.03 35.68
N PHE G 154 19.19 42.27 36.84
CA PHE G 154 19.84 43.55 37.07
C PHE G 154 21.29 43.44 37.47
N VAL G 155 22.05 44.49 37.22
CA VAL G 155 23.45 44.50 37.64
C VAL G 155 23.71 45.79 38.40
N ARG G 156 24.66 45.76 39.33
CA ARG G 156 24.95 46.95 40.09
C ARG G 156 26.42 47.27 40.09
N ILE G 157 26.75 48.56 40.13
CA ILE G 157 28.14 48.97 40.06
C ILE G 157 28.67 49.52 41.38
N HIS G 158 29.90 49.18 41.73
CA HIS G 158 30.49 49.66 42.98
C HIS G 158 31.75 50.47 42.67
N GLN G 159 31.97 51.56 43.38
CA GLN G 159 33.21 52.29 43.16
C GLN G 159 34.03 52.49 44.43
N GLY G 160 35.37 52.56 44.33
CA GLY G 160 36.21 52.76 45.51
C GLY G 160 36.91 51.50 46.01
N THR G 161 36.16 50.45 46.36
CA THR G 161 36.77 49.18 46.74
C THR G 161 37.49 48.57 45.57
N ASN G 162 36.86 48.52 44.39
CA ASN G 162 37.45 47.95 43.15
C ASN G 162 37.82 46.48 43.24
N PHE G 213 41.29 51.09 40.41
CA PHE G 213 40.21 51.13 39.44
C PHE G 213 38.87 51.34 40.13
N GLY G 214 37.79 50.85 39.54
CA GLY G 214 36.47 51.03 40.11
C GLY G 214 35.40 50.58 39.15
N PHE G 215 34.14 50.87 39.46
CA PHE G 215 33.02 50.51 38.58
C PHE G 215 32.92 49.02 38.30
N GLN G 216 33.22 48.18 39.28
CA GLN G 216 33.06 46.74 39.09
C GLN G 216 31.58 46.42 39.05
N VAL G 217 31.18 45.49 38.18
CA VAL G 217 29.77 45.19 38.05
C VAL G 217 29.43 43.82 38.61
N GLU G 218 28.44 43.76 39.48
CA GLU G 218 28.04 42.49 40.08
C GLU G 218 26.58 42.15 39.76
N PRO G 219 26.31 40.90 39.26
CA PRO G 219 24.87 40.66 39.05
C PRO G 219 24.19 40.17 40.31
N ILE G 220 22.94 40.56 40.48
CA ILE G 220 22.20 40.17 41.66
C ILE G 220 21.03 39.31 41.25
N PRO G 221 20.74 38.26 42.02
CA PRO G 221 19.66 37.35 41.64
C PRO G 221 18.30 38.02 41.61
N PHE G 222 17.42 37.58 40.72
CA PHE G 222 16.10 38.20 40.59
C PHE G 222 15.26 38.10 41.83
N ASP G 223 15.35 36.98 42.54
CA ASP G 223 14.47 36.77 43.69
C ASP G 223 14.67 37.78 44.80
N LEU G 224 15.80 38.47 44.80
CA LEU G 224 16.09 39.44 45.84
C LEU G 224 15.03 40.55 45.91
N LEU G 225 14.42 40.92 44.78
CA LEU G 225 13.45 42.00 44.77
C LEU G 225 12.22 41.74 45.65
N ASP G 226 11.76 42.77 46.36
CA ASP G 226 10.61 42.64 47.27
C ASP G 226 9.29 42.94 46.58
N LEU G 227 8.49 41.92 46.34
CA LEU G 227 7.24 42.16 45.64
C LEU G 227 6.20 42.84 46.54
N ASP G 228 6.38 42.70 47.84
CA ASP G 228 5.37 43.19 48.78
C ASP G 228 5.33 44.67 49.09
N LEU G 229 6.46 45.35 48.96
CA LEU G 229 6.47 46.74 49.36
C LEU G 229 5.51 47.47 48.44
N THR G 230 4.56 48.18 49.04
CA THR G 230 3.53 48.87 48.28
C THR G 230 3.03 50.01 49.15
N GLY G 231 2.16 50.85 48.62
CA GLY G 231 1.58 51.92 49.41
C GLY G 231 2.31 53.23 49.20
N PRO G 232 1.59 54.29 48.79
CA PRO G 232 2.21 55.58 48.51
C PRO G 232 2.49 56.40 49.77
N THR G 233 3.45 57.32 49.69
CA THR G 233 3.71 58.20 50.82
C THR G 233 2.86 59.48 50.65
N PRO G 234 2.55 60.23 51.76
CA PRO G 234 1.71 61.40 51.48
C PRO G 234 2.39 62.35 50.51
N GLY G 235 3.70 62.56 50.65
CA GLY G 235 4.42 63.41 49.73
C GLY G 235 5.08 62.66 48.59
N GLY G 236 4.87 61.35 48.52
CA GLY G 236 5.56 60.55 47.51
C GLY G 236 4.73 59.57 46.70
N GLY G 237 5.25 59.19 45.53
CA GLY G 237 4.55 58.25 44.68
C GLY G 237 4.61 56.79 45.12
N PHE G 238 3.86 55.91 44.47
CA PHE G 238 3.78 54.50 44.86
C PHE G 238 5.09 53.71 44.84
N VAL G 239 5.26 52.80 45.80
CA VAL G 239 6.47 51.97 45.85
C VAL G 239 6.19 50.50 45.49
N GLU G 240 5.04 50.23 44.89
CA GLU G 240 4.65 48.86 44.46
C GLU G 240 5.72 48.02 43.73
N SER G 241 5.70 46.70 43.92
CA SER G 241 6.67 45.83 43.30
C SER G 241 8.07 46.36 43.43
N GLY G 242 8.34 46.98 44.56
CA GLY G 242 9.69 47.46 44.80
C GLY G 242 10.22 48.48 43.85
N VAL G 243 9.35 49.31 43.27
CA VAL G 243 9.87 50.38 42.43
C VAL G 243 9.46 51.72 43.02
N GLU G 244 10.42 52.60 43.18
CA GLU G 244 10.09 53.88 43.81
C GLU G 244 9.78 54.86 42.73
N PHE G 245 8.51 55.18 42.59
CA PHE G 245 8.13 56.19 41.62
C PHE G 245 8.34 57.55 42.24
N ASP G 246 8.34 58.59 41.43
CA ASP G 246 8.50 59.94 41.94
C ASP G 246 7.24 60.76 41.83
N ALA G 247 7.31 62.03 42.17
CA ALA G 247 6.19 62.93 41.92
C ALA G 247 5.90 63.12 40.44
N THR G 248 6.91 62.96 39.59
CA THR G 248 6.74 62.93 38.15
C THR G 248 6.31 61.54 37.69
N ASP G 249 6.26 60.58 38.64
CA ASP G 249 6.10 59.14 38.41
C ASP G 249 7.21 58.63 37.49
N ARG G 250 8.42 59.10 37.78
CA ARG G 250 9.65 58.72 37.11
C ARG G 250 10.42 57.79 38.03
N VAL G 251 11.24 56.93 37.43
CA VAL G 251 11.99 55.95 38.22
C VAL G 251 13.17 56.63 38.88
N VAL G 252 13.31 56.41 40.19
CA VAL G 252 14.43 57.00 40.93
C VAL G 252 15.06 55.99 41.87
N ALA G 253 14.26 55.13 42.48
CA ALA G 253 14.87 54.14 43.32
C ALA G 253 14.33 52.75 43.17
N TYR G 254 15.09 51.77 43.64
CA TYR G 254 14.65 50.41 43.60
C TYR G 254 14.70 49.90 45.01
N HIS G 255 13.91 48.89 45.31
CA HIS G 255 13.85 48.40 46.66
C HIS G 255 14.06 46.90 46.73
N MET G 256 15.31 46.46 46.59
CA MET G 256 15.60 45.03 46.71
C MET G 256 15.39 44.66 48.16
N TRP G 257 15.16 43.37 48.41
CA TRP G 257 15.07 42.90 49.79
C TRP G 257 16.32 43.17 50.44
N SER G 258 17.23 42.27 50.30
CA SER G 258 18.40 42.50 51.04
C SER G 258 19.47 41.70 50.56
N ALA G 259 20.54 41.75 51.28
CA ALA G 259 21.62 40.93 50.92
C ALA G 259 21.23 39.54 51.13
N ALA G 260 20.45 39.33 52.15
CA ALA G 260 20.15 37.99 52.43
C ALA G 260 19.45 37.42 51.25
N ALA G 269 22.03 40.77 56.41
CA ALA G 269 20.71 40.24 56.67
C ALA G 269 19.80 41.41 56.82
N ARG G 270 20.35 42.60 56.76
CA ARG G 270 19.50 43.70 57.02
C ARG G 270 18.77 43.84 55.82
N ARG G 271 17.49 43.72 55.96
CA ARG G 271 16.73 43.76 54.79
C ARG G 271 16.46 45.17 54.32
N ARG G 272 15.78 45.30 53.20
CA ARG G 272 15.42 46.58 52.65
C ARG G 272 16.51 47.56 52.36
N LEU G 273 16.92 47.73 51.08
CA LEU G 273 17.86 48.78 50.79
C LEU G 273 17.35 49.54 49.63
N ARG G 274 17.08 50.81 49.83
CA ARG G 274 16.68 51.62 48.70
C ARG G 274 17.97 51.73 47.94
N ILE G 275 17.95 51.46 46.65
CA ILE G 275 19.16 51.63 45.88
C ILE G 275 18.90 52.62 44.78
N PRO G 276 19.82 53.57 44.60
CA PRO G 276 19.62 54.59 43.58
C PRO G 276 19.59 53.95 42.23
N ALA G 277 18.80 54.50 41.32
CA ALA G 277 18.66 53.90 40.01
C ALA G 277 20.00 53.84 39.32
N ALA G 278 20.86 54.82 39.57
CA ALA G 278 22.11 54.85 38.85
C ALA G 278 22.86 53.56 39.11
N GLN G 279 22.76 53.04 40.31
CA GLN G 279 23.50 51.84 40.62
C GLN G 279 22.84 50.60 40.03
N MET G 280 21.53 50.56 39.96
CA MET G 280 20.89 49.34 39.49
C MET G 280 20.15 49.53 38.18
N LEU G 281 20.53 48.76 37.16
CA LEU G 281 19.90 48.87 35.87
C LEU G 281 19.22 47.57 35.51
N TYR G 282 17.94 47.64 35.13
CA TYR G 282 17.19 46.44 34.83
C TYR G 282 16.92 46.39 33.35
N VAL G 283 17.39 45.34 32.68
CA VAL G 283 17.11 45.19 31.26
C VAL G 283 15.71 44.62 31.19
N LEU G 284 14.94 44.97 30.17
CA LEU G 284 13.53 44.54 30.16
C LEU G 284 12.85 43.87 28.97
N VAL G 285 13.52 43.63 27.85
CA VAL G 285 12.85 43.09 26.64
C VAL G 285 11.37 43.55 26.48
N PRO G 286 11.11 44.81 26.04
CA PRO G 286 9.72 45.25 26.00
C PRO G 286 8.78 44.52 25.09
N GLU G 287 7.60 44.20 25.58
CA GLU G 287 6.59 43.58 24.75
C GLU G 287 5.42 44.52 24.79
N GLU G 288 4.48 44.27 25.69
CA GLU G 288 3.40 45.22 25.85
C GLU G 288 4.05 46.35 26.58
N ILE G 289 3.76 47.58 26.20
CA ILE G 289 4.46 48.70 26.82
C ILE G 289 4.19 48.96 28.30
N GLY G 290 2.94 48.84 28.75
CA GLY G 290 2.66 49.23 30.12
C GLY G 290 3.02 48.18 31.15
N GLN G 291 4.30 47.97 31.34
CA GLN G 291 4.74 47.04 32.35
C GLN G 291 5.91 47.55 33.16
N ALA G 292 6.00 47.15 34.41
CA ALA G 292 7.15 47.51 35.20
C ALA G 292 8.11 46.35 35.28
N LEU G 293 7.80 45.26 34.57
CA LEU G 293 8.62 44.06 34.67
C LEU G 293 8.52 43.17 33.46
N GLY G 294 9.45 42.22 33.32
CA GLY G 294 9.35 41.29 32.20
C GLY G 294 9.14 39.81 32.49
N VAL G 295 8.18 39.21 31.78
CA VAL G 295 7.83 37.82 32.00
C VAL G 295 8.85 36.85 31.44
N PRO G 296 8.95 35.65 32.03
CA PRO G 296 9.85 34.67 31.43
C PRO G 296 9.37 34.37 30.04
N ARG G 297 10.27 34.35 29.06
CA ARG G 297 9.87 34.14 27.67
C ARG G 297 9.41 32.71 27.44
N SER G 298 9.55 31.87 28.44
CA SER G 298 9.17 30.46 28.30
C SER G 298 7.76 30.20 28.79
N ALA G 299 7.03 31.25 29.16
CA ALA G 299 5.70 31.06 29.75
C ALA G 299 4.69 30.34 28.87
N THR G 300 4.68 30.64 27.57
CA THR G 300 3.70 30.03 26.68
C THR G 300 3.85 28.53 26.59
N ALA G 301 5.09 28.05 26.52
CA ALA G 301 5.34 26.61 26.42
C ALA G 301 5.57 25.94 27.77
N LEU G 302 5.57 26.70 28.85
CA LEU G 302 5.85 26.13 30.16
C LEU G 302 4.83 25.07 30.53
N ARG G 303 3.57 25.34 30.25
CA ARG G 303 2.52 24.38 30.54
C ARG G 303 2.67 23.15 29.65
N LEU G 304 2.83 23.36 28.35
CA LEU G 304 2.90 22.21 27.42
C LEU G 304 4.08 21.27 27.73
N MET G 305 5.25 21.82 28.05
CA MET G 305 6.45 21.04 28.34
C MET G 305 6.34 20.19 29.59
N ASN G 306 5.70 20.70 30.63
CA ASN G 306 5.62 19.92 31.82
C ASN G 306 4.83 18.71 31.43
N LEU G 307 3.73 18.96 30.73
CA LEU G 307 2.95 17.77 30.47
C LEU G 307 3.75 16.79 29.61
N SER G 308 4.47 17.33 28.64
CA SER G 308 5.21 16.46 27.76
C SER G 308 6.29 15.64 28.42
N GLU G 309 7.04 16.20 29.34
CA GLU G 309 8.03 15.44 30.05
C GLU G 309 7.41 14.39 30.90
N LYS G 310 6.30 14.71 31.55
CA LYS G 310 5.71 13.62 32.30
C LYS G 310 5.32 12.48 31.33
N PHE G 311 4.80 12.84 30.17
CA PHE G 311 4.46 11.79 29.21
C PHE G 311 5.64 10.96 28.74
N GLN G 312 6.76 11.60 28.46
CA GLN G 312 7.92 10.86 28.00
C GLN G 312 8.36 9.93 29.10
N GLU G 313 8.33 10.39 30.34
CA GLU G 313 8.69 9.48 31.42
C GLU G 313 7.75 8.29 31.58
N SER G 314 6.45 8.48 31.41
CA SER G 314 5.55 7.33 31.49
C SER G 314 5.67 6.29 30.39
N ALA G 315 5.72 6.70 29.14
CA ALA G 315 5.82 5.79 28.01
C ALA G 315 7.03 4.88 28.07
N LEU G 316 8.19 5.43 28.41
CA LEU G 316 9.32 4.51 28.42
C LEU G 316 9.05 3.45 29.47
N THR G 317 8.50 3.89 30.60
CA THR G 317 8.32 2.90 31.64
C THR G 317 7.34 1.79 31.25
N ALA G 318 6.26 2.18 30.59
CA ALA G 318 5.30 1.19 30.14
C ALA G 318 5.91 0.23 29.15
N ALA G 319 6.74 0.75 28.25
CA ALA G 319 7.41 -0.16 27.33
C ALA G 319 8.28 -1.16 28.04
N ASN G 320 9.03 -0.69 29.03
CA ASN G 320 9.82 -1.67 29.73
C ASN G 320 8.93 -2.73 30.34
N TYR G 321 7.83 -2.33 30.98
CA TYR G 321 7.03 -3.37 31.63
C TYR G 321 6.50 -4.34 30.62
N GLY G 322 6.08 -3.82 29.47
CA GLY G 322 5.53 -4.67 28.43
C GLY G 322 6.53 -5.67 27.91
N ALA G 323 7.76 -5.25 27.71
CA ALA G 323 8.76 -6.23 27.32
C ALA G 323 9.02 -7.25 28.40
N SER G 324 9.06 -6.82 29.66
CA SER G 324 9.40 -7.74 30.73
C SER G 324 8.45 -8.89 31.12
N ASN G 325 7.15 -8.70 31.15
CA ASN G 325 6.22 -9.72 31.61
C ASN G 325 6.10 -10.88 30.67
N MET G 326 6.65 -10.78 29.48
CA MET G 326 6.64 -11.90 28.56
C MET G 326 5.26 -12.52 28.39
N VAL G 327 5.17 -13.84 28.47
CA VAL G 327 3.89 -14.52 28.32
C VAL G 327 3.05 -14.61 29.58
N PHE G 328 1.73 -14.63 29.44
CA PHE G 328 0.86 -14.82 30.61
C PHE G 328 0.24 -16.20 30.43
N PHE G 329 0.38 -17.10 31.41
CA PHE G 329 -0.26 -18.41 31.31
C PHE G 329 -1.67 -18.42 31.89
N GLU G 330 -2.65 -17.88 31.17
CA GLU G 330 -4.02 -17.78 31.69
C GLU G 330 -4.72 -19.10 31.84
N ARG G 331 -5.61 -19.19 32.82
CA ARG G 331 -6.28 -20.45 33.10
C ARG G 331 -7.78 -20.33 33.06
N ALA G 332 -8.47 -21.45 32.84
CA ALA G 332 -9.93 -21.42 32.89
C ALA G 332 -10.33 -21.41 34.34
N ALA G 333 -11.62 -21.25 34.62
CA ALA G 333 -12.05 -21.13 36.03
C ALA G 333 -12.25 -22.48 36.71
N ASP G 334 -11.17 -23.21 36.95
CA ASP G 334 -11.29 -24.48 37.63
C ASP G 334 -10.38 -24.68 38.82
N ASN G 335 -9.07 -24.57 38.63
CA ASN G 335 -8.15 -24.90 39.71
C ASN G 335 -7.28 -23.79 40.24
N GLY G 336 -6.04 -24.12 40.61
CA GLY G 336 -5.19 -23.13 41.22
C GLY G 336 -5.55 -23.16 42.68
N VAL G 337 -6.35 -24.13 43.07
CA VAL G 337 -6.81 -24.21 44.45
C VAL G 337 -5.73 -24.44 45.48
N VAL G 338 -5.87 -23.80 46.63
CA VAL G 338 -4.93 -24.04 47.73
C VAL G 338 -3.48 -23.93 47.36
N THR G 339 -3.16 -22.92 46.57
CA THR G 339 -1.76 -22.69 46.29
C THR G 339 -1.27 -22.36 47.67
N GLY G 340 -0.39 -23.19 48.22
CA GLY G 340 0.02 -23.00 49.60
C GLY G 340 0.69 -21.69 49.93
N PRO G 341 0.28 -21.08 51.04
CA PRO G 341 0.87 -19.81 51.45
C PRO G 341 2.32 -19.89 51.85
N GLU G 342 2.73 -20.93 52.54
CA GLU G 342 4.09 -20.96 53.06
C GLU G 342 5.24 -20.93 52.07
N ASP G 343 5.13 -21.66 50.98
CA ASP G 343 6.20 -21.71 50.01
C ASP G 343 6.41 -20.35 49.37
N ASP G 344 5.36 -19.54 49.33
CA ASP G 344 5.45 -18.26 48.62
C ASP G 344 6.49 -17.30 49.12
N ALA G 345 6.64 -17.19 50.43
CA ALA G 345 7.55 -16.19 50.97
C ALA G 345 9.02 -16.39 50.62
N GLN G 346 9.53 -17.63 50.63
CA GLN G 346 10.96 -17.85 50.43
C GLN G 346 11.61 -17.45 49.10
N ILE G 347 11.03 -17.82 47.96
CA ILE G 347 11.68 -17.52 46.70
C ILE G 347 10.78 -17.47 45.48
N PRO G 348 11.20 -16.74 44.43
CA PRO G 348 10.44 -16.80 43.18
C PRO G 348 11.20 -17.79 42.35
N ILE G 349 10.58 -18.87 41.92
CA ILE G 349 11.30 -19.93 41.22
C ILE G 349 12.04 -19.54 39.93
N ASP G 350 13.24 -20.08 39.73
CA ASP G 350 13.97 -19.84 38.48
C ASP G 350 13.91 -21.09 37.62
N GLN G 351 13.45 -20.96 36.38
CA GLN G 351 13.33 -22.10 35.48
C GLN G 351 14.21 -21.91 34.26
N ILE G 352 14.98 -22.92 33.87
CA ILE G 352 15.93 -22.72 32.78
C ILE G 352 15.37 -22.96 31.38
N GLU G 353 15.41 -21.94 30.53
CA GLU G 353 14.95 -22.09 29.16
C GLU G 353 16.10 -21.77 28.25
N ALA G 354 17.31 -21.85 28.78
CA ALA G 354 18.47 -21.49 28.01
C ALA G 354 18.64 -22.34 26.78
N GLY G 355 18.32 -23.62 26.88
CA GLY G 355 18.57 -24.49 25.76
C GLY G 355 17.83 -23.99 24.55
N THR G 356 18.49 -24.02 23.40
CA THR G 356 17.87 -23.55 22.18
C THR G 356 16.49 -24.09 21.96
N LEU G 357 16.39 -25.38 21.69
CA LEU G 357 15.09 -25.92 21.37
C LEU G 357 14.47 -26.32 22.68
N THR G 358 13.36 -25.71 22.99
CA THR G 358 12.69 -26.07 24.21
C THR G 358 11.20 -26.11 24.00
N GLU G 359 10.73 -27.06 23.23
CA GLU G 359 9.31 -27.19 23.06
C GLU G 359 8.75 -27.45 24.45
N LEU G 360 7.66 -26.78 24.80
CA LEU G 360 7.12 -26.92 26.14
C LEU G 360 5.68 -27.41 26.16
N PRO G 361 5.35 -28.36 27.04
CA PRO G 361 3.96 -28.79 27.16
C PRO G 361 3.27 -28.23 28.39
N PRO G 362 2.10 -27.59 28.23
CA PRO G 362 1.38 -26.96 29.35
C PRO G 362 0.12 -27.68 29.83
N GLY G 363 -0.20 -27.59 31.12
CA GLY G 363 -1.43 -28.17 31.63
C GLY G 363 -2.76 -27.61 31.10
N VAL G 364 -2.85 -26.28 30.86
CA VAL G 364 -4.12 -25.64 30.42
C VAL G 364 -4.13 -24.70 29.18
N LYS G 365 -3.55 -23.49 29.26
CA LYS G 365 -3.48 -22.58 28.09
C LYS G 365 -2.39 -21.54 28.15
N ALA G 366 -2.07 -20.89 27.03
CA ALA G 366 -1.05 -19.82 27.03
C ALA G 366 -1.41 -18.60 26.19
N VAL G 367 -0.88 -17.44 26.55
CA VAL G 367 -1.14 -16.24 25.76
C VAL G 367 0.10 -15.36 25.66
N SER G 368 0.18 -14.52 24.63
CA SER G 368 1.36 -13.69 24.44
C SER G 368 1.02 -12.24 24.63
N HIS G 369 1.77 -11.55 25.47
CA HIS G 369 1.47 -10.17 25.75
C HIS G 369 1.73 -9.36 24.52
N ASN G 370 0.79 -8.50 24.15
CA ASN G 370 1.01 -7.62 23.02
C ASN G 370 1.20 -6.25 23.59
N PRO G 371 2.37 -5.67 23.36
CA PRO G 371 2.64 -4.38 23.97
C PRO G 371 1.83 -3.33 23.28
N ALA G 372 1.17 -2.49 24.05
CA ALA G 372 0.40 -1.42 23.47
C ALA G 372 1.12 -0.15 23.76
N TYR G 373 2.37 -0.27 24.20
CA TYR G 373 3.11 0.92 24.57
C TYR G 373 3.14 1.72 23.33
N PRO G 374 2.95 3.06 23.46
CA PRO G 374 2.91 3.78 22.19
C PRO G 374 4.02 3.35 21.27
N ASP G 375 3.69 2.86 20.08
CA ASP G 375 4.72 2.32 19.23
C ASP G 375 5.25 3.26 18.17
N ALA G 376 4.44 3.54 17.17
CA ALA G 376 4.86 4.47 16.15
C ALA G 376 3.93 5.66 16.14
N ALA G 377 2.92 5.62 16.99
CA ALA G 377 2.01 6.73 17.10
C ALA G 377 2.76 7.93 17.60
N VAL G 378 3.72 7.70 18.48
CA VAL G 378 4.38 8.81 19.11
C VAL G 378 5.09 9.81 18.21
N GLY G 379 5.75 9.39 17.15
CA GLY G 379 6.48 10.38 16.39
C GLY G 379 5.63 11.47 15.79
N PRO G 380 4.53 11.11 15.14
CA PRO G 380 3.64 12.18 14.68
C PRO G 380 2.98 12.98 15.81
N PHE G 381 2.50 12.31 16.86
CA PHE G 381 1.78 13.01 17.90
C PHE G 381 2.69 14.00 18.59
N LEU G 382 3.90 13.59 18.91
CA LEU G 382 4.78 14.48 19.65
C LEU G 382 5.12 15.69 18.83
N ARG G 383 5.35 15.49 17.54
CA ARG G 383 5.78 16.61 16.74
C ARG G 383 4.74 17.68 16.70
N GLN G 384 3.48 17.31 16.57
CA GLN G 384 2.49 18.35 16.45
C GLN G 384 2.37 19.21 17.71
N MET G 385 2.38 18.60 18.88
CA MET G 385 2.35 19.39 20.10
C MET G 385 3.61 20.21 20.14
N GLY G 386 4.72 19.63 19.72
CA GLY G 386 5.99 20.34 19.73
C GLY G 386 6.01 21.57 18.84
N THR G 387 5.36 21.52 17.68
CA THR G 387 5.41 22.65 16.78
C THR G 387 4.79 23.81 17.49
N SER G 388 3.73 23.55 18.24
CA SER G 388 3.06 24.63 18.93
C SER G 388 3.98 25.31 19.92
N GLN G 389 4.75 24.52 20.65
CA GLN G 389 5.62 25.10 21.66
C GLN G 389 6.64 25.99 21.00
N ALA G 390 7.18 25.54 19.87
CA ALA G 390 8.22 26.31 19.23
C ALA G 390 7.70 27.63 18.77
N ALA G 391 6.50 27.64 18.23
CA ALA G 391 5.96 28.87 17.70
C ALA G 391 5.85 29.82 18.86
N GLY G 392 5.44 29.29 20.01
CA GLY G 392 5.31 30.12 21.20
C GLY G 392 6.59 30.73 21.68
N LEU G 393 7.69 29.99 21.58
CA LEU G 393 8.94 30.50 22.11
C LEU G 393 9.67 31.34 21.10
N GLY G 394 9.11 31.51 19.92
CA GLY G 394 9.72 32.35 18.93
C GLY G 394 10.99 31.78 18.34
N VAL G 395 11.05 30.46 18.20
CA VAL G 395 12.20 29.82 17.59
C VAL G 395 11.78 28.75 16.60
N SER G 396 12.61 28.46 15.60
CA SER G 396 12.31 27.41 14.64
C SER G 396 12.36 26.06 15.32
N TYR G 397 11.47 25.16 14.93
CA TYR G 397 11.40 23.87 15.59
C TYR G 397 12.69 23.09 15.46
N GLU G 398 13.30 23.14 14.29
CA GLU G 398 14.49 22.34 14.08
C GLU G 398 15.59 22.76 15.02
N THR G 399 15.77 24.05 15.23
CA THR G 399 16.76 24.46 16.19
C THR G 399 16.42 24.06 17.62
N LEU G 400 15.17 24.24 18.01
CA LEU G 400 14.80 23.98 19.40
C LEU G 400 14.91 22.53 19.75
N THR G 401 14.43 21.68 18.88
CA THR G 401 14.51 20.27 19.15
C THR G 401 15.16 19.72 17.92
N ALA G 402 16.18 18.89 18.06
CA ALA G 402 16.87 18.46 16.87
C ALA G 402 16.19 17.31 16.17
N ASP G 403 14.93 17.48 15.76
CA ASP G 403 14.27 16.44 14.98
C ASP G 403 14.99 16.36 13.65
N LEU G 404 15.24 17.50 13.02
CA LEU G 404 16.03 17.53 11.80
C LEU G 404 15.60 16.48 10.79
N SER G 405 14.30 16.38 10.57
CA SER G 405 13.80 15.36 9.66
C SER G 405 12.91 15.93 8.59
N GLY G 406 12.90 15.29 7.43
CA GLY G 406 12.07 15.76 6.34
C GLY G 406 12.32 17.21 6.00
N ALA G 407 13.57 17.58 5.77
CA ALA G 407 13.84 18.93 5.36
C ALA G 407 14.67 19.08 4.11
N ASN G 408 14.16 19.80 3.12
CA ASN G 408 14.94 20.07 1.92
C ASN G 408 15.80 21.27 2.21
N PHE G 409 16.69 21.61 1.30
CA PHE G 409 17.59 22.71 1.57
C PHE G 409 16.80 23.96 1.79
N SER G 410 15.77 24.16 0.99
CA SER G 410 15.03 25.38 1.11
C SER G 410 14.36 25.53 2.46
N SER G 411 13.82 24.44 3.01
CA SER G 411 13.09 24.55 4.25
C SER G 411 14.02 25.03 5.34
N LEU G 412 15.22 24.50 5.34
CA LEU G 412 16.17 24.91 6.33
C LEU G 412 16.53 26.37 6.20
N ARG G 413 16.70 26.84 4.96
CA ARG G 413 17.12 28.22 4.79
C ARG G 413 16.05 29.14 5.34
N ALA G 414 14.79 28.83 5.08
CA ALA G 414 13.72 29.70 5.53
C ALA G 414 13.67 29.77 7.03
N GLY G 415 13.82 28.63 7.68
CA GLY G 415 13.72 28.61 9.13
C GLY G 415 14.79 29.47 9.73
N LYS G 416 15.99 29.40 9.19
CA LYS G 416 17.06 30.17 9.75
C LYS G 416 16.73 31.61 9.60
N GLY G 417 16.16 32.00 8.48
CA GLY G 417 15.92 33.42 8.27
C GLY G 417 15.00 34.02 9.31
N GLU G 418 13.92 33.30 9.65
CA GLU G 418 12.98 33.80 10.65
C GLU G 418 13.58 33.92 12.03
N GLU G 419 14.34 32.93 12.44
CA GLU G 419 15.00 33.00 13.72
C GLU G 419 15.97 34.14 13.73
N ARG G 420 16.65 34.36 12.61
CA ARG G 420 17.68 35.38 12.59
C ARG G 420 17.08 36.72 12.90
N GLU G 421 15.90 36.99 12.40
CA GLU G 421 15.31 38.24 12.74
C GLU G 421 15.10 38.35 14.23
N GLU G 422 14.58 37.30 14.85
CA GLU G 422 14.27 37.40 16.28
C GLU G 422 15.51 37.63 17.09
N TRP G 423 16.58 36.94 16.77
CA TRP G 423 17.79 37.08 17.55
C TRP G 423 18.28 38.50 17.42
N ARG G 424 18.19 39.05 16.22
CA ARG G 424 18.73 40.36 16.01
C ARG G 424 18.00 41.30 16.93
N MET G 425 16.70 41.13 17.05
CA MET G 425 15.95 42.06 17.87
C MET G 425 16.40 42.02 19.31
N LEU G 426 16.57 40.82 19.84
CA LEU G 426 16.99 40.68 21.22
C LEU G 426 18.39 41.25 21.39
N GLN G 427 19.24 41.05 20.39
CA GLN G 427 20.62 41.52 20.50
C GLN G 427 20.68 43.01 20.67
N ARG G 428 19.86 43.73 19.92
CA ARG G 428 19.89 45.17 20.01
C ARG G 428 19.47 45.57 21.38
N ALA G 429 18.42 44.96 21.91
CA ALA G 429 17.90 45.35 23.20
C ALA G 429 18.79 45.14 24.41
N VAL G 430 19.44 43.99 24.50
CA VAL G 430 20.23 43.75 25.69
C VAL G 430 21.34 44.77 25.78
N PHE G 431 21.97 45.05 24.66
CA PHE G 431 23.05 46.02 24.69
C PHE G 431 22.57 47.43 24.50
N GLU G 432 21.29 47.60 24.20
CA GLU G 432 20.76 48.94 24.13
C GLU G 432 20.91 49.43 25.53
N GLY G 433 20.63 48.56 26.47
CA GLY G 433 20.71 48.98 27.85
C GLY G 433 22.00 48.79 28.61
N LEU G 434 22.48 47.57 28.72
CA LEU G 434 23.65 47.38 29.55
C LEU G 434 24.89 48.09 29.05
N HIS G 435 25.19 47.96 27.76
CA HIS G 435 26.43 48.54 27.25
C HIS G 435 26.43 50.01 27.34
N ASP G 436 25.32 50.61 26.96
CA ASP G 436 25.32 52.06 26.91
C ASP G 436 25.50 52.64 28.30
N ARG G 437 24.78 52.11 29.28
CA ARG G 437 24.93 52.62 30.61
C ARG G 437 26.33 52.36 31.09
N VAL G 438 26.82 51.14 30.90
CA VAL G 438 28.12 50.87 31.45
C VAL G 438 29.22 51.67 30.78
N PHE G 439 29.20 51.81 29.46
CA PHE G 439 30.29 52.51 28.83
C PHE G 439 30.28 53.92 29.33
N SER G 440 29.11 54.53 29.37
CA SER G 440 29.09 55.92 29.75
C SER G 440 29.57 56.09 31.16
N ARG G 441 29.08 55.25 32.06
CA ARG G 441 29.46 55.39 33.44
C ARG G 441 30.93 55.09 33.63
N TRP G 442 31.44 54.08 32.94
CA TRP G 442 32.83 53.68 33.11
C TRP G 442 33.77 54.77 32.71
N LEU G 443 33.43 55.52 31.68
CA LEU G 443 34.41 56.47 31.19
C LEU G 443 34.88 57.52 32.18
N PRO G 444 33.97 58.15 32.93
CA PRO G 444 34.56 59.15 33.83
C PRO G 444 35.53 58.59 34.84
N LEU G 445 35.19 57.50 35.50
CA LEU G 445 36.08 57.02 36.54
C LEU G 445 37.40 56.62 35.94
N ALA G 446 37.35 55.96 34.81
CA ALA G 446 38.56 55.53 34.17
C ALA G 446 39.39 56.71 33.75
N MET G 447 38.76 57.76 33.24
CA MET G 447 39.50 58.96 32.90
C MET G 447 40.12 59.60 34.14
N LEU G 448 39.38 59.65 35.24
CA LEU G 448 39.89 60.23 36.49
C LEU G 448 41.04 59.44 37.07
N SER G 449 40.94 58.12 37.02
CA SER G 449 42.01 57.26 37.52
C SER G 449 43.15 57.31 36.56
N GLY G 450 42.91 57.88 35.38
CA GLY G 450 43.97 58.03 34.42
C GLY G 450 44.26 56.65 33.89
N GLU G 451 43.40 55.69 34.22
CA GLU G 451 43.58 54.37 33.65
C GLU G 451 43.64 54.50 32.15
N VAL G 452 42.82 55.36 31.59
CA VAL G 452 42.89 55.62 30.17
C VAL G 452 43.51 56.97 30.04
N ARG G 453 44.45 57.11 29.13
CA ARG G 453 45.14 58.38 28.98
C ARG G 453 44.45 59.28 27.96
N LEU G 454 43.83 60.37 28.43
CA LEU G 454 43.13 61.31 27.56
C LEU G 454 42.56 62.45 28.43
N PRO G 455 42.24 63.64 27.85
CA PRO G 455 41.75 64.67 28.78
C PRO G 455 40.25 64.60 29.06
N LEU G 456 39.87 64.76 30.32
CA LEU G 456 38.46 64.65 30.73
C LEU G 456 37.48 65.69 30.19
N ALA G 457 37.90 66.93 30.06
CA ALA G 457 36.95 67.99 29.68
C ALA G 457 36.19 67.81 28.36
N LYS G 458 36.84 67.38 27.29
CA LYS G 458 36.11 67.13 26.06
C LYS G 458 35.55 65.72 26.03
N LEU G 459 34.62 65.42 26.93
CA LEU G 459 34.05 64.09 27.02
C LEU G 459 33.30 63.71 25.77
N ASP G 460 32.60 64.67 25.18
CA ASP G 460 31.77 64.40 24.01
C ASP G 460 32.54 63.85 22.82
N LYS G 461 33.76 64.32 22.64
CA LYS G 461 34.54 63.88 21.48
C LYS G 461 34.73 62.37 21.53
N PHE G 462 34.98 61.82 22.70
CA PHE G 462 35.08 60.37 22.80
C PHE G 462 33.80 59.69 23.27
N ASP G 463 32.74 60.46 23.47
CA ASP G 463 31.49 59.90 24.00
C ASP G 463 30.83 58.83 23.13
N ALA G 464 30.84 59.01 21.81
CA ALA G 464 30.14 58.07 20.95
C ALA G 464 30.72 56.67 21.07
N ALA G 465 29.85 55.67 21.14
CA ALA G 465 30.31 54.30 21.30
C ALA G 465 29.36 53.36 20.61
N THR G 466 29.88 52.52 19.73
CA THR G 466 29.03 51.62 18.97
C THR G 466 29.33 50.19 19.32
N TRP G 467 28.30 49.41 19.59
CA TRP G 467 28.48 48.02 19.94
C TRP G 467 28.24 47.13 18.72
N ARG G 468 29.11 46.17 18.47
CA ARG G 468 28.95 45.35 17.26
C ARG G 468 28.55 43.92 17.53
N PRO G 469 27.39 43.48 17.02
CA PRO G 469 26.94 42.10 17.16
C PRO G 469 27.64 41.19 16.15
N ARG G 470 27.59 39.88 16.34
CA ARG G 470 28.17 38.97 15.34
C ARG G 470 27.14 38.11 14.60
N GLY G 471 27.16 38.15 13.28
CA GLY G 471 26.21 37.40 12.48
C GLY G 471 26.51 35.95 12.23
N TRP G 472 25.54 35.23 11.70
CA TRP G 472 25.74 33.81 11.45
C TRP G 472 25.98 33.45 9.99
N PRO G 473 26.97 32.58 9.72
CA PRO G 473 27.36 32.21 8.34
C PRO G 473 26.39 31.42 7.47
N SER G 474 26.42 31.66 6.15
CA SER G 474 25.53 30.97 5.21
C SER G 474 25.91 29.59 4.75
N VAL G 475 24.92 28.78 4.39
CA VAL G 475 25.18 27.43 3.87
C VAL G 475 25.90 27.35 2.51
N ASN G 476 25.55 28.24 1.58
CA ASN G 476 26.14 28.20 0.24
C ASN G 476 27.11 29.33 0.00
N PRO G 477 28.41 29.15 0.28
CA PRO G 477 29.25 30.32 0.08
C PRO G 477 29.46 30.74 -1.34
N LYS G 478 29.41 29.85 -2.30
CA LYS G 478 29.73 30.28 -3.66
C LYS G 478 28.76 31.34 -4.13
N ASP G 479 27.48 31.11 -3.89
CA ASP G 479 26.47 32.05 -4.36
C ASP G 479 26.67 33.37 -3.69
N ASP G 480 26.91 33.34 -2.39
CA ASP G 480 27.02 34.57 -1.67
C ASP G 480 28.16 35.33 -2.22
N ALA G 481 29.27 34.66 -2.47
CA ALA G 481 30.46 35.35 -2.94
C ALA G 481 30.23 35.98 -4.30
N THR G 482 29.58 35.26 -5.20
CA THR G 482 29.30 35.84 -6.50
C THR G 482 28.42 37.07 -6.36
N ALA G 483 27.39 36.98 -5.52
CA ALA G 483 26.50 38.11 -5.36
C ALA G 483 27.25 39.29 -4.80
N HIS G 484 28.13 39.04 -3.84
CA HIS G 484 28.87 40.11 -3.23
C HIS G 484 29.80 40.78 -4.22
N GLU G 485 30.44 40.01 -5.08
CA GLU G 485 31.27 40.62 -6.09
C GLU G 485 30.42 41.49 -6.98
N LYS G 486 29.26 40.98 -7.38
CA LYS G 486 28.45 41.75 -8.28
C LYS G 486 28.02 43.06 -7.62
N ASP G 487 27.69 42.99 -6.34
CA ASP G 487 27.27 44.19 -5.61
C ASP G 487 28.36 45.22 -5.44
N LEU G 488 29.57 44.76 -5.16
CA LEU G 488 30.68 45.68 -5.01
C LEU G 488 30.83 46.36 -6.33
N LYS G 489 30.66 45.60 -7.40
CA LYS G 489 30.73 46.20 -8.71
C LYS G 489 29.72 47.31 -8.87
N ASN G 490 28.47 47.09 -8.45
CA ASN G 490 27.46 48.14 -8.75
C ASN G 490 27.37 49.35 -7.78
N GLY G 491 28.37 49.59 -6.96
CA GLY G 491 28.39 50.61 -5.93
C GLY G 491 27.16 50.55 -5.06
N VAL G 492 26.45 49.43 -5.07
CA VAL G 492 25.23 49.29 -4.29
C VAL G 492 25.55 48.96 -2.84
N ARG G 493 26.31 47.89 -2.61
CA ARG G 493 26.85 47.59 -1.29
C ARG G 493 28.20 48.26 -1.16
N THR G 494 28.42 48.85 0.01
CA THR G 494 29.71 49.41 0.30
C THR G 494 30.47 48.27 0.89
N ARG G 495 31.79 48.37 0.92
CA ARG G 495 32.59 47.31 1.47
C ARG G 495 32.30 47.13 2.95
N THR G 496 32.05 48.21 3.66
CA THR G 496 31.85 48.10 5.10
C THR G 496 30.70 47.22 5.52
N GLU G 497 29.59 47.29 4.80
CA GLU G 497 28.42 46.54 5.22
C GLU G 497 28.64 45.04 5.24
N ILE G 498 29.35 44.53 4.26
CA ILE G 498 29.53 43.08 4.19
C ILE G 498 30.27 42.61 5.41
N CYS G 499 31.29 43.35 5.82
CA CYS G 499 32.06 42.98 6.98
C CYS G 499 31.16 43.00 8.18
N ALA G 500 30.27 43.97 8.22
CA ALA G 500 29.40 44.11 9.38
C ALA G 500 28.52 42.91 9.60
N GLU G 501 28.04 42.31 8.53
CA GLU G 501 27.13 41.19 8.72
C GLU G 501 27.85 40.09 9.46
N ARG G 502 29.08 39.80 9.08
CA ARG G 502 29.84 38.84 9.83
C ARG G 502 30.07 39.41 11.22
N GLY G 503 30.29 40.72 11.31
CA GLY G 503 30.57 41.36 12.59
C GLY G 503 32.02 41.72 12.82
N ARG G 504 32.89 41.36 11.90
CA ARG G 504 34.30 41.71 12.01
C ARG G 504 34.64 43.20 11.93
N ASP G 505 34.09 43.96 10.98
CA ASP G 505 34.49 45.39 10.78
C ASP G 505 35.69 45.79 9.87
N PHE G 506 35.49 46.86 9.11
CA PHE G 506 36.51 47.30 8.15
C PHE G 506 37.88 47.76 8.66
N ALA G 507 37.93 48.43 9.80
CA ALA G 507 39.23 48.80 10.33
C ALA G 507 40.03 47.55 10.63
N ASP G 508 39.33 46.56 11.19
CA ASP G 508 40.00 45.32 11.54
C ASP G 508 40.53 44.74 10.25
N VAL G 509 39.67 44.78 9.24
CA VAL G 509 40.10 44.17 8.00
C VAL G 509 41.35 44.87 7.46
N VAL G 510 41.39 46.19 7.47
CA VAL G 510 42.54 46.95 6.96
C VAL G 510 43.84 46.72 7.77
N ALA G 511 43.73 46.63 9.09
CA ALA G 511 44.94 46.35 9.86
C ALA G 511 45.48 44.97 9.49
N GLU G 512 44.55 44.04 9.35
CA GLU G 512 45.00 42.71 9.02
C GLU G 512 45.64 42.70 7.63
N ALA G 513 45.11 43.50 6.71
CA ALA G 513 45.69 43.61 5.38
C ALA G 513 47.10 44.19 5.40
N ALA G 514 47.32 45.18 6.25
CA ALA G 514 48.69 45.69 6.39
C ALA G 514 49.63 44.59 6.93
N ALA G 515 49.12 43.79 7.86
CA ALA G 515 49.97 42.67 8.31
C ALA G 515 50.28 41.70 7.15
N GLU G 516 49.27 41.43 6.33
CA GLU G 516 49.47 40.55 5.18
C GLU G 516 50.51 41.14 4.24
N ARG G 517 50.51 42.46 4.05
CA ARG G 517 51.53 43.12 3.24
C ARG G 517 52.95 42.98 3.79
N GLN G 518 53.10 43.11 5.11
CA GLN G 518 54.45 42.83 5.66
C GLN G 518 54.86 41.36 5.44
N MET G 519 53.89 40.47 5.58
CA MET G 519 54.22 39.08 5.30
C MET G 519 54.59 38.88 3.85
N MET G 520 54.20 39.81 2.99
CA MET G 520 54.54 39.71 1.57
C MET G 520 55.98 40.07 1.34
N ARG G 521 56.52 40.96 2.16
CA ARG G 521 57.87 41.42 1.93
C ARG G 521 58.83 40.26 2.05
N ASP G 522 58.64 39.40 3.05
CA ASP G 522 59.47 38.22 3.18
C ASP G 522 59.31 37.19 2.05
N ALA G 523 58.07 36.96 1.60
CA ALA G 523 57.82 35.97 0.55
C ALA G 523 57.23 36.54 -0.73
N GLY G 524 55.91 36.55 -0.84
CA GLY G 524 55.25 37.09 -2.03
C GLY G 524 53.83 37.50 -1.69
N LEU G 525 53.20 38.31 -2.55
CA LEU G 525 51.80 38.69 -2.32
C LEU G 525 50.87 37.82 -3.14
N ASP G 526 50.28 38.38 -4.19
CA ASP G 526 49.31 37.61 -4.95
C ASP G 526 49.42 37.84 -6.44
N PRO G 527 48.93 36.88 -7.25
CA PRO G 527 48.91 37.10 -8.70
C PRO G 527 47.57 37.65 -9.20
N MET H 1 6.03 -1.26 69.61
CA MET H 1 7.43 -1.01 69.29
C MET H 1 8.01 -2.07 68.37
N THR H 2 9.29 -2.36 68.57
CA THR H 2 9.97 -3.35 67.74
C THR H 2 9.44 -4.74 68.02
N VAL H 3 9.50 -5.61 67.01
CA VAL H 3 8.95 -6.97 67.15
C VAL H 3 9.67 -7.97 66.27
N SER H 4 9.85 -9.19 66.76
CA SER H 4 10.50 -10.22 65.97
C SER H 4 9.71 -11.51 65.97
N ILE H 5 8.61 -11.54 65.25
CA ILE H 5 7.84 -12.76 65.19
C ILE H 5 8.36 -13.60 64.05
N HIS H 6 9.32 -14.49 64.35
CA HIS H 6 9.75 -15.41 63.31
C HIS H 6 9.96 -16.86 63.72
N PRO H 7 8.88 -17.55 64.14
CA PRO H 7 9.06 -18.97 64.41
C PRO H 7 9.28 -19.66 63.08
N PRO H 8 10.10 -20.72 63.06
CA PRO H 8 10.24 -21.27 61.71
C PRO H 8 8.89 -21.74 61.25
N ALA H 9 8.53 -21.45 60.02
CA ALA H 9 7.22 -21.80 59.49
C ALA H 9 6.92 -23.27 59.61
N THR H 10 7.90 -24.11 59.33
CA THR H 10 7.72 -25.56 59.45
C THR H 10 8.20 -26.04 60.80
N LEU H 11 7.28 -26.17 61.74
CA LEU H 11 7.68 -26.56 63.07
C LEU H 11 7.31 -28.00 63.25
N VAL H 12 8.28 -28.83 63.57
CA VAL H 12 8.01 -30.25 63.66
C VAL H 12 7.77 -30.68 65.08
N ALA H 13 6.85 -31.60 65.28
CA ALA H 13 6.49 -32.00 66.62
C ALA H 13 7.58 -32.77 67.34
N GLY H 14 7.46 -32.87 68.66
CA GLY H 14 8.45 -33.57 69.44
C GLY H 14 9.87 -33.05 69.33
N ASP H 15 10.03 -31.92 68.65
CA ASP H 15 11.36 -31.37 68.43
C ASP H 15 11.42 -30.05 69.16
N SER H 16 12.60 -29.68 69.59
CA SER H 16 12.76 -28.44 70.33
C SER H 16 12.52 -27.26 69.41
N TRP H 17 11.83 -26.24 69.90
CA TRP H 17 11.50 -25.11 69.06
C TRP H 17 12.13 -23.82 69.57
N ALA H 18 12.79 -23.08 68.69
CA ALA H 18 13.39 -21.82 69.11
C ALA H 18 13.41 -20.69 68.09
N TRP H 19 13.03 -19.47 68.47
CA TRP H 19 13.22 -18.35 67.53
C TRP H 19 14.21 -17.34 68.09
N GLU H 20 14.32 -17.27 69.41
CA GLU H 20 15.21 -16.27 69.98
C GLU H 20 14.91 -14.89 69.40
N ALA H 21 13.68 -14.43 69.54
CA ALA H 21 13.27 -13.15 68.92
C ALA H 21 14.11 -11.95 69.28
N GLY H 22 14.48 -11.17 68.28
CA GLY H 22 15.32 -10.00 68.52
C GLY H 22 14.83 -8.81 69.31
N ALA H 23 13.60 -8.33 69.10
CA ALA H 23 13.18 -7.10 69.78
C ALA H 23 11.71 -6.91 70.10
N VAL H 24 10.93 -7.98 70.09
CA VAL H 24 9.49 -7.84 70.30
C VAL H 24 9.13 -7.26 71.65
N PHE H 25 9.84 -7.68 72.68
CA PHE H 25 9.50 -7.26 74.03
C PHE H 25 10.41 -6.14 74.52
N GLU H 26 10.96 -5.35 73.60
CA GLU H 26 11.90 -4.35 74.04
C GLU H 26 11.09 -3.27 74.67
N ASP H 27 9.87 -3.05 74.19
CA ASP H 27 9.01 -2.11 74.87
C ASP H 27 8.58 -2.73 76.16
N HIS H 28 8.41 -1.91 77.18
CA HIS H 28 8.04 -2.41 78.50
C HIS H 28 9.01 -3.48 78.96
N PRO H 29 10.33 -3.27 78.74
CA PRO H 29 11.23 -4.36 79.10
C PRO H 29 11.31 -4.66 80.59
N ASP H 30 11.37 -3.62 81.42
CA ASP H 30 11.56 -3.83 82.85
C ASP H 30 10.47 -4.56 83.64
N PRO H 31 9.20 -4.19 83.44
CA PRO H 31 8.24 -4.94 84.26
C PRO H 31 7.28 -5.87 83.51
N TRP H 32 7.46 -6.10 82.21
CA TRP H 32 6.50 -6.92 81.49
C TRP H 32 7.09 -8.24 81.02
N ALA H 33 6.30 -9.31 81.02
CA ALA H 33 6.83 -10.64 80.67
C ALA H 33 6.89 -10.99 79.19
N ALA H 34 7.52 -12.12 78.86
CA ALA H 34 7.57 -12.59 77.46
C ALA H 34 6.63 -13.78 77.32
N SER H 35 5.92 -13.90 76.20
CA SER H 35 4.94 -14.99 76.08
C SER H 35 4.95 -15.88 74.84
N TYR H 36 4.93 -15.27 73.66
CA TYR H 36 4.90 -16.03 72.42
C TYR H 36 3.83 -17.11 72.52
N VAL H 37 2.58 -16.70 72.72
CA VAL H 37 1.48 -17.67 72.87
C VAL H 37 1.29 -18.50 71.62
N LEU H 38 1.17 -19.82 71.79
CA LEU H 38 0.94 -20.67 70.67
C LEU H 38 -0.40 -21.31 70.91
N ARG H 39 -1.34 -21.16 69.98
CA ARG H 39 -2.69 -21.67 70.21
C ARG H 39 -3.13 -22.53 69.08
N PRO H 40 -3.68 -23.69 69.39
CA PRO H 40 -4.23 -24.45 68.27
C PRO H 40 -5.47 -23.74 67.76
N GLU H 41 -5.58 -23.59 66.46
CA GLU H 41 -6.72 -22.88 65.90
C GLU H 41 -8.06 -23.56 66.13
N ALA H 42 -8.10 -24.88 65.98
CA ALA H 42 -9.37 -25.61 66.10
C ALA H 42 -9.40 -26.48 67.35
N GLY H 43 -9.58 -25.90 68.53
CA GLY H 43 -9.49 -26.67 69.75
C GLY H 43 -8.26 -26.33 70.55
N GLY H 44 -7.96 -27.12 71.56
CA GLY H 44 -6.74 -26.92 72.30
C GLY H 44 -6.71 -25.83 73.35
N ASP H 45 -5.58 -25.73 74.03
CA ASP H 45 -5.43 -24.74 75.08
C ASP H 45 -4.14 -24.03 74.79
N PRO H 46 -4.17 -22.71 74.88
CA PRO H 46 -2.94 -22.03 74.47
C PRO H 46 -1.76 -22.46 75.30
N VAL H 47 -0.65 -22.83 74.66
CA VAL H 47 0.55 -23.14 75.41
C VAL H 47 1.46 -21.94 75.29
N THR H 48 2.32 -21.73 76.27
CA THR H 48 3.18 -20.56 76.25
C THR H 48 4.66 -20.78 76.46
N VAL H 49 5.46 -19.88 75.93
CA VAL H 49 6.91 -19.99 76.08
C VAL H 49 7.46 -18.81 76.87
N SER H 50 8.32 -19.08 77.84
CA SER H 50 8.89 -18.02 78.65
C SER H 50 10.28 -17.62 78.20
N GLY H 51 11.15 -17.30 79.14
CA GLY H 51 12.48 -16.85 78.76
C GLY H 51 13.63 -17.83 78.84
N GLY H 52 14.11 -18.14 80.04
CA GLY H 52 15.27 -19.01 80.15
C GLY H 52 16.38 -18.46 79.28
N LEU H 53 16.72 -17.18 79.44
CA LEU H 53 17.67 -16.57 78.52
C LEU H 53 18.94 -15.89 78.99
N GLU H 54 19.82 -15.56 78.04
CA GLU H 54 20.98 -14.74 78.37
C GLU H 54 20.43 -13.34 78.38
N VAL H 55 20.95 -12.47 79.24
CA VAL H 55 20.38 -11.13 79.36
C VAL H 55 20.43 -10.24 78.11
N LEU H 56 21.57 -10.21 77.42
CA LEU H 56 21.70 -9.30 76.28
C LEU H 56 20.75 -9.63 75.14
N ALA H 57 20.65 -10.90 74.81
CA ALA H 57 19.72 -11.30 73.77
C ALA H 57 18.80 -12.37 74.32
N PRO H 58 17.50 -12.10 74.30
CA PRO H 58 16.57 -13.11 74.76
C PRO H 58 16.55 -14.30 73.84
N VAL H 59 16.58 -15.51 74.41
CA VAL H 59 16.45 -16.70 73.57
C VAL H 59 15.30 -17.51 74.08
N PHE H 60 14.40 -17.87 73.18
CA PHE H 60 13.19 -18.57 73.58
C PHE H 60 13.34 -20.01 73.22
N ARG H 61 13.01 -20.89 74.15
CA ARG H 61 13.19 -22.29 73.88
C ARG H 61 12.07 -23.15 74.44
N LEU H 62 11.75 -24.22 73.75
CA LEU H 62 10.74 -25.15 74.26
C LEU H 62 11.33 -26.57 74.25
N PRO H 63 11.18 -27.31 75.36
CA PRO H 63 11.70 -28.67 75.46
C PRO H 63 10.99 -29.64 74.55
N ALA H 64 11.73 -30.56 73.97
CA ALA H 64 11.14 -31.52 73.04
C ALA H 64 10.10 -32.42 73.67
N SER H 65 10.38 -32.89 74.88
CA SER H 65 9.46 -33.81 75.53
C SER H 65 8.12 -33.15 75.78
N VAL H 66 8.15 -31.88 76.14
CA VAL H 66 6.89 -31.15 76.34
C VAL H 66 6.07 -31.04 75.05
N THR H 67 6.74 -30.86 73.91
CA THR H 67 6.02 -30.72 72.66
C THR H 67 5.23 -31.97 72.39
N ALA H 68 5.83 -33.13 72.60
CA ALA H 68 5.13 -34.41 72.46
C ALA H 68 3.76 -34.50 71.86
N ASP H 69 2.74 -34.25 72.67
CA ASP H 69 1.36 -34.46 72.21
C ASP H 69 0.67 -33.29 71.53
N LEU H 70 1.43 -32.27 71.16
CA LEU H 70 0.79 -31.09 70.59
C LEU H 70 0.02 -31.45 69.33
N PRO H 71 -1.12 -30.79 69.09
CA PRO H 71 -1.97 -31.13 67.94
C PRO H 71 -1.39 -31.01 66.55
N PRO H 72 -1.59 -32.03 65.70
CA PRO H 72 -1.15 -31.93 64.31
C PRO H 72 -2.12 -31.05 63.56
N GLY H 73 -1.66 -30.12 62.73
CA GLY H 73 -2.58 -29.19 62.08
C GLY H 73 -2.03 -27.78 61.96
N GLU H 74 -2.91 -26.80 62.08
CA GLU H 74 -2.49 -25.40 61.97
C GLU H 74 -2.47 -24.64 63.31
N TRP H 75 -1.42 -23.88 63.57
CA TRP H 75 -1.28 -23.17 64.84
C TRP H 75 -0.98 -21.70 64.64
N THR H 76 -1.35 -20.87 65.60
CA THR H 76 -1.13 -19.43 65.49
C THR H 76 -0.13 -18.88 66.50
N TRP H 77 0.60 -17.85 66.11
CA TRP H 77 1.62 -17.25 66.98
C TRP H 77 1.30 -15.82 67.33
N PHE H 78 1.07 -15.52 68.60
CA PHE H 78 0.83 -14.15 69.00
C PHE H 78 1.76 -13.86 70.18
N ALA H 79 2.42 -12.71 70.21
CA ALA H 79 3.34 -12.39 71.30
C ALA H 79 2.79 -11.31 72.21
N VAL H 80 2.72 -11.58 73.50
CA VAL H 80 2.13 -10.63 74.42
C VAL H 80 3.04 -10.27 75.58
N ALA H 81 3.12 -8.99 75.92
CA ALA H 81 3.89 -8.56 77.08
C ALA H 81 2.88 -8.08 78.08
N VAL H 82 2.95 -8.54 79.32
CA VAL H 82 1.92 -8.16 80.29
C VAL H 82 2.45 -7.74 81.67
N ASP H 83 1.90 -6.67 82.24
CA ASP H 83 2.29 -6.29 83.60
C ASP H 83 1.07 -6.11 84.49
N ALA H 84 1.07 -6.75 85.64
CA ALA H 84 -0.06 -6.64 86.58
C ALA H 84 -0.28 -5.25 87.17
N THR H 85 0.79 -4.56 87.53
CA THR H 85 0.65 -3.23 88.11
C THR H 85 0.02 -2.38 87.06
N THR H 86 0.48 -2.53 85.82
CA THR H 86 -0.11 -1.78 84.71
C THR H 86 -1.53 -2.24 84.37
N ASP H 87 -1.88 -3.46 84.77
CA ASP H 87 -3.21 -4.05 84.47
C ASP H 87 -3.47 -3.98 82.99
N ALA H 88 -2.42 -4.22 82.21
CA ALA H 88 -2.54 -4.16 80.78
C ALA H 88 -1.68 -5.22 80.16
N ARG H 89 -1.99 -5.58 78.94
CA ARG H 89 -1.17 -6.54 78.22
C ARG H 89 -0.88 -5.77 76.97
N ALA H 90 0.14 -6.12 76.23
CA ALA H 90 0.37 -5.48 74.95
C ALA H 90 0.69 -6.52 73.89
N VAL H 91 0.03 -6.45 72.74
CA VAL H 91 0.28 -7.47 71.75
C VAL H 91 1.02 -6.86 70.58
N LEU H 92 2.18 -7.42 70.26
CA LEU H 92 2.98 -6.87 69.17
C LEU H 92 3.20 -7.80 67.99
N ALA H 93 2.67 -9.03 68.03
CA ALA H 93 2.98 -10.00 66.97
C ALA H 93 1.87 -10.81 66.33
N GLN H 94 2.11 -11.28 65.10
CA GLN H 94 1.13 -12.13 64.41
C GLN H 94 1.88 -13.15 63.55
N GLY H 95 1.27 -14.31 63.29
CA GLY H 95 1.91 -15.31 62.45
C GLY H 95 1.10 -16.57 62.31
N ARG H 96 1.60 -17.54 61.54
CA ARG H 96 0.91 -18.81 61.39
C ARG H 96 1.91 -19.92 61.13
N VAL H 97 1.84 -21.01 61.89
CA VAL H 97 2.80 -22.08 61.75
C VAL H 97 2.08 -23.41 61.71
N THR H 98 2.63 -24.39 61.00
CA THR H 98 1.97 -25.69 60.89
C THR H 98 2.75 -26.75 61.62
N VAL H 99 2.04 -27.64 62.32
CA VAL H 99 2.70 -28.69 63.04
C VAL H 99 2.65 -29.98 62.25
N ILE H 100 3.80 -30.46 61.82
CA ILE H 100 3.90 -31.68 61.05
C ILE H 100 3.61 -32.84 61.99
N PRO H 101 2.91 -33.87 61.51
CA PRO H 101 2.64 -34.93 62.48
C PRO H 101 3.92 -35.56 62.99
N ASP H 102 4.00 -35.89 64.28
CA ASP H 102 5.21 -36.46 64.86
C ASP H 102 5.86 -37.50 63.96
N PRO H 103 7.12 -37.26 63.53
CA PRO H 103 7.63 -38.26 62.59
C PRO H 103 8.25 -39.47 63.23
N LEU H 104 8.44 -39.49 64.54
CA LEU H 104 9.13 -40.61 65.15
C LEU H 104 8.21 -41.64 65.75
N ALA H 105 6.90 -41.47 65.56
CA ALA H 105 5.96 -42.39 66.20
C ALA H 105 4.59 -42.51 65.56
N GLY H 106 3.84 -43.53 65.96
CA GLY H 106 2.46 -43.67 65.50
C GLY H 106 2.09 -44.77 64.55
N THR H 107 0.86 -45.25 64.67
CA THR H 107 0.39 -46.30 63.78
C THR H 107 0.21 -45.93 62.32
N GLU H 108 -0.45 -44.80 62.01
CA GLU H 108 -0.57 -44.37 60.61
C GLU H 108 -0.82 -42.90 60.33
N ASP H 109 -0.23 -42.37 59.27
CA ASP H 109 -0.53 -41.00 58.83
C ASP H 109 -0.50 -41.11 57.32
N ARG H 110 -1.56 -40.69 56.65
CA ARG H 110 -1.53 -40.69 55.19
C ARG H 110 -1.04 -39.38 54.66
N ARG H 111 -1.10 -39.23 53.36
CA ARG H 111 -0.71 -37.97 52.77
C ARG H 111 -1.79 -36.93 52.95
N THR H 112 -1.51 -35.70 52.56
CA THR H 112 -2.47 -34.61 52.66
C THR H 112 -3.62 -34.97 51.75
N PRO H 113 -4.76 -34.29 51.89
CA PRO H 113 -5.93 -34.71 51.13
C PRO H 113 -5.71 -34.81 49.64
N ALA H 114 -4.79 -34.07 49.04
CA ALA H 114 -4.69 -34.15 47.61
C ALA H 114 -4.40 -35.58 47.19
N ARG H 115 -3.53 -36.27 47.90
CA ARG H 115 -3.26 -37.66 47.56
C ARG H 115 -4.48 -38.55 47.71
N ARG H 116 -5.24 -38.36 48.77
CA ARG H 116 -6.39 -39.22 49.00
C ARG H 116 -7.38 -39.10 47.89
N ILE H 117 -7.67 -37.88 47.47
CA ILE H 117 -8.68 -37.71 46.45
C ILE H 117 -8.19 -38.36 45.18
N LEU H 118 -6.92 -38.16 44.88
CA LEU H 118 -6.38 -38.72 43.65
C LEU H 118 -6.42 -40.23 43.67
N ALA H 119 -6.05 -40.83 44.79
CA ALA H 119 -6.03 -42.27 44.85
C ALA H 119 -7.42 -42.81 44.65
N ALA H 120 -8.39 -42.19 45.28
CA ALA H 120 -9.74 -42.68 45.17
C ALA H 120 -10.25 -42.60 43.75
N ILE H 121 -9.91 -41.53 43.03
CA ILE H 121 -10.44 -41.35 41.68
C ILE H 121 -9.93 -42.50 40.84
N GLU H 122 -8.68 -42.88 41.06
CA GLU H 122 -8.17 -44.02 40.34
C GLU H 122 -8.96 -45.26 40.68
N ALA H 123 -9.31 -45.43 41.95
CA ALA H 123 -10.12 -46.56 42.33
C ALA H 123 -11.52 -46.57 41.72
N THR H 124 -12.22 -45.45 41.77
CA THR H 124 -13.59 -45.43 41.26
C THR H 124 -13.64 -45.64 39.78
N LEU H 125 -12.69 -45.06 39.06
CA LEU H 125 -12.65 -45.22 37.62
C LEU H 125 -12.44 -46.68 37.31
N GLU H 126 -11.65 -47.36 38.12
CA GLU H 126 -11.36 -48.77 37.87
C GLU H 126 -12.62 -49.58 37.87
N GLY H 127 -13.48 -49.31 38.85
CA GLY H 127 -14.72 -50.05 38.92
C GLY H 127 -15.64 -49.79 37.76
N ARG H 128 -15.74 -48.55 37.34
CA ARG H 128 -16.71 -48.25 36.30
C ARG H 128 -16.17 -48.55 34.94
N ALA H 129 -14.92 -48.94 34.87
CA ALA H 129 -14.41 -49.33 33.58
C ALA H 129 -15.17 -50.57 33.14
N THR H 130 -15.35 -51.51 34.04
CA THR H 130 -16.09 -52.72 33.73
C THR H 130 -17.44 -52.51 34.35
N LYS H 131 -18.37 -53.43 34.15
CA LYS H 131 -19.69 -53.33 34.78
C LYS H 131 -20.27 -51.98 34.50
N ASP H 132 -20.15 -51.53 33.26
CA ASP H 132 -20.59 -50.18 32.95
C ASP H 132 -22.06 -49.98 33.20
N ALA H 133 -22.40 -48.90 33.89
CA ALA H 133 -23.79 -48.65 34.22
C ALA H 133 -24.10 -47.27 34.70
N ASP H 134 -25.05 -46.60 34.06
CA ASP H 134 -25.45 -45.31 34.57
C ASP H 134 -26.73 -45.40 35.36
N THR H 135 -27.39 -46.55 35.40
CA THR H 135 -28.57 -46.71 36.25
C THR H 135 -28.76 -48.13 36.75
N TYR H 136 -28.20 -48.48 37.90
CA TYR H 136 -28.34 -49.81 38.40
C TYR H 136 -29.67 -49.94 39.07
N SER H 137 -30.75 -49.80 38.33
CA SER H 137 -32.06 -49.77 38.95
C SER H 137 -32.79 -51.07 39.15
N ILE H 138 -32.84 -51.57 40.38
CA ILE H 138 -33.50 -52.84 40.64
C ILE H 138 -34.59 -52.69 41.66
N GLU H 139 -35.80 -53.07 41.31
CA GLU H 139 -36.95 -53.03 42.22
C GLU H 139 -37.41 -51.66 42.72
N GLY H 140 -36.64 -51.03 43.59
CA GLY H 140 -37.00 -49.70 44.06
C GLY H 140 -35.77 -48.86 44.31
N ARG H 141 -34.62 -49.33 43.86
CA ARG H 141 -33.39 -48.60 44.13
C ARG H 141 -32.73 -48.17 42.84
N SER H 142 -32.39 -46.90 42.71
CA SER H 142 -31.65 -46.47 41.53
C SER H 142 -30.43 -45.59 41.84
N ILE H 143 -29.23 -46.09 41.60
CA ILE H 143 -28.03 -45.31 41.84
C ILE H 143 -27.61 -44.12 40.97
N THR H 144 -27.71 -44.21 39.66
CA THR H 144 -27.33 -43.10 38.74
C THR H 144 -25.95 -42.35 38.78
N ARG H 145 -24.82 -43.04 38.68
CA ARG H 145 -23.46 -42.43 38.73
C ARG H 145 -23.09 -41.07 38.07
N THR H 146 -21.99 -40.44 38.50
CA THR H 146 -21.57 -39.15 37.96
C THR H 146 -20.98 -39.32 36.61
N PRO H 147 -21.25 -38.37 35.72
CA PRO H 147 -20.80 -38.58 34.36
C PRO H 147 -19.30 -38.76 34.24
N LEU H 148 -18.88 -39.63 33.33
CA LEU H 148 -17.46 -39.90 33.15
C LEU H 148 -16.66 -38.67 32.77
N PRO H 149 -17.23 -37.79 31.91
CA PRO H 149 -16.42 -36.60 31.67
C PRO H 149 -16.15 -35.84 32.96
N ASP H 150 -17.12 -35.76 33.86
CA ASP H 150 -16.93 -35.02 35.08
C ASP H 150 -15.84 -35.59 35.96
N LEU H 151 -15.77 -36.91 36.08
CA LEU H 151 -14.79 -37.52 36.97
C LEU H 151 -13.41 -37.18 36.47
N LEU H 152 -13.25 -37.17 35.15
CA LEU H 152 -11.95 -36.92 34.60
C LEU H 152 -11.46 -35.54 34.99
N ARG H 153 -12.34 -34.55 34.99
CA ARG H 153 -11.90 -33.20 35.29
C ARG H 153 -11.33 -33.13 36.69
N LEU H 154 -11.96 -33.82 37.62
CA LEU H 154 -11.50 -33.77 39.00
C LEU H 154 -10.11 -34.34 39.07
N ARG H 155 -9.85 -35.39 38.31
CA ARG H 155 -8.55 -36.02 38.41
C ARG H 155 -7.49 -35.04 38.03
N ALA H 156 -7.70 -34.31 36.95
CA ALA H 156 -6.66 -33.42 36.50
C ALA H 156 -6.36 -32.32 37.48
N VAL H 157 -7.39 -31.71 38.05
CA VAL H 157 -7.13 -30.59 38.93
C VAL H 157 -6.33 -31.06 40.11
N TYR H 158 -6.74 -32.17 40.68
CA TYR H 158 -6.05 -32.65 41.85
C TYR H 158 -4.65 -33.06 41.54
N ALA H 159 -4.42 -33.68 40.40
CA ALA H 159 -3.09 -34.18 40.08
C ALA H 159 -2.13 -33.02 40.05
N GLU H 160 -2.59 -31.91 39.52
CA GLU H 160 -1.72 -30.75 39.48
C GLU H 160 -1.32 -30.32 40.88
N GLN H 161 -2.25 -30.32 41.82
CA GLN H 161 -1.89 -29.88 43.15
C GLN H 161 -0.84 -30.79 43.73
N VAL H 162 -0.98 -32.09 43.53
CA VAL H 162 -0.01 -32.97 44.15
C VAL H 162 1.34 -32.63 43.58
N ALA H 163 1.37 -32.34 42.28
CA ALA H 163 2.62 -31.98 41.68
C ALA H 163 3.17 -30.70 42.28
N ARG H 164 2.31 -29.73 42.53
CA ARG H 164 2.79 -28.47 43.06
C ARG H 164 3.42 -28.63 44.42
N GLU H 165 2.77 -29.40 45.28
CA GLU H 165 3.28 -29.59 46.63
C GLU H 165 4.60 -30.31 46.61
N THR H 166 4.70 -31.35 45.79
CA THR H 166 5.95 -32.07 45.67
C THR H 166 7.00 -31.13 45.11
N GLY H 167 6.59 -30.23 44.21
CA GLY H 167 7.53 -29.32 43.58
C GLY H 167 8.01 -29.78 42.22
N ARG H 168 7.43 -30.85 41.69
CA ARG H 168 7.79 -31.35 40.38
C ARG H 168 6.86 -30.74 39.34
N SER H 169 6.03 -29.77 39.75
CA SER H 169 5.05 -29.12 38.86
C SER H 169 5.47 -28.33 37.64
N PRO H 170 6.72 -27.83 37.59
CA PRO H 170 7.01 -27.02 36.41
C PRO H 170 6.67 -27.74 35.13
N TYR H 171 6.08 -27.02 34.19
CA TYR H 171 5.65 -27.64 32.95
C TYR H 171 6.83 -28.27 32.24
N ARG H 172 6.63 -29.46 31.71
CA ARG H 172 7.74 -30.20 31.10
C ARG H 172 8.37 -29.62 29.85
N GLN H 173 9.65 -29.87 29.64
CA GLN H 173 10.35 -29.33 28.49
C GLN H 173 11.17 -30.39 27.76
N ARG H 174 10.96 -30.55 26.46
CA ARG H 174 11.76 -31.50 25.69
C ARG H 174 12.65 -30.72 24.76
N ARG H 175 13.95 -30.95 24.79
CA ARG H 175 14.83 -30.14 23.98
C ARG H 175 15.13 -30.88 22.71
N VAL H 176 14.89 -30.26 21.56
CA VAL H 176 15.06 -31.00 20.32
C VAL H 176 16.50 -31.36 20.22
N SER H 177 17.38 -30.39 20.42
CA SER H 177 18.81 -30.69 20.44
C SER H 177 19.21 -31.60 19.29
N PHE H 178 18.74 -31.29 18.09
CA PHE H 178 19.01 -32.14 16.95
C PHE H 178 18.87 -33.61 17.31
N TYR I 32 -0.88 34.87 31.45
CA TYR I 32 -0.80 35.32 32.83
C TYR I 32 -0.99 34.16 33.78
N ARG I 33 -2.21 33.66 33.90
CA ARG I 33 -2.48 32.54 34.76
C ARG I 33 -2.41 31.26 33.97
N ALA I 34 -1.19 30.88 33.61
CA ALA I 34 -0.97 29.71 32.80
C ALA I 34 -0.32 28.63 33.65
N ALA I 35 0.69 29.03 34.42
CA ALA I 35 1.43 28.07 35.21
C ALA I 35 1.26 28.30 36.71
N LYS I 36 0.27 29.10 37.11
CA LYS I 36 0.09 29.64 38.46
C LYS I 36 0.08 28.60 39.57
N SER I 37 -0.34 27.37 39.28
CA SER I 37 -0.43 26.31 40.27
C SER I 37 -0.51 24.94 39.61
N ASP I 38 -0.84 23.95 40.43
CA ASP I 38 -0.70 22.55 40.06
C ASP I 38 -2.05 21.82 40.15
N ARG I 39 -3.09 22.40 39.57
CA ARG I 39 -4.47 21.93 39.71
C ARG I 39 -4.63 20.51 39.17
N ILE I 40 -4.40 20.30 37.88
CA ILE I 40 -4.47 18.95 37.32
C ILE I 40 -3.26 18.65 36.46
N ALA I 41 -2.50 19.68 36.11
CA ALA I 41 -1.40 19.54 35.17
C ALA I 41 -0.16 20.32 35.60
N GLY I 42 0.27 20.19 36.85
CA GLY I 42 1.37 21.02 37.30
C GLY I 42 2.41 20.25 38.09
N GLY I 43 2.89 20.89 39.15
CA GLY I 43 4.00 20.40 39.95
C GLY I 43 5.03 21.49 40.13
N PHE I 44 4.63 22.74 39.87
CA PHE I 44 5.56 23.86 39.70
C PHE I 44 6.02 24.46 41.03
N GLY I 45 6.42 23.59 41.97
CA GLY I 45 6.68 24.05 43.32
C GLY I 45 5.47 24.74 43.94
N VAL I 46 5.72 25.61 44.92
CA VAL I 46 4.65 26.38 45.53
C VAL I 46 5.14 27.81 45.61
N PHE I 47 6.42 27.99 45.90
CA PHE I 47 7.01 29.32 45.98
C PHE I 47 8.36 29.33 45.29
N PRO I 48 8.78 30.49 44.74
CA PRO I 48 10.11 30.55 44.13
C PRO I 48 11.21 30.32 45.17
N THR I 49 12.25 29.59 44.78
CA THR I 49 13.34 29.27 45.71
C THR I 49 14.70 29.57 45.09
N THR I 50 15.69 29.83 45.94
CA THR I 50 17.04 30.12 45.45
C THR I 50 17.66 28.93 44.70
N PRO I 51 18.08 29.11 43.41
CA PRO I 51 18.68 27.96 42.78
C PRO I 51 19.87 27.52 43.55
N ARG I 52 20.51 28.35 44.36
CA ARG I 52 21.72 27.96 45.08
C ARG I 52 21.60 26.66 45.90
N ASP I 53 20.79 26.64 46.94
CA ASP I 53 20.75 25.46 47.84
C ASP I 53 20.30 24.24 47.07
N GLU I 54 19.29 24.48 46.24
CA GLU I 54 18.80 23.39 45.44
C GLU I 54 19.99 23.01 44.61
N LEU I 55 20.72 23.98 44.06
CA LEU I 55 21.82 23.65 43.16
C LEU I 55 22.84 22.85 43.91
N ARG I 56 23.24 23.21 45.12
CA ARG I 56 24.28 22.43 45.77
C ARG I 56 23.84 20.98 46.04
N ARG I 57 22.63 20.81 46.57
CA ARG I 57 22.28 19.42 46.89
C ARG I 57 22.23 18.64 45.60
N GLU I 58 21.64 19.28 44.60
CA GLU I 58 21.44 18.60 43.35
C GLU I 58 22.77 18.19 42.81
N ILE I 59 23.76 19.07 42.82
CA ILE I 59 25.06 18.76 42.28
C ILE I 59 25.80 17.68 43.05
N ARG I 60 25.76 17.66 44.36
CA ARG I 60 26.48 16.55 45.00
C ARG I 60 25.84 15.23 44.54
N GLY I 61 24.50 15.24 44.57
CA GLY I 61 23.84 13.99 44.23
C GLY I 61 24.17 13.62 42.82
N LEU I 62 24.19 14.59 41.92
CA LEU I 62 24.42 14.38 40.50
C LEU I 62 25.83 14.02 40.13
N VAL I 63 26.81 14.50 40.86
CA VAL I 63 28.13 14.11 40.49
C VAL I 63 28.07 12.64 40.78
N GLY I 64 27.51 12.30 41.95
CA GLY I 64 27.52 10.86 42.18
C GLY I 64 26.79 10.13 41.05
N HIS I 65 25.64 10.65 40.62
CA HIS I 65 24.83 9.97 39.61
C HIS I 65 25.47 9.85 38.24
N SER I 66 26.11 10.90 37.77
CA SER I 66 26.75 10.92 36.46
C SER I 66 27.89 9.96 36.49
N ARG I 67 28.58 9.93 37.63
CA ARG I 67 29.63 8.96 37.70
C ARG I 67 29.02 7.63 37.33
N HIS I 68 27.81 7.33 37.80
CA HIS I 68 27.29 5.99 37.59
C HIS I 68 26.85 5.82 36.17
N ALA I 69 26.15 6.80 35.61
CA ALA I 69 25.60 6.65 34.27
C ALA I 69 26.64 6.53 33.20
N ALA I 70 27.66 7.37 33.29
CA ALA I 70 28.64 7.36 32.24
C ALA I 70 29.24 6.00 32.29
N GLN I 71 29.54 5.52 33.47
CA GLN I 71 30.16 4.21 33.42
C GLN I 71 29.29 3.04 32.99
N ASN I 72 28.02 3.01 33.38
CA ASN I 72 27.23 1.82 33.07
C ASN I 72 26.24 1.83 31.93
N PHE I 73 25.77 2.98 31.50
CA PHE I 73 24.69 3.03 30.49
C PHE I 73 25.15 3.07 29.07
N ASP I 74 24.77 4.11 28.36
CA ASP I 74 25.36 4.37 27.07
C ASP I 74 25.01 5.78 26.71
N TYR I 75 25.28 6.20 25.47
CA TYR I 75 24.98 7.55 25.00
C TYR I 75 25.73 8.65 25.71
N ALA I 76 25.88 8.54 27.01
CA ALA I 76 26.62 9.53 27.74
C ALA I 76 28.08 9.24 27.59
N ARG I 77 28.44 7.96 27.56
CA ARG I 77 29.82 7.64 27.34
C ARG I 77 30.11 8.32 26.05
N ALA I 78 29.11 8.40 25.19
CA ALA I 78 29.31 9.02 23.89
C ALA I 78 29.43 10.51 24.01
N TYR I 79 28.60 11.11 24.83
CA TYR I 79 28.74 12.53 25.05
C TYR I 79 30.16 12.79 25.49
N GLU I 80 30.60 12.09 26.51
CA GLU I 80 31.94 12.30 27.02
C GLU I 80 32.94 12.25 25.90
N MET I 81 32.83 11.25 25.04
CA MET I 81 33.84 11.10 24.01
C MET I 81 33.70 12.28 23.10
N LEU I 82 32.47 12.62 22.77
CA LEU I 82 32.28 13.69 21.82
C LEU I 82 32.85 14.97 22.35
N THR I 83 32.57 15.27 23.61
CA THR I 83 32.98 16.54 24.13
C THR I 83 34.44 16.58 24.06
N ARG I 84 35.07 15.53 24.54
CA ARG I 84 36.49 15.64 24.61
C ARG I 84 37.05 15.87 23.26
N ARG I 85 36.67 15.05 22.30
CA ARG I 85 37.37 15.24 21.04
C ARG I 85 37.14 16.57 20.43
N HIS I 86 35.89 16.97 20.35
CA HIS I 86 35.61 18.18 19.64
C HIS I 86 36.23 19.39 20.29
N VAL I 87 36.25 19.41 21.62
CA VAL I 87 36.73 20.62 22.27
C VAL I 87 38.23 20.65 22.55
N ILE I 88 38.89 19.50 22.44
CA ILE I 88 40.30 19.48 22.82
C ILE I 88 41.31 19.78 21.76
N GLY I 89 41.60 18.83 20.90
CA GLY I 89 42.68 19.03 19.97
C GLY I 89 43.48 17.81 19.57
N PHE I 90 43.61 17.64 18.26
CA PHE I 90 44.72 16.86 17.73
C PHE I 90 46.03 17.57 18.04
N ASN I 91 46.04 18.89 17.89
CA ASN I 91 47.18 19.72 18.26
C ASN I 91 46.98 20.34 19.63
N GLY I 92 45.93 19.95 20.35
CA GLY I 92 45.62 20.54 21.63
C GLY I 92 45.10 21.95 21.43
N ILE I 93 45.43 22.84 22.36
CA ILE I 93 45.23 24.27 22.20
C ILE I 93 46.59 24.93 22.28
N ARG I 94 47.01 25.62 21.23
CA ARG I 94 48.35 26.18 21.22
C ARG I 94 48.40 27.64 21.66
N LEU I 95 49.60 28.17 21.88
CA LEU I 95 49.74 29.55 22.34
C LEU I 95 50.52 30.44 21.40
N GLN I 96 49.95 31.59 21.06
CA GLN I 96 50.68 32.56 20.24
C GLN I 96 50.62 33.86 21.02
N MET I 97 51.76 34.51 21.19
CA MET I 97 51.78 35.72 22.00
C MET I 97 52.33 36.88 21.20
N ASP I 98 51.66 38.01 21.27
CA ASP I 98 52.11 39.17 20.51
C ASP I 98 52.71 40.17 21.45
N VAL I 99 53.96 40.55 21.21
CA VAL I 99 54.63 41.45 22.13
C VAL I 99 53.95 42.79 22.19
N ARG I 100 53.70 43.39 21.05
CA ARG I 100 52.98 44.66 21.02
C ARG I 100 52.19 44.80 19.75
N ASP I 101 51.95 46.03 19.31
CA ASP I 101 51.35 46.26 18.00
C ASP I 101 52.00 45.42 16.92
N PRO I 102 51.23 44.57 16.20
CA PRO I 102 51.86 43.61 15.30
C PRO I 102 52.33 44.17 13.96
N GLY I 103 52.30 45.50 13.79
CA GLY I 103 52.88 46.07 12.57
C GLY I 103 54.39 45.96 12.55
N GLY I 104 55.05 46.69 13.45
CA GLY I 104 56.48 46.56 13.61
C GLY I 104 56.87 46.53 15.08
N LYS I 105 55.90 46.84 15.94
CA LYS I 105 56.15 46.97 17.37
C LYS I 105 56.11 45.62 18.09
N LYS I 106 55.49 44.60 17.49
CA LYS I 106 55.63 43.23 17.97
C LYS I 106 56.85 42.63 17.27
N ASP I 107 57.63 41.86 18.01
CA ASP I 107 58.80 41.19 17.45
C ASP I 107 58.72 39.69 17.69
N VAL I 108 59.37 38.92 16.82
CA VAL I 108 59.25 37.48 16.91
C VAL I 108 60.18 36.82 17.90
N ALA I 109 61.25 37.48 18.33
CA ALA I 109 62.19 36.78 19.21
C ALA I 109 61.57 36.33 20.53
N ALA I 110 60.86 37.26 21.17
CA ALA I 110 60.24 36.95 22.45
C ALA I 110 59.21 35.87 22.23
N GLY I 111 58.48 35.99 21.14
CA GLY I 111 57.44 35.03 20.88
C GLY I 111 58.01 33.64 20.76
N ALA I 112 59.09 33.52 20.00
CA ALA I 112 59.66 32.23 19.78
C ALA I 112 60.09 31.70 21.10
N GLN I 113 60.75 32.53 21.89
CA GLN I 113 61.28 31.97 23.14
C GLN I 113 60.16 31.45 24.02
N ILE I 114 59.11 32.24 24.18
CA ILE I 114 58.06 31.80 25.08
C ILE I 114 57.37 30.54 24.58
N GLU I 115 57.10 30.50 23.29
CA GLU I 115 56.37 29.36 22.77
C GLU I 115 57.20 28.14 22.97
N SER I 116 58.49 28.28 22.68
CA SER I 116 59.35 27.13 22.75
C SER I 116 59.35 26.64 24.16
N ALA I 117 59.50 27.53 25.11
CA ALA I 117 59.58 27.05 26.48
C ALA I 117 58.31 26.34 26.89
N TRP I 118 57.16 26.91 26.58
CA TRP I 118 55.94 26.28 27.04
C TRP I 118 55.81 24.89 26.46
N ALA I 119 56.03 24.82 25.15
CA ALA I 119 55.83 23.54 24.52
C ALA I 119 56.78 22.54 25.08
N ARG I 120 58.04 22.91 25.30
CA ARG I 120 59.02 21.99 25.92
C ARG I 120 58.47 21.17 27.10
N TRP I 121 58.13 21.84 28.19
CA TRP I 121 57.60 21.15 29.37
C TRP I 121 56.26 20.48 29.08
N GLY I 122 55.51 21.00 28.13
CA GLY I 122 54.25 20.38 27.73
C GLY I 122 54.52 18.97 27.22
N LYS I 123 55.64 18.78 26.52
CA LYS I 123 56.02 17.46 26.02
C LYS I 123 56.41 16.56 27.19
N MET I 124 56.45 15.25 26.98
CA MET I 124 56.68 14.34 28.12
C MET I 124 57.93 14.68 28.88
N LYS I 125 57.80 14.88 30.18
CA LYS I 125 58.93 15.26 31.01
C LYS I 125 58.60 15.06 32.48
N ASN I 126 59.60 15.13 33.35
CA ASN I 126 59.34 15.06 34.79
C ASN I 126 58.56 16.30 35.25
N SER I 127 58.84 17.46 34.65
CA SER I 127 58.22 18.72 35.09
C SER I 127 56.70 18.95 35.05
N PRO I 128 55.98 18.43 34.03
CA PRO I 128 54.54 18.76 33.99
C PRO I 128 53.67 18.35 35.18
N THR I 129 53.85 17.17 35.78
CA THR I 129 52.95 16.73 36.84
C THR I 129 53.61 15.96 38.00
N PRO I 130 53.01 15.99 39.24
CA PRO I 130 53.57 15.10 40.27
C PRO I 130 53.32 13.62 39.98
N CYS I 131 52.48 13.34 38.99
CA CYS I 131 52.56 12.12 38.21
C CYS I 131 53.73 12.21 37.22
N GLY I 132 53.55 11.67 36.04
CA GLY I 132 54.65 11.31 35.18
C GLY I 132 54.30 10.26 34.18
N ARG I 133 53.04 9.87 34.14
CA ARG I 133 52.45 9.21 32.98
C ARG I 133 51.75 10.20 32.06
N LEU I 134 51.83 11.50 32.35
CA LEU I 134 51.00 12.47 31.66
C LEU I 134 51.80 13.59 31.03
N SER I 135 51.07 14.59 30.50
CA SER I 135 51.69 15.71 29.82
C SER I 135 50.62 16.79 29.74
N TRP I 136 50.92 17.92 29.10
CA TRP I 136 49.98 19.04 29.01
C TRP I 136 48.74 18.75 28.22
N TRP I 137 48.91 18.02 27.14
CA TRP I 137 47.77 17.68 26.32
C TRP I 137 46.86 16.86 27.17
N GLY I 138 47.47 15.95 27.91
CA GLY I 138 46.67 15.07 28.73
C GLY I 138 45.96 15.93 29.73
N VAL I 139 46.62 16.85 30.36
CA VAL I 139 45.88 17.59 31.35
C VAL I 139 44.72 18.33 30.71
N GLU I 140 44.88 18.95 29.55
CA GLU I 140 43.71 19.65 29.02
C GLU I 140 42.58 18.70 28.76
N CYS I 141 42.88 17.57 28.12
CA CYS I 141 41.80 16.68 27.75
C CYS I 141 41.07 16.24 28.99
N GLN I 142 41.85 15.90 29.98
CA GLN I 142 41.23 15.39 31.17
C GLN I 142 40.42 16.38 31.94
N VAL I 143 40.94 17.59 32.04
CA VAL I 143 40.23 18.59 32.79
C VAL I 143 38.93 18.77 32.05
N ALA I 144 38.94 18.77 30.73
CA ALA I 144 37.68 18.88 30.00
C ALA I 144 36.68 17.75 30.17
N THR I 145 37.15 16.51 30.22
CA THR I 145 36.23 15.42 30.45
C THR I 145 35.63 15.58 31.80
N GLY I 146 36.47 15.98 32.74
CA GLY I 146 36.02 16.08 34.10
C GLY I 146 34.96 17.11 34.09
N ILE I 147 35.21 18.15 33.31
CA ILE I 147 34.30 19.23 33.27
C ILE I 147 33.00 18.75 32.76
N ALA I 148 32.94 18.06 31.66
CA ALA I 148 31.58 17.73 31.27
C ALA I 148 30.95 16.96 32.40
N ARG I 149 31.38 15.72 32.61
CA ARG I 149 30.76 14.84 33.61
C ARG I 149 30.45 15.42 34.99
N GLU I 150 31.34 16.23 35.54
CA GLU I 150 31.08 16.73 36.89
C GLU I 150 30.74 18.19 36.94
N GLY I 151 30.49 18.79 35.78
CA GLY I 151 30.24 20.21 35.76
C GLY I 151 31.39 21.06 36.30
N GLY I 152 32.61 20.68 35.95
CA GLY I 152 33.77 21.44 36.39
C GLY I 152 34.70 20.76 37.36
N SER I 153 35.96 21.14 37.31
CA SER I 153 36.95 20.49 38.16
C SER I 153 38.07 21.45 38.41
N PHE I 154 38.96 21.13 39.33
CA PHE I 154 40.00 22.08 39.71
C PHE I 154 41.41 21.55 39.55
N VAL I 155 42.36 22.45 39.39
CA VAL I 155 43.76 22.04 39.32
C VAL I 155 44.55 22.88 40.30
N ARG I 156 45.65 22.33 40.81
CA ARG I 156 46.45 23.08 41.76
C ARG I 156 47.91 23.09 41.36
N ILE I 157 48.60 24.17 41.68
CA ILE I 157 49.99 24.30 41.28
C ILE I 157 50.94 24.22 42.45
N HIS I 158 52.07 23.54 42.27
CA HIS I 158 53.06 23.40 43.33
C HIS I 158 54.39 24.01 42.89
N GLN I 159 55.09 24.70 43.77
CA GLN I 159 56.39 25.21 43.39
C GLN I 159 57.51 24.75 44.32
N GLY I 160 58.75 24.61 43.83
CA GLY I 160 59.87 24.18 44.66
C GLY I 160 60.27 22.72 44.52
N THR I 161 59.36 21.78 44.77
CA THR I 161 59.64 20.37 44.53
C THR I 161 59.84 20.11 43.06
N ASN I 162 58.96 20.62 42.19
CA ASN I 162 59.05 20.44 40.72
C ASN I 162 58.99 19.00 40.24
N PHE I 213 62.87 23.57 37.94
CA PHE I 213 61.64 24.18 37.43
C PHE I 213 60.63 24.38 38.55
N GLY I 214 59.34 24.35 38.22
CA GLY I 214 58.31 24.56 39.22
C GLY I 214 56.96 24.71 38.57
N PHE I 215 55.96 25.11 39.35
CA PHE I 215 54.60 25.31 38.82
C PHE I 215 54.00 24.09 38.15
N GLN I 216 54.27 22.90 38.69
CA GLN I 216 53.66 21.69 38.15
C GLN I 216 52.18 21.70 38.50
N VAL I 217 51.34 21.26 37.58
CA VAL I 217 49.90 21.30 37.83
C VAL I 217 49.32 19.91 38.03
N GLU I 218 48.59 19.73 39.12
CA GLU I 218 48.00 18.43 39.41
C GLU I 218 46.47 18.51 39.51
N PRO I 219 45.73 17.63 38.78
CA PRO I 219 44.29 17.75 38.98
C PRO I 219 43.81 16.98 40.19
N ILE I 220 42.80 17.50 40.87
CA ILE I 220 42.29 16.85 42.06
C ILE I 220 40.86 16.46 41.81
N PRO I 221 40.47 15.27 42.29
CA PRO I 221 39.12 14.79 42.02
C PRO I 221 38.04 15.67 42.64
N PHE I 222 36.88 15.77 42.00
CA PHE I 222 35.82 16.64 42.49
C PHE I 222 35.32 16.25 43.85
N ASP I 223 35.22 14.95 44.13
CA ASP I 223 34.63 14.50 45.39
C ASP I 223 35.38 14.97 46.62
N LEU I 224 36.62 15.38 46.45
CA LEU I 224 37.41 15.83 47.58
C LEU I 224 36.78 17.02 48.31
N LEU I 225 36.06 17.88 47.61
CA LEU I 225 35.46 19.06 48.23
C LEU I 225 34.47 18.73 49.35
N ASP I 226 34.52 19.49 50.44
CA ASP I 226 33.64 19.26 51.59
C ASP I 226 32.34 20.04 51.50
N LEU I 227 31.23 19.36 51.24
CA LEU I 227 29.98 20.07 51.10
C LEU I 227 29.44 20.56 52.43
N ASP I 228 29.88 19.91 53.51
CA ASP I 228 29.31 20.22 54.82
C ASP I 228 29.78 21.45 55.55
N LEU I 229 31.00 21.90 55.28
CA LEU I 229 31.50 23.02 56.04
C LEU I 229 30.61 24.19 55.74
N THR I 230 30.08 24.79 56.80
CA THR I 230 29.14 25.91 56.66
C THR I 230 29.23 26.72 57.93
N GLY I 231 28.54 27.85 57.99
CA GLY I 231 28.51 28.64 59.21
C GLY I 231 29.52 29.77 59.17
N PRO I 232 29.06 31.02 59.35
CA PRO I 232 29.95 32.18 59.28
C PRO I 232 30.75 32.41 60.56
N THR I 233 31.90 33.09 60.45
CA THR I 233 32.66 33.42 61.64
C THR I 233 32.20 34.81 62.14
N PRO I 234 32.40 35.14 63.45
CA PRO I 234 31.91 36.47 63.83
C PRO I 234 32.58 37.56 63.02
N GLY I 235 33.88 37.45 62.79
CA GLY I 235 34.58 38.43 61.98
C GLY I 235 34.70 38.04 60.51
N GLY I 236 34.12 36.91 60.12
CA GLY I 236 34.26 36.43 58.76
C GLY I 236 33.02 35.99 58.01
N GLY I 237 33.11 35.97 56.68
CA GLY I 237 31.97 35.57 55.86
C GLY I 237 31.71 34.08 55.81
N PHE I 238 30.60 33.66 55.20
CA PHE I 238 30.21 32.24 55.17
C PHE I 238 31.19 31.28 54.49
N VAL I 239 31.31 30.06 55.03
CA VAL I 239 32.20 29.05 54.43
C VAL I 239 31.42 27.91 53.76
N GLU I 240 30.13 28.10 53.52
CA GLU I 240 29.27 27.10 52.86
C GLU I 240 29.84 26.40 51.62
N SER I 241 29.48 25.14 51.40
CA SER I 241 29.97 24.38 50.26
C SER I 241 31.45 24.56 50.08
N GLY I 242 32.17 24.64 51.19
CA GLY I 242 33.60 24.73 51.12
C GLY I 242 34.16 25.91 50.38
N VAL I 243 33.47 27.04 50.39
CA VAL I 243 34.05 28.23 49.78
C VAL I 243 34.21 29.30 50.84
N GLU I 244 35.40 29.87 50.95
CA GLU I 244 35.62 30.85 51.97
C GLU I 244 35.36 32.21 51.41
N PHE I 245 34.24 32.80 51.79
CA PHE I 245 33.95 34.14 51.35
C PHE I 245 34.69 35.11 52.23
N ASP I 246 34.81 36.35 51.82
CA ASP I 246 35.48 37.36 52.63
C ASP I 246 34.52 38.39 53.17
N ALA I 247 35.04 39.41 53.83
CA ALA I 247 34.21 40.54 54.25
C ALA I 247 33.64 41.31 53.06
N THR I 248 34.32 41.28 51.92
CA THR I 248 33.82 41.82 50.68
C THR I 248 32.91 40.80 49.99
N ASP I 249 32.80 39.59 50.58
CA ASP I 249 32.17 38.40 50.00
C ASP I 249 32.83 38.06 48.66
N ARG I 250 34.16 38.15 48.67
CA ARG I 250 35.02 37.82 47.55
C ARG I 250 35.69 36.49 47.84
N VAL I 251 36.05 35.76 46.78
CA VAL I 251 36.64 34.44 46.96
C VAL I 251 38.09 34.59 47.37
N VAL I 252 38.48 33.88 48.43
CA VAL I 252 39.86 33.92 48.91
C VAL I 252 40.37 32.53 49.25
N ALA I 253 39.52 31.69 49.80
CA ALA I 253 39.99 30.35 50.07
C ALA I 253 39.06 29.24 49.70
N TYR I 254 39.60 28.05 49.58
CA TYR I 254 38.76 26.91 49.27
C TYR I 254 39.00 25.91 50.38
N HIS I 255 38.05 25.03 50.61
CA HIS I 255 38.17 24.09 51.70
C HIS I 255 37.95 22.67 51.25
N MET I 256 38.93 22.07 50.58
CA MET I 256 38.82 20.68 50.18
C MET I 256 38.86 19.84 51.44
N TRP I 257 38.33 18.63 51.36
CA TRP I 257 38.44 17.71 52.48
C TRP I 257 39.83 17.47 52.74
N SER I 258 40.37 16.54 52.05
CA SER I 258 41.70 16.24 52.40
C SER I 258 42.35 15.49 51.39
N ALA I 259 43.52 15.05 51.70
CA ALA I 259 44.20 14.23 50.78
C ALA I 259 43.47 12.97 50.69
N ALA I 260 42.95 12.56 51.79
CA ALA I 260 42.32 11.30 51.75
C ALA I 260 41.24 11.34 50.75
N ALA I 269 45.84 11.98 55.53
CA ALA I 269 44.54 11.67 56.03
C ALA I 269 44.07 12.84 56.80
N ARG I 270 44.91 13.85 56.92
CA ARG I 270 44.51 14.91 57.77
C ARG I 270 43.59 15.63 56.97
N ARG I 271 42.40 15.71 57.47
CA ARG I 271 41.44 16.32 56.69
C ARG I 271 41.48 17.83 56.78
N ARG I 272 40.62 18.49 56.03
CA ARG I 272 40.53 19.92 56.02
C ARG I 272 41.76 20.72 55.69
N LEU I 273 41.88 21.26 54.47
CA LEU I 273 42.99 22.15 54.22
C LEU I 273 42.47 23.37 53.55
N ARG I 274 42.62 24.50 54.20
CA ARG I 274 42.23 25.73 53.56
C ARG I 274 43.28 25.85 52.50
N ILE I 275 42.86 26.09 51.26
CA ILE I 275 43.85 26.30 50.22
C ILE I 275 43.63 27.67 49.60
N PRO I 276 44.72 28.41 49.43
CA PRO I 276 44.59 29.76 48.88
C PRO I 276 44.05 29.67 47.49
N ALA I 277 43.28 30.66 47.09
CA ALA I 277 42.65 30.63 45.78
C ALA I 277 43.71 30.57 44.72
N ALA I 278 44.85 31.20 44.95
CA ALA I 278 45.84 31.26 43.90
C ALA I 278 46.22 29.85 43.51
N GLN I 279 46.26 28.95 44.47
CA GLN I 279 46.66 27.60 44.15
C GLN I 279 45.56 26.81 43.47
N MET I 280 44.31 27.06 43.81
CA MET I 280 43.24 26.25 43.24
C MET I 280 42.30 27.04 42.36
N LEU I 281 42.19 26.64 41.11
CA LEU I 281 41.33 27.35 40.18
C LEU I 281 40.23 26.44 39.70
N TYR I 282 38.98 26.89 39.79
CA TYR I 282 37.85 26.05 39.40
C TYR I 282 37.23 26.60 38.15
N VAL I 283 37.21 25.80 37.08
CA VAL I 283 36.55 26.24 35.85
C VAL I 283 35.08 26.02 36.08
N LEU I 284 34.22 26.86 35.52
CA LEU I 284 32.79 26.75 35.84
C LEU I 284 31.68 26.72 34.80
N VAL I 285 31.98 26.78 33.50
CA VAL I 285 30.90 26.86 32.47
C VAL I 285 29.62 27.62 32.96
N PRO I 286 29.65 28.98 33.02
CA PRO I 286 28.48 29.65 33.56
C PRO I 286 27.18 29.52 32.83
N GLU I 287 26.11 29.27 33.57
CA GLU I 287 24.80 29.20 32.97
C GLU I 287 24.00 30.26 33.67
N GLU I 288 23.27 29.89 34.71
CA GLU I 288 22.58 30.91 35.48
C GLU I 288 23.69 31.54 36.26
N ILE I 289 23.69 32.85 36.37
CA ILE I 289 24.82 33.50 37.04
C ILE I 289 25.00 33.25 38.54
N GLY I 290 23.91 33.21 39.30
CA GLY I 290 24.10 33.11 40.74
C GLY I 290 24.36 31.73 41.24
N GLN I 291 25.55 31.21 40.93
CA GLN I 291 25.92 29.89 41.42
C GLN I 291 27.34 29.84 41.91
N ALA I 292 27.60 29.00 42.89
CA ALA I 292 28.97 28.81 43.33
C ALA I 292 29.53 27.54 42.74
N LEU I 293 28.76 26.88 41.89
CA LEU I 293 29.19 25.58 41.36
C LEU I 293 28.55 25.24 40.03
N GLY I 294 29.09 24.26 39.33
CA GLY I 294 28.46 23.83 38.08
C GLY I 294 27.89 22.43 37.97
N VAL I 295 26.67 22.33 37.47
CA VAL I 295 25.99 21.05 37.37
C VAL I 295 26.52 20.18 36.25
N PRO I 296 26.40 18.86 36.39
CA PRO I 296 26.79 18.01 35.27
C PRO I 296 25.93 18.35 34.09
N ARG I 297 26.52 18.51 32.91
CA ARG I 297 25.76 18.91 31.73
C ARG I 297 24.86 17.79 31.25
N SER I 298 24.99 16.62 31.85
CA SER I 298 24.19 15.47 31.43
C SER I 298 22.92 15.32 32.25
N ALA I 299 22.64 16.28 33.13
CA ALA I 299 21.49 16.15 34.04
C ALA I 299 20.13 16.02 33.36
N THR I 300 19.91 16.78 32.30
CA THR I 300 18.60 16.74 31.64
C THR I 300 18.29 15.36 31.06
N ALA I 301 19.28 14.72 30.45
CA ALA I 301 19.07 13.41 29.85
C ALA I 301 19.40 12.25 30.79
N LEU I 302 19.88 12.55 31.99
CA LEU I 302 20.29 11.49 32.91
C LEU I 302 19.13 10.58 33.26
N ARG I 303 17.96 11.18 33.49
CA ARG I 303 16.78 10.39 33.80
C ARG I 303 16.35 9.57 32.60
N LEU I 304 16.24 10.22 31.44
CA LEU I 304 15.75 9.50 30.24
C LEU I 304 16.64 8.31 29.87
N MET I 305 17.96 8.46 29.92
CA MET I 305 18.92 7.41 29.58
C MET I 305 18.86 6.20 30.47
N ASN I 306 18.68 6.41 31.77
CA ASN I 306 18.65 5.27 32.63
C ASN I 306 17.48 4.47 32.18
N LEU I 307 16.37 5.17 31.99
CA LEU I 307 15.23 4.33 31.66
C LEU I 307 15.48 3.61 30.34
N SER I 308 16.07 4.31 29.39
CA SER I 308 16.28 3.71 28.09
C SER I 308 17.19 2.51 28.09
N GLU I 309 18.28 2.55 28.84
CA GLU I 309 19.15 1.40 28.93
C GLU I 309 18.47 0.24 29.58
N LYS I 310 17.70 0.51 30.63
CA LYS I 310 17.00 -0.66 31.17
C LYS I 310 16.09 -1.26 30.08
N PHE I 311 15.41 -0.40 29.32
CA PHE I 311 14.57 -0.92 28.26
C PHE I 311 15.31 -1.74 27.22
N GLN I 312 16.46 -1.27 26.78
CA GLN I 312 17.21 -1.99 25.77
C GLN I 312 17.61 -3.33 26.34
N GLU I 313 18.01 -3.36 27.60
CA GLU I 313 18.33 -4.66 28.19
C GLU I 313 17.15 -5.62 28.27
N SER I 314 15.96 -5.14 28.61
CA SER I 314 14.81 -6.04 28.63
C SER I 314 14.35 -6.60 27.29
N ALA I 315 14.22 -5.78 26.27
CA ALA I 315 13.77 -6.20 24.97
C ALA I 315 14.64 -7.29 24.35
N LEU I 316 15.97 -7.13 24.44
CA LEU I 316 16.74 -8.18 23.80
C LEU I 316 16.43 -9.48 24.52
N THR I 317 16.32 -9.40 25.85
CA THR I 317 16.11 -10.66 26.56
C THR I 317 14.78 -11.33 26.20
N ALA I 318 13.75 -10.52 26.07
CA ALA I 318 12.47 -11.06 25.68
C ALA I 318 12.51 -11.69 24.30
N ALA I 319 13.21 -11.06 23.38
CA ALA I 319 13.34 -11.66 22.08
C ALA I 319 14.03 -13.00 22.13
N ASN I 320 15.09 -13.09 22.92
CA ASN I 320 15.71 -14.39 23.00
C ASN I 320 14.72 -15.39 23.52
N TYR I 321 13.97 -15.06 24.57
CA TYR I 321 13.08 -16.10 25.11
C TYR I 321 12.06 -16.51 24.09
N GLY I 322 11.55 -15.53 23.35
CA GLY I 322 10.54 -15.81 22.34
C GLY I 322 11.05 -16.72 21.25
N ALA I 323 12.27 -16.50 20.79
CA ALA I 323 12.82 -17.45 19.82
C ALA I 323 13.01 -18.82 20.41
N SER I 324 13.48 -18.90 21.65
CA SER I 324 13.77 -20.20 22.24
C SER I 324 12.66 -21.20 22.55
N ASN I 325 11.52 -20.79 23.06
CA ASN I 325 10.47 -21.71 23.47
C ASN I 325 9.79 -22.40 22.33
N MET I 326 10.04 -21.96 21.11
CA MET I 326 9.49 -22.64 19.95
C MET I 326 7.99 -22.89 20.06
N VAL I 327 7.53 -24.09 19.77
CA VAL I 327 6.11 -24.41 19.86
C VAL I 327 5.61 -24.80 21.23
N PHE I 328 4.35 -24.50 21.54
CA PHE I 328 3.78 -24.95 22.81
C PHE I 328 2.75 -26.02 22.44
N PHE I 329 2.85 -27.21 23.01
CA PHE I 329 1.85 -28.25 22.74
C PHE I 329 0.68 -28.20 23.72
N GLU I 330 -0.24 -27.25 23.55
CA GLU I 330 -1.36 -27.10 24.49
C GLU I 330 -2.36 -28.22 24.48
N ARG I 331 -2.97 -28.49 25.61
CA ARG I 331 -3.89 -29.61 25.71
C ARG I 331 -5.26 -29.20 26.20
N ALA I 332 -6.27 -29.99 25.90
CA ALA I 332 -7.61 -29.71 26.41
C ALA I 332 -7.63 -30.17 27.87
N ALA I 333 -8.71 -29.88 28.59
CA ALA I 333 -8.72 -30.21 30.01
C ALA I 333 -9.15 -31.64 30.30
N ASP I 334 -8.29 -32.60 29.94
CA ASP I 334 -8.62 -33.99 30.23
C ASP I 334 -7.56 -34.77 30.93
N ASN I 335 -6.36 -34.87 30.36
CA ASN I 335 -5.34 -35.74 30.95
C ASN I 335 -4.09 -35.09 31.47
N GLY I 336 -2.96 -35.77 31.29
CA GLY I 336 -1.71 -35.26 31.85
C GLY I 336 -1.71 -35.75 33.27
N VAL I 337 -2.64 -36.63 33.60
CA VAL I 337 -2.78 -37.12 34.96
C VAL I 337 -1.59 -37.91 35.46
N VAL I 338 -1.24 -37.74 36.74
CA VAL I 338 -0.20 -38.55 37.35
C VAL I 338 1.10 -38.57 36.57
N THR I 339 1.50 -37.43 36.05
CA THR I 339 2.79 -37.39 35.41
C THR I 339 3.68 -37.71 36.60
N GLY I 340 4.37 -38.82 36.56
CA GLY I 340 5.15 -39.24 37.71
C GLY I 340 6.23 -38.29 38.18
N PRO I 341 6.29 -38.07 39.49
CA PRO I 341 7.31 -37.19 40.05
C PRO I 341 8.72 -37.67 39.90
N GLU I 342 8.96 -38.97 40.08
CA GLU I 342 10.34 -39.45 40.10
C GLU I 342 11.18 -39.27 38.84
N ASP I 343 10.59 -39.51 37.69
CA ASP I 343 11.34 -39.41 36.45
C ASP I 343 11.78 -37.97 36.21
N ASP I 344 11.04 -37.01 36.76
CA ASP I 344 11.32 -35.61 36.47
C ASP I 344 12.69 -35.13 36.87
N ALA I 345 13.16 -35.53 38.03
CA ALA I 345 14.44 -35.01 38.50
C ALA I 345 15.65 -35.33 37.65
N GLN I 346 15.76 -36.56 37.13
CA GLN I 346 16.98 -36.95 36.42
C GLN I 346 17.38 -36.24 35.13
N ILE I 347 16.47 -36.03 34.19
CA ILE I 347 16.85 -35.42 32.93
C ILE I 347 15.74 -34.76 32.15
N PRO I 348 16.08 -33.79 31.29
CA PRO I 348 15.07 -33.24 30.39
C PRO I 348 15.29 -33.97 29.10
N ILE I 349 14.28 -34.67 28.61
CA ILE I 349 14.48 -35.51 27.42
C ILE I 349 14.96 -34.83 26.15
N ASP I 350 15.87 -35.48 25.41
CA ASP I 350 16.32 -34.93 24.12
C ASP I 350 15.69 -35.75 23.00
N GLN I 351 15.01 -35.08 22.07
CA GLN I 351 14.34 -35.76 20.96
C GLN I 351 14.92 -35.30 19.64
N ILE I 352 15.25 -36.23 18.74
CA ILE I 352 15.92 -35.84 17.50
C ILE I 352 14.99 -35.42 16.37
N GLU I 353 15.13 -34.19 15.89
CA GLU I 353 14.33 -33.71 14.77
C GLU I 353 15.27 -33.33 13.67
N ALA I 354 16.49 -33.82 13.73
CA ALA I 354 17.49 -33.42 12.76
C ALA I 354 17.11 -33.79 11.35
N GLY I 355 16.46 -34.93 11.18
CA GLY I 355 16.17 -35.35 9.83
C GLY I 355 15.33 -34.31 9.13
N THR I 356 15.65 -34.04 7.87
CA THR I 356 14.94 -33.03 7.12
C THR I 356 13.45 -33.18 7.20
N LEU I 357 12.90 -34.23 6.62
CA LEU I 357 11.47 -34.36 6.59
C LEU I 357 11.11 -35.08 7.85
N THR I 358 10.33 -34.43 8.68
CA THR I 358 9.89 -35.08 9.88
C THR I 358 8.45 -34.75 10.16
N GLU I 359 7.54 -35.26 9.34
CA GLU I 359 6.16 -35.02 9.62
C GLU I 359 5.89 -35.67 10.97
N LEU I 360 5.17 -34.99 11.84
CA LEU I 360 4.94 -35.50 13.19
C LEU I 360 3.48 -35.67 13.52
N PRO I 361 3.11 -36.79 14.14
CA PRO I 361 1.72 -36.97 14.57
C PRO I 361 1.53 -36.77 16.08
N PRO I 362 0.60 -35.91 16.50
CA PRO I 362 0.39 -35.62 17.92
C PRO I 362 -0.87 -36.21 18.55
N GLY I 363 -0.83 -36.54 19.83
CA GLY I 363 -2.02 -37.02 20.52
C GLY I 363 -3.20 -36.06 20.65
N VAL I 364 -2.96 -34.75 20.86
CA VAL I 364 -4.06 -33.75 21.06
C VAL I 364 -4.08 -32.44 20.23
N LYS I 365 -3.17 -31.48 20.47
CA LYS I 365 -3.13 -30.24 19.67
C LYS I 365 -1.79 -29.52 19.68
N ALA I 366 -1.57 -28.58 18.77
CA ALA I 366 -0.31 -27.79 18.74
C ALA I 366 -0.50 -26.31 18.47
N VAL I 367 0.42 -25.49 18.96
CA VAL I 367 0.34 -24.06 18.69
C VAL I 367 1.72 -23.45 18.46
N SER I 368 1.80 -22.33 17.76
CA SER I 368 3.09 -21.73 17.44
C SER I 368 3.24 -20.42 18.15
N HIS I 369 4.35 -20.25 18.86
CA HIS I 369 4.52 -19.03 19.63
C HIS I 369 4.71 -17.89 18.68
N ASN I 370 4.01 -16.80 18.91
CA ASN I 370 4.20 -15.63 18.09
C ASN I 370 4.92 -14.63 18.94
N PRO I 371 6.12 -14.25 18.52
CA PRO I 371 6.89 -13.34 19.36
C PRO I 371 6.28 -11.97 19.31
N ALA I 372 6.10 -11.38 20.46
CA ALA I 372 5.57 -10.03 20.51
C ALA I 372 6.67 -9.13 20.92
N TYR I 373 7.90 -9.63 20.86
CA TYR I 373 9.02 -8.84 21.32
C TYR I 373 8.99 -7.66 20.43
N PRO I 374 9.24 -6.45 20.99
CA PRO I 374 9.10 -5.32 20.09
C PRO I 374 9.78 -5.59 18.77
N ASP I 375 9.05 -5.53 17.67
CA ASP I 375 9.64 -5.90 16.40
C ASP I 375 10.15 -4.76 15.57
N ALA I 376 9.25 -3.98 15.02
CA ALA I 376 9.66 -2.84 14.24
C ALA I 376 9.15 -1.58 14.88
N ALA I 377 8.41 -1.73 15.96
CA ALA I 377 7.92 -0.59 16.69
C ALA I 377 9.08 0.18 17.26
N VAL I 378 10.11 -0.54 17.65
CA VAL I 378 11.20 0.10 18.33
C VAL I 378 11.93 1.21 17.60
N GLY I 379 12.18 1.10 16.29
CA GLY I 379 12.96 2.14 15.67
C GLY I 379 12.35 3.51 15.74
N PRO I 380 11.06 3.64 15.40
CA PRO I 380 10.44 4.95 15.60
C PRO I 380 10.33 5.39 17.06
N PHE I 381 9.94 4.49 17.96
CA PHE I 381 9.74 4.88 19.34
C PHE I 381 11.04 5.35 19.96
N LEU I 382 12.12 4.61 19.73
CA LEU I 382 13.36 4.98 20.36
C LEU I 382 13.84 6.32 19.88
N ARG I 383 13.68 6.58 18.59
CA ARG I 383 14.21 7.80 18.05
C ARG I 383 13.56 8.99 18.68
N GLN I 384 12.26 8.95 18.87
CA GLN I 384 11.61 10.13 19.39
C GLN I 384 12.05 10.47 20.81
N MET I 385 12.17 9.47 21.68
CA MET I 385 12.65 9.75 23.02
C MET I 385 14.08 10.24 22.89
N GLY I 386 14.84 9.66 21.98
CA GLY I 386 16.22 10.05 21.78
C GLY I 386 16.38 11.49 21.34
N THR I 387 15.50 12.00 20.50
CA THR I 387 15.66 13.35 20.01
C THR I 387 15.59 14.26 21.19
N SER I 388 14.72 13.95 22.12
CA SER I 388 14.57 14.81 23.27
C SER I 388 15.86 14.88 24.07
N GLN I 389 16.52 13.75 24.25
CA GLN I 389 17.73 13.75 25.04
C GLN I 389 18.78 14.59 24.38
N ALA I 390 18.88 14.50 23.06
CA ALA I 390 19.91 15.23 22.36
C ALA I 390 19.71 16.71 22.51
N ALA I 391 18.47 17.15 22.42
CA ALA I 391 18.21 18.56 22.49
C ALA I 391 18.66 19.02 23.86
N GLY I 392 18.41 18.19 24.86
CA GLY I 392 18.80 18.52 26.21
C GLY I 392 20.29 18.65 26.40
N LEU I 393 21.06 17.81 25.74
CA LEU I 393 22.50 17.84 25.96
C LEU I 393 23.19 18.84 25.06
N GLY I 394 22.42 19.54 24.24
CA GLY I 394 23.00 20.55 23.40
C GLY I 394 23.86 20.01 22.28
N VAL I 395 23.50 18.85 21.75
CA VAL I 395 24.24 18.27 20.64
C VAL I 395 23.29 17.73 19.57
N SER I 396 23.75 17.69 18.31
CA SER I 396 22.93 17.14 17.25
C SER I 396 22.74 15.66 17.44
N TYR I 397 21.56 15.15 17.10
CA TYR I 397 21.27 13.75 17.34
C TYR I 397 22.20 12.84 16.57
N GLU I 398 22.50 13.20 15.34
CA GLU I 398 23.31 12.32 14.53
C GLU I 398 24.69 12.14 15.13
N THR I 399 25.27 13.20 15.65
CA THR I 399 26.55 13.03 16.31
C THR I 399 26.45 12.21 17.58
N LEU I 400 25.45 12.48 18.40
CA LEU I 400 25.35 11.79 19.68
C LEU I 400 25.13 10.32 19.54
N THR I 401 24.21 9.95 18.66
CA THR I 401 23.95 8.56 18.44
C THR I 401 24.09 8.39 16.98
N ALA I 402 24.83 7.39 16.53
CA ALA I 402 25.05 7.31 15.11
C ALA I 402 23.91 6.65 14.36
N ASP I 403 22.71 7.20 14.45
CA ASP I 403 21.61 6.67 13.66
C ASP I 403 21.93 6.95 12.21
N LEU I 404 22.35 8.17 11.90
CA LEU I 404 22.79 8.50 10.55
C LEU I 404 21.84 8.00 9.48
N SER I 405 20.56 8.24 9.67
CA SER I 405 19.59 7.74 8.72
C SER I 405 18.67 8.83 8.21
N GLY I 406 18.20 8.68 6.98
CA GLY I 406 17.30 9.67 6.42
C GLY I 406 17.86 11.06 6.46
N ALA I 407 19.08 11.24 5.96
CA ALA I 407 19.63 12.58 5.90
C ALA I 407 20.14 13.01 4.54
N ASN I 408 19.65 14.13 4.04
CA ASN I 408 20.16 14.66 2.79
C ASN I 408 21.37 15.49 3.12
N PHE I 409 22.08 15.96 2.12
CA PHE I 409 23.31 16.69 2.39
C PHE I 409 22.99 17.89 3.22
N SER I 410 21.91 18.56 2.90
CA SER I 410 21.60 19.78 3.61
C SER I 410 21.35 19.54 5.08
N SER I 411 20.67 18.45 5.42
CA SER I 411 20.32 18.23 6.82
C SER I 411 21.58 18.09 7.62
N LEU I 412 22.54 17.37 7.08
CA LEU I 412 23.78 17.20 7.78
C LEU I 412 24.50 18.51 7.97
N ARG I 413 24.50 19.35 6.96
CA ARG I 413 25.24 20.59 7.07
C ARG I 413 24.66 21.44 8.18
N ALA I 414 23.34 21.49 8.27
CA ALA I 414 22.71 22.32 9.28
C ALA I 414 23.05 21.84 10.67
N GLY I 415 23.02 20.53 10.86
CA GLY I 415 23.26 20.00 12.18
C GLY I 415 24.65 20.36 12.64
N LYS I 416 25.60 20.26 11.73
CA LYS I 416 26.96 20.55 12.11
C LYS I 416 27.04 21.98 12.52
N GLY I 417 26.36 22.86 11.82
CA GLY I 417 26.50 24.26 12.12
C GLY I 417 26.07 24.60 13.53
N GLU I 418 24.95 24.04 13.97
CA GLU I 418 24.46 24.29 15.33
C GLU I 418 25.39 23.79 16.41
N GLU I 419 25.90 22.59 16.23
CA GLU I 419 26.83 22.05 17.20
C GLU I 419 28.08 22.90 17.22
N ARG I 420 28.49 23.38 16.06
CA ARG I 420 29.73 24.11 16.00
C ARG I 420 29.66 25.34 16.87
N GLU I 421 28.51 25.99 16.88
CA GLU I 421 28.42 27.13 17.76
C GLU I 421 28.61 26.71 19.20
N GLU I 422 27.98 25.62 19.61
CA GLU I 422 28.06 25.24 21.02
C GLU I 422 29.47 24.91 21.43
N TRP I 423 30.19 24.20 20.59
CA TRP I 423 31.53 23.80 20.92
C TRP I 423 32.37 25.04 21.07
N ARG I 424 32.15 26.01 20.19
CA ARG I 424 32.99 27.18 20.21
C ARG I 424 32.82 27.83 21.54
N MET I 425 31.59 27.88 22.03
CA MET I 425 31.36 28.58 23.29
C MET I 425 32.11 27.90 24.42
N LEU I 426 32.04 26.59 24.49
CA LEU I 426 32.73 25.87 25.54
C LEU I 426 34.22 26.06 25.41
N GLN I 427 34.72 26.10 24.18
CA GLN I 427 36.15 26.21 23.96
C GLN I 427 36.69 27.50 24.54
N ARG I 428 35.96 28.58 24.35
CA ARG I 428 36.43 29.84 24.84
C ARG I 428 36.49 29.79 26.34
N ALA I 429 35.46 29.24 26.96
CA ALA I 429 35.40 29.22 28.42
C ALA I 429 36.46 28.40 29.15
N VAL I 430 36.76 27.20 28.67
CA VAL I 430 37.69 26.39 29.41
C VAL I 430 39.04 27.07 29.44
N PHE I 431 39.44 27.63 28.31
CA PHE I 431 40.72 28.28 28.27
C PHE I 431 40.65 29.72 28.67
N GLU I 432 39.45 30.23 28.87
CA GLU I 432 39.33 31.58 29.37
C GLU I 432 39.95 31.49 30.72
N GLY I 433 39.66 30.40 31.41
CA GLY I 433 40.18 30.25 32.74
C GLY I 433 41.50 29.55 32.95
N LEU I 434 41.62 28.31 32.53
CA LEU I 434 42.85 27.60 32.84
C LEU I 434 44.08 28.20 32.19
N HIS I 435 44.02 28.50 30.90
CA HIS I 435 45.21 28.97 30.21
C HIS I 435 45.66 30.29 30.74
N ASP I 436 44.72 31.18 30.92
CA ASP I 436 45.13 32.51 31.31
C ASP I 436 45.80 32.51 32.67
N ARG I 437 45.21 31.79 33.62
CA ARG I 437 45.81 31.74 34.93
C ARG I 437 47.16 31.05 34.82
N VAL I 438 47.21 29.93 34.13
CA VAL I 438 48.47 29.22 34.11
C VAL I 438 49.56 29.98 33.40
N PHE I 439 49.25 30.60 32.26
CA PHE I 439 50.32 31.26 31.55
C PHE I 439 50.85 32.36 32.41
N SER I 440 49.96 33.12 33.01
CA SER I 440 50.44 34.25 33.77
C SER I 440 51.27 33.80 34.94
N ARG I 441 50.78 32.79 35.65
CA ARG I 441 51.51 32.33 36.81
C ARG I 441 52.82 31.71 36.41
N TRP I 442 52.83 30.95 35.32
CA TRP I 442 54.04 30.26 34.90
C TRP I 442 55.14 31.22 34.57
N LEU I 443 54.80 32.34 33.97
CA LEU I 443 55.86 33.20 33.50
C LEU I 443 56.84 33.70 34.53
N PRO I 444 56.36 34.16 35.70
CA PRO I 444 57.42 34.63 36.60
C PRO I 444 58.40 33.57 37.03
N LEU I 445 57.92 32.39 37.41
CA LEU I 445 58.85 31.40 37.91
C LEU I 445 59.82 31.01 36.82
N ALA I 446 59.29 30.83 35.63
CA ALA I 446 60.14 30.43 34.53
C ALA I 446 61.16 31.52 34.24
N MET I 447 60.75 32.78 34.30
CA MET I 447 61.72 33.84 34.11
C MET I 447 62.78 33.85 35.20
N LEU I 448 62.37 33.63 36.45
CA LEU I 448 63.30 33.60 37.57
C LEU I 448 64.28 32.46 37.48
N SER I 449 63.80 31.29 37.08
CA SER I 449 64.65 30.12 36.93
C SER I 449 65.49 30.30 35.71
N GLY I 450 65.15 31.29 34.90
CA GLY I 450 65.95 31.57 33.73
C GLY I 450 65.68 30.47 32.76
N GLU I 451 64.68 29.63 33.05
CA GLU I 451 64.32 28.61 32.09
C GLU I 451 64.07 29.28 30.76
N VAL I 452 63.42 30.43 30.78
CA VAL I 452 63.21 31.17 29.56
C VAL I 452 64.15 32.33 29.64
N ARG I 453 64.86 32.61 28.56
CA ARG I 453 65.83 33.69 28.58
C ARG I 453 65.21 35.01 28.15
N LEU I 454 65.08 35.94 29.10
CA LEU I 454 64.48 37.27 28.83
C LEU I 454 64.49 38.09 30.13
N PRO I 455 64.42 39.45 30.06
CA PRO I 455 64.48 40.13 31.36
C PRO I 455 63.14 40.25 32.08
N LEU I 456 63.14 40.00 33.39
CA LEU I 456 61.90 40.03 34.18
C LEU I 456 61.18 41.35 34.33
N ALA I 457 61.89 42.46 34.42
CA ALA I 457 61.23 43.73 34.71
C ALA I 457 60.16 44.20 33.73
N LYS I 458 60.39 44.09 32.43
CA LYS I 458 59.32 44.46 31.48
C LYS I 458 58.39 43.30 31.23
N LEU I 459 57.67 42.87 32.26
CA LEU I 459 56.76 41.73 32.12
C LEU I 459 55.66 41.99 31.14
N ASP I 460 55.15 43.22 31.11
CA ASP I 460 54.03 43.56 30.26
C ASP I 460 54.29 43.36 28.78
N LYS I 461 55.51 43.62 28.34
CA LYS I 461 55.83 43.50 26.93
C LYS I 461 55.58 42.08 26.46
N PHE I 462 55.92 41.09 27.27
CA PHE I 462 55.61 39.71 26.89
C PHE I 462 54.35 39.17 27.54
N ASP I 463 53.63 40.00 28.28
CA ASP I 463 52.44 39.53 29.00
C ASP I 463 51.31 39.02 28.12
N ALA I 464 51.06 39.66 26.99
CA ALA I 464 49.93 39.25 26.16
C ALA I 464 50.08 37.83 25.67
N ALA I 465 49.00 37.06 25.71
CA ALA I 465 49.06 35.67 25.31
C ALA I 465 47.74 35.26 24.71
N THR I 466 47.76 34.71 23.51
CA THR I 466 46.53 34.34 22.84
C THR I 466 46.47 32.85 22.63
N TRP I 467 45.35 32.24 22.99
CA TRP I 467 45.21 30.81 22.82
C TRP I 467 44.43 30.51 21.54
N ARG I 468 44.89 29.56 20.75
CA ARG I 468 44.21 29.29 19.48
C ARG I 468 43.49 27.95 19.42
N PRO I 469 42.17 27.99 19.22
CA PRO I 469 41.39 26.75 19.08
C PRO I 469 41.51 26.17 17.69
N ARG I 470 41.13 24.91 17.48
CA ARG I 470 41.16 24.34 16.12
C ARG I 470 39.78 24.03 15.54
N GLY I 471 39.49 24.56 14.36
CA GLY I 471 38.20 24.36 13.73
C GLY I 471 38.00 23.07 12.99
N TRP I 472 36.76 22.80 12.60
CA TRP I 472 36.45 21.56 11.89
C TRP I 472 36.24 21.72 10.39
N PRO I 473 36.83 20.84 9.57
CA PRO I 473 36.76 20.95 8.10
C PRO I 473 35.41 20.73 7.40
N SER I 474 35.19 21.43 6.29
CA SER I 474 33.94 21.33 5.52
C SER I 474 33.78 20.16 4.57
N VAL I 475 32.54 19.75 4.33
CA VAL I 475 32.26 18.67 3.38
C VAL I 475 32.59 18.97 1.90
N ASN I 476 32.28 20.18 1.44
CA ASN I 476 32.50 20.52 0.03
C ASN I 476 33.67 21.46 -0.16
N PRO I 477 34.89 20.93 -0.38
CA PRO I 477 35.96 21.92 -0.49
C PRO I 477 35.94 22.78 -1.71
N LYS I 478 35.41 22.34 -2.83
CA LYS I 478 35.51 23.17 -4.02
C LYS I 478 34.81 24.49 -3.82
N ASP I 479 33.60 24.44 -3.24
CA ASP I 479 32.84 25.66 -3.06
C ASP I 479 33.57 26.57 -2.13
N ASP I 480 34.09 26.02 -1.05
CA ASP I 480 34.72 26.86 -0.07
C ASP I 480 35.88 27.53 -0.73
N ALA I 481 36.65 26.80 -1.51
CA ALA I 481 37.83 27.37 -2.12
C ALA I 481 37.49 28.49 -3.08
N THR I 482 36.45 28.28 -3.88
CA THR I 482 36.06 29.34 -4.79
C THR I 482 35.64 30.60 -4.01
N ALA I 483 34.87 30.40 -2.95
CA ALA I 483 34.40 31.54 -2.18
C ALA I 483 35.58 32.25 -1.57
N HIS I 484 36.55 31.50 -1.07
CA HIS I 484 37.70 32.11 -0.45
C HIS I 484 38.51 32.91 -1.44
N GLU I 485 38.67 32.40 -2.66
CA GLU I 485 39.38 33.17 -3.65
C GLU I 485 38.63 34.46 -3.91
N LYS I 486 37.32 34.35 -4.04
CA LYS I 486 36.57 35.55 -4.36
C LYS I 486 36.73 36.57 -3.24
N ASP I 487 36.69 36.11 -2.00
CA ASP I 487 36.83 37.01 -0.85
C ASP I 487 38.19 37.67 -0.75
N LEU I 488 39.24 36.92 -1.03
CA LEU I 488 40.57 37.48 -0.99
C LEU I 488 40.60 38.56 -2.02
N LYS I 489 39.97 38.29 -3.15
CA LYS I 489 39.89 39.31 -4.17
C LYS I 489 39.23 40.58 -3.66
N ASN I 490 38.12 40.45 -2.94
CA ASN I 490 37.43 41.72 -2.57
C ASN I 490 37.92 42.48 -1.30
N GLY I 491 39.12 42.21 -0.82
CA GLY I 491 39.68 42.75 0.39
C GLY I 491 38.73 42.61 1.56
N VAL I 492 37.75 41.73 1.45
CA VAL I 492 36.77 41.55 2.51
C VAL I 492 37.31 40.64 3.60
N ARG I 493 37.76 39.44 3.25
CA ARG I 493 38.48 38.58 4.17
C ARG I 493 39.96 38.88 4.05
N THR I 494 40.61 38.95 5.20
CA THR I 494 42.05 39.11 5.20
C THR I 494 42.55 37.69 5.15
N ARG I 495 43.80 37.53 4.78
CA ARG I 495 44.38 36.20 4.70
C ARG I 495 44.41 35.55 6.06
N THR I 496 44.66 36.31 7.10
CA THR I 496 44.80 35.72 8.42
C THR I 496 43.56 34.99 8.92
N GLU I 497 42.39 35.53 8.66
CA GLU I 497 41.19 34.91 9.19
C GLU I 497 40.97 33.51 8.69
N ILE I 498 41.23 33.26 7.43
CA ILE I 498 40.96 31.95 6.87
C ILE I 498 41.80 30.92 7.60
N CYS I 499 43.05 31.24 7.84
CA CYS I 499 43.94 30.33 8.53
C CYS I 499 43.40 30.08 9.91
N ALA I 500 42.86 31.11 10.52
CA ALA I 500 42.38 30.99 11.88
C ALA I 500 41.26 29.98 12.01
N GLU I 501 40.38 29.91 11.04
CA GLU I 501 39.26 29.01 11.18
C GLU I 501 39.78 27.60 11.28
N ARG I 502 40.75 27.24 10.45
CA ARG I 502 41.35 25.93 10.58
C ARG I 502 42.06 25.90 11.92
N GLY I 503 42.66 27.02 12.33
CA GLY I 503 43.42 27.07 13.58
C GLY I 503 44.94 27.04 13.41
N ARG I 504 45.41 26.89 12.20
CA ARG I 504 46.84 26.89 11.94
C ARG I 504 47.57 28.21 12.19
N ASP I 505 47.07 29.35 11.74
CA ASP I 505 47.80 30.65 11.86
C ASP I 505 48.81 31.12 10.77
N PHE I 506 48.75 32.41 10.48
CA PHE I 506 49.60 32.97 9.41
C PHE I 506 51.12 32.94 9.56
N ALA I 507 51.64 33.11 10.75
CA ALA I 507 53.08 33.01 10.92
C ALA I 507 53.53 31.61 10.57
N ASP I 508 52.73 30.64 10.99
CA ASP I 508 53.06 29.25 10.73
C ASP I 508 53.08 29.10 9.23
N VAL I 509 52.05 29.67 8.61
CA VAL I 509 51.97 29.49 7.18
C VAL I 509 53.20 30.09 6.49
N VAL I 510 53.63 31.28 6.89
CA VAL I 510 54.80 31.92 6.27
C VAL I 510 56.12 31.17 6.50
N ALA I 511 56.32 30.63 7.69
CA ALA I 511 57.53 29.85 7.92
C ALA I 511 57.54 28.64 6.99
N GLU I 512 56.38 28.02 6.91
CA GLU I 512 56.32 26.85 6.07
C GLU I 512 56.58 27.22 4.60
N ALA I 513 56.10 28.38 4.18
CA ALA I 513 56.35 28.89 2.83
C ALA I 513 57.84 29.13 2.57
N ALA I 514 58.54 29.67 3.54
CA ALA I 514 59.98 29.81 3.38
C ALA I 514 60.66 28.43 3.22
N ALA I 515 60.17 27.46 3.99
CA ALA I 515 60.73 26.11 3.79
C ALA I 515 60.46 25.60 2.37
N GLU I 516 59.26 25.86 1.87
CA GLU I 516 58.91 25.45 0.52
C GLU I 516 59.82 26.13 -0.49
N ARG I 517 60.15 27.39 -0.27
CA ARG I 517 61.10 28.10 -1.15
C ARG I 517 62.50 27.49 -1.14
N GLN I 518 62.99 27.09 0.02
CA GLN I 518 64.29 26.37 0.00
C GLN I 518 64.19 25.03 -0.77
N MET I 519 63.07 24.37 -0.59
CA MET I 519 62.91 23.15 -1.36
C MET I 519 62.84 23.43 -2.85
N MET I 520 62.53 24.66 -3.22
CA MET I 520 62.49 25.04 -4.63
C MET I 520 63.88 25.17 -5.20
N ARG I 521 64.82 25.58 -4.38
CA ARG I 521 66.16 25.81 -4.88
C ARG I 521 66.73 24.53 -5.44
N ASP I 522 66.54 23.42 -4.73
CA ASP I 522 67.00 22.13 -5.23
C ASP I 522 66.27 21.65 -6.50
N ALA I 523 64.96 21.85 -6.56
CA ALA I 523 64.18 21.38 -7.72
C ALA I 523 63.49 22.48 -8.51
N GLY I 524 62.24 22.79 -8.17
CA GLY I 524 61.51 23.84 -8.87
C GLY I 524 60.40 24.37 -7.98
N LEU I 525 59.85 25.54 -8.30
CA LEU I 525 58.72 26.07 -7.52
C LEU I 525 57.41 25.77 -8.22
N ASP I 526 56.76 26.77 -8.80
CA ASP I 526 55.47 26.54 -9.40
C ASP I 526 55.27 27.28 -10.70
N PRO I 527 54.36 26.80 -11.55
CA PRO I 527 54.05 27.54 -12.78
C PRO I 527 52.85 28.48 -12.63
N MET J 1 21.86 -28.02 60.16
CA MET J 1 23.16 -27.95 59.49
C MET J 1 23.17 -28.68 58.16
N THR J 2 24.32 -29.26 57.82
CA THR J 2 24.46 -29.99 56.57
C THR J 2 23.63 -31.26 56.58
N VAL J 3 23.18 -31.70 55.40
CA VAL J 3 22.31 -32.87 55.31
C VAL J 3 22.47 -33.59 53.98
N SER J 4 22.40 -34.91 54.01
CA SER J 4 22.52 -35.68 52.78
C SER J 4 21.40 -36.71 52.66
N ILE J 5 20.20 -36.25 52.36
CA ILE J 5 19.12 -37.19 52.19
C ILE J 5 19.09 -37.64 50.75
N HIS J 6 19.78 -38.74 50.45
CA HIS J 6 19.66 -39.28 49.10
C HIS J 6 19.52 -40.79 48.96
N PRO J 7 18.44 -41.36 49.49
CA PRO J 7 18.25 -42.79 49.26
C PRO J 7 17.92 -42.97 47.79
N PRO J 8 18.37 -44.08 47.18
CA PRO J 8 18.02 -44.11 45.77
C PRO J 8 16.52 -44.11 45.66
N ALA J 9 15.98 -43.32 44.75
CA ALA J 9 14.53 -43.18 44.60
C ALA J 9 13.84 -44.51 44.37
N THR J 10 14.45 -45.36 43.55
CA THR J 10 13.88 -46.68 43.29
C THR J 10 14.51 -47.71 44.21
N LEU J 11 13.84 -48.00 45.32
CA LEU J 11 14.42 -48.93 46.26
C LEU J 11 13.69 -50.22 46.11
N VAL J 12 14.42 -51.29 45.84
CA VAL J 12 13.77 -52.56 45.59
C VAL J 12 13.78 -53.43 46.81
N ALA J 13 12.71 -54.17 47.02
CA ALA J 13 12.57 -54.96 48.22
C ALA J 13 13.53 -56.13 48.29
N GLY J 14 13.70 -56.69 49.48
CA GLY J 14 14.61 -57.80 49.64
C GLY J 14 16.04 -57.56 49.25
N ASP J 15 16.36 -56.31 48.91
CA ASP J 15 17.69 -55.98 48.45
C ASP J 15 18.31 -55.07 49.47
N SER J 16 19.62 -55.11 49.59
CA SER J 16 20.31 -54.29 50.57
C SER J 16 20.21 -52.84 50.16
N TRP J 17 19.98 -51.96 51.14
CA TRP J 17 19.81 -50.55 50.82
C TRP J 17 20.89 -49.70 51.46
N ALA J 18 21.52 -48.83 50.67
CA ALA J 18 22.55 -47.95 51.22
C ALA J 18 22.65 -46.55 50.63
N TRP J 19 22.73 -45.50 51.46
CA TRP J 19 23.01 -44.17 50.89
C TRP J 19 24.37 -43.66 51.37
N GLU J 20 24.81 -44.10 52.54
CA GLU J 20 26.07 -43.57 53.06
C GLU J 20 26.05 -42.05 53.04
N ALA J 21 25.07 -41.44 53.70
CA ALA J 21 24.92 -39.98 53.66
C ALA J 21 26.14 -39.17 54.07
N GLY J 22 26.47 -38.16 53.27
CA GLY J 22 27.64 -37.35 53.56
C GLY J 22 27.73 -36.48 54.79
N ALA J 23 26.69 -35.72 55.13
CA ALA J 23 26.82 -34.78 56.25
C ALA J 23 25.59 -34.44 57.08
N VAL J 24 24.56 -35.25 57.01
CA VAL J 24 23.32 -34.92 57.70
C VAL J 24 23.48 -34.83 59.19
N PHE J 25 24.26 -35.73 59.77
CA PHE J 25 24.38 -35.77 61.21
C PHE J 25 25.68 -35.12 61.68
N GLU J 26 26.20 -34.16 60.92
CA GLU J 26 27.47 -33.60 61.31
C GLU J 26 27.18 -32.69 62.46
N ASP J 27 26.00 -32.08 62.48
CA ASP J 27 25.64 -31.32 63.65
C ASP J 27 25.38 -32.27 64.78
N HIS J 28 25.70 -31.87 65.99
CA HIS J 28 25.53 -32.74 67.14
C HIS J 28 26.23 -34.07 66.92
N PRO J 29 27.45 -34.04 66.35
CA PRO J 29 28.05 -35.35 66.06
C PRO J 29 28.39 -36.18 67.29
N ASP J 30 28.96 -35.56 68.32
CA ASP J 30 29.41 -36.32 69.47
C ASP J 30 28.38 -37.06 70.33
N PRO J 31 27.26 -36.42 70.68
CA PRO J 31 26.35 -37.21 71.50
C PRO J 31 25.00 -37.59 70.85
N TRP J 32 24.80 -37.36 69.57
CA TRP J 32 23.49 -37.65 68.99
C TRP J 32 23.54 -38.78 67.99
N ALA J 33 22.50 -39.61 67.94
CA ALA J 33 22.51 -40.80 67.05
C ALA J 33 22.12 -40.57 65.60
N ALA J 34 22.29 -41.60 64.76
CA ALA J 34 21.86 -41.52 63.35
C ALA J 34 20.61 -42.37 63.17
N SER J 35 19.64 -41.94 62.36
CA SER J 35 18.39 -42.70 62.25
C SER J 35 17.84 -43.04 60.88
N TYR J 36 17.72 -42.04 60.00
CA TYR J 36 17.18 -42.27 58.68
C TYR J 36 15.89 -43.08 58.80
N VAL J 37 14.89 -42.55 59.51
CA VAL J 37 13.64 -43.27 59.71
C VAL J 37 12.92 -43.54 58.41
N LEU J 38 12.46 -44.76 58.21
CA LEU J 38 11.72 -45.09 57.01
C LEU J 38 10.35 -45.49 57.49
N ARG J 39 9.30 -44.84 57.01
CA ARG J 39 7.97 -45.12 57.50
C ARG J 39 7.03 -45.39 56.38
N PRO J 40 6.26 -46.46 56.49
CA PRO J 40 5.26 -46.64 55.44
C PRO J 40 4.21 -45.57 55.59
N GLU J 41 3.83 -44.93 54.50
CA GLU J 41 2.86 -43.86 54.58
C GLU J 41 1.47 -44.31 55.02
N ALA J 42 1.01 -45.43 54.51
CA ALA J 42 -0.35 -45.91 54.82
C ALA J 42 -0.35 -47.14 55.69
N GLY J 43 -0.06 -47.02 56.99
CA GLY J 43 0.09 -48.20 57.82
C GLY J 43 1.53 -48.41 58.24
N GLY J 44 1.81 -49.57 58.82
CA GLY J 44 3.18 -49.88 59.14
C GLY J 44 3.77 -49.30 60.39
N ASP J 45 5.02 -49.67 60.67
CA ASP J 45 5.68 -49.19 61.86
C ASP J 45 7.02 -48.69 61.39
N PRO J 46 7.41 -47.50 61.86
CA PRO J 46 8.64 -46.98 61.30
C PRO J 46 9.81 -47.91 61.53
N VAL J 47 10.57 -48.22 60.48
CA VAL J 47 11.77 -49.01 60.67
C VAL J 47 12.93 -48.04 60.64
N THR J 48 14.04 -48.38 61.28
CA THR J 48 15.17 -47.47 61.34
C THR J 48 16.51 -48.04 60.98
N VAL J 49 17.41 -47.18 60.51
CA VAL J 49 18.75 -47.61 60.13
C VAL J 49 19.79 -46.94 61.02
N SER J 50 20.73 -47.70 61.53
CA SER J 50 21.77 -47.15 62.39
C SER J 50 23.07 -46.88 61.63
N GLY J 51 24.20 -47.11 62.29
CA GLY J 51 25.47 -46.81 61.65
C GLY J 51 26.27 -47.95 61.06
N GLY J 52 26.90 -48.77 61.88
CA GLY J 52 27.75 -49.83 61.34
C GLY J 52 28.73 -49.23 60.37
N LEU J 53 29.45 -48.19 60.79
CA LEU J 53 30.30 -47.47 59.83
C LEU J 53 31.78 -47.28 60.04
N GLU J 54 32.46 -46.79 58.99
CA GLU J 54 33.85 -46.40 59.14
C GLU J 54 33.76 -45.01 59.76
N VAL J 55 34.70 -44.65 60.62
CA VAL J 55 34.59 -43.36 61.31
C VAL J 55 34.60 -42.10 60.43
N LEU J 56 35.51 -42.04 59.44
CA LEU J 56 35.62 -40.81 58.64
C LEU J 56 34.38 -40.51 57.85
N ALA J 57 33.82 -41.52 57.20
CA ALA J 57 32.60 -41.33 56.45
C ALA J 57 31.56 -42.33 56.93
N PRO J 58 30.43 -41.82 57.42
CA PRO J 58 29.39 -42.73 57.85
C PRO J 58 28.80 -43.47 56.67
N VAL J 59 28.60 -44.77 56.81
CA VAL J 59 27.95 -45.52 55.75
C VAL J 59 26.75 -46.24 56.34
N PHE J 60 25.60 -46.05 55.71
CA PHE J 60 24.38 -46.61 56.26
C PHE J 60 24.01 -47.81 55.46
N ARG J 61 23.67 -48.89 56.14
CA ARG J 61 23.36 -50.10 55.43
C ARG J 61 22.21 -50.86 56.05
N LEU J 62 21.42 -51.53 55.21
CA LEU J 62 20.34 -52.36 55.71
C LEU J 62 20.47 -53.77 55.11
N PRO J 63 20.38 -54.81 55.94
CA PRO J 63 20.49 -56.20 55.44
C PRO J 63 19.33 -56.60 54.57
N ALA J 64 19.60 -57.37 53.54
CA ALA J 64 18.55 -57.79 52.62
C ALA J 64 17.47 -58.64 53.25
N SER J 65 17.88 -59.56 54.11
CA SER J 65 16.92 -60.46 54.72
C SER J 65 15.94 -59.69 55.57
N VAL J 66 16.42 -58.68 56.27
CA VAL J 66 15.52 -57.85 57.06
C VAL J 66 14.49 -57.11 56.21
N THR J 67 14.88 -56.66 55.03
CA THR J 67 13.96 -55.92 54.18
C THR J 67 12.79 -56.81 53.83
N ALA J 68 13.07 -58.06 53.47
CA ALA J 68 12.01 -59.05 53.20
C ALA J 68 10.57 -58.63 53.08
N ASP J 69 9.89 -58.51 54.20
CA ASP J 69 8.45 -58.27 54.19
C ASP J 69 7.99 -56.82 54.15
N LEU J 70 8.90 -55.90 53.87
CA LEU J 70 8.51 -54.50 53.92
C LEU J 70 7.40 -54.20 52.93
N PRO J 71 6.47 -53.30 53.29
CA PRO J 71 5.32 -53.02 52.42
C PRO J 71 5.56 -52.52 51.02
N PRO J 72 4.87 -53.09 50.02
CA PRO J 72 4.96 -52.57 48.66
C PRO J 72 4.15 -51.30 48.57
N GLY J 73 4.65 -50.24 47.94
CA GLY J 73 3.92 -48.98 47.94
C GLY J 73 4.80 -47.76 48.07
N GLU J 74 4.31 -46.73 48.75
CA GLU J 74 5.09 -45.50 48.93
C GLU J 74 5.65 -45.31 50.35
N TRP J 75 6.91 -44.91 50.47
CA TRP J 75 7.55 -44.78 51.77
C TRP J 75 8.21 -43.42 51.93
N THR J 76 8.33 -42.95 53.16
CA THR J 76 8.93 -41.64 53.41
C THR J 76 10.26 -41.71 54.15
N TRP J 77 11.15 -40.76 53.88
CA TRP J 77 12.47 -40.74 54.50
C TRP J 77 12.68 -39.50 55.34
N PHE J 78 12.86 -39.66 56.65
CA PHE J 78 13.13 -38.51 57.48
C PHE J 78 14.36 -38.87 58.33
N ALA J 79 15.32 -37.96 58.49
CA ALA J 79 16.53 -38.24 59.26
C ALA J 79 16.55 -37.50 60.57
N VAL J 80 16.72 -38.21 61.67
CA VAL J 80 16.67 -37.58 62.98
C VAL J 80 17.89 -37.85 63.83
N ALA J 81 18.42 -36.82 64.49
CA ALA J 81 19.53 -37.02 65.40
C ALA J 81 18.99 -36.75 66.78
N VAL J 82 19.22 -37.64 67.72
CA VAL J 82 18.61 -37.46 69.05
C VAL J 82 19.55 -37.68 70.23
N ASP J 83 19.49 -36.81 71.24
CA ASP J 83 20.28 -37.05 72.45
C ASP J 83 19.42 -36.98 73.69
N ALA J 84 19.51 -37.98 74.55
CA ALA J 84 18.72 -38.01 75.79
C ALA J 84 19.06 -36.92 76.80
N THR J 85 20.35 -36.64 76.98
CA THR J 85 20.75 -35.62 77.93
C THR J 85 20.16 -34.33 77.44
N THR J 86 20.25 -34.10 76.14
CA THR J 86 19.65 -32.90 75.56
C THR J 86 18.13 -32.92 75.59
N ASP J 87 17.53 -34.11 75.69
CA ASP J 87 16.07 -34.27 75.69
C ASP J 87 15.49 -33.61 74.46
N ALA J 88 16.20 -33.75 73.35
CA ALA J 88 15.77 -33.13 72.12
C ALA J 88 16.11 -34.04 70.97
N ARG J 89 15.42 -33.86 69.86
CA ARG J 89 15.73 -34.61 68.67
C ARG J 89 15.91 -33.51 67.69
N ALA J 90 16.58 -33.76 66.58
CA ALA J 90 16.68 -32.75 65.55
C ALA J 90 16.42 -33.35 64.18
N VAL J 91 15.55 -32.75 63.39
CA VAL J 91 15.25 -33.35 62.11
C VAL J 91 15.82 -32.51 61.01
N LEU J 92 16.65 -33.11 60.17
CA LEU J 92 17.29 -32.37 59.10
C LEU J 92 16.94 -32.83 57.69
N ALA J 93 16.11 -33.85 57.54
CA ALA J 93 15.86 -34.40 56.19
C ALA J 93 14.43 -34.69 55.74
N GLN J 94 14.23 -34.72 54.43
CA GLN J 94 12.91 -35.04 53.87
C GLN J 94 13.10 -35.79 52.55
N GLY J 95 12.13 -36.63 52.17
CA GLY J 95 12.23 -37.35 50.91
C GLY J 95 11.07 -38.29 50.68
N ARG J 96 11.06 -38.99 49.54
CA ARG J 96 10.01 -39.97 49.25
C ARG J 96 10.56 -41.06 48.36
N VAL J 97 10.36 -42.31 48.74
CA VAL J 97 10.90 -43.42 47.98
C VAL J 97 9.83 -44.49 47.79
N THR J 98 9.88 -45.22 46.69
CA THR J 98 8.87 -46.22 46.43
C THR J 98 9.44 -47.62 46.51
N VAL J 99 8.69 -48.54 47.11
CA VAL J 99 9.17 -49.90 47.23
C VAL J 99 8.56 -50.76 46.15
N ILE J 100 9.39 -51.26 45.25
CA ILE J 100 8.93 -52.11 44.16
C ILE J 100 8.55 -53.45 44.75
N PRO J 101 7.48 -54.07 44.25
CA PRO J 101 7.16 -55.34 44.90
C PRO J 101 8.29 -56.36 44.74
N ASP J 102 8.57 -57.14 45.78
CA ASP J 102 9.65 -58.12 45.74
C ASP J 102 9.74 -58.85 44.41
N PRO J 103 10.87 -58.71 43.69
CA PRO J 103 10.82 -59.37 42.39
C PRO J 103 11.19 -60.84 42.40
N LEU J 104 11.68 -61.36 43.51
CA LEU J 104 12.14 -62.74 43.49
C LEU J 104 11.12 -63.72 44.03
N ALA J 105 9.92 -63.25 44.35
CA ALA J 105 8.93 -64.14 44.95
C ALA J 105 7.48 -63.75 44.79
N GLY J 106 6.58 -64.68 45.09
CA GLY J 106 5.16 -64.37 45.08
C GLY J 106 4.26 -64.96 44.02
N THR J 107 3.01 -65.20 44.40
CA THR J 107 2.05 -65.74 43.44
C THR J 107 1.64 -64.82 42.29
N GLU J 108 1.29 -63.56 42.56
CA GLU J 108 0.97 -62.62 41.46
C GLU J 108 1.09 -61.14 41.73
N ASP J 109 1.55 -60.37 40.73
CA ASP J 109 1.57 -58.91 40.84
C ASP J 109 1.21 -58.45 39.45
N ARG J 110 0.19 -57.62 39.33
CA ARG J 110 -0.15 -57.09 38.01
C ARG J 110 0.57 -55.81 37.76
N ARG J 111 0.25 -55.16 36.65
CA ARG J 111 0.85 -53.88 36.38
C ARG J 111 0.19 -52.80 37.20
N THR J 112 0.71 -51.58 37.12
CA THR J 112 0.17 -50.45 37.84
C THR J 112 -1.22 -50.21 37.28
N PRO J 113 -2.03 -49.43 38.00
CA PRO J 113 -3.43 -49.30 37.55
C PRO J 113 -3.61 -48.88 36.13
N ALA J 114 -2.69 -48.16 35.51
CA ALA J 114 -2.95 -47.74 34.16
C ALA J 114 -3.21 -48.93 33.26
N ARG J 115 -2.44 -49.99 33.42
CA ARG J 115 -2.68 -51.17 32.61
C ARG J 115 -4.03 -51.81 32.88
N ARG J 116 -4.43 -51.88 34.14
CA ARG J 116 -5.68 -52.54 34.47
C ARG J 116 -6.84 -51.81 33.83
N ILE J 117 -6.85 -50.49 33.91
CA ILE J 117 -7.97 -49.77 33.37
C ILE J 117 -8.02 -50.00 31.90
N LEU J 118 -6.86 -49.94 31.26
CA LEU J 118 -6.81 -50.11 29.82
C LEU J 118 -7.28 -51.47 29.39
N ALA J 119 -6.86 -52.51 30.10
CA ALA J 119 -7.24 -53.84 29.72
C ALA J 119 -8.73 -53.99 29.83
N ALA J 120 -9.30 -53.47 30.90
CA ALA J 120 -10.72 -53.61 31.10
C ALA J 120 -11.51 -52.91 30.02
N ILE J 121 -11.05 -51.74 29.58
CA ILE J 121 -11.81 -50.98 28.59
C ILE J 121 -11.89 -51.82 27.33
N GLU J 122 -10.79 -52.48 27.01
CA GLU J 122 -10.81 -53.34 25.85
C GLU J 122 -11.83 -54.45 26.06
N ALA J 123 -11.89 -55.01 27.25
CA ALA J 123 -12.89 -56.02 27.52
C ALA J 123 -14.33 -55.53 27.44
N THR J 124 -14.64 -54.39 28.04
CA THR J 124 -16.02 -53.93 28.03
C THR J 124 -16.50 -53.56 26.64
N LEU J 125 -15.61 -52.95 25.87
CA LEU J 125 -15.96 -52.58 24.52
C LEU J 125 -16.28 -53.84 23.74
N GLU J 126 -15.54 -54.91 24.01
CA GLU J 126 -15.74 -56.14 23.27
C GLU J 126 -17.16 -56.63 23.45
N GLY J 127 -17.64 -56.59 24.67
CA GLY J 127 -18.98 -57.05 24.94
C GLY J 127 -20.04 -56.22 24.26
N ARG J 128 -19.88 -54.90 24.28
CA ARG J 128 -20.93 -54.06 23.75
C ARG J 128 -20.85 -53.93 22.28
N ALA J 129 -19.82 -54.50 21.69
CA ALA J 129 -19.78 -54.49 20.24
C ALA J 129 -20.94 -55.30 19.73
N THR J 130 -21.17 -56.45 20.33
CA THR J 130 -22.28 -57.29 19.93
C THR J 130 -23.32 -57.07 20.99
N LYS J 131 -24.50 -57.65 20.83
CA LYS J 131 -25.53 -57.55 21.86
C LYS J 131 -25.75 -56.10 22.20
N ASP J 132 -25.80 -55.25 21.19
CA ASP J 132 -25.88 -53.83 21.45
C ASP J 132 -27.13 -53.45 22.20
N ALA J 133 -26.97 -52.66 23.26
CA ALA J 133 -28.11 -52.29 24.08
C ALA J 133 -27.86 -51.16 25.02
N ASP J 134 -28.70 -50.13 24.95
CA ASP J 134 -28.57 -49.07 25.93
C ASP J 134 -29.59 -49.20 27.03
N THR J 135 -30.53 -50.13 26.93
CA THR J 135 -31.46 -50.36 28.04
C THR J 135 -31.94 -51.80 28.14
N TYR J 136 -31.25 -52.64 28.88
CA TYR J 136 -31.65 -54.03 28.98
C TYR J 136 -32.76 -54.13 29.98
N SER J 137 -33.90 -53.52 29.70
CA SER J 137 -34.95 -53.47 30.70
C SER J 137 -35.97 -54.58 30.73
N ILE J 138 -35.85 -55.49 31.69
CA ILE J 138 -36.78 -56.60 31.78
C ILE J 138 -37.50 -56.64 33.09
N GLU J 139 -38.81 -56.62 33.06
CA GLU J 139 -39.64 -56.70 34.26
C GLU J 139 -39.55 -55.55 35.27
N GLY J 140 -38.44 -55.43 35.98
CA GLY J 140 -38.27 -54.34 36.91
C GLY J 140 -36.83 -53.91 36.98
N ARG J 141 -36.01 -54.38 36.07
CA ARG J 141 -34.60 -54.07 36.12
C ARG J 141 -34.17 -53.33 34.88
N SER J 142 -33.51 -52.18 35.02
CA SER J 142 -32.98 -51.49 33.86
C SER J 142 -31.52 -51.04 33.99
N ILE J 143 -30.61 -51.65 33.24
CA ILE J 143 -29.21 -51.26 33.29
C ILE J 143 -28.70 -49.93 32.73
N THR J 144 -29.12 -49.50 31.56
CA THR J 144 -28.67 -48.23 30.94
C THR J 144 -27.17 -47.83 30.75
N ARG J 145 -26.34 -48.65 30.09
CA ARG J 145 -24.89 -48.37 29.87
C ARG J 145 -24.31 -46.97 29.56
N THR J 146 -22.99 -46.76 29.77
CA THR J 146 -22.36 -45.47 29.53
C THR J 146 -22.19 -45.23 28.07
N PRO J 147 -22.37 -43.99 27.64
CA PRO J 147 -22.35 -43.77 26.21
C PRO J 147 -21.03 -44.17 25.56
N LEU J 148 -21.12 -44.71 24.35
CA LEU J 148 -19.93 -45.17 23.65
C LEU J 148 -18.92 -44.05 23.41
N PRO J 149 -19.39 -42.84 23.08
CA PRO J 149 -18.35 -41.81 22.95
C PRO J 149 -17.57 -41.65 24.25
N ASP J 150 -18.23 -41.72 25.40
CA ASP J 150 -17.55 -41.54 26.66
C ASP J 150 -16.48 -42.60 26.91
N LEU J 151 -16.79 -43.86 26.61
CA LEU J 151 -15.84 -44.92 26.91
C LEU J 151 -14.59 -44.68 26.11
N LEU J 152 -14.76 -44.23 24.88
CA LEU J 152 -13.61 -44.04 24.03
C LEU J 152 -12.65 -43.03 24.63
N ARG J 153 -13.19 -41.97 25.21
CA ARG J 153 -12.30 -40.93 25.74
C ARG J 153 -11.43 -41.49 26.83
N LEU J 154 -11.99 -42.35 27.67
CA LEU J 154 -11.21 -42.90 28.77
C LEU J 154 -10.07 -43.70 28.20
N ARG J 155 -10.33 -44.43 27.13
CA ARG J 155 -9.28 -45.29 26.61
C ARG J 155 -8.11 -44.46 26.21
N ALA J 156 -8.34 -43.36 25.54
CA ALA J 156 -7.23 -42.58 25.05
C ALA J 156 -6.40 -42.01 26.16
N VAL J 157 -7.04 -41.46 27.19
CA VAL J 157 -6.25 -40.81 28.22
C VAL J 157 -5.37 -41.83 28.89
N TYR J 158 -5.94 -42.98 29.21
CA TYR J 158 -5.17 -43.98 29.88
C TYR J 158 -4.06 -44.51 29.03
N ALA J 159 -4.30 -44.68 27.74
CA ALA J 159 -3.29 -45.28 26.88
C ALA J 159 -2.08 -44.41 26.88
N GLU J 160 -2.29 -43.10 26.88
CA GLU J 160 -1.17 -42.20 26.90
C GLU J 160 -0.33 -42.41 28.16
N GLN J 161 -0.97 -42.59 29.31
CA GLN J 161 -0.18 -42.74 30.51
C GLN J 161 0.66 -43.98 30.42
N VAL J 162 0.11 -45.07 29.90
CA VAL J 162 0.89 -46.28 29.88
C VAL J 162 2.10 -46.03 29.03
N ALA J 163 1.91 -45.29 27.95
CA ALA J 163 3.03 -44.97 27.10
C ALA J 163 4.05 -44.15 27.84
N ARG J 164 3.60 -43.19 28.63
CA ARG J 164 4.54 -42.32 29.32
C ARG J 164 5.40 -43.10 30.29
N GLU J 165 4.78 -43.99 31.05
CA GLU J 165 5.51 -44.77 32.04
C GLU J 165 6.53 -45.67 31.37
N THR J 166 6.12 -46.32 30.30
CA THR J 166 7.03 -47.17 29.57
C THR J 166 8.14 -46.31 28.99
N GLY J 167 7.81 -45.08 28.60
CA GLY J 167 8.80 -44.22 27.98
C GLY J 167 8.78 -44.22 26.48
N ARG J 168 7.80 -44.88 25.88
CA ARG J 168 7.68 -44.91 24.43
C ARG J 168 6.75 -43.79 23.98
N SER J 169 6.37 -42.91 24.90
CA SER J 169 5.43 -41.80 24.62
C SER J 169 5.76 -40.71 23.62
N PRO J 170 7.05 -40.48 23.32
CA PRO J 170 7.27 -39.37 22.41
C PRO J 170 6.44 -39.47 21.15
N TYR J 171 5.88 -38.36 20.71
CA TYR J 171 5.01 -38.39 19.56
C TYR J 171 5.74 -38.92 18.34
N ARG J 172 5.09 -39.78 17.58
CA ARG J 172 5.74 -40.43 16.46
C ARG J 172 6.20 -39.56 15.30
N GLN J 173 7.26 -39.96 14.63
CA GLN J 173 7.80 -39.18 13.52
C GLN J 173 8.07 -40.02 12.28
N ARG J 174 7.51 -39.66 11.14
CA ARG J 174 7.79 -40.38 9.90
C ARG J 174 8.62 -39.51 9.01
N ARG J 175 9.77 -39.98 8.55
CA ARG J 175 10.63 -39.12 7.77
C ARG J 175 10.38 -39.37 6.31
N VAL J 176 10.06 -38.33 5.54
CA VAL J 176 9.71 -38.58 4.16
C VAL J 176 10.91 -39.15 3.49
N SER J 177 12.06 -38.51 3.67
CA SER J 177 13.30 -39.07 3.14
C SER J 177 13.12 -39.54 1.70
N PHE J 178 12.49 -38.73 0.87
CA PHE J 178 12.21 -39.13 -0.49
C PHE J 178 11.75 -40.57 -0.56
N TYR K 32 16.99 20.22 38.85
CA TYR K 32 17.53 20.10 40.19
C TYR K 32 17.24 18.72 40.76
N ARG K 33 15.99 18.47 41.11
CA ARG K 33 15.61 17.19 41.65
C ARG K 33 15.11 16.30 40.53
N ALA K 34 16.05 15.85 39.69
CA ALA K 34 15.71 15.04 38.55
C ALA K 34 16.20 13.62 38.78
N ALA K 35 17.44 13.51 39.26
CA ALA K 35 18.02 12.19 39.45
C ALA K 35 18.30 11.89 40.91
N LYS K 36 17.71 12.66 41.83
CA LYS K 36 18.03 12.68 43.26
C LYS K 36 17.98 11.32 43.96
N SER K 37 17.16 10.39 43.46
CA SER K 37 17.01 9.09 44.08
C SER K 37 16.37 8.10 43.10
N ASP K 38 15.97 6.96 43.65
CA ASP K 38 15.59 5.80 42.85
C ASP K 38 14.16 5.36 43.16
N ARG K 39 13.22 6.31 43.15
CA ARG K 39 11.84 6.09 43.59
C ARG K 39 11.14 5.03 42.73
N ILE K 40 10.99 5.27 41.44
CA ILE K 40 10.39 4.27 40.57
C ILE K 40 11.21 4.07 39.31
N ALA K 41 12.14 5.00 39.04
CA ALA K 41 12.89 5.01 37.81
C ALA K 41 14.38 5.33 38.02
N GLY K 42 15.03 4.66 38.96
CA GLY K 42 16.39 5.02 39.26
C GLY K 42 17.32 3.84 39.40
N GLY K 43 18.22 3.94 40.37
CA GLY K 43 19.28 2.98 40.58
C GLY K 43 20.60 3.70 40.73
N PHE K 44 20.55 5.01 41.01
CA PHE K 44 21.69 5.91 40.88
C PHE K 44 22.60 5.88 42.10
N GLY K 45 22.94 4.67 42.56
CA GLY K 45 23.64 4.54 43.82
C GLY K 45 22.87 5.17 44.97
N VAL K 46 23.61 5.54 46.02
CA VAL K 46 22.99 6.22 47.16
C VAL K 46 23.87 7.41 47.49
N PHE K 47 25.19 7.20 47.39
CA PHE K 47 26.13 8.28 47.66
C PHE K 47 27.22 8.29 46.60
N PRO K 48 27.82 9.46 46.32
CA PRO K 48 28.93 9.49 45.36
C PRO K 48 30.13 8.68 45.85
N THR K 49 30.78 7.96 44.94
CA THR K 49 31.92 7.12 45.33
C THR K 49 33.12 7.35 44.42
N THR K 50 34.31 7.07 44.94
CA THR K 50 35.52 7.27 44.15
C THR K 50 35.57 6.34 42.91
N PRO K 51 35.70 6.90 41.68
CA PRO K 51 35.77 5.98 40.56
C PRO K 51 36.92 5.06 40.74
N ARG K 52 37.96 5.40 41.51
CA ARG K 52 39.13 4.54 41.64
C ARG K 52 38.84 3.08 42.03
N ASP K 53 38.34 2.83 43.23
CA ASP K 53 38.16 1.43 43.69
C ASP K 53 37.20 0.69 42.79
N GLU K 54 36.13 1.40 42.44
CA GLU K 54 35.18 0.82 41.56
C GLU K 54 35.97 0.54 40.32
N LEU K 55 36.79 1.50 39.87
CA LEU K 55 37.50 1.32 38.61
C LEU K 55 38.38 0.11 38.71
N ARG K 56 39.16 -0.08 39.77
CA ARG K 56 40.04 -1.24 39.78
C ARG K 56 39.29 -2.57 39.75
N ARG K 57 38.23 -2.68 40.56
CA ARG K 57 37.57 -4.00 40.55
C ARG K 57 36.99 -4.22 39.18
N GLU K 58 36.40 -3.15 38.66
CA GLU K 58 35.71 -3.27 37.41
C GLU K 58 36.68 -3.70 36.37
N ILE K 59 37.86 -3.10 36.31
CA ILE K 59 38.86 -3.44 35.31
C ILE K 59 39.40 -4.83 35.44
N ARG K 60 39.68 -5.34 36.64
CA ARG K 60 40.17 -6.72 36.64
C ARG K 60 39.08 -7.63 36.04
N GLY K 61 37.85 -7.36 36.51
CA GLY K 61 36.79 -8.25 36.06
C GLY K 61 36.65 -8.14 34.56
N LEU K 62 36.73 -6.92 34.04
CA LEU K 62 36.55 -6.64 32.63
C LEU K 62 37.65 -7.09 31.73
N VAL K 63 38.89 -7.12 32.21
CA VAL K 63 39.91 -7.59 31.33
C VAL K 63 39.48 -9.02 31.18
N GLY K 64 39.13 -9.66 32.30
CA GLY K 64 38.78 -11.05 32.08
C GLY K 64 37.63 -11.15 31.08
N HIS K 65 36.60 -10.30 31.24
CA HIS K 65 35.42 -10.38 30.39
C HIS K 65 35.64 -10.11 28.91
N SER K 66 36.43 -9.10 28.60
CA SER K 66 36.71 -8.73 27.22
C SER K 66 37.49 -9.83 26.59
N ARG K 67 38.40 -10.41 27.37
CA ARG K 67 39.10 -11.53 26.81
C ARG K 67 38.06 -12.49 26.28
N HIS K 68 36.97 -12.69 27.01
CA HIS K 68 36.04 -13.73 26.60
C HIS K 68 35.25 -13.27 25.40
N ALA K 69 34.75 -12.04 25.44
CA ALA K 69 33.87 -11.57 24.36
C ALA K 69 34.55 -11.49 23.02
N ALA K 70 35.76 -10.96 23.01
CA ALA K 70 36.41 -10.76 21.76
C ALA K 70 36.58 -12.13 21.20
N GLN K 71 36.99 -13.07 22.02
CA GLN K 71 37.16 -14.36 21.39
C GLN K 71 35.91 -15.09 20.94
N ASN K 72 34.83 -15.02 21.69
CA ASN K 72 33.68 -15.84 21.32
C ASN K 72 32.48 -15.21 20.61
N PHE K 73 32.29 -13.92 20.73
CA PHE K 73 31.06 -13.29 20.19
C PHE K 73 31.15 -12.82 18.78
N ASP K 74 30.94 -11.54 18.58
CA ASP K 74 31.26 -10.93 17.30
C ASP K 74 31.27 -9.46 17.51
N TYR K 75 31.34 -8.67 16.44
CA TYR K 75 31.33 -7.20 16.51
C TYR K 75 32.52 -6.61 17.23
N ALA K 76 32.94 -7.23 18.32
CA ALA K 76 34.08 -6.74 19.02
C ALA K 76 35.33 -7.24 18.31
N ARG K 77 35.27 -8.45 17.80
CA ARG K 77 36.40 -8.92 17.06
C ARG K 77 36.57 -7.89 16.00
N ALA K 78 35.46 -7.30 15.58
CA ALA K 78 35.51 -6.30 14.53
C ALA K 78 36.10 -5.01 15.04
N TYR K 79 35.70 -4.61 16.24
CA TYR K 79 36.30 -3.42 16.80
C TYR K 79 37.79 -3.62 16.80
N GLU K 80 38.24 -4.73 17.38
CA GLU K 80 39.65 -4.99 17.45
C GLU K 80 40.29 -4.80 16.11
N MET K 81 39.69 -5.37 15.08
CA MET K 81 40.33 -5.32 13.78
C MET K 81 40.35 -3.88 13.36
N LEU K 82 39.23 -3.21 13.56
CA LEU K 82 39.13 -1.85 13.10
C LEU K 82 40.15 -0.99 13.76
N THR K 83 40.29 -1.14 15.07
CA THR K 83 41.18 -0.25 15.77
C THR K 83 42.52 -0.47 15.24
N ARG K 84 42.90 -1.73 15.16
CA ARG K 84 44.27 -1.93 14.79
C ARG K 84 44.54 -1.33 13.47
N ARG K 85 43.71 -1.64 12.49
CA ARG K 85 44.11 -1.14 11.19
C ARG K 85 44.14 0.34 11.10
N HIS K 86 43.08 0.97 11.57
CA HIS K 86 43.01 2.40 11.38
C HIS K 86 44.10 3.13 12.12
N VAL K 87 44.44 2.66 13.30
CA VAL K 87 45.40 3.42 14.09
C VAL K 87 46.86 3.05 13.85
N ILE K 88 47.10 1.91 13.21
CA ILE K 88 48.49 1.49 13.09
C ILE K 88 49.26 1.96 11.89
N GLY K 89 49.05 1.36 10.74
CA GLY K 89 49.89 1.68 9.61
C GLY K 89 50.17 0.56 8.64
N PHE K 90 49.92 0.86 7.36
CA PHE K 90 50.60 0.14 6.30
C PHE K 90 52.09 0.42 6.37
N ASN K 91 52.46 1.67 6.60
CA ASN K 91 53.84 2.07 6.81
C ASN K 91 54.17 2.17 8.29
N GLY K 92 53.26 1.74 9.15
CA GLY K 92 53.44 1.87 10.59
C GLY K 92 53.32 3.32 11.00
N ILE K 93 54.13 3.72 11.99
CA ILE K 93 54.32 5.12 12.33
C ILE K 93 55.79 5.43 12.15
N ARG K 94 56.12 6.37 11.28
CA ARG K 94 57.53 6.63 11.00
C ARG K 94 58.11 7.78 11.82
N LEU K 95 59.43 7.94 11.77
CA LEU K 95 60.07 9.00 12.56
C LEU K 95 60.83 10.01 11.72
N GLN K 96 60.56 11.29 11.94
CA GLN K 96 61.32 12.34 11.24
C GLN K 96 61.84 13.23 12.34
N MET K 97 63.13 13.54 12.33
CA MET K 97 63.70 14.34 13.40
C MET K 97 64.36 15.58 12.85
N ASP K 98 64.08 16.72 13.46
CA ASP K 98 64.65 17.96 12.98
C ASP K 98 65.72 18.41 13.92
N VAL K 99 66.94 18.60 13.41
CA VAL K 99 68.03 18.94 14.29
C VAL K 99 67.82 20.28 14.97
N ARG K 100 67.49 21.30 14.20
CA ARG K 100 67.19 22.60 14.78
C ARG K 100 66.20 23.35 13.94
N ASP K 101 66.23 24.67 13.99
CA ASP K 101 65.43 25.50 13.08
C ASP K 101 65.52 24.98 11.65
N PRO K 102 64.40 24.64 11.01
CA PRO K 102 64.47 23.97 9.69
C PRO K 102 64.76 24.89 8.52
N GLY K 103 65.08 26.16 8.76
CA GLY K 103 65.48 27.02 7.66
C GLY K 103 66.85 26.64 7.11
N GLY K 104 67.90 26.84 7.91
CA GLY K 104 69.22 26.39 7.55
C GLY K 104 69.91 25.74 8.74
N LYS K 105 69.32 25.90 9.91
CA LYS K 105 69.93 25.44 11.14
C LYS K 105 69.67 23.95 11.40
N LYS K 106 68.67 23.36 10.78
CA LYS K 106 68.49 21.92 10.75
C LYS K 106 69.27 21.39 9.55
N ASP K 107 69.96 20.26 9.74
CA ASP K 107 70.71 19.65 8.65
C ASP K 107 70.25 18.21 8.44
N VAL K 108 70.41 17.71 7.23
CA VAL K 108 69.90 16.38 6.91
C VAL K 108 70.80 15.24 7.32
N ALA K 109 72.08 15.47 7.54
CA ALA K 109 72.96 14.33 7.81
C ALA K 109 72.57 13.56 9.08
N ALA K 110 72.35 14.30 10.15
CA ALA K 110 71.99 13.66 11.41
C ALA K 110 70.67 12.96 11.24
N GLY K 111 69.77 13.61 10.52
CA GLY K 111 68.46 13.03 10.35
C GLY K 111 68.55 11.71 9.64
N ALA K 112 69.33 11.67 8.57
CA ALA K 112 69.43 10.46 7.80
C ALA K 112 69.99 9.42 8.69
N GLN K 113 71.04 9.75 9.43
CA GLN K 113 71.66 8.69 10.21
C GLN K 113 70.67 8.10 11.21
N ILE K 114 69.97 8.96 11.93
CA ILE K 114 69.09 8.43 12.96
C ILE K 114 67.97 7.60 12.36
N GLU K 115 67.39 8.09 11.27
CA GLU K 115 66.26 7.39 10.71
C GLU K 115 66.72 6.05 10.26
N SER K 116 67.88 6.03 9.62
CA SER K 116 68.35 4.80 9.05
C SER K 116 68.54 3.83 10.18
N ALA K 117 69.17 4.26 11.26
CA ALA K 117 69.44 3.31 12.31
C ALA K 117 68.16 2.75 12.89
N TRP K 118 67.18 3.61 13.15
CA TRP K 118 65.98 3.08 13.78
C TRP K 118 65.31 2.07 12.88
N ALA K 119 65.18 2.45 11.62
CA ALA K 119 64.45 1.56 10.74
C ALA K 119 65.19 0.25 10.63
N ARG K 120 66.52 0.27 10.53
CA ARG K 120 67.29 -0.97 10.48
C ARG K 120 66.84 -2.06 11.48
N TRP K 121 66.98 -1.79 12.77
CA TRP K 121 66.57 -2.75 13.81
C TRP K 121 65.06 -3.00 13.79
N GLY K 122 64.29 -2.02 13.32
CA GLY K 122 62.85 -2.20 13.20
C GLY K 122 62.56 -3.34 12.24
N LYS K 123 63.37 -3.47 11.18
CA LYS K 123 63.22 -4.56 10.22
C LYS K 123 63.59 -5.88 10.88
N MET K 124 63.19 -7.00 10.29
CA MET K 124 63.40 -8.30 10.97
C MET K 124 64.86 -8.52 11.33
N LYS K 125 65.10 -8.79 12.61
CA LYS K 125 66.47 -8.96 13.10
C LYS K 125 66.45 -9.62 14.46
N ASN K 126 67.60 -10.08 14.95
CA ASN K 126 67.69 -10.62 16.30
C ASN K 126 67.44 -9.53 17.33
N SER K 127 67.89 -8.31 17.05
CA SER K 127 67.80 -7.20 18.01
C SER K 127 66.45 -6.67 18.54
N PRO K 128 65.38 -6.62 17.71
CA PRO K 128 64.15 -6.04 18.24
C PRO K 128 63.49 -6.69 19.47
N THR K 129 63.47 -8.02 19.60
CA THR K 129 62.75 -8.64 20.72
C THR K 129 63.41 -9.89 21.32
N PRO K 130 63.18 -10.21 22.64
CA PRO K 130 63.67 -11.51 23.11
C PRO K 130 62.94 -12.69 22.49
N CYS K 131 61.84 -12.42 21.80
CA CYS K 131 61.37 -13.26 20.70
C CYS K 131 62.23 -13.04 19.46
N GLY K 132 61.63 -13.06 18.30
CA GLY K 132 62.35 -13.26 17.07
C GLY K 132 61.46 -13.79 15.97
N ARG K 133 60.17 -13.89 16.24
CA ARG K 133 59.17 -13.95 15.18
C ARG K 133 58.58 -12.58 14.89
N LEU K 134 59.11 -11.51 15.51
CA LEU K 134 58.46 -10.21 15.45
C LEU K 134 59.38 -9.11 14.94
N SER K 135 58.87 -7.89 15.01
CA SER K 135 59.62 -6.72 14.53
C SER K 135 58.92 -5.50 15.12
N TRP K 136 59.38 -4.30 14.78
CA TRP K 136 58.81 -3.07 15.35
C TRP K 136 57.38 -2.81 14.96
N TRP K 137 57.07 -3.10 13.72
CA TRP K 137 55.72 -2.88 13.24
C TRP K 137 54.84 -3.77 14.06
N GLY K 138 55.32 -4.99 14.26
CA GLY K 138 54.52 -5.92 15.00
C GLY K 138 54.34 -5.39 16.38
N VAL K 139 55.39 -4.90 17.01
CA VAL K 139 55.15 -4.46 18.36
C VAL K 139 54.14 -3.33 18.37
N GLU K 140 54.20 -2.37 17.47
CA GLU K 140 53.18 -1.31 17.58
C GLU K 140 51.80 -1.85 17.44
N CYS K 141 51.60 -2.69 16.43
CA CYS K 141 50.23 -3.16 16.20
C CYS K 141 49.74 -3.89 17.41
N GLN K 142 50.60 -4.72 17.95
CA GLN K 142 50.15 -5.49 19.06
C GLN K 142 49.89 -4.71 20.31
N VAL K 143 50.74 -3.75 20.59
CA VAL K 143 50.57 -2.99 21.78
C VAL K 143 49.23 -2.30 21.61
N ALA K 144 48.93 -1.82 20.41
CA ALA K 144 47.62 -1.20 20.20
C ALA K 144 46.40 -2.10 20.34
N THR K 145 46.48 -3.33 19.87
CA THR K 145 45.36 -4.24 20.06
C THR K 145 45.19 -4.48 21.51
N GLY K 146 46.31 -4.63 22.20
CA GLY K 146 46.23 -4.96 23.60
C GLY K 146 45.57 -3.80 24.24
N ILE K 147 45.92 -2.62 23.77
CA ILE K 147 45.38 -1.45 24.35
C ILE K 147 43.91 -1.44 24.17
N ALA K 148 43.39 -1.65 23.00
CA ALA K 148 41.94 -1.54 23.00
C ALA K 148 41.41 -2.55 23.99
N ARG K 149 41.49 -3.84 23.66
CA ARG K 149 40.89 -4.89 24.51
C ARG K 149 41.11 -4.79 26.03
N GLU K 150 42.29 -4.45 26.47
CA GLU K 150 42.54 -4.45 27.90
C GLU K 150 42.65 -3.06 28.49
N GLY K 151 42.33 -2.05 27.71
CA GLY K 151 42.51 -0.69 28.20
C GLY K 151 43.93 -0.35 28.56
N GLY K 152 44.88 -0.79 27.74
CA GLY K 152 46.29 -0.49 27.98
C GLY K 152 47.18 -1.65 28.34
N SER K 153 48.45 -1.53 27.99
CA SER K 153 49.37 -2.62 28.24
C SER K 153 50.76 -2.06 28.38
N PHE K 154 51.70 -2.86 28.83
CA PHE K 154 53.03 -2.33 29.10
C PHE K 154 54.14 -3.03 28.34
N VAL K 155 55.25 -2.34 28.16
CA VAL K 155 56.40 -2.95 27.52
C VAL K 155 57.62 -2.71 28.38
N ARG K 156 58.60 -3.60 28.33
CA ARG K 156 59.79 -3.44 29.13
C ARG K 156 61.04 -3.56 28.31
N ILE K 157 62.08 -2.82 28.68
CA ILE K 157 63.31 -2.83 27.91
C ILE K 157 64.45 -3.52 28.63
N HIS K 158 65.25 -4.28 27.89
CA HIS K 158 66.38 -5.00 28.48
C HIS K 158 67.68 -4.53 27.84
N GLN K 159 68.73 -4.37 28.61
CA GLN K 159 70.01 -4.02 27.99
C GLN K 159 71.13 -4.99 28.32
N GLY K 160 72.11 -5.17 27.42
CA GLY K 160 73.22 -6.09 27.68
C GLY K 160 73.13 -7.44 26.99
N THR K 161 72.07 -8.20 27.23
CA THR K 161 71.86 -9.46 26.51
C THR K 161 71.62 -9.20 25.05
N ASN K 162 70.74 -8.23 24.71
CA ASN K 162 70.42 -7.87 23.30
C ASN K 162 69.82 -8.99 22.48
N PHE K 213 74.20 -4.73 20.49
CA PHE K 213 73.13 -3.76 20.62
C PHE K 213 72.52 -3.80 22.01
N GLY K 214 71.25 -3.46 22.13
CA GLY K 214 70.59 -3.44 23.42
C GLY K 214 69.22 -2.79 23.33
N PHE K 215 68.60 -2.53 24.47
CA PHE K 215 67.29 -1.88 24.50
C PHE K 215 66.20 -2.64 23.73
N GLN K 216 66.23 -3.96 23.77
CA GLN K 216 65.18 -4.74 23.13
C GLN K 216 63.91 -4.59 23.93
N VAL K 217 62.77 -4.48 23.25
CA VAL K 217 61.51 -4.26 23.95
C VAL K 217 60.62 -5.48 23.92
N GLU K 218 60.16 -5.92 25.08
CA GLU K 218 59.30 -7.09 25.14
C GLU K 218 57.92 -6.76 25.75
N PRO K 219 56.81 -7.15 25.08
CA PRO K 219 55.55 -6.83 25.77
C PRO K 219 55.17 -7.89 26.78
N ILE K 220 54.56 -7.47 27.87
CA ILE K 220 54.18 -8.40 28.92
C ILE K 220 52.68 -8.39 29.06
N PRO K 221 52.08 -9.57 29.24
CA PRO K 221 50.62 -9.65 29.32
C PRO K 221 50.04 -8.87 30.49
N PHE K 222 48.84 -8.32 30.32
CA PHE K 222 48.23 -7.51 31.36
C PHE K 222 47.97 -8.27 32.63
N ASP K 223 47.58 -9.53 32.53
CA ASP K 223 47.20 -10.29 33.72
C ASP K 223 48.32 -10.46 34.72
N LEU K 224 49.55 -10.27 34.28
CA LEU K 224 50.70 -10.43 35.17
C LEU K 224 50.63 -9.50 36.38
N LEU K 225 50.05 -8.32 36.24
CA LEU K 225 50.00 -7.37 37.35
C LEU K 225 49.25 -7.89 38.58
N ASP K 226 49.77 -7.61 39.77
CA ASP K 226 49.16 -8.07 41.02
C ASP K 226 48.18 -7.08 41.59
N LEU K 227 46.89 -7.39 41.52
CA LEU K 227 45.90 -6.45 42.01
C LEU K 227 45.86 -6.40 43.53
N ASP K 228 46.34 -7.47 44.16
CA ASP K 228 46.22 -7.57 45.61
C ASP K 228 47.19 -6.81 46.48
N LEU K 229 48.38 -6.53 45.96
CA LEU K 229 49.36 -5.89 46.82
C LEU K 229 48.81 -4.54 47.19
N THR K 230 48.75 -4.28 48.50
CA THR K 230 48.18 -3.03 49.00
C THR K 230 48.80 -2.80 50.36
N GLY K 231 48.51 -1.66 50.98
CA GLY K 231 49.01 -1.38 52.31
C GLY K 231 50.26 -0.53 52.28
N PRO K 232 50.25 0.62 52.95
CA PRO K 232 51.40 1.53 52.95
C PRO K 232 52.51 1.11 53.90
N THR K 233 53.74 1.55 53.63
CA THR K 233 54.84 1.27 54.55
C THR K 233 54.94 2.43 55.56
N PRO K 234 55.53 2.20 56.76
CA PRO K 234 55.56 3.37 57.66
C PRO K 234 56.31 4.54 57.04
N GLY K 235 57.42 4.28 56.37
CA GLY K 235 58.16 5.32 55.70
C GLY K 235 57.81 5.49 54.24
N GLY K 236 56.83 4.71 53.75
CA GLY K 236 56.51 4.76 52.33
C GLY K 236 55.05 4.88 51.94
N GLY K 237 54.80 5.34 50.71
CA GLY K 237 53.45 5.50 50.23
C GLY K 237 52.75 4.20 49.82
N PHE K 238 51.46 4.26 49.52
CA PHE K 238 50.67 3.06 49.19
C PHE K 238 51.13 2.24 47.98
N VAL K 239 51.01 0.92 48.06
CA VAL K 239 51.40 0.05 46.95
C VAL K 239 50.18 -0.59 46.25
N GLU K 240 48.98 -0.07 46.51
CA GLU K 240 47.73 -0.58 45.90
C GLU K 240 47.75 -0.85 44.39
N SER K 241 47.00 -1.86 43.94
CA SER K 241 46.96 -2.22 42.54
C SER K 241 48.33 -2.28 41.94
N GLY K 242 49.28 -2.75 42.73
CA GLY K 242 50.63 -2.92 42.22
C GLY K 242 51.32 -1.68 41.73
N VAL K 243 51.01 -0.53 42.30
CA VAL K 243 51.75 0.67 41.91
C VAL K 243 52.47 1.22 43.13
N GLU K 244 53.76 1.47 43.00
CA GLU K 244 54.50 1.93 44.15
C GLU K 244 54.53 3.42 44.12
N PHE K 245 53.76 4.04 45.01
CA PHE K 245 53.77 5.48 45.10
C PHE K 245 54.96 5.89 45.94
N ASP K 246 55.33 7.16 45.90
CA ASP K 246 56.44 7.64 46.71
C ASP K 246 55.99 8.56 47.81
N ALA K 247 56.92 9.14 48.54
CA ALA K 247 56.58 10.17 49.51
C ALA K 247 56.00 11.41 48.87
N THR K 248 56.36 11.68 47.61
CA THR K 248 55.74 12.73 46.81
C THR K 248 54.43 12.23 46.19
N ASP K 249 54.12 10.94 46.40
CA ASP K 249 53.05 10.20 45.74
C ASP K 249 53.24 10.26 44.22
N ARG K 250 54.50 10.08 43.82
CA ARG K 250 54.93 10.02 42.43
C ARG K 250 55.23 8.57 42.09
N VAL K 251 55.09 8.24 40.81
CA VAL K 251 55.30 6.85 40.37
C VAL K 251 56.78 6.56 40.32
N VAL K 252 57.19 5.45 40.93
CA VAL K 252 58.59 5.04 40.92
C VAL K 252 58.73 3.56 40.65
N ALA K 253 57.83 2.75 41.17
CA ALA K 253 57.95 1.35 40.86
C ALA K 253 56.66 0.66 40.50
N TYR K 254 56.78 -0.49 39.87
CA TYR K 254 55.60 -1.26 39.53
C TYR K 254 55.80 -2.62 40.15
N HIS K 255 54.70 -3.31 40.40
CA HIS K 255 54.81 -4.59 41.07
C HIS K 255 54.08 -5.68 40.32
N MET K 256 54.65 -6.16 39.21
CA MET K 256 54.04 -7.25 38.48
C MET K 256 54.14 -8.49 39.35
N TRP K 257 53.27 -9.46 39.08
CA TRP K 257 53.37 -10.74 39.79
C TRP K 257 54.65 -11.32 39.49
N SER K 258 54.72 -12.02 38.42
CA SER K 258 55.94 -12.67 38.22
C SER K 258 56.07 -13.11 36.87
N ALA K 259 57.10 -13.84 36.63
CA ALA K 259 57.27 -14.38 35.34
C ALA K 259 56.21 -15.35 35.13
N ALA K 260 55.85 -16.03 36.17
CA ALA K 260 54.91 -17.04 35.96
C ALA K 260 53.68 -16.42 35.43
N ALA K 269 59.27 -18.50 38.40
CA ALA K 269 58.08 -18.73 39.19
C ALA K 269 58.17 -17.84 40.39
N ARG K 270 59.28 -17.14 40.52
CA ARG K 270 59.43 -16.41 41.72
C ARG K 270 58.59 -15.28 41.52
N ARG K 271 57.65 -15.17 42.38
CA ARG K 271 56.73 -14.13 42.18
C ARG K 271 57.25 -12.80 42.68
N ARG K 272 56.47 -11.75 42.49
CA ARG K 272 56.81 -10.43 42.94
C ARG K 272 58.09 -9.84 42.47
N LEU K 273 58.07 -8.90 41.50
CA LEU K 273 59.30 -8.22 41.17
C LEU K 273 59.01 -6.77 41.12
N ARG K 274 59.65 -6.01 41.97
CA ARG K 274 59.49 -4.58 41.89
C ARG K 274 60.24 -4.27 40.63
N ILE K 275 59.63 -3.52 39.73
CA ILE K 275 60.35 -3.13 38.53
C ILE K 275 60.41 -1.63 38.46
N PRO K 276 61.59 -1.09 38.16
CA PRO K 276 61.74 0.36 38.12
C PRO K 276 60.88 0.90 37.02
N ALA K 277 60.35 2.09 37.21
CA ALA K 277 59.46 2.68 36.23
C ALA K 277 60.17 2.81 34.91
N ALA K 278 61.46 3.08 34.93
CA ALA K 278 62.14 3.33 33.68
C ALA K 278 61.98 2.12 32.78
N GLN K 279 61.98 0.94 33.36
CA GLN K 279 61.89 -0.25 32.55
C GLN K 279 60.47 -0.50 32.07
N MET K 280 59.47 -0.16 32.86
CA MET K 280 58.11 -0.48 32.45
C MET K 280 57.26 0.75 32.20
N LEU K 281 56.74 0.87 30.99
CA LEU K 281 55.92 2.02 30.67
C LEU K 281 54.52 1.58 30.31
N TYR K 282 53.52 2.19 30.94
CA TYR K 282 52.14 1.79 30.71
C TYR K 282 51.43 2.88 29.95
N VAL K 283 50.91 2.55 28.77
CA VAL K 283 50.15 3.53 28.01
C VAL K 283 48.77 3.53 28.63
N LEU K 284 48.08 4.67 28.65
CA LEU K 284 46.81 4.73 29.37
C LEU K 284 45.52 5.29 28.80
N VAL K 285 45.50 5.77 27.56
CA VAL K 285 44.28 6.43 27.01
C VAL K 285 43.44 7.19 28.08
N PRO K 286 43.87 8.40 28.52
CA PRO K 286 43.13 9.04 29.60
C PRO K 286 41.71 9.43 29.33
N GLU K 287 40.82 9.15 30.27
CA GLU K 287 39.45 9.56 30.15
C GLU K 287 39.19 10.42 31.34
N GLU K 288 38.65 9.83 32.40
CA GLU K 288 38.50 10.61 33.62
C GLU K 288 39.90 10.68 34.14
N ILE K 289 40.31 11.83 34.63
CA ILE K 289 41.70 11.96 35.05
C ILE K 289 42.15 11.14 36.26
N GLY K 290 41.32 11.03 37.30
CA GLY K 290 41.81 10.37 38.50
C GLY K 290 41.77 8.87 38.45
N GLN K 291 42.63 8.28 37.63
CA GLN K 291 42.71 6.85 37.56
C GLN K 291 44.13 6.34 37.52
N ALA K 292 44.36 5.16 38.06
CA ALA K 292 45.67 4.56 37.96
C ALA K 292 45.67 3.52 36.87
N LEU K 293 44.56 3.37 36.16
CA LEU K 293 44.46 2.31 35.16
C LEU K 293 43.45 2.62 34.08
N GLY K 294 43.49 1.87 32.97
CA GLY K 294 42.49 2.08 31.94
C GLY K 294 41.52 0.96 31.61
N VAL K 295 40.24 1.29 31.53
CA VAL K 295 39.21 0.29 31.28
C VAL K 295 39.17 -0.19 29.84
N PRO K 296 38.70 -1.43 29.62
CA PRO K 296 38.56 -1.85 28.23
C PRO K 296 37.57 -0.94 27.55
N ARG K 297 37.89 -0.47 26.35
CA ARG K 297 37.01 0.49 25.66
C ARG K 297 35.73 -0.18 25.19
N SER K 298 35.65 -1.49 25.34
CA SER K 298 34.48 -2.24 24.88
C SER K 298 33.45 -2.43 25.99
N ALA K 299 33.69 -1.83 27.16
CA ALA K 299 32.81 -2.07 28.31
C ALA K 299 31.35 -1.67 28.11
N THR K 300 31.10 -0.55 27.45
CA THR K 300 29.74 -0.08 27.27
C THR K 300 28.90 -1.06 26.45
N ALA K 301 29.48 -1.61 25.39
CA ALA K 301 28.75 -2.54 24.54
C ALA K 301 28.94 -4.00 24.92
N LEU K 302 29.76 -4.26 25.93
CA LEU K 302 30.05 -5.65 26.30
C LEU K 302 28.79 -6.38 26.73
N ARG K 303 27.95 -5.70 27.50
CA ARG K 303 26.71 -6.31 27.93
C ARG K 303 25.76 -6.51 26.75
N LEU K 304 25.58 -5.48 25.93
CA LEU K 304 24.63 -5.59 24.80
C LEU K 304 25.01 -6.71 23.82
N MET K 305 26.29 -6.85 23.50
CA MET K 305 26.79 -7.86 22.56
C MET K 305 26.60 -9.27 23.03
N ASN K 306 26.79 -9.53 24.31
CA ASN K 306 26.64 -10.88 24.76
C ASN K 306 25.21 -11.22 24.49
N LEU K 307 24.34 -10.30 24.89
CA LEU K 307 22.97 -10.71 24.72
C LEU K 307 22.66 -10.93 23.24
N SER K 308 23.20 -10.05 22.40
CA SER K 308 22.91 -10.17 20.99
C SER K 308 23.40 -11.43 20.33
N GLU K 309 24.59 -11.88 20.67
CA GLU K 309 25.08 -13.13 20.12
C GLU K 309 24.26 -14.30 20.59
N LYS K 310 23.88 -14.29 21.86
CA LYS K 310 23.02 -15.40 22.22
C LYS K 310 21.74 -15.38 21.38
N PHE K 311 21.19 -14.19 21.16
CA PHE K 311 19.99 -14.11 20.33
C PHE K 311 20.19 -14.60 18.91
N GLN K 312 21.30 -14.24 18.28
CA GLN K 312 21.53 -14.67 16.91
C GLN K 312 21.64 -16.16 16.90
N GLU K 313 22.30 -16.74 17.89
CA GLU K 313 22.37 -18.20 17.93
C GLU K 313 21.02 -18.88 18.11
N SER K 314 20.14 -18.34 18.93
CA SER K 314 18.81 -18.94 19.06
C SER K 314 17.90 -18.87 17.84
N ALA K 315 17.77 -17.71 17.22
CA ALA K 315 16.92 -17.53 16.07
C ALA K 315 17.27 -18.46 14.92
N LEU K 316 18.55 -18.60 14.61
CA LEU K 316 18.81 -19.48 13.47
C LEU K 316 18.31 -20.86 13.84
N THR K 317 18.55 -21.26 15.08
CA THR K 317 18.16 -22.62 15.41
C THR K 317 16.65 -22.84 15.33
N ALA K 318 15.90 -21.87 15.78
CA ALA K 318 14.45 -21.97 15.70
C ALA K 318 13.98 -22.03 14.27
N ALA K 319 14.59 -21.25 13.39
CA ALA K 319 14.22 -21.34 12.00
C ALA K 319 14.48 -22.71 11.43
N ASN K 320 15.62 -23.29 11.75
CA ASN K 320 15.84 -24.61 11.24
C ASN K 320 14.75 -25.55 11.73
N TYR K 321 14.40 -25.48 13.02
CA TYR K 321 13.41 -26.45 13.49
C TYR K 321 12.10 -26.25 12.79
N GLY K 322 11.74 -24.99 12.58
CA GLY K 322 10.49 -24.68 11.92
C GLY K 322 10.42 -25.20 10.51
N ALA K 323 11.50 -25.06 9.76
CA ALA K 323 11.49 -25.66 8.43
C ALA K 323 11.42 -27.17 8.49
N SER K 324 12.12 -27.79 9.43
CA SER K 324 12.16 -29.25 9.47
C SER K 324 10.91 -30.06 9.82
N ASN K 325 10.09 -29.65 10.77
CA ASN K 325 8.95 -30.44 11.21
C ASN K 325 7.85 -30.51 10.20
N MET K 326 7.92 -29.72 9.16
CA MET K 326 6.92 -29.79 8.10
C MET K 326 5.49 -29.77 8.61
N VAL K 327 4.64 -30.67 8.15
CA VAL K 327 3.27 -30.72 8.60
C VAL K 327 3.02 -31.48 9.88
N PHE K 328 2.00 -31.09 10.65
CA PHE K 328 1.64 -31.84 11.85
C PHE K 328 0.30 -32.49 11.54
N PHE K 329 0.17 -33.81 11.65
CA PHE K 329 -1.12 -34.45 11.44
C PHE K 329 -1.96 -34.55 12.71
N GLU K 330 -2.57 -33.45 13.14
CA GLU K 330 -3.33 -33.44 14.39
C GLU K 330 -4.59 -34.25 14.37
N ARG K 331 -4.96 -34.81 15.52
CA ARG K 331 -6.12 -35.68 15.58
C ARG K 331 -7.15 -35.23 16.58
N ALA K 332 -8.39 -35.64 16.41
CA ALA K 332 -9.42 -35.32 17.39
C ALA K 332 -9.23 -36.26 18.56
N ALA K 333 -9.97 -36.05 19.64
CA ALA K 333 -9.74 -36.88 20.84
C ALA K 333 -10.48 -38.21 20.81
N ASP K 334 -10.06 -39.12 19.93
CA ASP K 334 -10.70 -40.42 19.87
C ASP K 334 -9.78 -41.61 19.93
N ASN K 335 -8.83 -41.70 19.00
CA ASN K 335 -8.01 -42.91 18.93
C ASN K 335 -6.53 -42.76 19.18
N GLY K 336 -5.72 -43.52 18.45
CA GLY K 336 -4.30 -43.51 18.70
C GLY K 336 -4.09 -44.48 19.83
N VAL K 337 -5.14 -45.22 20.17
CA VAL K 337 -5.07 -46.14 21.29
C VAL K 337 -4.09 -47.28 21.12
N VAL K 338 -3.42 -47.66 22.20
CA VAL K 338 -2.53 -48.82 22.16
C VAL K 338 -1.54 -48.81 21.04
N THR K 339 -0.96 -47.66 20.77
CA THR K 339 0.11 -47.63 19.80
C THR K 339 1.12 -48.52 20.47
N GLY K 340 1.43 -49.66 19.88
CA GLY K 340 2.29 -50.61 20.55
C GLY K 340 3.68 -50.14 20.88
N PRO K 341 4.12 -50.44 22.11
CA PRO K 341 5.46 -50.03 22.54
C PRO K 341 6.58 -50.69 21.81
N GLU K 342 6.47 -51.97 21.50
CA GLU K 342 7.61 -52.69 20.93
C GLU K 342 8.13 -52.22 19.58
N ASP K 343 7.25 -51.90 18.66
CA ASP K 343 7.67 -51.49 17.33
C ASP K 343 8.43 -50.19 17.40
N ASP K 344 8.17 -49.38 18.41
CA ASP K 344 8.77 -48.05 18.48
C ASP K 344 10.28 -48.01 18.53
N ALA K 345 10.88 -48.90 19.30
CA ALA K 345 12.32 -48.85 19.47
C ALA K 345 13.15 -49.07 18.21
N GLN K 346 12.76 -50.01 17.35
CA GLN K 346 13.60 -50.34 16.19
C GLN K 346 13.87 -49.29 15.12
N ILE K 347 12.86 -48.58 14.64
CA ILE K 347 13.10 -47.63 13.56
C ILE K 347 12.07 -46.52 13.41
N PRO K 348 12.48 -45.39 12.81
CA PRO K 348 11.48 -44.36 12.51
C PRO K 348 11.15 -44.60 11.06
N ILE K 349 9.90 -44.85 10.73
CA ILE K 349 9.55 -45.22 9.37
C ILE K 349 9.90 -44.22 8.26
N ASP K 350 10.36 -44.71 7.10
CA ASP K 350 10.63 -43.83 5.97
C ASP K 350 9.54 -44.03 4.93
N GLN K 351 8.88 -42.94 4.51
CA GLN K 351 7.79 -43.03 3.53
C GLN K 351 8.15 -42.23 2.29
N ILE K 352 7.97 -42.80 1.11
CA ILE K 352 8.42 -42.12 -0.11
C ILE K 352 7.41 -41.15 -0.71
N GLU K 353 7.79 -39.87 -0.81
CA GLU K 353 6.90 -38.88 -1.42
C GLU K 353 7.63 -38.29 -2.59
N ALA K 354 8.63 -39.00 -3.09
CA ALA K 354 9.44 -38.48 -4.16
C ALA K 354 8.64 -38.21 -5.41
N GLY K 355 7.67 -39.06 -5.70
CA GLY K 355 6.94 -38.89 -6.93
C GLY K 355 6.31 -37.52 -6.99
N THR K 356 6.39 -36.87 -8.14
CA THR K 356 5.83 -35.55 -8.28
C THR K 356 4.43 -35.42 -7.76
N LEU K 357 3.48 -36.05 -8.42
CA LEU K 357 2.12 -35.89 -8.01
C LEU K 357 1.86 -36.93 -6.97
N THR K 358 1.53 -36.50 -5.78
CA THR K 358 1.22 -37.45 -4.76
C THR K 358 0.06 -36.98 -3.94
N GLU K 359 -1.11 -36.95 -4.53
CA GLU K 359 -2.27 -36.59 -3.75
C GLU K 359 -2.38 -37.61 -2.65
N LEU K 360 -2.65 -37.18 -1.43
CA LEU K 360 -2.68 -38.10 -0.30
C LEU K 360 -4.01 -38.10 0.43
N PRO K 361 -4.54 -39.28 0.77
CA PRO K 361 -5.77 -39.32 1.56
C PRO K 361 -5.52 -39.67 3.03
N PRO K 362 -6.03 -38.86 3.98
CA PRO K 362 -5.80 -39.08 5.41
C PRO K 362 -6.98 -39.61 6.20
N GLY K 363 -6.74 -40.39 7.25
CA GLY K 363 -7.81 -40.86 8.11
C GLY K 363 -8.60 -39.80 8.90
N VAL K 364 -7.93 -38.73 9.39
CA VAL K 364 -8.61 -37.69 10.23
C VAL K 364 -8.45 -36.19 9.88
N LYS K 365 -7.27 -35.59 10.08
CA LYS K 365 -7.05 -34.16 9.71
C LYS K 365 -5.59 -33.78 9.50
N ALA K 366 -5.34 -32.62 8.89
CA ALA K 366 -3.96 -32.14 8.69
C ALA K 366 -3.75 -30.66 8.95
N VAL K 367 -2.54 -30.27 9.33
CA VAL K 367 -2.26 -28.85 9.54
C VAL K 367 -0.86 -28.49 9.05
N SER K 368 -0.63 -27.22 8.74
CA SER K 368 0.67 -26.81 8.21
C SER K 368 1.37 -25.91 9.18
N HIS K 369 2.60 -26.23 9.51
CA HIS K 369 3.31 -25.44 10.49
C HIS K 369 3.60 -24.09 9.92
N ASN K 370 3.32 -23.04 10.68
CA ASN K 370 3.65 -21.72 10.22
C ASN K 370 4.81 -21.25 11.06
N PRO K 371 5.93 -20.98 10.40
CA PRO K 371 7.10 -20.62 11.17
C PRO K 371 6.94 -19.26 11.73
N ALA K 372 7.22 -19.10 13.01
CA ALA K 372 7.13 -17.80 13.62
C ALA K 372 8.52 -17.33 13.88
N TYR K 373 9.50 -18.01 13.29
CA TYR K 373 10.87 -17.66 13.57
C TYR K 373 10.98 -16.26 13.13
N PRO K 374 11.70 -15.42 13.92
CA PRO K 374 11.69 -14.02 13.48
C PRO K 374 11.93 -13.91 11.99
N ASP K 375 11.00 -13.31 11.26
CA ASP K 375 11.13 -13.30 9.82
C ASP K 375 11.75 -12.05 9.24
N ALA K 376 11.00 -10.96 9.27
CA ALA K 376 11.54 -9.71 8.78
C ALA K 376 11.59 -8.71 9.89
N ALA K 377 11.12 -9.11 11.07
CA ALA K 377 11.17 -8.24 12.22
C ALA K 377 12.60 -7.98 12.57
N VAL K 378 13.44 -8.98 12.38
CA VAL K 378 14.80 -8.85 12.82
C VAL K 378 15.62 -7.71 12.24
N GLY K 379 15.50 -7.39 10.97
CA GLY K 379 16.39 -6.36 10.45
C GLY K 379 16.25 -5.01 11.13
N PRO K 380 15.01 -4.53 11.28
CA PRO K 380 14.88 -3.29 12.05
C PRO K 380 15.25 -3.41 13.53
N PHE K 381 14.84 -4.49 14.20
CA PHE K 381 15.09 -4.61 15.63
C PHE K 381 16.58 -4.66 15.89
N LEU K 382 17.31 -5.44 15.12
CA LEU K 382 18.73 -5.59 15.39
C LEU K 382 19.43 -4.28 15.19
N ARG K 383 19.06 -3.54 14.16
CA ARG K 383 19.79 -2.33 13.87
C ARG K 383 19.68 -1.36 14.99
N GLN K 384 18.50 -1.22 15.58
CA GLN K 384 18.38 -0.21 16.61
C GLN K 384 19.23 -0.51 17.83
N MET K 385 19.25 -1.75 18.28
CA MET K 385 20.11 -2.11 19.41
C MET K 385 21.54 -1.88 18.98
N GLY K 386 21.84 -2.22 17.74
CA GLY K 386 23.19 -2.05 17.22
C GLY K 386 23.67 -0.62 17.20
N THR K 387 22.79 0.33 16.88
CA THR K 387 23.23 1.71 16.80
C THR K 387 23.72 2.11 18.15
N SER K 388 23.03 1.66 19.18
CA SER K 388 23.43 2.03 20.52
C SER K 388 24.83 1.56 20.82
N GLN K 389 25.16 0.34 20.44
CA GLN K 389 26.47 -0.20 20.75
C GLN K 389 27.53 0.62 20.07
N ALA K 390 27.27 1.00 18.82
CA ALA K 390 28.28 1.73 18.08
C ALA K 390 28.56 3.04 18.71
N ALA K 391 27.52 3.72 19.16
CA ALA K 391 27.71 5.03 19.73
C ALA K 391 28.59 4.86 20.94
N GLY K 392 28.35 3.78 21.68
CA GLY K 392 29.14 3.51 22.87
C GLY K 392 30.60 3.27 22.59
N LEU K 393 30.92 2.60 21.50
CA LEU K 393 32.30 2.26 21.23
C LEU K 393 33.01 3.37 20.50
N GLY K 394 32.32 4.46 20.22
CA GLY K 394 32.95 5.58 19.56
C GLY K 394 33.32 5.34 18.12
N VAL K 395 32.51 4.55 17.42
CA VAL K 395 32.76 4.29 16.01
C VAL K 395 31.47 4.38 15.20
N SER K 396 31.57 4.72 13.92
CA SER K 396 30.40 4.78 13.06
C SER K 396 29.84 3.39 12.86
N TYR K 397 28.51 3.28 12.79
CA TYR K 397 27.90 1.98 12.68
C TYR K 397 28.31 1.26 11.42
N GLU K 398 28.39 1.98 10.32
CA GLU K 398 28.69 1.32 9.07
C GLU K 398 30.05 0.67 9.12
N THR K 399 31.04 1.33 9.70
CA THR K 399 32.32 0.68 9.82
C THR K 399 32.30 -0.51 10.75
N LEU K 400 31.64 -0.38 11.90
CA LEU K 400 31.65 -1.45 12.87
C LEU K 400 30.98 -2.70 12.39
N THR K 401 29.82 -2.53 11.79
CA THR K 401 29.11 -3.67 11.26
C THR K 401 28.84 -3.31 9.85
N ALA K 402 29.12 -4.19 8.91
CA ALA K 402 28.97 -3.78 7.53
C ALA K 402 27.54 -3.88 7.04
N ASP K 403 26.61 -3.18 7.68
CA ASP K 403 25.24 -3.16 7.17
C ASP K 403 25.27 -2.44 5.84
N LEU K 404 25.94 -1.29 5.80
CA LEU K 404 26.12 -0.58 4.53
C LEU K 404 24.85 -0.45 3.74
N SER K 405 23.77 -0.05 4.40
CA SER K 405 22.50 0.03 3.72
C SER K 405 21.84 1.38 3.88
N GLY K 406 21.07 1.80 2.90
CA GLY K 406 20.40 3.08 2.97
C GLY K 406 21.35 4.22 3.23
N ALA K 407 22.40 4.33 2.44
CA ALA K 407 23.29 5.46 2.61
C ALA K 407 23.56 6.26 1.35
N ASN K 408 23.31 7.55 1.39
CA ASN K 408 23.64 8.41 0.25
C ASN K 408 25.09 8.80 0.41
N PHE K 409 25.64 9.46 -0.59
CA PHE K 409 27.05 9.78 -0.54
C PHE K 409 27.31 10.64 0.68
N SER K 410 26.43 11.58 0.94
CA SER K 410 26.68 12.48 2.04
C SER K 410 26.73 11.76 3.37
N SER K 411 25.85 10.78 3.57
CA SER K 411 25.81 10.13 4.88
C SER K 411 27.12 9.46 5.15
N LEU K 412 27.67 8.82 4.13
CA LEU K 412 28.93 8.16 4.31
C LEU K 412 30.03 9.14 4.63
N ARG K 413 30.04 10.29 3.97
CA ARG K 413 31.12 11.23 4.19
C ARG K 413 31.09 11.70 5.64
N ALA K 414 29.91 11.97 6.15
CA ALA K 414 29.82 12.47 7.52
C ALA K 414 30.31 11.46 8.50
N GLY K 415 29.95 10.20 8.31
CA GLY K 415 30.34 9.18 9.25
C GLY K 415 31.83 9.06 9.32
N LYS K 416 32.47 9.13 8.17
CA LYS K 416 33.89 9.00 8.15
C LYS K 416 34.49 10.13 8.91
N GLY K 417 33.95 11.32 8.75
CA GLY K 417 34.57 12.46 9.40
C GLY K 417 34.61 12.32 10.91
N GLU K 418 33.51 11.86 11.51
CA GLU K 418 33.45 11.70 12.96
C GLU K 418 34.42 10.65 13.48
N GLU K 419 34.51 9.52 12.79
CA GLU K 419 35.44 8.51 13.20
C GLU K 419 36.84 9.02 13.07
N ARG K 420 37.10 9.81 12.03
CA ARG K 420 38.44 10.26 11.78
C ARG K 420 38.94 11.06 12.95
N GLU K 421 38.08 11.87 13.53
CA GLU K 421 38.53 12.60 14.69
C GLU K 421 38.94 11.65 15.79
N GLU K 422 38.13 10.63 16.05
CA GLU K 422 38.43 9.74 17.17
C GLU K 422 39.74 9.03 16.98
N TRP K 423 39.99 8.55 15.77
CA TRP K 423 41.20 7.81 15.53
C TRP K 423 42.37 8.73 15.75
N ARG K 424 42.24 9.97 15.32
CA ARG K 424 43.37 10.86 15.41
C ARG K 424 43.72 10.99 16.86
N MET K 425 42.72 11.09 17.71
CA MET K 425 43.01 11.30 19.11
C MET K 425 43.78 10.14 19.69
N LEU K 426 43.35 8.92 19.38
CA LEU K 426 44.02 7.75 19.89
C LEU K 426 45.43 7.68 19.34
N GLN K 427 45.60 8.06 18.09
CA GLN K 427 46.91 7.98 17.46
C GLN K 427 47.92 8.83 18.18
N ARG K 428 47.53 10.03 18.57
CA ARG K 428 48.45 10.91 19.23
C ARG K 428 48.84 10.29 20.53
N ALA K 429 47.88 9.75 21.27
CA ALA K 429 48.17 9.21 22.58
C ALA K 429 49.08 8.00 22.66
N VAL K 430 48.88 7.02 21.78
CA VAL K 430 49.70 5.83 21.90
C VAL K 430 51.15 6.18 21.68
N PHE K 431 51.41 7.02 20.70
CA PHE K 431 52.78 7.40 20.43
C PHE K 431 53.23 8.57 21.25
N GLU K 432 52.32 9.18 21.97
CA GLU K 432 52.73 10.25 22.86
C GLU K 432 53.59 9.55 23.84
N GLY K 433 53.18 8.35 24.23
CA GLY K 433 53.93 7.64 25.22
C GLY K 433 55.00 6.67 24.76
N LEU K 434 54.64 5.67 23.97
CA LEU K 434 55.65 4.68 23.65
C LEU K 434 56.81 5.22 22.84
N HIS K 435 56.53 5.98 21.80
CA HIS K 435 57.60 6.44 20.92
C HIS K 435 58.53 7.34 21.63
N ASP K 436 57.97 8.28 22.38
CA ASP K 436 58.83 9.27 22.99
C ASP K 436 59.78 8.62 23.98
N ARG K 437 59.25 7.73 24.82
CA ARG K 437 60.11 7.09 25.77
C ARG K 437 61.12 6.25 25.05
N VAL K 438 60.66 5.47 24.07
CA VAL K 438 61.62 4.59 23.43
C VAL K 438 62.69 5.34 22.66
N PHE K 439 62.32 6.38 21.93
CA PHE K 439 63.32 7.04 21.13
C PHE K 439 64.35 7.61 22.07
N SER K 440 63.89 8.26 23.12
CA SER K 440 64.84 8.91 23.97
C SER K 440 65.76 7.90 24.61
N ARG K 441 65.19 6.82 25.12
CA ARG K 441 66.00 5.83 25.78
C ARG K 441 66.93 5.17 24.81
N TRP K 442 66.46 4.87 23.61
CA TRP K 442 67.28 4.17 22.63
C TRP K 442 68.49 4.95 22.25
N LEU K 443 68.36 6.26 22.16
CA LEU K 443 69.49 7.01 21.64
C LEU K 443 70.79 6.89 22.40
N PRO K 444 70.76 6.98 23.74
CA PRO K 444 72.09 6.86 24.34
C PRO K 444 72.78 5.55 24.10
N LEU K 445 72.09 4.43 24.24
CA LEU K 445 72.79 3.16 24.10
C LEU K 445 73.30 3.02 22.69
N ALA K 446 72.48 3.41 21.74
CA ALA K 446 72.88 3.29 20.36
C ALA K 446 74.07 4.19 20.09
N MET K 447 74.09 5.39 20.64
CA MET K 447 75.25 6.24 20.47
C MET K 447 76.49 5.63 21.11
N LEU K 448 76.34 5.06 22.29
CA LEU K 448 77.47 4.44 23.00
C LEU K 448 78.01 3.23 22.25
N SER K 449 77.12 2.42 21.71
CA SER K 449 77.53 1.25 20.95
C SER K 449 78.07 1.70 19.63
N GLY K 450 77.86 2.96 19.31
CA GLY K 450 78.40 3.50 18.08
C GLY K 450 77.59 2.91 16.96
N GLU K 451 76.49 2.24 17.31
CA GLU K 451 75.63 1.73 16.25
C GLU K 451 75.27 2.87 15.34
N VAL K 452 75.01 4.04 15.92
CA VAL K 452 74.75 5.20 15.10
C VAL K 452 75.98 6.04 15.22
N ARG K 453 76.45 6.57 14.10
CA ARG K 453 77.67 7.35 14.12
C ARG K 453 77.39 8.84 14.34
N LEU K 454 77.76 9.36 15.50
CA LEU K 454 77.53 10.77 15.84
C LEU K 454 78.11 11.04 17.25
N PRO K 455 78.41 12.31 17.61
CA PRO K 455 78.98 12.44 18.96
C PRO K 455 77.96 12.54 20.09
N LEU K 456 78.19 11.83 21.18
CA LEU K 456 77.25 11.80 22.31
C LEU K 456 77.00 13.09 23.08
N ALA K 457 78.01 13.91 23.25
CA ALA K 457 77.84 15.09 24.11
C ALA K 457 76.75 16.10 23.71
N LYS K 458 76.61 16.43 22.43
CA LYS K 458 75.52 17.32 22.04
C LYS K 458 74.24 16.54 21.77
N LEU K 459 73.70 15.91 22.80
CA LEU K 459 72.50 15.10 22.64
C LEU K 459 71.32 15.91 22.19
N ASP K 460 71.20 17.13 22.70
CA ASP K 460 70.06 17.98 22.40
C ASP K 460 69.89 18.29 20.93
N LYS K 461 70.99 18.45 20.22
CA LYS K 461 70.91 18.80 18.81
C LYS K 461 70.14 17.73 18.05
N PHE K 462 70.37 16.47 18.37
CA PHE K 462 69.59 15.42 17.73
C PHE K 462 68.41 14.94 18.56
N ASP K 463 68.17 15.55 19.71
CA ASP K 463 67.10 15.09 20.60
C ASP K 463 65.69 15.15 20.02
N ALA K 464 65.38 16.21 19.28
CA ALA K 464 64.01 16.37 18.79
C ALA K 464 63.62 15.23 17.87
N ALA K 465 62.41 14.72 18.04
CA ALA K 465 61.96 13.59 17.25
C ALA K 465 60.47 13.69 17.03
N THR K 466 60.05 13.64 15.77
CA THR K 466 58.64 13.78 15.47
C THR K 466 58.09 12.52 14.85
N TRP K 467 56.96 12.06 15.36
CA TRP K 467 56.37 10.84 14.83
C TRP K 467 55.25 11.19 13.86
N ARG K 468 55.20 10.52 12.70
CA ARG K 468 54.20 10.89 11.71
C ARG K 468 53.12 9.83 11.50
N PRO K 469 51.85 10.19 11.76
CA PRO K 469 50.73 9.27 11.52
C PRO K 469 50.36 9.23 10.06
N ARG K 470 49.58 8.25 9.62
CA ARG K 470 49.12 8.22 8.23
C ARG K 470 47.61 8.42 8.06
N GLY K 471 47.21 9.39 7.25
CA GLY K 471 45.80 9.69 7.05
C GLY K 471 45.06 8.84 6.07
N TRP K 472 43.74 8.96 6.05
CA TRP K 472 42.93 8.17 5.14
C TRP K 472 42.41 8.91 3.92
N PRO K 473 42.51 8.30 2.73
CA PRO K 473 42.12 8.96 1.47
C PRO K 473 40.64 9.28 1.21
N SER K 474 40.37 10.37 0.48
CA SER K 474 39.00 10.80 0.18
C SER K 474 38.29 10.12 -0.96
N VAL K 475 36.96 10.07 -0.90
CA VAL K 475 36.16 9.49 -1.98
C VAL K 475 36.18 10.25 -3.32
N ASN K 476 36.16 11.58 -3.29
CA ASN K 476 36.12 12.37 -4.52
C ASN K 476 37.44 13.07 -4.79
N PRO K 477 38.36 12.44 -5.55
CA PRO K 477 39.61 13.16 -5.70
C PRO K 477 39.56 14.40 -6.54
N LYS K 478 38.66 14.52 -7.49
CA LYS K 478 38.71 15.69 -8.35
C LYS K 478 38.50 16.96 -7.54
N ASP K 479 37.51 16.94 -6.66
CA ASP K 479 37.20 18.12 -5.88
C ASP K 479 38.37 18.47 -5.01
N ASP K 480 38.94 17.46 -4.39
CA ASP K 480 40.01 17.74 -3.46
C ASP K 480 41.12 18.36 -4.22
N ALA K 481 41.43 17.85 -5.39
CA ALA K 481 42.55 18.36 -6.15
C ALA K 481 42.33 19.80 -6.57
N THR K 482 41.12 20.11 -7.02
CA THR K 482 40.85 21.49 -7.39
C THR K 482 41.00 22.42 -6.19
N ALA K 483 40.49 21.99 -5.04
CA ALA K 483 40.59 22.83 -3.86
C ALA K 483 42.03 23.03 -3.48
N HIS K 484 42.83 21.98 -3.58
CA HIS K 484 44.22 22.07 -3.21
C HIS K 484 44.96 23.02 -4.13
N GLU K 485 44.68 22.97 -5.42
CA GLU K 485 45.32 23.90 -6.32
C GLU K 485 44.94 25.31 -5.92
N LYS K 486 43.66 25.53 -5.65
CA LYS K 486 43.25 26.87 -5.33
C LYS K 486 43.96 27.35 -4.07
N ASP K 487 44.10 26.49 -3.09
CA ASP K 487 44.76 26.84 -1.85
C ASP K 487 46.24 27.15 -2.00
N LEU K 488 46.92 26.37 -2.82
CA LEU K 488 48.33 26.61 -3.04
C LEU K 488 48.43 27.96 -3.66
N LYS K 489 47.49 28.26 -4.54
CA LYS K 489 47.47 29.58 -5.13
C LYS K 489 47.36 30.67 -4.09
N ASN K 490 46.47 30.50 -3.11
CA ASN K 490 46.28 31.65 -2.17
C ASN K 490 47.27 31.77 -0.98
N GLY K 491 48.41 31.12 -1.02
CA GLY K 491 49.38 31.06 0.04
C GLY K 491 48.75 30.68 1.37
N VAL K 492 47.54 30.11 1.32
CA VAL K 492 46.84 29.74 2.54
C VAL K 492 47.34 28.41 3.08
N ARG K 493 47.31 27.36 2.25
CA ARG K 493 47.96 26.10 2.59
C ARG K 493 49.38 26.13 2.09
N THR K 494 50.28 25.64 2.93
CA THR K 494 51.65 25.50 2.51
C THR K 494 51.70 24.15 1.88
N ARG K 495 52.72 23.89 1.09
CA ARG K 495 52.84 22.61 0.43
C ARG K 495 52.99 21.50 1.46
N THR K 496 53.70 21.77 2.54
CA THR K 496 53.98 20.71 3.50
C THR K 496 52.74 20.10 4.14
N GLU K 497 51.75 20.92 4.44
CA GLU K 497 50.58 20.39 5.14
C GLU K 497 49.84 19.33 4.35
N ILE K 498 49.72 19.53 3.04
CA ILE K 498 48.94 18.59 2.25
C ILE K 498 49.59 17.23 2.31
N CYS K 499 50.91 17.19 2.22
CA CYS K 499 51.62 15.93 2.28
C CYS K 499 51.39 15.30 3.62
N ALA K 500 51.33 16.13 4.65
CA ALA K 500 51.17 15.60 6.00
C ALA K 500 49.88 14.85 6.18
N GLU K 501 48.81 15.32 5.56
CA GLU K 501 47.54 14.66 5.79
C GLU K 501 47.63 13.24 5.30
N ARG K 502 48.22 13.04 4.14
CA ARG K 502 48.44 11.68 3.67
C ARG K 502 49.40 11.02 4.63
N GLY K 503 50.39 11.76 5.13
CA GLY K 503 51.40 11.21 6.01
C GLY K 503 52.75 10.94 5.37
N ARG K 504 52.85 11.16 4.07
CA ARG K 504 54.12 10.99 3.38
C ARG K 504 55.24 11.95 3.76
N ASP K 505 54.99 13.26 3.86
CA ASP K 505 56.09 14.25 4.11
C ASP K 505 56.90 14.89 2.93
N PHE K 506 57.16 16.18 3.07
CA PHE K 506 57.85 16.92 2.00
C PHE K 506 59.28 16.55 1.63
N ALA K 507 60.10 16.16 2.58
CA ALA K 507 61.44 15.73 2.24
C ALA K 507 61.35 14.49 1.35
N ASP K 508 60.44 13.60 1.71
CA ASP K 508 60.27 12.39 0.96
C ASP K 508 59.88 12.80 -0.43
N VAL K 509 58.95 13.74 -0.49
CA VAL K 509 58.48 14.13 -1.80
C VAL K 509 59.64 14.68 -2.65
N VAL K 510 60.47 15.55 -2.08
CA VAL K 510 61.60 16.13 -2.82
C VAL K 510 62.66 15.10 -3.27
N ALA K 511 62.96 14.13 -2.43
CA ALA K 511 63.92 13.11 -2.86
C ALA K 511 63.34 12.34 -4.04
N GLU K 512 62.06 12.03 -3.93
CA GLU K 512 61.46 11.30 -5.02
C GLU K 512 61.46 12.14 -6.30
N ALA K 513 61.27 13.44 -6.16
CA ALA K 513 61.32 14.34 -7.31
C ALA K 513 62.69 14.37 -7.96
N ALA K 514 63.74 14.36 -7.15
CA ALA K 514 65.08 14.28 -7.73
C ALA K 514 65.26 12.96 -8.50
N ALA K 515 64.71 11.88 -7.95
CA ALA K 515 64.79 10.63 -8.71
C ALA K 515 64.05 10.74 -10.05
N GLU K 516 62.89 11.38 -10.02
CA GLU K 516 62.12 11.57 -11.25
C GLU K 516 62.92 12.39 -12.24
N ARG K 517 63.65 13.41 -11.78
CA ARG K 517 64.53 14.19 -12.66
C ARG K 517 65.65 13.36 -13.30
N GLN K 518 66.26 12.48 -12.54
CA GLN K 518 67.25 11.58 -13.20
C GLN K 518 66.58 10.67 -14.25
N MET K 519 65.38 10.21 -13.92
CA MET K 519 64.69 9.41 -14.91
C MET K 519 64.36 10.22 -16.15
N MET K 520 64.35 11.55 -16.02
CA MET K 520 64.07 12.42 -17.15
C MET K 520 65.26 12.49 -18.08
N ARG K 521 66.45 12.37 -17.53
CA ARG K 521 67.64 12.51 -18.35
C ARG K 521 67.66 11.44 -19.42
N ASP K 522 67.33 10.21 -19.05
CA ASP K 522 67.26 9.13 -20.03
C ASP K 522 66.14 9.31 -21.07
N ALA K 523 64.96 9.76 -20.64
CA ALA K 523 63.82 9.91 -21.57
C ALA K 523 63.33 11.34 -21.73
N GLY K 524 62.35 11.74 -20.92
CA GLY K 524 61.81 13.09 -20.99
C GLY K 524 61.15 13.46 -19.68
N LEU K 525 60.90 14.75 -19.44
CA LEU K 525 60.19 15.16 -18.23
C LEU K 525 58.73 15.39 -18.51
N ASP K 526 58.29 16.64 -18.52
CA ASP K 526 56.88 16.91 -18.70
C ASP K 526 56.61 18.10 -19.58
N PRO K 527 55.41 18.15 -20.18
CA PRO K 527 55.05 19.34 -20.98
C PRO K 527 54.25 20.37 -20.17
N MET L 1 26.44 -51.94 38.55
CA MET L 1 27.50 -51.87 37.54
C MET L 1 26.98 -52.06 36.13
N THR L 2 27.78 -52.68 35.28
CA THR L 2 27.40 -52.91 33.90
C THR L 2 26.27 -53.91 33.80
N VAL L 3 25.44 -53.77 32.76
CA VAL L 3 24.27 -54.63 32.62
C VAL L 3 23.88 -54.84 31.16
N SER L 4 23.43 -56.04 30.81
CA SER L 4 23.02 -56.31 29.45
C SER L 4 21.66 -56.97 29.39
N ILE L 5 20.61 -56.21 29.66
CA ILE L 5 19.30 -56.81 29.58
C ILE L 5 18.78 -56.67 28.16
N HIS L 6 19.03 -57.69 27.33
CA HIS L 6 18.43 -57.66 26.00
C HIS L 6 17.84 -58.95 25.49
N PRO L 7 16.78 -59.46 26.15
CA PRO L 7 16.14 -60.64 25.58
C PRO L 7 15.43 -60.19 24.31
N PRO L 8 15.37 -61.07 23.29
CA PRO L 8 14.70 -60.50 22.12
C PRO L 8 13.29 -60.17 22.51
N ALA L 9 12.80 -59.01 22.11
CA ALA L 9 11.46 -58.55 22.49
C ALA L 9 10.39 -59.54 22.11
N THR L 10 10.50 -60.13 20.94
CA THR L 10 9.52 -61.12 20.50
C THR L 10 10.02 -62.53 20.80
N LEU L 11 9.59 -63.07 21.92
CA LEU L 11 10.08 -64.37 22.31
C LEU L 11 8.98 -65.35 22.03
N VAL L 12 9.28 -66.36 21.23
CA VAL L 12 8.25 -67.30 20.84
C VAL L 12 8.29 -68.55 21.68
N ALA L 13 7.13 -69.08 22.00
CA ALA L 13 7.06 -70.22 22.89
C ALA L 13 7.61 -71.49 22.29
N GLY L 14 7.90 -72.48 23.15
CA GLY L 14 8.45 -73.72 22.66
C GLY L 14 9.76 -73.63 21.91
N ASP L 15 10.34 -72.44 21.87
CA ASP L 15 11.56 -72.22 21.12
C ASP L 15 12.64 -71.89 22.10
N SER L 16 13.87 -72.23 21.77
CA SER L 16 14.98 -71.98 22.66
C SER L 16 15.22 -70.49 22.77
N TRP L 17 15.50 -70.00 23.97
CA TRP L 17 15.67 -68.56 24.17
C TRP L 17 17.08 -68.23 24.63
N ALA L 18 17.73 -67.28 23.98
CA ALA L 18 19.06 -66.88 24.40
C ALA L 18 19.44 -65.41 24.26
N TRP L 19 20.03 -64.78 25.28
CA TRP L 19 20.53 -63.42 25.07
C TRP L 19 22.06 -63.38 25.21
N GLU L 20 22.62 -64.30 25.99
CA GLU L 20 24.06 -64.27 26.20
C GLU L 20 24.48 -62.87 26.64
N ALA L 21 23.92 -62.37 27.73
CA ALA L 21 24.20 -61.00 28.16
C ALA L 21 25.65 -60.64 28.39
N GLY L 22 26.07 -59.51 27.86
CA GLY L 22 27.46 -59.10 27.97
C GLY L 22 28.10 -58.77 29.31
N ALA L 23 27.43 -58.01 30.18
CA ALA L 23 28.11 -57.59 31.42
C ALA L 23 27.26 -57.35 32.66
N VAL L 24 26.05 -57.87 32.69
CA VAL L 24 25.17 -57.59 33.83
C VAL L 24 25.69 -58.09 35.14
N PHE L 25 26.29 -59.27 35.14
CA PHE L 25 26.74 -59.87 36.38
C PHE L 25 28.25 -59.70 36.58
N GLU L 26 28.82 -58.64 36.00
CA GLU L 26 30.26 -58.53 36.09
C GLU L 26 30.54 -58.07 37.49
N ASP L 27 29.62 -57.30 38.07
CA ASP L 27 29.80 -56.95 39.47
C ASP L 27 29.54 -58.19 40.29
N HIS L 28 30.26 -58.34 41.39
CA HIS L 28 30.12 -59.53 42.22
C HIS L 28 30.32 -60.79 41.40
N PRO L 29 31.32 -60.79 40.51
CA PRO L 29 31.43 -61.98 39.66
C PRO L 29 31.80 -63.26 40.40
N ASP L 30 32.74 -63.19 41.33
CA ASP L 30 33.21 -64.38 41.99
C ASP L 30 32.25 -65.18 42.86
N PRO L 31 31.48 -64.50 43.73
CA PRO L 31 30.61 -65.36 44.54
C PRO L 31 29.10 -65.21 44.29
N TRP L 32 28.67 -64.48 43.28
CA TRP L 32 27.24 -64.27 43.09
C TRP L 32 26.70 -64.95 41.84
N ALA L 33 25.49 -65.48 41.89
CA ALA L 33 24.94 -66.23 40.74
C ALA L 33 24.28 -65.41 39.63
N ALA L 34 23.94 -66.07 38.52
CA ALA L 34 23.23 -65.40 37.41
C ALA L 34 21.78 -65.86 37.41
N SER L 35 20.83 -64.98 37.13
CA SER L 35 19.42 -65.39 37.22
C SER L 35 18.47 -65.08 36.06
N TYR L 36 18.45 -63.84 35.61
CA TYR L 36 17.55 -63.44 34.54
C TYR L 36 16.16 -63.98 34.82
N VAL L 37 15.56 -63.57 35.93
CA VAL L 37 14.24 -64.06 36.32
C VAL L 37 13.18 -63.67 35.30
N LEU L 38 12.35 -64.63 34.91
CA LEU L 38 11.29 -64.34 33.99
C LEU L 38 10.01 -64.61 34.73
N ARG L 39 9.12 -63.64 34.84
CA ARG L 39 7.92 -63.83 35.64
C ARG L 39 6.70 -63.48 34.85
N PRO L 40 5.70 -64.34 34.89
CA PRO L 40 4.47 -63.92 34.21
C PRO L 40 3.85 -62.80 35.03
N GLU L 41 3.42 -61.74 34.36
CA GLU L 41 2.86 -60.61 35.07
C GLU L 41 1.54 -60.91 35.78
N ALA L 42 0.67 -61.67 35.14
CA ALA L 42 -0.66 -61.95 35.71
C ALA L 42 -0.80 -63.40 36.14
N GLY L 43 -0.19 -63.81 37.23
CA GLY L 43 -0.19 -65.22 37.58
C GLY L 43 1.16 -65.85 37.43
N GLY L 44 1.23 -67.16 37.51
CA GLY L 44 2.48 -67.84 37.27
C GLY L 44 3.50 -67.88 38.37
N ASP L 45 4.61 -68.57 38.10
CA ASP L 45 5.66 -68.70 39.08
C ASP L 45 6.93 -68.32 38.38
N PRO L 46 7.74 -67.50 39.03
CA PRO L 46 8.91 -67.05 38.27
C PRO L 46 9.77 -68.20 37.83
N VAL L 47 10.14 -68.25 36.54
CA VAL L 47 11.06 -69.26 36.09
C VAL L 47 12.41 -68.59 35.96
N THR L 48 13.48 -69.36 36.08
CA THR L 48 14.80 -68.77 36.03
C THR L 48 15.81 -69.41 35.10
N VAL L 49 16.77 -68.63 34.65
CA VAL L 49 17.79 -69.14 33.75
C VAL L 49 19.16 -69.05 34.40
N SER L 50 19.94 -70.12 34.31
CA SER L 50 21.27 -70.12 34.91
C SER L 50 22.36 -69.87 33.89
N GLY L 51 23.49 -70.54 34.04
CA GLY L 51 24.61 -70.27 33.15
C GLY L 51 24.87 -71.24 32.02
N GLY L 52 25.42 -72.42 32.30
CA GLY L 52 25.76 -73.34 31.23
C GLY L 52 26.61 -72.62 30.21
N LEU L 53 27.69 -71.97 30.65
CA LEU L 53 28.45 -71.12 29.74
C LEU L 53 29.93 -71.31 29.49
N GLU L 54 30.45 -70.61 28.49
CA GLU L 54 31.89 -70.58 28.28
C GLU L 54 32.36 -69.54 29.27
N VAL L 55 33.54 -69.70 29.84
CA VAL L 55 33.98 -68.76 30.88
C VAL L 55 34.16 -67.30 30.45
N LEU L 56 34.77 -67.05 29.31
CA LEU L 56 35.05 -65.66 28.91
C LEU L 56 33.79 -64.85 28.69
N ALA L 57 32.82 -65.43 27.99
CA ALA L 57 31.57 -64.73 27.78
C ALA L 57 30.44 -65.62 28.25
N PRO L 58 29.66 -65.12 29.19
CA PRO L 58 28.52 -65.90 29.65
C PRO L 58 27.48 -66.03 28.57
N VAL L 59 26.95 -67.23 28.37
CA VAL L 59 25.87 -67.39 27.42
C VAL L 59 24.70 -68.03 28.12
N PHE L 60 23.53 -67.41 28.00
CA PHE L 60 22.37 -67.88 28.73
C PHE L 60 21.48 -68.61 27.77
N ARG L 61 21.01 -69.78 28.18
CA ARG L 61 20.20 -70.55 27.28
C ARG L 61 19.06 -71.25 27.98
N LEU L 62 17.94 -71.39 27.29
CA LEU L 62 16.81 -72.14 27.84
C LEU L 62 16.38 -73.20 26.85
N PRO L 63 16.18 -74.45 27.31
CA PRO L 63 15.76 -75.54 26.42
C PRO L 63 14.35 -75.36 25.89
N ALA L 64 14.13 -75.74 24.65
CA ALA L 64 12.82 -75.56 24.04
C ALA L 64 11.73 -76.37 24.71
N SER L 65 12.04 -77.61 25.07
CA SER L 65 11.03 -78.47 25.67
C SER L 65 10.55 -77.89 26.99
N VAL L 66 11.46 -77.31 27.76
CA VAL L 66 11.06 -76.68 29.01
C VAL L 66 10.12 -75.50 28.80
N THR L 67 10.33 -74.72 27.75
CA THR L 67 9.49 -73.57 27.50
C THR L 67 8.06 -74.03 27.30
N ALA L 68 7.87 -75.08 26.53
CA ALA L 68 6.53 -75.67 26.33
C ALA L 68 5.29 -74.97 26.82
N ASP L 69 4.97 -75.15 28.09
CA ASP L 69 3.71 -74.64 28.61
C ASP L 69 3.69 -73.23 29.16
N LEU L 70 4.73 -72.46 28.88
CA LEU L 70 4.81 -71.12 29.47
C LEU L 70 3.62 -70.28 29.03
N PRO L 71 3.12 -69.41 29.92
CA PRO L 71 1.93 -68.62 29.61
C PRO L 71 1.96 -67.68 28.42
N PRO L 72 0.91 -67.71 27.58
CA PRO L 72 0.84 -66.75 26.47
C PRO L 72 0.42 -65.40 27.04
N GLY L 73 1.05 -64.30 26.63
CA GLY L 73 0.74 -63.01 27.24
C GLY L 73 1.95 -62.12 27.42
N GLU L 74 1.96 -61.35 28.50
CA GLU L 74 3.08 -60.44 28.78
C GLU L 74 4.00 -60.91 29.92
N TRP L 75 5.31 -60.84 29.73
CA TRP L 75 6.25 -61.31 30.74
C TRP L 75 7.29 -60.26 31.06
N THR L 76 7.86 -60.31 32.27
CA THR L 76 8.85 -59.34 32.68
C THR L 76 10.24 -59.93 32.90
N TRP L 77 11.28 -59.14 32.64
CA TRP L 77 12.66 -59.61 32.77
C TRP L 77 13.41 -58.83 33.82
N PHE L 78 13.84 -59.49 34.88
CA PHE L 78 14.63 -58.81 35.89
C PHE L 78 15.88 -59.68 36.15
N ALA L 79 17.06 -59.09 36.24
CA ALA L 79 18.28 -59.87 36.46
C ALA L 79 18.84 -59.69 37.86
N VAL L 80 19.05 -60.78 38.57
CA VAL L 80 19.50 -60.67 39.95
C VAL L 80 20.75 -61.46 40.22
N ALA L 81 21.71 -60.88 40.95
CA ALA L 81 22.90 -61.61 41.35
C ALA L 81 22.80 -61.77 42.84
N VAL L 82 22.98 -62.98 43.36
CA VAL L 82 22.78 -63.18 44.79
C VAL L 82 23.87 -64.00 45.48
N ASP L 83 24.31 -63.58 46.67
CA ASP L 83 25.27 -64.39 47.43
C ASP L 83 24.80 -64.62 48.84
N ALA L 84 24.79 -65.87 49.28
CA ALA L 84 24.35 -66.20 50.64
C ALA L 84 25.23 -65.65 51.76
N THR L 85 26.54 -65.71 51.59
CA THR L 85 27.43 -65.22 52.61
C THR L 85 27.16 -63.75 52.76
N THR L 86 26.99 -63.07 51.62
CA THR L 86 26.65 -61.65 51.65
C THR L 86 25.24 -61.39 52.16
N ASP L 87 24.37 -62.39 52.11
CA ASP L 87 22.96 -62.26 52.53
C ASP L 87 22.33 -61.09 51.81
N ALA L 88 22.67 -60.95 50.53
CA ALA L 88 22.17 -59.85 49.76
C ALA L 88 21.93 -60.31 48.35
N ARG L 89 21.08 -59.60 47.63
CA ARG L 89 20.86 -59.91 46.24
C ARG L 89 21.13 -58.58 45.62
N ALA L 90 21.41 -58.53 44.33
CA ALA L 90 21.55 -57.24 43.68
C ALA L 90 20.79 -57.24 42.36
N VAL L 91 19.98 -56.22 42.11
CA VAL L 91 19.21 -56.24 40.89
C VAL L 91 19.73 -55.18 39.95
N LEU L 92 20.13 -55.58 38.75
CA LEU L 92 20.68 -54.62 37.80
C LEU L 92 19.88 -54.45 36.52
N ALA L 93 18.77 -55.16 36.35
CA ALA L 93 18.05 -55.12 35.06
C ALA L 93 16.55 -54.94 35.04
N GLN L 94 16.03 -54.44 33.91
CA GLN L 94 14.58 -54.28 33.75
C GLN L 94 14.21 -54.51 32.28
N GLY L 95 12.98 -54.94 32.00
CA GLY L 95 12.55 -55.14 30.63
C GLY L 95 11.16 -55.69 30.52
N ARG L 96 10.67 -55.90 29.29
CA ARG L 96 9.35 -56.47 29.09
C ARG L 96 9.31 -57.25 27.79
N VAL L 97 8.85 -58.49 27.83
CA VAL L 97 8.85 -59.33 26.64
C VAL L 97 7.51 -60.02 26.51
N THR L 98 7.07 -60.28 25.28
CA THR L 98 5.77 -60.90 25.08
C THR L 98 5.92 -62.31 24.55
N VAL L 99 5.10 -63.23 25.05
CA VAL L 99 5.17 -64.59 24.61
C VAL L 99 4.09 -64.87 23.59
N ILE L 100 4.49 -65.14 22.36
CA ILE L 100 3.56 -65.43 21.28
C ILE L 100 2.95 -66.79 21.54
N PRO L 101 1.66 -66.96 21.26
CA PRO L 101 1.14 -68.30 21.56
C PRO L 101 1.86 -69.38 20.76
N ASP L 102 2.13 -70.53 21.37
CA ASP L 102 2.85 -71.61 20.68
C ASP L 102 2.38 -71.80 19.24
N PRO L 103 3.29 -71.63 18.26
CA PRO L 103 2.75 -71.74 16.92
C PRO L 103 2.67 -73.14 16.37
N LEU L 104 3.22 -74.12 17.06
CA LEU L 104 3.24 -75.46 16.49
C LEU L 104 2.14 -76.36 17.00
N ALA L 105 1.25 -75.81 17.82
CA ALA L 105 0.21 -76.65 18.43
C ALA L 105 -1.05 -75.96 18.87
N GLY L 106 -2.09 -76.74 19.16
CA GLY L 106 -3.32 -76.18 19.70
C GLY L 106 -4.57 -76.16 18.87
N THR L 107 -5.71 -76.26 19.55
CA THR L 107 -6.99 -76.21 18.84
C THR L 107 -7.37 -74.87 18.21
N GLU L 108 -7.26 -73.77 18.95
CA GLU L 108 -7.54 -72.45 18.35
C GLU L 108 -6.92 -71.22 18.99
N ASP L 109 -6.52 -70.25 18.18
CA ASP L 109 -6.04 -68.97 18.70
C ASP L 109 -6.59 -67.96 17.70
N ARG L 110 -7.31 -66.96 18.16
CA ARG L 110 -7.78 -65.93 17.25
C ARG L 110 -6.80 -64.80 17.17
N ARG L 111 -7.17 -63.75 16.48
CA ARG L 111 -6.31 -62.60 16.41
C ARG L 111 -6.40 -61.78 17.69
N THR L 112 -5.58 -60.76 17.80
CA THR L 112 -5.58 -59.89 18.96
C THR L 112 -6.93 -59.20 18.98
N PRO L 113 -7.28 -58.60 20.13
CA PRO L 113 -8.63 -58.05 20.23
C PRO L 113 -9.03 -57.11 19.12
N ALA L 114 -8.11 -56.40 18.49
CA ALA L 114 -8.56 -55.46 17.49
C ALA L 114 -9.36 -56.16 16.41
N ARG L 115 -8.92 -57.34 15.98
CA ARG L 115 -9.69 -58.06 14.98
C ARG L 115 -11.06 -58.48 15.48
N ARG L 116 -11.15 -58.94 16.72
CA ARG L 116 -12.41 -59.41 17.23
C ARG L 116 -13.43 -58.29 17.25
N ILE L 117 -13.03 -57.13 17.71
CA ILE L 117 -13.99 -56.06 17.81
C ILE L 117 -14.45 -55.69 16.43
N LEU L 118 -13.51 -55.64 15.50
CA LEU L 118 -13.86 -55.26 14.14
C LEU L 118 -14.81 -56.26 13.51
N ALA L 119 -14.54 -57.54 13.70
CA ALA L 119 -15.38 -58.54 13.09
C ALA L 119 -16.78 -58.43 13.63
N ALA L 120 -16.88 -58.25 14.93
CA ALA L 120 -18.20 -58.18 15.53
C ALA L 120 -18.99 -56.99 15.02
N ILE L 121 -18.33 -55.84 14.83
CA ILE L 121 -19.04 -54.64 14.41
C ILE L 121 -19.65 -54.92 13.07
N GLU L 122 -18.91 -55.62 12.21
CA GLU L 122 -19.47 -55.98 10.93
C GLU L 122 -20.69 -56.86 11.11
N ALA L 123 -20.62 -57.79 12.05
CA ALA L 123 -21.78 -58.62 12.32
C ALA L 123 -22.99 -57.87 12.85
N THR L 124 -22.79 -56.99 13.83
CA THR L 124 -23.94 -56.31 14.42
C THR L 124 -24.60 -55.37 13.44
N LEU L 125 -23.79 -54.69 12.63
CA LEU L 125 -24.32 -53.79 11.64
C LEU L 125 -25.17 -54.58 10.68
N GLU L 126 -24.74 -55.79 10.36
CA GLU L 126 -25.48 -56.60 9.40
C GLU L 126 -26.88 -56.85 9.87
N GLY L 127 -27.02 -57.17 11.14
CA GLY L 127 -28.34 -57.42 11.68
C GLY L 127 -29.22 -56.21 11.67
N ARG L 128 -28.69 -55.06 12.02
CA ARG L 128 -29.54 -53.90 12.14
C ARG L 128 -29.78 -53.25 10.82
N ALA L 129 -29.13 -53.74 9.79
CA ALA L 129 -29.43 -53.21 8.48
C ALA L 129 -30.88 -53.53 8.17
N THR L 130 -31.29 -54.75 8.43
CA THR L 130 -32.66 -55.15 8.19
C THR L 130 -33.30 -55.15 9.55
N LYS L 131 -34.60 -55.39 9.63
CA LYS L 131 -35.28 -55.48 10.91
C LYS L 131 -34.98 -54.24 11.72
N ASP L 132 -35.02 -53.09 11.07
CA ASP L 132 -34.62 -51.87 11.76
C ASP L 132 -35.47 -51.58 12.96
N ALA L 133 -34.83 -51.28 14.08
CA ALA L 133 -35.58 -51.03 15.30
C ALA L 133 -34.80 -50.39 16.41
N ASP L 134 -35.29 -49.27 16.92
CA ASP L 134 -34.62 -48.70 18.07
C ASP L 134 -35.34 -49.01 19.36
N THR L 135 -36.51 -49.65 19.29
CA THR L 135 -37.18 -50.09 20.52
C THR L 135 -38.02 -51.34 20.34
N TYR L 136 -37.44 -52.51 20.54
CA TYR L 136 -38.19 -53.73 20.34
C TYR L 136 -39.00 -53.98 21.57
N SER L 137 -39.96 -53.10 21.87
CA SER L 137 -40.67 -53.23 23.13
C SER L 137 -41.93 -54.05 23.16
N ILE L 138 -41.86 -55.26 23.72
CA ILE L 138 -43.03 -56.12 23.77
C ILE L 138 -43.39 -56.50 25.16
N GLU L 139 -44.61 -56.23 25.57
CA GLU L 139 -45.11 -56.58 26.91
C GLU L 139 -44.44 -55.92 28.12
N GLY L 140 -43.22 -56.30 28.43
CA GLY L 140 -42.51 -55.69 29.53
C GLY L 140 -41.04 -55.59 29.26
N ARG L 141 -40.64 -55.84 28.03
CA ARG L 141 -39.22 -55.84 27.70
C ARG L 141 -38.91 -54.79 26.67
N SER L 142 -37.93 -53.94 26.92
CA SER L 142 -37.52 -52.98 25.91
C SER L 142 -36.00 -52.90 25.68
N ILE L 143 -35.52 -53.35 24.53
CA ILE L 143 -34.10 -53.29 24.25
C ILE L 143 -33.35 -51.97 23.96
N THR L 144 -33.91 -51.06 23.18
CA THR L 144 -33.26 -49.77 22.84
C THR L 144 -31.81 -49.62 22.29
N ARG L 145 -31.44 -50.27 21.20
CA ARG L 145 -30.07 -50.22 20.60
C ARG L 145 -29.19 -48.94 20.55
N THR L 146 -27.86 -49.08 20.38
CA THR L 146 -26.96 -47.95 20.33
C THR L 146 -27.08 -47.23 19.04
N PRO L 147 -26.98 -45.91 19.09
CA PRO L 147 -27.23 -45.17 17.86
C PRO L 147 -26.30 -45.56 16.73
N LEU L 148 -26.82 -45.58 15.51
CA LEU L 148 -26.02 -45.96 14.36
C LEU L 148 -24.83 -45.06 14.14
N PRO L 149 -24.98 -43.74 14.36
CA PRO L 149 -23.75 -42.97 14.21
C PRO L 149 -22.67 -43.45 15.17
N ASP L 150 -23.03 -43.82 16.39
CA ASP L 150 -22.04 -44.25 17.35
C ASP L 150 -21.30 -45.50 16.93
N LEU L 151 -22.02 -46.47 16.38
CA LEU L 151 -21.40 -47.73 16.02
C LEU L 151 -20.36 -47.47 14.97
N LEU L 152 -20.67 -46.57 14.05
CA LEU L 152 -19.76 -46.31 12.97
C LEU L 152 -18.44 -45.79 13.49
N ARG L 153 -18.46 -44.94 14.50
CA ARG L 153 -17.23 -44.36 14.99
C ARG L 153 -16.32 -45.44 15.52
N LEU L 154 -16.88 -46.41 16.21
CA LEU L 154 -16.07 -47.49 16.77
C LEU L 154 -15.39 -48.22 15.66
N ARG L 155 -16.09 -48.44 14.56
CA ARG L 155 -15.50 -49.23 13.50
C ARG L 155 -14.26 -48.55 13.00
N ALA L 156 -14.33 -47.25 12.79
CA ALA L 156 -13.18 -46.58 12.23
C ALA L 156 -11.97 -46.63 13.12
N VAL L 157 -12.16 -46.39 14.41
CA VAL L 157 -11.00 -46.34 15.29
C VAL L 157 -10.32 -47.68 15.28
N TYR L 158 -11.10 -48.72 15.43
CA TYR L 158 -10.52 -50.03 15.49
C TYR L 158 -9.86 -50.42 14.19
N ALA L 159 -10.45 -50.06 13.06
CA ALA L 159 -9.89 -50.47 11.78
C ALA L 159 -8.51 -49.90 11.64
N GLU L 160 -8.33 -48.69 12.11
CA GLU L 160 -7.02 -48.10 12.02
C GLU L 160 -6.00 -48.91 12.82
N GLN L 161 -6.37 -49.37 14.00
CA GLN L 161 -5.40 -50.10 14.78
C GLN L 161 -5.01 -51.36 14.06
N VAL L 162 -5.97 -52.05 13.45
CA VAL L 162 -5.60 -53.30 12.82
C VAL L 162 -4.61 -52.98 11.74
N ALA L 163 -4.82 -51.87 11.04
CA ALA L 163 -3.90 -51.49 10.02
C ALA L 163 -2.54 -51.21 10.59
N ARG L 164 -2.48 -50.54 11.73
CA ARG L 164 -1.19 -50.19 12.30
C ARG L 164 -0.39 -51.42 12.66
N GLU L 165 -1.04 -52.40 13.28
CA GLU L 165 -0.35 -53.61 13.69
C GLU L 165 0.15 -54.38 12.49
N THR L 166 -0.67 -54.49 11.48
CA THR L 166 -0.24 -55.17 10.27
C THR L 166 0.90 -54.39 9.65
N GLY L 167 0.85 -53.07 9.76
CA GLY L 167 1.88 -52.24 9.14
C GLY L 167 1.50 -51.68 7.79
N ARG L 168 0.26 -51.88 7.38
CA ARG L 168 -0.22 -51.35 6.12
C ARG L 168 -0.86 -49.98 6.35
N SER L 169 -0.73 -49.45 7.56
CA SER L 169 -1.35 -48.16 7.93
C SER L 169 -0.96 -46.85 7.25
N PRO L 170 0.23 -46.79 6.63
CA PRO L 170 0.56 -45.47 6.07
C PRO L 170 -0.55 -44.95 5.18
N TYR L 171 -0.85 -43.67 5.30
CA TYR L 171 -1.94 -43.10 4.55
C TYR L 171 -1.71 -43.27 3.06
N ARG L 172 -2.75 -43.64 2.34
CA ARG L 172 -2.61 -43.95 0.92
C ARG L 172 -2.20 -42.81 0.00
N GLN L 173 -1.50 -43.14 -1.08
CA GLN L 173 -1.04 -42.11 -2.02
C GLN L 173 -1.34 -42.48 -3.47
N ARG L 174 -2.02 -41.62 -4.20
CA ARG L 174 -2.27 -41.87 -5.62
C ARG L 174 -1.46 -40.90 -6.43
N ARG L 175 -0.65 -41.38 -7.36
CA ARG L 175 0.22 -40.48 -8.08
C ARG L 175 -0.44 -40.13 -9.39
N VAL L 176 -0.61 -38.84 -9.67
CA VAL L 176 -1.34 -38.48 -10.88
C VAL L 176 -0.56 -38.98 -12.04
N SER L 177 0.73 -38.69 -12.06
CA SER L 177 1.59 -39.23 -13.10
C SER L 177 0.94 -39.10 -14.48
N PHE L 178 0.40 -37.94 -14.77
CA PHE L 178 -0.30 -37.74 -16.03
C PHE L 178 -1.17 -38.94 -16.36
N TYR M 32 30.94 0.77 35.33
CA TYR M 32 31.73 0.06 36.32
C TYR M 32 31.20 -1.35 36.53
N ARG M 33 30.05 -1.47 37.17
CA ARG M 33 29.46 -2.77 37.40
C ARG M 33 28.46 -3.06 36.29
N ALA M 34 29.00 -3.34 35.11
CA ALA M 34 28.17 -3.59 33.95
C ALA M 34 28.26 -5.06 33.58
N ALA M 35 29.50 -5.57 33.57
CA ALA M 35 29.70 -6.95 33.16
C ALA M 35 30.21 -7.83 34.29
N LYS M 36 30.11 -7.35 35.54
CA LYS M 36 30.76 -7.92 36.72
C LYS M 36 30.48 -9.40 36.96
N SER M 37 29.34 -9.91 36.52
CA SER M 37 28.95 -11.29 36.73
C SER M 37 27.84 -11.70 35.77
N ASP M 38 27.27 -12.86 36.06
CA ASP M 38 26.39 -13.56 35.12
C ASP M 38 25.01 -13.79 35.73
N ARG M 39 24.41 -12.75 36.31
CA ARG M 39 23.18 -12.84 37.09
C ARG M 39 22.02 -13.36 36.24
N ILE M 40 21.63 -12.63 35.19
CA ILE M 40 20.58 -13.10 34.31
C ILE M 40 20.99 -12.97 32.85
N ALA M 41 22.05 -12.21 32.60
CA ALA M 41 22.45 -11.89 31.23
C ALA M 41 23.96 -11.96 31.04
N GLY M 42 24.60 -13.05 31.47
CA GLY M 42 26.04 -13.08 31.40
C GLY M 42 26.59 -14.39 30.87
N GLY M 43 27.67 -14.83 31.48
CA GLY M 43 28.43 -15.99 31.03
C GLY M 43 29.91 -15.64 30.97
N PHE M 44 30.29 -14.54 31.61
CA PHE M 44 31.59 -13.90 31.39
C PHE M 44 32.73 -14.56 32.17
N GLY M 45 32.79 -15.89 32.12
CA GLY M 45 33.70 -16.61 32.98
C GLY M 45 33.45 -16.32 34.46
N VAL M 46 34.49 -16.50 35.28
CA VAL M 46 34.39 -16.19 36.70
C VAL M 46 35.63 -15.41 37.05
N PHE M 47 36.76 -15.79 36.48
CA PHE M 47 38.03 -15.11 36.73
C PHE M 47 38.78 -14.92 35.42
N PRO M 48 39.60 -13.86 35.32
CA PRO M 48 40.41 -13.70 34.11
C PRO M 48 41.40 -14.84 33.92
N THR M 49 41.58 -15.29 32.68
CA THR M 49 42.48 -16.41 32.41
C THR M 49 43.43 -16.11 31.27
N THR M 50 44.59 -16.76 31.26
CA THR M 50 45.58 -16.53 30.21
C THR M 50 45.05 -16.93 28.81
N PRO M 51 45.04 -15.98 27.83
CA PRO M 51 44.57 -16.43 26.53
C PRO M 51 45.41 -17.56 26.04
N ARG M 52 46.64 -17.73 26.49
CA ARG M 52 47.52 -18.78 25.98
C ARG M 52 46.91 -20.20 26.00
N ASP M 53 46.65 -20.77 27.15
CA ASP M 53 46.20 -22.18 27.21
C ASP M 53 44.88 -22.34 26.50
N GLU M 54 44.02 -21.35 26.75
CA GLU M 54 42.74 -21.38 26.09
C GLU M 54 43.10 -21.31 24.64
N LEU M 55 44.04 -20.45 24.26
CA LEU M 55 44.34 -20.28 22.84
C LEU M 55 44.82 -21.59 22.28
N ARG M 56 45.73 -22.29 22.93
CA ARG M 56 46.22 -23.52 22.30
C ARG M 56 45.12 -24.57 22.13
N ARG M 57 44.31 -24.78 23.16
CA ARG M 57 43.31 -25.84 22.99
C ARG M 57 42.37 -25.43 21.88
N GLU M 58 42.01 -24.16 21.92
CA GLU M 58 41.04 -23.66 20.98
C GLU M 58 41.58 -23.86 19.61
N ILE M 59 42.83 -23.51 19.35
CA ILE M 59 43.40 -23.63 18.03
C ILE M 59 43.53 -25.06 17.55
N ARG M 60 43.93 -26.02 18.38
CA ARG M 60 43.97 -27.36 17.82
C ARG M 60 42.56 -27.76 17.37
N GLY M 61 41.61 -27.46 18.27
CA GLY M 61 40.26 -27.90 17.93
C GLY M 61 39.80 -27.21 16.68
N LEU M 62 40.11 -25.94 16.54
CA LEU M 62 39.69 -25.11 15.42
C LEU M 62 40.36 -25.41 14.13
N VAL M 63 41.61 -25.85 14.14
CA VAL M 63 42.20 -26.15 12.88
C VAL M 63 41.36 -27.31 12.45
N GLY M 64 41.12 -28.23 13.40
CA GLY M 64 40.33 -29.35 12.90
C GLY M 64 38.99 -28.85 12.35
N HIS M 65 38.34 -27.95 13.06
CA HIS M 65 37.00 -27.47 12.67
C HIS M 65 36.94 -26.73 11.35
N SER M 66 37.89 -25.85 11.10
CA SER M 66 37.92 -25.05 9.89
C SER M 66 38.18 -25.96 8.74
N ARG M 67 39.04 -26.96 8.99
CA ARG M 67 39.22 -27.90 7.91
C ARG M 67 37.85 -28.37 7.50
N HIS M 68 36.96 -28.63 8.45
CA HIS M 68 35.70 -29.24 8.07
C HIS M 68 34.81 -28.23 7.40
N ALA M 69 34.71 -27.03 7.96
CA ALA M 69 33.78 -26.03 7.41
C ALA M 69 34.11 -25.59 6.02
N ALA M 70 35.38 -25.34 5.77
CA ALA M 70 35.75 -24.83 4.49
C ALA M 70 35.37 -25.89 3.53
N GLN M 71 35.67 -27.13 3.84
CA GLN M 71 35.30 -28.10 2.84
C GLN M 71 33.82 -28.36 2.63
N ASN M 72 33.02 -28.37 3.68
CA ASN M 72 31.62 -28.75 3.49
C ASN M 72 30.53 -27.69 3.43
N PHE M 73 30.76 -26.52 3.97
CA PHE M 73 29.68 -25.52 4.07
C PHE M 73 29.57 -24.58 2.91
N ASP M 74 29.69 -23.30 3.18
CA ASP M 74 29.86 -22.34 2.12
C ASP M 74 30.35 -21.07 2.74
N TYR M 75 30.39 -19.97 1.98
CA TYR M 75 30.84 -18.67 2.48
C TYR M 75 32.29 -18.63 2.91
N ALA M 76 32.75 -19.66 3.57
CA ALA M 76 34.12 -19.70 3.97
C ALA M 76 34.96 -20.14 2.79
N ARG M 77 34.43 -21.04 1.99
CA ARG M 77 35.15 -21.42 0.82
C ARG M 77 35.35 -20.11 0.12
N ALA M 78 34.40 -19.21 0.28
CA ALA M 78 34.49 -17.92 -0.38
C ALA M 78 35.53 -17.05 0.27
N TYR M 79 35.57 -17.05 1.58
CA TYR M 79 36.61 -16.29 2.25
C TYR M 79 37.93 -16.77 1.70
N GLU M 80 38.16 -18.06 1.74
CA GLU M 80 39.42 -18.60 1.27
C GLU M 80 39.73 -18.06 -0.09
N MET M 81 38.77 -18.08 -0.99
CA MET M 81 39.07 -17.68 -2.35
C MET M 81 39.39 -16.22 -2.31
N LEU M 82 38.60 -15.48 -1.55
CA LEU M 82 38.80 -14.04 -1.54
C LEU M 82 40.17 -13.71 -1.03
N THR M 83 40.56 -14.35 0.06
CA THR M 83 41.81 -13.98 0.67
C THR M 83 42.86 -14.24 -0.31
N ARG M 84 42.83 -15.43 -0.88
CA ARG M 84 43.94 -15.73 -1.71
C ARG M 84 44.05 -14.75 -2.81
N ARG M 85 42.96 -14.51 -3.51
CA ARG M 85 43.17 -13.66 -4.66
C ARG M 85 43.60 -12.28 -4.31
N HIS M 86 42.92 -11.67 -3.37
CA HIS M 86 43.23 -10.30 -3.09
C HIS M 86 44.63 -10.11 -2.56
N VAL M 87 45.09 -11.05 -1.75
CA VAL M 87 46.39 -10.83 -1.13
C VAL M 87 47.58 -11.37 -1.93
N ILE M 88 47.32 -12.19 -2.93
CA ILE M 88 48.45 -12.80 -3.61
C ILE M 88 49.01 -12.08 -4.80
N GLY M 89 48.36 -12.17 -5.94
CA GLY M 89 48.96 -11.62 -7.13
C GLY M 89 48.66 -12.33 -8.43
N PHE M 90 48.21 -11.53 -9.40
CA PHE M 90 48.37 -11.92 -10.80
C PHE M 90 49.86 -11.98 -11.14
N ASN M 91 50.62 -11.01 -10.67
CA ASN M 91 52.06 -10.99 -10.82
C ASN M 91 52.75 -11.51 -9.57
N GLY M 92 51.99 -12.05 -8.62
CA GLY M 92 52.54 -12.49 -7.35
C GLY M 92 52.96 -11.29 -6.52
N ILE M 93 54.04 -11.46 -5.78
CA ILE M 93 54.72 -10.35 -5.12
C ILE M 93 56.13 -10.28 -5.66
N ARG M 94 56.51 -9.17 -6.28
CA ARG M 94 57.82 -9.10 -6.91
C ARG M 94 58.89 -8.47 -6.03
N LEU M 95 60.15 -8.56 -6.45
CA LEU M 95 61.24 -8.01 -5.65
C LEU M 95 62.04 -6.93 -6.34
N GLN M 96 62.22 -5.79 -5.68
CA GLN M 96 63.06 -4.73 -6.24
C GLN M 96 64.07 -4.42 -5.15
N MET M 97 65.34 -4.38 -5.50
CA MET M 97 66.36 -4.16 -4.48
C MET M 97 67.21 -2.96 -4.83
N ASP M 98 67.43 -2.10 -3.85
CA ASP M 98 68.20 -0.90 -4.11
C ASP M 98 69.56 -1.05 -3.47
N VAL M 99 70.61 -0.92 -4.27
CA VAL M 99 71.94 -1.14 -3.74
C VAL M 99 72.30 -0.14 -2.67
N ARG M 100 72.11 1.14 -2.94
CA ARG M 100 72.35 2.16 -1.94
C ARG M 100 71.45 3.35 -2.16
N ASP M 101 71.88 4.52 -1.72
CA ASP M 101 71.16 5.76 -2.03
C ASP M 101 70.76 5.81 -3.50
N PRO M 102 69.46 5.95 -3.81
CA PRO M 102 69.02 5.81 -5.21
C PRO M 102 69.26 7.03 -6.09
N GLY M 103 69.99 8.03 -5.61
CA GLY M 103 70.37 9.14 -6.48
C GLY M 103 71.38 8.74 -7.52
N GLY M 104 72.60 8.42 -7.08
CA GLY M 104 73.61 7.88 -7.97
C GLY M 104 74.35 6.74 -7.33
N LYS M 105 74.12 6.55 -6.03
CA LYS M 105 74.85 5.56 -5.25
C LYS M 105 74.24 4.16 -5.37
N LYS M 106 72.98 4.05 -5.79
CA LYS M 106 72.39 2.78 -6.18
C LYS M 106 72.67 2.60 -7.67
N ASP M 107 73.01 1.38 -8.07
CA ASP M 107 73.27 1.07 -9.46
C ASP M 107 72.37 -0.08 -9.93
N VAL M 108 72.08 -0.11 -11.22
CA VAL M 108 71.15 -1.11 -11.73
C VAL M 108 71.75 -2.46 -12.00
N ALA M 109 73.06 -2.59 -12.15
CA ALA M 109 73.59 -3.89 -12.52
C ALA M 109 73.32 -4.98 -11.50
N ALA M 110 73.58 -4.66 -10.24
CA ALA M 110 73.36 -5.64 -9.18
C ALA M 110 71.90 -5.96 -9.11
N GLY M 111 71.07 -4.93 -9.27
CA GLY M 111 69.66 -5.14 -9.17
C GLY M 111 69.18 -6.10 -10.22
N ALA M 112 69.64 -5.90 -11.44
CA ALA M 112 69.19 -6.72 -12.52
C ALA M 112 69.61 -8.10 -12.22
N GLN M 113 70.86 -8.28 -11.80
CA GLN M 113 71.30 -9.65 -11.61
C GLN M 113 70.47 -10.37 -10.57
N ILE M 114 70.25 -9.72 -9.44
CA ILE M 114 69.52 -10.42 -8.39
C ILE M 114 68.09 -10.73 -8.80
N GLU M 115 67.44 -9.77 -9.45
CA GLU M 115 66.05 -9.98 -9.79
C GLU M 115 65.98 -11.12 -10.74
N SER M 116 66.90 -11.12 -11.71
CA SER M 116 66.83 -12.13 -12.73
C SER M 116 66.99 -13.45 -12.07
N ALA M 117 67.96 -13.58 -11.18
CA ALA M 117 68.18 -14.89 -10.60
C ALA M 117 66.97 -15.37 -9.83
N TRP M 118 66.38 -14.49 -9.02
CA TRP M 118 65.27 -14.97 -8.22
C TRP M 118 64.13 -15.44 -9.11
N ALA M 119 63.83 -14.61 -10.09
CA ALA M 119 62.69 -14.95 -10.91
C ALA M 119 62.95 -16.23 -11.63
N ARG M 120 64.16 -16.43 -12.14
CA ARG M 120 64.50 -17.71 -12.81
C ARG M 120 64.00 -18.97 -12.08
N TRP M 121 64.52 -19.23 -10.89
CA TRP M 121 64.10 -20.40 -10.12
C TRP M 121 62.63 -20.33 -9.72
N GLY M 122 62.09 -19.13 -9.59
CA GLY M 122 60.68 -18.97 -9.29
C GLY M 122 59.85 -19.59 -10.40
N LYS M 123 60.30 -19.47 -11.63
CA LYS M 123 59.61 -20.08 -12.77
C LYS M 123 59.73 -21.60 -12.70
N MET M 124 58.90 -22.32 -13.43
CA MET M 124 58.87 -23.78 -13.28
C MET M 124 60.24 -24.40 -13.48
N LYS M 125 60.69 -25.17 -12.50
CA LYS M 125 62.02 -25.78 -12.56
C LYS M 125 62.14 -26.88 -11.52
N ASN M 126 63.19 -27.69 -11.60
CA ASN M 126 63.43 -28.69 -10.57
C ASN M 126 63.77 -28.02 -9.24
N SER M 127 64.48 -26.90 -9.29
CA SER M 127 64.95 -26.24 -8.05
C SER M 127 63.97 -25.70 -6.99
N PRO M 128 62.81 -25.15 -7.37
CA PRO M 128 61.96 -24.57 -6.31
C PRO M 128 61.46 -25.48 -5.20
N THR M 129 61.08 -26.73 -5.46
CA THR M 129 60.50 -27.58 -4.41
C THR M 129 60.89 -29.06 -4.45
N PRO M 130 60.89 -29.80 -3.29
CA PRO M 130 61.09 -31.25 -3.42
C PRO M 130 59.91 -31.95 -4.07
N CYS M 131 58.81 -31.24 -4.26
CA CYS M 131 57.87 -31.50 -5.33
C CYS M 131 58.44 -31.01 -6.67
N GLY M 132 57.59 -30.48 -7.53
CA GLY M 132 57.89 -30.36 -8.92
C GLY M 132 56.66 -30.26 -9.77
N ARG M 133 55.50 -30.19 -9.14
CA ARG M 133 54.30 -29.67 -9.78
C ARG M 133 54.09 -28.20 -9.45
N LEU M 134 55.04 -27.56 -8.75
CA LEU M 134 54.80 -26.23 -8.20
C LEU M 134 55.86 -25.23 -8.63
N SER M 135 55.76 -24.03 -8.05
CA SER M 135 56.67 -22.94 -8.37
C SER M 135 56.53 -21.91 -7.26
N TRP M 136 57.23 -20.79 -7.36
CA TRP M 136 57.20 -19.77 -6.30
C TRP M 136 55.86 -19.10 -6.10
N TRP M 137 55.19 -18.85 -7.20
CA TRP M 137 53.89 -18.23 -7.12
C TRP M 137 53.01 -19.17 -6.36
N GLY M 138 53.15 -20.45 -6.70
CA GLY M 138 52.30 -21.41 -6.05
C GLY M 138 52.64 -21.40 -4.60
N VAL M 139 53.89 -21.40 -4.23
CA VAL M 139 54.13 -21.44 -2.81
C VAL M 139 53.53 -20.23 -2.14
N GLU M 140 53.64 -19.02 -2.67
CA GLU M 140 53.04 -17.91 -1.93
C GLU M 140 51.57 -18.09 -1.78
N CYS M 141 50.90 -18.45 -2.86
CA CYS M 141 49.44 -18.51 -2.77
C CYS M 141 49.06 -19.53 -1.73
N GLN M 142 49.75 -20.65 -1.77
CA GLN M 142 49.37 -21.67 -0.86
C GLN M 142 49.65 -21.39 0.58
N VAL M 143 50.79 -20.78 0.84
CA VAL M 143 51.13 -20.50 2.19
C VAL M 143 50.06 -19.55 2.68
N ALA M 144 49.63 -18.60 1.85
CA ALA M 144 48.55 -17.72 2.26
C ALA M 144 47.19 -18.36 2.52
N THR M 145 46.80 -19.31 1.71
CA THR M 145 45.54 -19.99 1.97
C THR M 145 45.65 -20.71 3.27
N GLY M 146 46.81 -21.31 3.47
CA GLY M 146 46.99 -22.11 4.65
C GLY M 146 46.85 -21.17 5.79
N ILE M 147 47.41 -20.00 5.60
CA ILE M 147 47.40 -19.04 6.64
C ILE M 147 46.00 -18.69 6.96
N ALA M 148 45.17 -18.34 6.02
CA ALA M 148 43.86 -17.96 6.52
C ALA M 148 43.32 -19.15 7.29
N ARG M 149 42.94 -20.21 6.60
CA ARG M 149 42.29 -21.36 7.24
C ARG M 149 42.86 -21.88 8.55
N GLU M 150 44.18 -21.96 8.67
CA GLU M 150 44.75 -22.53 9.88
C GLU M 150 45.40 -21.51 10.78
N GLY M 151 45.21 -20.24 10.48
CA GLY M 151 45.89 -19.22 11.27
C GLY M 151 47.40 -19.31 11.22
N GLY M 152 47.95 -19.60 10.04
CA GLY M 152 49.39 -19.68 9.89
C GLY M 152 49.96 -21.04 9.59
N SER M 153 51.09 -21.05 8.89
CA SER M 153 51.68 -22.31 8.49
C SER M 153 53.16 -22.11 8.33
N PHE M 154 53.91 -23.20 8.19
CA PHE M 154 55.37 -23.08 8.15
C PHE M 154 56.00 -23.64 6.91
N VAL M 155 57.19 -23.16 6.58
CA VAL M 155 57.92 -23.69 5.45
C VAL M 155 59.32 -24.03 5.91
N ARG M 156 59.95 -25.01 5.27
CA ARG M 156 61.30 -25.38 5.65
C ARG M 156 62.23 -25.43 4.47
N ILE M 157 63.49 -25.10 4.69
CA ILE M 157 64.44 -25.06 3.60
C ILE M 157 65.47 -26.18 3.66
N HIS M 158 65.81 -26.76 2.50
CA HIS M 158 66.79 -27.84 2.46
C HIS M 158 67.97 -27.42 1.59
N GLN M 159 69.18 -27.76 1.99
CA GLN M 159 70.31 -27.46 1.12
C GLN M 159 71.15 -28.68 0.77
N GLY M 160 71.78 -28.71 -0.41
CA GLY M 160 72.61 -29.84 -0.81
C GLY M 160 71.96 -30.81 -1.81
N THR M 161 70.82 -31.39 -1.46
CA THR M 161 70.07 -32.22 -2.42
C THR M 161 69.58 -31.39 -3.57
N ASN M 162 68.97 -30.22 -3.32
CA ASN M 162 68.44 -29.31 -4.36
C ASN M 162 67.36 -29.90 -5.24
N PHE M 213 72.19 -26.14 -7.20
CA PHE M 213 71.51 -25.09 -6.44
C PHE M 213 71.28 -25.53 -5.00
N GLY M 214 70.22 -25.02 -4.38
CA GLY M 214 69.93 -25.35 -3.00
C GLY M 214 68.83 -24.47 -2.44
N PHE M 215 68.60 -24.53 -1.14
CA PHE M 215 67.58 -23.70 -0.49
C PHE M 215 66.18 -23.90 -1.05
N GLN M 216 65.83 -25.13 -1.42
CA GLN M 216 64.47 -25.39 -1.88
C GLN M 216 63.52 -25.30 -0.70
N VAL M 217 62.34 -24.73 -0.91
CA VAL M 217 61.41 -24.55 0.20
C VAL M 217 60.22 -25.49 0.09
N GLU M 218 59.94 -26.21 1.16
CA GLU M 218 58.81 -27.14 1.15
C GLU M 218 57.79 -26.80 2.25
N PRO M 219 56.48 -26.69 1.89
CA PRO M 219 55.58 -26.41 3.01
C PRO M 219 55.16 -27.68 3.73
N ILE M 220 54.98 -27.58 5.04
CA ILE M 220 54.60 -28.74 5.83
C ILE M 220 53.25 -28.50 6.43
N PRO M 221 52.39 -29.52 6.45
CA PRO M 221 51.04 -29.33 6.97
C PRO M 221 51.01 -28.95 8.43
N PHE M 222 50.02 -28.17 8.84
CA PHE M 222 49.94 -27.69 10.22
C PHE M 222 49.79 -28.80 11.21
N ASP M 223 49.02 -29.83 10.88
CA ASP M 223 48.73 -30.89 11.84
C ASP M 223 49.96 -31.64 12.33
N LEU M 224 51.06 -31.53 11.59
CA LEU M 224 52.27 -32.23 11.96
C LEU M 224 52.78 -31.81 13.35
N LEU M 225 52.56 -30.58 13.76
CA LEU M 225 53.05 -30.11 15.06
C LEU M 225 52.50 -30.90 16.26
N ASP M 226 53.36 -31.19 17.23
CA ASP M 226 52.96 -31.95 18.41
C ASP M 226 52.47 -31.07 19.55
N LEU M 227 51.16 -31.07 19.81
CA LEU M 227 50.65 -30.21 20.86
C LEU M 227 51.00 -30.71 22.24
N ASP M 228 51.27 -32.02 22.34
CA ASP M 228 51.48 -32.62 23.65
C ASP M 228 52.81 -32.44 24.33
N LEU M 229 53.87 -32.23 23.58
CA LEU M 229 55.17 -32.15 24.21
C LEU M 229 55.15 -30.95 25.12
N THR M 230 55.47 -31.18 26.39
CA THR M 230 55.43 -30.13 27.40
C THR M 230 56.40 -30.53 28.48
N GLY M 231 56.62 -29.67 29.47
CA GLY M 231 57.48 -30.01 30.59
C GLY M 231 58.87 -29.46 30.40
N PRO M 232 59.37 -28.66 31.35
CA PRO M 232 60.69 -28.05 31.24
C PRO M 232 61.83 -29.00 31.61
N THR M 233 63.03 -28.74 31.09
CA THR M 233 64.18 -29.56 31.48
C THR M 233 64.87 -28.89 32.70
N PRO M 234 65.64 -29.65 33.53
CA PRO M 234 66.21 -28.93 34.66
C PRO M 234 67.10 -27.78 34.21
N GLY M 235 67.89 -27.99 33.16
CA GLY M 235 68.72 -26.93 32.63
C GLY M 235 68.09 -26.17 31.48
N GLY M 236 66.86 -26.50 31.13
CA GLY M 236 66.22 -25.88 29.97
C GLY M 236 64.81 -25.34 30.13
N GLY M 237 64.43 -24.42 29.25
CA GLY M 237 63.10 -23.84 29.31
C GLY M 237 61.98 -24.73 28.79
N PHE M 238 60.73 -24.32 28.95
CA PHE M 238 59.57 -25.14 28.56
C PHE M 238 59.46 -25.52 27.08
N VAL M 239 58.99 -26.73 26.80
CA VAL M 239 58.82 -27.18 25.41
C VAL M 239 57.34 -27.28 25.00
N GLU M 240 56.45 -26.67 25.78
CA GLU M 240 55.00 -26.66 25.49
C GLU M 240 54.58 -26.37 24.05
N SER M 241 53.47 -26.96 23.59
CA SER M 241 52.99 -26.76 22.23
C SER M 241 54.11 -26.87 21.24
N GLY M 242 55.04 -27.77 21.48
CA GLY M 242 56.11 -28.00 20.54
C GLY M 242 56.99 -26.81 20.24
N VAL M 243 57.18 -25.91 21.20
CA VAL M 243 58.12 -24.83 20.96
C VAL M 243 59.24 -24.92 21.98
N GLU M 244 60.48 -24.90 21.52
CA GLU M 244 61.57 -25.03 22.45
C GLU M 244 62.03 -23.67 22.86
N PHE M 245 61.71 -23.30 24.08
CA PHE M 245 62.17 -22.03 24.59
C PHE M 245 63.59 -22.19 25.08
N ASP M 246 64.29 -21.09 25.29
CA ASP M 246 65.65 -21.17 25.80
C ASP M 246 65.77 -20.65 27.21
N ALA M 247 66.98 -20.57 27.73
CA ALA M 247 67.20 -19.93 29.02
C ALA M 247 66.88 -18.45 29.00
N THR M 248 66.98 -17.81 27.84
CA THR M 248 66.53 -16.44 27.64
C THR M 248 65.02 -16.41 27.36
N ASP M 249 64.41 -17.61 27.26
CA ASP M 249 63.03 -17.83 26.79
C ASP M 249 62.87 -17.26 25.39
N ARG M 250 63.88 -17.51 24.56
CA ARG M 250 63.94 -17.13 23.16
C ARG M 250 63.70 -18.38 22.32
N VAL M 251 63.17 -18.18 21.12
CA VAL M 251 62.85 -19.32 20.26
C VAL M 251 64.12 -19.85 19.63
N VAL M 252 64.32 -21.17 19.72
CA VAL M 252 65.49 -21.80 19.13
C VAL M 252 65.13 -23.08 18.41
N ALA M 253 64.19 -23.84 18.93
CA ALA M 253 63.81 -25.02 18.20
C ALA M 253 62.33 -25.26 18.10
N TYR M 254 61.95 -26.10 17.14
CA TYR M 254 60.56 -26.44 16.99
C TYR M 254 60.48 -27.95 17.09
N HIS M 255 59.33 -28.46 17.46
CA HIS M 255 59.20 -29.89 17.64
C HIS M 255 58.04 -30.45 16.89
N MET M 256 58.16 -30.60 15.57
CA MET M 256 57.10 -31.20 14.79
C MET M 256 57.03 -32.67 15.17
N TRP M 257 55.88 -33.29 14.93
CA TRP M 257 55.77 -34.73 15.15
C TRP M 257 56.71 -35.40 14.29
N SER M 258 56.31 -35.65 13.11
CA SER M 258 57.20 -36.40 12.33
C SER M 258 56.87 -36.32 10.95
N ALA M 259 57.56 -37.10 10.19
CA ALA M 259 57.25 -37.15 8.81
C ALA M 259 55.93 -37.74 8.68
N ALA M 260 55.66 -38.68 9.52
CA ALA M 260 54.43 -39.34 9.35
C ALA M 260 53.33 -38.33 9.45
N ALA M 269 58.62 -42.40 9.69
CA ALA M 269 57.65 -42.67 10.72
C ALA M 269 58.29 -42.33 12.02
N ARG M 270 59.54 -41.95 11.98
CA ARG M 270 60.18 -41.76 13.24
C ARG M 270 59.68 -40.50 13.66
N ARG M 271 59.05 -40.53 14.77
CA ARG M 271 58.46 -39.34 15.19
C ARG M 271 59.44 -38.42 15.88
N ARG M 272 58.99 -37.25 16.26
CA ARG M 272 59.79 -36.27 16.95
C ARG M 272 61.05 -35.80 16.29
N LEU M 273 61.07 -34.60 15.70
CA LEU M 273 62.32 -34.09 15.21
C LEU M 273 62.47 -32.69 15.67
N ARG M 274 63.49 -32.45 16.47
CA ARG M 274 63.74 -31.08 16.87
C ARG M 274 64.22 -30.48 15.58
N ILE M 275 63.66 -29.34 15.19
CA ILE M 275 64.17 -28.69 14.00
C ILE M 275 64.64 -27.31 14.36
N PRO M 276 65.82 -26.94 13.87
CA PRO M 276 66.37 -25.63 14.21
C PRO M 276 65.47 -24.56 13.66
N ALA M 277 65.38 -23.44 14.36
CA ALA M 277 64.49 -22.39 13.94
C ALA M 277 64.86 -21.91 12.57
N ALA M 278 66.14 -21.93 12.25
CA ALA M 278 66.55 -21.37 10.97
C ALA M 278 65.83 -22.10 9.86
N GLN M 279 65.63 -23.39 10.04
CA GLN M 279 65.00 -24.15 8.99
C GLN M 279 63.50 -23.94 8.94
N MET M 280 62.85 -23.72 10.07
CA MET M 280 61.40 -23.60 10.06
C MET M 280 60.92 -22.23 10.47
N LEU M 281 60.18 -21.57 9.59
CA LEU M 281 59.69 -20.24 9.90
C LEU M 281 58.18 -20.25 9.92
N TYR M 282 57.58 -19.72 10.99
CA TYR M 282 56.13 -19.75 11.11
C TYR M 282 55.60 -18.34 10.98
N VAL M 283 54.75 -18.10 9.99
CA VAL M 283 54.14 -16.78 9.84
C VAL M 283 53.02 -16.74 10.86
N LEU M 284 52.73 -15.59 11.44
CA LEU M 284 51.74 -15.56 12.52
C LEU M 284 50.57 -14.58 12.58
N VAL M 285 50.40 -13.68 11.62
CA VAL M 285 49.34 -12.64 11.72
C VAL M 285 49.03 -12.19 13.19
N PRO M 286 49.90 -11.34 13.80
CA PRO M 286 49.65 -11.01 15.20
C PRO M 286 48.38 -10.28 15.53
N GLU M 287 47.70 -10.72 16.58
CA GLU M 287 46.52 -10.03 17.04
C GLU M 287 46.82 -9.64 18.45
N GLU M 288 46.41 -10.46 19.41
CA GLU M 288 46.78 -10.18 20.78
C GLU M 288 48.23 -10.58 20.81
N ILE M 289 49.07 -9.80 21.46
CA ILE M 289 50.49 -10.10 21.42
C ILE M 289 50.95 -11.38 22.12
N GLY M 290 50.40 -11.70 23.29
CA GLY M 290 50.95 -12.84 24.01
C GLY M 290 50.46 -14.17 23.53
N GLN M 291 50.90 -14.56 22.34
CA GLN M 291 50.52 -15.87 21.83
C GLN M 291 51.68 -16.58 21.18
N ALA M 292 51.68 -17.91 21.24
CA ALA M 292 52.69 -18.66 20.55
C ALA M 292 52.13 -19.21 19.26
N LEU M 293 50.89 -18.85 18.94
CA LEU M 293 50.24 -19.43 17.76
C LEU M 293 49.13 -18.57 17.21
N GLY M 294 48.69 -18.84 15.99
CA GLY M 294 47.57 -18.08 15.44
C GLY M 294 46.27 -18.80 15.13
N VAL M 295 45.16 -18.21 15.58
CA VAL M 295 43.85 -18.83 15.39
C VAL M 295 43.34 -18.72 13.97
N PRO M 296 42.49 -19.68 13.55
CA PRO M 296 41.89 -19.53 12.23
C PRO M 296 41.09 -18.26 12.22
N ARG M 297 41.23 -17.44 11.18
CA ARG M 297 40.53 -16.16 11.12
C ARG M 297 39.04 -16.35 10.92
N SER M 298 38.62 -17.57 10.69
CA SER M 298 37.21 -17.86 10.45
C SER M 298 36.47 -18.24 11.73
N ALA M 299 37.14 -18.17 12.87
CA ALA M 299 36.53 -18.65 14.12
C ALA M 299 35.25 -17.93 14.53
N THR M 300 35.20 -16.62 14.34
CA THR M 300 34.01 -15.86 14.77
C THR M 300 32.76 -16.30 14.02
N ALA M 301 32.88 -16.51 12.72
CA ALA M 301 31.73 -16.90 11.91
C ALA M 301 31.57 -18.41 11.76
N LEU M 302 32.50 -19.19 12.33
CA LEU M 302 32.45 -20.64 12.16
C LEU M 302 31.17 -21.21 12.73
N ARG M 303 30.77 -20.72 13.90
CA ARG M 303 29.55 -21.18 14.52
C ARG M 303 28.34 -20.76 13.70
N LEU M 304 28.27 -19.48 13.33
CA LEU M 304 27.09 -18.98 12.60
C LEU M 304 26.88 -19.71 11.26
N MET M 305 27.95 -19.96 10.51
CA MET M 305 27.89 -20.63 9.20
C MET M 305 27.40 -22.06 9.27
N ASN M 306 27.83 -22.80 10.27
CA ASN M 306 27.38 -24.16 10.33
C ASN M 306 25.90 -24.09 10.46
N LEU M 307 25.47 -23.24 11.37
CA LEU M 307 24.03 -23.29 11.54
C LEU M 307 23.34 -22.88 10.24
N SER M 308 23.87 -21.87 9.58
CA SER M 308 23.23 -21.39 8.38
C SER M 308 23.16 -22.40 7.25
N GLU M 309 24.22 -23.16 7.03
CA GLU M 309 24.17 -24.19 6.00
C GLU M 309 23.19 -25.26 6.35
N LYS M 310 23.14 -25.65 7.62
CA LYS M 310 22.10 -26.64 7.90
C LYS M 310 20.73 -26.06 7.56
N PHE M 311 20.51 -24.79 7.89
CA PHE M 311 19.24 -24.18 7.56
C PHE M 311 18.92 -24.14 6.08
N GLN M 312 19.90 -23.79 5.26
CA GLN M 312 19.67 -23.72 3.83
C GLN M 312 19.33 -25.10 3.34
N GLU M 313 20.02 -26.12 3.84
CA GLU M 313 19.65 -27.47 3.43
C GLU M 313 18.24 -27.89 3.82
N SER M 314 17.79 -27.54 5.02
CA SER M 314 16.41 -27.88 5.38
C SER M 314 15.30 -27.19 4.61
N ALA M 315 15.37 -25.88 4.43
CA ALA M 315 14.36 -25.13 3.72
C ALA M 315 14.13 -25.61 2.31
N LEU M 316 15.21 -25.87 1.57
CA LEU M 316 14.91 -26.29 0.20
C LEU M 316 14.14 -27.59 0.28
N THR M 317 14.54 -28.47 1.21
CA THR M 317 13.86 -29.75 1.23
C THR M 317 12.37 -29.63 1.58
N ALA M 318 12.07 -28.76 2.53
CA ALA M 318 10.69 -28.54 2.89
C ALA M 318 9.89 -27.98 1.74
N ALA M 319 10.47 -27.07 0.99
CA ALA M 319 9.77 -26.57 -0.17
C ALA M 319 9.47 -27.65 -1.18
N ASN M 320 10.44 -28.52 -1.42
CA ASN M 320 10.13 -29.58 -2.34
C ASN M 320 8.97 -30.39 -1.83
N TYR M 321 8.97 -30.74 -0.54
CA TYR M 321 7.88 -31.61 -0.07
C TYR M 321 6.55 -30.90 -0.22
N GLY M 322 6.54 -29.62 0.08
CA GLY M 322 5.32 -28.86 -0.01
C GLY M 322 4.77 -28.79 -1.41
N ALA M 323 5.63 -28.59 -2.40
CA ALA M 323 5.13 -28.65 -3.77
C ALA M 323 4.63 -30.03 -4.13
N SER M 324 5.32 -31.07 -3.71
CA SER M 324 4.93 -32.42 -4.10
C SER M 324 3.63 -33.05 -3.62
N ASN M 325 3.22 -32.87 -2.39
CA ASN M 325 2.04 -33.52 -1.85
C ASN M 325 0.75 -33.01 -2.42
N MET M 326 0.80 -31.91 -3.14
CA MET M 326 -0.39 -31.40 -3.80
C MET M 326 -1.59 -31.29 -2.86
N VAL M 327 -2.75 -31.78 -3.27
CA VAL M 327 -3.94 -31.73 -2.43
C VAL M 327 -4.09 -32.84 -1.42
N PHE M 328 -4.71 -32.58 -0.29
CA PHE M 328 -4.99 -33.63 0.69
C PHE M 328 -6.49 -33.85 0.65
N PHE M 329 -6.97 -35.06 0.42
CA PHE M 329 -8.40 -35.32 0.46
C PHE M 329 -8.91 -35.72 1.84
N GLU M 330 -9.04 -34.76 2.74
CA GLU M 330 -9.45 -35.07 4.12
C GLU M 330 -10.87 -35.56 4.28
N ARG M 331 -11.08 -36.42 5.26
CA ARG M 331 -12.41 -37.01 5.43
C ARG M 331 -12.98 -36.77 6.80
N ALA M 332 -14.30 -36.84 6.92
CA ALA M 332 -14.91 -36.72 8.24
C ALA M 332 -14.74 -38.04 8.96
N ALA M 333 -15.10 -38.11 10.23
CA ALA M 333 -14.84 -39.35 10.97
C ALA M 333 -15.93 -40.40 10.80
N ASP M 334 -16.02 -40.98 9.60
CA ASP M 334 -17.01 -42.02 9.38
C ASP M 334 -16.48 -43.30 8.78
N ASN M 335 -15.87 -43.22 7.61
CA ASN M 335 -15.47 -44.46 6.92
C ASN M 335 -14.00 -44.70 6.71
N GLY M 336 -13.66 -45.27 5.56
CA GLY M 336 -12.27 -45.63 5.32
C GLY M 336 -12.09 -46.97 5.98
N VAL M 337 -13.20 -47.56 6.40
CA VAL M 337 -13.14 -48.83 7.12
C VAL M 337 -12.60 -49.99 6.31
N VAL M 338 -11.83 -50.86 6.95
CA VAL M 338 -11.36 -52.08 6.29
C VAL M 338 -10.70 -51.85 4.95
N THR M 339 -9.89 -50.81 4.86
CA THR M 339 -9.14 -50.63 3.66
C THR M 339 -8.30 -51.89 3.67
N GLY M 340 -8.50 -52.76 2.69
CA GLY M 340 -7.81 -54.04 2.72
C GLY M 340 -6.30 -54.00 2.72
N PRO M 341 -5.69 -54.80 3.58
CA PRO M 341 -4.24 -54.85 3.66
C PRO M 341 -3.56 -55.40 2.43
N GLU M 342 -4.11 -56.44 1.83
CA GLU M 342 -3.41 -57.09 0.72
C GLU M 342 -3.10 -56.27 -0.52
N ASP M 343 -4.06 -55.47 -0.96
CA ASP M 343 -3.86 -54.68 -2.16
C ASP M 343 -2.75 -53.67 -1.97
N ASP M 344 -2.52 -53.25 -0.73
CA ASP M 344 -1.55 -52.19 -0.48
C ASP M 344 -0.14 -52.47 -0.91
N ALA M 345 0.34 -53.68 -0.68
CA ALA M 345 1.74 -53.96 -0.99
C ALA M 345 2.14 -53.86 -2.46
N GLN M 346 1.29 -54.33 -3.38
CA GLN M 346 1.70 -54.36 -4.79
C GLN M 346 2.00 -53.05 -5.53
N ILE M 347 1.16 -52.04 -5.42
CA ILE M 347 1.40 -50.82 -6.18
C ILE M 347 0.73 -49.57 -5.66
N PRO M 348 1.29 -48.39 -5.99
CA PRO M 348 0.60 -47.15 -5.63
C PRO M 348 -0.11 -46.76 -6.90
N ILE M 349 -1.43 -46.64 -6.86
CA ILE M 349 -2.18 -46.40 -8.08
C ILE M 349 -1.83 -45.16 -8.89
N ASP M 350 -1.82 -45.26 -10.23
CA ASP M 350 -1.59 -44.09 -11.07
C ASP M 350 -2.90 -43.67 -11.71
N GLN M 351 -3.30 -42.41 -11.55
CA GLN M 351 -4.56 -41.91 -12.09
C GLN M 351 -4.30 -40.79 -13.09
N ILE M 352 -4.91 -40.85 -14.26
CA ILE M 352 -4.60 -39.86 -15.30
C ILE M 352 -5.39 -38.56 -15.22
N GLU M 353 -4.69 -37.44 -15.05
CA GLU M 353 -5.36 -36.13 -15.02
C GLU M 353 -4.80 -35.31 -16.14
N ALA M 354 -4.19 -35.98 -17.11
CA ALA M 354 -3.55 -35.25 -18.20
C ALA M 354 -4.51 -34.39 -18.97
N GLY M 355 -5.74 -34.86 -19.16
CA GLY M 355 -6.65 -34.11 -19.99
C GLY M 355 -6.84 -32.74 -19.42
N THR M 356 -6.86 -31.74 -20.29
CA THR M 356 -7.01 -30.37 -19.85
C THR M 356 -8.15 -30.18 -18.88
N LEU M 357 -9.37 -30.33 -19.36
CA LEU M 357 -10.49 -30.06 -18.49
C LEU M 357 -10.79 -31.35 -17.79
N THR M 358 -10.68 -31.33 -16.49
CA THR M 358 -10.99 -32.52 -15.75
C THR M 358 -11.74 -32.17 -14.49
N GLU M 359 -12.97 -31.70 -14.63
CA GLU M 359 -13.74 -31.43 -13.45
C GLU M 359 -13.88 -32.75 -12.72
N LEU M 360 -13.70 -32.75 -11.41
CA LEU M 360 -13.74 -34.00 -10.66
C LEU M 360 -14.78 -34.01 -9.57
N PRO M 361 -15.53 -35.12 -9.44
CA PRO M 361 -16.50 -35.21 -8.35
C PRO M 361 -16.02 -36.12 -7.21
N PRO M 362 -16.04 -35.63 -5.96
CA PRO M 362 -15.54 -36.41 -4.82
C PRO M 362 -16.60 -36.95 -3.87
N GLY M 363 -16.35 -38.09 -3.24
CA GLY M 363 -17.27 -38.62 -2.25
C GLY M 363 -17.51 -37.81 -0.98
N VAL M 364 -16.46 -37.15 -0.43
CA VAL M 364 -16.58 -36.38 0.84
C VAL M 364 -16.07 -34.92 0.92
N LYS M 365 -14.75 -34.67 0.90
CA LYS M 365 -14.23 -33.29 0.92
C LYS M 365 -12.82 -33.13 0.37
N ALA M 366 -12.39 -31.90 0.07
CA ALA M 366 -11.01 -31.66 -0.41
C ALA M 366 -10.32 -30.45 0.19
N VAL M 367 -9.00 -30.46 0.26
CA VAL M 367 -8.27 -29.31 0.76
C VAL M 367 -6.99 -29.07 -0.01
N SER M 368 -6.47 -27.84 0.00
CA SER M 368 -5.28 -27.53 -0.78
C SER M 368 -4.14 -27.21 0.13
N HIS M 369 -3.00 -27.85 -0.07
CA HIS M 369 -1.89 -27.63 0.82
C HIS M 369 -1.36 -26.26 0.62
N ASN M 370 -1.13 -25.53 1.70
CA ASN M 370 -0.56 -24.21 1.58
C ASN M 370 0.85 -24.32 2.08
N PRO M 371 1.81 -24.05 1.21
CA PRO M 371 3.20 -24.23 1.62
C PRO M 371 3.58 -23.16 2.58
N ALA M 372 4.19 -23.55 3.68
CA ALA M 372 4.64 -22.57 4.65
C ALA M 372 6.12 -22.52 4.57
N TYR M 373 6.69 -23.10 3.52
CA TYR M 373 8.12 -23.16 3.42
C TYR M 373 8.53 -21.74 3.40
N PRO M 374 9.63 -21.40 4.12
CA PRO M 374 9.93 -19.97 4.15
C PRO M 374 9.82 -19.37 2.77
N ASP M 375 8.96 -18.37 2.59
CA ASP M 375 8.75 -17.85 1.26
C ASP M 375 9.54 -16.63 0.91
N ALA M 376 9.19 -15.50 1.51
CA ALA M 376 9.92 -14.28 1.25
C ALA M 376 10.53 -13.79 2.54
N ALA M 377 10.26 -14.50 3.62
CA ALA M 377 10.84 -14.15 4.89
C ALA M 377 12.32 -14.31 4.82
N VAL M 378 12.77 -15.31 4.09
CA VAL M 378 14.17 -15.63 4.07
C VAL M 378 15.13 -14.54 3.63
N GLY M 379 14.81 -13.74 2.61
CA GLY M 379 15.80 -12.79 2.17
C GLY M 379 16.22 -11.79 3.22
N PRO M 380 15.26 -11.17 3.91
CA PRO M 380 15.68 -10.30 5.01
C PRO M 380 16.35 -11.03 6.18
N PHE M 381 15.81 -12.18 6.59
CA PHE M 381 16.36 -12.86 7.75
C PHE M 381 17.78 -13.29 7.49
N LEU M 382 18.03 -13.86 6.33
CA LEU M 382 19.37 -14.36 6.07
C LEU M 382 20.36 -13.24 6.04
N ARG M 383 19.99 -12.12 5.45
CA ARG M 383 20.94 -11.05 5.32
C ARG M 383 21.40 -10.56 6.66
N GLN M 384 20.49 -10.41 7.60
CA GLN M 384 20.92 -9.86 8.87
C GLN M 384 21.91 -10.75 9.61
N MET M 385 21.67 -12.05 9.63
CA MET M 385 22.64 -12.95 10.25
C MET M 385 23.92 -12.86 9.46
N GLY M 386 23.81 -12.76 8.15
CA GLY M 386 24.98 -12.69 7.29
C GLY M 386 25.83 -11.46 7.56
N THR M 387 25.23 -10.32 7.83
CA THR M 387 26.01 -9.12 8.02
C THR M 387 26.90 -9.34 9.20
N SER M 388 26.40 -10.01 10.21
CA SER M 388 27.19 -10.23 11.39
C SER M 388 28.42 -11.05 11.07
N GLN M 389 28.26 -12.08 10.25
CA GLN M 389 29.40 -12.93 9.95
C GLN M 389 30.45 -12.14 9.23
N ALA M 390 30.03 -11.29 8.31
CA ALA M 390 31.00 -10.55 7.54
C ALA M 390 31.80 -9.63 8.40
N ALA M 391 31.14 -8.98 9.34
CA ALA M 391 31.84 -8.05 10.18
C ALA M 391 32.89 -8.82 10.93
N GLY M 392 32.53 -10.02 11.35
CA GLY M 392 33.46 -10.86 12.07
C GLY M 392 34.68 -11.25 11.29
N LEU M 393 34.51 -11.52 10.00
CA LEU M 393 35.63 -12.00 9.21
C LEU M 393 36.45 -10.85 8.64
N GLY M 394 36.05 -9.63 8.94
CA GLY M 394 36.81 -8.49 8.49
C GLY M 394 36.74 -8.25 7.00
N VAL M 395 35.59 -8.55 6.40
CA VAL M 395 35.40 -8.31 4.98
C VAL M 395 34.05 -7.69 4.69
N SER M 396 33.93 -6.91 3.61
CA SER M 396 32.65 -6.33 3.24
C SER M 396 31.68 -7.40 2.83
N TYR M 397 30.41 -7.23 3.17
CA TYR M 397 29.42 -8.25 2.88
C TYR M 397 29.29 -8.52 1.41
N GLU M 398 29.32 -7.47 0.61
CA GLU M 398 29.11 -7.67 -0.81
C GLU M 398 30.19 -8.53 -1.41
N THR M 399 31.43 -8.34 -1.01
CA THR M 399 32.46 -9.22 -1.51
C THR M 399 32.30 -10.65 -1.02
N LEU M 400 32.02 -10.82 0.26
CA LEU M 400 31.95 -12.17 0.81
C LEU M 400 30.84 -12.98 0.23
N THR M 401 29.67 -12.38 0.12
CA THR M 401 28.56 -13.09 -0.45
C THR M 401 28.08 -12.19 -1.53
N ALA M 402 27.85 -12.70 -2.72
CA ALA M 402 27.49 -11.78 -3.79
C ALA M 402 26.02 -11.43 -3.80
N ASP M 403 25.52 -10.85 -2.71
CA ASP M 403 24.15 -10.37 -2.72
C ASP M 403 24.07 -9.24 -3.70
N LEU M 404 25.02 -8.30 -3.62
CA LEU M 404 25.09 -7.22 -4.61
C LEU M 404 23.75 -6.57 -4.86
N SER M 405 23.03 -6.25 -3.81
CA SER M 405 21.72 -5.66 -3.98
C SER M 405 21.55 -4.37 -3.22
N GLY M 406 20.72 -3.48 -3.74
CA GLY M 406 20.48 -2.22 -3.07
C GLY M 406 21.76 -1.46 -2.80
N ALA M 407 22.57 -1.27 -3.82
CA ALA M 407 23.76 -0.47 -3.63
C ALA M 407 23.96 0.66 -4.61
N ASN M 408 24.12 1.88 -4.11
CA ASN M 408 24.40 3.01 -4.98
C ASN M 408 25.89 3.02 -5.20
N PHE M 409 26.36 3.89 -6.08
CA PHE M 409 27.78 3.90 -6.39
C PHE M 409 28.55 4.17 -5.14
N SER M 410 28.08 5.10 -4.34
CA SER M 410 28.83 5.46 -3.17
C SER M 410 28.99 4.31 -2.20
N SER M 411 27.95 3.51 -2.02
CA SER M 411 28.01 2.45 -1.03
C SER M 411 29.11 1.48 -1.42
N LEU M 412 29.18 1.18 -2.69
CA LEU M 412 30.20 0.27 -3.15
C LEU M 412 31.58 0.83 -2.92
N ARG M 413 31.76 2.12 -3.18
CA ARG M 413 33.09 2.68 -3.04
C ARG M 413 33.55 2.58 -1.61
N ALA M 414 32.66 2.86 -0.67
CA ALA M 414 33.04 2.83 0.73
C ALA M 414 33.45 1.44 1.15
N GLY M 415 32.70 0.45 0.72
CA GLY M 415 32.98 -0.91 1.14
C GLY M 415 34.35 -1.31 0.67
N LYS M 416 34.68 -0.95 -0.54
CA LYS M 416 35.96 -1.34 -1.07
C LYS M 416 37.02 -0.72 -0.24
N GLY M 417 36.83 0.53 0.15
CA GLY M 417 37.89 1.20 0.87
C GLY M 417 38.25 0.52 2.17
N GLU M 418 37.25 0.08 2.92
CA GLU M 418 37.49 -0.60 4.20
C GLU M 418 38.21 -1.91 4.04
N GLU M 419 37.78 -2.70 3.07
CA GLU M 419 38.45 -3.96 2.82
C GLU M 419 39.87 -3.70 2.40
N ARG M 420 40.08 -2.65 1.62
CA ARG M 420 41.41 -2.42 1.10
C ARG M 420 42.38 -2.21 2.22
N GLU M 421 41.96 -1.53 3.26
CA GLU M 421 42.87 -1.38 4.36
C GLU M 421 43.23 -2.73 4.94
N GLU M 422 42.25 -3.60 5.14
CA GLU M 422 42.53 -4.87 5.79
C GLU M 422 43.49 -5.71 4.97
N TRP M 423 43.28 -5.74 3.67
CA TRP M 423 44.13 -6.56 2.83
C TRP M 423 45.54 -6.04 2.91
N ARG M 424 45.68 -4.72 2.93
CA ARG M 424 47.01 -4.16 2.92
C ARG M 424 47.72 -4.64 4.14
N MET M 425 47.02 -4.67 5.26
CA MET M 425 47.69 -5.06 6.49
C MET M 425 48.20 -6.48 6.42
N LEU M 426 47.37 -7.38 5.92
CA LEU M 426 47.78 -8.76 5.81
C LEU M 426 48.92 -8.90 4.84
N GLN M 427 48.91 -8.12 3.77
CA GLN M 427 49.93 -8.22 2.75
C GLN M 427 51.30 -7.90 3.32
N ARG M 428 51.36 -6.88 4.15
CA ARG M 428 52.64 -6.51 4.71
C ARG M 428 53.14 -7.63 5.57
N ALA M 429 52.26 -8.19 6.38
CA ALA M 429 52.69 -9.24 7.31
C ALA M 429 53.19 -10.54 6.72
N VAL M 430 52.52 -11.06 5.70
CA VAL M 430 52.94 -12.35 5.19
C VAL M 430 54.34 -12.23 4.63
N PHE M 431 54.59 -11.15 3.91
CA PHE M 431 55.90 -10.98 3.33
C PHE M 431 56.86 -10.30 4.27
N GLU M 432 56.37 -9.82 5.40
CA GLU M 432 57.27 -9.27 6.38
C GLU M 432 58.11 -10.43 6.77
N GLY M 433 57.46 -11.58 6.90
CA GLY M 433 58.19 -12.75 7.32
C GLY M 433 58.78 -13.66 6.29
N LEU M 434 57.97 -14.22 5.39
CA LEU M 434 58.53 -15.19 4.49
C LEU M 434 59.57 -14.62 3.54
N HIS M 435 59.29 -13.49 2.91
CA HIS M 435 60.20 -12.96 1.92
C HIS M 435 61.50 -12.57 2.52
N ASP M 436 61.43 -11.89 3.65
CA ASP M 436 62.67 -11.39 4.21
C ASP M 436 63.59 -12.52 4.60
N ARG M 437 63.04 -13.54 5.26
CA ARG M 437 63.88 -14.64 5.65
C ARG M 437 64.39 -15.33 4.42
N VAL M 438 63.51 -15.59 3.45
CA VAL M 438 63.98 -16.33 2.31
C VAL M 438 65.00 -15.57 1.50
N PHE M 439 64.79 -14.29 1.27
CA PHE M 439 65.73 -13.60 0.42
C PHE M 439 67.07 -13.60 1.09
N SER M 440 67.08 -13.33 2.37
CA SER M 440 68.36 -13.22 3.03
C SER M 440 69.07 -14.55 3.01
N ARG M 441 68.34 -15.61 3.33
CA ARG M 441 68.96 -16.92 3.36
C ARG M 441 69.41 -17.35 1.99
N TRP M 442 68.60 -17.07 0.98
CA TRP M 442 68.90 -17.51 -0.37
C TRP M 442 70.17 -16.90 -0.88
N LEU M 443 70.41 -15.64 -0.53
CA LEU M 443 71.54 -14.99 -1.14
C LEU M 443 72.90 -15.63 -0.92
N PRO M 444 73.22 -16.04 0.32
CA PRO M 444 74.56 -16.62 0.38
C PRO M 444 74.76 -17.86 -0.45
N LEU M 445 73.82 -18.79 -0.42
CA LEU M 445 74.06 -20.02 -1.15
C LEU M 445 74.16 -19.73 -2.63
N ALA M 446 73.28 -18.88 -3.10
CA ALA M 446 73.29 -18.55 -4.50
C ALA M 446 74.59 -17.86 -4.88
N MET M 447 75.08 -16.98 -4.02
CA MET M 447 76.36 -16.35 -4.30
C MET M 447 77.50 -17.38 -4.31
N LEU M 448 77.47 -18.32 -3.36
CA LEU M 448 78.50 -19.37 -3.29
C LEU M 448 78.48 -20.28 -4.50
N SER M 449 77.29 -20.65 -4.93
CA SER M 449 77.14 -21.52 -6.10
C SER M 449 77.45 -20.72 -7.33
N GLY M 450 77.55 -19.40 -7.17
CA GLY M 450 77.91 -18.57 -8.28
C GLY M 450 76.72 -18.54 -9.20
N GLU M 451 75.59 -19.07 -8.73
CA GLU M 451 74.39 -18.98 -9.55
C GLU M 451 74.18 -17.53 -9.91
N VAL M 452 74.41 -16.63 -8.96
CA VAL M 452 74.32 -15.23 -9.26
C VAL M 452 75.73 -14.74 -9.32
N ARG M 453 76.06 -13.93 -10.31
CA ARG M 453 77.42 -13.46 -10.46
C ARG M 453 77.64 -12.14 -9.74
N LEU M 454 78.43 -12.18 -8.66
CA LEU M 454 78.71 -10.98 -7.87
C LEU M 454 79.65 -11.37 -6.71
N PRO M 455 80.40 -10.40 -6.10
CA PRO M 455 81.29 -10.89 -5.03
C PRO M 455 80.63 -11.01 -3.67
N LEU M 456 80.91 -12.11 -2.96
CA LEU M 456 80.30 -12.37 -1.66
C LEU M 456 80.62 -11.43 -0.51
N ALA M 457 81.85 -10.94 -0.44
CA ALA M 457 82.24 -10.15 0.73
C ALA M 457 81.43 -8.89 1.04
N LYS M 458 81.10 -8.08 0.03
CA LYS M 458 80.25 -6.92 0.30
C LYS M 458 78.78 -7.30 0.24
N LEU M 459 78.33 -8.14 1.16
CA LEU M 459 76.94 -8.58 1.17
C LEU M 459 75.98 -7.45 1.40
N ASP M 460 76.36 -6.51 2.25
CA ASP M 460 75.47 -5.40 2.61
C ASP M 460 75.05 -4.54 1.43
N LYS M 461 75.95 -4.35 0.47
CA LYS M 461 75.64 -3.49 -0.65
C LYS M 461 74.45 -4.04 -1.41
N PHE M 462 74.35 -5.35 -1.56
CA PHE M 462 73.16 -5.92 -2.20
C PHE M 462 72.13 -6.43 -1.21
N ASP M 463 72.37 -6.25 0.08
CA ASP M 463 71.45 -6.80 1.09
C ASP M 463 70.04 -6.25 1.05
N ALA M 464 69.88 -4.96 0.81
CA ALA M 464 68.54 -4.37 0.85
C ALA M 464 67.62 -4.99 -0.18
N ALA M 465 66.39 -5.28 0.22
CA ALA M 465 65.46 -5.93 -0.68
C ALA M 465 64.05 -5.46 -0.37
N THR M 466 63.34 -4.97 -1.37
CA THR M 466 62.01 -4.46 -1.14
C THR M 466 60.98 -5.28 -1.89
N TRP M 467 59.93 -5.67 -1.20
CA TRP M 467 58.89 -6.46 -1.84
C TRP M 467 57.73 -5.57 -2.25
N ARG M 468 57.22 -5.74 -3.47
CA ARG M 468 56.15 -4.86 -3.93
C ARG M 468 54.79 -5.52 -4.07
N PRO M 469 53.80 -5.05 -3.33
CA PRO M 469 52.44 -5.58 -3.44
C PRO M 469 51.71 -5.00 -4.64
N ARG M 470 50.60 -5.59 -5.08
CA ARG M 470 49.83 -5.00 -6.19
C ARG M 470 48.46 -4.48 -5.79
N GLY M 471 48.17 -3.22 -6.10
CA GLY M 471 46.91 -2.60 -5.73
C GLY M 471 45.74 -2.87 -6.62
N TRP M 472 44.56 -2.49 -6.17
CA TRP M 472 43.36 -2.74 -6.95
C TRP M 472 42.80 -1.49 -7.66
N PRO M 473 42.42 -1.64 -8.95
CA PRO M 473 41.95 -0.49 -9.76
C PRO M 473 40.62 0.17 -9.41
N SER M 474 40.52 1.48 -9.65
CA SER M 474 39.30 2.25 -9.35
C SER M 474 38.17 2.20 -10.35
N VAL M 475 36.94 2.38 -9.87
CA VAL M 475 35.77 2.41 -10.75
C VAL M 475 35.69 3.60 -11.74
N ASN M 476 36.07 4.79 -11.30
CA ASN M 476 35.97 5.97 -12.16
C ASN M 476 37.33 6.45 -12.63
N PRO M 477 37.81 5.99 -13.79
CA PRO M 477 39.15 6.45 -14.13
C PRO M 477 39.26 7.91 -14.48
N LYS M 478 38.24 8.54 -15.03
CA LYS M 478 38.43 9.91 -15.46
C LYS M 478 38.79 10.81 -14.30
N ASP M 479 38.08 10.64 -13.19
CA ASP M 479 38.33 11.50 -12.04
C ASP M 479 39.72 11.27 -11.53
N ASP M 480 40.11 10.00 -11.46
CA ASP M 480 41.40 9.72 -10.89
C ASP M 480 42.43 10.35 -11.76
N ALA M 481 42.28 10.25 -13.07
CA ALA M 481 43.29 10.80 -13.96
C ALA M 481 43.41 12.29 -13.84
N THR M 482 42.27 12.97 -13.75
CA THR M 482 42.33 14.41 -13.59
C THR M 482 43.04 14.79 -12.28
N ALA M 483 42.71 14.08 -11.21
CA ALA M 483 43.33 14.38 -9.93
C ALA M 483 44.82 14.14 -10.00
N HIS M 484 45.22 13.07 -10.66
CA HIS M 484 46.63 12.76 -10.77
C HIS M 484 47.37 13.81 -11.54
N GLU M 485 46.78 14.30 -12.62
CA GLU M 485 47.43 15.35 -13.37
C GLU M 485 47.59 16.57 -12.48
N LYS M 486 46.54 16.89 -11.74
CA LYS M 486 46.62 18.09 -10.93
C LYS M 486 47.73 17.92 -9.89
N ASP M 487 47.83 16.74 -9.31
CA ASP M 487 48.85 16.48 -8.30
C ASP M 487 50.27 16.53 -8.83
N LEU M 488 50.48 15.99 -10.01
CA LEU M 488 51.79 16.01 -10.61
C LEU M 488 52.14 17.46 -10.79
N LYS M 489 51.14 18.24 -11.19
CA LYS M 489 51.37 19.66 -11.32
C LYS M 489 51.84 20.28 -10.02
N ASN M 490 51.20 19.95 -8.90
CA ASN M 490 51.60 20.68 -7.67
C ASN M 490 52.82 20.17 -6.88
N GLY M 491 53.68 19.36 -7.48
CA GLY M 491 54.81 18.72 -6.86
C GLY M 491 54.43 18.01 -5.58
N VAL M 492 53.14 17.74 -5.39
CA VAL M 492 52.67 17.09 -4.18
C VAL M 492 52.88 15.58 -4.25
N ARG M 493 52.35 14.94 -5.30
CA ARG M 493 52.65 13.55 -5.58
C ARG M 493 53.86 13.49 -6.48
N THR M 494 54.75 12.56 -6.16
CA THR M 494 55.88 12.33 -7.03
C THR M 494 55.37 11.31 -8.01
N ARG M 495 56.05 11.18 -9.13
CA ARG M 495 55.63 10.23 -10.14
C ARG M 495 55.70 8.82 -9.60
N THR M 496 56.69 8.52 -8.78
CA THR M 496 56.87 7.16 -8.32
C THR M 496 55.69 6.60 -7.52
N GLU M 497 55.08 7.42 -6.69
CA GLU M 497 54.01 6.91 -5.84
C GLU M 497 52.84 6.39 -6.63
N ILE M 498 52.46 7.07 -7.68
CA ILE M 498 51.29 6.66 -8.43
C ILE M 498 51.50 5.28 -8.98
N CYS M 499 52.68 5.02 -9.50
CA CYS M 499 52.99 3.72 -10.06
C CYS M 499 52.91 2.70 -8.96
N ALA M 500 53.35 3.07 -7.78
CA ALA M 500 53.38 2.12 -6.68
C ALA M 500 51.99 1.62 -6.32
N GLU M 501 51.00 2.48 -6.37
CA GLU M 501 49.67 2.05 -5.95
C GLU M 501 49.23 0.92 -6.84
N ARG M 502 49.44 1.05 -8.15
CA ARG M 502 49.12 -0.05 -9.03
C ARG M 502 50.05 -1.20 -8.68
N GLY M 503 51.30 -0.89 -8.33
CA GLY M 503 52.29 -1.92 -8.04
C GLY M 503 53.31 -2.17 -9.13
N ARG M 504 53.15 -1.51 -10.27
CA ARG M 504 54.11 -1.66 -11.35
C ARG M 504 55.52 -1.14 -11.10
N ASP M 505 55.71 0.06 -10.54
CA ASP M 505 57.07 0.65 -10.37
C ASP M 505 57.73 1.51 -11.50
N PHE M 506 58.37 2.59 -11.08
CA PHE M 506 58.98 3.52 -12.04
C PHE M 506 60.10 3.04 -12.96
N ALA M 507 60.98 2.17 -12.48
CA ALA M 507 62.01 1.66 -13.37
C ALA M 507 61.36 0.88 -14.49
N ASP M 508 60.33 0.12 -14.13
CA ASP M 508 59.64 -0.68 -15.12
C ASP M 508 59.07 0.29 -16.12
N VAL M 509 58.47 1.34 -15.59
CA VAL M 509 57.83 2.27 -16.49
C VAL M 509 58.85 2.86 -17.47
N VAL M 510 60.02 3.27 -16.98
CA VAL M 510 61.06 3.86 -17.83
C VAL M 510 61.64 2.90 -18.88
N ALA M 511 61.84 1.63 -18.52
CA ALA M 511 62.30 0.69 -19.51
C ALA M 511 61.28 0.54 -20.62
N GLU M 512 60.02 0.46 -20.19
CA GLU M 512 58.99 0.31 -21.18
C GLU M 512 58.93 1.54 -22.09
N ALA M 513 59.16 2.71 -21.53
CA ALA M 513 59.20 3.95 -22.31
C ALA M 513 60.33 3.96 -23.33
N ALA M 514 61.49 3.45 -22.95
CA ALA M 514 62.56 3.33 -23.92
C ALA M 514 62.16 2.37 -25.07
N ALA M 515 61.47 1.29 -24.71
CA ALA M 515 60.99 0.42 -25.79
C ALA M 515 60.02 1.15 -26.71
N GLU M 516 59.14 1.97 -26.12
CA GLU M 516 58.19 2.74 -26.92
C GLU M 516 58.93 3.69 -27.84
N ARG M 517 60.01 4.30 -27.36
CA ARG M 517 60.85 5.17 -28.20
C ARG M 517 61.48 4.44 -29.38
N GLN M 518 61.98 3.23 -29.16
CA GLN M 518 62.47 2.47 -30.34
C GLN M 518 61.33 2.16 -31.33
N MET M 519 60.17 1.85 -30.78
CA MET M 519 59.06 1.63 -31.69
C MET M 519 58.69 2.89 -32.45
N MET M 520 59.10 4.05 -31.93
CA MET M 520 58.83 5.30 -32.61
C MET M 520 59.73 5.48 -33.81
N ARG M 521 60.93 4.94 -33.74
CA ARG M 521 61.87 5.15 -34.82
C ARG M 521 61.32 4.56 -36.10
N ASP M 522 60.74 3.37 -36.02
CA ASP M 522 60.12 2.77 -37.20
C ASP M 522 58.89 3.53 -37.71
N ALA M 523 58.04 4.01 -36.82
CA ALA M 523 56.81 4.71 -37.23
C ALA M 523 56.73 6.16 -36.79
N GLY M 524 56.13 6.41 -35.63
CA GLY M 524 56.01 7.77 -35.12
C GLY M 524 55.82 7.74 -33.62
N LEU M 525 56.03 8.87 -32.94
CA LEU M 525 55.78 8.94 -31.49
C LEU M 525 54.43 9.54 -31.21
N ASP M 526 54.39 10.76 -30.70
CA ASP M 526 53.12 11.34 -30.32
C ASP M 526 53.00 12.81 -30.67
N PRO M 527 51.76 13.30 -30.80
CA PRO M 527 51.59 14.75 -31.05
C PRO M 527 51.35 15.54 -29.76
N MET N 1 18.46 -66.55 10.62
CA MET N 1 19.22 -66.32 9.40
C MET N 1 18.34 -65.86 8.24
N THR N 2 18.71 -66.27 7.03
CA THR N 2 17.96 -65.89 5.85
C THR N 2 16.58 -66.54 5.84
N VAL N 3 15.61 -65.88 5.21
CA VAL N 3 14.23 -66.38 5.21
C VAL N 3 13.48 -65.95 3.96
N SER N 4 12.64 -66.83 3.45
CA SER N 4 11.85 -66.48 2.28
C SER N 4 10.37 -66.82 2.47
N ILE N 5 9.69 -66.02 3.28
CA ILE N 5 8.28 -66.27 3.46
C ILE N 5 7.50 -65.53 2.39
N HIS N 6 7.24 -66.21 1.28
CA HIS N 6 6.38 -65.56 0.28
C HIS N 6 5.31 -66.44 -0.37
N PRO N 7 4.35 -66.94 0.41
CA PRO N 7 3.27 -67.67 -0.23
C PRO N 7 2.45 -66.66 -1.01
N PRO N 8 1.89 -67.07 -2.17
CA PRO N 8 1.16 -66.00 -2.83
C PRO N 8 0.03 -65.57 -1.92
N ALA N 9 -0.17 -64.27 -1.78
CA ALA N 9 -1.18 -63.74 -0.87
C ALA N 9 -2.55 -64.30 -1.14
N THR N 10 -2.91 -64.41 -2.42
CA THR N 10 -4.21 -64.96 -2.78
C THR N 10 -4.08 -66.44 -3.08
N LEU N 11 -4.38 -67.28 -2.09
CA LEU N 11 -4.22 -68.70 -2.30
C LEU N 11 -5.58 -69.27 -2.48
N VAL N 12 -5.79 -69.96 -3.59
CA VAL N 12 -7.11 -70.47 -3.88
C VAL N 12 -7.24 -71.91 -3.51
N ALA N 13 -8.39 -72.30 -3.00
CA ALA N 13 -8.58 -73.65 -2.52
C ALA N 13 -8.58 -74.68 -3.62
N GLY N 14 -8.40 -75.95 -3.24
CA GLY N 14 -8.37 -77.02 -4.22
C GLY N 14 -7.33 -76.90 -5.29
N ASP N 15 -6.44 -75.91 -5.16
CA ASP N 15 -5.43 -75.68 -6.17
C ASP N 15 -4.09 -75.95 -5.54
N SER N 16 -3.14 -76.36 -6.34
CA SER N 16 -1.82 -76.68 -5.83
C SER N 16 -1.13 -75.41 -5.37
N TRP N 17 -0.45 -75.47 -4.24
CA TRP N 17 0.18 -74.27 -3.70
C TRP N 17 1.69 -74.42 -3.64
N ALA N 18 2.42 -73.43 -4.14
CA ALA N 18 3.88 -73.48 -4.09
C ALA N 18 4.61 -72.15 -3.91
N TRP N 19 5.58 -72.08 -3.00
CA TRP N 19 6.41 -70.86 -2.95
C TRP N 19 7.86 -71.17 -3.31
N GLU N 20 8.29 -72.40 -3.07
CA GLU N 20 9.69 -72.72 -3.34
C GLU N 20 10.60 -71.70 -2.67
N ALA N 21 10.48 -71.54 -1.35
CA ALA N 21 11.25 -70.51 -0.64
C ALA N 21 12.75 -70.55 -0.82
N GLY N 22 13.35 -69.40 -1.09
CA GLY N 22 14.77 -69.34 -1.32
C GLY N 22 15.78 -69.66 -0.23
N ALA N 23 15.60 -69.16 0.99
CA ALA N 23 16.64 -69.36 2.02
C ALA N 23 16.23 -69.45 3.47
N VAL N 24 14.97 -69.69 3.74
CA VAL N 24 14.50 -69.68 5.12
C VAL N 24 15.16 -70.73 5.99
N PHE N 25 15.37 -71.91 5.44
CA PHE N 25 15.90 -73.01 6.23
C PHE N 25 17.39 -73.21 5.97
N GLU N 26 18.10 -72.15 5.57
CA GLU N 26 19.49 -72.36 5.23
C GLU N 26 20.21 -72.51 6.53
N ASP N 27 19.73 -71.84 7.57
CA ASP N 27 20.33 -72.10 8.88
C ASP N 27 19.92 -73.47 9.32
N HIS N 28 20.80 -74.15 10.04
CA HIS N 28 20.53 -75.50 10.48
C HIS N 28 20.15 -76.38 9.30
N PRO N 29 20.86 -76.25 8.17
CA PRO N 29 20.40 -77.04 7.02
C PRO N 29 20.54 -78.55 7.19
N ASP N 30 21.66 -79.00 7.73
CA ASP N 30 21.92 -80.44 7.82
C ASP N 30 20.99 -81.29 8.69
N PRO N 31 20.69 -80.85 9.92
CA PRO N 31 19.83 -81.76 10.67
C PRO N 31 18.42 -81.24 10.99
N TRP N 32 17.99 -80.12 10.43
CA TRP N 32 16.67 -79.59 10.80
C TRP N 32 15.68 -79.63 9.64
N ALA N 33 14.41 -79.91 9.92
CA ALA N 33 13.41 -80.05 8.86
C ALA N 33 12.78 -78.78 8.31
N ALA N 34 12.00 -78.89 7.23
CA ALA N 34 11.29 -77.74 6.66
C ALA N 34 9.80 -77.88 7.00
N SER N 35 9.10 -76.79 7.33
CA SER N 35 7.71 -76.93 7.75
C SER N 35 6.64 -76.04 7.10
N TYR N 36 6.88 -74.73 7.07
CA TYR N 36 5.91 -73.81 6.51
C TYR N 36 4.53 -74.14 7.07
N VAL N 37 4.36 -74.06 8.38
CA VAL N 37 3.08 -74.38 9.01
C VAL N 37 1.97 -73.46 8.56
N LEU N 38 0.84 -74.02 8.21
CA LEU N 38 -0.29 -73.22 7.80
C LEU N 38 -1.38 -73.50 8.81
N ARG N 39 -1.88 -72.48 9.49
CA ARG N 39 -2.86 -72.71 10.53
C ARG N 39 -4.07 -71.87 10.33
N PRO N 40 -5.25 -72.48 10.43
CA PRO N 40 -6.42 -71.60 10.36
C PRO N 40 -6.47 -70.76 11.61
N GLU N 41 -6.71 -69.48 11.47
CA GLU N 41 -6.74 -68.60 12.62
C GLU N 41 -7.87 -68.89 13.60
N ALA N 42 -9.06 -69.16 13.09
CA ALA N 42 -10.22 -69.38 13.96
C ALA N 42 -10.69 -70.82 13.95
N GLY N 43 -9.98 -71.73 14.61
CA GLY N 43 -10.31 -73.14 14.51
C GLY N 43 -9.27 -73.91 13.74
N GLY N 44 -9.59 -75.15 13.41
CA GLY N 44 -8.67 -75.91 12.58
C GLY N 44 -7.48 -76.55 13.22
N ASP N 45 -6.72 -77.29 12.42
CA ASP N 45 -5.55 -77.98 12.93
C ASP N 45 -4.44 -77.62 11.99
N PRO N 46 -3.28 -77.26 12.55
CA PRO N 46 -2.26 -76.80 11.62
C PRO N 46 -1.91 -77.85 10.60
N VAL N 47 -1.88 -77.49 9.33
CA VAL N 47 -1.44 -78.42 8.31
C VAL N 47 -0.03 -78.03 7.95
N THR N 48 0.78 -78.98 7.48
CA THR N 48 2.16 -78.67 7.18
C THR N 48 2.67 -79.10 5.83
N VAL N 49 3.69 -78.41 5.34
CA VAL N 49 4.27 -78.74 4.04
C VAL N 49 5.71 -79.17 4.20
N SER N 50 6.10 -80.26 3.56
CA SER N 50 7.47 -80.74 3.66
C SER N 50 8.33 -80.33 2.47
N GLY N 51 9.21 -81.22 2.04
CA GLY N 51 10.10 -80.85 0.95
C GLY N 51 9.79 -81.37 -0.44
N GLY N 52 10.02 -82.65 -0.71
CA GLY N 52 9.81 -83.16 -2.06
C GLY N 52 10.56 -82.29 -3.03
N LEU N 53 11.85 -82.08 -2.79
CA LEU N 53 12.59 -81.11 -3.62
C LEU N 53 13.84 -81.48 -4.38
N GLU N 54 14.29 -80.57 -5.25
CA GLU N 54 15.58 -80.74 -5.88
C GLU N 54 16.56 -80.24 -4.84
N VAL N 55 17.75 -80.84 -4.76
CA VAL N 55 18.67 -80.45 -3.70
C VAL N 55 19.16 -79.00 -3.70
N LEU N 56 19.54 -78.46 -4.87
CA LEU N 56 20.11 -77.11 -4.90
C LEU N 56 19.13 -76.05 -4.45
N ALA N 57 17.90 -76.13 -4.93
CA ALA N 57 16.89 -75.18 -4.50
C ALA N 57 15.69 -75.94 -3.97
N PRO N 58 15.34 -75.69 -2.71
CA PRO N 58 14.17 -76.35 -2.17
C PRO N 58 12.91 -75.87 -2.84
N VAL N 59 12.01 -76.78 -3.20
CA VAL N 59 10.74 -76.37 -3.76
C VAL N 59 9.64 -76.98 -2.92
N PHE N 60 8.71 -76.15 -2.47
CA PHE N 60 7.68 -76.62 -1.59
C PHE N 60 6.41 -76.76 -2.37
N ARG N 61 5.73 -77.88 -2.20
CA ARG N 61 4.53 -78.10 -2.96
C ARG N 61 3.44 -78.77 -2.18
N LEU N 62 2.19 -78.43 -2.46
CA LEU N 62 1.07 -79.09 -1.83
C LEU N 62 0.11 -79.61 -2.89
N PRO N 63 -0.32 -80.88 -2.79
CA PRO N 63 -1.25 -81.46 -3.76
C PRO N 63 -2.62 -80.83 -3.72
N ALA N 64 -3.23 -80.67 -4.88
CA ALA N 64 -4.54 -80.04 -4.94
C ALA N 64 -5.63 -80.81 -4.23
N SER N 65 -5.62 -82.12 -4.38
CA SER N 65 -6.66 -82.93 -3.76
C SER N 65 -6.62 -82.80 -2.26
N VAL N 66 -5.43 -82.74 -1.69
CA VAL N 66 -5.30 -82.56 -0.25
C VAL N 66 -5.88 -81.22 0.22
N THR N 67 -5.72 -80.16 -0.56
CA THR N 67 -6.21 -78.86 -0.17
C THR N 67 -7.71 -78.93 -0.02
N ALA N 68 -8.38 -79.56 -0.96
CA ALA N 68 -9.84 -79.77 -0.88
C ALA N 68 -10.67 -79.08 0.17
N ASP N 69 -10.71 -79.64 1.37
CA ASP N 69 -11.61 -79.14 2.40
C ASP N 69 -11.08 -78.05 3.30
N LEU N 70 -9.95 -77.45 2.95
CA LEU N 70 -9.36 -76.47 3.86
C LEU N 70 -10.31 -75.31 4.09
N PRO N 71 -10.31 -74.75 5.32
CA PRO N 71 -11.25 -73.69 5.66
C PRO N 71 -11.23 -72.40 4.85
N PRO N 72 -12.41 -71.91 4.43
CA PRO N 72 -12.47 -70.61 3.76
C PRO N 72 -12.31 -69.53 4.79
N GLY N 73 -11.51 -68.49 4.54
CA GLY N 73 -11.27 -67.48 5.57
C GLY N 73 -9.85 -66.98 5.61
N GLU N 74 -9.35 -66.67 6.80
CA GLU N 74 -7.99 -66.17 6.95
C GLU N 74 -7.01 -67.19 7.54
N TRP N 75 -5.81 -67.30 6.96
CA TRP N 75 -4.84 -68.28 7.42
C TRP N 75 -3.48 -67.66 7.68
N THR N 76 -2.70 -68.26 8.57
CA THR N 76 -1.39 -67.72 8.90
C THR N 76 -0.22 -68.59 8.47
N TRP N 77 0.91 -67.99 8.13
CA TRP N 77 2.07 -68.73 7.67
C TRP N 77 3.26 -68.55 8.59
N PHE N 78 3.72 -69.63 9.21
CA PHE N 78 4.89 -69.53 10.06
C PHE N 78 5.84 -70.67 9.62
N ALA N 79 7.14 -70.39 9.50
CA ALA N 79 8.09 -71.41 9.06
C ALA N 79 9.00 -71.86 10.19
N VAL N 80 9.04 -73.17 10.44
CA VAL N 80 9.82 -73.66 11.57
C VAL N 80 10.81 -74.73 11.17
N ALA N 81 12.03 -74.65 11.68
CA ALA N 81 13.02 -75.69 11.43
C ALA N 81 13.24 -76.36 12.76
N VAL N 82 13.18 -77.69 12.80
CA VAL N 82 13.28 -78.37 14.10
C VAL N 82 14.21 -79.57 14.12
N ASP N 83 15.04 -79.72 15.16
CA ASP N 83 15.85 -80.92 15.29
C ASP N 83 15.69 -81.56 16.66
N ALA N 84 15.42 -82.86 16.68
CA ALA N 84 15.24 -83.57 17.94
C ALA N 84 16.48 -83.66 18.83
N THR N 85 17.64 -83.90 18.22
CA THR N 85 18.86 -84.00 19.00
C THR N 85 19.07 -82.66 19.65
N THR N 86 18.84 -81.59 18.89
CA THR N 86 18.96 -80.26 19.45
C THR N 86 17.85 -79.94 20.45
N ASP N 87 16.73 -80.66 20.38
CA ASP N 87 15.57 -80.42 21.26
C ASP N 87 15.15 -78.97 21.16
N ALA N 88 15.21 -78.44 19.96
CA ALA N 88 14.89 -77.05 19.75
C ALA N 88 14.20 -76.90 18.42
N ARG N 89 13.44 -75.83 18.26
CA ARG N 89 12.81 -75.55 16.98
C ARG N 89 13.29 -74.16 16.74
N ALA N 90 13.26 -73.70 15.52
CA ALA N 90 13.61 -72.31 15.27
C ALA N 90 12.60 -71.68 14.32
N VAL N 91 12.08 -70.50 14.67
CA VAL N 91 11.08 -69.92 13.81
C VAL N 91 11.64 -68.71 13.12
N LEU N 92 11.60 -68.72 11.79
CA LEU N 92 12.16 -67.60 11.04
C LEU N 92 11.17 -66.81 10.20
N ALA N 93 9.90 -67.19 10.20
CA ALA N 93 8.94 -66.53 9.29
C ALA N 93 7.59 -66.06 9.81
N GLN N 94 6.98 -65.10 9.11
CA GLN N 94 5.66 -64.61 9.49
C GLN N 94 4.90 -64.20 8.23
N GLY N 95 3.57 -64.27 8.25
CA GLY N 95 2.78 -63.86 7.10
C GLY N 95 1.30 -64.05 7.29
N ARG N 96 0.49 -63.69 6.29
CA ARG N 96 -0.95 -63.89 6.37
C ARG N 96 -1.52 -64.10 4.97
N VAL N 97 -2.29 -65.15 4.80
CA VAL N 97 -2.83 -65.47 3.48
C VAL N 97 -4.31 -65.79 3.59
N THR N 98 -5.09 -65.50 2.57
CA THR N 98 -6.51 -65.74 2.62
C THR N 98 -6.93 -66.86 1.68
N VAL N 99 -7.84 -67.71 2.13
CA VAL N 99 -8.28 -68.81 1.30
C VAL N 99 -9.60 -68.46 0.65
N ILE N 100 -9.60 -68.34 -0.67
CA ILE N 100 -10.81 -68.02 -1.41
C ILE N 100 -11.70 -69.24 -1.39
N PRO N 101 -13.01 -69.04 -1.27
CA PRO N 101 -13.81 -70.27 -1.22
C PRO N 101 -13.66 -71.10 -2.49
N ASP N 102 -13.60 -72.42 -2.38
CA ASP N 102 -13.42 -73.29 -3.54
C ASP N 102 -14.25 -72.84 -4.75
N PRO N 103 -13.59 -72.49 -5.87
CA PRO N 103 -14.45 -71.98 -6.93
C PRO N 103 -15.07 -73.05 -7.80
N LEU N 104 -14.67 -74.30 -7.67
CA LEU N 104 -15.19 -75.31 -8.58
C LEU N 104 -16.34 -76.10 -8.02
N ALA N 105 -16.82 -75.74 -6.84
CA ALA N 105 -17.87 -76.52 -6.21
C ALA N 105 -18.74 -75.82 -5.19
N GLY N 106 -19.86 -76.43 -4.82
CA GLY N 106 -20.70 -75.90 -3.77
C GLY N 106 -22.05 -75.32 -4.09
N THR N 107 -22.98 -75.45 -3.15
CA THR N 107 -24.31 -74.90 -3.35
C THR N 107 -24.43 -73.38 -3.40
N GLU N 108 -23.81 -72.66 -2.44
CA GLU N 108 -23.84 -71.19 -2.50
C GLU N 108 -22.76 -70.42 -1.76
N ASP N 109 -22.29 -69.31 -2.34
CA ASP N 109 -21.35 -68.43 -1.65
C ASP N 109 -21.79 -67.05 -2.07
N ARG N 110 -22.05 -66.17 -1.11
CA ARG N 110 -22.42 -64.81 -1.48
C ARG N 110 -21.18 -63.95 -1.53
N ARG N 111 -21.39 -62.66 -1.73
CA ARG N 111 -20.27 -61.75 -1.72
C ARG N 111 -19.82 -61.46 -0.31
N THR N 112 -18.73 -60.73 -0.18
CA THR N 112 -18.19 -60.37 1.12
C THR N 112 -19.23 -59.49 1.80
N PRO N 113 -19.11 -59.30 3.11
CA PRO N 113 -20.18 -58.57 3.80
C PRO N 113 -20.53 -57.23 3.22
N ALA N 114 -19.62 -56.54 2.55
CA ALA N 114 -20.00 -55.23 2.09
C ALA N 114 -21.20 -55.32 1.17
N ARG N 115 -21.24 -56.30 0.30
CA ARG N 115 -22.41 -56.45 -0.56
C ARG N 115 -23.68 -56.75 0.20
N ARG N 116 -23.60 -57.61 1.21
CA ARG N 116 -24.79 -57.98 1.94
C ARG N 116 -25.40 -56.78 2.61
N ILE N 117 -24.57 -55.96 3.26
CA ILE N 117 -25.12 -54.84 3.97
C ILE N 117 -25.78 -53.92 2.99
N LEU N 118 -25.12 -53.70 1.87
CA LEU N 118 -25.66 -52.79 0.87
C LEU N 118 -26.97 -53.28 0.32
N ALA N 119 -27.06 -54.57 0.03
CA ALA N 119 -28.27 -55.09 -0.55
C ALA N 119 -29.40 -54.92 0.43
N ALA N 120 -29.14 -55.21 1.68
CA ALA N 120 -30.19 -55.12 2.67
C ALA N 120 -30.69 -53.69 2.82
N ILE N 121 -29.79 -52.71 2.77
CA ILE N 121 -30.20 -51.33 2.97
C ILE N 121 -31.18 -50.97 1.89
N GLU N 122 -30.90 -51.43 0.69
CA GLU N 122 -31.82 -51.17 -0.39
C GLU N 122 -33.16 -51.81 -0.10
N ALA N 123 -33.15 -53.02 0.45
CA ALA N 123 -34.40 -53.64 0.82
C ALA N 123 -35.17 -52.93 1.92
N THR N 124 -34.50 -52.53 2.99
CA THR N 124 -35.22 -51.90 4.10
C THR N 124 -35.79 -50.56 3.70
N LEU N 125 -35.04 -49.80 2.92
CA LEU N 125 -35.51 -48.52 2.48
C LEU N 125 -36.75 -48.72 1.65
N GLU N 126 -36.79 -49.78 0.86
CA GLU N 126 -37.93 -50.02 0.00
C GLU N 126 -39.19 -50.15 0.82
N GLY N 127 -39.11 -50.88 1.90
CA GLY N 127 -40.27 -51.06 2.74
C GLY N 127 -40.75 -49.79 3.38
N ARG N 128 -39.82 -48.97 3.86
CA ARG N 128 -40.25 -47.79 4.59
C ARG N 128 -40.59 -46.67 3.69
N ALA N 129 -40.40 -46.87 2.40
CA ALA N 129 -40.83 -45.84 1.48
C ALA N 129 -42.32 -45.73 1.57
N THR N 130 -43.00 -46.87 1.58
CA THR N 130 -44.44 -46.88 1.69
C THR N 130 -44.71 -47.25 3.12
N LYS N 131 -45.97 -47.25 3.54
CA LYS N 131 -46.32 -47.67 4.89
C LYS N 131 -45.48 -46.90 5.89
N ASP N 132 -45.33 -45.61 5.66
CA ASP N 132 -44.44 -44.84 6.50
C ASP N 132 -44.85 -44.85 7.94
N ALA N 133 -43.92 -45.11 8.83
CA ALA N 133 -44.24 -45.19 10.25
C ALA N 133 -43.06 -45.17 11.17
N ASP N 134 -43.06 -44.25 12.12
CA ASP N 134 -42.01 -44.27 13.11
C ASP N 134 -42.46 -44.91 14.40
N THR N 135 -43.73 -45.23 14.54
CA THR N 135 -44.18 -45.96 15.73
C THR N 135 -45.38 -46.87 15.48
N TYR N 136 -45.15 -48.12 15.11
CA TYR N 136 -46.24 -49.02 14.83
C TYR N 136 -46.78 -49.54 16.12
N SER N 137 -47.32 -48.66 16.96
CA SER N 137 -47.72 -49.11 18.29
C SER N 137 -49.12 -49.63 18.48
N ILE N 138 -49.27 -50.94 18.60
CA ILE N 138 -50.59 -51.52 18.77
C ILE N 138 -50.70 -52.32 20.03
N GLU N 139 -51.65 -51.98 20.87
CA GLU N 139 -51.91 -52.69 22.13
C GLU N 139 -50.81 -52.67 23.19
N GLY N 140 -49.71 -53.36 22.96
CA GLY N 140 -48.61 -53.35 23.90
C GLY N 140 -47.29 -53.44 23.21
N ARG N 141 -47.28 -53.29 21.89
CA ARG N 141 -46.06 -53.45 21.15
C ARG N 141 -45.70 -52.18 20.42
N SER N 142 -44.48 -51.68 20.58
CA SER N 142 -44.06 -50.51 19.82
C SER N 142 -42.69 -50.65 19.15
N ILE N 143 -42.65 -50.72 17.82
CA ILE N 143 -41.39 -50.83 17.12
C ILE N 143 -40.38 -49.68 17.02
N THR N 144 -40.82 -48.45 16.75
CA THR N 144 -39.92 -47.28 16.64
C THR N 144 -38.66 -47.23 15.71
N ARG N 145 -38.78 -47.48 14.41
CA ARG N 145 -37.63 -47.48 13.46
C ARG N 145 -36.46 -46.47 13.50
N THR N 146 -35.31 -46.79 12.86
CA THR N 146 -34.15 -45.91 12.87
C THR N 146 -34.36 -44.75 11.95
N PRO N 147 -33.87 -43.59 12.36
CA PRO N 147 -34.19 -42.42 11.56
C PRO N 147 -33.70 -42.53 10.12
N LEU N 148 -34.49 -42.00 9.19
CA LEU N 148 -34.14 -42.07 7.78
C LEU N 148 -32.81 -41.40 7.46
N PRO N 149 -32.52 -40.26 8.10
CA PRO N 149 -31.18 -39.73 7.79
C PRO N 149 -30.10 -40.73 8.15
N ASP N 150 -30.24 -41.45 9.26
CA ASP N 150 -29.23 -42.38 9.68
C ASP N 150 -29.02 -43.51 8.68
N LEU N 151 -30.10 -44.07 8.14
CA LEU N 151 -29.97 -45.19 7.23
C LEU N 151 -29.19 -44.76 6.03
N LEU N 152 -29.43 -43.54 5.59
CA LEU N 152 -28.77 -43.08 4.38
C LEU N 152 -27.26 -43.06 4.58
N ARG N 153 -26.81 -42.65 5.75
CA ARG N 153 -25.37 -42.54 5.96
C ARG N 153 -24.72 -43.90 5.81
N LEU N 154 -25.36 -44.94 6.33
CA LEU N 154 -24.79 -46.26 6.25
C LEU N 154 -24.63 -46.66 4.81
N ARG N 155 -25.62 -46.32 3.98
CA ARG N 155 -25.56 -46.75 2.61
C ARG N 155 -24.33 -46.19 1.97
N ALA N 156 -24.06 -44.92 2.19
CA ALA N 156 -22.94 -44.32 1.50
C ALA N 156 -21.62 -44.93 1.90
N VAL N 157 -21.42 -45.15 3.19
CA VAL N 157 -20.11 -45.65 3.60
C VAL N 157 -19.87 -47.00 2.99
N TYR N 158 -20.88 -47.86 3.06
CA TYR N 158 -20.71 -49.18 2.53
C TYR N 158 -20.52 -49.17 1.04
N ALA N 159 -21.23 -48.31 0.33
CA ALA N 159 -21.14 -48.33 -1.13
C ALA N 159 -19.73 -48.03 -1.54
N GLU N 160 -19.09 -47.12 -0.82
CA GLU N 160 -17.72 -46.80 -1.14
C GLU N 160 -16.84 -48.03 -1.01
N GLN N 161 -17.03 -48.82 0.05
CA GLN N 161 -16.15 -49.96 0.22
C GLN N 161 -16.34 -50.92 -0.95
N VAL N 162 -17.56 -51.13 -1.38
CA VAL N 162 -17.75 -52.11 -2.43
C VAL N 162 -16.99 -51.61 -3.64
N ALA N 163 -17.04 -50.30 -3.84
CA ALA N 163 -16.32 -49.75 -4.97
C ALA N 163 -14.83 -49.97 -4.82
N ARG N 164 -14.31 -49.79 -3.61
CA ARG N 164 -12.88 -49.94 -3.42
C ARG N 164 -12.42 -51.34 -3.72
N GLU N 165 -13.16 -52.33 -3.24
CA GLU N 165 -12.78 -53.72 -3.45
C GLU N 165 -12.81 -54.07 -4.91
N THR N 166 -13.86 -53.64 -5.60
CA THR N 166 -13.96 -53.90 -7.02
C THR N 166 -12.81 -53.18 -7.71
N GLY N 167 -12.44 -52.01 -7.21
CA GLY N 167 -11.40 -51.22 -7.85
C GLY N 167 -11.91 -50.14 -8.78
N ARG N 168 -13.22 -49.93 -8.80
CA ARG N 168 -13.80 -48.89 -9.63
C ARG N 168 -13.93 -47.61 -8.80
N SER N 169 -13.37 -47.60 -7.60
CA SER N 169 -13.47 -46.45 -6.68
C SER N 169 -12.89 -45.08 -7.03
N PRO N 170 -11.92 -45.02 -7.96
CA PRO N 170 -11.38 -43.68 -8.18
C PRO N 170 -12.46 -42.67 -8.47
N TYR N 171 -12.32 -41.49 -7.88
CA TYR N 171 -13.35 -40.48 -8.03
C TYR N 171 -13.54 -40.13 -9.49
N ARG N 172 -14.79 -40.00 -9.91
CA ARG N 172 -15.09 -39.79 -11.33
C ARG N 172 -14.60 -38.49 -11.95
N GLN N 173 -14.31 -38.51 -13.24
CA GLN N 173 -13.80 -37.33 -13.93
C GLN N 173 -14.53 -37.07 -15.24
N ARG N 174 -15.09 -35.88 -15.42
CA ARG N 174 -15.73 -35.54 -16.69
C ARG N 174 -14.89 -34.51 -17.40
N ARG N 175 -14.50 -34.77 -18.64
CA ARG N 175 -13.61 -33.85 -19.31
C ARG N 175 -14.43 -32.91 -20.15
N VAL N 176 -14.28 -31.60 -19.96
CA VAL N 176 -15.14 -30.69 -20.70
C VAL N 176 -14.84 -30.87 -22.15
N SER N 177 -13.56 -30.84 -22.51
CA SER N 177 -13.18 -31.12 -23.89
C SER N 177 -14.06 -30.38 -24.88
N PHE N 178 -14.30 -29.09 -24.61
CA PHE N 178 -15.19 -28.32 -25.45
C PHE N 178 -16.42 -29.12 -25.82
N TYR O 32 37.34 -18.34 21.81
CA TYR O 32 38.10 -19.50 22.24
C TYR O 32 37.24 -20.76 22.18
N ARG O 33 36.29 -20.89 23.10
CA ARG O 33 35.42 -22.03 23.11
C ARG O 33 34.14 -21.70 22.35
N ALA O 34 34.28 -21.61 21.03
CA ALA O 34 33.16 -21.25 20.19
C ALA O 34 32.73 -22.46 19.39
N ALA O 35 33.71 -23.17 18.83
CA ALA O 35 33.40 -24.31 17.99
C ALA O 35 33.89 -25.63 18.58
N LYS O 36 34.23 -25.63 19.87
CA LYS O 36 34.95 -26.71 20.56
C LYS O 36 34.31 -28.10 20.42
N SER O 37 32.99 -28.17 20.24
CA SER O 37 32.28 -29.43 20.14
C SER O 37 30.91 -29.24 19.52
N ASP O 38 30.10 -30.29 19.63
CA ASP O 38 28.86 -30.40 18.87
C ASP O 38 27.66 -30.57 19.80
N ARG O 39 27.56 -29.73 20.82
CA ARG O 39 26.58 -29.86 21.90
C ARG O 39 25.15 -29.79 21.36
N ILE O 40 24.75 -28.67 20.76
CA ILE O 40 23.43 -28.58 20.18
C ILE O 40 23.48 -27.99 18.78
N ALA O 41 24.63 -27.41 18.42
CA ALA O 41 24.77 -26.69 17.16
C ALA O 41 26.10 -26.98 16.46
N GLY O 42 26.48 -28.24 16.33
CA GLY O 42 27.79 -28.53 15.78
C GLY O 42 27.78 -29.62 14.75
N GLY O 43 28.81 -30.47 14.81
CA GLY O 43 29.07 -31.50 13.82
C GLY O 43 30.51 -31.44 13.37
N PHE O 44 31.35 -30.75 14.15
CA PHE O 44 32.68 -30.34 13.73
C PHE O 44 33.72 -31.44 13.86
N GLY O 45 33.38 -32.65 13.39
CA GLY O 45 34.22 -33.80 13.66
C GLY O 45 34.43 -34.03 15.15
N VAL O 46 35.53 -34.70 15.49
CA VAL O 46 35.87 -34.91 16.90
C VAL O 46 37.34 -34.58 17.04
N PHE O 47 38.13 -34.94 16.04
CA PHE O 47 39.56 -34.64 16.05
C PHE O 47 40.00 -34.14 14.69
N PRO O 48 41.05 -33.30 14.64
CA PRO O 48 41.55 -32.86 13.33
C PRO O 48 42.08 -34.02 12.51
N THR O 49 41.83 -34.00 11.21
CA THR O 49 42.26 -35.09 10.34
C THR O 49 42.97 -34.57 9.10
N THR O 50 43.83 -35.40 8.52
CA THR O 50 44.56 -34.99 7.32
C THR O 50 43.63 -34.73 6.12
N PRO O 51 43.65 -33.51 5.52
CA PRO O 51 42.78 -33.34 4.37
C PRO O 51 43.11 -34.35 3.32
N ARG O 52 44.32 -34.91 3.28
CA ARG O 52 44.68 -35.84 2.22
C ARG O 52 43.71 -37.01 2.00
N ASP O 53 43.59 -37.91 2.97
CA ASP O 53 42.76 -39.13 2.75
C ASP O 53 41.33 -38.75 2.50
N GLU O 54 40.88 -37.79 3.29
CA GLU O 54 39.54 -37.32 3.11
C GLU O 54 39.53 -36.80 1.71
N LEU O 55 40.56 -36.04 1.31
CA LEU O 55 40.55 -35.43 -0.01
C LEU O 55 40.48 -36.49 -1.05
N ARG O 56 41.27 -37.56 -0.98
CA ARG O 56 41.21 -38.54 -2.06
C ARG O 56 39.84 -39.21 -2.18
N ARG O 57 39.28 -39.63 -1.04
CA ARG O 57 38.00 -40.34 -1.19
C ARG O 57 36.99 -39.37 -1.76
N GLU O 58 37.04 -38.16 -1.22
CA GLU O 58 36.07 -37.17 -1.60
C GLU O 58 36.17 -36.95 -3.07
N ILE O 59 37.36 -36.78 -3.61
CA ILE O 59 37.55 -36.52 -5.02
C ILE O 59 37.13 -37.66 -5.91
N ARG O 60 37.42 -38.91 -5.56
CA ARG O 60 36.93 -39.94 -6.50
C ARG O 60 35.39 -39.86 -6.55
N GLY O 61 34.82 -39.74 -5.35
CA GLY O 61 33.36 -39.75 -5.33
C GLY O 61 32.84 -38.57 -6.10
N LEU O 62 33.47 -37.42 -5.95
CA LEU O 62 33.05 -36.18 -6.57
C LEU O 62 33.28 -36.09 -8.05
N VAL O 63 34.30 -36.74 -8.57
CA VAL O 63 34.46 -36.66 -9.99
C VAL O 63 33.24 -37.40 -10.43
N GLY O 64 32.97 -38.54 -9.78
CA GLY O 64 31.79 -39.22 -10.30
C GLY O 64 30.57 -38.30 -10.21
N HIS O 65 30.40 -37.62 -9.09
CA HIS O 65 29.21 -36.79 -8.87
C HIS O 65 29.06 -35.61 -9.81
N SER O 66 30.13 -34.90 -10.08
CA SER O 66 30.11 -33.73 -10.95
C SER O 66 29.80 -34.20 -12.33
N ARG O 67 30.36 -35.34 -12.69
CA ARG O 67 30.00 -35.85 -13.98
C ARG O 67 28.49 -35.86 -14.05
N HIS O 68 27.82 -36.26 -12.99
CA HIS O 68 26.37 -36.44 -13.09
C HIS O 68 25.69 -35.10 -13.10
N ALA O 69 26.09 -34.19 -12.22
CA ALA O 69 25.39 -32.90 -12.11
C ALA O 69 25.49 -32.06 -13.34
N ALA O 70 26.69 -31.98 -13.90
CA ALA O 70 26.87 -31.11 -15.02
C ALA O 70 25.97 -31.65 -16.07
N GLN O 71 25.96 -32.95 -16.24
CA GLN O 71 25.10 -33.40 -17.31
C GLN O 71 23.60 -33.26 -17.10
N ASN O 72 23.11 -33.50 -15.90
CA ASN O 72 21.66 -33.51 -15.73
C ASN O 72 20.95 -32.32 -15.12
N PHE O 73 21.63 -31.50 -14.35
CA PHE O 73 20.95 -30.41 -13.61
C PHE O 73 20.84 -29.12 -14.34
N ASP O 74 21.39 -28.08 -13.76
CA ASP O 74 21.58 -26.84 -14.49
C ASP O 74 22.56 -26.01 -13.71
N TYR O 75 22.73 -24.74 -14.08
CA TYR O 75 23.64 -23.83 -13.38
C TYR O 75 25.10 -24.24 -13.46
N ALA O 76 25.38 -25.51 -13.33
CA ALA O 76 26.74 -25.96 -13.43
C ALA O 76 27.10 -26.06 -14.89
N ARG O 77 26.15 -26.49 -15.70
CA ARG O 77 26.43 -26.53 -17.11
C ARG O 77 26.84 -25.13 -17.41
N ALA O 78 26.27 -24.19 -16.69
CA ALA O 78 26.56 -22.79 -16.94
C ALA O 78 27.94 -22.44 -16.43
N TYR O 79 28.28 -22.93 -15.26
CA TYR O 79 29.63 -22.70 -14.78
C TYR O 79 30.58 -23.17 -15.85
N GLU O 80 30.42 -24.42 -16.27
CA GLU O 80 31.31 -24.97 -17.25
C GLU O 80 31.44 -24.04 -18.42
N MET O 81 30.32 -23.54 -18.92
CA MET O 81 30.39 -22.73 -20.12
C MET O 81 31.13 -21.48 -19.76
N LEU O 82 30.81 -20.93 -18.60
CA LEU O 82 31.41 -19.68 -18.23
C LEU O 82 32.89 -19.82 -18.12
N THR O 83 33.33 -20.88 -17.45
CA THR O 83 34.74 -21.01 -17.21
C THR O 83 35.41 -21.08 -18.51
N ARG O 84 34.89 -21.95 -19.36
CA ARG O 84 35.63 -22.13 -20.57
C ARG O 84 35.76 -20.85 -21.29
N ARG O 85 34.65 -20.17 -21.50
CA ARG O 85 34.81 -19.00 -22.36
C ARG O 85 35.71 -17.97 -21.77
N HIS O 86 35.48 -17.64 -20.51
CA HIS O 86 36.24 -16.54 -19.96
C HIS O 86 37.71 -16.83 -19.89
N VAL O 87 38.06 -18.08 -19.59
CA VAL O 87 39.48 -18.36 -19.40
C VAL O 87 40.23 -18.78 -20.66
N ILE O 88 39.50 -19.12 -21.71
CA ILE O 88 40.20 -19.64 -22.87
C ILE O 88 40.65 -18.65 -23.91
N GLY O 89 39.75 -18.18 -24.75
CA GLY O 89 40.18 -17.35 -25.85
C GLY O 89 39.38 -17.45 -27.13
N PHE O 90 38.97 -16.29 -27.62
CA PHE O 90 38.67 -16.17 -29.04
C PHE O 90 39.94 -16.38 -29.85
N ASN O 91 41.05 -15.80 -29.39
CA ASN O 91 42.35 -16.01 -29.98
C ASN O 91 43.14 -17.08 -29.25
N GLY O 92 42.51 -17.77 -28.30
CA GLY O 92 43.19 -18.75 -27.48
C GLY O 92 44.12 -18.06 -26.51
N ILE O 93 45.27 -18.68 -26.24
CA ILE O 93 46.38 -18.05 -25.54
C ILE O 93 47.57 -18.07 -26.48
N ARG O 94 48.09 -16.89 -26.83
CA ARG O 94 49.17 -16.85 -27.81
C ARG O 94 50.55 -16.82 -27.17
N LEU O 95 51.59 -16.97 -27.99
CA LEU O 95 52.96 -16.99 -27.46
C LEU O 95 53.85 -15.90 -28.03
N GLN O 96 54.51 -15.14 -27.15
CA GLN O 96 55.46 -14.14 -27.61
C GLN O 96 56.75 -14.45 -26.87
N MET O 97 57.86 -14.54 -27.59
CA MET O 97 59.11 -14.91 -26.95
C MET O 97 60.16 -13.85 -27.18
N ASP O 98 60.86 -13.47 -26.12
CA ASP O 98 61.87 -12.44 -26.24
C ASP O 98 63.23 -13.07 -26.16
N VAL O 99 64.04 -12.85 -27.18
CA VAL O 99 65.33 -13.51 -27.21
C VAL O 99 66.22 -13.06 -26.06
N ARG O 100 66.35 -11.76 -25.87
CA ARG O 100 67.12 -11.26 -24.75
C ARG O 100 66.58 -9.93 -24.29
N ASP O 101 67.43 -9.10 -23.70
CA ASP O 101 67.05 -7.72 -23.38
C ASP O 101 66.33 -7.05 -24.56
N PRO O 102 65.10 -6.56 -24.37
CA PRO O 102 64.33 -6.09 -25.52
C PRO O 102 64.70 -4.70 -26.02
N GLY O 103 65.78 -4.11 -25.54
CA GLY O 103 66.24 -2.85 -26.10
C GLY O 103 66.81 -3.03 -27.50
N GLY O 104 67.95 -3.70 -27.59
CA GLY O 104 68.52 -4.06 -28.88
C GLY O 104 69.01 -5.49 -28.87
N LYS O 105 69.06 -6.09 -27.69
CA LYS O 105 69.64 -7.42 -27.54
C LYS O 105 68.63 -8.53 -27.86
N LYS O 106 67.33 -8.23 -27.84
CA LYS O 106 66.32 -9.12 -28.38
C LYS O 106 66.16 -8.80 -29.87
N ASP O 107 66.03 -9.83 -30.70
CA ASP O 107 65.84 -9.64 -32.13
C ASP O 107 64.57 -10.34 -32.59
N VAL O 108 63.98 -9.83 -33.66
CA VAL O 108 62.70 -10.37 -34.11
C VAL O 108 62.79 -11.62 -34.96
N ALA O 109 63.93 -11.93 -35.55
CA ALA O 109 63.95 -13.07 -36.45
C ALA O 109 63.62 -14.40 -35.75
N ALA O 110 64.26 -14.63 -34.62
CA ALA O 110 64.03 -15.86 -33.90
C ALA O 110 62.59 -15.90 -33.44
N GLY O 111 62.10 -14.74 -33.02
CA GLY O 111 60.74 -14.70 -32.52
C GLY O 111 59.77 -15.09 -33.59
N ALA O 112 59.97 -14.54 -34.79
CA ALA O 112 59.05 -14.81 -35.85
C ALA O 112 59.10 -16.25 -36.12
N GLN O 113 60.31 -16.81 -36.21
CA GLN O 113 60.36 -18.21 -36.59
C GLN O 113 59.62 -19.08 -35.59
N ILE O 114 59.88 -18.87 -34.32
CA ILE O 114 59.26 -19.75 -33.34
C ILE O 114 57.74 -19.61 -33.34
N GLU O 115 57.27 -18.37 -33.42
CA GLU O 115 55.84 -18.18 -33.34
C GLU O 115 55.21 -18.84 -34.51
N SER O 116 55.83 -18.67 -35.66
CA SER O 116 55.23 -19.19 -36.86
C SER O 116 55.14 -20.67 -36.71
N ALA O 117 56.21 -21.30 -36.28
CA ALA O 117 56.17 -22.74 -36.22
C ALA O 117 55.10 -23.23 -35.27
N TRP O 118 55.00 -22.62 -34.09
CA TRP O 118 54.02 -23.14 -33.14
C TRP O 118 52.62 -23.02 -33.72
N ALA O 119 52.35 -21.84 -34.24
CA ALA O 119 50.99 -21.63 -34.71
C ALA O 119 50.70 -22.57 -35.83
N ARG O 120 51.63 -22.80 -36.74
CA ARG O 120 51.41 -23.77 -37.82
C ARG O 120 50.75 -25.10 -37.39
N TRP O 121 51.44 -25.87 -36.56
CA TRP O 121 50.90 -27.15 -36.08
C TRP O 121 49.66 -26.96 -35.21
N GLY O 122 49.54 -25.79 -34.57
CA GLY O 122 48.35 -25.49 -33.79
C GLY O 122 47.13 -25.48 -34.70
N LYS O 123 47.30 -25.01 -35.93
CA LYS O 123 46.20 -25.00 -36.91
C LYS O 123 45.88 -26.43 -37.32
N MET O 124 44.71 -26.66 -37.92
CA MET O 124 44.30 -28.05 -38.21
C MET O 124 45.34 -28.79 -39.02
N LYS O 125 45.76 -29.94 -38.51
CA LYS O 125 46.81 -30.73 -39.18
C LYS O 125 46.84 -32.13 -38.61
N ASN O 126 47.55 -33.05 -39.27
CA ASN O 126 47.73 -34.38 -38.72
C ASN O 126 48.56 -34.34 -37.43
N SER O 127 49.54 -33.44 -37.38
CA SER O 127 50.46 -33.37 -36.23
C SER O 127 49.98 -33.09 -34.80
N PRO O 128 48.96 -32.22 -34.60
CA PRO O 128 48.61 -31.93 -33.20
C PRO O 128 48.14 -33.08 -32.30
N THR O 129 47.36 -34.04 -32.79
CA THR O 129 46.83 -35.09 -31.90
C THR O 129 46.74 -36.50 -32.51
N PRO O 130 46.81 -37.59 -31.69
CA PRO O 130 46.53 -38.91 -32.29
C PRO O 130 45.08 -39.07 -32.71
N CYS O 131 44.22 -38.13 -32.30
CA CYS O 131 43.01 -37.80 -33.04
C CYS O 131 43.36 -36.97 -34.27
N GLY O 132 42.53 -36.02 -34.60
CA GLY O 132 42.52 -35.44 -35.92
C GLY O 132 41.20 -34.80 -36.26
N ARG O 133 40.29 -34.75 -35.29
CA ARG O 133 39.19 -33.81 -35.31
C ARG O 133 39.50 -32.55 -34.51
N LEU O 134 40.74 -32.42 -34.02
CA LEU O 134 41.04 -31.36 -33.05
C LEU O 134 42.22 -30.49 -33.48
N SER O 135 42.61 -29.61 -32.57
CA SER O 135 43.70 -28.67 -32.84
C SER O 135 44.13 -28.12 -31.49
N TRP O 136 45.08 -27.20 -31.47
CA TRP O 136 45.60 -26.65 -30.21
C TRP O 136 44.62 -25.87 -29.39
N TRP O 137 43.80 -25.10 -30.09
CA TRP O 137 42.81 -24.31 -29.41
C TRP O 137 41.90 -25.28 -28.71
N GLY O 138 41.57 -26.34 -29.45
CA GLY O 138 40.66 -27.30 -28.88
C GLY O 138 41.31 -27.89 -27.67
N VAL O 139 42.57 -28.26 -27.76
CA VAL O 139 43.12 -28.87 -26.57
C VAL O 139 43.08 -27.90 -25.41
N GLU O 140 43.41 -26.64 -25.58
CA GLU O 140 43.36 -25.78 -24.39
C GLU O 140 41.98 -25.72 -23.82
N CYS O 141 40.99 -25.51 -24.67
CA CYS O 141 39.65 -25.33 -24.14
C CYS O 141 39.25 -26.57 -23.38
N GLN O 142 39.54 -27.70 -23.97
CA GLN O 142 39.11 -28.90 -23.33
C GLN O 142 39.80 -29.21 -22.04
N VAL O 143 41.09 -28.98 -22.01
CA VAL O 143 41.82 -29.29 -20.83
C VAL O 143 41.23 -28.40 -19.76
N ALA O 144 40.90 -27.15 -20.08
CA ALA O 144 40.27 -26.30 -19.09
C ALA O 144 38.89 -26.70 -18.60
N THR O 145 38.04 -27.19 -19.49
CA THR O 145 36.74 -27.67 -19.04
C THR O 145 36.95 -28.82 -18.13
N GLY O 146 37.90 -29.67 -18.50
CA GLY O 146 38.10 -30.88 -17.73
C GLY O 146 38.53 -30.41 -16.40
N ILE O 147 39.35 -29.37 -16.40
CA ILE O 147 39.87 -28.89 -15.17
C ILE O 147 38.75 -28.42 -14.33
N ALA O 148 37.86 -27.60 -14.80
CA ALA O 148 36.88 -27.19 -13.81
C ALA O 148 36.21 -28.44 -13.29
N ARG O 149 35.38 -29.08 -14.11
CA ARG O 149 34.58 -30.24 -13.66
C ARG O 149 35.29 -31.30 -12.82
N GLU O 150 36.51 -31.68 -13.17
CA GLU O 150 37.16 -32.75 -12.44
C GLU O 150 38.28 -32.29 -11.54
N GLY O 151 38.41 -30.99 -11.37
CA GLY O 151 39.52 -30.48 -10.59
C GLY O 151 40.88 -30.84 -11.15
N GLY O 152 41.02 -30.77 -12.47
CA GLY O 152 42.29 -31.06 -13.10
C GLY O 152 42.35 -32.29 -13.97
N SER O 153 43.23 -32.27 -14.96
CA SER O 153 43.31 -33.37 -15.89
C SER O 153 44.69 -33.42 -16.45
N PHE O 154 45.04 -34.49 -17.15
CA PHE O 154 46.40 -34.65 -17.62
C PHE O 154 46.53 -34.82 -19.11
N VAL O 155 47.70 -34.50 -19.64
CA VAL O 155 47.94 -34.71 -21.06
C VAL O 155 49.25 -35.45 -21.22
N ARG O 156 49.39 -36.23 -22.28
CA ARG O 156 50.62 -36.97 -22.49
C ARG O 156 51.18 -36.76 -23.86
N ILE O 157 52.50 -36.78 -23.99
CA ILE O 157 53.13 -36.51 -25.26
C ILE O 157 53.77 -37.75 -25.87
N HIS O 158 53.64 -37.92 -27.19
CA HIS O 158 54.22 -39.07 -27.87
C HIS O 158 55.22 -38.60 -28.91
N GLN O 159 56.33 -39.29 -29.05
CA GLN O 159 57.26 -38.91 -30.11
C GLN O 159 57.60 -40.05 -31.06
N GLY O 160 57.89 -39.76 -32.34
CA GLY O 160 58.23 -40.81 -33.31
C GLY O 160 57.11 -41.19 -34.27
N THR O 161 55.95 -41.62 -33.76
CA THR O 161 54.80 -41.88 -34.62
C THR O 161 54.31 -40.61 -35.25
N ASN O 162 54.16 -39.53 -34.47
CA ASN O 162 53.68 -38.21 -34.97
C ASN O 162 52.29 -38.21 -35.58
N PHE O 213 57.40 -35.00 -37.80
CA PHE O 213 57.25 -34.20 -36.59
C PHE O 213 57.25 -35.09 -35.35
N GLY O 214 56.58 -34.64 -34.29
CA GLY O 214 56.54 -35.40 -33.06
C GLY O 214 55.92 -34.60 -31.94
N PHE O 215 56.00 -35.09 -30.71
CA PHE O 215 55.46 -34.38 -29.55
C PHE O 215 53.97 -34.08 -29.66
N GLN O 216 53.19 -34.99 -30.24
CA GLN O 216 51.75 -34.79 -30.28
C GLN O 216 51.18 -34.97 -28.89
N VAL O 217 50.20 -34.15 -28.52
CA VAL O 217 49.66 -34.22 -27.17
C VAL O 217 48.26 -34.79 -27.16
N GLU O 218 48.05 -35.80 -26.32
CA GLU O 218 46.73 -36.42 -26.24
C GLU O 218 46.15 -36.31 -24.81
N PRO O 219 44.88 -35.84 -24.68
CA PRO O 219 44.39 -35.82 -23.29
C PRO O 219 43.81 -37.16 -22.89
N ILE O 220 43.99 -37.52 -21.63
CA ILE O 220 43.48 -38.79 -21.14
C ILE O 220 42.45 -38.54 -20.08
N PRO O 221 41.36 -39.31 -20.08
CA PRO O 221 40.28 -39.07 -19.12
C PRO O 221 40.72 -39.27 -17.68
N PHE O 222 40.14 -38.50 -16.76
CA PHE O 222 40.53 -38.57 -15.35
C PHE O 222 40.30 -39.92 -14.74
N ASP O 223 39.21 -40.58 -15.10
CA ASP O 223 38.87 -41.85 -14.46
C ASP O 223 39.90 -42.94 -14.65
N LEU O 224 40.76 -42.79 -15.63
CA LEU O 224 41.78 -43.79 -15.90
C LEU O 224 42.69 -44.03 -14.70
N LEU O 225 42.95 -43.01 -13.89
CA LEU O 225 43.86 -43.16 -12.75
C LEU O 225 43.41 -44.21 -11.73
N ASP O 226 44.35 -45.00 -11.21
CA ASP O 226 44.03 -46.05 -10.25
C ASP O 226 44.11 -45.57 -8.81
N LEU O 227 42.97 -45.43 -8.15
CA LEU O 227 43.00 -44.93 -6.79
C LEU O 227 43.50 -45.98 -5.81
N ASP O 228 43.40 -47.24 -6.19
CA ASP O 228 43.72 -48.32 -5.26
C ASP O 228 45.17 -48.66 -5.03
N LEU O 229 46.03 -48.39 -6.00
CA LEU O 229 47.41 -48.80 -5.83
C LEU O 229 47.96 -48.05 -4.66
N THR O 230 48.50 -48.79 -3.69
CA THR O 230 49.01 -48.20 -2.46
C THR O 230 50.06 -49.16 -1.92
N GLY O 231 50.74 -48.78 -0.85
CA GLY O 231 51.71 -49.66 -0.22
C GLY O 231 53.12 -49.37 -0.69
N PRO O 232 54.03 -49.08 0.24
CA PRO O 232 55.42 -48.75 -0.12
C PRO O 232 56.28 -49.97 -0.43
N THR O 233 57.34 -49.77 -1.21
CA THR O 233 58.26 -50.87 -1.48
C THR O 233 59.38 -50.85 -0.41
N PRO O 234 60.07 -52.00 -0.15
CA PRO O 234 61.09 -51.87 0.90
C PRO O 234 62.13 -50.83 0.54
N GLY O 235 62.56 -50.79 -0.73
CA GLY O 235 63.51 -49.79 -1.15
C GLY O 235 62.88 -48.55 -1.76
N GLY O 236 61.54 -48.48 -1.76
CA GLY O 236 60.87 -47.37 -2.41
C GLY O 236 59.76 -46.67 -1.65
N GLY O 237 59.46 -45.43 -2.04
CA GLY O 237 58.41 -44.66 -1.39
C GLY O 237 56.99 -45.07 -1.75
N PHE O 238 56.00 -44.51 -1.07
CA PHE O 238 54.59 -44.90 -1.29
C PHE O 238 54.03 -44.66 -2.69
N VAL O 239 53.16 -45.58 -3.15
CA VAL O 239 52.54 -45.43 -4.47
C VAL O 239 51.04 -45.09 -4.39
N GLU O 240 50.58 -44.66 -3.22
CA GLU O 240 49.17 -44.26 -3.00
C GLU O 240 48.52 -43.37 -4.08
N SER O 241 47.22 -43.53 -4.30
CA SER O 241 46.51 -42.76 -5.30
C SER O 241 47.27 -42.70 -6.59
N GLY O 242 47.93 -43.79 -6.93
CA GLY O 242 48.62 -43.85 -8.20
C GLY O 242 49.72 -42.84 -8.41
N VAL O 243 50.39 -42.42 -7.34
CA VAL O 243 51.52 -41.52 -7.54
C VAL O 243 52.77 -42.19 -7.02
N GLU O 244 53.81 -42.24 -7.83
CA GLU O 244 55.01 -42.92 -7.40
C GLU O 244 55.93 -41.93 -6.78
N PHE O 245 56.04 -41.97 -5.46
CA PHE O 245 56.96 -41.09 -4.78
C PHE O 245 58.34 -41.70 -4.85
N ASP O 246 59.37 -40.91 -4.56
CA ASP O 246 60.73 -41.43 -4.57
C ASP O 246 61.32 -41.51 -3.20
N ALA O 247 62.59 -41.86 -3.10
CA ALA O 247 63.29 -41.80 -1.83
C ALA O 247 63.42 -40.38 -1.29
N THR O 248 63.43 -39.39 -2.18
CA THR O 248 63.36 -37.99 -1.82
C THR O 248 61.91 -37.57 -1.56
N ASP O 249 60.97 -38.50 -1.81
CA ASP O 249 59.52 -38.26 -1.84
C ASP O 249 59.20 -37.18 -2.88
N ARG O 250 59.87 -37.31 -4.03
CA ARG O 250 59.69 -36.46 -5.19
C ARG O 250 58.90 -37.24 -6.23
N VAL O 251 58.18 -36.51 -7.09
CA VAL O 251 57.34 -37.16 -8.08
C VAL O 251 58.22 -37.66 -9.22
N VAL O 252 58.03 -38.92 -9.59
CA VAL O 252 58.79 -39.52 -10.70
C VAL O 252 57.91 -40.33 -11.61
N ALA O 253 56.94 -41.03 -11.05
CA ALA O 253 56.06 -41.76 -11.93
C ALA O 253 54.60 -41.66 -11.62
N TYR O 254 53.77 -41.99 -12.59
CA TYR O 254 52.35 -41.99 -12.37
C TYR O 254 51.86 -43.37 -12.71
N HIS O 255 50.74 -43.76 -12.15
CA HIS O 255 50.24 -45.10 -12.37
C HIS O 255 48.80 -45.11 -12.84
N MET O 256 48.57 -44.78 -14.10
CA MET O 256 47.22 -44.84 -14.64
C MET O 256 46.82 -46.29 -14.70
N TRP O 257 45.52 -46.55 -14.73
CA TRP O 257 45.04 -47.91 -14.92
C TRP O 257 45.51 -48.38 -16.19
N SER O 258 44.78 -48.09 -17.21
CA SER O 258 45.20 -48.66 -18.41
C SER O 258 44.59 -48.02 -19.53
N ALA O 259 44.81 -48.57 -20.67
CA ALA O 259 44.18 -48.05 -21.81
C ALA O 259 42.75 -48.28 -21.68
N ALA O 260 42.42 -49.40 -21.11
CA ALA O 260 41.05 -49.70 -21.06
C ALA O 260 40.37 -48.61 -20.30
N ALA O 269 44.12 -53.41 -23.02
CA ALA O 269 43.38 -53.85 -21.87
C ALA O 269 44.38 -54.15 -20.81
N ARG O 270 45.64 -54.04 -21.14
CA ARG O 270 46.59 -54.44 -20.17
C ARG O 270 46.61 -53.36 -19.25
N ARG O 271 46.27 -53.68 -18.06
CA ARG O 271 46.18 -52.64 -17.13
C ARG O 271 47.53 -52.24 -16.56
N ARG O 272 47.55 -51.23 -15.72
CA ARG O 272 48.74 -50.76 -15.08
C ARG O 272 49.88 -50.33 -15.94
N LEU O 273 50.12 -49.01 -16.12
CA LEU O 273 51.30 -48.61 -16.82
C LEU O 273 51.97 -47.55 -16.03
N ARG O 274 53.18 -47.81 -15.59
CA ARG O 274 53.90 -46.77 -14.90
C ARG O 274 54.22 -45.84 -16.04
N ILE O 275 53.94 -44.56 -15.87
CA ILE O 275 54.31 -43.62 -16.90
C ILE O 275 55.24 -42.58 -16.34
N PRO O 276 56.33 -42.29 -17.05
CA PRO O 276 57.30 -41.34 -16.53
C PRO O 276 56.65 -39.99 -16.42
N ALA O 277 57.05 -39.22 -15.43
CA ALA O 277 56.44 -37.93 -15.21
C ALA O 277 56.60 -37.06 -16.41
N ALA O 278 57.70 -37.20 -17.13
CA ALA O 278 57.93 -36.30 -18.24
C ALA O 278 56.79 -36.42 -19.22
N GLN O 279 56.26 -37.62 -19.38
CA GLN O 279 55.21 -37.80 -20.34
C GLN O 279 53.87 -37.29 -19.82
N MET O 280 53.61 -37.40 -18.54
CA MET O 280 52.30 -37.00 -18.04
C MET O 280 52.36 -35.82 -17.10
N LEU O 281 51.65 -34.75 -17.46
CA LEU O 281 51.66 -33.57 -16.62
C LEU O 281 50.27 -33.27 -16.12
N TYR O 282 50.12 -33.09 -14.81
CA TYR O 282 48.81 -32.87 -14.22
C TYR O 282 48.71 -31.44 -13.76
N VAL O 283 47.74 -30.70 -14.29
CA VAL O 283 47.54 -29.32 -13.83
C VAL O 283 46.75 -29.45 -12.55
N LEU O 284 46.96 -28.55 -11.59
CA LEU O 284 46.31 -28.74 -10.29
C LEU O 284 45.53 -27.65 -9.56
N VAL O 285 45.40 -26.44 -10.09
CA VAL O 285 44.75 -25.34 -9.35
C VAL O 285 44.95 -25.40 -7.81
N PRO O 286 46.15 -25.03 -7.29
CA PRO O 286 46.36 -25.19 -5.85
C PRO O 286 45.48 -24.41 -4.92
N GLU O 287 44.98 -25.08 -3.89
CA GLU O 287 44.19 -24.39 -2.89
C GLU O 287 44.92 -24.61 -1.60
N GLU O 288 44.53 -25.63 -0.85
CA GLU O 288 45.29 -25.96 0.33
C GLU O 288 46.52 -26.61 -0.23
N ILE O 289 47.68 -26.29 0.32
CA ILE O 289 48.89 -26.84 -0.28
C ILE O 289 49.12 -28.34 -0.18
N GLY O 290 48.79 -28.97 0.95
CA GLY O 290 49.13 -30.37 1.09
C GLY O 290 48.18 -31.31 0.43
N GLN O 291 48.17 -31.31 -0.90
CA GLN O 291 47.33 -32.23 -1.62
C GLN O 291 48.03 -32.86 -2.80
N ALA O 292 47.66 -34.09 -3.13
CA ALA O 292 48.21 -34.71 -4.32
C ALA O 292 47.22 -34.63 -5.45
N LEU O 293 46.09 -33.95 -5.22
CA LEU O 293 45.04 -33.91 -6.24
C LEU O 293 44.14 -32.71 -6.11
N GLY O 294 43.36 -32.42 -7.15
CA GLY O 294 42.42 -31.30 -7.05
C GLY O 294 40.93 -31.59 -7.12
N VAL O 295 40.18 -31.02 -6.18
CA VAL O 295 38.75 -31.26 -6.10
C VAL O 295 37.95 -30.55 -7.18
N PRO O 296 36.79 -31.09 -7.55
CA PRO O 296 35.97 -30.35 -8.50
C PRO O 296 35.60 -29.03 -7.88
N ARG O 297 35.71 -27.94 -8.63
CA ARG O 297 35.43 -26.61 -8.07
C ARG O 297 33.95 -26.41 -7.81
N SER O 298 33.14 -27.37 -8.24
CA SER O 298 31.69 -27.26 -8.08
C SER O 298 31.20 -27.94 -6.81
N ALA O 299 32.12 -28.44 -5.99
CA ALA O 299 31.72 -29.21 -4.80
C ALA O 299 30.83 -28.46 -3.81
N THR O 300 31.13 -27.19 -3.55
CA THR O 300 30.36 -26.44 -2.57
C THR O 300 28.90 -26.31 -2.96
N ALA O 301 28.63 -26.05 -4.24
CA ALA O 301 27.25 -25.88 -4.69
C ALA O 301 26.63 -27.16 -5.22
N LEU O 302 27.40 -28.26 -5.25
CA LEU O 302 26.88 -29.50 -5.82
C LEU O 302 25.67 -30.00 -5.05
N ARG O 303 25.72 -29.89 -3.73
CA ARG O 303 24.61 -30.32 -2.92
C ARG O 303 23.41 -29.40 -3.13
N LEU O 304 23.64 -28.08 -3.05
CA LEU O 304 22.51 -27.13 -3.18
C LEU O 304 21.79 -27.26 -4.53
N MET O 305 22.52 -27.41 -5.62
CA MET O 305 21.96 -27.52 -6.97
C MET O 305 21.11 -28.75 -7.18
N ASN O 306 21.51 -29.88 -6.63
CA ASN O 306 20.73 -31.06 -6.85
C ASN O 306 19.40 -30.76 -6.22
N LEU O 307 19.47 -30.24 -5.00
CA LEU O 307 18.17 -30.07 -4.41
C LEU O 307 17.32 -29.09 -5.22
N SER O 308 17.97 -28.03 -5.69
CA SER O 308 17.23 -27.02 -6.43
C SER O 308 16.59 -27.50 -7.71
N GLU O 309 17.29 -28.33 -8.48
CA GLU O 309 16.70 -28.87 -9.68
C GLU O 309 15.56 -29.78 -9.36
N LYS O 310 15.70 -30.59 -8.34
CA LYS O 310 14.53 -31.40 -8.04
C LYS O 310 13.34 -30.48 -7.72
N PHE O 311 13.60 -29.40 -6.97
CA PHE O 311 12.51 -28.48 -6.67
C PHE O 311 11.88 -27.84 -7.89
N GLN O 312 12.70 -27.41 -8.84
CA GLN O 312 12.15 -26.77 -10.02
C GLN O 312 11.32 -27.77 -10.77
N GLU O 313 11.77 -29.02 -10.84
CA GLU O 313 10.94 -30.02 -11.50
C GLU O 313 9.61 -30.28 -10.80
N SER O 314 9.58 -30.31 -9.48
CA SER O 314 8.29 -30.49 -8.80
C SER O 314 7.28 -29.36 -8.93
N ALA O 315 7.69 -28.13 -8.72
CA ALA O 315 6.81 -26.98 -8.80
C ALA O 315 6.11 -26.85 -10.14
N LEU O 316 6.85 -27.02 -11.23
CA LEU O 316 6.13 -26.86 -12.49
C LEU O 316 5.05 -27.92 -12.55
N THR O 317 5.38 -29.12 -12.11
CA THR O 317 4.38 -30.16 -12.25
C THR O 317 3.13 -29.89 -11.42
N ALA O 318 3.33 -29.40 -10.21
CA ALA O 318 2.20 -29.08 -9.37
C ALA O 318 1.35 -27.99 -9.97
N ALA O 319 1.98 -26.99 -10.57
CA ALA O 319 1.20 -25.96 -11.23
C ALA O 319 0.36 -26.53 -12.35
N ASN O 320 0.95 -27.40 -13.15
CA ASN O 320 0.12 -27.96 -14.19
C ASN O 320 -1.07 -28.67 -13.58
N TYR O 321 -0.86 -29.47 -12.53
CA TYR O 321 -2.01 -30.22 -12.02
C TYR O 321 -3.05 -29.28 -11.51
N GLY O 322 -2.62 -28.21 -10.85
CA GLY O 322 -3.55 -27.25 -10.30
C GLY O 322 -4.38 -26.56 -11.36
N ALA O 323 -3.77 -26.19 -12.47
CA ALA O 323 -4.57 -25.64 -13.55
C ALA O 323 -5.52 -26.66 -14.13
N SER O 324 -5.08 -27.90 -14.28
CA SER O 324 -5.94 -28.90 -14.92
C SER O 324 -7.23 -29.40 -14.24
N ASN O 325 -7.25 -29.61 -12.94
CA ASN O 325 -8.41 -30.18 -12.27
C ASN O 325 -9.58 -29.25 -12.21
N MET O 326 -9.38 -28.00 -12.54
CA MET O 326 -10.50 -27.06 -12.59
C MET O 326 -11.35 -27.08 -11.33
N VAL O 327 -12.66 -27.15 -11.46
CA VAL O 327 -13.54 -27.18 -10.30
C VAL O 327 -13.76 -28.54 -9.68
N PHE O 328 -14.00 -28.60 -8.37
CA PHE O 328 -14.33 -29.87 -7.73
C PHE O 328 -15.79 -29.76 -7.33
N PHE O 329 -16.65 -30.69 -7.74
CA PHE O 329 -18.05 -30.66 -7.32
C PHE O 329 -18.29 -31.43 -6.03
N GLU O 330 -17.92 -30.87 -4.89
CA GLU O 330 -18.05 -31.58 -3.61
C GLU O 330 -19.47 -31.80 -3.16
N ARG O 331 -19.70 -32.91 -2.46
CA ARG O 331 -21.04 -33.26 -2.05
C ARG O 331 -21.18 -33.44 -0.56
N ALA O 332 -22.39 -33.30 -0.03
CA ALA O 332 -22.61 -33.55 1.38
C ALA O 332 -22.66 -35.05 1.57
N ALA O 333 -22.71 -35.52 2.81
CA ALA O 333 -22.66 -36.97 3.03
C ALA O 333 -24.01 -37.65 2.92
N ASP O 334 -24.56 -37.72 1.70
CA ASP O 334 -25.82 -38.39 1.52
C ASP O 334 -25.86 -39.43 0.43
N ASN O 335 -25.55 -39.05 -0.81
CA ASN O 335 -25.71 -39.98 -1.91
C ASN O 335 -24.47 -40.41 -2.66
N GLY O 336 -24.59 -40.58 -3.97
CA GLY O 336 -23.47 -41.08 -4.74
C GLY O 336 -23.54 -42.58 -4.60
N VAL O 337 -24.64 -43.07 -4.04
CA VAL O 337 -24.79 -44.48 -3.80
C VAL O 337 -24.83 -45.34 -5.04
N VAL O 338 -24.21 -46.52 -4.97
CA VAL O 338 -24.29 -47.47 -6.08
C VAL O 338 -23.95 -46.89 -7.43
N THR O 339 -22.91 -46.08 -7.46
CA THR O 339 -22.44 -45.61 -8.74
C THR O 339 -22.04 -46.91 -9.38
N GLY O 340 -22.70 -47.31 -10.45
CA GLY O 340 -22.44 -48.63 -11.02
C GLY O 340 -21.03 -48.88 -11.51
N PRO O 341 -20.50 -50.04 -11.17
CA PRO O 341 -19.15 -50.40 -11.60
C PRO O 341 -18.98 -50.57 -13.07
N GLU O 342 -19.94 -51.17 -13.75
CA GLU O 342 -19.75 -51.50 -15.16
C GLU O 342 -19.52 -50.35 -16.13
N ASP O 343 -20.27 -49.27 -15.98
CA ASP O 343 -20.14 -48.15 -16.89
C ASP O 343 -18.78 -47.52 -16.78
N ASP O 344 -18.15 -47.64 -15.62
CA ASP O 344 -16.88 -46.96 -15.39
C ASP O 344 -15.75 -47.33 -16.33
N ALA O 345 -15.62 -48.59 -16.64
CA ALA O 345 -14.48 -49.02 -17.45
C ALA O 345 -14.43 -48.46 -18.86
N GLN O 346 -15.57 -48.37 -19.56
CA GLN O 346 -15.54 -47.96 -20.96
C GLN O 346 -15.06 -46.56 -21.35
N ILE O 347 -15.52 -45.52 -20.67
CA ILE O 347 -15.12 -44.18 -21.07
C ILE O 347 -15.23 -43.10 -20.01
N PRO O 348 -14.45 -42.02 -20.15
CA PRO O 348 -14.63 -40.89 -19.23
C PRO O 348 -15.50 -39.93 -20.02
N ILE O 349 -16.66 -39.57 -19.51
CA ILE O 349 -17.59 -38.76 -20.30
C ILE O 349 -17.08 -37.40 -20.76
N ASP O 350 -17.43 -37.00 -21.99
CA ASP O 350 -17.07 -35.67 -22.49
C ASP O 350 -18.33 -34.80 -22.51
N GLN O 351 -18.28 -33.64 -21.85
CA GLN O 351 -19.43 -32.75 -21.79
C GLN O 351 -19.09 -31.41 -22.44
N ILE O 352 -19.96 -30.91 -23.31
CA ILE O 352 -19.62 -29.69 -24.05
C ILE O 352 -19.96 -28.38 -23.34
N GLU O 353 -18.95 -27.55 -23.09
CA GLU O 353 -19.17 -26.26 -22.45
C GLU O 353 -18.67 -25.20 -23.39
N ALA O 354 -18.55 -25.55 -24.66
CA ALA O 354 -18.00 -24.62 -25.63
C ALA O 354 -18.83 -23.37 -25.75
N GLY O 355 -20.13 -23.50 -25.67
CA GLY O 355 -20.96 -22.33 -25.88
C GLY O 355 -20.60 -21.25 -24.90
N THR O 356 -20.53 -20.01 -25.39
CA THR O 356 -20.17 -18.90 -24.53
C THR O 356 -20.93 -18.87 -23.23
N LEU O 357 -22.22 -18.59 -23.31
CA LEU O 357 -22.97 -18.46 -22.09
C LEU O 357 -23.45 -19.84 -21.74
N THR O 358 -23.04 -20.32 -20.60
CA THR O 358 -23.50 -21.62 -20.19
C THR O 358 -23.79 -21.61 -18.71
N GLU O 359 -24.81 -20.90 -18.30
CA GLU O 359 -25.16 -20.95 -16.90
C GLU O 359 -25.51 -22.38 -16.59
N LEU O 360 -25.03 -22.91 -15.48
CA LEU O 360 -25.25 -24.31 -15.17
C LEU O 360 -25.97 -24.52 -13.85
N PRO O 361 -26.95 -25.44 -13.81
CA PRO O 361 -27.61 -25.74 -12.54
C PRO O 361 -27.16 -27.07 -11.94
N PRO O 362 -26.73 -27.09 -10.68
CA PRO O 362 -26.23 -28.31 -10.04
C PRO O 362 -27.13 -28.96 -9.01
N GLY O 363 -27.09 -30.27 -8.86
CA GLY O 363 -27.87 -30.95 -7.83
C GLY O 363 -27.54 -30.63 -6.37
N VAL O 364 -26.25 -30.43 -6.03
CA VAL O 364 -25.82 -30.19 -4.61
C VAL O 364 -24.90 -28.99 -4.28
N LYS O 365 -23.61 -29.01 -4.65
CA LYS O 365 -22.71 -27.85 -4.40
C LYS O 365 -21.50 -27.78 -5.31
N ALA O 366 -20.82 -26.64 -5.35
CA ALA O 366 -19.58 -26.51 -6.17
C ALA O 366 -18.45 -25.76 -5.49
N VAL O 367 -17.21 -26.06 -5.86
CA VAL O 367 -16.08 -25.33 -5.30
C VAL O 367 -15.01 -25.07 -6.35
N SER O 368 -14.17 -24.06 -6.14
CA SER O 368 -13.16 -23.72 -7.13
C SER O 368 -11.79 -23.98 -6.59
N HIS O 369 -10.98 -24.71 -7.34
CA HIS O 369 -9.66 -25.06 -6.84
C HIS O 369 -8.83 -23.82 -6.79
N ASN O 370 -8.13 -23.61 -5.68
CA ASN O 370 -7.24 -22.49 -5.59
C ASN O 370 -5.85 -23.04 -5.63
N PRO O 371 -5.09 -22.65 -6.65
CA PRO O 371 -3.77 -23.25 -6.78
C PRO O 371 -2.87 -22.70 -5.72
N ALA O 372 -2.16 -23.57 -5.05
CA ALA O 372 -1.22 -23.13 -4.05
C ALA O 372 0.15 -23.34 -4.59
N TYR O 373 0.24 -23.59 -5.88
CA TYR O 373 1.54 -23.88 -6.46
C TYR O 373 2.33 -22.66 -6.18
N PRO O 374 3.62 -22.84 -5.80
CA PRO O 374 4.32 -21.60 -5.45
C PRO O 374 4.07 -20.52 -6.47
N ASP O 375 3.53 -19.38 -6.06
CA ASP O 375 3.15 -18.39 -7.03
C ASP O 375 4.17 -17.29 -7.24
N ALA O 376 4.31 -16.42 -6.26
CA ALA O 376 5.29 -15.36 -6.36
C ALA O 376 6.30 -15.51 -5.26
N ALA O 377 6.10 -16.50 -4.41
CA ALA O 377 7.05 -16.76 -3.35
C ALA O 377 8.36 -17.18 -3.96
N VAL O 378 8.29 -17.90 -5.05
CA VAL O 378 9.50 -18.44 -5.62
C VAL O 378 10.60 -17.47 -6.00
N GLY O 379 10.29 -16.32 -6.57
CA GLY O 379 11.39 -15.47 -7.01
C GLY O 379 12.32 -15.03 -5.91
N PRO O 380 11.78 -14.53 -4.80
CA PRO O 380 12.69 -14.23 -3.70
C PRO O 380 13.37 -15.46 -3.08
N PHE O 381 12.63 -16.55 -2.87
CA PHE O 381 13.22 -17.71 -2.21
C PHE O 381 14.35 -18.28 -3.03
N LEU O 382 14.14 -18.41 -4.33
CA LEU O 382 15.16 -19.03 -5.15
C LEU O 382 16.41 -18.19 -5.17
N ARG O 383 16.25 -16.88 -5.24
CA ARG O 383 17.41 -16.04 -5.35
C ARG O 383 18.30 -16.18 -4.16
N GLN O 384 17.73 -16.24 -2.97
CA GLN O 384 18.59 -16.27 -1.81
C GLN O 384 19.43 -17.55 -1.74
N MET O 385 18.83 -18.69 -2.02
CA MET O 385 19.61 -19.92 -2.04
C MET O 385 20.63 -19.80 -3.14
N GLY O 386 20.24 -19.21 -4.26
CA GLY O 386 21.14 -19.05 -5.38
C GLY O 386 22.35 -18.19 -5.07
N THR O 387 22.20 -17.14 -4.28
CA THR O 387 23.31 -16.26 -4.01
C THR O 387 24.36 -17.08 -3.32
N SER O 388 23.93 -17.96 -2.44
CA SER O 388 24.88 -18.75 -1.70
C SER O 388 25.72 -19.62 -2.63
N GLN O 389 25.07 -20.22 -3.62
CA GLN O 389 25.79 -21.10 -4.52
C GLN O 389 26.83 -20.31 -5.27
N ALA O 390 26.47 -19.12 -5.71
CA ALA O 390 27.39 -18.35 -6.51
C ALA O 390 28.62 -17.99 -5.72
N ALA O 391 28.42 -17.62 -4.47
CA ALA O 391 29.55 -17.21 -3.66
C ALA O 391 30.46 -18.39 -3.57
N GLY O 392 29.89 -19.58 -3.42
CA GLY O 392 30.68 -20.78 -3.32
C GLY O 392 31.50 -21.09 -4.55
N LEU O 393 30.96 -20.82 -5.73
CA LEU O 393 31.66 -21.17 -6.94
C LEU O 393 32.61 -20.09 -7.37
N GLY O 394 32.68 -19.01 -6.62
CA GLY O 394 33.60 -17.95 -6.94
C GLY O 394 33.25 -17.17 -8.18
N VAL O 395 31.96 -17.00 -8.44
CA VAL O 395 31.52 -16.22 -9.58
C VAL O 395 30.37 -15.28 -9.21
N SER O 396 30.23 -14.16 -9.91
CA SER O 396 29.14 -13.24 -9.65
C SER O 396 27.83 -13.88 -10.01
N TYR O 397 26.78 -13.60 -9.24
CA TYR O 397 25.50 -14.23 -9.48
C TYR O 397 24.95 -13.90 -10.84
N GLU O 398 25.08 -12.66 -11.26
CA GLU O 398 24.49 -12.27 -12.52
C GLU O 398 25.09 -13.05 -13.66
N THR O 399 26.40 -13.26 -13.66
CA THR O 399 26.97 -14.07 -14.71
C THR O 399 26.52 -15.52 -14.64
N LEU O 400 26.50 -16.10 -13.45
CA LEU O 400 26.19 -17.51 -13.32
C LEU O 400 24.78 -17.83 -13.73
N THR O 401 23.85 -17.01 -13.27
CA THR O 401 22.47 -17.23 -13.62
C THR O 401 22.04 -15.92 -14.17
N ALA O 402 21.39 -15.89 -15.32
CA ALA O 402 21.07 -14.61 -15.89
C ALA O 402 19.82 -13.99 -15.31
N ASP O 403 19.78 -13.78 -14.00
CA ASP O 403 18.64 -13.08 -13.42
C ASP O 403 18.67 -11.66 -13.94
N LEU O 404 19.84 -11.02 -13.90
CA LEU O 404 19.98 -9.69 -14.48
C LEU O 404 18.88 -8.75 -14.08
N SER O 405 18.56 -8.70 -12.81
CA SER O 405 17.47 -7.86 -12.36
C SER O 405 17.88 -6.94 -11.24
N GLY O 406 17.25 -5.78 -11.16
CA GLY O 406 17.57 -4.83 -10.11
C GLY O 406 19.03 -4.48 -10.07
N ALA O 407 19.60 -4.09 -11.20
CA ALA O 407 20.99 -3.66 -11.17
C ALA O 407 21.25 -2.31 -11.78
N ASN O 408 21.88 -1.42 -11.02
CA ASN O 408 22.27 -0.13 -11.57
C ASN O 408 23.60 -0.31 -12.25
N PHE O 409 24.09 0.71 -12.92
CA PHE O 409 25.31 0.55 -13.66
C PHE O 409 26.42 0.19 -12.72
N SER O 410 26.44 0.83 -11.58
CA SER O 410 27.53 0.58 -10.66
C SER O 410 27.56 -0.86 -10.18
N SER O 411 26.41 -1.45 -9.91
CA SER O 411 26.40 -2.79 -9.36
C SER O 411 27.03 -3.74 -10.35
N LEU O 412 26.70 -3.56 -11.62
CA LEU O 412 27.27 -4.41 -12.62
C LEU O 412 28.76 -4.25 -12.70
N ARG O 413 29.25 -3.02 -12.62
CA ARG O 413 30.68 -2.82 -12.76
C ARG O 413 31.42 -3.53 -11.65
N ALA O 414 30.90 -3.44 -10.44
CA ALA O 414 31.58 -4.06 -9.32
C ALA O 414 31.66 -5.56 -9.48
N GLY O 415 30.56 -6.16 -9.91
CA GLY O 415 30.53 -7.60 -10.03
C GLY O 415 31.56 -8.07 -11.01
N LYS O 416 31.68 -7.35 -12.12
CA LYS O 416 32.62 -7.76 -13.11
C LYS O 416 33.99 -7.69 -12.53
N GLY O 417 34.27 -6.67 -11.76
CA GLY O 417 35.63 -6.53 -11.26
C GLY O 417 36.07 -7.70 -10.41
N GLU O 418 35.19 -8.18 -9.53
CA GLU O 418 35.53 -9.31 -8.67
C GLU O 418 35.76 -10.60 -9.44
N GLU O 419 34.90 -10.86 -10.41
CA GLU O 419 35.09 -12.05 -11.21
C GLU O 419 36.37 -11.94 -11.99
N ARG O 420 36.70 -10.74 -12.44
CA ARG O 420 37.87 -10.58 -13.27
C ARG O 420 39.09 -11.00 -12.52
N GLU O 421 39.16 -10.68 -11.25
CA GLU O 421 40.30 -11.13 -10.51
C GLU O 421 40.39 -12.63 -10.51
N GLU O 422 39.27 -13.31 -10.28
CA GLU O 422 39.32 -14.76 -10.16
C GLU O 422 39.76 -15.40 -11.45
N TRP O 423 39.25 -14.92 -12.57
CA TRP O 423 39.59 -15.51 -13.84
C TRP O 423 41.06 -15.33 -14.06
N ARG O 424 41.59 -14.17 -13.70
CA ARG O 424 42.98 -13.91 -13.99
C ARG O 424 43.79 -14.95 -13.26
N MET O 425 43.41 -15.26 -12.03
CA MET O 425 44.21 -16.19 -11.27
C MET O 425 44.24 -17.55 -11.92
N LEU O 426 43.09 -18.03 -12.37
CA LEU O 426 43.03 -19.32 -13.00
C LEU O 426 43.82 -19.30 -14.30
N GLN O 427 43.77 -18.20 -15.01
CA GLN O 427 44.46 -18.11 -16.29
C GLN O 427 45.94 -18.30 -16.13
N ARG O 428 46.50 -17.68 -15.11
CA ARG O 428 47.93 -17.80 -14.91
C ARG O 428 48.26 -19.23 -14.64
N ALA O 429 47.48 -19.87 -13.79
CA ALA O 429 47.80 -21.25 -13.40
C ALA O 429 47.73 -22.31 -14.49
N VAL O 430 46.71 -22.28 -15.32
CA VAL O 430 46.61 -23.34 -16.31
C VAL O 430 47.80 -23.30 -17.24
N PHE O 431 48.18 -22.10 -17.64
CA PHE O 431 49.30 -21.97 -18.53
C PHE O 431 50.62 -21.89 -17.81
N GLU O 432 50.57 -21.78 -16.49
CA GLU O 432 51.81 -21.82 -15.75
C GLU O 432 52.33 -23.19 -16.01
N GLY O 433 51.43 -24.15 -16.02
CA GLY O 433 51.86 -25.51 -16.23
C GLY O 433 51.88 -26.06 -17.62
N LEU O 434 50.76 -26.08 -18.32
CA LEU O 434 50.78 -26.74 -19.61
C LEU O 434 51.68 -26.07 -20.63
N HIS O 435 51.60 -24.76 -20.75
CA HIS O 435 52.37 -24.09 -21.80
C HIS O 435 53.82 -24.20 -21.57
N ASP O 436 54.23 -23.99 -20.33
CA ASP O 436 55.66 -23.98 -20.09
C ASP O 436 56.27 -25.33 -20.37
N ARG O 437 55.63 -26.39 -19.89
CA ARG O 437 56.16 -27.70 -20.15
C ARG O 437 56.14 -27.97 -21.63
N VAL O 438 55.01 -27.68 -22.27
CA VAL O 438 54.96 -28.03 -23.68
C VAL O 438 55.94 -27.23 -24.52
N PHE O 439 56.06 -25.93 -24.28
CA PHE O 439 56.93 -25.17 -25.14
C PHE O 439 58.32 -25.69 -24.97
N SER O 440 58.73 -25.91 -23.74
CA SER O 440 60.10 -26.31 -23.55
C SER O 440 60.35 -27.64 -24.19
N ARG O 441 59.45 -28.59 -23.99
CA ARG O 441 59.65 -29.90 -24.54
C ARG O 441 59.61 -29.87 -26.04
N TRP O 442 58.69 -29.09 -26.60
CA TRP O 442 58.53 -29.05 -28.04
C TRP O 442 59.75 -28.55 -28.73
N LEU O 443 60.43 -27.59 -28.13
CA LEU O 443 61.53 -26.98 -28.85
C LEU O 443 62.64 -27.90 -29.29
N PRO O 444 63.11 -28.80 -28.41
CA PRO O 444 64.21 -29.62 -28.95
C PRO O 444 63.82 -30.47 -30.13
N LEU O 445 62.69 -31.15 -30.08
CA LEU O 445 62.37 -32.04 -31.17
C LEU O 445 62.19 -31.25 -32.44
N ALA O 446 61.52 -30.12 -32.33
CA ALA O 446 61.29 -29.31 -33.50
C ALA O 446 62.60 -28.80 -34.04
N MET O 447 63.53 -28.40 -33.18
CA MET O 447 64.83 -27.99 -33.67
C MET O 447 65.56 -29.13 -34.35
N LEU O 448 65.50 -30.33 -33.77
CA LEU O 448 66.16 -31.50 -34.35
C LEU O 448 65.58 -31.89 -35.69
N SER O 449 64.26 -31.84 -35.81
CA SER O 449 63.59 -32.16 -37.06
C SER O 449 63.83 -31.04 -38.03
N GLY O 450 64.34 -29.93 -37.53
CA GLY O 450 64.65 -28.82 -38.40
C GLY O 450 63.34 -28.23 -38.83
N GLU O 451 62.25 -28.66 -38.19
CA GLU O 451 60.97 -28.04 -38.50
C GLU O 451 61.11 -26.55 -38.33
N VAL O 452 61.83 -26.13 -37.29
CA VAL O 452 62.08 -24.73 -37.12
C VAL O 452 63.52 -24.54 -37.48
N ARG O 453 63.80 -23.50 -38.24
CA ARG O 453 65.17 -23.28 -38.68
C ARG O 453 65.94 -22.39 -37.73
N LEU O 454 66.91 -22.97 -37.00
CA LEU O 454 67.72 -22.22 -36.04
C LEU O 454 68.76 -23.19 -35.42
N PRO O 455 69.88 -22.68 -34.84
CA PRO O 455 70.81 -23.69 -34.32
C PRO O 455 70.51 -24.19 -32.91
N LEU O 456 70.60 -25.49 -32.70
CA LEU O 456 70.26 -26.10 -31.39
C LEU O 456 71.13 -25.73 -30.20
N ALA O 457 72.41 -25.55 -30.38
CA ALA O 457 73.29 -25.33 -29.23
C ALA O 457 72.99 -24.15 -28.32
N LYS O 458 72.67 -22.98 -28.87
CA LYS O 458 72.30 -21.86 -28.01
C LYS O 458 70.81 -21.89 -27.70
N LEU O 459 70.37 -22.91 -26.97
CA LEU O 459 68.96 -23.06 -26.65
C LEU O 459 68.46 -21.92 -25.79
N ASP O 460 69.28 -21.45 -24.87
CA ASP O 460 68.88 -20.41 -23.93
C ASP O 460 68.46 -19.12 -24.60
N LYS O 461 69.12 -18.76 -25.69
CA LYS O 461 68.81 -17.50 -26.35
C LYS O 461 67.35 -17.49 -26.79
N PHE O 462 66.85 -18.60 -27.29
CA PHE O 462 65.44 -18.66 -27.64
C PHE O 462 64.57 -19.30 -26.58
N ASP O 463 65.15 -19.65 -25.44
CA ASP O 463 64.39 -20.35 -24.39
C ASP O 463 63.22 -19.56 -23.80
N ALA O 464 63.40 -18.26 -23.59
CA ALA O 464 62.34 -17.49 -22.94
C ALA O 464 61.07 -17.50 -23.75
N ALA O 465 59.94 -17.67 -23.07
CA ALA O 465 58.66 -17.75 -23.77
C ALA O 465 57.57 -17.17 -22.89
N THR O 466 56.83 -16.22 -23.41
CA THR O 466 55.80 -15.58 -22.62
C THR O 466 54.43 -15.85 -23.20
N TRP O 467 53.50 -16.25 -22.35
CA TRP O 467 52.16 -16.54 -22.82
C TRP O 467 51.24 -15.35 -22.55
N ARG O 468 50.43 -14.96 -23.52
CA ARG O 468 49.59 -13.77 -23.32
C ARG O 468 48.10 -14.07 -23.21
N PRO O 469 47.49 -13.72 -22.06
CA PRO O 469 46.05 -13.90 -21.89
C PRO O 469 45.27 -12.79 -22.55
N ARG O 470 43.97 -12.95 -22.76
CA ARG O 470 43.16 -11.86 -23.32
C ARG O 470 42.13 -11.26 -22.36
N GLY O 471 42.18 -9.95 -22.18
CA GLY O 471 41.28 -9.29 -21.25
C GLY O 471 39.90 -8.97 -21.75
N TRP O 472 39.01 -8.57 -20.85
CA TRP O 472 37.65 -8.27 -21.23
C TRP O 472 37.33 -6.78 -21.32
N PRO O 473 36.63 -6.35 -22.39
CA PRO O 473 36.33 -4.92 -22.62
C PRO O 473 35.38 -4.18 -21.69
N SER O 474 35.61 -2.89 -21.48
CA SER O 474 34.79 -2.06 -20.58
C SER O 474 33.48 -1.53 -21.12
N VAL O 475 32.51 -1.30 -20.23
CA VAL O 475 31.23 -0.72 -20.64
C VAL O 475 31.27 0.73 -21.14
N ASN O 476 32.08 1.58 -20.52
CA ASN O 476 32.12 3.00 -20.91
C ASN O 476 33.41 3.35 -21.64
N PRO O 477 33.44 3.26 -22.97
CA PRO O 477 34.74 3.56 -23.57
C PRO O 477 35.18 4.99 -23.51
N LYS O 478 34.28 5.95 -23.46
CA LYS O 478 34.76 7.33 -23.51
C LYS O 478 35.64 7.63 -22.32
N ASP O 479 35.20 7.22 -21.14
CA ASP O 479 35.96 7.52 -19.93
C ASP O 479 37.30 6.85 -20.01
N ASP O 480 37.31 5.61 -20.44
CA ASP O 480 38.55 4.89 -20.44
C ASP O 480 39.48 5.58 -21.36
N ALA O 481 39.01 6.00 -22.51
CA ALA O 481 39.88 6.63 -23.48
C ALA O 481 40.46 7.92 -22.97
N THR O 482 39.63 8.73 -22.32
CA THR O 482 40.15 9.97 -21.77
C THR O 482 41.23 9.68 -20.71
N ALA O 483 40.96 8.72 -19.85
CA ALA O 483 41.94 8.40 -18.82
C ALA O 483 43.23 7.93 -19.44
N HIS O 484 43.13 7.11 -20.48
CA HIS O 484 44.31 6.59 -21.12
C HIS O 484 45.12 7.70 -21.76
N GLU O 485 44.46 8.66 -22.39
CA GLU O 485 45.19 9.76 -22.96
C GLU O 485 45.91 10.49 -21.85
N LYS O 486 45.21 10.74 -20.76
CA LYS O 486 45.83 11.50 -19.70
C LYS O 486 47.05 10.76 -19.17
N ASP O 487 46.95 9.44 -19.04
CA ASP O 487 48.05 8.64 -18.54
C ASP O 487 49.25 8.61 -19.47
N LEU O 488 49.00 8.52 -20.76
CA LEU O 488 50.09 8.51 -21.70
C LEU O 488 50.78 9.82 -21.56
N LYS O 489 50.00 10.87 -21.37
CA LYS O 489 50.60 12.16 -21.14
C LYS O 489 51.52 12.16 -19.94
N ASN O 490 51.10 11.56 -18.83
CA ASN O 490 51.97 11.69 -17.62
C ASN O 490 53.15 10.70 -17.48
N GLY O 491 53.56 10.02 -18.54
CA GLY O 491 54.58 8.99 -18.53
C GLY O 491 54.32 7.95 -17.47
N VAL O 492 53.09 7.89 -16.96
CA VAL O 492 52.76 6.93 -15.91
C VAL O 492 52.49 5.55 -16.49
N ARG O 493 51.56 5.46 -17.44
CA ARG O 493 51.36 4.24 -18.21
C ARG O 493 52.25 4.28 -19.43
N THR O 494 52.87 3.15 -19.71
CA THR O 494 53.64 3.04 -20.93
C THR O 494 52.64 2.58 -21.95
N ARG O 495 52.96 2.74 -23.21
CA ARG O 495 52.05 2.33 -24.25
C ARG O 495 51.82 0.83 -24.22
N THR O 496 52.86 0.08 -23.89
CA THR O 496 52.72 -1.38 -23.94
C THR O 496 51.67 -1.94 -23.01
N GLU O 497 51.55 -1.39 -21.81
CA GLU O 497 50.62 -1.96 -20.85
C GLU O 497 49.18 -1.92 -21.32
N ILE O 498 48.78 -0.83 -21.96
CA ILE O 498 47.39 -0.71 -22.36
C ILE O 498 47.05 -1.81 -23.34
N CYS O 499 47.95 -2.07 -24.26
CA CYS O 499 47.71 -3.11 -25.25
C CYS O 499 47.60 -4.43 -24.55
N ALA O 500 48.41 -4.61 -23.51
CA ALA O 500 48.41 -5.88 -22.81
C ALA O 500 47.08 -6.21 -22.18
N GLU O 501 46.39 -5.20 -21.66
CA GLU O 501 45.14 -5.51 -20.98
C GLU O 501 44.18 -6.11 -21.97
N ARG O 502 44.11 -5.56 -23.16
CA ARG O 502 43.27 -6.17 -24.19
C ARG O 502 43.89 -7.51 -24.50
N GLY O 503 45.21 -7.60 -24.51
CA GLY O 503 45.90 -8.84 -24.87
C GLY O 503 46.51 -8.87 -26.26
N ARG O 504 46.28 -7.82 -27.04
CA ARG O 504 46.86 -7.73 -28.37
C ARG O 504 48.38 -7.63 -28.45
N ASP O 505 49.03 -6.79 -27.66
CA ASP O 505 50.51 -6.56 -27.78
C ASP O 505 51.10 -5.49 -28.75
N PHE O 506 52.11 -4.79 -28.27
CA PHE O 506 52.72 -3.70 -29.05
C PHE O 506 53.40 -4.02 -30.38
N ALA O 507 54.07 -5.15 -30.50
CA ALA O 507 54.66 -5.49 -31.77
C ALA O 507 53.56 -5.66 -32.80
N ASP O 508 52.47 -6.29 -32.37
CA ASP O 508 51.36 -6.51 -33.27
C ASP O 508 50.87 -5.16 -33.69
N VAL O 509 50.75 -4.28 -32.70
CA VAL O 509 50.23 -2.97 -33.04
C VAL O 509 51.11 -2.27 -34.07
N VAL O 510 52.43 -2.31 -33.89
CA VAL O 510 53.36 -1.65 -34.83
C VAL O 510 53.35 -2.25 -36.24
N ALA O 511 53.25 -3.57 -36.34
CA ALA O 511 53.18 -4.15 -37.68
C ALA O 511 51.91 -3.69 -38.38
N GLU O 512 50.83 -3.67 -37.61
CA GLU O 512 49.60 -3.24 -38.21
C GLU O 512 49.69 -1.77 -38.64
N ALA O 513 50.38 -0.96 -37.86
CA ALA O 513 50.59 0.44 -38.20
C ALA O 513 51.39 0.61 -39.48
N ALA O 514 52.40 -0.22 -39.67
CA ALA O 514 53.13 -0.17 -40.94
C ALA O 514 52.19 -0.54 -42.11
N ALA O 515 51.34 -1.53 -41.89
CA ALA O 515 50.37 -1.82 -42.96
C ALA O 515 49.47 -0.62 -43.25
N GLU O 516 49.03 0.06 -42.20
CA GLU O 516 48.19 1.23 -42.37
C GLU O 516 48.94 2.30 -43.15
N ARG O 517 50.23 2.48 -42.90
CA ARG O 517 51.05 3.41 -43.67
C ARG O 517 51.15 3.07 -45.16
N GLN O 518 51.31 1.79 -45.48
CA GLN O 518 51.26 1.44 -46.92
C GLN O 518 49.87 1.75 -47.54
N MET O 519 48.84 1.48 -46.75
CA MET O 519 47.52 1.83 -47.27
C MET O 519 47.37 3.33 -47.45
N MET O 520 48.22 4.11 -46.78
CA MET O 520 48.17 5.56 -46.93
C MET O 520 48.77 5.99 -48.24
N ARG O 521 49.74 5.24 -48.73
CA ARG O 521 50.41 5.64 -49.95
C ARG O 521 49.42 5.70 -51.10
N ASP O 522 48.55 4.69 -51.20
CA ASP O 522 47.52 4.71 -52.22
C ASP O 522 46.48 5.82 -52.06
N ALA O 523 46.04 6.09 -50.83
CA ALA O 523 45.02 7.11 -50.59
C ALA O 523 45.48 8.29 -49.74
N GLY O 524 45.28 8.20 -48.43
CA GLY O 524 45.69 9.27 -47.53
C GLY O 524 45.87 8.73 -46.12
N LEU O 525 46.55 9.46 -45.25
CA LEU O 525 46.70 9.03 -43.85
C LEU O 525 45.68 9.73 -42.97
N ASP O 526 46.13 10.67 -42.15
CA ASP O 526 45.21 11.30 -41.22
C ASP O 526 45.45 12.78 -41.07
N PRO O 527 44.42 13.53 -40.63
CA PRO O 527 44.62 14.96 -40.36
C PRO O 527 44.94 15.24 -38.90
N MET P 1 0.09 -67.97 -16.23
CA MET P 1 0.57 -67.46 -17.50
C MET P 1 -0.38 -66.44 -18.12
N THR P 2 -0.47 -66.44 -19.44
CA THR P 2 -1.33 -65.51 -20.14
C THR P 2 -2.79 -65.83 -19.90
N VAL P 3 -3.65 -64.81 -19.95
CA VAL P 3 -5.07 -65.00 -19.65
C VAL P 3 -5.94 -64.01 -20.39
N SER P 4 -7.11 -64.45 -20.84
CA SER P 4 -8.02 -63.55 -21.53
C SER P 4 -9.43 -63.64 -20.98
N ILE P 5 -9.64 -63.08 -19.79
CA ILE P 5 -10.97 -63.11 -19.24
C ILE P 5 -11.73 -61.90 -19.73
N HIS P 6 -12.44 -62.04 -20.85
CA HIS P 6 -13.28 -60.93 -21.26
C HIS P 6 -14.68 -61.27 -21.76
N PRO P 7 -15.53 -61.83 -20.89
CA PRO P 7 -16.91 -62.05 -21.34
C PRO P 7 -17.56 -60.69 -21.47
N PRO P 8 -18.47 -60.52 -22.44
CA PRO P 8 -18.99 -59.16 -22.48
C PRO P 8 -19.68 -58.90 -21.17
N ALA P 9 -19.46 -57.73 -20.59
CA ALA P 9 -20.02 -57.38 -19.29
C ALA P 9 -21.52 -57.52 -19.25
N THR P 10 -22.19 -57.09 -20.31
CA THR P 10 -23.64 -57.20 -20.38
C THR P 10 -24.04 -58.46 -21.13
N LEU P 11 -24.31 -59.52 -20.39
CA LEU P 11 -24.63 -60.77 -21.05
C LEU P 11 -26.10 -60.97 -20.93
N VAL P 12 -26.77 -61.13 -22.07
CA VAL P 12 -28.21 -61.24 -22.05
C VAL P 12 -28.67 -62.67 -22.10
N ALA P 13 -29.72 -62.98 -21.38
CA ALA P 13 -30.17 -64.35 -21.29
C ALA P 13 -30.75 -64.89 -22.58
N GLY P 14 -30.86 -66.22 -22.67
CA GLY P 14 -31.38 -66.83 -23.87
C GLY P 14 -30.63 -66.52 -25.15
N ASP P 15 -29.49 -65.85 -25.03
CA ASP P 15 -28.72 -65.46 -26.19
C ASP P 15 -27.42 -66.19 -26.14
N SER P 16 -26.86 -66.46 -27.30
CA SER P 16 -25.60 -67.19 -27.37
C SER P 16 -24.49 -66.33 -26.80
N TRP P 17 -23.60 -66.94 -26.03
CA TRP P 17 -22.53 -66.17 -25.40
C TRP P 17 -21.15 -66.62 -25.87
N ALA P 18 -20.32 -65.67 -26.28
CA ALA P 18 -18.97 -66.01 -26.71
C ALA P 18 -17.86 -65.02 -26.39
N TRP P 19 -16.72 -65.48 -25.88
CA TRP P 19 -15.60 -64.54 -25.74
C TRP P 19 -14.42 -64.98 -26.63
N GLU P 20 -14.33 -66.27 -26.92
CA GLU P 20 -13.20 -66.73 -27.71
C GLU P 20 -11.89 -66.22 -27.10
N ALA P 21 -11.63 -66.54 -25.84
CA ALA P 21 -10.45 -66.01 -25.15
C ALA P 21 -9.11 -66.28 -25.81
N GLY P 22 -8.30 -65.24 -25.91
CA GLY P 22 -7.00 -65.38 -26.56
C GLY P 22 -5.91 -66.26 -26.01
N ALA P 23 -5.64 -66.23 -24.71
CA ALA P 23 -4.49 -66.99 -24.19
C ALA P 23 -4.54 -67.53 -22.77
N VAL P 24 -5.72 -67.61 -22.18
CA VAL P 24 -5.82 -68.03 -20.79
C VAL P 24 -5.31 -69.42 -20.54
N PHE P 25 -5.60 -70.33 -21.45
CA PHE P 25 -5.24 -71.72 -21.24
C PHE P 25 -3.98 -72.10 -22.01
N GLU P 26 -3.11 -71.12 -22.29
CA GLU P 26 -1.97 -71.45 -23.11
C GLU P 26 -1.03 -72.21 -22.24
N ASP P 27 -1.03 -71.91 -20.94
CA ASP P 27 -0.23 -72.72 -20.04
C ASP P 27 -0.91 -74.06 -19.92
N HIS P 28 -0.12 -75.11 -19.76
CA HIS P 28 -0.67 -76.45 -19.68
C HIS P 28 -1.57 -76.75 -20.88
N PRO P 29 -1.14 -76.34 -22.08
CA PRO P 29 -2.06 -76.55 -23.20
C PRO P 29 -2.33 -78.01 -23.54
N ASP P 30 -1.31 -78.84 -23.55
CA ASP P 30 -1.47 -80.22 -23.98
C ASP P 30 -2.36 -81.14 -23.16
N PRO P 31 -2.22 -81.14 -21.82
CA PRO P 31 -3.11 -82.08 -21.13
C PRO P 31 -4.19 -81.45 -20.23
N TRP P 32 -4.39 -80.14 -20.25
CA TRP P 32 -5.36 -79.54 -19.35
C TRP P 32 -6.57 -78.97 -20.06
N ALA P 33 -7.75 -79.07 -19.48
CA ALA P 33 -8.98 -78.61 -20.16
C ALA P 33 -9.32 -77.14 -20.06
N ALA P 34 -10.34 -76.69 -20.81
CA ALA P 34 -10.79 -75.30 -20.74
C ALA P 34 -12.13 -75.26 -19.99
N SER P 35 -12.37 -74.26 -19.16
CA SER P 35 -13.60 -74.27 -18.37
C SER P 35 -14.49 -73.02 -18.33
N TYR P 36 -13.89 -71.87 -18.05
CA TYR P 36 -14.65 -70.63 -17.96
C TYR P 36 -15.89 -70.87 -17.11
N VAL P 37 -15.70 -71.24 -15.85
CA VAL P 37 -16.83 -71.54 -14.97
C VAL P 37 -17.69 -70.31 -14.73
N LEU P 38 -19.01 -70.48 -14.85
CA LEU P 38 -19.90 -69.37 -14.60
C LEU P 38 -20.74 -69.79 -13.43
N ARG P 39 -20.75 -69.02 -12.35
CA ARG P 39 -21.48 -69.43 -11.16
C ARG P 39 -22.40 -68.36 -10.70
N PRO P 40 -23.64 -68.72 -10.41
CA PRO P 40 -24.48 -67.68 -9.83
C PRO P 40 -23.99 -67.37 -8.44
N GLU P 41 -23.87 -66.10 -8.10
CA GLU P 41 -23.36 -65.72 -6.80
C GLU P 41 -24.25 -66.13 -5.64
N ALA P 42 -25.55 -65.96 -5.79
CA ALA P 42 -26.49 -66.26 -4.70
C ALA P 42 -27.34 -67.48 -4.98
N GLY P 43 -26.79 -68.68 -4.89
CA GLY P 43 -27.54 -69.85 -5.28
C GLY P 43 -26.99 -70.48 -6.54
N GLY P 44 -27.72 -71.42 -7.11
CA GLY P 44 -27.31 -71.98 -8.37
C GLY P 44 -26.24 -73.03 -8.37
N ASP P 45 -25.94 -73.55 -9.56
CA ASP P 45 -24.93 -74.59 -9.70
C ASP P 45 -24.02 -74.13 -10.80
N PRO P 46 -22.73 -74.23 -10.57
CA PRO P 46 -21.85 -73.67 -11.59
C PRO P 46 -22.08 -74.31 -12.94
N VAL P 47 -22.26 -73.52 -13.99
CA VAL P 47 -22.37 -74.07 -15.32
C VAL P 47 -21.03 -73.86 -15.99
N THR P 48 -20.69 -74.70 -16.94
CA THR P 48 -19.39 -74.58 -17.58
C THR P 48 -19.36 -74.57 -19.09
N VAL P 49 -18.34 -73.95 -19.65
CA VAL P 49 -18.21 -73.89 -21.11
C VAL P 49 -16.95 -74.61 -21.56
N SER P 50 -17.07 -75.44 -22.59
CA SER P 50 -15.92 -76.18 -23.08
C SER P 50 -15.31 -75.53 -24.31
N GLY P 51 -14.84 -76.35 -25.25
CA GLY P 51 -14.17 -75.79 -26.41
C GLY P 51 -14.95 -75.68 -27.71
N GLY P 52 -15.18 -76.79 -28.40
CA GLY P 52 -15.84 -76.71 -29.70
C GLY P 52 -15.12 -75.71 -30.56
N LEU P 53 -13.81 -75.84 -30.71
CA LEU P 53 -13.04 -74.81 -31.39
C LEU P 53 -12.18 -75.09 -32.60
N GLU P 54 -11.70 -74.04 -33.26
CA GLU P 54 -10.71 -74.20 -34.30
C GLU P 54 -9.40 -74.34 -33.54
N VAL P 55 -8.46 -75.12 -34.03
CA VAL P 55 -7.23 -75.35 -33.26
C VAL P 55 -6.35 -74.13 -33.00
N LEU P 56 -6.14 -73.27 -34.00
CA LEU P 56 -5.22 -72.15 -33.82
C LEU P 56 -5.70 -71.16 -32.78
N ALA P 57 -6.98 -70.82 -32.83
CA ALA P 57 -7.54 -69.91 -31.84
C ALA P 57 -8.74 -70.57 -31.20
N PRO P 58 -8.68 -70.74 -29.88
CA PRO P 58 -9.83 -71.32 -29.21
C PRO P 58 -11.02 -70.39 -29.26
N VAL P 59 -12.19 -70.91 -29.55
CA VAL P 59 -13.39 -70.09 -29.51
C VAL P 59 -14.40 -70.74 -28.59
N PHE P 60 -14.90 -69.96 -27.64
CA PHE P 60 -15.78 -70.53 -26.63
C PHE P 60 -17.18 -70.12 -26.97
N ARG P 61 -18.10 -71.07 -26.92
CA ARG P 61 -19.45 -70.76 -27.29
C ARG P 61 -20.47 -71.45 -26.42
N LEU P 62 -21.60 -70.79 -26.18
CA LEU P 62 -22.68 -71.42 -25.42
C LEU P 62 -23.97 -71.31 -26.22
N PRO P 63 -24.72 -72.42 -26.36
CA PRO P 63 -25.99 -72.40 -27.11
C PRO P 63 -27.06 -71.58 -26.43
N ALA P 64 -27.86 -70.89 -27.24
CA ALA P 64 -28.90 -70.04 -26.68
C ALA P 64 -29.96 -70.80 -25.91
N SER P 65 -30.37 -71.94 -26.43
CA SER P 65 -31.43 -72.70 -25.77
C SER P 65 -30.98 -73.15 -24.40
N VAL P 66 -29.73 -73.53 -24.27
CA VAL P 66 -29.22 -73.92 -22.96
C VAL P 66 -29.24 -72.77 -21.95
N THR P 67 -28.96 -71.55 -22.40
CA THR P 67 -28.95 -70.42 -21.50
C THR P 67 -30.32 -70.25 -20.89
N ALA P 68 -31.36 -70.34 -21.70
CA ALA P 68 -32.74 -70.28 -21.21
C ALA P 68 -33.06 -69.89 -19.79
N ASP P 69 -32.98 -70.83 -18.87
CA ASP P 69 -33.41 -70.57 -17.50
C ASP P 69 -32.38 -70.03 -16.54
N LEU P 70 -31.24 -69.57 -17.05
CA LEU P 70 -30.19 -69.13 -16.16
C LEU P 70 -30.68 -67.97 -15.28
N PRO P 71 -30.22 -67.92 -14.02
CA PRO P 71 -30.70 -66.90 -13.08
C PRO P 71 -30.50 -65.44 -13.43
N PRO P 72 -31.54 -64.61 -13.28
CA PRO P 72 -31.37 -63.17 -13.48
C PRO P 72 -30.67 -62.59 -12.28
N GLY P 73 -29.68 -61.71 -12.46
CA GLY P 73 -28.92 -61.23 -11.32
C GLY P 73 -27.44 -61.05 -11.60
N GLU P 74 -26.60 -61.32 -10.60
CA GLU P 74 -25.16 -61.18 -10.77
C GLU P 74 -24.40 -62.52 -10.86
N TRP P 75 -23.48 -62.63 -11.80
CA TRP P 75 -22.75 -63.88 -12.00
C TRP P 75 -21.25 -63.67 -12.02
N THR P 76 -20.49 -64.69 -11.66
CA THR P 76 -19.04 -64.58 -11.63
C THR P 76 -18.32 -65.44 -12.66
N TRP P 77 -17.18 -64.97 -13.15
CA TRP P 77 -16.43 -65.69 -14.17
C TRP P 77 -15.06 -66.11 -13.66
N PHE P 78 -14.80 -67.41 -13.58
CA PHE P 78 -13.48 -67.87 -13.18
C PHE P 78 -13.04 -68.91 -14.21
N ALA P 79 -11.79 -68.86 -14.67
CA ALA P 79 -11.32 -69.82 -15.68
C ALA P 79 -10.34 -70.82 -15.09
N VAL P 80 -10.62 -72.10 -15.26
CA VAL P 80 -9.78 -73.12 -14.67
C VAL P 80 -9.26 -74.14 -15.66
N ALA P 81 -7.99 -74.48 -15.57
CA ALA P 81 -7.43 -75.53 -16.43
C ALA P 81 -7.11 -76.68 -15.51
N VAL P 82 -7.56 -77.89 -15.84
CA VAL P 82 -7.35 -79.00 -14.91
C VAL P 82 -6.84 -80.29 -15.55
N ASP P 83 -5.87 -80.96 -14.92
CA ASP P 83 -5.43 -82.25 -15.44
C ASP P 83 -5.44 -83.31 -14.36
N ALA P 84 -6.06 -84.45 -14.63
CA ALA P 84 -6.14 -85.53 -13.65
C ALA P 84 -4.80 -86.18 -13.28
N THR P 85 -3.94 -86.39 -14.28
CA THR P 85 -2.66 -87.01 -14.00
C THR P 85 -1.92 -86.07 -13.09
N THR P 86 -2.00 -84.78 -13.38
CA THR P 86 -1.36 -83.79 -12.52
C THR P 86 -2.06 -83.65 -11.17
N ASP P 87 -3.31 -84.07 -11.08
CA ASP P 87 -4.11 -83.95 -9.84
C ASP P 87 -4.10 -82.53 -9.36
N ALA P 88 -4.17 -81.60 -10.31
CA ALA P 88 -4.12 -80.21 -9.97
C ALA P 88 -5.04 -79.45 -10.90
N ARG P 89 -5.46 -78.28 -10.47
CA ARG P 89 -6.26 -77.43 -11.33
C ARG P 89 -5.46 -76.16 -11.30
N ALA P 90 -5.65 -75.28 -12.25
CA ALA P 90 -4.98 -74.00 -12.18
C ALA P 90 -5.96 -72.87 -12.51
N VAL P 91 -6.00 -71.84 -11.69
CA VAL P 91 -6.97 -70.80 -11.95
C VAL P 91 -6.26 -69.55 -12.40
N LEU P 92 -6.61 -69.05 -13.58
CA LEU P 92 -5.95 -67.87 -14.11
C LEU P 92 -6.84 -66.65 -14.30
N ALA P 93 -8.13 -66.75 -14.00
CA ALA P 93 -9.04 -65.64 -14.31
C ALA P 93 -10.03 -65.14 -13.26
N GLN P 94 -10.47 -63.89 -13.40
CA GLN P 94 -11.47 -63.33 -12.48
C GLN P 94 -12.36 -62.35 -13.25
N GLY P 95 -13.60 -62.15 -12.81
CA GLY P 95 -14.48 -61.20 -13.47
C GLY P 95 -15.86 -61.16 -12.86
N ARG P 96 -16.73 -60.31 -13.39
CA ARG P 96 -18.11 -60.24 -12.92
C ARG P 96 -19.04 -59.81 -14.04
N VAL P 97 -20.11 -60.55 -14.25
CA VAL P 97 -21.02 -60.25 -15.35
C VAL P 97 -22.45 -60.30 -14.86
N THR P 98 -23.33 -59.50 -15.45
CA THR P 98 -24.71 -59.47 -15.00
C THR P 98 -25.64 -60.04 -16.04
N VAL P 99 -26.62 -60.82 -15.60
CA VAL P 99 -27.55 -61.42 -16.53
C VAL P 99 -28.83 -60.62 -16.57
N ILE P 100 -29.11 -60.03 -17.72
CA ILE P 100 -30.31 -59.23 -17.89
C ILE P 100 -31.49 -60.17 -17.94
N PRO P 101 -32.62 -59.78 -17.35
CA PRO P 101 -33.71 -60.76 -17.41
C PRO P 101 -34.12 -61.07 -18.84
N ASP P 102 -34.42 -62.32 -19.15
CA ASP P 102 -34.79 -62.71 -20.51
C ASP P 102 -35.71 -61.70 -21.18
N PRO P 103 -35.27 -61.10 -22.31
CA PRO P 103 -36.17 -60.08 -22.83
C PRO P 103 -37.26 -60.60 -23.73
N LEU P 104 -37.24 -61.86 -24.11
CA LEU P 104 -38.23 -62.34 -25.05
C LEU P 104 -39.40 -63.06 -24.42
N ALA P 105 -39.45 -63.06 -23.09
CA ALA P 105 -40.51 -63.81 -22.41
C ALA P 105 -40.85 -63.38 -21.00
N GLY P 106 -41.98 -63.86 -20.49
CA GLY P 106 -42.34 -63.60 -19.10
C GLY P 106 -43.50 -62.70 -18.80
N THR P 107 -44.17 -62.98 -17.68
CA THR P 107 -45.29 -62.15 -17.26
C THR P 107 -44.96 -60.72 -16.81
N GLU P 108 -43.97 -60.55 -15.95
CA GLU P 108 -43.56 -59.19 -15.56
C GLU P 108 -42.16 -58.97 -15.02
N ASP P 109 -41.54 -57.85 -15.36
CA ASP P 109 -40.25 -57.48 -14.79
C ASP P 109 -40.36 -55.98 -14.61
N ARG P 110 -40.11 -55.48 -13.41
CA ARG P 110 -40.12 -54.03 -13.22
C ARG P 110 -38.75 -53.47 -13.41
N ARG P 111 -38.61 -52.19 -13.13
CA ARG P 111 -37.31 -51.58 -13.23
C ARG P 111 -36.46 -51.93 -12.02
N THR P 112 -35.20 -51.52 -12.03
CA THR P 112 -34.29 -51.79 -10.94
C THR P 112 -34.83 -51.04 -9.74
N PRO P 113 -34.35 -51.37 -8.54
CA PRO P 113 -34.96 -50.77 -7.36
C PRO P 113 -35.04 -49.26 -7.37
N ALA P 114 -34.15 -48.55 -8.05
CA ALA P 114 -34.22 -47.12 -7.97
C ALA P 114 -35.59 -46.63 -8.42
N ARG P 115 -36.12 -47.19 -9.48
CA ARG P 115 -37.45 -46.79 -9.91
C ARG P 115 -38.54 -47.09 -8.90
N ARG P 116 -38.47 -48.27 -8.28
CA ARG P 116 -39.50 -48.65 -7.34
C ARG P 116 -39.54 -47.69 -6.18
N ILE P 117 -38.39 -47.33 -5.63
CA ILE P 117 -38.40 -46.47 -4.48
C ILE P 117 -38.97 -45.15 -4.88
N LEU P 118 -38.56 -44.66 -6.04
CA LEU P 118 -39.03 -43.36 -6.49
C LEU P 118 -40.53 -43.35 -6.70
N ALA P 119 -41.05 -44.40 -7.32
CA ALA P 119 -42.47 -44.42 -7.58
C ALA P 119 -43.23 -44.42 -6.29
N ALA P 120 -42.77 -45.19 -5.33
CA ALA P 120 -43.48 -45.28 -4.08
C ALA P 120 -43.50 -43.94 -3.36
N ILE P 121 -42.38 -43.20 -3.40
CA ILE P 121 -42.31 -41.94 -2.67
C ILE P 121 -43.36 -41.02 -3.23
N GLU P 122 -43.52 -41.05 -4.54
CA GLU P 122 -44.56 -40.24 -5.12
C GLU P 122 -45.92 -40.67 -4.61
N ALA P 123 -46.13 -41.97 -4.48
CA ALA P 123 -47.39 -42.44 -3.93
C ALA P 123 -47.63 -42.04 -2.47
N THR P 124 -46.63 -42.21 -1.61
CA THR P 124 -46.85 -41.91 -0.20
C THR P 124 -47.08 -40.44 0.03
N LEU P 125 -46.35 -39.60 -0.70
CA LEU P 125 -46.51 -38.17 -0.56
C LEU P 125 -47.91 -37.80 -0.95
N GLU P 126 -48.45 -38.48 -1.96
CA GLU P 126 -49.79 -38.16 -2.44
C GLU P 126 -50.79 -38.33 -1.34
N GLY P 127 -50.68 -39.42 -0.60
CA GLY P 127 -51.60 -39.67 0.48
C GLY P 127 -51.51 -38.66 1.59
N ARG P 128 -50.30 -38.27 1.96
CA ARG P 128 -50.17 -37.39 3.10
C ARG P 128 -50.38 -35.96 2.73
N ALA P 129 -50.56 -35.70 1.45
CA ALA P 129 -50.88 -34.34 1.07
C ALA P 129 -52.22 -34.00 1.68
N THR P 130 -53.17 -34.89 1.57
CA THR P 130 -54.49 -34.67 2.14
C THR P 130 -54.50 -35.49 3.40
N LYS P 131 -55.56 -35.40 4.19
CA LYS P 131 -55.68 -36.23 5.39
C LYS P 131 -54.44 -36.06 6.23
N ASP P 132 -53.99 -34.82 6.36
CA ASP P 132 -52.73 -34.61 7.06
C ASP P 132 -52.77 -35.06 8.49
N ALA P 133 -51.76 -35.81 8.90
CA ALA P 133 -51.75 -36.34 10.25
C ALA P 133 -50.43 -36.90 10.71
N ASP P 134 -49.93 -36.41 11.84
CA ASP P 134 -48.73 -37.00 12.36
C ASP P 134 -49.01 -37.97 13.48
N THR P 135 -50.26 -38.07 13.94
CA THR P 135 -50.61 -39.09 14.93
C THR P 135 -52.04 -39.59 14.81
N TYR P 136 -52.28 -40.64 14.05
CA TYR P 136 -53.62 -41.13 13.88
C TYR P 136 -53.96 -41.98 15.06
N SER P 137 -54.00 -41.40 16.25
CA SER P 137 -54.19 -42.21 17.44
C SER P 137 -55.59 -42.48 17.92
N ILE P 138 -56.09 -43.69 17.69
CA ILE P 138 -57.45 -44.03 18.10
C ILE P 138 -57.47 -45.20 19.03
N GLU P 139 -58.06 -45.01 20.21
CA GLU P 139 -58.20 -46.09 21.20
C GLU P 139 -56.92 -46.66 21.81
N GLY P 140 -56.16 -47.43 21.03
CA GLY P 140 -54.92 -47.97 21.52
C GLY P 140 -53.88 -48.06 20.43
N ARG P 141 -54.16 -47.44 19.29
CA ARG P 141 -53.24 -47.54 18.18
C ARG P 141 -52.70 -46.18 17.80
N SER P 142 -51.40 -46.02 17.69
CA SER P 142 -50.85 -44.77 17.21
C SER P 142 -49.79 -44.90 16.12
N ILE P 143 -50.08 -44.49 14.90
CA ILE P 143 -49.12 -44.57 13.82
C ILE P 143 -47.87 -43.67 13.74
N THR P 144 -47.99 -42.38 14.01
CA THR P 144 -46.83 -41.44 13.96
C THR P 144 -45.87 -41.29 12.73
N ARG P 145 -46.36 -41.02 11.52
CA ARG P 145 -45.53 -40.88 10.29
C ARG P 145 -44.14 -40.20 10.25
N THR P 146 -43.32 -40.48 9.21
CA THR P 146 -41.99 -39.91 9.10
C THR P 146 -42.07 -38.49 8.69
N PRO P 147 -41.18 -37.67 9.23
CA PRO P 147 -41.31 -36.25 8.96
C PRO P 147 -41.25 -35.91 7.49
N LEU P 148 -42.04 -34.93 7.06
CA LEU P 148 -42.07 -34.55 5.66
C LEU P 148 -40.73 -34.07 5.14
N PRO P 149 -39.96 -33.33 5.96
CA PRO P 149 -38.66 -32.99 5.40
C PRO P 149 -37.86 -34.25 5.07
N ASP P 150 -37.94 -35.28 5.91
CA ASP P 150 -37.17 -36.48 5.66
C ASP P 150 -37.54 -37.18 4.38
N LEU P 151 -38.83 -37.27 4.08
CA LEU P 151 -39.27 -37.99 2.89
C LEU P 151 -38.70 -37.30 1.68
N LEU P 152 -38.68 -35.98 1.71
CA LEU P 152 -38.22 -35.24 0.56
C LEU P 152 -36.78 -35.58 0.25
N ARG P 153 -35.95 -35.73 1.27
CA ARG P 153 -34.54 -35.99 1.03
C ARG P 153 -34.37 -37.30 0.28
N LEU P 154 -35.15 -38.30 0.64
CA LEU P 154 -35.02 -39.60 -0.01
C LEU P 154 -35.34 -39.45 -1.47
N ARG P 155 -36.35 -38.64 -1.78
CA ARG P 155 -36.75 -38.54 -3.16
C ARG P 155 -35.61 -38.03 -3.98
N ALA P 156 -34.93 -37.00 -3.50
CA ALA P 156 -33.88 -36.43 -4.30
C ALA P 156 -32.74 -37.38 -4.56
N VAL P 157 -32.31 -38.10 -3.53
CA VAL P 157 -31.15 -38.96 -3.73
C VAL P 157 -31.48 -40.00 -4.76
N TYR P 158 -32.64 -40.61 -4.62
CA TYR P 158 -33.00 -41.65 -5.55
C TYR P 158 -33.18 -41.13 -6.94
N ALA P 159 -33.75 -39.95 -7.09
CA ALA P 159 -34.02 -39.44 -8.42
C ALA P 159 -32.72 -39.28 -9.17
N GLU P 160 -31.70 -38.86 -8.46
CA GLU P 160 -30.43 -38.70 -9.11
C GLU P 160 -29.92 -40.05 -9.64
N GLN P 161 -30.08 -41.11 -8.87
CA GLN P 161 -29.57 -42.39 -9.34
C GLN P 161 -30.29 -42.79 -10.60
N VAL P 162 -31.60 -42.58 -10.65
CA VAL P 162 -32.30 -43.05 -11.83
C VAL P 162 -31.75 -42.29 -13.00
N ALA P 163 -31.46 -41.01 -12.80
CA ALA P 163 -30.90 -40.23 -13.87
C ALA P 163 -29.56 -40.78 -14.28
N ARG P 164 -28.73 -41.17 -13.33
CA ARG P 164 -27.41 -41.65 -13.67
C ARG P 164 -27.46 -42.90 -14.50
N GLU P 165 -28.32 -43.84 -14.12
CA GLU P 165 -28.42 -45.09 -14.85
C GLU P 165 -28.92 -44.86 -16.25
N THR P 166 -29.92 -44.02 -16.40
CA THR P 166 -30.43 -43.70 -17.72
C THR P 166 -29.32 -43.01 -18.50
N GLY P 167 -28.51 -42.20 -17.83
CA GLY P 167 -27.47 -41.45 -18.50
C GLY P 167 -27.86 -40.03 -18.86
N ARG P 168 -29.00 -39.58 -18.38
CA ARG P 168 -29.43 -38.22 -18.62
C ARG P 168 -28.99 -37.33 -17.46
N SER P 169 -28.17 -37.88 -16.56
CA SER P 169 -27.70 -37.15 -15.36
C SER P 169 -26.85 -35.89 -15.46
N PRO P 170 -26.17 -35.68 -16.60
CA PRO P 170 -25.31 -34.48 -16.57
C PRO P 170 -26.09 -33.25 -16.18
N TYR P 171 -25.48 -32.42 -15.35
CA TYR P 171 -26.17 -31.26 -14.85
C TYR P 171 -26.59 -30.36 -15.99
N ARG P 172 -27.81 -29.84 -15.93
CA ARG P 172 -28.36 -29.07 -17.03
C ARG P 172 -27.68 -27.75 -17.36
N GLN P 173 -27.73 -27.36 -18.64
CA GLN P 173 -27.08 -26.12 -19.06
C GLN P 173 -27.99 -25.26 -19.93
N ARG P 174 -28.21 -24.00 -19.56
CA ARG P 174 -29.00 -23.10 -20.38
C ARG P 174 -28.09 -22.07 -20.98
N ARG P 175 -28.10 -21.91 -22.30
CA ARG P 175 -27.17 -21.00 -22.92
C ARG P 175 -27.85 -19.68 -23.14
N VAL P 176 -27.28 -18.59 -22.62
CA VAL P 176 -27.99 -17.33 -22.74
C VAL P 176 -28.11 -17.01 -24.19
N SER P 177 -27.01 -17.10 -24.92
CA SER P 177 -27.06 -16.92 -26.36
C SER P 177 -27.90 -15.70 -26.73
N PHE P 178 -27.68 -14.59 -26.05
CA PHE P 178 -28.48 -13.39 -26.28
C PHE P 178 -29.95 -13.75 -26.44
N TYR Q 32 34.41 -31.92 2.00
CA TYR Q 32 34.86 -33.28 1.79
C TYR Q 32 33.69 -34.23 1.64
N ARG Q 33 33.00 -34.51 2.73
CA ARG Q 33 31.85 -35.38 2.70
C ARG Q 33 30.59 -34.55 2.53
N ALA Q 34 30.42 -34.02 1.32
CA ALA Q 34 29.30 -33.16 1.04
C ALA Q 34 28.35 -33.89 0.10
N ALA Q 35 28.92 -34.51 -0.93
CA ALA Q 35 28.09 -35.17 -1.92
C ALA Q 35 28.30 -36.69 -1.93
N LYS Q 36 28.93 -37.23 -0.89
CA LYS Q 36 29.43 -38.60 -0.83
C LYS Q 36 28.40 -39.69 -1.16
N SER Q 37 27.12 -39.43 -0.91
CA SER Q 37 26.08 -40.41 -1.13
C SER Q 37 24.71 -39.75 -1.18
N ASP Q 38 23.68 -40.58 -1.14
CA ASP Q 38 22.32 -40.16 -1.45
C ASP Q 38 21.37 -40.44 -0.28
N ARG Q 39 21.77 -40.03 0.93
CA ARG Q 39 21.09 -40.35 2.18
C ARG Q 39 19.65 -39.81 2.18
N ILE Q 40 19.47 -38.50 2.10
CA ILE Q 40 18.14 -37.94 2.03
C ILE Q 40 18.03 -36.90 0.92
N ALA Q 41 19.17 -36.46 0.41
CA ALA Q 41 19.21 -35.37 -0.55
C ALA Q 41 20.19 -35.64 -1.70
N GLY Q 42 20.14 -36.81 -2.32
CA GLY Q 42 21.13 -37.11 -3.32
C GLY Q 42 20.56 -37.73 -4.58
N GLY Q 43 21.27 -38.71 -5.10
CA GLY Q 43 20.97 -39.33 -6.38
C GLY Q 43 22.22 -39.39 -7.23
N PHE Q 44 23.39 -39.22 -6.60
CA PHE Q 44 24.63 -38.94 -7.30
C PHE Q 44 25.31 -40.19 -7.85
N GLY Q 45 24.54 -41.06 -8.50
CA GLY Q 45 25.03 -42.35 -8.88
C GLY Q 45 25.51 -43.16 -7.67
N VAL Q 46 26.42 -44.11 -7.93
CA VAL Q 46 27.01 -44.88 -6.84
C VAL Q 46 28.50 -44.92 -7.10
N PHE Q 47 28.88 -45.02 -8.36
CA PHE Q 47 30.30 -45.04 -8.72
C PHE Q 47 30.52 -44.16 -9.94
N PRO Q 48 31.74 -43.58 -10.07
CA PRO Q 48 32.02 -42.80 -11.28
C PRO Q 48 31.97 -43.65 -12.55
N THR Q 49 31.42 -43.10 -13.63
CA THR Q 49 31.30 -43.86 -14.87
C THR Q 49 31.81 -43.06 -16.06
N THR Q 50 32.23 -43.75 -17.11
CA THR Q 50 32.74 -43.09 -18.30
C THR Q 50 31.66 -42.23 -19.00
N PRO Q 51 31.91 -40.90 -19.19
CA PRO Q 51 30.87 -40.16 -19.88
C PRO Q 51 30.63 -40.76 -21.22
N ARG Q 52 31.57 -41.47 -21.82
CA ARG Q 52 31.38 -42.01 -23.17
C ARG Q 52 30.08 -42.80 -23.39
N ASP Q 53 29.93 -43.95 -22.76
CA ASP Q 53 28.76 -44.82 -23.04
C ASP Q 53 27.48 -44.10 -22.68
N GLU Q 54 27.54 -43.43 -21.55
CA GLU Q 54 26.40 -42.68 -21.12
C GLU Q 54 26.21 -41.69 -22.24
N LEU Q 55 27.29 -41.06 -22.70
CA LEU Q 55 27.14 -40.01 -23.70
C LEU Q 55 26.51 -40.58 -24.93
N ARG Q 56 26.95 -41.72 -25.44
CA ARG Q 56 26.35 -42.21 -26.68
C ARG Q 56 24.85 -42.51 -26.53
N ARG Q 57 24.49 -43.20 -25.45
CA ARG Q 57 23.06 -43.55 -25.38
C ARG Q 57 22.27 -42.26 -25.27
N GLU Q 58 22.80 -41.37 -24.45
CA GLU Q 58 22.10 -40.15 -24.18
C GLU Q 58 21.91 -39.42 -25.46
N ILE Q 59 22.94 -39.30 -26.30
CA ILE Q 59 22.84 -38.57 -27.54
C ILE Q 59 21.91 -39.20 -28.54
N ARG Q 60 21.89 -40.51 -28.70
CA ARG Q 60 20.91 -41.01 -29.67
C ARG Q 60 19.50 -40.63 -29.20
N GLY Q 61 19.29 -40.85 -27.90
CA GLY Q 61 17.95 -40.59 -27.41
C GLY Q 61 17.62 -39.13 -27.58
N LEU Q 62 18.58 -38.26 -27.31
CA LEU Q 62 18.40 -36.81 -27.37
C LEU Q 62 18.28 -36.24 -28.74
N VAL Q 63 18.92 -36.83 -29.73
CA VAL Q 63 18.75 -36.27 -31.03
C VAL Q 63 17.30 -36.54 -31.26
N GLY Q 64 16.87 -37.76 -30.93
CA GLY Q 64 15.45 -37.96 -31.21
C GLY Q 64 14.61 -36.93 -30.46
N HIS Q 65 14.93 -36.69 -29.19
CA HIS Q 65 14.13 -35.79 -28.35
C HIS Q 65 14.10 -34.34 -28.81
N SER Q 66 15.24 -33.80 -29.18
CA SER Q 66 15.36 -32.42 -29.61
C SER Q 66 14.60 -32.26 -30.90
N ARG Q 67 14.70 -33.28 -31.74
CA ARG Q 67 13.91 -33.19 -32.93
C ARG Q 67 12.49 -32.89 -32.50
N HIS Q 68 12.00 -33.52 -31.44
CA HIS Q 68 10.60 -33.36 -31.12
C HIS Q 68 10.35 -32.01 -30.51
N ALA Q 69 11.20 -31.59 -29.58
CA ALA Q 69 10.95 -30.33 -28.88
C ALA Q 69 11.00 -29.12 -29.76
N ALA Q 70 11.99 -29.08 -30.63
CA ALA Q 70 12.14 -27.90 -31.44
C ALA Q 70 10.91 -27.83 -32.25
N GLN Q 71 10.48 -28.95 -32.80
CA GLN Q 71 9.29 -28.79 -33.60
C GLN Q 71 7.99 -28.46 -32.88
N ASN Q 72 7.76 -29.03 -31.71
CA ASN Q 72 6.45 -28.82 -31.08
C ASN Q 72 6.29 -27.83 -29.95
N PHE Q 73 7.35 -27.50 -29.25
CA PHE Q 73 7.21 -26.65 -28.03
C PHE Q 73 7.31 -25.17 -28.27
N ASP Q 74 8.27 -24.55 -27.63
CA ASP Q 74 8.63 -23.20 -27.97
C ASP Q 74 9.96 -22.92 -27.35
N TYR Q 75 10.42 -21.67 -27.36
CA TYR Q 75 11.69 -21.26 -26.77
C TYR Q 75 12.91 -21.88 -27.43
N ALA Q 76 12.83 -23.15 -27.78
CA ALA Q 76 13.93 -23.78 -28.45
C ALA Q 76 13.87 -23.41 -29.90
N ARG Q 77 12.68 -23.31 -30.45
CA ARG Q 77 12.59 -22.89 -31.82
C ARG Q 77 13.30 -21.58 -31.81
N ALA Q 78 13.22 -20.88 -30.69
CA ALA Q 78 13.85 -19.58 -30.60
C ALA Q 78 15.34 -19.71 -30.49
N TYR Q 79 15.81 -20.65 -29.70
CA TYR Q 79 17.23 -20.87 -29.64
C TYR Q 79 17.71 -21.10 -31.04
N GLU Q 80 17.10 -22.04 -31.74
CA GLU Q 80 17.53 -22.35 -33.08
C GLU Q 80 17.65 -21.10 -33.89
N MET Q 81 16.63 -20.24 -33.83
CA MET Q 81 16.65 -19.07 -34.68
C MET Q 81 17.79 -18.22 -34.24
N LEU Q 82 17.92 -18.09 -32.93
CA LEU Q 82 18.94 -17.19 -32.42
C LEU Q 82 20.29 -17.64 -32.84
N THR Q 83 20.55 -18.95 -32.71
CA THR Q 83 21.87 -19.42 -32.98
C THR Q 83 22.16 -19.15 -34.39
N ARG Q 84 21.22 -19.50 -35.24
CA ARG Q 84 21.56 -19.37 -36.62
C ARG Q 84 21.88 -17.97 -36.93
N ARG Q 85 21.00 -17.05 -36.56
CA ARG Q 85 21.29 -15.72 -37.03
C ARG Q 85 22.57 -15.16 -36.48
N HIS Q 86 22.75 -15.28 -35.20
CA HIS Q 86 23.91 -14.63 -34.62
C HIS Q 86 25.21 -15.22 -35.12
N VAL Q 87 25.24 -16.53 -35.33
CA VAL Q 87 26.51 -17.12 -35.70
C VAL Q 87 26.78 -17.18 -37.20
N ILE Q 88 25.76 -16.96 -38.01
CA ILE Q 88 25.98 -17.13 -39.44
C ILE Q 88 26.43 -15.94 -40.23
N GLY Q 89 25.54 -15.03 -40.54
CA GLY Q 89 25.91 -13.96 -41.43
C GLY Q 89 24.84 -13.43 -42.35
N PHE Q 90 24.69 -12.11 -42.32
CA PHE Q 90 24.10 -11.40 -43.45
C PHE Q 90 25.02 -11.54 -44.65
N ASN Q 91 26.32 -11.41 -44.43
CA ASN Q 91 27.32 -11.63 -45.45
C ASN Q 91 27.92 -13.03 -45.36
N GLY Q 92 27.35 -13.87 -44.51
CA GLY Q 92 27.89 -15.21 -44.29
C GLY Q 92 29.19 -15.10 -43.52
N ILE Q 93 30.13 -16.00 -43.84
CA ILE Q 93 31.51 -15.90 -43.39
C ILE Q 93 32.39 -15.79 -44.62
N ARG Q 94 33.13 -14.70 -44.75
CA ARG Q 94 33.91 -14.51 -45.97
C ARG Q 94 35.36 -14.97 -45.84
N LEU Q 95 36.07 -15.02 -46.96
CA LEU Q 95 37.46 -15.49 -46.94
C LEU Q 95 38.47 -14.46 -47.41
N GLN Q 96 39.51 -14.23 -46.62
CA GLN Q 96 40.57 -13.33 -47.05
C GLN Q 96 41.85 -14.13 -46.89
N MET Q 97 42.69 -14.16 -47.92
CA MET Q 97 43.88 -14.97 -47.86
C MET Q 97 45.11 -14.13 -48.10
N ASP Q 98 46.12 -14.31 -47.26
CA ASP Q 98 47.33 -13.51 -47.40
C ASP Q 98 48.42 -14.38 -47.96
N VAL Q 99 49.00 -13.97 -49.07
CA VAL Q 99 50.00 -14.80 -49.72
C VAL Q 99 51.22 -14.99 -48.85
N ARG Q 100 51.76 -13.90 -48.33
CA ARG Q 100 52.89 -14.01 -47.43
C ARG Q 100 52.90 -12.86 -46.45
N ASP Q 101 54.07 -12.49 -45.94
CA ASP Q 101 54.20 -11.29 -45.13
C ASP Q 101 53.45 -10.10 -45.76
N PRO Q 102 52.50 -9.49 -45.03
CA PRO Q 102 51.64 -8.48 -45.67
C PRO Q 102 52.27 -7.11 -45.84
N GLY Q 103 53.57 -6.96 -45.57
CA GLY Q 103 54.23 -5.69 -45.87
C GLY Q 103 54.37 -5.45 -47.35
N GLY Q 104 55.20 -6.25 -48.01
CA GLY Q 104 55.31 -6.21 -49.46
C GLY Q 104 55.36 -7.60 -50.05
N LYS Q 105 55.51 -8.60 -49.17
CA LYS Q 105 55.68 -9.98 -49.61
C LYS Q 105 54.35 -10.67 -49.90
N LYS Q 106 53.24 -10.15 -49.37
CA LYS Q 106 51.91 -10.57 -49.80
C LYS Q 106 51.51 -9.70 -50.99
N ASP Q 107 50.88 -10.30 -51.99
CA ASP Q 107 50.42 -9.57 -53.16
C ASP Q 107 48.92 -9.78 -53.36
N VAL Q 108 48.27 -8.81 -53.98
CA VAL Q 108 46.82 -8.89 -54.12
C VAL Q 108 46.34 -9.73 -55.28
N ALA Q 109 47.16 -10.01 -56.27
CA ALA Q 109 46.63 -10.73 -57.44
C ALA Q 109 46.10 -12.12 -57.10
N ALA Q 110 46.90 -12.87 -56.35
CA ALA Q 110 46.49 -14.22 -55.99
C ALA Q 110 45.27 -14.14 -55.12
N GLY Q 111 45.24 -13.15 -54.23
CA GLY Q 111 44.13 -13.04 -53.34
C GLY Q 111 42.85 -12.81 -54.11
N ALA Q 112 42.91 -11.90 -55.07
CA ALA Q 112 41.73 -11.57 -55.80
C ALA Q 112 41.29 -12.81 -56.50
N GLN Q 113 42.22 -13.51 -57.13
CA GLN Q 113 41.76 -14.65 -57.91
C GLN Q 113 41.07 -15.67 -57.03
N ILE Q 114 41.67 -16.00 -55.90
CA ILE Q 114 41.07 -17.04 -55.08
C ILE Q 114 39.70 -16.62 -54.55
N GLU Q 115 39.62 -15.37 -54.10
CA GLU Q 115 38.37 -14.95 -53.50
C GLU Q 115 37.30 -15.00 -54.55
N SER Q 116 37.66 -14.53 -55.74
CA SER Q 116 36.66 -14.45 -56.76
C SER Q 116 36.19 -15.83 -57.05
N ALA Q 117 37.10 -16.78 -57.19
CA ALA Q 117 36.64 -18.11 -57.55
C ALA Q 117 35.73 -18.69 -56.49
N TRP Q 118 36.11 -18.55 -55.22
CA TRP Q 118 35.28 -19.19 -54.21
C TRP Q 118 33.88 -18.59 -54.22
N ALA Q 119 33.85 -17.27 -54.27
CA ALA Q 119 32.55 -16.64 -54.17
C ALA Q 119 31.72 -17.04 -55.36
N ARG Q 120 32.30 -17.09 -56.55
CA ARG Q 120 31.55 -17.53 -57.75
C ARG Q 120 30.66 -18.77 -57.53
N TRP Q 121 31.27 -19.92 -57.24
CA TRP Q 121 30.50 -21.14 -57.01
C TRP Q 121 29.63 -21.04 -55.77
N GLY Q 122 30.01 -20.21 -54.81
CA GLY Q 122 29.18 -19.99 -53.63
C GLY Q 122 27.85 -19.42 -54.05
N LYS Q 123 27.84 -18.56 -55.06
CA LYS Q 123 26.59 -17.98 -55.58
C LYS Q 123 25.77 -19.07 -56.28
N MET Q 124 24.49 -18.83 -56.50
CA MET Q 124 23.63 -19.90 -57.03
C MET Q 124 24.18 -20.48 -58.32
N LYS Q 125 24.36 -21.80 -58.35
CA LYS Q 125 24.93 -22.47 -59.51
C LYS Q 125 24.69 -23.96 -59.43
N ASN Q 126 24.92 -24.67 -60.53
CA ASN Q 126 24.82 -26.14 -60.49
C ASN Q 126 25.91 -26.73 -59.60
N SER Q 127 27.09 -26.12 -59.60
CA SER Q 127 28.24 -26.66 -58.84
C SER Q 127 28.22 -26.85 -57.31
N PRO Q 128 27.58 -25.94 -56.55
CA PRO Q 128 27.67 -26.11 -55.08
C PRO Q 128 27.13 -27.40 -54.47
N THR Q 129 26.00 -27.95 -54.94
CA THR Q 129 25.41 -29.12 -54.28
C THR Q 129 24.78 -30.16 -55.22
N PRO Q 130 24.72 -31.48 -54.81
CA PRO Q 130 23.92 -32.38 -55.66
C PRO Q 130 22.43 -32.11 -55.61
N CYS Q 131 22.01 -31.25 -54.69
CA CYS Q 131 20.81 -30.43 -54.85
C CYS Q 131 21.09 -29.30 -55.84
N GLY Q 132 20.51 -28.13 -55.58
CA GLY Q 132 20.35 -27.12 -56.59
C GLY Q 132 19.25 -26.17 -56.27
N ARG Q 133 18.65 -26.30 -55.09
CA ARG Q 133 17.90 -25.23 -54.48
C ARG Q 133 18.76 -24.44 -53.49
N LEU Q 134 20.05 -24.74 -53.40
CA LEU Q 134 20.87 -24.20 -52.32
C LEU Q 134 22.11 -23.48 -52.83
N SER Q 135 22.96 -23.08 -51.88
CA SER Q 135 24.18 -22.34 -52.20
C SER Q 135 25.06 -22.43 -50.96
N TRP Q 136 26.22 -21.78 -50.98
CA TRP Q 136 27.16 -21.85 -49.87
C TRP Q 136 26.67 -21.24 -48.59
N TRP Q 137 25.98 -20.13 -48.72
CA TRP Q 137 25.45 -19.48 -47.55
C TRP Q 137 24.49 -20.44 -46.91
N GLY Q 138 23.70 -21.06 -47.76
CA GLY Q 138 22.71 -21.97 -47.25
C GLY Q 138 23.44 -23.08 -46.56
N VAL Q 139 24.47 -23.64 -47.15
CA VAL Q 139 25.07 -24.73 -46.44
C VAL Q 139 25.60 -24.27 -45.11
N GLU Q 140 26.25 -23.12 -44.98
CA GLU Q 140 26.73 -22.78 -43.65
C GLU Q 140 25.61 -22.66 -42.66
N CYS Q 141 24.55 -21.96 -43.05
CA CYS Q 141 23.49 -21.74 -42.07
C CYS Q 141 22.93 -23.07 -41.64
N GLN Q 142 22.74 -23.93 -42.60
CA GLN Q 142 22.14 -25.17 -42.23
C GLN Q 142 22.99 -26.07 -41.40
N VAL Q 143 24.26 -26.12 -41.72
CA VAL Q 143 25.13 -26.98 -40.98
C VAL Q 143 25.09 -26.45 -39.57
N ALA Q 144 25.09 -25.14 -39.39
CA ALA Q 144 24.99 -24.60 -38.04
C ALA Q 144 23.70 -24.89 -37.27
N THR Q 145 22.56 -24.84 -37.94
CA THR Q 145 21.33 -25.19 -37.25
C THR Q 145 21.40 -26.61 -36.84
N GLY Q 146 21.94 -27.43 -37.73
CA GLY Q 146 21.97 -28.85 -37.47
C GLY Q 146 22.82 -29.00 -36.27
N ILE Q 147 23.87 -28.22 -36.23
CA ILE Q 147 24.79 -28.33 -35.16
C ILE Q 147 24.10 -28.00 -33.90
N ALA Q 148 23.40 -26.91 -33.78
CA ALA Q 148 22.85 -26.72 -32.46
C ALA Q 148 21.99 -27.92 -32.14
N ARG Q 149 20.84 -28.03 -32.80
CA ARG Q 149 19.88 -29.10 -32.48
C ARG Q 149 20.41 -30.52 -32.26
N GLU Q 150 21.35 -30.95 -33.09
CA GLU Q 150 21.80 -32.33 -32.97
C GLU Q 150 23.19 -32.45 -32.38
N GLY Q 151 23.74 -31.36 -31.89
CA GLY Q 151 25.11 -31.40 -31.39
C GLY Q 151 26.12 -31.78 -32.45
N GLY Q 152 25.96 -31.26 -33.66
CA GLY Q 152 26.90 -31.54 -34.73
C GLY Q 152 26.38 -32.34 -35.89
N SER Q 153 26.96 -32.12 -37.06
CA SER Q 153 26.49 -32.81 -38.25
C SER Q 153 27.62 -32.91 -39.23
N PHE Q 154 27.46 -33.69 -40.28
CA PHE Q 154 28.57 -33.92 -41.19
C PHE Q 154 28.28 -33.56 -42.62
N VAL Q 155 29.32 -33.29 -43.39
CA VAL Q 155 29.15 -32.99 -44.81
C VAL Q 155 30.11 -33.87 -45.58
N ARG Q 156 29.76 -34.22 -46.82
CA ARG Q 156 30.63 -35.05 -47.62
C ARG Q 156 30.88 -34.44 -48.98
N ILE Q 157 32.06 -34.67 -49.52
CA ILE Q 157 32.41 -34.08 -50.80
C ILE Q 157 32.50 -35.11 -51.92
N HIS Q 158 32.02 -34.75 -53.10
CA HIS Q 158 32.04 -35.65 -54.25
C HIS Q 158 32.86 -35.04 -55.37
N GLN Q 159 33.67 -35.82 -56.07
CA GLN Q 159 34.38 -35.27 -57.21
C GLN Q 159 34.12 -36.02 -58.51
N GLY Q 160 34.18 -35.34 -59.66
CA GLY Q 160 33.94 -36.00 -60.95
C GLY Q 160 32.57 -35.77 -61.57
N THR Q 161 31.50 -36.13 -60.86
CA THR Q 161 30.15 -35.84 -61.33
C THR Q 161 29.91 -34.34 -61.36
N ASN Q 162 30.27 -33.62 -60.29
CA ASN Q 162 30.10 -32.15 -60.19
C ASN Q 162 28.68 -31.65 -60.29
N PHE Q 213 33.81 -28.91 -63.00
CA PHE Q 213 34.20 -28.59 -61.63
C PHE Q 213 34.24 -29.85 -60.78
N GLY Q 214 34.00 -29.72 -59.47
CA GLY Q 214 34.03 -30.85 -58.58
C GLY Q 214 33.96 -30.41 -57.13
N PHE Q 215 34.18 -31.33 -56.21
CA PHE Q 215 34.17 -31.00 -54.77
C PHE Q 215 32.85 -30.40 -54.29
N GLN Q 216 31.73 -30.87 -54.83
CA GLN Q 216 30.43 -30.40 -54.35
C GLN Q 216 30.20 -30.97 -52.96
N VAL Q 217 29.63 -30.17 -52.07
CA VAL Q 217 29.43 -30.62 -50.70
C VAL Q 217 27.96 -30.88 -50.40
N GLU Q 218 27.67 -32.07 -49.87
CA GLU Q 218 26.29 -32.41 -49.55
C GLU Q 218 26.12 -32.73 -48.06
N PRO Q 219 25.12 -32.10 -47.38
CA PRO Q 219 25.01 -32.50 -45.98
C PRO Q 219 24.17 -33.76 -45.81
N ILE Q 220 24.53 -34.58 -44.84
CA ILE Q 220 23.80 -35.82 -44.62
C ILE Q 220 23.18 -35.79 -43.26
N PRO Q 221 21.94 -36.28 -43.13
CA PRO Q 221 21.25 -36.20 -41.86
C PRO Q 221 21.94 -36.99 -40.76
N PHE Q 222 21.85 -36.53 -39.51
CA PHE Q 222 22.53 -37.18 -38.41
C PHE Q 222 22.06 -38.59 -38.18
N ASP Q 223 20.78 -38.87 -38.34
CA ASP Q 223 20.24 -40.18 -38.02
C ASP Q 223 20.83 -41.30 -38.85
N LEU Q 224 21.45 -40.97 -39.97
CA LEU Q 224 22.02 -41.97 -40.84
C LEU Q 224 23.09 -42.81 -40.14
N LEU Q 225 23.82 -42.23 -39.19
CA LEU Q 225 24.88 -42.97 -38.50
C LEU Q 225 24.40 -44.21 -37.75
N ASP Q 226 25.16 -45.30 -37.83
CA ASP Q 226 24.80 -46.55 -37.18
C ASP Q 226 25.35 -46.67 -35.76
N LEU Q 227 24.49 -46.55 -34.76
CA LEU Q 227 24.99 -46.61 -33.40
C LEU Q 227 25.39 -48.02 -33.00
N ASP Q 228 24.83 -49.01 -33.67
CA ASP Q 228 25.04 -50.40 -33.27
C ASP Q 228 26.34 -51.07 -33.64
N LEU Q 229 26.98 -50.63 -34.70
CA LEU Q 229 28.17 -51.33 -35.12
C LEU Q 229 29.18 -51.19 -34.03
N THR Q 230 29.70 -52.33 -33.55
CA THR Q 230 30.64 -52.34 -32.44
C THR Q 230 31.46 -53.62 -32.58
N GLY Q 231 32.47 -53.79 -31.73
CA GLY Q 231 33.24 -55.02 -31.74
C GLY Q 231 34.52 -54.85 -32.53
N PRO Q 232 35.68 -55.11 -31.91
CA PRO Q 232 36.97 -54.94 -32.58
C PRO Q 232 37.33 -56.10 -33.51
N THR Q 233 38.19 -55.84 -34.49
CA THR Q 233 38.65 -56.91 -35.37
C THR Q 233 39.95 -57.50 -34.77
N PRO Q 234 40.31 -58.77 -35.10
CA PRO Q 234 41.54 -59.24 -34.45
C PRO Q 234 42.73 -58.37 -34.81
N GLY Q 235 42.84 -57.94 -36.06
CA GLY Q 235 43.91 -57.06 -36.47
C GLY Q 235 43.54 -55.59 -36.43
N GLY Q 236 42.32 -55.27 -35.99
CA GLY Q 236 41.87 -53.89 -36.02
C GLY Q 236 41.23 -53.32 -34.77
N GLY Q 237 41.22 -51.99 -34.65
CA GLY Q 237 40.63 -51.33 -33.50
C GLY Q 237 39.11 -51.29 -33.48
N PHE Q 238 38.52 -50.85 -32.38
CA PHE Q 238 37.04 -50.84 -32.23
C PHE Q 238 36.26 -50.01 -33.24
N VAL Q 239 35.08 -50.50 -33.63
CA VAL Q 239 34.23 -49.77 -34.58
C VAL Q 239 32.97 -49.19 -33.91
N GLU Q 240 32.96 -49.15 -32.58
CA GLU Q 240 31.81 -48.59 -31.81
C GLU Q 240 31.21 -47.26 -32.30
N SER Q 241 29.91 -47.07 -32.12
CA SER Q 241 29.23 -45.86 -32.56
C SER Q 241 29.65 -45.48 -33.95
N GLY Q 242 29.85 -46.46 -34.80
CA GLY Q 242 30.18 -46.19 -36.17
C GLY Q 242 31.44 -45.41 -36.41
N VAL Q 243 32.44 -45.54 -35.55
CA VAL Q 243 33.70 -44.88 -35.85
C VAL Q 243 34.78 -45.92 -35.98
N GLU Q 244 35.55 -45.86 -37.06
CA GLU Q 244 36.56 -46.88 -37.26
C GLU Q 244 37.85 -46.38 -36.71
N PHE Q 245 38.25 -46.92 -35.58
CA PHE Q 245 39.52 -46.55 -35.01
C PHE Q 245 40.61 -47.34 -35.70
N ASP Q 246 41.85 -46.93 -35.55
CA ASP Q 246 42.96 -47.66 -36.16
C ASP Q 246 43.82 -48.36 -35.13
N ALA Q 247 44.92 -48.96 -35.56
CA ALA Q 247 45.89 -49.51 -34.63
C ALA Q 247 46.55 -48.44 -33.78
N THR Q 248 46.63 -47.21 -34.29
CA THR Q 248 47.07 -46.06 -33.51
C THR Q 248 45.91 -45.49 -32.69
N ASP Q 249 44.71 -46.07 -32.88
CA ASP Q 249 43.43 -45.56 -32.37
C ASP Q 249 43.20 -44.13 -32.88
N ARG Q 250 43.50 -43.95 -34.16
CA ARG Q 250 43.31 -42.72 -34.89
C ARG Q 250 42.11 -42.88 -35.81
N VAL Q 251 41.44 -41.77 -36.12
CA VAL Q 251 40.24 -41.83 -36.94
C VAL Q 251 40.63 -42.04 -38.39
N VAL Q 252 40.00 -43.01 -39.04
CA VAL Q 252 40.26 -43.29 -40.45
C VAL Q 252 38.99 -43.52 -41.22
N ALA Q 253 38.01 -44.17 -40.62
CA ALA Q 253 36.78 -44.34 -41.34
C ALA Q 253 35.53 -44.09 -40.55
N TYR Q 254 34.44 -43.87 -41.25
CA TYR Q 254 33.18 -43.67 -40.59
C TYR Q 254 32.23 -44.71 -41.14
N HIS Q 255 31.22 -45.06 -40.39
CA HIS Q 255 30.32 -46.10 -40.82
C HIS Q 255 28.87 -45.65 -40.78
N MET Q 256 28.45 -44.84 -41.73
CA MET Q 256 27.05 -44.44 -41.80
C MET Q 256 26.23 -45.66 -42.15
N TRP Q 257 24.95 -45.63 -41.82
CA TRP Q 257 24.06 -46.71 -42.24
C TRP Q 257 24.06 -46.76 -43.68
N SER Q 258 23.22 -45.98 -44.27
CA SER Q 258 23.15 -46.14 -45.65
C SER Q 258 22.51 -45.02 -46.26
N ALA Q 259 22.28 -45.15 -47.52
CA ALA Q 259 21.58 -44.13 -48.19
C ALA Q 259 20.22 -44.12 -47.68
N ALA Q 260 19.73 -45.27 -47.38
CA ALA Q 260 18.38 -45.30 -46.98
C ALA Q 260 18.24 -44.47 -45.77
N ALA Q 269 19.65 -48.54 -50.85
CA ALA Q 269 19.12 -49.22 -49.70
C ALA Q 269 20.22 -50.07 -49.16
N ARG Q 270 21.34 -50.09 -49.84
CA ARG Q 270 22.33 -51.01 -49.40
C ARG Q 270 22.88 -50.37 -48.26
N ARG Q 271 22.77 -51.03 -47.17
CA ARG Q 271 23.21 -50.41 -46.00
C ARG Q 271 24.70 -50.52 -45.82
N ARG Q 272 25.21 -49.91 -44.76
CA ARG Q 272 26.61 -49.95 -44.43
C ARG Q 272 27.59 -49.46 -45.46
N LEU Q 273 28.15 -48.25 -45.30
CA LEU Q 273 29.20 -47.86 -46.21
C LEU Q 273 30.32 -47.30 -45.39
N ARG Q 274 31.46 -47.94 -45.46
CA ARG Q 274 32.60 -47.39 -44.79
C ARG Q 274 32.90 -46.18 -45.63
N ILE Q 275 33.06 -45.03 -45.01
CA ILE Q 275 33.42 -43.86 -45.78
C ILE Q 275 34.73 -43.31 -45.26
N PRO Q 276 35.64 -42.99 -46.17
CA PRO Q 276 36.95 -42.50 -45.75
C PRO Q 276 36.77 -41.19 -45.03
N ALA Q 277 37.61 -40.92 -44.05
CA ALA Q 277 37.47 -39.72 -43.26
C ALA Q 277 37.59 -38.51 -44.14
N ALA Q 278 38.39 -38.59 -45.18
CA ALA Q 278 38.61 -37.41 -45.99
C ALA Q 278 37.28 -36.94 -46.53
N GLN Q 279 36.40 -37.87 -46.86
CA GLN Q 279 35.14 -37.47 -47.44
C GLN Q 279 34.18 -36.94 -46.38
N MET Q 280 34.22 -37.47 -45.17
CA MET Q 280 33.24 -37.04 -44.18
C MET Q 280 33.85 -36.32 -43.01
N LEU Q 281 33.44 -35.08 -42.78
CA LEU Q 281 34.00 -34.31 -41.70
C LEU Q 281 32.91 -33.98 -40.70
N TYR Q 282 33.15 -34.25 -39.42
CA TYR Q 282 32.13 -34.02 -38.40
C TYR Q 282 32.56 -32.87 -37.52
N VAL Q 283 31.77 -31.81 -37.47
CA VAL Q 283 32.09 -30.69 -36.58
C VAL Q 283 31.62 -31.13 -35.21
N LEU Q 284 32.31 -30.71 -34.16
CA LEU Q 284 31.97 -31.24 -32.83
C LEU Q 284 31.75 -30.36 -31.60
N VAL Q 285 31.85 -29.04 -31.68
CA VAL Q 285 31.75 -28.18 -30.47
C VAL Q 285 32.29 -28.86 -29.17
N PRO Q 286 33.63 -28.94 -28.99
CA PRO Q 286 34.11 -29.66 -27.81
C PRO Q 286 33.76 -29.13 -26.46
N GLU Q 287 33.34 -30.01 -25.56
CA GLU Q 287 33.06 -29.60 -24.21
C GLU Q 287 33.98 -30.43 -23.35
N GLU Q 288 33.49 -31.55 -22.86
CA GLU Q 288 34.38 -32.43 -22.13
C GLU Q 288 35.20 -33.06 -23.23
N ILE Q 289 36.49 -33.20 -23.03
CA ILE Q 289 37.32 -33.70 -24.11
C ILE Q 289 37.11 -35.16 -24.55
N GLY Q 290 36.89 -36.08 -23.61
CA GLY Q 290 36.83 -37.47 -24.02
C GLY Q 290 35.51 -37.90 -24.58
N GLN Q 291 35.19 -37.40 -25.77
CA GLN Q 291 33.96 -37.81 -26.41
C GLN Q 291 34.15 -38.09 -27.89
N ALA Q 292 33.37 -39.01 -28.43
CA ALA Q 292 33.41 -39.25 -29.86
C ALA Q 292 32.24 -38.56 -30.52
N LEU Q 293 31.46 -37.80 -29.76
CA LEU Q 293 30.25 -37.19 -30.31
C LEU Q 293 29.80 -35.97 -29.54
N GLY Q 294 28.92 -35.17 -30.13
CA GLY Q 294 28.39 -34.02 -29.41
C GLY Q 294 26.91 -33.97 -29.06
N VAL Q 295 26.61 -33.65 -27.81
CA VAL Q 295 25.23 -33.62 -27.35
C VAL Q 295 24.46 -32.42 -27.85
N PRO Q 296 23.13 -32.55 -27.96
CA PRO Q 296 22.36 -31.36 -28.33
C PRO Q 296 22.54 -30.33 -27.26
N ARG Q 297 22.80 -29.08 -27.64
CA ARG Q 297 23.06 -28.03 -26.65
C ARG Q 297 21.80 -27.66 -25.88
N SER Q 298 20.68 -28.22 -26.29
CA SER Q 298 19.40 -27.90 -25.64
C SER Q 298 19.05 -28.89 -24.54
N ALA Q 299 19.95 -29.82 -24.24
CA ALA Q 299 19.64 -30.89 -23.29
C ALA Q 299 19.28 -30.40 -21.88
N THR Q 300 19.98 -29.39 -21.38
CA THR Q 300 19.73 -28.93 -20.02
C THR Q 300 18.32 -28.39 -19.85
N ALA Q 301 17.84 -27.62 -20.83
CA ALA Q 301 16.52 -27.04 -20.75
C ALA Q 301 15.43 -27.89 -21.40
N LEU Q 302 15.81 -29.02 -21.99
CA LEU Q 302 14.83 -29.85 -22.71
C LEU Q 302 13.75 -30.35 -21.77
N ARG Q 303 14.15 -30.75 -20.57
CA ARG Q 303 13.18 -31.22 -19.60
C ARG Q 303 12.30 -30.07 -19.12
N LEU Q 304 12.91 -28.95 -18.75
CA LEU Q 304 12.12 -27.83 -18.21
C LEU Q 304 11.09 -27.30 -19.22
N MET Q 305 11.46 -27.18 -20.50
CA MET Q 305 10.58 -26.67 -21.55
C MET Q 305 9.38 -27.54 -21.82
N ASN Q 306 9.56 -28.85 -21.80
CA ASN Q 306 8.43 -29.69 -22.08
C ASN Q 306 7.44 -29.39 -21.01
N LEU Q 307 7.95 -29.38 -19.78
CA LEU Q 307 6.94 -29.20 -18.76
C LEU Q 307 6.26 -27.84 -18.93
N SER Q 308 7.05 -26.84 -19.25
CA SER Q 308 6.48 -25.51 -19.37
C SER Q 308 5.45 -25.35 -20.46
N GLU Q 309 5.67 -25.95 -21.62
CA GLU Q 309 4.67 -25.88 -22.67
C GLU Q 309 3.43 -26.60 -22.29
N LYS Q 310 3.57 -27.75 -21.64
CA LYS Q 310 2.31 -28.36 -21.23
C LYS Q 310 1.56 -27.41 -20.28
N PHE Q 311 2.29 -26.77 -19.38
CA PHE Q 311 1.64 -25.84 -18.49
C PHE Q 311 0.94 -24.68 -19.18
N GLN Q 312 1.60 -24.09 -20.17
CA GLN Q 312 1.01 -22.97 -20.87
C GLN Q 312 -0.25 -23.45 -21.56
N GLU Q 313 -0.21 -24.64 -22.14
CA GLU Q 313 -1.43 -25.15 -22.75
C GLU Q 313 -2.58 -25.38 -21.78
N SER Q 314 -2.29 -25.90 -20.58
CA SER Q 314 -3.38 -26.07 -19.62
C SER Q 314 -4.01 -24.80 -19.07
N ALA Q 315 -3.22 -23.83 -18.65
CA ALA Q 315 -3.72 -22.58 -18.08
C ALA Q 315 -4.65 -21.84 -19.03
N LEU Q 316 -4.27 -21.73 -20.30
CA LEU Q 316 -5.19 -20.97 -21.15
C LEU Q 316 -6.51 -21.71 -21.16
N THR Q 317 -6.45 -23.04 -21.23
CA THR Q 317 -7.72 -23.74 -21.34
C THR Q 317 -8.60 -23.56 -20.09
N ALA Q 318 -7.99 -23.60 -18.94
CA ALA Q 318 -8.73 -23.39 -17.71
C ALA Q 318 -9.34 -22.01 -17.66
N ALA Q 319 -8.62 -21.01 -18.11
CA ALA Q 319 -9.19 -19.69 -18.14
C ALA Q 319 -10.40 -19.62 -19.05
N ASN Q 320 -10.31 -20.24 -20.21
CA ASN Q 320 -11.48 -20.20 -21.03
C ASN Q 320 -12.65 -20.83 -20.31
N TYR Q 321 -12.43 -21.99 -19.69
CA TYR Q 321 -13.60 -22.64 -19.06
C TYR Q 321 -14.17 -21.77 -17.98
N GLY Q 322 -13.30 -21.13 -17.22
CA GLY Q 322 -13.75 -20.28 -16.14
C GLY Q 322 -14.56 -19.11 -16.62
N ALA Q 323 -14.15 -18.48 -17.71
CA ALA Q 323 -14.99 -17.42 -18.25
C ALA Q 323 -16.32 -17.95 -18.76
N SER Q 324 -16.30 -19.11 -19.40
CA SER Q 324 -17.54 -19.62 -19.99
C SER Q 324 -18.71 -20.07 -19.11
N ASN Q 325 -18.49 -20.74 -18.01
CA ASN Q 325 -19.56 -21.29 -17.19
C ASN Q 325 -20.37 -20.24 -16.47
N MET Q 326 -19.90 -19.01 -16.48
CA MET Q 326 -20.67 -17.93 -15.88
C MET Q 326 -21.16 -18.25 -14.47
N VAL Q 327 -22.43 -18.01 -14.19
CA VAL Q 327 -22.98 -18.30 -12.87
C VAL Q 327 -23.43 -19.72 -12.64
N PHE Q 328 -23.34 -20.21 -11.40
CA PHE Q 328 -23.86 -21.54 -11.09
C PHE Q 328 -25.09 -21.31 -10.22
N PHE Q 329 -26.26 -21.83 -10.59
CA PHE Q 329 -27.44 -21.69 -9.75
C PHE Q 329 -27.59 -22.82 -8.74
N GLU Q 330 -26.81 -22.81 -7.67
CA GLU Q 330 -26.84 -23.90 -6.69
C GLU Q 330 -28.10 -24.01 -5.89
N ARG Q 331 -28.47 -25.22 -5.52
CA ARG Q 331 -29.72 -25.43 -4.81
C ARG Q 331 -29.54 -26.12 -3.49
N ALA Q 332 -30.50 -25.94 -2.57
CA ALA Q 332 -30.43 -26.66 -1.31
C ALA Q 332 -30.88 -28.08 -1.56
N ALA Q 333 -30.76 -28.96 -0.57
CA ALA Q 333 -31.09 -30.37 -0.82
C ALA Q 333 -32.57 -30.68 -0.68
N ASP Q 334 -33.38 -30.19 -1.61
CA ASP Q 334 -34.79 -30.50 -1.56
C ASP Q 334 -35.40 -31.03 -2.84
N ASN Q 335 -35.30 -30.28 -3.93
CA ASN Q 335 -35.98 -30.70 -5.16
C ASN Q 335 -35.13 -31.05 -6.35
N GLY Q 336 -35.61 -30.69 -7.54
CA GLY Q 336 -34.90 -31.08 -8.75
C GLY Q 336 -35.38 -32.47 -9.05
N VAL Q 337 -36.39 -32.91 -8.32
CA VAL Q 337 -36.90 -34.27 -8.47
C VAL Q 337 -37.48 -34.58 -9.83
N VAL Q 338 -37.24 -35.79 -10.33
CA VAL Q 338 -37.87 -36.24 -11.57
C VAL Q 338 -37.69 -35.27 -12.73
N THR Q 339 -36.50 -34.72 -12.86
CA THR Q 339 -36.25 -33.91 -14.02
C THR Q 339 -36.40 -34.95 -15.10
N GLY Q 340 -37.40 -34.78 -15.97
CA GLY Q 340 -37.66 -35.81 -16.95
C GLY Q 340 -36.56 -36.12 -17.92
N PRO Q 341 -36.32 -37.42 -18.14
CA PRO Q 341 -35.28 -37.85 -19.06
C PRO Q 341 -35.52 -37.49 -20.50
N GLU Q 342 -36.76 -37.60 -20.97
CA GLU Q 342 -37.00 -37.41 -22.40
C GLU Q 342 -36.70 -36.05 -23.01
N ASP Q 343 -37.04 -34.99 -22.31
CA ASP Q 343 -36.81 -33.66 -22.83
C ASP Q 343 -35.33 -33.38 -22.99
N ASP Q 344 -34.50 -34.05 -22.19
CA ASP Q 344 -33.08 -33.75 -22.20
C ASP Q 344 -32.38 -33.96 -23.51
N ALA Q 345 -32.69 -35.03 -24.21
CA ALA Q 345 -31.95 -35.32 -25.43
C ALA Q 345 -32.09 -34.30 -26.56
N GLN Q 346 -33.28 -33.75 -26.78
CA GLN Q 346 -33.47 -32.86 -27.94
C GLN Q 346 -32.70 -31.54 -28.02
N ILE Q 347 -32.65 -30.75 -26.95
CA ILE Q 347 -31.99 -29.46 -27.05
C ILE Q 347 -31.54 -28.85 -25.74
N PRO Q 348 -30.52 -27.97 -25.79
CA PRO Q 348 -30.14 -27.25 -24.58
C PRO Q 348 -30.84 -25.92 -24.73
N ILE Q 349 -31.70 -25.57 -23.79
CA ILE Q 349 -32.51 -24.36 -23.95
C ILE Q 349 -31.76 -23.03 -24.12
N ASP Q 350 -32.25 -22.15 -25.00
CA ASP Q 350 -31.65 -20.83 -25.17
C ASP Q 350 -32.55 -19.79 -24.52
N GLN Q 351 -32.02 -18.98 -23.61
CA GLN Q 351 -32.80 -17.97 -22.91
C GLN Q 351 -32.25 -16.59 -23.21
N ILE Q 352 -33.12 -15.64 -23.55
CA ILE Q 352 -32.63 -14.32 -23.96
C ILE Q 352 -32.38 -13.34 -22.83
N GLU Q 353 -31.15 -12.87 -22.69
CA GLU Q 353 -30.82 -11.89 -21.66
C GLU Q 353 -30.28 -10.67 -22.35
N ALA Q 354 -30.57 -10.55 -23.64
CA ALA Q 354 -30.02 -9.45 -24.42
C ALA Q 354 -30.44 -8.10 -23.88
N GLY Q 355 -31.68 -8.00 -23.41
CA GLY Q 355 -32.15 -6.70 -23.00
C GLY Q 355 -31.27 -6.15 -21.91
N THR Q 356 -30.95 -4.86 -22.00
CA THR Q 356 -30.08 -4.24 -21.02
C THR Q 356 -30.47 -4.54 -19.60
N LEU Q 357 -31.60 -4.02 -19.17
CA LEU Q 357 -31.95 -4.20 -17.79
C LEU Q 357 -32.73 -5.48 -17.72
N THR Q 358 -32.21 -6.43 -16.98
CA THR Q 358 -32.91 -7.67 -16.84
C THR Q 358 -32.83 -8.16 -15.42
N GLU Q 359 -33.48 -7.47 -14.51
CA GLU Q 359 -33.48 -7.95 -13.16
C GLU Q 359 -34.15 -9.31 -13.19
N LEU Q 360 -33.60 -10.29 -12.50
CA LEU Q 360 -34.14 -11.64 -12.56
C LEU Q 360 -34.54 -12.18 -11.22
N PRO Q 361 -35.71 -12.83 -11.13
CA PRO Q 361 -36.10 -13.45 -9.86
C PRO Q 361 -35.94 -14.97 -9.86
N PRO Q 362 -35.24 -15.54 -8.87
CA PRO Q 362 -34.98 -16.98 -8.83
C PRO Q 362 -35.77 -17.78 -7.79
N GLY Q 363 -36.07 -19.04 -8.07
CA GLY Q 363 -36.74 -19.88 -7.09
C GLY Q 363 -35.99 -20.20 -5.79
N VAL Q 364 -34.66 -20.39 -5.84
CA VAL Q 364 -33.85 -20.76 -4.64
C VAL Q 364 -32.57 -19.98 -4.28
N LYS Q 365 -31.47 -20.10 -5.05
CA LYS Q 365 -30.25 -19.32 -4.77
C LYS Q 365 -29.32 -19.16 -5.96
N ALA Q 366 -28.36 -18.24 -5.89
CA ALA Q 366 -27.37 -18.05 -6.98
C ALA Q 366 -25.94 -17.84 -6.52
N VAL Q 367 -24.97 -18.21 -7.35
CA VAL Q 367 -23.58 -17.97 -7.00
C VAL Q 367 -22.76 -17.56 -8.21
N SER Q 368 -21.64 -16.87 -8.00
CA SER Q 368 -20.84 -16.39 -9.12
C SER Q 368 -19.52 -17.10 -9.16
N HIS Q 369 -19.16 -17.64 -10.31
CA HIS Q 369 -17.93 -18.40 -10.39
C HIS Q 369 -16.78 -17.45 -10.25
N ASN Q 370 -15.82 -17.80 -9.42
CA ASN Q 370 -14.64 -16.98 -9.30
C ASN Q 370 -13.52 -17.75 -9.96
N PRO Q 371 -12.95 -17.16 -11.00
CA PRO Q 371 -11.92 -17.90 -11.73
C PRO Q 371 -10.68 -17.96 -10.91
N ALA Q 372 -10.11 -19.14 -10.80
CA ALA Q 372 -8.88 -19.29 -10.07
C ALA Q 372 -7.80 -19.56 -11.06
N TYR Q 373 -8.10 -19.31 -12.33
CA TYR Q 373 -7.13 -19.62 -13.36
C TYR Q 373 -5.97 -18.76 -12.99
N PRO Q 374 -4.73 -19.31 -13.13
CA PRO Q 374 -3.64 -18.46 -12.68
C PRO Q 374 -3.80 -17.05 -13.19
N ASP Q 375 -3.87 -16.07 -12.31
CA ASP Q 375 -4.15 -14.73 -12.77
C ASP Q 375 -2.95 -13.84 -12.96
N ALA Q 376 -2.33 -13.45 -11.87
CA ALA Q 376 -1.14 -12.63 -11.97
C ALA Q 376 0.03 -13.37 -11.35
N ALA Q 377 -0.24 -14.54 -10.82
CA ALA Q 377 0.81 -15.36 -10.26
C ALA Q 377 1.75 -15.76 -11.35
N VAL Q 378 1.22 -15.99 -12.53
CA VAL Q 378 2.04 -16.52 -13.59
C VAL Q 378 3.25 -15.71 -14.00
N GLY Q 379 3.17 -14.39 -14.08
CA GLY Q 379 4.32 -13.66 -14.58
C GLY Q 379 5.58 -13.86 -13.76
N PRO Q 380 5.49 -13.71 -12.43
CA PRO Q 380 6.69 -14.02 -11.65
C PRO Q 380 7.11 -15.50 -11.68
N PHE Q 381 6.15 -16.42 -11.58
CA PHE Q 381 6.52 -17.83 -11.52
C PHE Q 381 7.20 -18.26 -12.80
N LEU Q 382 6.65 -17.86 -13.93
CA LEU Q 382 7.22 -18.32 -15.19
C LEU Q 382 8.61 -17.78 -15.36
N ARG Q 383 8.83 -16.54 -14.98
CA ARG Q 383 10.14 -15.96 -15.22
C ARG Q 383 11.19 -16.70 -14.48
N GLN Q 384 10.94 -17.07 -13.24
CA GLN Q 384 12.00 -17.70 -12.49
C GLN Q 384 12.42 -19.05 -13.07
N MET Q 385 11.46 -19.87 -13.47
CA MET Q 385 11.81 -21.13 -14.11
C MET Q 385 12.53 -20.81 -15.40
N GLY Q 386 12.08 -19.78 -16.09
CA GLY Q 386 12.70 -19.39 -17.35
C GLY Q 386 14.14 -18.97 -17.21
N THR Q 387 14.49 -18.27 -16.14
CA THR Q 387 15.85 -17.79 -16.00
C THR Q 387 16.74 -18.98 -15.96
N SER Q 388 16.30 -20.03 -15.29
CA SER Q 388 17.13 -21.21 -15.18
C SER Q 388 17.41 -21.81 -16.54
N GLN Q 389 16.41 -21.87 -17.40
CA GLN Q 389 16.60 -22.48 -18.70
C GLN Q 389 17.61 -21.69 -19.48
N ALA Q 390 17.52 -20.37 -19.41
CA ALA Q 390 18.41 -19.55 -20.19
C ALA Q 390 19.84 -19.75 -19.77
N ALA Q 391 20.07 -19.84 -18.48
CA ALA Q 391 21.42 -19.99 -18.00
C ALA Q 391 21.95 -21.27 -18.57
N GLY Q 392 21.10 -22.28 -18.60
CA GLY Q 392 21.50 -23.57 -19.12
C GLY Q 392 21.88 -23.55 -20.58
N LEU Q 393 21.17 -22.77 -21.38
CA LEU Q 393 21.43 -22.77 -22.81
C LEU Q 393 22.53 -21.81 -23.19
N GLY Q 394 23.09 -21.12 -22.21
CA GLY Q 394 24.18 -20.22 -22.48
C GLY Q 394 23.78 -18.98 -23.25
N VAL Q 395 22.58 -18.49 -23.01
CA VAL Q 395 22.11 -17.27 -23.66
C VAL Q 395 21.43 -16.34 -22.68
N SER Q 396 21.46 -15.03 -22.93
CA SER Q 396 20.77 -14.08 -22.07
C SER Q 396 19.28 -14.27 -22.15
N TYR Q 397 18.58 -14.10 -21.04
CA TYR Q 397 17.16 -14.35 -21.03
C TYR Q 397 16.42 -13.44 -21.97
N GLU Q 398 16.81 -12.18 -22.02
CA GLU Q 398 16.07 -11.24 -22.85
C GLU Q 398 16.13 -11.64 -24.30
N THR Q 399 17.27 -12.09 -24.78
CA THR Q 399 17.31 -12.55 -26.15
C THR Q 399 16.49 -13.81 -26.37
N LEU Q 400 16.60 -14.77 -25.47
CA LEU Q 400 15.91 -16.04 -25.67
C LEU Q 400 14.42 -15.90 -25.67
N THR Q 401 13.91 -15.16 -24.71
CA THR Q 401 12.49 -14.95 -24.64
C THR Q 401 12.34 -13.48 -24.60
N ALA Q 402 11.46 -12.91 -25.42
CA ALA Q 402 11.41 -11.46 -25.45
C ALA Q 402 10.57 -10.88 -24.34
N ASP Q 403 10.92 -11.16 -23.08
CA ASP Q 403 10.21 -10.52 -21.98
C ASP Q 403 10.53 -9.05 -22.04
N LEU Q 404 11.80 -8.70 -22.19
CA LEU Q 404 12.19 -7.30 -22.38
C LEU Q 404 11.54 -6.38 -21.38
N SER Q 405 11.57 -6.76 -20.10
CA SER Q 405 10.91 -5.94 -19.11
C SER Q 405 11.83 -5.59 -17.95
N GLY Q 406 11.60 -4.44 -17.34
CA GLY Q 406 12.42 -4.04 -16.23
C GLY Q 406 13.89 -4.02 -16.56
N ALA Q 407 14.26 -3.35 -17.64
CA ALA Q 407 15.68 -3.25 -17.94
C ALA Q 407 16.18 -1.84 -18.18
N ASN Q 408 17.20 -1.43 -17.44
CA ASN Q 408 17.81 -0.13 -17.67
C ASN Q 408 18.82 -0.31 -18.77
N PHE Q 409 19.40 0.78 -19.23
CA PHE Q 409 20.32 0.69 -20.35
C PHE Q 409 21.46 -0.21 -19.97
N SER Q 410 21.94 -0.06 -18.74
CA SER Q 410 23.09 -0.83 -18.36
C SER Q 410 22.82 -2.32 -18.37
N SER Q 411 21.64 -2.73 -17.93
CA SER Q 411 21.36 -4.15 -17.83
C SER Q 411 21.45 -4.77 -19.20
N LEU Q 412 20.89 -4.09 -20.17
CA LEU Q 412 20.92 -4.59 -21.51
C LEU Q 412 22.34 -4.71 -22.03
N ARG Q 413 23.17 -3.72 -21.74
CA ARG Q 413 24.51 -3.75 -22.28
C ARG Q 413 25.25 -4.95 -21.74
N ALA Q 414 25.09 -5.22 -20.45
CA ALA Q 414 25.81 -6.33 -19.85
C ALA Q 414 25.40 -7.64 -20.46
N GLY Q 415 24.11 -7.81 -20.67
CA GLY Q 415 23.62 -9.08 -21.19
C GLY Q 415 24.21 -9.34 -22.56
N LYS Q 416 24.27 -8.30 -23.37
CA LYS Q 416 24.78 -8.48 -24.69
C LYS Q 416 26.20 -8.90 -24.59
N GLY Q 417 26.95 -8.32 -23.69
CA GLY Q 417 28.36 -8.63 -23.64
C GLY Q 417 28.63 -10.09 -23.37
N GLU Q 418 27.89 -10.69 -22.44
CA GLU Q 418 28.08 -12.10 -22.11
C GLU Q 418 27.74 -13.03 -23.26
N GLU Q 419 26.63 -12.75 -23.92
CA GLU Q 419 26.26 -13.57 -25.07
C GLU Q 419 27.30 -13.42 -26.14
N ARG Q 420 27.84 -12.23 -26.31
CA ARG Q 420 28.77 -12.00 -27.38
C ARG Q 420 29.97 -12.90 -27.24
N GLU Q 421 30.42 -13.09 -26.01
CA GLU Q 421 31.53 -13.99 -25.87
C GLU Q 421 31.16 -15.38 -26.33
N GLU Q 422 29.98 -15.86 -25.96
CA GLU Q 422 29.62 -17.23 -26.29
C GLU Q 422 29.54 -17.43 -27.79
N TRP Q 423 28.94 -16.47 -28.48
CA TRP Q 423 28.79 -16.61 -29.90
C TRP Q 423 30.14 -16.65 -30.54
N ARG Q 424 31.05 -15.83 -30.04
CA ARG Q 424 32.34 -15.75 -30.68
C ARG Q 424 32.97 -17.11 -30.60
N MET Q 425 32.82 -17.77 -29.46
CA MET Q 425 33.47 -19.06 -29.30
C MET Q 425 32.95 -20.07 -30.31
N LEU Q 426 31.63 -20.11 -30.47
CA LEU Q 426 31.05 -21.04 -31.41
C LEU Q 426 31.47 -20.70 -32.82
N GLN Q 427 31.58 -19.41 -33.12
CA GLN Q 427 31.93 -19.00 -34.47
C GLN Q 427 33.29 -19.51 -34.86
N ARG Q 428 34.24 -19.44 -33.94
CA ARG Q 428 35.57 -19.89 -34.27
C ARG Q 428 35.53 -21.36 -34.56
N ALA Q 429 34.82 -22.11 -33.73
CA ALA Q 429 34.79 -23.56 -33.89
C ALA Q 429 34.17 -24.12 -35.16
N VAL Q 430 33.04 -23.58 -35.58
CA VAL Q 430 32.39 -24.17 -36.73
C VAL Q 430 33.29 -24.01 -37.94
N PHE Q 431 33.89 -22.84 -38.08
CA PHE Q 431 34.75 -22.62 -39.21
C PHE Q 431 36.16 -23.06 -38.96
N GLU Q 432 36.46 -23.44 -37.73
CA GLU Q 432 37.78 -23.98 -37.47
C GLU Q 432 37.80 -25.23 -38.29
N GLY Q 433 36.68 -25.93 -38.28
CA GLY Q 433 36.63 -27.17 -39.01
C GLY Q 433 36.15 -27.17 -40.45
N LEU Q 434 34.95 -26.71 -40.70
CA LEU Q 434 34.46 -26.84 -42.06
C LEU Q 434 35.25 -26.03 -43.07
N HIS Q 435 35.52 -24.76 -42.78
CA HIS Q 435 36.18 -23.92 -43.76
C HIS Q 435 37.56 -24.40 -44.06
N ASP Q 436 38.29 -24.73 -43.02
CA ASP Q 436 39.67 -25.09 -43.26
C ASP Q 436 39.77 -26.33 -44.12
N ARG Q 437 38.98 -27.34 -43.79
CA ARG Q 437 39.03 -28.55 -44.59
C ARG Q 437 38.57 -28.24 -45.98
N VAL Q 438 37.48 -27.52 -46.12
CA VAL Q 438 36.98 -27.30 -47.47
C VAL Q 438 37.91 -26.46 -48.29
N PHE Q 439 38.47 -25.40 -47.74
CA PHE Q 439 39.29 -24.55 -48.57
C PHE Q 439 40.47 -25.34 -49.03
N SER Q 440 41.07 -26.08 -48.12
CA SER Q 440 42.27 -26.78 -48.50
C SER Q 440 41.96 -27.81 -49.57
N ARG Q 441 40.89 -28.57 -49.36
CA ARG Q 441 40.57 -29.60 -50.31
C ARG Q 441 40.17 -29.00 -51.64
N TRP Q 442 39.43 -27.91 -51.61
CA TRP Q 442 38.94 -27.31 -52.85
C TRP Q 442 40.06 -26.83 -53.71
N LEU Q 443 41.10 -26.31 -53.11
CA LEU Q 443 42.13 -25.71 -53.94
C LEU Q 443 42.78 -26.61 -54.96
N PRO Q 444 43.17 -27.83 -54.59
CA PRO Q 444 43.81 -28.58 -55.67
C PRO Q 444 42.93 -28.84 -56.86
N LEU Q 445 41.69 -29.27 -56.64
CA LEU Q 445 40.87 -29.61 -57.80
C LEU Q 445 40.64 -28.38 -58.64
N ALA Q 446 40.36 -27.28 -57.99
CA ALA Q 446 40.11 -26.07 -58.71
C ALA Q 446 41.34 -25.64 -59.50
N MET Q 447 42.52 -25.79 -58.90
CA MET Q 447 43.73 -25.48 -59.64
C MET Q 447 43.92 -26.41 -60.83
N LEU Q 448 43.64 -27.70 -60.64
CA LEU Q 448 43.77 -28.68 -61.72
C LEU Q 448 42.80 -28.42 -62.85
N SER Q 449 41.57 -28.07 -62.51
CA SER Q 449 40.56 -27.77 -63.51
C SER Q 449 40.87 -26.45 -64.12
N GLY Q 450 41.79 -25.72 -63.52
CA GLY Q 450 42.19 -24.46 -64.08
C GLY Q 450 41.05 -23.51 -63.85
N GLU Q 451 40.06 -23.92 -63.05
CA GLU Q 451 38.99 -23.01 -62.74
C GLU Q 451 39.60 -21.74 -62.19
N VAL Q 452 40.63 -21.88 -61.36
CA VAL Q 452 41.31 -20.71 -60.87
C VAL Q 452 42.61 -20.68 -61.61
N ARG Q 453 43.01 -19.51 -62.09
CA ARG Q 453 44.23 -19.41 -62.86
C ARG Q 453 45.44 -19.11 -61.98
N LEU Q 454 46.34 -20.08 -61.83
CA LEU Q 454 47.53 -19.92 -61.00
C LEU Q 454 48.35 -21.23 -61.07
N PRO Q 455 49.69 -21.19 -60.76
CA PRO Q 455 50.37 -22.49 -60.90
C PRO Q 455 50.28 -23.39 -59.68
N LEU Q 456 50.03 -24.68 -59.90
CA LEU Q 456 49.87 -25.65 -58.81
C LEU Q 456 51.05 -25.92 -57.90
N ALA Q 457 52.26 -25.94 -58.44
CA ALA Q 457 53.41 -26.34 -57.62
C ALA Q 457 53.69 -25.54 -56.36
N LYS Q 458 53.61 -24.21 -56.41
CA LYS Q 458 53.79 -23.44 -55.18
C LYS Q 458 52.48 -23.29 -54.42
N LEU Q 459 51.95 -24.40 -53.92
CA LEU Q 459 50.68 -24.38 -53.22
C LEU Q 459 50.75 -23.57 -51.95
N ASP Q 460 51.88 -23.65 -51.26
CA ASP Q 460 52.03 -22.97 -49.97
C ASP Q 460 51.87 -21.47 -50.04
N LYS Q 461 52.31 -20.86 -51.14
CA LYS Q 461 52.24 -19.42 -51.26
C LYS Q 461 50.80 -18.96 -51.18
N PHE Q 462 49.89 -19.70 -51.79
CA PHE Q 462 48.48 -19.34 -51.66
C PHE Q 462 47.74 -20.15 -50.61
N ASP Q 463 48.44 -21.01 -49.89
CA ASP Q 463 47.78 -21.88 -48.91
C ASP Q 463 47.08 -21.16 -47.76
N ALA Q 464 47.67 -20.09 -47.24
CA ALA Q 464 47.08 -19.42 -46.08
C ALA Q 464 45.70 -18.89 -46.40
N ALA Q 465 44.77 -19.07 -45.47
CA ALA Q 465 43.40 -18.64 -45.70
C ALA Q 465 42.78 -18.23 -44.39
N THR Q 466 42.23 -17.03 -44.34
CA THR Q 466 41.66 -16.55 -43.09
C THR Q 466 40.17 -16.31 -43.25
N TRP Q 467 39.40 -16.81 -42.31
CA TRP Q 467 37.95 -16.64 -42.38
C TRP Q 467 37.53 -15.49 -41.48
N ARG Q 468 36.66 -14.61 -41.97
CA ARG Q 468 36.28 -13.46 -41.17
C ARG Q 468 34.84 -13.47 -40.67
N PRO Q 469 34.66 -13.46 -39.35
CA PRO Q 469 33.31 -13.41 -38.77
C PRO Q 469 32.75 -12.00 -38.78
N ARG Q 470 31.44 -11.83 -38.59
CA ARG Q 470 30.89 -10.47 -38.51
C ARG Q 470 30.34 -10.09 -37.13
N GLY Q 471 30.80 -8.97 -36.60
CA GLY Q 471 30.40 -8.54 -35.27
C GLY Q 471 29.08 -7.80 -35.18
N TRP Q 472 28.61 -7.60 -33.97
CA TRP Q 472 27.34 -6.92 -33.77
C TRP Q 472 27.46 -5.46 -33.31
N PRO Q 473 26.68 -4.55 -33.91
CA PRO Q 473 26.77 -3.11 -33.60
C PRO Q 473 26.33 -2.60 -32.23
N SER Q 474 26.97 -1.54 -31.73
CA SER Q 474 26.67 -0.97 -30.41
C SER Q 474 25.49 -0.03 -30.32
N VAL Q 475 24.87 0.03 -29.14
CA VAL Q 475 23.75 0.96 -28.91
C VAL Q 475 24.10 2.46 -28.96
N ASN Q 476 25.24 2.85 -28.40
CA ASN Q 476 25.60 4.27 -28.35
C ASN Q 476 26.72 4.61 -29.32
N PRO Q 477 26.41 5.02 -30.55
CA PRO Q 477 27.55 5.26 -31.42
C PRO Q 477 28.39 6.45 -31.08
N LYS Q 478 27.87 7.48 -30.47
CA LYS Q 478 28.69 8.66 -30.26
C LYS Q 478 29.88 8.33 -29.39
N ASP Q 479 29.64 7.60 -28.30
CA ASP Q 479 30.71 7.28 -27.38
C ASP Q 479 31.74 6.44 -28.07
N ASP Q 480 31.28 5.47 -28.84
CA ASP Q 480 32.22 4.57 -29.46
C ASP Q 480 33.07 5.37 -30.39
N ALA Q 481 32.47 6.27 -31.14
CA ALA Q 481 33.24 7.03 -32.12
C ALA Q 481 34.27 7.91 -31.46
N THR Q 482 33.90 8.56 -30.36
CA THR Q 482 34.88 9.38 -29.67
C THR Q 482 36.04 8.53 -29.16
N ALA Q 483 35.72 7.37 -28.60
CA ALA Q 483 36.77 6.51 -28.08
C ALA Q 483 37.67 6.07 -29.19
N HIS Q 484 37.10 5.73 -30.34
CA HIS Q 484 37.89 5.27 -31.45
C HIS Q 484 38.81 6.35 -31.96
N GLU Q 485 38.32 7.59 -32.03
CA GLU Q 485 39.20 8.66 -32.45
C GLU Q 485 40.34 8.78 -31.47
N LYS Q 486 40.02 8.73 -30.18
CA LYS Q 486 41.09 8.91 -29.21
C LYS Q 486 42.12 7.81 -29.36
N ASP Q 487 41.66 6.58 -29.59
CA ASP Q 487 42.57 5.45 -29.74
C ASP Q 487 43.45 5.54 -30.97
N LEU Q 488 42.88 5.98 -32.08
CA LEU Q 488 43.66 6.11 -33.29
C LEU Q 488 44.73 7.12 -32.99
N LYS Q 489 44.35 8.15 -32.25
CA LYS Q 489 45.34 9.13 -31.86
C LYS Q 489 46.48 8.50 -31.09
N ASN Q 490 46.18 7.63 -30.13
CA ASN Q 490 47.32 7.14 -29.30
C ASN Q 490 48.14 5.95 -29.84
N GLY Q 491 48.08 5.65 -31.12
CA GLY Q 491 48.72 4.52 -31.76
C GLY Q 491 48.43 3.22 -31.03
N VAL Q 492 47.39 3.21 -30.19
CA VAL Q 492 47.06 2.02 -29.42
C VAL Q 492 46.26 1.03 -30.26
N ARG Q 493 45.14 1.48 -30.85
CA ARG Q 493 44.43 0.69 -31.82
C ARG Q 493 44.97 1.01 -33.20
N THR Q 494 45.14 -0.03 -33.99
CA THR Q 494 45.54 0.17 -35.37
C THR Q 494 44.22 0.32 -36.09
N ARG Q 495 44.26 0.88 -37.28
CA ARG Q 495 43.05 1.06 -38.04
C ARG Q 495 42.42 -0.27 -38.38
N THR Q 496 43.22 -1.27 -38.65
CA THR Q 496 42.67 -2.55 -39.07
C THR Q 496 41.75 -3.22 -38.06
N GLU Q 497 42.08 -3.13 -36.79
CA GLU Q 497 41.28 -3.82 -35.80
C GLU Q 497 39.85 -3.33 -35.74
N ILE Q 498 39.65 -2.03 -35.85
CA ILE Q 498 38.31 -1.50 -35.72
C ILE Q 498 37.43 -2.07 -36.81
N CYS Q 499 37.96 -2.14 -38.02
CA CYS Q 499 37.21 -2.68 -39.13
C CYS Q 499 36.88 -4.12 -38.86
N ALA Q 500 37.82 -4.82 -38.24
CA ALA Q 500 37.62 -6.23 -37.99
C ALA Q 500 36.44 -6.51 -37.09
N GLU Q 501 36.22 -5.66 -36.10
CA GLU Q 501 35.14 -5.94 -35.17
C GLU Q 501 33.84 -5.94 -35.93
N ARG Q 502 33.65 -4.97 -36.81
CA ARG Q 502 32.46 -5.00 -37.63
C ARG Q 502 32.54 -6.22 -38.53
N GLY Q 503 33.75 -6.56 -38.99
CA GLY Q 503 33.93 -7.68 -39.90
C GLY Q 503 34.15 -7.30 -41.36
N ARG Q 504 34.07 -6.02 -41.67
CA ARG Q 504 34.32 -5.57 -43.02
C ARG Q 504 35.73 -5.74 -43.57
N ASP Q 505 36.77 -5.39 -42.82
CA ASP Q 505 38.17 -5.43 -43.34
C ASP Q 505 38.80 -4.21 -44.08
N PHE Q 506 40.06 -3.95 -43.78
CA PHE Q 506 40.75 -2.78 -44.35
C PHE Q 506 40.97 -2.70 -45.86
N ALA Q 507 41.23 -3.82 -46.52
CA ALA Q 507 41.38 -3.77 -47.97
C ALA Q 507 40.06 -3.33 -48.58
N ASP Q 508 38.97 -3.85 -48.03
CA ASP Q 508 37.66 -3.51 -48.54
C ASP Q 508 37.50 -2.02 -48.35
N VAL Q 509 37.90 -1.57 -47.16
CA VAL Q 509 37.70 -0.17 -46.91
C VAL Q 509 38.48 0.68 -47.92
N VAL Q 510 39.74 0.33 -48.19
CA VAL Q 510 40.56 1.09 -49.14
C VAL Q 510 40.04 1.07 -50.59
N ALA Q 511 39.54 -0.06 -51.05
CA ALA Q 511 38.97 -0.09 -52.39
C ALA Q 511 37.78 0.84 -52.46
N GLU Q 512 36.97 0.77 -51.41
CA GLU Q 512 35.80 1.62 -51.43
C GLU Q 512 36.21 3.10 -51.41
N ALA Q 513 37.28 3.42 -50.69
CA ALA Q 513 37.81 4.78 -50.65
C ALA Q 513 38.29 5.25 -52.01
N ALA Q 514 38.94 4.37 -52.76
CA ALA Q 514 39.32 4.74 -54.12
C ALA Q 514 38.07 5.03 -54.98
N ALA Q 515 37.04 4.21 -54.78
CA ALA Q 515 35.80 4.52 -55.52
C ALA Q 515 35.24 5.89 -55.14
N GLU Q 516 35.30 6.21 -53.84
CA GLU Q 516 34.82 7.51 -53.38
C GLU Q 516 35.64 8.62 -54.01
N ARG Q 517 36.94 8.43 -54.15
CA ARG Q 517 37.80 9.41 -54.84
C ARG Q 517 37.42 9.63 -56.30
N GLN Q 518 37.12 8.55 -57.02
CA GLN Q 518 36.62 8.78 -58.39
C GLN Q 518 35.29 9.55 -58.41
N MET Q 519 34.45 9.22 -57.45
CA MET Q 519 33.20 9.98 -57.38
C MET Q 519 33.46 11.45 -57.05
N MET Q 520 34.63 11.74 -56.50
CA MET Q 520 34.98 13.12 -56.19
C MET Q 520 35.35 13.88 -57.43
N ARG Q 521 35.90 13.20 -58.41
CA ARG Q 521 36.36 13.89 -59.60
C ARG Q 521 35.18 14.54 -60.29
N ASP Q 522 34.06 13.84 -60.39
CA ASP Q 522 32.86 14.42 -60.98
C ASP Q 522 32.26 15.58 -60.16
N ALA Q 523 32.24 15.46 -58.84
CA ALA Q 523 31.64 16.50 -57.99
C ALA Q 523 32.61 17.16 -57.02
N GLY Q 524 32.72 16.63 -55.80
CA GLY Q 524 33.62 17.20 -54.81
C GLY Q 524 33.97 16.15 -53.77
N LEU Q 525 35.02 16.36 -53.00
CA LEU Q 525 35.37 15.42 -51.91
C LEU Q 525 34.85 15.93 -50.58
N ASP Q 526 35.73 16.39 -49.72
CA ASP Q 526 35.29 16.81 -48.39
C ASP Q 526 35.98 18.05 -47.89
N PRO Q 527 35.35 18.76 -46.94
CA PRO Q 527 36.02 19.92 -46.35
C PRO Q 527 36.75 19.58 -45.05
N MET R 1 -23.74 -55.82 -34.69
CA MET R 1 -23.45 -54.97 -35.84
C MET R 1 -24.18 -53.64 -35.79
N THR R 2 -24.57 -53.13 -36.95
CA THR R 2 -25.27 -51.85 -37.03
C THR R 2 -26.66 -51.96 -36.43
N VAL R 3 -27.16 -50.85 -35.89
CA VAL R 3 -28.46 -50.86 -35.21
C VAL R 3 -29.16 -49.50 -35.30
N SER R 4 -30.47 -49.52 -35.45
CA SER R 4 -31.22 -48.27 -35.51
C SER R 4 -32.42 -48.29 -34.57
N ILE R 5 -32.16 -48.17 -33.28
CA ILE R 5 -33.27 -48.15 -32.36
C ILE R 5 -33.73 -46.72 -32.19
N HIS R 6 -34.70 -46.31 -33.00
CA HIS R 6 -35.25 -44.97 -32.77
C HIS R 6 -36.77 -44.83 -32.87
N PRO R 7 -37.51 -45.50 -31.98
CA PRO R 7 -38.95 -45.27 -31.99
C PRO R 7 -39.18 -43.86 -31.50
N PRO R 8 -40.21 -43.17 -32.02
CA PRO R 8 -40.31 -41.82 -31.48
C PRO R 8 -40.55 -41.94 -30.00
N ALA R 9 -39.87 -41.12 -29.21
CA ALA R 9 -39.97 -41.18 -27.75
C ALA R 9 -41.40 -41.04 -27.28
N THR R 10 -42.14 -40.12 -27.88
CA THR R 10 -43.54 -39.92 -27.50
C THR R 10 -44.45 -40.71 -28.42
N LEU R 11 -44.85 -41.91 -27.99
CA LEU R 11 -45.66 -42.73 -28.83
C LEU R 11 -47.05 -42.67 -28.32
N VAL R 12 -47.99 -42.27 -29.16
CA VAL R 12 -49.35 -42.10 -28.71
C VAL R 12 -50.20 -43.29 -29.03
N ALA R 13 -51.09 -43.63 -28.13
CA ALA R 13 -51.90 -44.83 -28.31
C ALA R 13 -52.89 -44.73 -29.43
N GLY R 14 -53.40 -45.88 -29.87
CA GLY R 14 -54.35 -45.89 -30.96
C GLY R 14 -53.88 -45.29 -32.25
N ASP R 15 -52.60 -44.94 -32.32
CA ASP R 15 -52.06 -44.30 -33.50
C ASP R 15 -51.05 -45.23 -34.10
N SER R 16 -50.88 -45.16 -35.41
CA SER R 16 -49.95 -46.04 -36.09
C SER R 16 -48.53 -45.69 -35.69
N TRP R 17 -47.70 -46.70 -35.46
CA TRP R 17 -46.34 -46.44 -35.02
C TRP R 17 -45.32 -46.93 -36.03
N ALA R 18 -44.36 -46.08 -36.38
CA ALA R 18 -43.32 -46.49 -37.32
C ALA R 18 -41.92 -45.92 -37.11
N TRP R 19 -40.88 -46.75 -37.14
CA TRP R 19 -39.52 -46.16 -37.11
C TRP R 19 -38.79 -46.45 -38.41
N GLU R 20 -39.14 -47.54 -39.09
CA GLU R 20 -38.42 -47.88 -40.31
C GLU R 20 -36.91 -47.90 -40.04
N ALA R 21 -36.47 -48.70 -39.08
CA ALA R 21 -35.06 -48.71 -38.70
C ALA R 21 -34.06 -48.96 -39.79
N GLY R 22 -33.01 -48.14 -39.85
CA GLY R 22 -32.02 -48.27 -40.90
C GLY R 22 -31.14 -49.49 -41.02
N ALA R 23 -30.56 -49.99 -39.93
CA ALA R 23 -29.60 -51.10 -40.07
C ALA R 23 -29.47 -52.10 -38.93
N VAL R 24 -30.44 -52.16 -38.05
CA VAL R 24 -30.31 -53.04 -36.89
C VAL R 24 -30.19 -54.49 -37.24
N PHE R 25 -30.95 -54.93 -38.23
CA PHE R 25 -30.96 -56.34 -38.57
C PHE R 25 -30.09 -56.64 -39.79
N GLU R 26 -29.07 -55.82 -40.04
CA GLU R 26 -28.31 -56.03 -41.24
C GLU R 26 -27.45 -57.23 -40.98
N ASP R 27 -27.05 -57.43 -39.73
CA ASP R 27 -26.35 -58.66 -39.42
C ASP R 27 -27.33 -59.79 -39.49
N HIS R 28 -26.88 -60.96 -39.92
CA HIS R 28 -27.75 -62.10 -40.06
C HIS R 28 -28.95 -61.76 -40.93
N PRO R 29 -28.73 -61.02 -42.04
CA PRO R 29 -29.92 -60.62 -42.79
C PRO R 29 -30.68 -61.77 -43.44
N ASP R 30 -29.97 -62.72 -44.04
CA ASP R 30 -30.63 -63.78 -44.77
C ASP R 30 -31.53 -64.76 -44.01
N PRO R 31 -31.08 -65.27 -42.86
CA PRO R 31 -32.00 -66.21 -42.23
C PRO R 31 -32.60 -65.76 -40.89
N TRP R 32 -32.41 -64.52 -40.46
CA TRP R 32 -32.92 -64.14 -39.14
C TRP R 32 -34.04 -63.10 -39.23
N ALA R 33 -35.03 -63.19 -38.35
CA ALA R 33 -36.19 -62.30 -38.42
C ALA R 33 -36.05 -60.91 -37.79
N ALA R 34 -37.04 -60.04 -38.00
CA ALA R 34 -37.03 -58.71 -37.37
C ALA R 34 -38.08 -58.70 -36.26
N SER R 35 -37.82 -58.05 -35.13
CA SER R 35 -38.77 -58.11 -34.02
C SER R 35 -39.21 -56.82 -33.33
N TYR R 36 -38.26 -55.99 -32.93
CA TYR R 36 -38.58 -54.75 -32.24
C TYR R 36 -39.59 -55.04 -31.14
N VAL R 37 -39.22 -55.90 -30.18
CA VAL R 37 -40.14 -56.27 -29.10
C VAL R 37 -40.53 -55.07 -28.25
N LEU R 38 -41.81 -54.92 -27.97
CA LEU R 38 -42.26 -53.84 -27.13
C LEU R 38 -42.88 -54.50 -25.93
N ARG R 39 -42.41 -54.19 -24.74
CA ARG R 39 -42.91 -54.86 -23.55
C ARG R 39 -43.34 -53.88 -22.52
N PRO R 40 -44.52 -54.08 -21.95
CA PRO R 40 -44.86 -53.18 -20.85
C PRO R 40 -43.98 -53.51 -19.68
N GLU R 41 -43.41 -52.50 -19.04
CA GLU R 41 -42.52 -52.74 -17.93
C GLU R 41 -43.19 -53.36 -16.71
N ALA R 42 -44.39 -52.90 -16.38
CA ALA R 42 -45.07 -53.39 -15.17
C ALA R 42 -46.28 -54.24 -15.51
N GLY R 43 -46.11 -55.47 -15.96
CA GLY R 43 -47.25 -56.25 -16.42
C GLY R 43 -47.22 -56.46 -17.91
N GLY R 44 -48.30 -56.97 -18.45
CA GLY R 44 -48.38 -57.09 -19.90
C GLY R 44 -47.70 -58.25 -20.57
N ASP R 45 -47.87 -58.33 -21.88
CA ASP R 45 -47.28 -59.42 -22.63
C ASP R 45 -46.57 -58.78 -23.78
N PRO R 46 -45.33 -59.21 -24.03
CA PRO R 46 -44.61 -58.49 -25.06
C PRO R 46 -45.33 -58.53 -26.39
N VAL R 47 -45.52 -57.38 -27.03
CA VAL R 47 -46.10 -57.38 -28.37
C VAL R 47 -44.95 -57.19 -29.33
N THR R 48 -45.10 -57.66 -30.56
CA THR R 48 -44.02 -57.57 -31.52
C THR R 48 -44.36 -57.01 -32.87
N VAL R 49 -43.36 -56.44 -33.54
CA VAL R 49 -43.57 -55.86 -34.86
C VAL R 49 -42.73 -56.60 -35.89
N SER R 50 -43.34 -56.95 -37.02
CA SER R 50 -42.60 -57.66 -38.06
C SER R 50 -42.14 -56.73 -39.17
N GLY R 51 -42.17 -57.22 -40.41
CA GLY R 51 -41.66 -56.41 -41.50
C GLY R 51 -42.67 -55.68 -42.38
N GLY R 52 -43.37 -56.39 -43.26
CA GLY R 52 -44.27 -55.72 -44.19
C GLY R 52 -43.52 -54.62 -44.89
N LEU R 53 -42.38 -54.94 -45.49
CA LEU R 53 -41.53 -53.89 -46.06
C LEU R 53 -41.10 -53.88 -47.50
N GLU R 54 -40.50 -52.76 -47.93
CA GLU R 54 -39.89 -52.72 -49.25
C GLU R 54 -38.53 -53.37 -49.02
N VAL R 55 -38.01 -54.10 -50.01
CA VAL R 55 -36.76 -54.82 -49.79
C VAL R 55 -35.52 -53.97 -49.47
N LEU R 56 -35.31 -52.87 -50.20
CA LEU R 56 -34.09 -52.08 -50.00
C LEU R 56 -34.00 -51.48 -48.62
N ALA R 57 -35.10 -50.90 -48.15
CA ALA R 57 -35.10 -50.34 -46.81
C ALA R 57 -36.26 -50.95 -46.03
N PRO R 58 -35.94 -51.60 -44.91
CA PRO R 58 -37.01 -52.15 -44.10
C PRO R 58 -37.85 -51.06 -43.49
N VAL R 59 -39.17 -51.20 -43.53
CA VAL R 59 -40.02 -50.23 -42.85
C VAL R 59 -40.92 -50.97 -41.89
N PHE R 60 -40.93 -50.53 -40.64
CA PHE R 60 -41.67 -51.24 -39.62
C PHE R 60 -42.92 -50.48 -39.35
N ARG R 61 -44.04 -51.18 -39.29
CA ARG R 61 -45.29 -50.50 -39.07
C ARG R 61 -46.23 -51.26 -38.18
N LEU R 62 -47.02 -50.53 -37.39
CA LEU R 62 -48.02 -51.17 -36.56
C LEU R 62 -49.38 -50.52 -36.81
N PRO R 63 -50.43 -51.34 -37.03
CA PRO R 63 -51.77 -50.80 -37.28
C PRO R 63 -52.37 -50.10 -36.09
N ALA R 64 -53.09 -49.02 -36.34
CA ALA R 64 -53.67 -48.26 -35.24
C ALA R 64 -54.69 -49.03 -34.42
N SER R 65 -55.53 -49.79 -35.10
CA SER R 65 -56.57 -50.52 -34.40
C SER R 65 -55.97 -51.51 -33.44
N VAL R 66 -54.89 -52.16 -33.84
CA VAL R 66 -54.22 -53.09 -32.95
C VAL R 66 -53.66 -52.41 -31.69
N THR R 67 -53.16 -51.20 -31.83
CA THR R 67 -52.59 -50.50 -30.69
C THR R 67 -53.66 -50.31 -29.64
N ALA R 68 -54.85 -49.88 -30.06
CA ALA R 68 -55.99 -49.75 -29.15
C ALA R 68 -55.83 -49.85 -27.66
N ASP R 69 -55.82 -51.07 -27.14
CA ASP R 69 -55.81 -51.26 -25.69
C ASP R 69 -54.47 -51.31 -25.00
N LEU R 70 -53.40 -50.93 -25.69
CA LEU R 70 -52.09 -51.07 -25.10
C LEU R 70 -51.98 -50.25 -23.82
N PRO R 71 -51.24 -50.76 -22.82
CA PRO R 71 -51.16 -50.07 -21.52
C PRO R 71 -50.63 -48.65 -21.47
N PRO R 72 -51.31 -47.76 -20.74
CA PRO R 72 -50.79 -46.41 -20.55
C PRO R 72 -49.67 -46.46 -19.54
N GLY R 73 -48.55 -45.78 -19.76
CA GLY R 73 -47.42 -45.91 -18.83
C GLY R 73 -46.08 -45.94 -19.52
N GLU R 74 -45.14 -46.70 -18.97
CA GLU R 74 -43.80 -46.79 -19.55
C GLU R 74 -43.52 -48.12 -20.27
N TRP R 75 -42.91 -48.06 -21.46
CA TRP R 75 -42.66 -49.26 -22.25
C TRP R 75 -41.21 -49.35 -22.68
N THR R 76 -40.73 -50.56 -22.92
CA THR R 76 -39.34 -50.74 -23.33
C THR R 76 -39.18 -51.28 -24.74
N TRP R 77 -38.10 -50.91 -25.42
CA TRP R 77 -37.86 -51.33 -26.79
C TRP R 77 -36.60 -52.16 -26.91
N PHE R 78 -36.72 -53.41 -27.31
CA PHE R 78 -35.54 -54.22 -27.51
C PHE R 78 -35.68 -54.89 -28.89
N ALA R 79 -34.62 -54.92 -29.69
CA ALA R 79 -34.71 -55.50 -31.03
C ALA R 79 -33.95 -56.81 -31.12
N VAL R 80 -34.63 -57.86 -31.57
CA VAL R 80 -34.00 -59.18 -31.60
C VAL R 80 -34.07 -59.83 -32.96
N ALA R 81 -32.97 -60.43 -33.41
CA ALA R 81 -32.97 -61.17 -34.66
C ALA R 81 -32.79 -62.61 -34.28
N VAL R 82 -33.62 -63.50 -34.79
CA VAL R 82 -33.54 -64.89 -34.36
C VAL R 82 -33.59 -65.93 -35.48
N ASP R 83 -32.74 -66.95 -35.43
CA ASP R 83 -32.85 -68.03 -36.42
C ASP R 83 -32.90 -69.39 -35.75
N ALA R 84 -33.89 -70.20 -36.13
CA ALA R 84 -34.04 -71.53 -35.55
C ALA R 84 -32.90 -72.51 -35.84
N THR R 85 -32.41 -72.51 -37.08
CA THR R 85 -31.33 -73.41 -37.44
C THR R 85 -30.16 -73.03 -36.58
N THR R 86 -29.92 -71.74 -36.44
CA THR R 86 -28.83 -71.28 -35.57
C THR R 86 -29.11 -71.53 -34.10
N ASP R 87 -30.38 -71.69 -33.73
CA ASP R 87 -30.78 -71.89 -32.32
C ASP R 87 -30.24 -70.78 -31.48
N ALA R 88 -30.26 -69.57 -32.02
CA ALA R 88 -29.72 -68.43 -31.33
C ALA R 88 -30.57 -67.23 -31.64
N ARG R 89 -30.51 -66.23 -30.77
CA ARG R 89 -31.22 -64.99 -31.03
C ARG R 89 -30.10 -64.01 -30.87
N ALA R 90 -30.24 -62.82 -31.41
CA ALA R 90 -29.23 -61.81 -31.20
C ALA R 90 -29.87 -60.48 -30.84
N VAL R 91 -29.43 -59.83 -29.78
CA VAL R 91 -30.07 -58.60 -29.39
C VAL R 91 -29.16 -57.44 -29.66
N LEU R 92 -29.63 -56.48 -30.45
CA LEU R 92 -28.79 -55.34 -30.79
C LEU R 92 -29.30 -54.00 -30.32
N ALA R 93 -30.45 -53.94 -29.65
CA ALA R 93 -31.04 -52.64 -29.30
C ALA R 93 -31.56 -52.38 -27.89
N GLN R 94 -31.64 -51.11 -27.50
CA GLN R 94 -32.17 -50.75 -26.19
C GLN R 94 -32.89 -49.40 -26.31
N GLY R 95 -33.88 -49.14 -25.44
CA GLY R 95 -34.57 -47.87 -25.47
C GLY R 95 -35.70 -47.79 -24.47
N ARG R 96 -36.38 -46.66 -24.40
CA ARG R 96 -37.53 -46.50 -23.50
C ARG R 96 -38.52 -45.52 -24.09
N VAL R 97 -39.79 -45.90 -24.15
CA VAL R 97 -40.80 -45.06 -24.75
C VAL R 97 -42.02 -45.00 -23.85
N THR R 98 -42.74 -43.89 -23.86
CA THR R 98 -43.90 -43.76 -23.00
C THR R 98 -45.18 -43.73 -23.80
N VAL R 99 -46.21 -44.40 -23.30
CA VAL R 99 -47.47 -44.43 -24.01
C VAL R 99 -48.43 -43.44 -23.40
N ILE R 100 -48.79 -42.41 -24.16
CA ILE R 100 -49.71 -41.39 -23.70
C ILE R 100 -51.09 -42.01 -23.63
N PRO R 101 -51.88 -41.66 -22.62
CA PRO R 101 -53.19 -42.31 -22.61
C PRO R 101 -54.00 -41.98 -23.85
N ASP R 102 -54.72 -42.95 -24.40
CA ASP R 102 -55.51 -42.74 -25.62
C ASP R 102 -56.22 -41.39 -25.63
N PRO R 103 -55.90 -40.52 -26.60
CA PRO R 103 -56.56 -39.22 -26.47
C PRO R 103 -57.95 -39.15 -27.07
N LEU R 104 -58.38 -40.17 -27.80
CA LEU R 104 -59.67 -40.06 -28.46
C LEU R 104 -60.80 -40.72 -27.72
N ALA R 105 -60.54 -41.21 -26.51
CA ALA R 105 -61.56 -41.94 -25.78
C ALA R 105 -61.42 -42.00 -24.28
N GLY R 106 -62.48 -42.40 -23.59
CA GLY R 106 -62.42 -42.60 -22.15
C GLY R 106 -63.16 -41.68 -21.23
N THR R 107 -63.59 -42.23 -20.09
CA THR R 107 -64.28 -41.41 -19.10
C THR R 107 -63.45 -40.34 -18.39
N GLU R 108 -62.26 -40.69 -17.88
CA GLU R 108 -61.40 -39.67 -17.26
C GLU R 108 -59.92 -39.94 -17.17
N ASP R 109 -59.09 -38.91 -17.34
CA ASP R 109 -57.65 -39.04 -17.15
C ASP R 109 -57.26 -37.72 -16.50
N ARG R 110 -56.60 -37.77 -15.36
CA ARG R 110 -56.15 -36.52 -14.75
C ARG R 110 -54.76 -36.20 -15.21
N ARG R 111 -54.19 -35.16 -14.63
CA ARG R 111 -52.82 -34.82 -14.96
C ARG R 111 -51.86 -35.75 -14.25
N THR R 112 -50.57 -35.62 -14.56
CA THR R 112 -49.55 -36.43 -13.95
C THR R 112 -49.54 -36.09 -12.48
N PRO R 113 -48.90 -36.93 -11.65
CA PRO R 113 -49.01 -36.70 -10.21
C PRO R 113 -48.63 -35.32 -9.76
N ALA R 114 -47.78 -34.59 -10.45
CA ALA R 114 -47.40 -33.31 -9.93
C ALA R 114 -48.63 -32.42 -9.74
N ARG R 115 -49.54 -32.44 -10.68
CA ARG R 115 -50.75 -31.66 -10.53
C ARG R 115 -51.60 -32.10 -9.35
N ARG R 116 -51.74 -33.42 -9.16
CA ARG R 116 -52.59 -33.90 -8.10
C ARG R 116 -52.07 -33.45 -6.75
N ILE R 117 -50.76 -33.56 -6.54
CA ILE R 117 -50.24 -33.20 -5.24
C ILE R 117 -50.48 -31.74 -5.02
N LEU R 118 -50.24 -30.95 -6.05
CA LEU R 118 -50.39 -29.51 -5.90
C LEU R 118 -51.83 -29.13 -5.61
N ALA R 119 -52.77 -29.76 -6.30
CA ALA R 119 -54.15 -29.41 -6.09
C ALA R 119 -54.54 -29.73 -4.68
N ALA R 120 -54.11 -30.88 -4.20
CA ALA R 120 -54.49 -31.28 -2.86
C ALA R 120 -53.94 -30.33 -1.82
N ILE R 121 -52.71 -29.86 -2.01
CA ILE R 121 -52.09 -28.99 -1.00
C ILE R 121 -52.93 -27.76 -0.88
N GLU R 122 -53.42 -27.26 -2.02
CA GLU R 122 -54.27 -26.11 -1.97
C GLU R 122 -55.53 -26.42 -1.18
N ALA R 123 -56.08 -27.62 -1.39
CA ALA R 123 -57.25 -28.01 -0.62
C ALA R 123 -57.01 -28.14 0.88
N THR R 124 -55.93 -28.79 1.28
CA THR R 124 -55.70 -29.00 2.71
C THR R 124 -55.42 -27.71 3.43
N LEU R 125 -54.68 -26.82 2.78
CA LEU R 125 -54.37 -25.55 3.38
C LEU R 125 -55.67 -24.79 3.59
N GLU R 126 -56.60 -24.94 2.67
CA GLU R 126 -57.85 -24.21 2.76
C GLU R 126 -58.58 -24.58 4.04
N GLY R 127 -58.61 -25.86 4.34
CA GLY R 127 -59.27 -26.31 5.54
C GLY R 127 -58.64 -25.82 6.80
N ARG R 128 -57.31 -25.83 6.85
CA ARG R 128 -56.66 -25.48 8.09
C ARG R 128 -56.53 -24.02 8.25
N ALA R 129 -56.92 -23.27 7.24
CA ALA R 129 -56.91 -21.83 7.41
C ALA R 129 -57.90 -21.47 8.49
N THR R 130 -59.08 -22.08 8.43
CA THR R 130 -60.08 -21.83 9.44
C THR R 130 -60.03 -23.03 10.33
N LYS R 131 -60.80 -23.03 11.41
CA LYS R 131 -60.87 -24.20 12.29
C LYS R 131 -59.47 -24.60 12.69
N ASP R 132 -58.65 -23.61 13.03
CA ASP R 132 -57.26 -23.92 13.30
C ASP R 132 -57.09 -24.85 14.46
N ALA R 133 -56.28 -25.89 14.29
CA ALA R 133 -56.10 -26.87 15.34
C ALA R 133 -54.93 -27.79 15.15
N ASP R 134 -54.06 -27.86 16.14
CA ASP R 134 -52.99 -28.83 16.05
C ASP R 134 -53.27 -30.07 16.87
N THR R 135 -54.34 -30.09 17.64
CA THR R 135 -54.73 -31.31 18.35
C THR R 135 -56.23 -31.45 18.58
N TYR R 136 -56.94 -32.07 17.64
CA TYR R 136 -58.37 -32.20 17.79
C TYR R 136 -58.65 -33.35 18.71
N SER R 137 -58.24 -33.24 19.97
CA SER R 137 -58.36 -34.39 20.85
C SER R 137 -59.62 -34.54 21.66
N ILE R 138 -60.49 -35.46 21.26
CA ILE R 138 -61.74 -35.65 21.97
C ILE R 138 -61.89 -37.06 22.47
N GLU R 139 -62.09 -37.22 23.76
CA GLU R 139 -62.30 -38.52 24.39
C GLU R 139 -61.15 -39.52 24.34
N GLY R 140 -60.84 -40.08 23.17
CA GLY R 140 -59.74 -40.99 23.05
C GLY R 140 -59.08 -40.86 21.71
N ARG R 141 -59.41 -39.83 20.96
CA ARG R 141 -58.86 -39.69 19.63
C ARG R 141 -58.07 -38.41 19.51
N SER R 142 -56.83 -38.48 19.03
CA SER R 142 -56.07 -37.26 18.80
C SER R 142 -55.39 -37.19 17.43
N ILE R 143 -55.83 -36.31 16.56
CA ILE R 143 -55.22 -36.16 15.25
C ILE R 143 -53.83 -35.56 15.04
N THR R 144 -53.48 -34.46 15.70
CA THR R 144 -52.15 -33.82 15.55
C THR R 144 -51.52 -33.41 14.18
N ARG R 145 -52.18 -32.63 13.34
CA ARG R 145 -51.67 -32.21 12.00
C ARG R 145 -50.19 -31.85 11.71
N THR R 146 -49.77 -31.87 10.43
CA THR R 146 -48.39 -31.56 10.06
C THR R 146 -48.14 -30.10 10.14
N PRO R 147 -46.94 -29.74 10.58
CA PRO R 147 -46.73 -28.31 10.80
C PRO R 147 -46.91 -27.47 9.56
N LEU R 148 -47.46 -26.28 9.72
CA LEU R 148 -47.73 -25.40 8.59
C LEU R 148 -46.46 -25.04 7.83
N PRO R 149 -45.34 -24.81 8.53
CA PRO R 149 -44.15 -24.55 7.70
C PRO R 149 -43.86 -25.72 6.77
N ASP R 150 -44.04 -26.95 7.24
CA ASP R 150 -43.75 -28.10 6.43
C ASP R 150 -44.60 -28.18 5.18
N LEU R 151 -45.90 -27.91 5.31
CA LEU R 151 -46.79 -28.04 4.17
C LEU R 151 -46.36 -27.08 3.10
N LEU R 152 -45.94 -25.89 3.52
CA LEU R 152 -45.57 -24.89 2.55
C LEU R 152 -44.41 -25.36 1.70
N ARG R 153 -43.45 -26.03 2.31
CA ARG R 153 -42.28 -26.44 1.54
C ARG R 153 -42.68 -27.39 0.43
N LEU R 154 -43.61 -28.29 0.72
CA LEU R 154 -44.03 -29.25 -0.29
C LEU R 154 -44.63 -28.51 -1.45
N ARG R 155 -45.40 -27.47 -1.17
CA ARG R 155 -46.07 -26.79 -2.25
C ARG R 155 -45.06 -26.24 -3.21
N ALA R 156 -44.02 -25.63 -2.69
CA ALA R 156 -43.07 -25.00 -3.58
C ALA R 156 -42.36 -25.99 -4.46
N VAL R 157 -41.93 -27.11 -3.89
CA VAL R 157 -41.15 -28.04 -4.71
C VAL R 157 -42.00 -28.54 -5.83
N TYR R 158 -43.23 -28.93 -5.51
CA TYR R 158 -44.08 -29.47 -6.53
C TYR R 158 -44.43 -28.44 -7.57
N ALA R 159 -44.65 -27.20 -7.17
CA ALA R 159 -45.07 -26.19 -8.14
C ALA R 159 -44.01 -26.03 -9.17
N GLU R 160 -42.76 -26.09 -8.75
CA GLU R 160 -41.69 -25.97 -9.70
C GLU R 160 -41.74 -27.09 -10.73
N GLN R 161 -42.03 -28.31 -10.30
CA GLN R 161 -42.03 -29.39 -11.27
C GLN R 161 -43.12 -29.15 -12.29
N VAL R 162 -44.29 -28.69 -11.85
CA VAL R 162 -45.35 -28.54 -12.81
C VAL R 162 -44.91 -27.52 -13.82
N ALA R 163 -44.21 -26.51 -13.36
CA ALA R 163 -43.72 -25.50 -14.27
C ALA R 163 -42.74 -26.10 -15.24
N ARG R 164 -41.85 -26.97 -14.76
CA ARG R 164 -40.85 -27.54 -15.65
C ARG R 164 -41.46 -28.36 -16.75
N GLU R 165 -42.44 -29.18 -16.40
CA GLU R 165 -43.09 -30.04 -17.39
C GLU R 165 -43.81 -29.21 -18.43
N THR R 166 -44.53 -28.20 -17.98
CA THR R 166 -45.22 -27.32 -18.91
C THR R 166 -44.18 -26.62 -19.77
N GLY R 167 -43.04 -26.30 -19.18
CA GLY R 167 -42.02 -25.56 -19.91
C GLY R 167 -42.04 -24.07 -19.68
N ARG R 168 -42.85 -23.61 -18.74
CA ARG R 168 -42.90 -22.19 -18.42
C ARG R 168 -41.96 -21.91 -17.26
N SER R 169 -41.15 -22.89 -16.88
CA SER R 169 -40.21 -22.76 -15.74
C SER R 169 -39.08 -21.74 -15.73
N PRO R 170 -38.65 -21.27 -16.92
CA PRO R 170 -37.52 -20.35 -16.82
C PRO R 170 -37.77 -19.23 -15.84
N TYR R 171 -36.76 -18.90 -15.05
CA TYR R 171 -36.94 -17.89 -14.03
C TYR R 171 -37.34 -16.57 -14.66
N ARG R 172 -38.30 -15.89 -14.05
CA ARG R 172 -38.85 -14.66 -14.63
C ARG R 172 -37.92 -13.48 -14.76
N GLN R 173 -38.14 -12.65 -15.77
CA GLN R 173 -37.28 -11.48 -16.00
C GLN R 173 -38.08 -10.21 -16.23
N ARG R 174 -37.82 -9.16 -15.45
CA ARG R 174 -38.49 -7.88 -15.66
C ARG R 174 -37.50 -6.90 -16.20
N ARG R 175 -37.78 -6.27 -17.33
CA ARG R 175 -36.79 -5.39 -17.92
C ARG R 175 -37.09 -3.98 -17.50
N VAL R 176 -36.12 -3.28 -16.91
CA VAL R 176 -36.43 -1.96 -16.41
C VAL R 176 -36.80 -1.12 -17.58
N SER R 177 -35.97 -1.14 -18.61
CA SER R 177 -36.32 -0.43 -19.84
C SER R 177 -36.82 0.98 -19.54
N PHE R 178 -36.14 1.70 -18.66
CA PHE R 178 -36.58 3.01 -18.26
C PHE R 178 -38.08 3.04 -18.04
N TYR S 32 22.93 -36.36 -18.91
CA TYR S 32 22.91 -37.61 -19.65
C TYR S 32 21.51 -38.20 -19.69
N ARG S 33 21.05 -38.72 -18.56
CA ARG S 33 19.72 -39.28 -18.48
C ARG S 33 18.76 -38.22 -17.97
N ALA S 34 18.48 -37.26 -18.84
CA ALA S 34 17.61 -36.16 -18.48
C ALA S 34 16.30 -36.29 -19.22
N ALA S 35 16.39 -36.58 -20.51
CA ALA S 35 15.19 -36.66 -21.33
C ALA S 35 14.94 -38.06 -21.86
N LYS S 36 15.61 -39.07 -21.29
CA LYS S 36 15.69 -40.44 -21.81
C LYS S 36 14.35 -41.11 -22.09
N SER S 37 13.30 -40.72 -21.37
CA SER S 37 11.99 -41.32 -21.52
C SER S 37 10.90 -40.44 -20.92
N ASP S 38 9.72 -41.02 -20.79
CA ASP S 38 8.50 -40.25 -20.50
C ASP S 38 7.83 -40.75 -19.22
N ARG S 39 8.61 -40.90 -18.15
CA ARG S 39 8.17 -41.54 -16.91
C ARG S 39 7.01 -40.77 -16.27
N ILE S 40 7.21 -39.51 -15.90
CA ILE S 40 6.12 -38.71 -15.35
C ILE S 40 6.06 -37.35 -16.00
N ALA S 41 7.13 -36.97 -16.71
CA ALA S 41 7.25 -35.64 -17.27
C ALA S 41 7.81 -35.64 -18.69
N GLY S 42 7.26 -36.47 -19.58
CA GLY S 42 7.85 -36.57 -20.89
C GLY S 42 6.83 -36.54 -22.01
N GLY S 43 7.09 -37.39 -23.01
CA GLY S 43 6.32 -37.42 -24.24
C GLY S 43 7.25 -37.40 -25.42
N PHE S 44 8.53 -37.69 -25.20
CA PHE S 44 9.61 -37.42 -26.14
C PHE S 44 9.73 -38.49 -27.23
N GLY S 45 8.60 -38.88 -27.82
CA GLY S 45 8.59 -40.03 -28.71
C GLY S 45 9.09 -41.29 -28.03
N VAL S 46 9.59 -42.23 -28.82
CA VAL S 46 10.16 -43.45 -28.27
C VAL S 46 11.47 -43.68 -29.00
N PHE S 47 11.49 -43.38 -30.29
CA PHE S 47 12.71 -43.53 -31.08
C PHE S 47 12.89 -42.32 -31.98
N PRO S 48 14.14 -41.98 -32.34
CA PRO S 48 14.35 -40.87 -33.28
C PRO S 48 13.75 -41.17 -34.65
N THR S 49 13.15 -40.17 -35.27
CA THR S 49 12.51 -40.37 -36.57
C THR S 49 12.93 -39.30 -37.57
N THR S 50 12.86 -39.64 -38.86
CA THR S 50 13.25 -38.69 -39.89
C THR S 50 12.34 -37.44 -39.92
N PRO S 51 12.90 -36.21 -39.77
CA PRO S 51 12.00 -35.08 -39.82
C PRO S 51 11.28 -35.07 -41.13
N ARG S 52 11.79 -35.68 -42.20
CA ARG S 52 11.14 -35.63 -43.50
C ARG S 52 9.65 -36.03 -43.52
N ASP S 53 9.33 -37.28 -43.23
CA ASP S 53 7.93 -37.74 -43.36
C ASP S 53 7.03 -36.97 -42.42
N GLU S 54 7.56 -36.80 -41.21
CA GLU S 54 6.81 -36.05 -40.24
C GLU S 54 6.66 -34.70 -40.88
N LEU S 55 7.75 -34.16 -41.46
CA LEU S 55 7.67 -32.81 -42.00
C LEU S 55 6.63 -32.75 -43.07
N ARG S 56 6.57 -33.68 -44.01
CA ARG S 56 5.59 -33.55 -45.06
C ARG S 56 4.14 -33.59 -44.54
N ARG S 57 3.86 -34.55 -43.65
CA ARG S 57 2.45 -34.61 -43.23
C ARG S 57 2.13 -33.34 -42.49
N GLU S 58 3.08 -32.93 -41.66
CA GLU S 58 2.85 -31.78 -40.83
C GLU S 58 2.58 -30.60 -41.70
N ILE S 59 3.37 -30.40 -42.74
CA ILE S 59 3.20 -29.25 -43.62
C ILE S 59 1.92 -29.28 -44.40
N ARG S 60 1.46 -30.41 -44.92
CA ARG S 60 0.18 -30.31 -45.63
C ARG S 60 -0.89 -29.87 -44.63
N GLY S 61 -0.85 -30.50 -43.45
CA GLY S 61 -1.90 -30.19 -42.50
C GLY S 61 -1.81 -28.74 -42.12
N LEU S 62 -0.60 -28.23 -41.93
CA LEU S 62 -0.36 -26.87 -41.50
C LEU S 62 -0.62 -25.81 -42.52
N VAL S 63 -0.45 -26.11 -43.79
CA VAL S 63 -0.74 -25.08 -44.74
C VAL S 63 -2.23 -24.97 -44.54
N GLY S 64 -2.91 -26.13 -44.47
CA GLY S 64 -4.33 -25.93 -44.32
C GLY S 64 -4.63 -25.10 -43.07
N HIS S 65 -3.97 -25.42 -41.96
CA HIS S 65 -4.24 -24.75 -40.68
C HIS S 65 -3.95 -23.25 -40.64
N SER S 66 -2.83 -22.85 -41.20
CA SER S 66 -2.42 -21.45 -41.21
C SER S 66 -3.38 -20.70 -42.07
N ARG S 67 -3.79 -21.33 -43.16
CA ARG S 67 -4.79 -20.65 -43.94
C ARG S 67 -5.91 -20.25 -43.00
N HIS S 68 -6.28 -21.13 -42.09
CA HIS S 68 -7.47 -20.84 -41.29
C HIS S 68 -7.15 -19.78 -40.26
N ALA S 69 -6.02 -19.91 -39.58
CA ALA S 69 -5.70 -18.98 -38.50
C ALA S 69 -5.52 -17.57 -38.94
N ALA S 70 -4.79 -17.39 -40.04
CA ALA S 70 -4.50 -16.05 -40.46
C ALA S 70 -5.82 -15.45 -40.76
N GLN S 71 -6.68 -16.19 -41.44
CA GLN S 71 -7.93 -15.52 -41.73
C GLN S 71 -8.85 -15.23 -40.56
N ASN S 72 -8.96 -16.14 -39.61
CA ASN S 72 -9.96 -15.92 -38.56
C ASN S 72 -9.54 -15.41 -37.19
N PHE S 73 -8.29 -15.57 -36.80
CA PHE S 73 -7.88 -15.23 -35.43
C PHE S 73 -7.41 -13.83 -35.23
N ASP S 74 -6.19 -13.68 -34.79
CA ASP S 74 -5.53 -12.39 -34.80
C ASP S 74 -4.08 -12.62 -34.61
N TYR S 75 -3.30 -11.57 -34.39
CA TYR S 75 -1.86 -11.67 -34.16
C TYR S 75 -1.07 -12.22 -35.33
N ALA S 76 -1.60 -13.23 -35.98
CA ALA S 76 -0.92 -13.77 -37.13
C ALA S 76 -1.21 -12.87 -38.32
N ARG S 77 -2.43 -12.35 -38.39
CA ARG S 77 -2.71 -11.44 -39.46
C ARG S 77 -1.66 -10.39 -39.29
N ALA S 78 -1.26 -10.16 -38.06
CA ALA S 78 -0.28 -9.12 -37.80
C ALA S 78 1.09 -9.57 -38.23
N TYR S 79 1.43 -10.81 -37.94
CA TYR S 79 2.70 -11.31 -38.42
C TYR S 79 2.75 -11.09 -39.91
N GLU S 80 1.73 -11.57 -40.61
CA GLU S 80 1.71 -11.44 -42.04
C GLU S 80 1.99 -10.02 -42.45
N MET S 81 1.33 -9.08 -41.80
CA MET S 81 1.47 -7.70 -42.24
C MET S 81 2.89 -7.30 -41.95
N LEU S 82 3.37 -7.69 -40.78
CA LEU S 82 4.69 -7.27 -40.39
C LEU S 82 5.71 -7.79 -41.34
N THR S 83 5.60 -9.06 -41.69
CA THR S 83 6.62 -9.65 -42.51
C THR S 83 6.63 -8.93 -43.79
N ARG S 84 5.44 -8.77 -44.35
CA ARG S 84 5.48 -8.20 -45.67
C ARG S 84 6.11 -6.87 -45.64
N ARG S 85 5.66 -6.01 -44.74
CA ARG S 85 6.21 -4.67 -44.86
C ARG S 85 7.68 -4.62 -44.63
N HIS S 86 8.12 -5.23 -43.55
CA HIS S 86 9.52 -5.09 -43.23
C HIS S 86 10.43 -5.67 -44.27
N VAL S 87 10.02 -6.79 -44.87
CA VAL S 87 10.94 -7.45 -45.79
C VAL S 87 10.81 -6.99 -47.25
N ILE S 88 9.73 -6.30 -47.56
CA ILE S 88 9.54 -5.97 -48.97
C ILE S 88 10.12 -4.69 -49.47
N GLY S 89 9.49 -3.57 -49.19
CA GLY S 89 9.94 -2.33 -49.80
C GLY S 89 8.88 -1.30 -50.11
N PHE S 90 9.13 -0.09 -49.64
CA PHE S 90 8.52 1.07 -50.26
C PHE S 90 9.04 1.22 -51.68
N ASN S 91 10.34 1.02 -51.87
CA ASN S 91 10.96 1.00 -53.18
C ASN S 91 11.12 -0.42 -53.70
N GLY S 92 10.55 -1.40 -53.01
CA GLY S 92 10.72 -2.79 -53.38
C GLY S 92 12.13 -3.25 -53.08
N ILE S 93 12.66 -4.11 -53.94
CA ILE S 93 14.08 -4.44 -53.95
C ILE S 93 14.63 -4.07 -55.31
N ARG S 94 15.60 -3.17 -55.36
CA ARG S 94 16.09 -2.69 -56.65
C ARG S 94 17.32 -3.44 -57.13
N LEU S 95 17.70 -3.21 -58.39
CA LEU S 95 18.85 -3.92 -58.96
C LEU S 95 19.97 -3.00 -59.42
N GLN S 96 21.19 -3.27 -58.97
CA GLN S 96 22.34 -2.50 -59.44
C GLN S 96 23.32 -3.54 -59.96
N MET S 97 23.84 -3.34 -61.16
CA MET S 97 24.72 -4.33 -61.74
C MET S 97 26.05 -3.71 -62.10
N ASP S 98 27.13 -4.39 -61.74
CA ASP S 98 28.45 -3.85 -62.02
C ASP S 98 29.08 -4.64 -63.13
N VAL S 99 29.46 -3.96 -64.21
CA VAL S 99 29.98 -4.68 -65.36
C VAL S 99 31.27 -5.40 -65.02
N ARG S 100 32.22 -4.70 -64.42
CA ARG S 100 33.45 -5.36 -64.00
C ARG S 100 34.02 -4.68 -62.79
N ASP S 101 35.34 -4.75 -62.61
CA ASP S 101 36.00 -3.98 -61.56
C ASP S 101 35.51 -2.54 -61.52
N PRO S 102 34.99 -2.07 -60.39
CA PRO S 102 34.33 -0.74 -60.38
C PRO S 102 35.28 0.45 -60.33
N GLY S 103 36.59 0.23 -60.48
CA GLY S 103 37.50 1.36 -60.58
C GLY S 103 37.34 2.11 -61.89
N GLY S 104 37.72 1.47 -62.99
CA GLY S 104 37.49 2.02 -64.31
C GLY S 104 36.98 0.96 -65.26
N LYS S 105 37.04 -0.30 -64.83
CA LYS S 105 36.68 -1.41 -65.68
C LYS S 105 35.18 -1.68 -65.71
N LYS S 106 34.44 -1.20 -64.73
CA LYS S 106 32.98 -1.17 -64.79
C LYS S 106 32.58 0.14 -65.47
N ASP S 107 31.58 0.08 -66.34
CA ASP S 107 31.09 1.28 -67.02
C ASP S 107 29.59 1.44 -66.79
N VAL S 108 29.12 2.69 -66.84
CA VAL S 108 27.73 2.94 -66.52
C VAL S 108 26.75 2.70 -67.64
N ALA S 109 27.19 2.65 -68.89
CA ALA S 109 26.21 2.54 -69.97
C ALA S 109 25.40 1.25 -69.90
N ALA S 110 26.09 0.14 -69.73
CA ALA S 110 25.41 -1.14 -69.66
C ALA S 110 24.50 -1.16 -68.46
N GLY S 111 24.99 -0.59 -67.37
CA GLY S 111 24.20 -0.60 -66.16
C GLY S 111 22.91 0.14 -66.37
N ALA S 112 23.00 1.31 -66.98
CA ALA S 112 21.82 2.11 -67.16
C ALA S 112 20.89 1.32 -68.00
N GLN S 113 21.39 0.75 -69.08
CA GLN S 113 20.45 0.09 -69.97
C GLN S 113 19.71 -1.04 -69.26
N ILE S 114 20.45 -1.87 -68.54
CA ILE S 114 19.78 -3.00 -67.91
C ILE S 114 18.77 -2.56 -66.87
N GLU S 115 19.16 -1.57 -66.06
CA GLU S 115 18.28 -1.16 -64.99
C GLU S 115 17.03 -0.62 -65.60
N SER S 116 17.20 0.17 -66.64
CA SER S 116 16.06 0.82 -67.22
C SER S 116 15.14 -0.24 -67.72
N ALA S 117 15.67 -1.22 -68.43
CA ALA S 117 14.78 -2.21 -69.00
C ALA S 117 14.02 -2.95 -67.93
N TRP S 118 14.71 -3.37 -66.87
CA TRP S 118 14.00 -4.16 -65.87
C TRP S 118 12.88 -3.34 -65.26
N ALA S 119 13.23 -2.13 -64.89
CA ALA S 119 12.22 -1.34 -64.20
C ALA S 119 11.06 -1.10 -65.11
N ARG S 120 11.30 -0.81 -66.38
CA ARG S 120 10.20 -0.64 -67.34
C ARG S 120 9.06 -1.66 -67.22
N TRP S 121 9.36 -2.93 -67.50
CA TRP S 121 8.34 -3.98 -67.41
C TRP S 121 7.85 -4.19 -65.97
N GLY S 122 8.68 -3.86 -65.00
CA GLY S 122 8.27 -3.93 -63.60
C GLY S 122 7.09 -3.00 -63.37
N LYS S 123 7.09 -1.84 -64.03
CA LYS S 123 5.99 -0.89 -63.92
C LYS S 123 4.75 -1.46 -64.59
N MET S 124 3.57 -0.91 -64.30
CA MET S 124 2.34 -1.53 -64.81
C MET S 124 2.36 -1.68 -66.33
N LYS S 125 2.13 -2.90 -66.79
CA LYS S 125 2.19 -3.18 -68.23
C LYS S 125 1.55 -4.53 -68.52
N ASN S 126 1.28 -4.82 -69.78
CA ASN S 126 0.78 -6.14 -70.16
C ASN S 126 1.82 -7.22 -69.88
N SER S 127 3.10 -6.90 -70.08
CA SER S 127 4.18 -7.88 -69.95
C SER S 127 4.48 -8.61 -68.63
N PRO S 128 4.34 -7.95 -67.46
CA PRO S 128 4.72 -8.66 -66.24
C PRO S 128 3.98 -9.96 -65.88
N THR S 129 2.67 -10.07 -66.09
CA THR S 129 1.94 -11.27 -65.65
C THR S 129 0.81 -11.74 -66.59
N PRO S 130 0.47 -13.07 -66.61
CA PRO S 130 -0.73 -13.43 -67.37
C PRO S 130 -2.02 -12.91 -66.77
N CYS S 131 -1.93 -12.39 -65.54
CA CYS S 131 -2.84 -11.36 -65.06
C CYS S 131 -2.49 -10.02 -65.69
N GLY S 132 -2.62 -8.95 -64.93
CA GLY S 132 -2.71 -7.62 -65.49
C GLY S 132 -3.38 -6.66 -64.56
N ARG S 133 -3.69 -7.10 -63.34
CA ARG S 133 -3.92 -6.21 -62.23
C ARG S 133 -2.66 -6.02 -61.38
N LEU S 134 -1.52 -6.58 -61.82
CA LEU S 134 -0.34 -6.64 -60.96
C LEU S 134 0.89 -6.03 -61.60
N SER S 135 2.02 -6.19 -60.91
CA SER S 135 3.28 -5.63 -61.38
C SER S 135 4.37 -6.34 -60.58
N TRP S 136 5.63 -5.96 -60.79
CA TRP S 136 6.75 -6.63 -60.11
C TRP S 136 6.77 -6.45 -58.62
N TRP S 137 6.43 -5.26 -58.18
CA TRP S 137 6.42 -4.99 -56.77
C TRP S 137 5.41 -5.92 -56.17
N GLY S 138 4.28 -6.02 -56.87
CA GLY S 138 3.22 -6.84 -56.35
C GLY S 138 3.73 -8.25 -56.29
N VAL S 139 4.39 -8.73 -57.32
CA VAL S 139 4.80 -10.11 -57.21
C VAL S 139 5.74 -10.29 -56.05
N GLU S 140 6.70 -9.41 -55.81
CA GLU S 140 7.58 -9.69 -54.66
C GLU S 140 6.80 -9.73 -53.38
N CYS S 141 5.94 -8.75 -53.18
CA CYS S 141 5.25 -8.71 -51.89
C CYS S 141 4.46 -9.97 -51.71
N GLN S 142 3.79 -10.35 -52.75
CA GLN S 142 2.96 -11.51 -52.61
C GLN S 142 3.68 -12.79 -52.41
N VAL S 143 4.77 -12.96 -53.12
CA VAL S 143 5.49 -14.18 -53.00
C VAL S 143 5.95 -14.21 -51.56
N ALA S 144 6.39 -13.09 -51.00
CA ALA S 144 6.77 -13.09 -49.61
C ALA S 144 5.68 -13.38 -48.58
N THR S 145 4.48 -12.88 -48.79
CA THR S 145 3.40 -13.21 -47.88
C THR S 145 3.15 -14.66 -47.95
N GLY S 146 3.19 -15.18 -49.17
CA GLY S 146 2.86 -16.58 -49.36
C GLY S 146 3.89 -17.33 -48.61
N ILE S 147 5.11 -16.83 -48.69
CA ILE S 147 6.18 -17.50 -48.06
C ILE S 147 5.94 -17.53 -46.60
N ALA S 148 5.64 -16.45 -45.95
CA ALA S 148 5.51 -16.66 -44.52
C ALA S 148 4.43 -17.70 -44.31
N ARG S 149 3.18 -17.35 -44.55
CA ARG S 149 2.05 -18.25 -44.27
C ARG S 149 2.18 -19.72 -44.68
N GLU S 150 2.72 -19.99 -45.85
CA GLU S 150 2.78 -21.37 -46.30
C GLU S 150 4.15 -21.96 -46.27
N GLY S 151 5.10 -21.26 -45.67
CA GLY S 151 6.47 -21.74 -45.69
C GLY S 151 7.05 -21.90 -47.08
N GLY S 152 6.76 -20.94 -47.96
CA GLY S 152 7.29 -20.98 -49.32
C GLY S 152 6.30 -21.19 -50.43
N SER S 153 6.62 -20.67 -51.60
CA SER S 153 5.71 -20.76 -52.72
C SER S 153 6.49 -20.71 -53.99
N PHE S 154 5.85 -20.99 -55.11
CA PHE S 154 6.59 -21.08 -56.37
C PHE S 154 6.09 -20.16 -57.45
N VAL S 155 6.95 -19.84 -58.39
CA VAL S 155 6.53 -19.01 -59.52
C VAL S 155 6.98 -19.71 -60.80
N ARG S 156 6.25 -19.49 -61.89
CA ARG S 156 6.62 -20.11 -63.14
C ARG S 156 6.70 -19.12 -64.26
N ILE S 157 7.61 -19.36 -65.21
CA ILE S 157 7.80 -18.41 -66.29
C ILE S 157 7.30 -18.94 -67.63
N HIS S 158 6.68 -18.08 -68.43
CA HIS S 158 6.17 -18.49 -69.73
C HIS S 158 6.83 -17.67 -70.83
N GLN S 159 7.17 -18.29 -71.94
CA GLN S 159 7.73 -17.49 -73.03
C GLN S 159 6.96 -17.64 -74.34
N GLY S 160 6.93 -16.61 -75.20
CA GLY S 160 6.22 -16.69 -76.47
C GLY S 160 4.86 -15.99 -76.50
N THR S 161 3.93 -16.37 -75.63
CA THR S 161 2.66 -15.66 -75.52
C THR S 161 2.87 -14.26 -75.03
N ASN S 162 3.67 -14.06 -73.97
CA ASN S 162 3.98 -12.73 -73.39
C ASN S 162 2.77 -11.97 -72.87
N PHE S 213 7.69 -9.46 -76.16
CA PHE S 213 8.47 -9.76 -74.96
C PHE S 213 8.33 -11.22 -74.58
N GLY S 214 8.46 -11.53 -73.30
CA GLY S 214 8.38 -12.90 -72.85
C GLY S 214 8.78 -13.02 -71.40
N PHE S 215 8.94 -14.25 -70.90
CA PHE S 215 9.37 -14.48 -69.52
C PHE S 215 8.44 -13.86 -68.48
N GLN S 216 7.14 -13.87 -68.74
CA GLN S 216 6.19 -13.37 -67.74
C GLN S 216 6.15 -14.35 -66.58
N VAL S 217 6.05 -13.84 -65.36
CA VAL S 217 6.07 -14.73 -64.20
C VAL S 217 4.71 -14.80 -63.53
N GLU S 218 4.21 -16.00 -63.32
CA GLU S 218 2.92 -16.17 -62.67
C GLU S 218 3.03 -16.98 -61.37
N PRO S 219 2.44 -16.46 -60.25
CA PRO S 219 2.55 -17.33 -59.07
C PRO S 219 1.46 -18.37 -59.02
N ILE S 220 1.78 -19.55 -58.52
CA ILE S 220 0.80 -20.62 -58.45
C ILE S 220 0.56 -20.97 -57.01
N PRO S 221 -0.70 -21.23 -56.64
CA PRO S 221 -1.02 -21.50 -55.24
C PRO S 221 -0.34 -22.76 -54.71
N PHE S 222 0.00 -22.77 -53.44
CA PHE S 222 0.71 -23.91 -52.85
C PHE S 222 -0.08 -25.19 -52.91
N ASP S 223 -1.39 -25.12 -52.72
CA ASP S 223 -2.20 -26.33 -52.65
C ASP S 223 -2.18 -27.16 -53.92
N LEU S 224 -1.79 -26.56 -55.03
CA LEU S 224 -1.76 -27.26 -56.30
C LEU S 224 -0.84 -28.50 -56.26
N LEU S 225 0.22 -28.46 -55.48
CA LEU S 225 1.16 -29.58 -55.43
C LEU S 225 0.54 -30.90 -54.96
N ASP S 226 0.90 -32.00 -55.61
CA ASP S 226 0.35 -33.33 -55.27
C ASP S 226 1.17 -34.05 -54.22
N LEU S 227 0.65 -34.16 -53.01
CA LEU S 227 1.42 -34.80 -51.96
C LEU S 227 1.47 -36.32 -52.14
N ASP S 228 0.50 -36.85 -52.87
CA ASP S 228 0.38 -38.31 -52.98
C ASP S 228 1.30 -39.04 -53.93
N LEU S 229 1.77 -38.36 -54.97
CA LEU S 229 2.56 -39.07 -55.94
C LEU S 229 3.81 -39.55 -55.24
N THR S 230 4.06 -40.85 -55.33
CA THR S 230 5.20 -41.46 -54.64
C THR S 230 5.54 -42.72 -55.41
N GLY S 231 6.62 -43.39 -55.02
CA GLY S 231 6.98 -44.65 -55.66
C GLY S 231 8.02 -44.44 -56.74
N PRO S 232 9.17 -45.14 -56.64
CA PRO S 232 10.25 -44.99 -57.61
C PRO S 232 10.02 -45.76 -58.90
N THR S 233 10.66 -45.32 -59.99
CA THR S 233 10.56 -46.07 -61.24
C THR S 233 11.74 -47.07 -61.30
N PRO S 234 11.62 -48.18 -62.10
CA PRO S 234 12.78 -49.09 -62.05
C PRO S 234 14.05 -48.38 -62.50
N GLY S 235 13.96 -47.55 -63.54
CA GLY S 235 15.12 -46.81 -63.99
C GLY S 235 15.22 -45.41 -63.40
N GLY S 236 14.29 -45.06 -62.51
CA GLY S 236 14.27 -43.70 -61.98
C GLY S 236 14.15 -43.52 -60.48
N GLY S 237 14.56 -42.35 -59.98
CA GLY S 237 14.48 -42.07 -58.56
C GLY S 237 13.09 -41.75 -58.04
N PHE S 238 12.93 -41.64 -56.72
CA PHE S 238 11.62 -41.41 -56.10
C PHE S 238 10.89 -40.12 -56.51
N VAL S 239 9.56 -40.20 -56.62
CA VAL S 239 8.76 -39.02 -56.97
C VAL S 239 7.92 -38.50 -55.79
N GLU S 240 8.24 -38.94 -54.58
CA GLU S 240 7.53 -38.50 -53.35
C GLU S 240 7.25 -37.00 -53.20
N SER S 241 6.14 -36.64 -52.56
CA SER S 241 5.77 -35.26 -52.37
C SER S 241 5.93 -34.47 -53.64
N GLY S 242 5.63 -35.10 -54.76
CA GLY S 242 5.68 -34.40 -56.02
C GLY S 242 7.02 -33.84 -56.42
N VAL S 243 8.11 -34.47 -56.01
CA VAL S 243 9.40 -34.00 -56.49
C VAL S 243 10.07 -35.11 -57.28
N GLU S 244 10.53 -34.81 -58.48
CA GLU S 244 11.12 -35.84 -59.29
C GLU S 244 12.59 -35.84 -59.06
N PHE S 245 13.07 -36.83 -58.34
CA PHE S 245 14.50 -36.96 -58.14
C PHE S 245 15.10 -37.63 -59.35
N ASP S 246 16.41 -37.55 -59.50
CA ASP S 246 17.08 -38.20 -60.61
C ASP S 246 17.91 -39.37 -60.18
N ALA S 247 18.64 -39.97 -61.11
CA ALA S 247 19.61 -41.00 -60.75
C ALA S 247 20.74 -40.48 -59.88
N THR S 248 21.06 -39.19 -60.00
CA THR S 248 21.98 -38.51 -59.12
C THR S 248 21.28 -38.08 -57.83
N ASP S 249 19.95 -38.30 -57.77
CA ASP S 249 19.03 -37.78 -56.75
C ASP S 249 19.12 -36.25 -56.71
N ARG S 250 19.15 -35.67 -57.90
CA ARG S 250 19.16 -34.24 -58.14
C ARG S 250 17.77 -33.82 -58.61
N VAL S 251 17.41 -32.57 -58.35
CA VAL S 251 16.08 -32.09 -58.71
C VAL S 251 16.04 -31.81 -60.20
N VAL S 252 15.01 -32.34 -60.86
CA VAL S 252 14.84 -32.11 -62.30
C VAL S 252 13.40 -31.79 -62.64
N ALA S 253 12.46 -32.43 -61.97
CA ALA S 253 11.09 -32.07 -62.27
C ALA S 253 10.20 -31.89 -61.07
N TYR S 254 9.08 -31.23 -61.28
CA TYR S 254 8.13 -31.05 -60.21
C TYR S 254 6.82 -31.60 -60.71
N HIS S 255 5.96 -32.00 -59.81
CA HIS S 255 4.71 -32.62 -60.21
C HIS S 255 3.52 -31.96 -59.56
N MET S 256 3.14 -30.78 -60.05
CA MET S 256 1.95 -30.12 -59.52
C MET S 256 0.75 -30.94 -59.94
N TRP S 257 -0.35 -30.79 -59.22
CA TRP S 257 -1.59 -31.45 -59.62
C TRP S 257 -1.95 -30.96 -60.93
N SER S 258 -2.64 -29.87 -60.95
CA SER S 258 -3.08 -29.48 -62.22
C SER S 258 -3.49 -28.12 -62.23
N ALA S 259 -4.04 -27.73 -63.32
CA ALA S 259 -4.55 -26.42 -63.38
C ALA S 259 -5.69 -26.33 -62.47
N ALA S 260 -6.42 -27.40 -62.39
CA ALA S 260 -7.58 -27.31 -61.61
C ALA S 260 -7.16 -26.98 -60.22
N ALA S 269 -8.27 -29.08 -66.45
CA ALA S 269 -8.69 -30.02 -65.44
C ALA S 269 -7.80 -31.21 -65.57
N ARG S 270 -6.93 -31.19 -66.55
CA ARG S 270 -6.17 -32.37 -66.75
C ARG S 270 -5.20 -32.31 -65.72
N ARG S 271 -5.24 -33.31 -64.90
CA ARG S 271 -4.37 -33.25 -63.81
C ARG S 271 -2.97 -33.70 -64.17
N ARG S 272 -2.07 -33.64 -63.21
CA ARG S 272 -0.71 -34.07 -63.39
C ARG S 272 0.09 -33.44 -64.48
N LEU S 273 1.00 -32.49 -64.16
CA LEU S 273 1.88 -32.00 -65.20
C LEU S 273 3.26 -32.01 -64.67
N ARG S 274 4.12 -32.79 -65.30
CA ARG S 274 5.50 -32.76 -64.89
C ARG S 274 5.93 -31.41 -65.39
N ILE S 275 6.57 -30.62 -64.54
CA ILE S 275 7.06 -29.34 -65.01
C ILE S 275 8.55 -29.29 -64.81
N PRO S 276 9.27 -28.83 -65.83
CA PRO S 276 10.73 -28.80 -65.73
C PRO S 276 11.12 -27.84 -64.64
N ALA S 277 12.21 -28.13 -63.95
CA ALA S 277 12.63 -27.30 -62.85
C ALA S 277 12.88 -25.89 -63.32
N ALA S 278 13.35 -25.73 -64.54
CA ALA S 278 13.70 -24.40 -64.98
C ALA S 278 12.48 -23.52 -64.90
N GLN S 279 11.32 -24.07 -65.18
CA GLN S 279 10.13 -23.26 -65.16
C GLN S 279 9.65 -22.98 -63.75
N MET S 280 9.82 -23.91 -62.84
CA MET S 280 9.28 -23.70 -61.50
C MET S 280 10.35 -23.60 -60.43
N LEU S 281 10.38 -22.48 -59.72
CA LEU S 281 11.37 -22.29 -58.69
C LEU S 281 10.70 -22.14 -57.35
N TYR S 282 11.15 -22.92 -56.36
CA TYR S 282 10.52 -22.88 -55.05
C TYR S 282 11.47 -22.25 -54.07
N VAL S 283 11.06 -21.16 -53.44
CA VAL S 283 11.90 -20.53 -52.42
C VAL S 283 11.67 -21.34 -51.16
N LEU S 284 12.68 -21.48 -50.32
CA LEU S 284 12.53 -22.39 -49.18
C LEU S 284 12.87 -22.01 -47.74
N VAL S 285 13.34 -20.80 -47.45
CA VAL S 285 13.79 -20.45 -46.08
C VAL S 285 14.40 -21.64 -45.29
N PRO S 286 15.67 -22.04 -45.59
CA PRO S 286 16.18 -23.23 -44.91
C PRO S 286 16.33 -23.17 -43.42
N GLU S 287 15.90 -24.23 -42.75
CA GLU S 287 16.09 -24.30 -41.31
C GLU S 287 16.90 -25.54 -41.08
N GLU S 288 16.24 -26.66 -40.82
CA GLU S 288 16.97 -27.90 -40.72
C GLU S 288 17.28 -28.22 -42.15
N ILE S 289 18.49 -28.67 -42.44
CA ILE S 289 18.85 -28.89 -43.83
C ILE S 289 18.12 -30.00 -44.59
N GLY S 290 17.88 -31.14 -43.94
CA GLY S 290 17.32 -32.25 -44.70
C GLY S 290 15.83 -32.17 -44.90
N GLN S 291 15.39 -31.23 -45.71
CA GLN S 291 13.98 -31.12 -46.02
C GLN S 291 13.71 -30.86 -47.48
N ALA S 292 12.59 -31.35 -47.98
CA ALA S 292 12.22 -31.04 -49.34
C ALA S 292 11.19 -29.95 -49.36
N LEU S 293 10.86 -29.40 -48.19
CA LEU S 293 9.80 -28.40 -48.12
C LEU S 293 9.92 -27.49 -46.92
N GLY S 294 9.19 -26.37 -46.92
CA GLY S 294 9.22 -25.50 -45.76
C GLY S 294 7.95 -25.29 -44.96
N VAL S 295 8.06 -25.40 -43.64
CA VAL S 295 6.91 -25.29 -42.76
C VAL S 295 6.42 -23.86 -42.59
N PRO S 296 5.13 -23.68 -42.31
CA PRO S 296 4.68 -22.32 -42.03
C PRO S 296 5.41 -21.81 -40.82
N ARG S 297 5.92 -20.59 -40.88
CA ARG S 297 6.71 -20.05 -39.77
C ARG S 297 5.84 -19.75 -38.56
N SER S 298 4.54 -19.89 -38.72
CA SER S 298 3.61 -19.59 -37.63
C SER S 298 3.26 -20.84 -36.83
N ALA S 299 3.89 -21.97 -37.13
CA ALA S 299 3.51 -23.23 -36.48
C ALA S 299 3.66 -23.24 -34.96
N THR S 300 4.72 -22.65 -34.44
CA THR S 300 4.96 -22.68 -32.99
C THR S 300 3.86 -21.97 -32.22
N ALA S 301 3.40 -20.82 -32.72
CA ALA S 301 2.36 -20.07 -32.03
C ALA S 301 0.95 -20.39 -32.53
N LEU S 302 0.83 -21.27 -33.52
CA LEU S 302 -0.49 -21.57 -34.08
C LEU S 302 -1.41 -22.16 -33.03
N ARG S 303 -0.87 -23.06 -32.20
CA ARG S 303 -1.67 -23.65 -31.16
C ARG S 303 -2.04 -22.62 -30.11
N LEU S 304 -1.06 -21.85 -29.64
CA LEU S 304 -1.33 -20.87 -28.55
C LEU S 304 -2.38 -19.82 -28.97
N MET S 305 -2.30 -19.32 -30.20
CA MET S 305 -3.21 -18.30 -30.71
C MET S 305 -4.64 -18.75 -30.82
N ASN S 306 -4.86 -19.99 -31.24
CA ASN S 306 -6.22 -20.43 -31.38
C ASN S 306 -6.79 -20.37 -30.00
N LEU S 307 -6.02 -20.91 -29.06
CA LEU S 307 -6.65 -20.92 -27.77
C LEU S 307 -6.93 -19.50 -27.29
N SER S 308 -5.98 -18.61 -27.54
CA SER S 308 -6.14 -17.26 -27.07
C SER S 308 -7.32 -16.51 -27.67
N GLU S 309 -7.57 -16.66 -28.95
CA GLU S 309 -8.71 -16.02 -29.55
C GLU S 309 -9.99 -16.59 -29.01
N LYS S 310 -10.05 -17.89 -28.82
CA LYS S 310 -11.29 -18.36 -28.23
C LYS S 310 -11.48 -17.71 -26.84
N PHE S 311 -10.39 -17.59 -26.08
CA PHE S 311 -10.52 -16.95 -24.78
C PHE S 311 -10.98 -15.50 -24.84
N GLN S 312 -10.44 -14.73 -25.77
CA GLN S 312 -10.83 -13.34 -25.87
C GLN S 312 -12.29 -13.27 -26.23
N GLU S 313 -12.75 -14.15 -27.11
CA GLU S 313 -14.17 -14.15 -27.42
C GLU S 313 -15.06 -14.51 -26.24
N SER S 314 -14.67 -15.47 -25.41
CA SER S 314 -15.49 -15.77 -24.24
C SER S 314 -15.57 -14.70 -23.16
N ALA S 315 -14.45 -14.13 -22.76
CA ALA S 315 -14.42 -13.11 -21.73
C ALA S 315 -15.29 -11.90 -22.05
N LEU S 316 -15.22 -11.41 -23.28
CA LEU S 316 -16.04 -10.23 -23.51
C LEU S 316 -17.49 -10.63 -23.30
N THR S 317 -17.83 -11.83 -23.79
CA THR S 317 -19.24 -12.18 -23.67
C THR S 317 -19.71 -12.31 -22.22
N ALA S 318 -18.86 -12.90 -21.40
CA ALA S 318 -19.20 -13.02 -19.99
C ALA S 318 -19.36 -11.67 -19.33
N ALA S 319 -18.49 -10.73 -19.67
CA ALA S 319 -18.65 -9.40 -19.12
C ALA S 319 -19.96 -8.78 -19.52
N ASN S 320 -20.33 -8.92 -20.77
CA ASN S 320 -21.61 -8.36 -21.13
C ASN S 320 -22.70 -8.98 -20.29
N TYR S 321 -22.69 -10.31 -20.13
CA TYR S 321 -23.81 -10.90 -19.39
C TYR S 321 -23.82 -10.40 -17.97
N GLY S 322 -22.64 -10.27 -17.38
CA GLY S 322 -22.55 -9.80 -16.01
C GLY S 322 -23.08 -8.40 -15.83
N ALA S 323 -22.77 -7.51 -16.75
CA ALA S 323 -23.37 -6.19 -16.65
C ALA S 323 -24.87 -6.22 -16.83
N SER S 324 -25.36 -7.04 -17.76
CA SER S 324 -26.79 -7.04 -18.03
C SER S 324 -27.80 -7.56 -17.00
N ASN S 325 -27.53 -8.62 -16.27
CA ASN S 325 -28.49 -9.21 -15.35
C ASN S 325 -28.74 -8.37 -14.14
N MET S 326 -27.95 -7.34 -13.93
CA MET S 326 -28.20 -6.43 -12.82
C MET S 326 -28.41 -7.15 -11.49
N VAL S 327 -29.44 -6.80 -10.75
CA VAL S 327 -29.72 -7.44 -9.47
C VAL S 327 -30.50 -8.73 -9.55
N PHE S 328 -30.28 -9.64 -8.60
CA PHE S 328 -31.08 -10.87 -8.55
C PHE S 328 -31.94 -10.74 -7.30
N PHE S 329 -33.26 -10.86 -7.41
CA PHE S 329 -34.11 -10.82 -6.22
C PHE S 329 -34.34 -12.19 -5.60
N GLU S 330 -33.35 -12.73 -4.90
CA GLU S 330 -33.46 -14.08 -4.33
C GLU S 330 -34.47 -14.22 -3.23
N ARG S 331 -35.08 -15.40 -3.13
CA ARG S 331 -36.13 -15.60 -2.15
C ARG S 331 -35.84 -16.76 -1.22
N ALA S 332 -36.46 -16.75 -0.04
CA ALA S 332 -36.31 -17.89 0.86
C ALA S 332 -37.20 -19.00 0.35
N ALA S 333 -37.11 -20.18 0.95
CA ALA S 333 -37.88 -21.31 0.42
C ALA S 333 -39.31 -21.36 0.93
N ASP S 334 -40.14 -20.42 0.50
CA ASP S 334 -41.53 -20.42 0.92
C ASP S 334 -42.55 -20.32 -0.18
N ASN S 335 -42.49 -19.27 -0.99
CA ASN S 335 -43.55 -19.05 -1.98
C ASN S 335 -43.15 -19.09 -3.43
N GLY S 336 -43.78 -18.24 -4.24
CA GLY S 336 -43.53 -18.28 -5.66
C GLY S 336 -44.45 -19.35 -6.19
N VAL S 337 -45.35 -19.82 -5.34
CA VAL S 337 -46.25 -20.90 -5.72
C VAL S 337 -47.21 -20.56 -6.84
N VAL S 338 -47.46 -21.53 -7.71
CA VAL S 338 -48.46 -21.35 -8.76
C VAL S 338 -48.29 -20.09 -9.57
N THR S 339 -47.06 -19.77 -9.91
CA THR S 339 -46.86 -18.64 -10.80
C THR S 339 -47.57 -19.15 -12.03
N GLY S 340 -48.65 -18.49 -12.43
CA GLY S 340 -49.45 -19.01 -13.53
C GLY S 340 -48.74 -19.16 -14.85
N PRO S 341 -48.95 -20.30 -15.51
CA PRO S 341 -48.33 -20.54 -16.81
C PRO S 341 -48.81 -19.64 -17.91
N GLU S 342 -50.09 -19.33 -17.97
CA GLU S 342 -50.61 -18.58 -19.11
C GLU S 342 -50.07 -17.18 -19.35
N ASP S 343 -49.90 -16.41 -18.30
CA ASP S 343 -49.43 -15.04 -18.45
C ASP S 343 -48.02 -15.03 -19.00
N ASP S 344 -47.26 -16.08 -18.75
CA ASP S 344 -45.85 -16.09 -19.13
C ASP S 344 -45.57 -15.92 -20.60
N ALA S 345 -46.34 -16.57 -21.44
CA ALA S 345 -46.05 -16.53 -22.86
C ALA S 345 -46.13 -15.17 -23.52
N GLN S 346 -47.13 -14.35 -23.17
CA GLN S 346 -47.33 -13.07 -23.88
C GLN S 346 -46.25 -12.00 -23.82
N ILE S 347 -45.72 -11.68 -22.64
CA ILE S 347 -44.75 -10.60 -22.57
C ILE S 347 -43.82 -10.62 -21.36
N PRO S 348 -42.64 -9.99 -21.48
CA PRO S 348 -41.79 -9.86 -20.30
C PRO S 348 -42.09 -8.46 -19.81
N ILE S 349 -42.55 -8.31 -18.58
CA ILE S 349 -42.98 -7.01 -18.09
C ILE S 349 -41.94 -5.88 -18.11
N ASP S 350 -42.35 -4.67 -18.48
CA ASP S 350 -41.44 -3.52 -18.43
C ASP S 350 -41.82 -2.64 -17.24
N GLN S 351 -40.87 -2.35 -16.36
CA GLN S 351 -41.13 -1.54 -15.18
C GLN S 351 -40.29 -0.27 -15.21
N ILE S 352 -40.89 0.88 -14.96
CA ILE S 352 -40.15 2.14 -15.10
C ILE S 352 -39.36 2.57 -13.87
N GLU S 353 -38.04 2.70 -14.01
CA GLU S 353 -37.21 3.15 -12.91
C GLU S 353 -36.51 4.41 -13.35
N ALA S 354 -37.06 5.06 -14.36
CA ALA S 354 -36.41 6.23 -14.91
C ALA S 354 -36.28 7.34 -13.90
N GLY S 355 -37.27 7.50 -13.05
CA GLY S 355 -37.24 8.62 -12.14
C GLY S 355 -35.99 8.55 -11.29
N THR S 356 -35.35 9.69 -11.10
CA THR S 356 -34.13 9.72 -10.32
C THR S 356 -34.24 9.00 -8.99
N LEU S 357 -35.02 9.53 -8.09
CA LEU S 357 -35.08 8.92 -6.78
C LEU S 357 -36.15 7.88 -6.85
N THR S 358 -35.77 6.65 -6.63
CA THR S 358 -36.76 5.61 -6.65
C THR S 358 -36.48 4.62 -5.55
N GLU S 359 -36.65 5.03 -4.31
CA GLU S 359 -36.48 4.09 -3.23
C GLU S 359 -37.50 3.00 -3.45
N LEU S 360 -37.11 1.75 -3.31
CA LEU S 360 -38.02 0.65 -3.59
C LEU S 360 -38.23 -0.27 -2.40
N PRO S 361 -39.49 -0.66 -2.13
CA PRO S 361 -39.73 -1.62 -1.05
C PRO S 361 -40.02 -3.02 -1.56
N PRO S 362 -39.31 -4.05 -1.07
CA PRO S 362 -39.48 -5.43 -1.54
C PRO S 362 -40.18 -6.38 -0.59
N GLY S 363 -40.92 -7.36 -1.11
CA GLY S 363 -41.54 -8.37 -0.26
C GLY S 363 -40.63 -9.28 0.57
N VAL S 364 -39.46 -9.69 0.03
CA VAL S 364 -38.55 -10.63 0.73
C VAL S 364 -37.04 -10.30 0.86
N LYS S 365 -36.24 -10.34 -0.21
CA LYS S 365 -34.81 -9.97 -0.14
C LYS S 365 -34.18 -9.56 -1.47
N ALA S 366 -33.01 -8.93 -1.43
CA ALA S 366 -32.31 -8.55 -2.68
C ALA S 366 -30.82 -8.80 -2.67
N VAL S 367 -30.23 -9.01 -3.84
CA VAL S 367 -28.78 -9.20 -3.92
C VAL S 367 -28.20 -8.53 -5.15
N SER S 368 -26.91 -8.21 -5.13
CA SER S 368 -26.29 -7.50 -6.24
C SER S 368 -25.29 -8.39 -6.92
N HIS S 369 -25.39 -8.53 -8.23
CA HIS S 369 -24.49 -9.41 -8.94
C HIS S 369 -23.11 -8.83 -8.90
N ASN S 370 -22.12 -9.64 -8.57
CA ASN S 370 -20.76 -9.17 -8.61
C ASN S 370 -20.11 -9.83 -9.79
N PRO S 371 -19.66 -9.03 -10.74
CA PRO S 371 -19.11 -9.62 -11.94
C PRO S 371 -17.78 -10.23 -11.63
N ALA S 372 -17.57 -11.46 -12.07
CA ALA S 372 -16.31 -12.10 -11.86
C ALA S 372 -15.61 -12.17 -13.18
N TYR S 373 -16.13 -11.43 -14.16
CA TYR S 373 -15.56 -11.51 -15.48
C TYR S 373 -14.15 -11.09 -15.29
N PRO S 374 -13.21 -11.78 -15.97
CA PRO S 374 -11.84 -11.37 -15.67
C PRO S 374 -11.70 -9.87 -15.67
N ASP S 375 -11.26 -9.29 -14.55
CA ASP S 375 -11.23 -7.86 -14.48
C ASP S 375 -9.90 -7.21 -14.78
N ALA S 376 -8.94 -7.38 -13.89
CA ALA S 376 -7.63 -6.82 -14.12
C ALA S 376 -6.62 -7.95 -14.17
N ALA S 377 -7.09 -9.16 -13.95
CA ALA S 377 -6.22 -10.31 -14.03
C ALA S 377 -5.73 -10.45 -15.43
N VAL S 378 -6.58 -10.13 -16.39
CA VAL S 378 -6.22 -10.37 -17.76
C VAL S 378 -4.97 -9.71 -18.30
N GLY S 379 -4.67 -8.47 -17.94
CA GLY S 379 -3.51 -7.86 -18.55
C GLY S 379 -2.21 -8.56 -18.29
N PRO S 380 -1.93 -8.91 -17.03
CA PRO S 380 -0.73 -9.71 -16.81
C PRO S 380 -0.78 -11.12 -17.41
N PHE S 381 -1.91 -11.81 -17.28
CA PHE S 381 -1.98 -13.18 -17.76
C PHE S 381 -1.78 -13.23 -19.25
N LEU S 382 -2.44 -12.35 -19.98
CA LEU S 382 -2.34 -12.41 -21.42
C LEU S 382 -0.94 -12.13 -21.88
N ARG S 383 -0.28 -11.18 -21.24
CA ARG S 383 1.03 -10.81 -21.71
C ARG S 383 1.98 -11.97 -21.61
N GLN S 384 1.93 -12.71 -20.52
CA GLN S 384 2.91 -13.77 -20.39
C GLN S 384 2.76 -14.86 -21.45
N MET S 385 1.53 -15.27 -21.73
CA MET S 385 1.34 -16.25 -22.79
C MET S 385 1.79 -15.62 -24.09
N GLY S 386 1.50 -14.35 -24.26
CA GLY S 386 1.88 -13.65 -25.47
C GLY S 386 3.38 -13.59 -25.70
N THR S 387 4.17 -13.42 -24.64
CA THR S 387 5.60 -13.29 -24.82
C THR S 387 6.09 -14.56 -25.43
N SER S 388 5.53 -15.68 -24.99
CA SER S 388 5.97 -16.95 -25.52
C SER S 388 5.74 -17.04 -27.01
N GLN S 389 4.59 -16.59 -27.46
CA GLN S 389 4.27 -16.70 -28.88
C GLN S 389 5.25 -15.88 -29.68
N ALA S 390 5.58 -14.70 -29.18
CA ALA S 390 6.46 -13.83 -29.94
C ALA S 390 7.81 -14.44 -30.09
N ALA S 391 8.31 -15.05 -29.03
CA ALA S 391 9.63 -15.62 -29.08
C ALA S 391 9.61 -16.68 -30.15
N GLY S 392 8.51 -17.42 -30.20
CA GLY S 392 8.38 -18.48 -31.19
C GLY S 392 8.39 -17.99 -32.61
N LEU S 393 7.77 -16.85 -32.87
CA LEU S 393 7.67 -16.38 -34.23
C LEU S 393 8.87 -15.57 -34.65
N GLY S 394 9.83 -15.41 -33.74
CA GLY S 394 11.04 -14.70 -34.08
C GLY S 394 10.85 -13.22 -34.28
N VAL S 395 9.94 -12.62 -33.51
CA VAL S 395 9.71 -11.19 -33.59
C VAL S 395 9.59 -10.58 -32.20
N SER S 396 9.93 -9.30 -32.06
CA SER S 396 9.80 -8.62 -30.77
C SER S 396 8.33 -8.47 -30.42
N TYR S 397 8.01 -8.60 -29.15
CA TYR S 397 6.61 -8.55 -28.74
C TYR S 397 5.97 -7.23 -29.07
N GLU S 398 6.69 -6.15 -28.87
CA GLU S 398 6.09 -4.85 -29.10
C GLU S 398 5.67 -4.69 -30.53
N THR S 399 6.49 -5.13 -31.47
CA THR S 399 6.06 -5.06 -32.85
C THR S 399 4.88 -5.96 -33.16
N LEU S 400 4.90 -7.18 -32.66
CA LEU S 400 3.85 -8.14 -33.00
C LEU S 400 2.51 -7.72 -32.47
N THR S 401 2.48 -7.30 -31.23
CA THR S 401 1.24 -6.87 -30.64
C THR S 401 1.55 -5.51 -30.11
N ALA S 402 0.72 -4.52 -30.39
CA ALA S 402 1.09 -3.19 -29.98
C ALA S 402 0.75 -2.91 -28.53
N ASP S 403 1.29 -3.70 -27.60
CA ASP S 403 1.08 -3.39 -26.19
C ASP S 403 1.80 -2.09 -25.91
N LEU S 404 3.04 -1.96 -26.36
CA LEU S 404 3.76 -0.70 -26.24
C LEU S 404 3.67 -0.10 -24.86
N SER S 405 3.89 -0.92 -23.84
CA SER S 405 3.76 -0.43 -22.48
C SER S 405 4.99 -0.72 -21.65
N GLY S 406 5.26 0.15 -20.68
CA GLY S 406 6.41 -0.05 -19.83
C GLY S 406 7.70 -0.19 -20.60
N ALA S 407 7.98 0.74 -21.50
CA ALA S 407 9.24 0.68 -22.20
C ALA S 407 10.06 1.95 -22.15
N ASN S 408 11.30 1.85 -21.71
CA ASN S 408 12.20 3.00 -21.73
C ASN S 408 12.82 3.05 -23.10
N PHE S 409 13.56 4.11 -23.38
CA PHE S 409 14.11 4.24 -24.71
C PHE S 409 15.00 3.07 -25.00
N SER S 410 15.79 2.66 -24.03
CA SER S 410 16.72 1.60 -24.28
C SER S 410 16.03 0.30 -24.64
N SER S 411 14.92 -0.01 -23.98
CA SER S 411 14.27 -1.29 -24.23
C SER S 411 13.83 -1.36 -25.66
N LEU S 412 13.29 -0.26 -26.15
CA LEU S 412 12.84 -0.24 -27.51
C LEU S 412 13.99 -0.42 -28.47
N ARG S 413 15.13 0.22 -28.19
CA ARG S 413 16.23 0.13 -29.13
C ARG S 413 16.69 -1.31 -29.24
N ALA S 414 16.77 -2.00 -28.11
CA ALA S 414 17.25 -3.37 -28.14
C ALA S 414 16.34 -4.26 -28.94
N GLY S 415 15.05 -4.09 -28.75
CA GLY S 415 14.11 -4.95 -29.44
C GLY S 415 14.24 -4.79 -30.92
N LYS S 416 14.40 -3.56 -31.37
CA LYS S 416 14.50 -3.34 -32.78
C LYS S 416 15.72 -4.03 -33.29
N GLY S 417 16.81 -3.97 -32.54
CA GLY S 417 18.04 -4.55 -33.05
C GLY S 417 17.92 -6.03 -33.34
N GLU S 418 17.28 -6.78 -32.42
CA GLU S 418 17.12 -8.22 -32.61
C GLU S 418 16.25 -8.57 -33.80
N GLU S 419 15.15 -7.86 -33.96
CA GLU S 419 14.30 -8.10 -35.10
C GLU S 419 15.04 -7.78 -36.37
N ARG S 420 15.86 -6.73 -36.34
CA ARG S 420 16.52 -6.30 -37.54
C ARG S 420 17.40 -7.41 -38.06
N GLU S 421 18.06 -8.12 -37.18
CA GLU S 421 18.85 -9.21 -37.67
C GLU S 421 17.99 -10.22 -38.38
N GLU S 422 16.86 -10.58 -37.80
CA GLU S 422 16.04 -11.63 -38.40
C GLU S 422 15.55 -11.24 -39.77
N TRP S 423 15.11 -9.99 -39.90
CA TRP S 423 14.58 -9.56 -41.18
C TRP S 423 15.67 -9.62 -42.21
N ARG S 424 16.88 -9.24 -41.81
CA ARG S 424 17.95 -9.19 -42.78
C ARG S 424 18.14 -10.58 -43.31
N MET S 425 18.08 -11.56 -42.44
CA MET S 425 18.34 -12.91 -42.89
C MET S 425 17.32 -13.35 -43.92
N LEU S 426 16.05 -13.08 -43.65
CA LEU S 426 15.01 -13.47 -44.57
C LEU S 426 15.17 -12.72 -45.88
N GLN S 427 15.57 -11.46 -45.80
CA GLN S 427 15.70 -10.65 -47.00
C GLN S 427 16.70 -11.23 -47.95
N ARG S 428 17.83 -11.70 -47.42
CA ARG S 428 18.85 -12.24 -48.28
C ARG S 428 18.31 -13.46 -48.96
N ALA S 429 17.63 -14.31 -48.22
CA ALA S 429 17.14 -15.56 -48.78
C ALA S 429 16.10 -15.48 -49.87
N VAL S 430 15.10 -14.62 -49.71
CA VAL S 430 14.06 -14.60 -50.72
C VAL S 430 14.64 -14.18 -52.05
N PHE S 431 15.52 -13.19 -52.02
CA PHE S 431 16.11 -12.74 -53.26
C PHE S 431 17.34 -13.50 -53.62
N GLU S 432 17.81 -14.36 -52.73
CA GLU S 432 18.92 -15.20 -53.10
C GLU S 432 18.37 -16.03 -54.20
N GLY S 433 17.13 -16.45 -54.04
CA GLY S 433 16.56 -17.31 -55.04
C GLY S 433 15.77 -16.68 -56.17
N LEU S 434 14.72 -15.94 -55.87
CA LEU S 434 13.91 -15.44 -56.97
C LEU S 434 14.64 -14.49 -57.89
N HIS S 435 15.33 -13.52 -57.35
CA HIS S 435 15.96 -12.51 -58.19
C HIS S 435 17.01 -13.09 -59.05
N ASP S 436 17.84 -13.92 -58.46
CA ASP S 436 18.96 -14.42 -59.23
C ASP S 436 18.48 -15.25 -60.40
N ARG S 437 17.53 -16.15 -60.15
CA ARG S 437 17.04 -16.95 -61.23
C ARG S 437 16.37 -16.06 -62.25
N VAL S 438 15.52 -15.15 -61.79
CA VAL S 438 14.81 -14.37 -62.78
C VAL S 438 15.72 -13.47 -63.59
N PHE S 439 16.68 -12.81 -62.94
CA PHE S 439 17.49 -11.89 -63.71
C PHE S 439 18.23 -12.67 -64.74
N SER S 440 18.80 -13.79 -64.34
CA SER S 440 19.61 -14.52 -65.29
C SER S 440 18.77 -15.00 -66.44
N ARG S 441 17.61 -15.56 -66.13
CA ARG S 441 16.77 -16.08 -67.19
C ARG S 441 16.26 -14.97 -68.08
N TRP S 442 15.89 -13.85 -67.48
CA TRP S 442 15.32 -12.75 -68.25
C TRP S 442 16.29 -12.22 -69.25
N LEU S 443 17.56 -12.17 -68.90
CA LEU S 443 18.49 -11.50 -69.80
C LEU S 443 18.58 -12.07 -71.20
N PRO S 444 18.67 -13.40 -71.36
CA PRO S 444 18.78 -13.80 -72.76
C PRO S 444 17.60 -13.43 -73.61
N LEU S 445 16.38 -13.65 -73.14
CA LEU S 445 15.25 -13.38 -74.00
C LEU S 445 15.19 -11.92 -74.32
N ALA S 446 15.43 -11.10 -73.33
CA ALA S 446 15.38 -9.68 -73.53
C ALA S 446 16.45 -9.25 -74.51
N MET S 447 17.64 -9.82 -74.40
CA MET S 447 18.68 -9.50 -75.36
C MET S 447 18.28 -9.94 -76.77
N LEU S 448 17.70 -11.13 -76.90
CA LEU S 448 17.27 -11.64 -78.20
C LEU S 448 16.17 -10.81 -78.82
N SER S 449 15.22 -10.38 -78.01
CA SER S 449 14.13 -9.55 -78.49
C SER S 449 14.65 -8.16 -78.75
N GLY S 450 15.87 -7.91 -78.28
CA GLY S 450 16.49 -6.63 -78.55
C GLY S 450 15.76 -5.63 -77.69
N GLU S 451 14.92 -6.11 -76.78
CA GLU S 451 14.27 -5.19 -75.87
C GLU S 451 15.34 -4.36 -75.20
N VAL S 452 16.44 -4.99 -74.84
CA VAL S 452 17.54 -4.24 -74.28
C VAL S 452 18.57 -4.19 -75.36
N ARG S 453 19.17 -3.03 -75.56
CA ARG S 453 20.14 -2.89 -76.63
C ARG S 453 21.56 -3.17 -76.14
N LEU S 454 22.14 -4.29 -76.59
CA LEU S 454 23.50 -4.67 -76.19
C LEU S 454 23.86 -5.99 -76.90
N PRO S 455 25.17 -6.34 -77.05
CA PRO S 455 25.40 -7.59 -77.78
C PRO S 455 25.33 -8.85 -76.93
N LEU S 456 24.68 -9.89 -77.43
CA LEU S 456 24.49 -11.14 -76.68
C LEU S 456 25.73 -11.95 -76.33
N ALA S 457 26.71 -12.00 -77.22
CA ALA S 457 27.86 -12.89 -76.98
C ALA S 457 28.67 -12.68 -75.70
N LYS S 458 28.96 -11.44 -75.32
CA LYS S 458 29.65 -11.22 -74.05
C LYS S 458 28.67 -11.13 -72.90
N LEU S 459 27.97 -12.21 -72.62
CA LEU S 459 26.97 -12.22 -71.56
C LEU S 459 27.57 -11.96 -70.20
N ASP S 460 28.76 -12.50 -69.96
CA ASP S 460 29.41 -12.39 -68.66
C ASP S 460 29.68 -10.96 -68.23
N LYS S 461 30.01 -10.10 -69.18
CA LYS S 461 30.34 -8.73 -68.84
C LYS S 461 29.15 -8.07 -68.16
N PHE S 462 27.95 -8.33 -68.63
CA PHE S 462 26.78 -7.78 -67.95
C PHE S 462 26.11 -8.76 -67.00
N ASP S 463 26.69 -9.95 -66.83
CA ASP S 463 26.06 -10.98 -66.00
C ASP S 463 25.89 -10.61 -64.53
N ALA S 464 26.87 -9.94 -63.94
CA ALA S 464 26.80 -9.65 -62.50
C ALA S 464 25.61 -8.79 -62.18
N ALA S 465 24.91 -9.12 -61.10
CA ALA S 465 23.72 -8.37 -60.73
C ALA S 465 23.57 -8.37 -59.23
N THR S 466 23.45 -7.20 -58.64
CA THR S 466 23.35 -7.10 -57.20
C THR S 466 22.01 -6.54 -56.78
N TRP S 467 21.37 -7.20 -55.84
CA TRP S 467 20.07 -6.74 -55.37
C TRP S 467 20.22 -5.94 -54.09
N ARG S 468 19.55 -4.80 -53.99
CA ARG S 468 19.74 -3.96 -52.80
C ARG S 468 18.53 -3.90 -51.89
N PRO S 469 18.66 -4.34 -50.63
CA PRO S 469 17.58 -4.25 -49.65
C PRO S 469 17.47 -2.86 -49.08
N ARG S 470 16.37 -2.51 -48.42
CA ARG S 470 16.26 -1.21 -47.77
C ARG S 470 16.20 -1.26 -46.24
N GLY S 471 17.09 -0.53 -45.58
CA GLY S 471 17.15 -0.54 -44.13
C GLY S 471 16.19 0.33 -43.40
N TRP S 472 16.09 0.16 -42.09
CA TRP S 472 15.16 0.96 -41.30
C TRP S 472 15.81 2.08 -40.49
N PRO S 473 15.22 3.28 -40.51
CA PRO S 473 15.79 4.47 -39.83
C PRO S 473 15.86 4.50 -38.31
N SER S 474 16.89 5.16 -37.76
CA SER S 474 17.09 5.25 -36.31
C SER S 474 16.29 6.29 -35.55
N VAL S 475 16.03 6.04 -34.28
CA VAL S 475 15.33 7.00 -33.43
C VAL S 475 16.06 8.32 -33.14
N ASN S 476 17.37 8.25 -32.90
CA ASN S 476 18.14 9.44 -32.55
C ASN S 476 19.05 9.90 -33.68
N PRO S 477 18.58 10.79 -34.57
CA PRO S 477 19.49 11.11 -35.66
C PRO S 477 20.71 11.90 -35.27
N LYS S 478 20.66 12.72 -34.24
CA LYS S 478 21.83 13.55 -33.98
C LYS S 478 23.04 12.70 -33.68
N ASP S 479 22.86 11.68 -32.85
CA ASP S 479 23.99 10.84 -32.46
C ASP S 479 24.52 10.15 -33.68
N ASP S 480 23.63 9.62 -34.50
CA ASP S 480 24.08 8.87 -35.63
C ASP S 480 24.88 9.76 -36.49
N ALA S 481 24.41 10.98 -36.71
CA ALA S 481 25.10 11.88 -37.61
C ALA S 481 26.49 12.23 -37.10
N THR S 482 26.59 12.49 -35.80
CA THR S 482 27.91 12.80 -35.25
C THR S 482 28.85 11.61 -35.43
N ALA S 483 28.35 10.41 -35.16
CA ALA S 483 29.20 9.24 -35.29
C ALA S 483 29.64 9.07 -36.72
N HIS S 484 28.73 9.30 -37.66
CA HIS S 484 29.06 9.14 -39.05
C HIS S 484 30.10 10.14 -39.50
N GLU S 485 30.00 11.38 -39.03
CA GLU S 485 31.02 12.34 -39.38
C GLU S 485 32.36 11.87 -38.82
N LYS S 486 32.36 11.40 -37.59
CA LYS S 486 33.61 11.01 -37.01
C LYS S 486 34.21 9.86 -37.81
N ASP S 487 33.38 8.92 -38.23
CA ASP S 487 33.86 7.77 -39.00
C ASP S 487 34.40 8.13 -40.36
N LEU S 488 33.74 9.05 -41.05
CA LEU S 488 34.20 9.48 -42.34
C LEU S 488 35.56 10.07 -42.12
N LYS S 489 35.69 10.81 -41.03
CA LYS S 489 36.99 11.36 -40.71
C LYS S 489 38.04 10.29 -40.58
N ASN S 490 37.74 9.20 -39.88
CA ASN S 490 38.84 8.22 -39.65
C ASN S 490 39.14 7.19 -40.76
N GLY S 491 38.68 7.41 -41.98
CA GLY S 491 38.78 6.49 -43.09
C GLY S 491 38.31 5.10 -42.72
N VAL S 492 37.55 4.98 -41.64
CA VAL S 492 37.08 3.68 -41.19
C VAL S 492 35.85 3.24 -41.98
N ARG S 493 34.81 4.08 -42.00
CA ARG S 493 33.68 3.86 -42.88
C ARG S 493 33.94 4.56 -44.19
N THR S 494 33.60 3.87 -45.27
CA THR S 494 33.69 4.48 -46.58
C THR S 494 32.36 5.15 -46.75
N ARG S 495 32.27 6.08 -47.68
CA ARG S 495 31.02 6.77 -47.90
C ARG S 495 29.96 5.80 -48.39
N THR S 496 30.34 4.83 -49.20
CA THR S 496 29.35 3.93 -49.77
C THR S 496 28.55 3.14 -48.76
N GLU S 497 29.19 2.68 -47.70
CA GLU S 497 28.49 1.84 -46.75
C GLU S 497 27.32 2.53 -46.09
N ILE S 498 27.49 3.80 -45.74
CA ILE S 498 26.43 4.48 -45.03
C ILE S 498 25.19 4.54 -45.89
N CYS S 499 25.37 4.82 -47.17
CA CYS S 499 24.25 4.89 -48.08
C CYS S 499 23.60 3.55 -48.15
N ALA S 500 24.40 2.50 -48.12
CA ALA S 500 23.86 1.16 -48.24
C ALA S 500 22.91 0.81 -47.14
N GLU S 501 23.19 1.25 -45.93
CA GLU S 501 22.33 0.86 -44.82
C GLU S 501 20.95 1.39 -45.07
N ARG S 502 20.83 2.63 -45.51
CA ARG S 502 19.54 3.14 -45.87
C ARG S 502 19.04 2.34 -47.06
N GLY S 503 19.94 1.99 -47.97
CA GLY S 503 19.57 1.26 -49.19
C GLY S 503 19.53 2.10 -50.44
N ARG S 504 19.75 3.39 -50.32
CA ARG S 504 19.79 4.27 -51.49
C ARG S 504 20.92 4.03 -52.48
N ASP S 505 22.17 3.87 -52.05
CA ASP S 505 23.33 3.77 -52.99
C ASP S 505 24.09 5.03 -53.50
N PHE S 506 25.41 4.91 -53.56
CA PHE S 506 26.25 6.05 -53.96
C PHE S 506 26.12 6.63 -55.36
N ALA S 507 25.87 5.81 -56.36
CA ALA S 507 25.66 6.37 -57.69
C ALA S 507 24.43 7.24 -57.68
N ASP S 508 23.40 6.77 -56.98
CA ASP S 508 22.17 7.52 -56.91
C ASP S 508 22.51 8.84 -56.25
N VAL S 509 23.28 8.74 -55.19
CA VAL S 509 23.58 9.96 -54.48
C VAL S 509 24.32 10.95 -55.39
N VAL S 510 25.31 10.49 -56.15
CA VAL S 510 26.07 11.38 -57.04
C VAL S 510 25.23 11.99 -58.17
N ALA S 511 24.32 11.22 -58.75
CA ALA S 511 23.47 11.80 -59.79
C ALA S 511 22.61 12.91 -59.19
N GLU S 512 22.10 12.62 -58.00
CA GLU S 512 21.27 13.62 -57.38
C GLU S 512 22.09 14.87 -57.06
N ALA S 513 23.33 14.70 -56.67
CA ALA S 513 24.23 15.82 -56.40
C ALA S 513 24.48 16.66 -57.65
N ALA S 514 24.66 16.01 -58.79
CA ALA S 514 24.79 16.78 -60.02
C ALA S 514 23.51 17.60 -60.30
N ALA S 515 22.37 16.98 -60.03
CA ALA S 515 21.13 17.77 -60.20
C ALA S 515 21.12 18.99 -59.26
N GLU S 516 21.56 18.78 -58.03
CA GLU S 516 21.62 19.88 -57.06
C GLU S 516 22.55 20.96 -57.57
N ARG S 517 23.67 20.60 -58.18
CA ARG S 517 24.58 21.57 -58.78
C ARG S 517 23.95 22.39 -59.91
N GLN S 518 23.18 21.74 -60.78
CA GLN S 518 22.46 22.55 -61.79
C GLN S 518 21.44 23.51 -61.13
N MET S 519 20.79 23.02 -60.09
CA MET S 519 19.89 23.92 -59.39
C MET S 519 20.63 25.07 -58.76
N MET S 520 21.94 24.91 -58.55
CA MET S 520 22.74 25.99 -57.98
C MET S 520 23.00 27.07 -58.99
N ARG S 521 23.08 26.70 -60.26
CA ARG S 521 23.42 27.68 -61.26
C ARG S 521 22.36 28.77 -61.31
N ASP S 522 21.09 28.38 -61.24
CA ASP S 522 20.02 29.36 -61.19
C ASP S 522 19.99 30.23 -59.93
N ALA S 523 20.24 29.62 -58.76
CA ALA S 523 20.21 30.36 -57.50
C ALA S 523 21.54 30.43 -56.76
N GLY S 524 21.77 29.48 -55.85
CA GLY S 524 23.01 29.45 -55.10
C GLY S 524 23.27 28.04 -54.58
N LEU S 525 24.50 27.75 -54.17
CA LEU S 525 24.80 26.44 -53.58
C LEU S 525 24.78 26.49 -52.08
N ASP S 526 25.95 26.42 -51.44
CA ASP S 526 25.97 26.39 -49.99
C ASP S 526 27.10 27.21 -49.40
N PRO S 527 26.95 27.62 -48.14
CA PRO S 527 28.06 28.33 -47.48
C PRO S 527 28.95 27.40 -46.65
N MET T 1 -46.69 -33.31 -39.94
CA MET T 1 -46.44 -32.17 -40.81
C MET T 1 -46.71 -30.84 -40.12
N THR T 2 -47.21 -29.87 -40.89
CA THR T 2 -47.49 -28.55 -40.34
C THR T 2 -48.66 -28.60 -39.39
N VAL T 3 -48.68 -27.69 -38.41
CA VAL T 3 -49.73 -27.70 -37.39
C VAL T 3 -49.99 -26.31 -36.84
N SER T 4 -51.25 -26.01 -36.54
CA SER T 4 -51.59 -24.71 -35.98
C SER T 4 -52.47 -24.84 -34.76
N ILE T 5 -51.90 -25.27 -33.65
CA ILE T 5 -52.70 -25.38 -32.45
C ILE T 5 -52.66 -24.05 -31.72
N HIS T 6 -53.62 -23.18 -32.01
CA HIS T 6 -53.70 -21.95 -31.23
C HIS T 6 -55.08 -21.50 -30.78
N PRO T 7 -55.75 -22.29 -29.94
CA PRO T 7 -57.02 -21.79 -29.41
C PRO T 7 -56.70 -20.66 -28.47
N PRO T 8 -57.58 -19.64 -28.40
CA PRO T 8 -57.14 -18.59 -27.49
C PRO T 8 -57.04 -19.19 -26.11
N ALA T 9 -55.98 -18.89 -25.39
CA ALA T 9 -55.75 -19.46 -24.07
C ALA T 9 -56.90 -19.22 -23.13
N THR T 10 -57.48 -18.02 -23.15
CA THR T 10 -58.62 -17.71 -22.30
C THR T 10 -59.91 -17.92 -23.06
N LEU T 11 -60.51 -19.08 -22.89
CA LEU T 11 -61.71 -19.37 -23.63
C LEU T 11 -62.87 -19.24 -22.70
N VAL T 12 -63.82 -18.38 -23.03
CA VAL T 12 -64.92 -18.13 -22.13
C VAL T 12 -66.13 -18.93 -22.48
N ALA T 13 -66.84 -19.41 -21.49
CA ALA T 13 -67.98 -20.27 -21.75
C ALA T 13 -69.14 -19.57 -22.40
N GLY T 14 -70.06 -20.35 -22.97
CA GLY T 14 -71.21 -19.77 -23.64
C GLY T 14 -70.90 -18.84 -24.78
N ASP T 15 -69.63 -18.75 -25.15
CA ASP T 15 -69.22 -17.83 -26.20
C ASP T 15 -68.71 -18.65 -27.34
N SER T 16 -68.84 -18.13 -28.54
CA SER T 16 -68.40 -18.86 -29.72
C SER T 16 -66.90 -18.96 -29.73
N TRP T 17 -66.36 -20.12 -30.10
CA TRP T 17 -64.92 -20.31 -30.06
C TRP T 17 -64.36 -20.58 -31.45
N ALA T 18 -63.31 -19.86 -31.82
CA ALA T 18 -62.69 -20.09 -33.13
C ALA T 18 -61.18 -19.92 -33.22
N TRP T 19 -60.47 -20.86 -33.84
CA TRP T 19 -59.04 -20.60 -34.09
C TRP T 19 -58.75 -20.52 -35.58
N GLU T 20 -59.56 -21.20 -36.39
CA GLU T 20 -59.28 -21.20 -37.82
C GLU T 20 -57.83 -21.60 -38.07
N ALA T 21 -57.43 -22.77 -37.61
CA ALA T 21 -56.02 -23.19 -37.72
C ALA T 21 -55.44 -23.20 -39.11
N GLY T 22 -54.25 -22.64 -39.25
CA GLY T 22 -53.62 -22.56 -40.56
C GLY T 22 -53.19 -23.79 -41.32
N ALA T 23 -52.54 -24.77 -40.67
CA ALA T 23 -52.00 -25.91 -41.44
C ALA T 23 -51.90 -27.26 -40.76
N VAL T 24 -52.62 -27.46 -39.67
CA VAL T 24 -52.48 -28.71 -38.93
C VAL T 24 -52.88 -29.93 -39.72
N PHE T 25 -53.95 -29.81 -40.49
CA PHE T 25 -54.46 -30.97 -41.22
C PHE T 25 -54.04 -30.95 -42.68
N GLU T 26 -52.91 -30.31 -42.98
CA GLU T 26 -52.55 -30.21 -44.38
C GLU T 26 -52.04 -31.55 -44.78
N ASP T 27 -51.43 -32.28 -43.85
CA ASP T 27 -51.07 -33.64 -44.17
C ASP T 27 -52.33 -34.46 -44.23
N HIS T 28 -52.34 -35.44 -45.12
CA HIS T 28 -53.53 -36.27 -45.29
C HIS T 28 -54.75 -35.40 -45.58
N PRO T 29 -54.59 -34.37 -46.43
CA PRO T 29 -55.75 -33.49 -46.61
C PRO T 29 -56.95 -34.14 -47.28
N ASP T 30 -56.71 -34.93 -48.32
CA ASP T 30 -57.82 -35.49 -49.09
C ASP T 30 -58.75 -36.49 -48.40
N PRO T 31 -58.21 -37.47 -47.67
CA PRO T 31 -59.19 -38.38 -47.07
C PRO T 31 -59.30 -38.36 -45.54
N TRP T 32 -58.65 -37.42 -44.85
CA TRP T 32 -58.69 -37.45 -43.39
C TRP T 32 -59.45 -36.28 -42.80
N ALA T 33 -60.18 -36.48 -41.71
CA ALA T 33 -61.01 -35.42 -41.13
C ALA T 33 -60.32 -34.43 -40.19
N ALA T 34 -61.03 -33.37 -39.80
CA ALA T 34 -60.48 -32.39 -38.84
C ALA T 34 -61.18 -32.59 -37.50
N SER T 35 -60.47 -32.47 -36.38
CA SER T 35 -61.10 -32.75 -35.09
C SER T 35 -60.97 -31.75 -33.95
N TYR T 36 -59.75 -31.33 -33.65
CA TYR T 36 -59.51 -30.40 -32.56
C TYR T 36 -60.27 -30.88 -31.33
N VAL T 37 -59.95 -32.07 -30.85
CA VAL T 37 -60.65 -32.63 -29.69
C VAL T 37 -60.45 -31.79 -28.44
N LEU T 38 -61.54 -31.51 -27.73
CA LEU T 38 -61.43 -30.75 -26.52
C LEU T 38 -61.91 -31.67 -25.43
N ARG T 39 -61.09 -31.92 -24.41
CA ARG T 39 -61.48 -32.88 -23.38
C ARG T 39 -61.34 -32.28 -22.03
N PRO T 40 -62.35 -32.45 -21.20
CA PRO T 40 -62.13 -31.97 -19.83
C PRO T 40 -61.13 -32.88 -19.15
N GLU T 41 -60.16 -32.30 -18.47
CA GLU T 41 -59.14 -33.11 -17.84
C GLU T 41 -59.65 -33.99 -16.71
N ALA T 42 -60.54 -33.47 -15.88
CA ALA T 42 -61.03 -34.23 -14.72
C ALA T 42 -62.48 -34.63 -14.88
N GLY T 43 -62.79 -35.63 -15.71
CA GLY T 43 -64.17 -35.95 -15.98
C GLY T 43 -64.57 -35.58 -17.38
N GLY T 44 -65.86 -35.63 -17.68
CA GLY T 44 -66.32 -35.19 -18.97
C GLY T 44 -66.19 -36.14 -20.14
N ASP T 45 -66.68 -35.70 -21.29
CA ASP T 45 -66.63 -36.52 -22.49
C ASP T 45 -66.05 -35.64 -23.55
N PRO T 46 -65.11 -36.18 -24.31
CA PRO T 46 -64.47 -35.28 -25.26
C PRO T 46 -65.47 -34.69 -26.23
N VAL T 47 -65.45 -33.37 -26.41
CA VAL T 47 -66.32 -32.77 -27.41
C VAL T 47 -65.43 -32.45 -28.60
N THR T 48 -66.01 -32.41 -29.78
CA THR T 48 -65.21 -32.18 -30.97
C THR T 48 -65.68 -31.10 -31.92
N VAL T 49 -64.76 -30.52 -32.66
CA VAL T 49 -65.09 -29.47 -33.61
C VAL T 49 -64.77 -29.92 -35.04
N SER T 50 -65.70 -29.71 -35.95
CA SER T 50 -65.49 -30.10 -37.34
C SER T 50 -65.05 -28.95 -38.22
N GLY T 51 -65.53 -28.92 -39.45
CA GLY T 51 -65.08 -27.88 -40.36
C GLY T 51 -66.01 -26.70 -40.61
N GLY T 52 -67.08 -26.88 -41.38
CA GLY T 52 -67.93 -25.76 -41.71
C GLY T 52 -67.08 -24.64 -42.27
N LEU T 53 -66.26 -24.93 -43.28
CA LEU T 53 -65.31 -23.93 -43.75
C LEU T 53 -65.25 -23.47 -45.19
N GLU T 54 -64.48 -22.41 -45.43
CA GLU T 54 -64.21 -22.00 -46.81
C GLU T 54 -63.10 -22.94 -47.24
N VAL T 55 -63.06 -23.33 -48.50
CA VAL T 55 -62.06 -24.31 -48.93
C VAL T 55 -60.59 -23.89 -48.80
N LEU T 56 -60.24 -22.67 -49.19
CA LEU T 56 -58.83 -22.26 -49.17
C LEU T 56 -58.24 -22.24 -47.78
N ALA T 57 -58.98 -21.68 -46.84
CA ALA T 57 -58.50 -21.67 -45.47
C ALA T 57 -59.55 -22.28 -44.58
N PRO T 58 -59.19 -23.34 -43.87
CA PRO T 58 -60.14 -23.94 -42.96
C PRO T 58 -60.45 -23.01 -41.80
N VAL T 59 -61.72 -22.87 -41.45
CA VAL T 59 -62.07 -22.08 -40.28
C VAL T 59 -62.88 -22.94 -39.35
N PHE T 60 -62.46 -22.99 -38.10
CA PHE T 60 -63.12 -23.88 -37.14
C PHE T 60 -63.99 -23.04 -36.25
N ARG T 61 -65.21 -23.49 -36.04
CA ARG T 61 -66.11 -22.70 -35.25
C ARG T 61 -66.99 -23.55 -34.35
N LEU T 62 -67.32 -23.03 -33.19
CA LEU T 62 -68.23 -23.73 -32.29
C LEU T 62 -69.36 -22.77 -31.89
N PRO T 63 -70.63 -23.23 -31.97
CA PRO T 63 -71.77 -22.40 -31.61
C PRO T 63 -71.83 -22.09 -30.13
N ALA T 64 -72.24 -20.88 -29.80
CA ALA T 64 -72.29 -20.47 -28.40
C ALA T 64 -73.27 -21.28 -27.57
N SER T 65 -74.43 -21.56 -28.12
CA SER T 65 -75.44 -22.29 -27.37
C SER T 65 -74.95 -23.66 -27.00
N VAL T 66 -74.23 -24.30 -27.90
CA VAL T 66 -73.67 -25.62 -27.60
C VAL T 66 -72.66 -25.57 -26.45
N THR T 67 -71.86 -24.50 -26.37
CA THR T 67 -70.86 -24.41 -25.33
C THR T 67 -71.55 -24.41 -23.99
N ALA T 68 -72.62 -23.65 -23.85
CA ALA T 68 -73.43 -23.64 -22.62
C ALA T 68 -72.94 -24.31 -21.36
N ASP T 69 -73.16 -25.62 -21.26
CA ASP T 69 -72.86 -26.33 -20.03
C ASP T 69 -71.47 -26.90 -19.86
N LEU T 70 -70.54 -26.49 -20.71
CA LEU T 70 -69.21 -27.08 -20.65
C LEU T 70 -68.58 -26.84 -19.29
N PRO T 71 -67.80 -27.80 -18.79
CA PRO T 71 -67.22 -27.69 -17.45
C PRO T 71 -66.29 -26.52 -17.14
N PRO T 72 -66.49 -25.84 -16.01
CA PRO T 72 -65.56 -24.78 -15.62
C PRO T 72 -64.30 -25.42 -15.08
N GLY T 73 -63.12 -24.95 -15.45
CA GLY T 73 -61.89 -25.62 -15.03
C GLY T 73 -60.82 -25.64 -16.09
N GLU T 74 -60.05 -26.72 -16.13
CA GLU T 74 -58.97 -26.85 -17.11
C GLU T 74 -59.27 -27.85 -18.24
N TRP T 75 -58.98 -27.47 -19.48
CA TRP T 75 -59.28 -28.32 -20.63
C TRP T 75 -58.08 -28.51 -21.53
N THR T 76 -58.03 -29.62 -22.25
CA THR T 76 -56.91 -29.91 -23.13
C THR T 76 -57.25 -29.91 -24.61
N TRP T 77 -56.31 -29.51 -25.45
CA TRP T 77 -56.54 -29.44 -26.89
C TRP T 77 -55.65 -30.38 -27.66
N PHE T 78 -56.22 -31.36 -28.35
CA PHE T 78 -55.42 -32.26 -29.15
C PHE T 78 -56.07 -32.31 -30.54
N ALA T 79 -55.29 -32.24 -31.62
CA ALA T 79 -55.86 -32.27 -32.97
C ALA T 79 -55.58 -33.57 -33.68
N VAL T 80 -56.61 -34.24 -34.16
CA VAL T 80 -56.42 -35.53 -34.79
C VAL T 80 -57.00 -35.61 -36.19
N ALA T 81 -56.27 -36.20 -37.13
CA ALA T 81 -56.78 -36.41 -38.47
C ALA T 81 -56.95 -37.89 -38.62
N VAL T 82 -58.11 -38.35 -39.06
CA VAL T 82 -58.34 -39.80 -39.11
C VAL T 82 -58.96 -40.31 -40.41
N ASP T 83 -58.47 -41.43 -40.95
CA ASP T 83 -59.11 -42.02 -42.13
C ASP T 83 -59.40 -43.48 -41.91
N ALA T 84 -60.64 -43.89 -42.16
CA ALA T 84 -61.03 -45.30 -41.99
C ALA T 84 -60.34 -46.29 -42.92
N THR T 85 -60.18 -45.92 -44.19
CA THR T 85 -59.54 -46.83 -45.13
C THR T 85 -58.14 -47.03 -44.64
N THR T 86 -57.50 -45.95 -44.19
CA THR T 86 -56.15 -46.05 -43.64
C THR T 86 -56.13 -46.77 -42.29
N ASP T 87 -57.26 -46.82 -41.60
CA ASP T 87 -57.36 -47.44 -40.26
C ASP T 87 -56.32 -46.85 -39.35
N ALA T 88 -56.12 -45.55 -39.48
CA ALA T 88 -55.13 -44.87 -38.69
C ALA T 88 -55.62 -43.50 -38.33
N ARG T 89 -55.07 -42.93 -37.29
CA ARG T 89 -55.42 -41.57 -36.92
C ARG T 89 -54.06 -40.94 -36.86
N ALA T 90 -53.97 -39.64 -36.94
CA ALA T 90 -52.68 -39.00 -36.77
C ALA T 90 -52.82 -37.79 -35.84
N VAL T 91 -51.94 -37.68 -34.85
CA VAL T 91 -52.10 -36.59 -33.93
C VAL T 91 -50.97 -35.60 -34.12
N LEU T 92 -51.31 -34.35 -34.40
CA LEU T 92 -50.28 -33.35 -34.64
C LEU T 92 -50.25 -32.20 -33.65
N ALA T 93 -51.13 -32.18 -32.66
CA ALA T 93 -51.22 -31.01 -31.77
C ALA T 93 -51.29 -31.21 -30.26
N GLN T 94 -50.88 -30.18 -29.51
CA GLN T 94 -50.96 -30.24 -28.05
C GLN T 94 -51.25 -28.83 -27.51
N GLY T 95 -51.89 -28.73 -26.34
CA GLY T 95 -52.17 -27.42 -25.76
C GLY T 95 -52.95 -27.50 -24.47
N ARG T 96 -53.23 -26.36 -23.85
CA ARG T 96 -54.02 -26.33 -22.63
C ARG T 96 -54.80 -25.04 -22.53
N VAL T 97 -56.09 -25.12 -22.28
CA VAL T 97 -56.93 -23.93 -22.24
C VAL T 97 -57.82 -23.98 -21.02
N THR T 98 -58.16 -22.82 -20.46
CA THR T 98 -59.00 -22.79 -19.27
C THR T 98 -60.36 -22.23 -19.57
N VAL T 99 -61.40 -22.82 -18.99
CA VAL T 99 -62.74 -22.34 -19.22
C VAL T 99 -63.19 -21.49 -18.07
N ILE T 100 -63.40 -20.21 -18.32
CA ILE T 100 -63.84 -19.28 -17.30
C ILE T 100 -65.28 -19.60 -16.97
N PRO T 101 -65.67 -19.49 -15.70
CA PRO T 101 -67.07 -19.85 -15.46
C PRO T 101 -68.02 -18.93 -16.21
N ASP T 102 -69.11 -19.46 -16.76
CA ASP T 102 -70.05 -18.66 -17.53
C ASP T 102 -70.33 -17.31 -16.90
N PRO T 103 -70.01 -16.21 -17.62
CA PRO T 103 -70.22 -14.96 -16.91
C PRO T 103 -71.61 -14.40 -16.98
N LEU T 104 -72.50 -14.97 -17.79
CA LEU T 104 -73.81 -14.38 -17.93
C LEU T 104 -74.88 -15.03 -17.09
N ALA T 105 -74.48 -15.98 -16.24
CA ALA T 105 -75.48 -16.71 -15.46
C ALA T 105 -75.00 -17.35 -14.18
N GLY T 106 -75.94 -17.77 -13.33
CA GLY T 106 -75.59 -18.50 -12.13
C GLY T 106 -75.77 -17.86 -10.78
N THR T 107 -76.06 -18.69 -9.78
CA THR T 107 -76.23 -18.18 -8.43
C THR T 107 -74.97 -17.63 -7.75
N GLU T 108 -73.86 -18.37 -7.77
CA GLU T 108 -72.61 -17.84 -7.20
C GLU T 108 -71.29 -18.40 -7.69
N ASP T 109 -70.27 -17.57 -7.81
CA ASP T 109 -68.92 -18.04 -8.14
C ASP T 109 -68.03 -17.15 -7.30
N ARG T 110 -67.16 -17.73 -6.49
CA ARG T 110 -66.22 -16.91 -5.74
C ARG T 110 -64.95 -16.72 -6.50
N ARG T 111 -63.98 -16.10 -5.86
CA ARG T 111 -62.70 -15.93 -6.49
C ARG T 111 -61.90 -17.22 -6.46
N THR T 112 -60.76 -17.24 -7.11
CA THR T 112 -59.89 -18.40 -7.13
C THR T 112 -59.44 -18.64 -5.72
N PRO T 113 -58.90 -19.83 -5.43
CA PRO T 113 -58.58 -20.13 -4.04
C PRO T 113 -57.72 -19.12 -3.35
N ALA T 114 -56.88 -18.37 -4.03
CA ALA T 114 -56.03 -17.47 -3.30
C ALA T 114 -56.86 -16.50 -2.47
N ARG T 115 -57.94 -15.99 -3.03
CA ARG T 115 -58.80 -15.10 -2.25
C ARG T 115 -59.43 -15.78 -1.06
N ARG T 116 -59.89 -17.01 -1.23
CA ARG T 116 -60.56 -17.69 -0.14
C ARG T 116 -59.63 -17.87 1.03
N ILE T 117 -58.41 -18.30 0.76
CA ILE T 117 -57.51 -18.56 1.86
C ILE T 117 -57.23 -17.27 2.57
N LEU T 118 -57.03 -16.21 1.80
CA LEU T 118 -56.72 -14.92 2.40
C LEU T 118 -57.86 -14.42 3.25
N ALA T 119 -59.08 -14.55 2.75
CA ALA T 119 -60.21 -14.04 3.50
C ALA T 119 -60.33 -14.78 4.80
N ALA T 120 -60.16 -16.09 4.75
CA ALA T 120 -60.31 -16.87 5.96
C ALA T 120 -59.27 -16.50 6.99
N ILE T 121 -58.03 -16.23 6.56
CA ILE T 121 -56.96 -15.95 7.52
C ILE T 121 -57.34 -14.70 8.27
N GLU T 122 -57.91 -13.74 7.55
CA GLU T 122 -58.37 -12.55 8.22
C GLU T 122 -59.44 -12.89 9.24
N ALA T 123 -60.35 -13.78 8.88
CA ALA T 123 -61.35 -14.20 9.84
C ALA T 123 -60.81 -14.91 11.07
N THR T 124 -59.91 -15.87 10.88
CA THR T 124 -59.42 -16.63 12.02
C THR T 124 -58.61 -15.77 12.96
N LEU T 125 -57.81 -14.88 12.40
CA LEU T 125 -57.00 -13.99 13.22
C LEU T 125 -57.93 -13.14 14.05
N GLU T 126 -59.06 -12.74 13.48
CA GLU T 126 -59.99 -11.88 14.20
C GLU T 126 -60.45 -12.55 15.46
N GLY T 127 -60.79 -13.83 15.36
CA GLY T 127 -61.25 -14.54 16.53
C GLY T 127 -60.21 -14.68 17.59
N ARG T 128 -58.98 -14.97 17.20
CA ARG T 128 -57.97 -15.24 18.21
C ARG T 128 -57.38 -13.98 18.75
N ALA T 129 -57.76 -12.86 18.19
CA ALA T 129 -57.29 -11.62 18.75
C ALA T 129 -57.85 -11.50 20.16
N THR T 130 -59.12 -11.80 20.32
CA THR T 130 -59.75 -11.76 21.63
C THR T 130 -59.85 -13.19 22.05
N LYS T 131 -60.29 -13.45 23.27
CA LYS T 131 -60.49 -14.82 23.73
C LYS T 131 -59.22 -15.60 23.52
N ASP T 132 -58.09 -14.98 23.85
CA ASP T 132 -56.82 -15.63 23.55
C ASP T 132 -56.66 -16.94 24.26
N ALA T 133 -56.26 -17.97 23.52
CA ALA T 133 -56.13 -19.29 24.12
C ALA T 133 -55.37 -20.28 23.30
N ASP T 134 -54.34 -20.88 23.88
CA ASP T 134 -53.65 -21.94 23.17
C ASP T 134 -54.08 -23.30 23.62
N THR T 135 -54.90 -23.41 24.67
CA THR T 135 -55.44 -24.71 25.07
C THR T 135 -56.81 -24.62 25.71
N TYR T 136 -57.88 -24.71 24.93
CA TYR T 136 -59.20 -24.60 25.49
C TYR T 136 -59.57 -25.93 26.06
N SER T 137 -58.86 -26.39 27.08
CA SER T 137 -59.09 -27.73 27.58
C SER T 137 -60.12 -27.92 28.66
N ILE T 138 -61.29 -28.45 28.33
CA ILE T 138 -62.34 -28.64 29.31
C ILE T 138 -62.76 -30.08 29.39
N GLU T 139 -62.69 -30.66 30.58
CA GLU T 139 -63.12 -32.04 30.82
C GLU T 139 -62.35 -33.15 30.10
N GLY T 140 -62.53 -33.27 28.79
CA GLY T 140 -61.79 -34.28 28.05
C GLY T 140 -61.46 -33.80 26.66
N ARG T 141 -61.65 -32.51 26.41
CA ARG T 141 -61.42 -31.99 25.07
C ARG T 141 -60.33 -30.95 25.09
N SER T 142 -59.33 -31.07 24.23
CA SER T 142 -58.32 -30.02 24.14
C SER T 142 -58.00 -29.59 22.71
N ILE T 143 -58.36 -28.37 22.33
CA ILE T 143 -58.07 -27.88 21.00
C ILE T 143 -56.65 -27.52 20.53
N THR T 144 -55.85 -26.83 21.34
CA THR T 144 -54.46 -26.44 20.96
C THR T 144 -54.08 -25.69 19.64
N ARG T 145 -54.67 -24.54 19.34
CA ARG T 145 -54.39 -23.75 18.10
C ARG T 145 -52.99 -23.61 17.46
N THR T 146 -52.91 -23.24 16.17
CA THR T 146 -51.64 -23.09 15.47
C THR T 146 -50.96 -21.84 15.90
N PRO T 147 -49.64 -21.90 16.01
CA PRO T 147 -48.96 -20.73 16.56
C PRO T 147 -49.19 -19.47 15.75
N LEU T 148 -49.30 -18.34 16.44
CA LEU T 148 -49.56 -17.07 15.76
C LEU T 148 -48.47 -16.70 14.77
N PRO T 149 -47.19 -16.97 15.10
CA PRO T 149 -46.22 -16.66 14.06
C PRO T 149 -46.52 -17.44 12.78
N ASP T 150 -46.93 -18.70 12.89
CA ASP T 150 -47.19 -19.49 11.72
C ASP T 150 -48.32 -18.94 10.86
N LEU T 151 -49.39 -18.49 11.48
CA LEU T 151 -50.53 -18.02 10.71
C LEU T 151 -50.11 -16.83 9.90
N LEU T 152 -49.27 -15.98 10.49
CA LEU T 152 -48.87 -14.79 9.79
C LEU T 152 -48.14 -15.12 8.51
N ARG T 153 -47.30 -16.15 8.54
CA ARG T 153 -46.52 -16.47 7.35
C ARG T 153 -47.44 -16.84 6.21
N LEU T 154 -48.49 -17.57 6.50
CA LEU T 154 -49.40 -18.00 5.45
C LEU T 154 -50.02 -16.78 4.82
N ARG T 155 -50.36 -15.79 5.63
CA ARG T 155 -51.05 -14.64 5.08
C ARG T 155 -50.18 -13.99 4.06
N ALA T 156 -48.90 -13.81 4.36
CA ALA T 156 -48.06 -13.10 3.44
C ALA T 156 -47.90 -13.81 2.12
N VAL T 157 -47.70 -15.12 2.15
CA VAL T 157 -47.45 -15.81 0.91
C VAL T 157 -48.66 -15.69 0.02
N TYR T 158 -49.82 -15.92 0.60
CA TYR T 158 -51.01 -15.86 -0.20
C TYR T 158 -51.28 -14.49 -0.72
N ALA T 159 -51.03 -13.47 0.08
CA ALA T 159 -51.35 -12.11 -0.34
C ALA T 159 -50.57 -11.78 -1.58
N GLU T 160 -49.33 -12.24 -1.62
CA GLU T 160 -48.53 -11.98 -2.79
C GLU T 160 -49.16 -12.60 -4.03
N GLN T 161 -49.67 -13.81 -3.92
CA GLN T 161 -50.24 -14.44 -5.11
C GLN T 161 -51.42 -13.64 -5.59
N VAL T 162 -52.25 -13.16 -4.68
CA VAL T 162 -53.43 -12.46 -5.14
C VAL T 162 -52.96 -11.25 -5.90
N ALA T 163 -51.90 -10.63 -5.41
CA ALA T 163 -51.38 -9.47 -6.09
C ALA T 163 -50.87 -9.85 -7.46
N ARG T 164 -50.20 -10.98 -7.58
CA ARG T 164 -49.64 -11.36 -8.86
C ARG T 164 -50.72 -11.58 -9.89
N GLU T 165 -51.79 -12.27 -9.50
CA GLU T 165 -52.86 -12.56 -10.44
C GLU T 165 -53.55 -11.28 -10.89
N THR T 166 -53.80 -10.40 -9.95
CA THR T 166 -54.40 -9.12 -10.30
C THR T 166 -53.45 -8.36 -11.20
N GLY T 167 -52.15 -8.50 -10.96
CA GLY T 167 -51.16 -7.77 -11.73
C GLY T 167 -50.68 -6.49 -11.07
N ARG T 168 -51.08 -6.26 -9.83
CA ARG T 168 -50.65 -5.09 -9.10
C ARG T 168 -49.41 -5.43 -8.28
N SER T 169 -48.85 -6.63 -8.50
CA SER T 169 -47.68 -7.12 -7.75
C SER T 169 -46.33 -6.40 -7.81
N PRO T 170 -46.07 -5.62 -8.87
CA PRO T 170 -44.73 -5.04 -8.88
C PRO T 170 -44.40 -4.33 -7.59
N TYR T 171 -43.18 -4.53 -7.11
CA TYR T 171 -42.81 -3.95 -5.84
C TYR T 171 -42.95 -2.44 -5.88
N ARG T 172 -43.49 -1.86 -4.82
CA ARG T 172 -43.78 -0.43 -4.80
C ARG T 172 -42.59 0.52 -4.87
N GLN T 173 -42.80 1.69 -5.45
CA GLN T 173 -41.72 2.66 -5.59
C GLN T 173 -42.14 4.06 -5.16
N ARG T 174 -41.40 4.67 -4.24
CA ARG T 174 -41.70 6.05 -3.83
C ARG T 174 -40.61 6.94 -4.34
N ARG T 175 -40.95 7.99 -5.08
CA ARG T 175 -39.92 8.81 -5.67
C ARG T 175 -39.69 10.00 -4.79
N VAL T 176 -38.45 10.23 -4.36
CA VAL T 176 -38.22 11.31 -3.41
C VAL T 176 -38.60 12.58 -4.09
N SER T 177 -38.09 12.79 -5.30
CA SER T 177 -38.50 13.96 -6.08
C SER T 177 -38.48 15.21 -5.23
N PHE T 178 -37.42 15.41 -4.46
CA PHE T 178 -37.35 16.54 -3.56
C PHE T 178 -38.67 16.77 -2.86
N TYR U 32 6.03 -30.49 -35.21
CA TYR U 32 5.47 -31.35 -36.24
C TYR U 32 3.99 -31.60 -35.98
N ARG U 33 3.69 -32.41 -34.98
CA ARG U 33 2.31 -32.69 -34.64
C ARG U 33 1.85 -31.73 -33.56
N ALA U 34 1.67 -30.48 -33.95
CA ALA U 34 1.28 -29.45 -33.02
C ALA U 34 -0.16 -29.04 -33.30
N ALA U 35 -0.47 -28.84 -34.58
CA ALA U 35 -1.79 -28.38 -34.94
C ALA U 35 -2.57 -29.41 -35.75
N LYS U 36 -2.10 -30.67 -35.76
CA LYS U 36 -2.56 -31.73 -36.65
C LYS U 36 -4.07 -31.98 -36.67
N SER U 37 -4.75 -31.69 -35.56
CA SER U 37 -6.18 -31.93 -35.45
C SER U 37 -6.78 -31.14 -34.30
N ASP U 38 -8.02 -31.48 -33.96
CA ASP U 38 -8.85 -30.67 -33.09
C ASP U 38 -9.30 -31.47 -31.86
N ARG U 39 -8.38 -32.14 -31.19
CA ARG U 39 -8.66 -33.10 -30.12
C ARG U 39 -9.37 -32.41 -28.96
N ILE U 40 -8.72 -31.45 -28.30
CA ILE U 40 -9.36 -30.71 -27.22
C ILE U 40 -9.17 -29.21 -27.39
N ALA U 41 -8.24 -28.82 -28.26
CA ALA U 41 -7.87 -27.42 -28.40
C ALA U 41 -7.70 -27.01 -29.86
N GLY U 42 -8.66 -27.33 -30.72
CA GLY U 42 -8.45 -27.04 -32.13
C GLY U 42 -9.65 -26.42 -32.79
N GLY U 43 -9.91 -26.86 -34.02
CA GLY U 43 -10.93 -26.29 -34.89
C GLY U 43 -10.35 -26.01 -36.25
N PHE U 44 -9.19 -26.61 -36.55
CA PHE U 44 -8.34 -26.23 -37.67
C PHE U 44 -8.79 -26.82 -39.00
N GLY U 45 -10.11 -26.73 -39.28
CA GLY U 45 -10.66 -27.44 -40.41
C GLY U 45 -10.41 -28.94 -40.33
N VAL U 46 -10.41 -29.59 -41.49
CA VAL U 46 -10.11 -31.03 -41.55
C VAL U 46 -9.13 -31.21 -42.69
N PHE U 47 -9.34 -30.47 -43.77
CA PHE U 47 -8.45 -30.55 -44.93
C PHE U 47 -8.15 -29.15 -45.44
N PRO U 48 -6.97 -28.95 -46.06
CA PRO U 48 -6.67 -27.64 -46.65
C PRO U 48 -7.64 -27.29 -47.77
N THR U 49 -8.06 -26.03 -47.84
CA THR U 49 -9.02 -25.61 -48.85
C THR U 49 -8.56 -24.35 -49.57
N THR U 50 -9.02 -24.16 -50.80
CA THR U 50 -8.64 -22.98 -51.58
C THR U 50 -9.12 -21.67 -50.93
N PRO U 51 -8.20 -20.72 -50.62
CA PRO U 51 -8.72 -19.50 -50.04
C PRO U 51 -9.70 -18.87 -50.98
N ARG U 52 -9.66 -19.13 -52.28
CA ARG U 52 -10.56 -18.47 -53.22
C ARG U 52 -12.06 -18.54 -52.87
N ASP U 53 -12.65 -19.72 -52.88
CA ASP U 53 -14.12 -19.82 -52.68
C ASP U 53 -14.49 -19.31 -51.31
N GLU U 54 -13.66 -19.69 -50.35
CA GLU U 54 -13.90 -19.23 -49.01
C GLU U 54 -13.79 -17.74 -49.14
N LEU U 55 -12.78 -17.24 -49.85
CA LEU U 55 -12.58 -15.79 -49.91
C LEU U 55 -13.78 -15.15 -50.52
N ARG U 56 -14.33 -15.64 -51.62
CA ARG U 56 -15.46 -14.94 -52.20
C ARG U 56 -16.68 -14.89 -51.27
N ARG U 57 -17.01 -16.04 -50.67
CA ARG U 57 -18.23 -15.98 -49.85
C ARG U 57 -17.98 -15.03 -48.70
N GLU U 58 -16.78 -15.15 -48.14
CA GLU U 58 -16.46 -14.37 -46.98
C GLU U 58 -16.57 -12.93 -47.33
N ILE U 59 -16.03 -12.49 -48.46
CA ILE U 59 -16.06 -11.11 -48.85
C ILE U 59 -17.45 -10.59 -49.14
N ARG U 60 -18.31 -11.34 -49.80
CA ARG U 60 -19.65 -10.74 -49.99
C ARG U 60 -20.27 -10.50 -48.60
N GLY U 61 -20.13 -11.53 -47.76
CA GLY U 61 -20.78 -11.39 -46.47
C GLY U 61 -20.19 -10.23 -45.72
N LEU U 62 -18.87 -10.07 -45.80
CA LEU U 62 -18.14 -9.04 -45.09
C LEU U 62 -18.33 -7.65 -45.61
N VAL U 63 -18.55 -7.48 -46.89
CA VAL U 63 -18.76 -6.14 -47.33
C VAL U 63 -20.04 -5.82 -46.64
N GLY U 64 -21.00 -6.76 -46.70
CA GLY U 64 -22.23 -6.37 -46.04
C GLY U 64 -21.96 -6.03 -44.57
N HIS U 65 -21.17 -6.85 -43.88
CA HIS U 65 -20.93 -6.66 -42.45
C HIS U 65 -20.21 -5.38 -42.08
N SER U 66 -19.19 -5.01 -42.82
CA SER U 66 -18.40 -3.82 -42.55
C SER U 66 -19.27 -2.63 -42.79
N ARG U 67 -20.09 -2.73 -43.81
CA ARG U 67 -21.00 -1.63 -43.99
C ARG U 67 -21.70 -1.40 -42.67
N HIS U 68 -22.08 -2.46 -41.97
CA HIS U 68 -22.90 -2.26 -40.79
C HIS U 68 -22.06 -1.75 -39.67
N ALA U 69 -20.89 -2.33 -39.46
CA ALA U 69 -20.06 -1.95 -38.31
C ALA U 69 -19.58 -0.53 -38.35
N ALA U 70 -19.12 -0.11 -39.52
CA ALA U 70 -18.57 1.21 -39.61
C ALA U 70 -19.68 2.12 -39.26
N GLN U 71 -20.85 1.87 -39.81
CA GLN U 71 -21.87 2.83 -39.47
C GLN U 71 -22.37 2.83 -38.03
N ASN U 72 -22.51 1.68 -37.40
CA ASN U 72 -23.12 1.68 -36.07
C ASN U 72 -22.26 1.55 -34.83
N PHE U 73 -21.06 1.03 -34.94
CA PHE U 73 -20.24 0.75 -33.73
C PHE U 73 -19.35 1.86 -33.30
N ASP U 74 -18.06 1.60 -33.26
CA ASP U 74 -17.09 2.66 -33.10
C ASP U 74 -15.76 2.09 -33.46
N TYR U 75 -14.67 2.82 -33.22
CA TYR U 75 -13.31 2.37 -33.51
C TYR U 75 -13.03 2.15 -34.98
N ALA U 76 -13.97 1.58 -35.70
CA ALA U 76 -13.78 1.38 -37.11
C ALA U 76 -14.07 2.67 -37.81
N ARG U 77 -15.06 3.41 -37.33
CA ARG U 77 -15.31 4.69 -37.92
C ARG U 77 -14.00 5.38 -37.81
N ALA U 78 -13.26 5.07 -36.75
CA ALA U 78 -11.99 5.71 -36.54
C ALA U 78 -10.95 5.20 -37.50
N TYR U 79 -10.93 3.91 -37.73
CA TYR U 79 -10.02 3.39 -38.71
C TYR U 79 -10.27 4.12 -40.01
N GLU U 80 -11.50 4.14 -40.44
CA GLU U 80 -11.83 4.79 -41.69
C GLU U 80 -11.26 6.18 -41.72
N MET U 81 -11.44 6.93 -40.64
CA MET U 81 -11.00 8.31 -40.68
C MET U 81 -9.51 8.29 -40.76
N LEU U 82 -8.90 7.42 -39.97
CA LEU U 82 -7.46 7.41 -39.94
C LEU U 82 -6.89 7.09 -41.29
N THR U 83 -7.45 6.07 -41.94
CA THR U 83 -6.88 5.65 -43.18
C THR U 83 -6.97 6.77 -44.11
N ARG U 84 -8.15 7.37 -44.19
CA ARG U 84 -8.27 8.35 -45.20
C ARG U 84 -7.29 9.43 -44.99
N ARG U 85 -7.24 9.97 -43.78
CA ARG U 85 -6.37 11.12 -43.67
C ARG U 85 -4.94 10.80 -43.93
N HIS U 86 -4.45 9.76 -43.30
CA HIS U 86 -3.03 9.51 -43.41
C HIS U 86 -2.62 9.18 -44.82
N VAL U 87 -3.46 8.45 -45.55
CA VAL U 87 -3.03 8.03 -46.87
C VAL U 87 -3.36 9.00 -48.00
N ILE U 88 -4.23 9.97 -47.74
CA ILE U 88 -4.65 10.82 -48.84
C ILE U 88 -3.85 12.06 -49.10
N GLY U 89 -4.05 13.10 -48.31
CA GLY U 89 -3.41 14.35 -48.63
C GLY U 89 -4.17 15.61 -48.26
N PHE U 90 -3.46 16.50 -47.56
CA PHE U 90 -3.83 17.90 -47.58
C PHE U 90 -3.64 18.46 -48.99
N ASN U 91 -2.55 18.08 -49.63
CA ASN U 91 -2.30 18.44 -51.01
C ASN U 91 -2.69 17.31 -51.96
N GLY U 92 -3.33 16.27 -51.44
CA GLY U 92 -3.68 15.11 -52.24
C GLY U 92 -2.43 14.32 -52.57
N ILE U 93 -2.40 13.74 -53.77
CA ILE U 93 -1.19 13.17 -54.34
C ILE U 93 -0.90 13.91 -55.63
N ARG U 94 0.25 14.55 -55.72
CA ARG U 94 0.53 15.37 -56.90
C ARG U 94 1.34 14.64 -57.96
N LEU U 95 1.46 15.23 -59.15
CA LEU U 95 2.18 14.59 -60.24
C LEU U 95 3.38 15.37 -60.74
N GLN U 96 4.53 14.72 -60.82
CA GLN U 96 5.71 15.37 -61.39
C GLN U 96 6.19 14.44 -62.48
N MET U 97 6.44 14.96 -63.67
CA MET U 97 6.83 14.10 -64.77
C MET U 97 8.15 14.54 -65.35
N ASP U 98 9.04 13.59 -65.57
CA ASP U 98 10.35 13.93 -66.10
C ASP U 98 10.43 13.50 -67.53
N VAL U 99 10.73 14.44 -68.42
CA VAL U 99 10.73 14.12 -69.84
C VAL U 99 11.79 13.08 -70.17
N ARG U 100 13.02 13.31 -69.73
CA ARG U 100 14.06 12.33 -69.95
C ARG U 100 15.08 12.39 -68.85
N ASP U 101 16.32 12.00 -69.13
CA ASP U 101 17.42 12.18 -68.18
C ASP U 101 17.40 13.58 -67.57
N PRO U 102 17.31 13.69 -66.23
CA PRO U 102 17.10 15.01 -65.62
C PRO U 102 18.33 15.90 -65.54
N GLY U 103 19.45 15.51 -66.15
CA GLY U 103 20.61 16.40 -66.20
C GLY U 103 20.36 17.59 -67.11
N GLY U 104 20.25 17.33 -68.41
CA GLY U 104 19.89 18.37 -69.36
C GLY U 104 18.88 17.86 -70.37
N LYS U 105 18.66 16.55 -70.36
CA LYS U 105 17.81 15.91 -71.35
C LYS U 105 16.33 15.96 -70.96
N LYS U 106 16.02 16.19 -69.68
CA LYS U 106 14.66 16.52 -69.27
C LYS U 106 14.52 18.04 -69.36
N ASP U 107 13.38 18.50 -69.84
CA ASP U 107 13.10 19.93 -69.92
C ASP U 107 11.82 20.28 -69.17
N VAL U 108 11.73 21.52 -68.71
CA VAL U 108 10.60 21.90 -67.89
C VAL U 108 9.36 22.29 -68.66
N ALA U 109 9.45 22.62 -69.94
CA ALA U 109 8.25 23.10 -70.62
C ALA U 109 7.13 22.07 -70.67
N ALA U 110 7.50 20.85 -71.06
CA ALA U 110 6.50 19.79 -71.16
C ALA U 110 5.95 19.52 -69.79
N GLY U 111 6.83 19.53 -68.80
CA GLY U 111 6.38 19.23 -67.47
C GLY U 111 5.35 20.23 -67.00
N ALA U 112 5.63 21.50 -67.24
CA ALA U 112 4.74 22.52 -66.78
C ALA U 112 3.43 22.30 -67.47
N GLN U 113 3.47 22.07 -68.77
CA GLN U 113 2.20 21.98 -69.45
C GLN U 113 1.35 20.84 -68.91
N ILE U 114 1.97 19.67 -68.75
CA ILE U 114 1.16 18.55 -68.30
C ILE U 114 0.61 18.75 -66.90
N GLU U 115 1.45 19.28 -66.03
CA GLU U 115 1.01 19.42 -64.65
C GLU U 115 -0.13 20.38 -64.63
N SER U 116 0.02 21.46 -65.38
CA SER U 116 -0.99 22.48 -65.33
C SER U 116 -2.27 21.88 -65.81
N ALA U 117 -2.24 21.15 -66.91
CA ALA U 117 -3.49 20.63 -67.42
C ALA U 117 -4.15 19.70 -66.42
N TRP U 118 -3.38 18.80 -65.82
CA TRP U 118 -4.03 17.85 -64.93
C TRP U 118 -4.68 18.58 -63.77
N ALA U 119 -3.91 19.49 -63.19
CA ALA U 119 -4.44 20.13 -62.02
C ALA U 119 -5.67 20.91 -62.38
N ARG U 120 -5.68 21.60 -63.52
CA ARG U 120 -6.88 22.33 -63.97
C ARG U 120 -8.20 21.57 -63.79
N TRP U 121 -8.36 20.46 -64.51
CA TRP U 121 -9.59 19.66 -64.41
C TRP U 121 -9.76 19.05 -63.02
N GLY U 122 -8.66 18.82 -62.32
CA GLY U 122 -8.73 18.32 -60.95
C GLY U 122 -9.49 19.31 -60.09
N LYS U 123 -9.31 20.61 -60.34
CA LYS U 123 -10.03 21.64 -59.60
C LYS U 123 -11.50 21.61 -59.97
N MET U 124 -12.35 22.23 -59.16
CA MET U 124 -13.81 22.10 -59.40
C MET U 124 -14.18 22.51 -60.80
N LYS U 125 -14.87 21.62 -61.52
CA LYS U 125 -15.24 21.88 -62.90
C LYS U 125 -16.30 20.89 -63.35
N ASN U 126 -16.93 21.14 -64.49
CA ASN U 126 -17.88 20.17 -65.06
C ASN U 126 -17.16 18.89 -65.47
N SER U 127 -15.93 19.02 -65.97
CA SER U 127 -15.19 17.86 -66.49
C SER U 127 -14.82 16.65 -65.62
N PRO U 128 -14.47 16.85 -64.33
CA PRO U 128 -14.03 15.67 -63.56
C PRO U 128 -15.01 14.51 -63.39
N THR U 129 -16.31 14.74 -63.18
CA THR U 129 -17.23 13.63 -62.91
C THR U 129 -18.64 13.77 -63.53
N PRO U 130 -19.35 12.63 -63.81
CA PRO U 130 -20.75 12.81 -64.22
C PRO U 130 -21.64 13.31 -63.10
N CYS U 131 -21.12 13.32 -61.88
CA CYS U 131 -21.55 14.25 -60.84
C CYS U 131 -20.97 15.64 -61.13
N GLY U 132 -20.59 16.35 -60.09
CA GLY U 132 -20.43 17.78 -60.16
C GLY U 132 -20.54 18.44 -58.82
N ARG U 133 -20.66 17.65 -57.77
CA ARG U 133 -20.35 18.09 -56.42
C ARG U 133 -18.92 17.71 -56.02
N LEU U 134 -18.14 17.14 -56.94
CA LEU U 134 -16.86 16.54 -56.57
C LEU U 134 -15.70 17.10 -57.38
N SER U 135 -14.53 16.47 -57.17
CA SER U 135 -13.31 16.91 -57.84
C SER U 135 -12.32 15.77 -57.69
N TRP U 136 -11.09 15.94 -58.17
CA TRP U 136 -10.09 14.88 -58.13
C TRP U 136 -9.65 14.48 -56.75
N TRP U 137 -9.52 15.46 -55.89
CA TRP U 137 -9.12 15.18 -54.53
C TRP U 137 -10.18 14.32 -53.94
N GLY U 138 -11.42 14.69 -54.22
CA GLY U 138 -12.52 13.96 -53.66
C GLY U 138 -12.44 12.57 -54.20
N VAL U 139 -12.22 12.39 -55.47
CA VAL U 139 -12.23 11.02 -55.91
C VAL U 139 -11.13 10.23 -55.23
N GLU U 140 -9.92 10.77 -55.06
CA GLU U 140 -8.91 9.92 -54.40
C GLU U 140 -9.34 9.56 -53.02
N CYS U 141 -9.81 10.55 -52.26
CA CYS U 141 -10.11 10.24 -50.87
C CYS U 141 -11.18 9.18 -50.81
N GLN U 142 -12.16 9.34 -51.66
CA GLN U 142 -13.23 8.39 -51.60
C GLN U 142 -12.90 7.01 -52.03
N VAL U 143 -12.11 6.92 -53.08
CA VAL U 143 -11.76 5.61 -53.57
C VAL U 143 -11.00 4.97 -52.44
N ALA U 144 -10.15 5.71 -51.74
CA ALA U 144 -9.45 5.12 -50.60
C ALA U 144 -10.30 4.68 -49.42
N THR U 145 -11.32 5.45 -49.07
CA THR U 145 -12.19 5.02 -47.99
C THR U 145 -12.87 3.77 -48.41
N GLY U 146 -13.27 3.74 -49.67
CA GLY U 146 -14.03 2.61 -50.15
C GLY U 146 -13.13 1.46 -50.03
N ILE U 147 -11.87 1.70 -50.35
CA ILE U 147 -10.92 0.64 -50.34
C ILE U 147 -10.81 0.12 -48.96
N ALA U 148 -10.60 0.92 -47.95
CA ALA U 148 -10.45 0.24 -46.69
C ALA U 148 -11.69 -0.59 -46.46
N ARG U 149 -12.81 0.07 -46.16
CA ARG U 149 -14.05 -0.64 -45.81
C ARG U 149 -14.47 -1.84 -46.65
N GLU U 150 -14.32 -1.77 -47.96
CA GLU U 150 -14.79 -2.88 -48.79
C GLU U 150 -13.68 -3.69 -49.39
N GLY U 151 -12.45 -3.45 -48.95
CA GLY U 151 -11.33 -4.14 -49.56
C GLY U 151 -11.17 -3.87 -51.05
N GLY U 152 -11.37 -2.63 -51.45
CA GLY U 152 -11.22 -2.26 -52.86
C GLY U 152 -12.46 -1.86 -53.59
N SER U 153 -12.29 -1.01 -54.59
CA SER U 153 -13.44 -0.50 -55.32
C SER U 153 -13.00 -0.14 -56.71
N PHE U 154 -13.94 0.14 -57.59
CA PHE U 154 -13.58 0.38 -58.99
C PHE U 154 -14.04 1.72 -59.52
N VAL U 155 -13.37 2.20 -60.55
CA VAL U 155 -13.78 3.44 -61.19
C VAL U 155 -13.88 3.19 -62.68
N ARG U 156 -14.75 3.93 -63.37
CA ARG U 156 -14.89 3.75 -64.79
C ARG U 156 -14.79 5.06 -65.53
N ILE U 157 -14.26 5.02 -66.75
CA ILE U 157 -14.06 6.24 -67.51
C ILE U 157 -14.99 6.35 -68.70
N HIS U 158 -15.51 7.54 -68.96
CA HIS U 158 -16.41 7.75 -70.08
C HIS U 158 -15.82 8.78 -71.04
N GLN U 159 -15.95 8.57 -72.34
CA GLN U 159 -15.47 9.58 -73.26
C GLN U 159 -16.54 10.07 -74.23
N GLY U 160 -16.46 11.33 -74.68
CA GLY U 160 -17.46 11.88 -75.62
C GLY U 160 -18.51 12.78 -75.00
N THR U 161 -19.28 12.29 -74.02
CA THR U 161 -20.22 13.14 -73.30
C THR U 161 -19.49 14.20 -72.51
N ASN U 162 -18.44 13.83 -71.77
CA ASN U 162 -17.63 14.77 -70.94
C ASN U 162 -18.40 15.50 -69.87
N PHE U 213 -13.90 18.06 -73.67
CA PHE U 213 -12.98 17.19 -72.94
C PHE U 213 -13.44 15.74 -73.00
N GLY U 214 -13.10 14.96 -71.97
CA GLY U 214 -13.47 13.56 -71.95
C GLY U 214 -12.78 12.84 -70.81
N PHE U 215 -12.88 11.52 -70.79
CA PHE U 215 -12.23 10.71 -69.75
C PHE U 215 -12.65 11.06 -68.33
N GLN U 216 -13.92 11.40 -68.14
CA GLN U 216 -14.41 11.67 -66.79
C GLN U 216 -14.46 10.36 -66.02
N VAL U 217 -14.10 10.39 -64.75
CA VAL U 217 -14.07 9.15 -63.97
C VAL U 217 -15.19 9.10 -62.95
N GLU U 218 -15.95 8.02 -62.95
CA GLU U 218 -17.05 7.88 -62.00
C GLU U 218 -16.88 6.65 -61.10
N PRO U 219 -16.99 6.80 -59.75
CA PRO U 219 -16.86 5.57 -59.00
C PRO U 219 -18.17 4.81 -58.90
N ILE U 220 -18.10 3.50 -58.90
CA ILE U 220 -19.30 2.68 -58.83
C ILE U 220 -19.28 1.88 -57.56
N PRO U 221 -20.44 1.76 -56.90
CA PRO U 221 -20.47 1.06 -55.62
C PRO U 221 -20.09 -0.41 -55.74
N PHE U 222 -19.47 -0.97 -54.70
CA PHE U 222 -19.01 -2.35 -54.76
C PHE U 222 -20.14 -3.34 -54.93
N ASP U 223 -21.28 -3.10 -54.30
CA ASP U 223 -22.36 -4.08 -54.34
C ASP U 223 -22.90 -4.36 -55.73
N LEU U 224 -22.61 -3.47 -56.67
CA LEU U 224 -23.10 -3.66 -58.02
C LEU U 224 -22.60 -4.97 -58.66
N LEU U 225 -21.42 -5.43 -58.30
CA LEU U 225 -20.87 -6.65 -58.89
C LEU U 225 -21.73 -7.89 -58.65
N ASP U 226 -21.87 -8.74 -59.68
CA ASP U 226 -22.68 -9.95 -59.59
C ASP U 226 -21.88 -11.16 -59.13
N LEU U 227 -22.11 -11.60 -57.90
CA LEU U 227 -21.34 -12.73 -57.40
C LEU U 227 -21.77 -14.04 -58.03
N ASP U 228 -23.01 -14.07 -58.53
CA ASP U 228 -23.56 -15.33 -59.02
C ASP U 228 -23.15 -15.82 -60.39
N LEU U 229 -22.78 -14.92 -61.28
CA LEU U 229 -22.48 -15.36 -62.62
C LEU U 229 -21.30 -16.28 -62.53
N THR U 230 -21.47 -17.49 -63.08
CA THR U 230 -20.43 -18.51 -63.01
C THR U 230 -20.67 -19.44 -64.18
N GLY U 231 -19.77 -20.40 -64.40
CA GLY U 231 -19.96 -21.37 -65.45
C GLY U 231 -19.20 -21.00 -66.70
N PRO U 232 -18.32 -21.88 -67.18
CA PRO U 232 -17.50 -21.59 -68.37
C PRO U 232 -18.25 -21.78 -69.68
N THR U 233 -17.79 -21.10 -70.74
CA THR U 233 -18.40 -21.30 -72.05
C THR U 233 -17.62 -22.42 -72.78
N PRO U 234 -18.24 -23.11 -73.78
CA PRO U 234 -17.43 -24.16 -74.39
C PRO U 234 -16.16 -23.61 -75.01
N GLY U 235 -16.24 -22.46 -75.67
CA GLY U 235 -15.05 -21.84 -76.22
C GLY U 235 -14.42 -20.80 -75.31
N GLY U 236 -14.95 -20.62 -74.11
CA GLY U 236 -14.45 -19.58 -73.22
C GLY U 236 -14.15 -19.95 -71.78
N GLY U 237 -13.32 -19.15 -71.13
CA GLY U 237 -12.95 -19.41 -69.73
C GLY U 237 -14.02 -19.04 -68.72
N PHE U 238 -13.82 -19.40 -67.45
CA PHE U 238 -14.83 -19.16 -66.40
C PHE U 238 -15.22 -17.71 -66.15
N VAL U 239 -16.50 -17.47 -65.84
CA VAL U 239 -16.98 -16.12 -65.55
C VAL U 239 -17.32 -15.92 -64.05
N GLU U 240 -16.86 -16.83 -63.20
CA GLU U 240 -17.10 -16.75 -61.74
C GLU U 240 -16.88 -15.39 -61.07
N SER U 241 -17.65 -15.09 -60.03
CA SER U 241 -17.54 -13.82 -59.33
C SER U 241 -17.46 -12.67 -60.29
N GLY U 242 -18.20 -12.77 -61.38
CA GLY U 242 -18.25 -11.68 -62.32
C GLY U 242 -16.95 -11.27 -62.95
N VAL U 243 -16.02 -12.21 -63.13
CA VAL U 243 -14.79 -11.86 -63.83
C VAL U 243 -14.69 -12.70 -65.08
N GLU U 244 -14.47 -12.07 -66.23
CA GLU U 244 -14.42 -12.82 -67.45
C GLU U 244 -13.00 -13.20 -67.73
N PHE U 245 -12.67 -14.46 -67.53
CA PHE U 245 -11.34 -14.92 -67.85
C PHE U 245 -11.27 -15.19 -69.33
N ASP U 246 -10.07 -15.32 -69.87
CA ASP U 246 -9.92 -15.63 -71.29
C ASP U 246 -9.38 -17.02 -71.52
N ALA U 247 -9.10 -17.36 -72.76
CA ALA U 247 -8.43 -18.62 -73.07
C ALA U 247 -7.01 -18.67 -72.50
N THR U 248 -6.37 -17.52 -72.33
CA THR U 248 -5.10 -17.41 -71.63
C THR U 248 -5.33 -17.35 -70.12
N ASP U 249 -6.60 -17.32 -69.70
CA ASP U 249 -7.05 -17.05 -68.33
C ASP U 249 -6.52 -15.70 -67.87
N ARG U 250 -6.60 -14.73 -68.78
CA ARG U 250 -6.23 -13.34 -68.56
C ARG U 250 -7.50 -12.52 -68.42
N VAL U 251 -7.41 -11.41 -67.69
CA VAL U 251 -8.58 -10.59 -67.44
C VAL U 251 -8.90 -9.78 -68.68
N VAL U 252 -10.16 -9.81 -69.09
CA VAL U 252 -10.60 -9.05 -70.26
C VAL U 252 -11.92 -8.35 -70.01
N ALA U 253 -12.82 -8.99 -69.29
CA ALA U 253 -14.05 -8.30 -69.00
C ALA U 253 -14.54 -8.40 -67.59
N TYR U 254 -15.43 -7.50 -67.22
CA TYR U 254 -15.99 -7.55 -65.89
C TYR U 254 -17.49 -7.62 -66.08
N HIS U 255 -18.19 -8.15 -65.10
CA HIS U 255 -19.62 -8.32 -65.24
C HIS U 255 -20.37 -7.73 -64.08
N MET U 256 -20.50 -6.41 -64.03
CA MET U 256 -21.28 -5.77 -62.98
C MET U 256 -22.74 -6.13 -63.21
N TRP U 257 -23.54 -6.05 -62.16
CA TRP U 257 -24.97 -6.26 -62.31
C TRP U 257 -25.48 -5.27 -63.22
N SER U 258 -25.79 -4.14 -62.69
CA SER U 258 -26.39 -3.24 -63.57
C SER U 258 -26.38 -1.91 -63.04
N ALA U 259 -27.04 -1.04 -63.73
CA ALA U 259 -27.14 0.27 -63.23
C ALA U 259 -27.95 0.22 -62.02
N ALA U 260 -28.91 -0.63 -62.03
CA ALA U 260 -29.77 -0.63 -60.92
C ALA U 260 -28.96 -0.91 -59.71
N ALA U 269 -32.10 -0.30 -65.56
CA ALA U 269 -32.51 -1.45 -64.80
C ALA U 269 -32.07 -2.64 -65.56
N ARG U 270 -31.49 -2.43 -66.72
CA ARG U 270 -31.19 -3.59 -67.49
C ARG U 270 -30.03 -4.10 -66.87
N ARG U 271 -30.15 -5.30 -66.41
CA ARG U 271 -29.08 -5.82 -65.71
C ARG U 271 -28.00 -6.38 -66.61
N ARG U 272 -26.92 -6.84 -66.03
CA ARG U 272 -25.83 -7.43 -66.75
C ARG U 272 -25.15 -6.60 -67.81
N LEU U 273 -23.96 -6.04 -67.54
CA LEU U 273 -23.26 -5.38 -68.61
C LEU U 273 -21.85 -5.84 -68.59
N ARG U 274 -21.43 -6.49 -69.66
CA ARG U 274 -20.05 -6.88 -69.74
C ARG U 274 -19.38 -5.55 -69.93
N ILE U 275 -18.36 -5.27 -69.15
CA ILE U 275 -17.64 -4.02 -69.34
C ILE U 275 -16.19 -4.34 -69.63
N PRO U 276 -15.64 -3.69 -70.65
CA PRO U 276 -14.26 -3.97 -71.02
C PRO U 276 -13.36 -3.58 -69.89
N ALA U 277 -12.26 -4.30 -69.73
CA ALA U 277 -11.37 -4.04 -68.61
C ALA U 277 -10.84 -2.63 -68.70
N ALA U 278 -10.65 -2.13 -69.91
CA ALA U 278 -10.04 -0.82 -70.02
C ALA U 278 -10.89 0.18 -69.29
N GLN U 279 -12.19 0.00 -69.33
CA GLN U 279 -13.05 0.97 -68.68
C GLN U 279 -13.08 0.80 -67.17
N MET U 280 -12.98 -0.42 -66.68
CA MET U 280 -13.10 -0.62 -65.25
C MET U 280 -11.82 -1.13 -64.61
N LEU U 281 -11.30 -0.37 -63.65
CA LEU U 281 -10.06 -0.77 -63.00
C LEU U 281 -10.32 -1.02 -61.53
N TYR U 282 -9.90 -2.17 -61.02
CA TYR U 282 -10.15 -2.50 -59.62
C TYR U 282 -8.85 -2.48 -58.86
N VAL U 283 -8.76 -1.62 -57.84
CA VAL U 283 -7.56 -1.60 -57.01
C VAL U 283 -7.71 -2.76 -56.05
N LEU U 284 -6.61 -3.40 -55.66
CA LEU U 284 -6.74 -4.61 -54.85
C LEU U 284 -5.97 -4.85 -53.56
N VAL U 285 -5.12 -3.95 -53.11
CA VAL U 285 -4.27 -4.22 -51.91
C VAL U 285 -3.87 -5.72 -51.75
N PRO U 286 -2.88 -6.22 -52.55
CA PRO U 286 -2.59 -7.65 -52.45
C PRO U 286 -2.08 -8.18 -51.15
N GLU U 287 -2.62 -9.30 -50.72
CA GLU U 287 -2.13 -9.94 -49.51
C GLU U 287 -1.69 -11.31 -49.94
N GLU U 288 -2.56 -12.29 -49.82
CA GLU U 288 -2.22 -13.60 -50.34
C GLU U 288 -2.37 -13.42 -51.82
N ILE U 289 -1.45 -13.95 -52.60
CA ILE U 289 -1.53 -13.70 -54.04
C ILE U 289 -2.70 -14.30 -54.81
N GLY U 290 -3.11 -15.53 -54.49
CA GLY U 290 -4.14 -16.14 -55.31
C GLY U 290 -5.53 -15.72 -54.98
N GLN U 291 -5.86 -14.47 -55.30
CA GLN U 291 -7.21 -13.99 -55.07
C GLN U 291 -7.72 -13.17 -56.22
N ALA U 292 -9.03 -13.21 -56.45
CA ALA U 292 -9.61 -12.35 -57.46
C ALA U 292 -10.25 -11.15 -56.82
N LEU U 293 -10.10 -11.02 -55.50
CA LEU U 293 -10.79 -9.94 -54.79
C LEU U 293 -10.12 -9.57 -53.48
N GLY U 294 -10.46 -8.42 -52.93
CA GLY U 294 -9.90 -8.05 -51.62
C GLY U 294 -10.82 -7.92 -50.43
N VAL U 295 -10.44 -8.53 -49.32
CA VAL U 295 -11.26 -8.53 -48.12
C VAL U 295 -11.25 -7.20 -47.39
N PRO U 296 -12.32 -6.90 -46.66
CA PRO U 296 -12.28 -5.68 -45.86
C PRO U 296 -11.16 -5.80 -44.87
N ARG U 297 -10.34 -4.76 -44.72
CA ARG U 297 -9.19 -4.83 -43.82
C ARG U 297 -9.62 -4.84 -42.36
N SER U 298 -10.91 -4.65 -42.12
CA SER U 298 -11.42 -4.61 -40.75
C SER U 298 -11.92 -5.98 -40.28
N ALA U 299 -11.73 -7.01 -41.09
CA ALA U 299 -12.30 -8.33 -40.76
C ALA U 299 -11.80 -8.93 -39.45
N THR U 300 -10.51 -8.79 -39.16
CA THR U 300 -9.96 -9.40 -37.94
C THR U 300 -10.60 -8.82 -36.68
N ALA U 301 -10.79 -7.51 -36.64
CA ALA U 301 -11.37 -6.87 -35.47
C ALA U 301 -12.89 -6.72 -35.54
N LEU U 302 -13.50 -7.13 -36.65
CA LEU U 302 -14.94 -6.94 -36.81
C LEU U 302 -15.72 -7.68 -35.75
N ARG U 303 -15.28 -8.90 -35.44
CA ARG U 303 -15.95 -9.68 -34.41
C ARG U 303 -15.73 -9.05 -33.05
N LEU U 304 -14.48 -8.73 -32.72
CA LEU U 304 -14.19 -8.18 -31.37
C LEU U 304 -14.95 -6.87 -31.10
N MET U 305 -15.02 -5.96 -32.07
CA MET U 305 -15.69 -4.68 -31.93
C MET U 305 -17.18 -4.78 -31.69
N ASN U 306 -17.84 -5.70 -32.38
CA ASN U 306 -19.26 -5.79 -32.18
C ASN U 306 -19.44 -6.13 -30.75
N LEU U 307 -18.66 -7.12 -30.31
CA LEU U 307 -18.95 -7.49 -28.94
C LEU U 307 -18.67 -6.32 -28.01
N SER U 308 -17.59 -5.60 -28.28
CA SER U 308 -17.23 -4.51 -27.40
C SER U 308 -18.23 -3.40 -27.33
N GLU U 309 -18.82 -3.00 -28.45
CA GLU U 309 -19.84 -1.99 -28.42
C GLU U 309 -21.06 -2.44 -27.70
N LYS U 310 -21.44 -3.69 -27.89
CA LYS U 310 -22.59 -4.10 -27.08
C LYS U 310 -22.24 -3.98 -25.60
N PHE U 311 -21.02 -4.37 -25.22
CA PHE U 311 -20.63 -4.24 -23.84
C PHE U 311 -20.66 -2.81 -23.31
N GLN U 312 -20.15 -1.87 -24.09
CA GLN U 312 -20.13 -0.49 -23.63
C GLN U 312 -21.55 -0.03 -23.46
N GLU U 313 -22.43 -0.40 -24.37
CA GLU U 313 -23.83 -0.02 -24.17
C GLU U 313 -24.48 -0.61 -22.93
N SER U 314 -24.19 -1.86 -22.60
CA SER U 314 -24.76 -2.42 -21.37
C SER U 314 -24.26 -1.82 -20.06
N ALA U 315 -22.97 -1.66 -19.89
CA ALA U 315 -22.39 -1.13 -18.67
C ALA U 315 -22.91 0.25 -18.32
N LEU U 316 -23.00 1.15 -19.30
CA LEU U 316 -23.47 2.46 -18.89
C LEU U 316 -24.88 2.30 -18.36
N THR U 317 -25.67 1.45 -19.03
CA THR U 317 -27.05 1.36 -18.58
C THR U 317 -27.17 0.80 -17.16
N ALA U 318 -26.36 -0.20 -16.87
CA ALA U 318 -26.37 -0.76 -15.53
C ALA U 318 -25.96 0.25 -14.48
N ALA U 319 -24.97 1.07 -14.80
CA ALA U 319 -24.59 2.10 -13.86
C ALA U 319 -25.71 3.07 -13.60
N ASN U 320 -26.41 3.46 -14.65
CA ASN U 320 -27.51 4.35 -14.39
C ASN U 320 -28.49 3.69 -13.46
N TYR U 321 -28.84 2.42 -13.72
CA TYR U 321 -29.88 1.83 -12.86
C TYR U 321 -29.40 1.76 -11.43
N GLY U 322 -28.13 1.44 -11.25
CA GLY U 322 -27.58 1.33 -9.91
C GLY U 322 -27.61 2.64 -9.17
N ALA U 323 -27.28 3.73 -9.84
CA ALA U 323 -27.43 5.02 -9.15
C ALA U 323 -28.88 5.34 -8.83
N SER U 324 -29.78 5.04 -9.75
CA SER U 324 -31.18 5.41 -9.53
C SER U 324 -32.01 4.75 -8.43
N ASN U 325 -31.90 3.46 -8.18
CA ASN U 325 -32.74 2.78 -7.21
C ASN U 325 -32.44 3.14 -5.80
N MET U 326 -31.35 3.84 -5.55
CA MET U 326 -31.06 4.31 -4.21
C MET U 326 -31.14 3.21 -3.16
N VAL U 327 -31.81 3.45 -2.05
CA VAL U 327 -31.95 2.45 -1.01
C VAL U 327 -33.07 1.44 -1.20
N PHE U 328 -32.91 0.23 -0.70
CA PHE U 328 -33.99 -0.75 -0.76
C PHE U 328 -34.45 -0.93 0.69
N PHE U 329 -35.73 -0.74 0.99
CA PHE U 329 -36.22 -0.97 2.34
C PHE U 329 -36.69 -2.41 2.57
N GLU U 330 -35.76 -3.35 2.72
CA GLU U 330 -36.13 -4.77 2.87
C GLU U 330 -36.85 -5.11 4.15
N ARG U 331 -37.72 -6.10 4.08
CA ARG U 331 -38.52 -6.45 5.24
C ARG U 331 -38.37 -7.89 5.64
N ALA U 332 -38.66 -8.21 6.90
CA ALA U 332 -38.63 -9.60 7.34
C ALA U 332 -39.91 -10.25 6.84
N ALA U 333 -40.04 -11.56 6.99
CA ALA U 333 -41.20 -12.24 6.44
C ALA U 333 -42.42 -12.20 7.34
N ASP U 334 -43.02 -11.02 7.51
CA ASP U 334 -44.21 -10.93 8.34
C ASP U 334 -45.38 -10.23 7.71
N ASN U 335 -45.22 -8.98 7.28
CA ASN U 335 -46.37 -8.22 6.79
C ASN U 335 -46.36 -7.79 5.35
N GLY U 336 -46.88 -6.60 5.09
CA GLY U 336 -47.00 -6.15 3.71
C GLY U 336 -48.29 -6.76 3.22
N VAL U 337 -49.06 -7.32 4.14
CA VAL U 337 -50.29 -8.00 3.77
C VAL U 337 -51.35 -7.09 3.17
N VAL U 338 -52.07 -7.60 2.19
CA VAL U 338 -53.21 -6.85 1.63
C VAL U 338 -52.87 -5.45 1.22
N THR U 339 -51.72 -5.26 0.61
CA THR U 339 -51.42 -3.95 0.09
C THR U 339 -52.53 -3.82 -0.94
N GLY U 340 -53.42 -2.87 -0.76
CA GLY U 340 -54.57 -2.78 -1.64
C GLY U 340 -54.28 -2.56 -3.11
N PRO U 341 -54.97 -3.31 -3.96
CA PRO U 341 -54.79 -3.17 -5.40
C PRO U 341 -55.21 -1.85 -5.97
N GLU U 342 -56.33 -1.30 -5.51
CA GLU U 342 -56.86 -0.10 -6.14
C GLU U 342 -56.01 1.16 -6.12
N ASP U 343 -55.38 1.44 -5.00
CA ASP U 343 -54.58 2.64 -4.89
C ASP U 343 -53.39 2.59 -5.83
N ASP U 344 -52.94 1.39 -6.17
CA ASP U 344 -51.74 1.27 -6.97
C ASP U 344 -51.78 1.90 -8.34
N ALA U 345 -52.89 1.76 -9.03
CA ALA U 345 -52.94 2.28 -10.40
C ALA U 345 -52.77 3.78 -10.56
N GLN U 346 -53.38 4.58 -9.67
CA GLN U 346 -53.35 6.03 -9.87
C GLN U 346 -52.02 6.79 -9.85
N ILE U 347 -51.16 6.54 -8.87
CA ILE U 347 -49.92 7.30 -8.80
C ILE U 347 -48.79 6.66 -8.02
N PRO U 348 -47.54 7.05 -8.33
CA PRO U 348 -46.43 6.58 -7.50
C PRO U 348 -46.17 7.72 -6.55
N ILE U 349 -46.27 7.48 -5.26
CA ILE U 349 -46.16 8.58 -4.30
C ILE U 349 -44.88 9.40 -4.31
N ASP U 350 -44.98 10.73 -4.16
CA ASP U 350 -43.80 11.58 -4.07
C ASP U 350 -43.61 12.01 -2.62
N GLN U 351 -42.43 11.77 -2.05
CA GLN U 351 -42.15 12.12 -0.66
C GLN U 351 -41.00 13.12 -0.59
N ILE U 352 -41.16 14.19 0.17
CA ILE U 352 -40.15 15.24 0.18
C ILE U 352 -38.99 15.02 1.15
N GLU U 353 -37.77 14.94 0.63
CA GLU U 353 -36.59 14.78 1.49
C GLU U 353 -35.69 15.96 1.25
N ALA U 354 -36.25 17.02 0.70
CA ALA U 354 -35.43 18.17 0.34
C ALA U 354 -34.75 18.78 1.53
N GLY U 355 -35.43 18.81 2.67
CA GLY U 355 -34.84 19.48 3.80
C GLY U 355 -33.51 18.86 4.14
N THR U 356 -32.53 19.69 4.45
CA THR U 356 -31.20 19.21 4.75
C THR U 356 -31.20 18.09 5.76
N LEU U 357 -31.55 18.38 6.99
CA LEU U 357 -31.46 17.36 8.00
C LEU U 357 -32.79 16.65 7.97
N THR U 358 -32.74 15.37 7.68
CA THR U 358 -33.96 14.62 7.69
C THR U 358 -33.73 13.26 8.29
N GLU U 359 -33.47 13.21 9.59
CA GLU U 359 -33.33 11.93 10.21
C GLU U 359 -34.65 11.21 10.03
N LEU U 360 -34.62 9.94 9.66
CA LEU U 360 -35.85 9.22 9.38
C LEU U 360 -36.03 8.00 10.24
N PRO U 361 -37.24 7.78 10.77
CA PRO U 361 -37.49 6.55 11.54
C PRO U 361 -38.30 5.51 10.76
N PRO U 362 -37.82 4.27 10.67
CA PRO U 362 -38.49 3.23 9.89
C PRO U 362 -39.20 2.14 10.70
N GLY U 363 -40.28 1.58 10.18
CA GLY U 363 -40.96 0.48 10.85
C GLY U 363 -40.18 -0.83 11.02
N VAL U 364 -39.36 -1.23 10.04
CA VAL U 364 -38.61 -2.53 10.09
C VAL U 364 -37.08 -2.56 9.82
N LYS U 365 -36.62 -2.35 8.57
CA LYS U 365 -35.17 -2.32 8.29
C LYS U 365 -34.79 -1.58 7.02
N ALA U 366 -33.51 -1.24 6.85
CA ALA U 366 -33.05 -0.57 5.61
C ALA U 366 -31.73 -1.09 5.05
N VAL U 367 -31.53 -0.96 3.75
CA VAL U 367 -30.27 -1.38 3.15
C VAL U 367 -29.82 -0.44 2.05
N SER U 368 -28.53 -0.40 1.75
CA SER U 368 -28.02 0.54 0.76
C SER U 368 -27.51 -0.21 -0.44
N HIS U 369 -27.96 0.17 -1.62
CA HIS U 369 -27.56 -0.55 -2.81
C HIS U 369 -26.11 -0.30 -3.06
N ASN U 370 -25.36 -1.35 -3.33
CA ASN U 370 -23.97 -1.17 -3.67
C ASN U 370 -23.84 -1.46 -5.12
N PRO U 371 -23.42 -0.46 -5.89
CA PRO U 371 -23.36 -0.67 -7.33
C PRO U 371 -22.24 -1.59 -7.66
N ALA U 372 -22.51 -2.57 -8.48
CA ALA U 372 -21.47 -3.49 -8.90
C ALA U 372 -21.18 -3.20 -10.33
N TYR U 373 -21.66 -2.06 -10.82
CA TYR U 373 -21.48 -1.76 -12.21
C TYR U 373 -20.01 -1.72 -12.38
N PRO U 374 -19.49 -2.27 -13.51
CA PRO U 374 -18.04 -2.28 -13.56
C PRO U 374 -17.47 -0.95 -13.16
N ASP U 375 -16.63 -0.91 -12.14
CA ASP U 375 -16.16 0.37 -11.65
C ASP U 375 -14.81 0.80 -12.16
N ALA U 376 -13.76 0.14 -11.72
CA ALA U 376 -12.45 0.47 -12.20
C ALA U 376 -11.85 -0.72 -12.90
N ALA U 377 -12.58 -1.82 -12.91
CA ALA U 377 -12.14 -3.00 -13.61
C ALA U 377 -12.06 -2.71 -15.08
N VAL U 378 -12.97 -1.90 -15.56
CA VAL U 378 -13.05 -1.68 -16.97
C VAL U 378 -11.82 -1.13 -17.67
N GLY U 379 -11.10 -0.18 -17.08
CA GLY U 379 -9.99 0.38 -17.83
C GLY U 379 -8.94 -0.62 -18.23
N PRO U 380 -8.48 -1.44 -17.29
CA PRO U 380 -7.54 -2.49 -17.72
C PRO U 380 -8.15 -3.53 -18.65
N PHE U 381 -9.37 -4.00 -18.38
CA PHE U 381 -9.94 -5.05 -19.20
C PHE U 381 -10.13 -4.58 -20.62
N LEU U 382 -10.66 -3.38 -20.79
CA LEU U 382 -10.94 -2.92 -22.13
C LEU U 382 -9.67 -2.78 -22.92
N ARG U 383 -8.62 -2.28 -22.28
CA ARG U 383 -7.41 -2.02 -23.01
C ARG U 383 -6.85 -3.29 -23.58
N GLN U 384 -6.85 -4.35 -22.81
CA GLN U 384 -6.23 -5.56 -23.31
C GLN U 384 -6.94 -6.13 -24.54
N MET U 385 -8.27 -6.16 -24.52
CA MET U 385 -8.98 -6.63 -25.70
C MET U 385 -8.69 -5.66 -26.82
N GLY U 386 -8.62 -4.37 -26.51
CA GLY U 386 -8.35 -3.37 -27.52
C GLY U 386 -7.00 -3.53 -28.19
N THR U 387 -5.97 -3.91 -27.44
CA THR U 387 -4.66 -4.00 -28.03
C THR U 387 -4.73 -5.03 -29.12
N SER U 388 -5.46 -6.09 -28.87
CA SER U 388 -5.55 -7.14 -29.86
C SER U 388 -6.16 -6.63 -31.16
N GLN U 389 -7.20 -5.83 -31.05
CA GLN U 389 -7.85 -5.35 -32.25
C GLN U 389 -6.90 -4.50 -33.05
N ALA U 390 -6.14 -3.66 -32.36
CA ALA U 390 -5.24 -2.77 -33.07
C ALA U 390 -4.21 -3.53 -33.82
N ALA U 391 -3.67 -4.57 -33.22
CA ALA U 391 -2.63 -5.32 -33.86
C ALA U 391 -3.22 -5.89 -35.13
N GLY U 392 -4.46 -6.33 -35.04
CA GLY U 392 -5.13 -6.90 -36.19
C GLY U 392 -5.32 -5.93 -37.33
N LEU U 393 -5.62 -4.68 -37.01
CA LEU U 393 -5.91 -3.73 -38.07
C LEU U 393 -4.64 -3.07 -38.60
N GLY U 394 -3.50 -3.45 -38.05
CA GLY U 394 -2.25 -2.92 -38.54
C GLY U 394 -2.04 -1.46 -38.21
N VAL U 395 -2.53 -1.02 -37.06
CA VAL U 395 -2.33 0.35 -36.63
C VAL U 395 -1.94 0.43 -35.16
N SER U 396 -1.20 1.47 -34.77
CA SER U 396 -0.83 1.64 -33.37
C SER U 396 -2.05 1.92 -32.53
N TYR U 397 -2.09 1.40 -31.31
CA TYR U 397 -3.26 1.56 -30.48
C TYR U 397 -3.56 3.00 -30.18
N GLU U 398 -2.52 3.78 -29.92
CA GLU U 398 -2.75 5.16 -29.53
C GLU U 398 -3.44 5.92 -30.65
N THR U 399 -3.04 5.70 -31.89
CA THR U 399 -3.74 6.36 -32.96
C THR U 399 -5.18 5.88 -33.12
N LEU U 400 -5.38 4.58 -33.05
CA LEU U 400 -6.72 4.05 -33.28
C LEU U 400 -7.71 4.49 -32.25
N THR U 401 -7.31 4.40 -31.00
CA THR U 401 -8.19 4.83 -29.94
C THR U 401 -7.39 5.80 -29.16
N ALA U 402 -7.94 6.96 -28.86
CA ALA U 402 -7.10 7.95 -28.21
C ALA U 402 -6.99 7.74 -26.71
N ASP U 403 -6.50 6.58 -26.28
CA ASP U 403 -6.26 6.38 -24.86
C ASP U 403 -5.15 7.32 -24.46
N LEU U 404 -4.08 7.36 -25.24
CA LEU U 404 -3.00 8.32 -24.99
C LEU U 404 -2.58 8.37 -23.53
N SER U 405 -2.38 7.21 -22.94
CA SER U 405 -2.03 7.19 -21.54
C SER U 405 -0.77 6.38 -21.27
N GLY U 406 -0.03 6.76 -20.24
CA GLY U 406 1.17 6.03 -19.90
C GLY U 406 2.14 5.94 -21.05
N ALA U 407 2.45 7.07 -21.68
CA ALA U 407 3.44 7.03 -22.74
C ALA U 407 4.59 8.01 -22.59
N ASN U 408 5.82 7.51 -22.62
CA ASN U 408 6.97 8.39 -22.59
C ASN U 408 7.23 8.83 -24.00
N PHE U 409 8.16 9.75 -24.19
CA PHE U 409 8.40 10.26 -25.53
C PHE U 409 8.80 9.13 -26.42
N SER U 410 9.64 8.25 -25.92
CA SER U 410 10.13 7.19 -26.77
C SER U 410 9.02 6.28 -27.25
N SER U 411 8.07 5.97 -26.39
CA SER U 411 7.03 5.02 -26.78
C SER U 411 6.26 5.58 -27.94
N LEU U 412 5.96 6.86 -27.88
CA LEU U 412 5.24 7.47 -28.96
C LEU U 412 6.02 7.44 -30.25
N ARG U 413 7.31 7.69 -30.17
CA ARG U 413 8.09 7.74 -31.40
C ARG U 413 8.07 6.39 -32.08
N ALA U 414 8.21 5.33 -31.29
CA ALA U 414 8.25 4.00 -31.88
C ALA U 414 6.95 3.66 -32.57
N GLY U 415 5.85 4.01 -31.93
CA GLY U 415 4.56 3.65 -32.49
C GLY U 415 4.38 4.32 -33.83
N LYS U 416 4.78 5.57 -33.91
CA LYS U 416 4.60 6.28 -35.14
C LYS U 416 5.40 5.60 -36.20
N GLY U 417 6.60 5.16 -35.87
CA GLY U 417 7.44 4.60 -36.90
C GLY U 417 6.84 3.37 -37.55
N GLU U 418 6.25 2.49 -36.75
CA GLU U 418 5.63 1.27 -37.29
C GLU U 418 4.44 1.56 -38.18
N GLU U 419 3.59 2.48 -37.75
CA GLU U 419 2.46 2.84 -38.57
C GLU U 419 2.94 3.47 -39.86
N ARG U 420 4.00 4.25 -39.78
CA ARG U 420 4.45 4.95 -40.95
C ARG U 420 4.82 3.97 -42.04
N GLU U 421 5.44 2.87 -41.66
CA GLU U 421 5.74 1.92 -42.68
C GLU U 421 4.47 1.41 -43.34
N GLU U 422 3.45 1.10 -42.55
CA GLU U 422 2.24 0.52 -43.14
C GLU U 422 1.57 1.48 -44.09
N TRP U 423 1.50 2.73 -43.71
CA TRP U 423 0.83 3.71 -44.54
C TRP U 423 1.58 3.81 -45.84
N ARG U 424 2.90 3.79 -45.77
CA ARG U 424 3.68 3.98 -46.97
C ARG U 424 3.32 2.89 -47.92
N MET U 425 3.18 1.68 -47.41
CA MET U 425 2.92 0.56 -48.31
C MET U 425 1.59 0.75 -49.02
N LEU U 426 0.57 1.13 -48.29
CA LEU U 426 -0.73 1.33 -48.89
C LEU U 426 -0.68 2.46 -49.89
N GLN U 427 0.09 3.50 -49.59
CA GLN U 427 0.15 4.65 -50.46
C GLN U 427 0.70 4.28 -51.82
N ARG U 428 1.72 3.45 -51.84
CA ARG U 428 2.29 3.08 -53.10
C ARG U 428 1.28 2.32 -53.90
N ALA U 429 0.57 1.40 -53.26
CA ALA U 429 -0.38 0.56 -53.98
C ALA U 429 -1.59 1.25 -54.60
N VAL U 430 -2.21 2.16 -53.89
CA VAL U 430 -3.41 2.75 -54.43
C VAL U 430 -3.07 3.51 -55.69
N PHE U 431 -1.96 4.23 -55.66
CA PHE U 431 -1.58 4.99 -56.83
C PHE U 431 -0.75 4.19 -57.79
N GLU U 432 -0.36 3.00 -57.39
CA GLU U 432 0.34 2.15 -58.33
C GLU U 432 -0.67 1.90 -59.39
N GLY U 433 -1.91 1.70 -58.97
CA GLY U 433 -2.94 1.41 -59.93
C GLY U 433 -3.75 2.54 -60.51
N LEU U 434 -4.43 3.31 -59.68
CA LEU U 434 -5.30 4.32 -60.25
C LEU U 434 -4.57 5.39 -61.03
N HIS U 435 -3.50 5.95 -60.48
CA HIS U 435 -2.83 7.05 -61.14
C HIS U 435 -2.23 6.63 -62.43
N ASP U 436 -1.57 5.50 -62.42
CA ASP U 436 -0.87 5.12 -63.62
C ASP U 436 -1.83 4.87 -64.77
N ARG U 437 -2.91 4.16 -64.49
CA ARG U 437 -3.86 3.92 -65.54
C ARG U 437 -4.47 5.24 -65.97
N VAL U 438 -4.87 6.06 -65.02
CA VAL U 438 -5.54 7.27 -65.45
C VAL U 438 -4.63 8.22 -66.19
N PHE U 439 -3.39 8.39 -65.74
CA PHE U 439 -2.56 9.35 -66.42
C PHE U 439 -2.34 8.88 -67.82
N SER U 440 -2.06 7.60 -67.97
CA SER U 440 -1.75 7.14 -69.31
C SER U 440 -2.94 7.29 -70.21
N ARG U 441 -4.11 6.89 -69.72
CA ARG U 441 -5.29 6.97 -70.54
C ARG U 441 -5.64 8.40 -70.84
N TRP U 442 -5.51 9.28 -69.86
CA TRP U 442 -5.90 10.67 -70.04
C TRP U 442 -5.08 11.34 -71.11
N LEU U 443 -3.81 11.01 -71.19
CA LEU U 443 -2.98 11.75 -72.09
C LEU U 443 -3.39 11.75 -73.55
N PRO U 444 -3.73 10.58 -74.11
CA PRO U 444 -4.09 10.71 -75.53
C PRO U 444 -5.27 11.59 -75.80
N LEU U 445 -6.36 11.45 -75.04
CA LEU U 445 -7.53 12.23 -75.37
C LEU U 445 -7.23 13.70 -75.20
N ALA U 446 -6.53 14.02 -74.14
CA ALA U 446 -6.22 15.40 -73.89
C ALA U 446 -5.32 15.95 -74.99
N MET U 447 -4.37 15.15 -75.45
CA MET U 447 -3.55 15.60 -76.56
C MET U 447 -4.38 15.80 -77.83
N LEU U 448 -5.30 14.88 -78.10
CA LEU U 448 -6.16 14.97 -79.28
C LEU U 448 -7.07 16.17 -79.24
N SER U 449 -7.64 16.45 -78.07
CA SER U 449 -8.51 17.59 -77.90
C SER U 449 -7.68 18.85 -77.89
N GLY U 450 -6.37 18.68 -77.80
CA GLY U 450 -5.50 19.81 -77.85
C GLY U 450 -5.67 20.54 -76.56
N GLU U 451 -6.38 19.93 -75.61
CA GLU U 451 -6.49 20.56 -74.30
C GLU U 451 -5.09 20.86 -73.80
N VAL U 452 -4.17 19.94 -74.03
CA VAL U 452 -2.79 20.20 -73.66
C VAL U 452 -2.08 20.44 -74.95
N ARG U 453 -1.24 21.47 -74.99
CA ARG U 453 -0.55 21.80 -76.22
C ARG U 453 0.79 21.09 -76.32
N LEU U 454 0.90 20.14 -77.25
CA LEU U 454 2.13 19.37 -77.44
C LEU U 454 1.90 18.36 -78.60
N PRO U 455 2.99 17.86 -79.26
CA PRO U 455 2.66 16.93 -80.35
C PRO U 455 2.43 15.49 -79.94
N LEU U 456 1.40 14.86 -80.49
CA LEU U 456 1.05 13.48 -80.13
C LEU U 456 2.03 12.38 -80.46
N ALA U 457 2.72 12.47 -81.58
CA ALA U 457 3.57 11.36 -82.00
C ALA U 457 4.68 10.92 -81.05
N LYS U 458 5.41 11.84 -80.45
CA LYS U 458 6.42 11.43 -79.47
C LYS U 458 5.81 11.29 -78.08
N LEU U 459 4.91 10.33 -77.93
CA LEU U 459 4.24 10.13 -76.65
C LEU U 459 5.20 9.75 -75.55
N ASP U 460 6.20 8.94 -75.89
CA ASP U 460 7.14 8.43 -74.90
C ASP U 460 7.91 9.52 -74.18
N LYS U 461 8.25 10.59 -74.88
CA LYS U 461 9.04 11.65 -74.28
C LYS U 461 8.30 12.23 -73.09
N PHE U 462 6.99 12.39 -73.19
CA PHE U 462 6.23 12.86 -72.03
C PHE U 462 5.55 11.75 -71.26
N ASP U 463 5.78 10.50 -71.64
CA ASP U 463 5.09 9.37 -70.99
C ASP U 463 5.40 9.20 -69.51
N ALA U 464 6.65 9.40 -69.10
CA ALA U 464 7.00 9.14 -67.71
C ALA U 464 6.24 10.04 -66.77
N ALA U 465 5.75 9.48 -65.67
CA ALA U 465 4.95 10.25 -64.73
C ALA U 465 5.18 9.73 -63.33
N THR U 466 5.54 10.60 -62.42
CA THR U 466 5.83 10.17 -61.06
C THR U 466 4.85 10.78 -60.09
N TRP U 467 4.29 9.96 -59.22
CA TRP U 467 3.34 10.45 -58.25
C TRP U 467 4.02 10.68 -56.90
N ARG U 468 3.77 11.81 -56.26
CA ARG U 468 4.46 12.09 -55.01
C ARG U 468 3.57 12.06 -53.77
N PRO U 469 3.89 11.16 -52.83
CA PRO U 469 3.14 11.09 -51.57
C PRO U 469 3.58 12.16 -50.60
N ARG U 470 2.81 12.44 -49.55
CA ARG U 470 3.26 13.42 -48.54
C ARG U 470 3.55 12.81 -47.17
N GLY U 471 4.75 13.06 -46.64
CA GLY U 471 5.15 12.49 -45.37
C GLY U 471 4.68 13.21 -44.14
N TRP U 472 4.87 12.59 -42.98
CA TRP U 472 4.43 13.20 -41.73
C TRP U 472 5.55 13.80 -40.89
N PRO U 473 5.34 15.01 -40.36
CA PRO U 473 6.39 15.73 -39.59
C PRO U 473 6.83 15.18 -38.23
N SER U 474 8.10 15.38 -37.88
CA SER U 474 8.67 14.88 -36.61
C SER U 474 8.42 15.71 -35.37
N VAL U 475 8.40 15.05 -34.21
CA VAL U 475 8.23 15.76 -32.94
C VAL U 475 9.38 16.70 -32.53
N ASN U 476 10.62 16.30 -32.76
CA ASN U 476 11.77 17.11 -32.34
C ASN U 476 12.47 17.77 -33.52
N PRO U 477 12.08 19.00 -33.90
CA PRO U 477 12.77 19.50 -35.08
C PRO U 477 14.21 19.85 -34.90
N LYS U 478 14.67 20.23 -33.71
CA LYS U 478 16.04 20.66 -33.61
C LYS U 478 17.00 19.54 -33.99
N ASP U 479 16.72 18.34 -33.49
CA ASP U 479 17.61 17.22 -33.76
C ASP U 479 17.61 16.93 -35.22
N ASP U 480 16.43 16.94 -35.82
CA ASP U 480 16.36 16.57 -37.21
C ASP U 480 17.16 17.56 -37.99
N ALA U 481 17.03 18.83 -37.67
CA ALA U 481 17.72 19.86 -38.43
C ALA U 481 19.22 19.72 -38.32
N THR U 482 19.70 19.46 -37.11
CA THR U 482 21.14 19.28 -36.96
C THR U 482 21.63 18.08 -37.78
N ALA U 483 20.88 16.99 -37.74
CA ALA U 483 21.29 15.81 -38.47
C ALA U 483 21.30 16.10 -39.94
N HIS U 484 20.30 16.83 -40.42
CA HIS U 484 20.23 17.14 -41.83
C HIS U 484 21.39 18.00 -42.27
N GLU U 485 21.77 18.98 -41.45
CA GLU U 485 22.91 19.78 -41.81
C GLU U 485 24.13 18.90 -41.90
N LYS U 486 24.29 18.02 -40.92
CA LYS U 486 25.48 17.20 -40.93
C LYS U 486 25.51 16.34 -42.18
N ASP U 487 24.36 15.80 -42.57
CA ASP U 487 24.28 14.95 -43.74
C ASP U 487 24.56 15.68 -45.05
N LEU U 488 24.06 16.89 -45.17
CA LEU U 488 24.30 17.66 -46.36
C LEU U 488 25.78 17.87 -46.43
N LYS U 489 26.38 18.11 -45.27
CA LYS U 489 27.82 18.25 -45.24
C LYS U 489 28.51 17.01 -45.79
N ASN U 490 28.08 15.82 -45.38
CA ASN U 490 28.88 14.65 -45.83
C ASN U 490 28.57 14.05 -47.23
N GLY U 491 27.92 14.78 -48.11
CA GLY U 491 27.47 14.35 -49.41
C GLY U 491 26.73 13.03 -49.34
N VAL U 492 26.24 12.67 -48.15
CA VAL U 492 25.54 11.41 -47.98
C VAL U 492 24.08 11.55 -48.41
N ARG U 493 23.35 12.51 -47.85
CA ARG U 493 22.03 12.86 -48.33
C ARG U 493 22.16 13.93 -49.39
N THR U 494 21.40 13.76 -50.46
CA THR U 494 21.36 14.79 -51.48
C THR U 494 20.26 15.71 -51.00
N ARG U 495 20.24 16.92 -51.51
CA ARG U 495 19.22 17.87 -51.12
C ARG U 495 17.84 17.38 -51.50
N THR U 496 17.72 16.72 -52.63
CA THR U 496 16.41 16.31 -53.09
C THR U 496 15.67 15.36 -52.16
N GLU U 497 16.38 14.43 -51.56
CA GLU U 497 15.71 13.45 -50.71
C GLU U 497 14.99 14.06 -49.54
N ILE U 498 15.60 15.05 -48.90
CA ILE U 498 15.00 15.62 -47.71
C ILE U 498 13.66 16.22 -48.07
N CYS U 499 13.60 16.92 -49.19
CA CYS U 499 12.37 17.54 -49.63
C CYS U 499 11.34 16.46 -49.87
N ALA U 500 11.80 15.34 -50.41
CA ALA U 500 10.87 14.27 -50.76
C ALA U 500 10.15 13.73 -49.54
N GLU U 501 10.84 13.62 -48.42
CA GLU U 501 10.19 13.03 -47.26
C GLU U 501 9.00 13.87 -46.88
N ARG U 502 9.16 15.19 -46.88
CA ARG U 502 8.02 16.03 -46.61
C ARG U 502 7.04 15.84 -47.76
N GLY U 503 7.56 15.67 -48.98
CA GLY U 503 6.70 15.54 -50.16
C GLY U 503 6.62 16.78 -51.04
N ARG U 504 7.23 17.87 -50.62
CA ARG U 504 7.24 19.08 -51.41
C ARG U 504 7.99 19.02 -52.74
N ASP U 505 9.20 18.48 -52.81
CA ASP U 505 10.01 18.50 -54.06
C ASP U 505 10.96 19.69 -54.40
N PHE U 506 12.13 19.35 -54.91
CA PHE U 506 13.15 20.37 -55.21
C PHE U 506 12.86 21.45 -56.25
N ALA U 507 12.15 21.12 -57.31
CA ALA U 507 11.81 22.15 -58.28
C ALA U 507 10.93 23.18 -57.61
N ASP U 508 10.01 22.70 -56.78
CA ASP U 508 9.10 23.60 -56.10
C ASP U 508 9.95 24.48 -55.23
N VAL U 509 10.90 23.84 -54.56
CA VAL U 509 11.70 24.63 -53.65
C VAL U 509 12.45 25.73 -54.40
N VAL U 510 13.06 25.40 -55.55
CA VAL U 510 13.80 26.39 -56.34
C VAL U 510 12.94 27.54 -56.90
N ALA U 511 11.73 27.22 -57.36
CA ALA U 511 10.87 28.29 -57.84
C ALA U 511 10.55 29.25 -56.69
N GLU U 512 10.26 28.63 -55.55
CA GLU U 512 9.94 29.47 -54.42
C GLU U 512 11.14 30.34 -54.02
N ALA U 513 12.34 29.79 -54.14
CA ALA U 513 13.56 30.55 -53.86
C ALA U 513 13.74 31.72 -54.81
N ALA U 514 13.44 31.52 -56.08
CA ALA U 514 13.49 32.65 -57.00
C ALA U 514 12.48 33.74 -56.61
N ALA U 515 11.30 33.30 -56.16
CA ALA U 515 10.36 34.32 -55.67
C ALA U 515 10.92 35.08 -54.47
N GLU U 516 11.58 34.35 -53.57
CA GLU U 516 12.18 34.98 -52.40
C GLU U 516 13.24 35.97 -52.84
N ARG U 517 14.01 35.66 -53.86
CA ARG U 517 15.01 36.59 -54.40
C ARG U 517 14.38 37.87 -54.97
N GLN U 518 13.28 37.74 -55.69
CA GLN U 518 12.60 38.99 -56.12
C GLN U 518 12.10 39.82 -54.91
N MET U 519 11.61 39.11 -53.92
CA MET U 519 11.20 39.85 -52.73
C MET U 519 12.39 40.52 -52.05
N MET U 520 13.59 40.05 -52.34
CA MET U 520 14.79 40.66 -51.77
C MET U 520 15.11 41.97 -52.45
N ARG U 521 14.77 42.09 -53.72
CA ARG U 521 15.13 43.29 -54.45
C ARG U 521 14.45 44.49 -53.81
N ASP U 522 13.18 44.35 -53.46
CA ASP U 522 12.48 45.43 -52.78
C ASP U 522 13.02 45.75 -51.37
N ALA U 523 13.36 44.74 -50.60
CA ALA U 523 13.84 44.95 -49.23
C ALA U 523 15.27 44.47 -48.97
N GLY U 524 15.42 43.23 -48.52
CA GLY U 524 16.75 42.68 -48.25
C GLY U 524 16.69 41.17 -48.29
N LEU U 525 17.85 40.51 -48.40
CA LEU U 525 17.87 39.04 -48.38
C LEU U 525 18.25 38.55 -46.99
N ASP U 526 19.45 38.02 -46.83
CA ASP U 526 19.81 37.45 -45.55
C ASP U 526 21.23 37.76 -45.14
N PRO U 527 21.53 37.69 -43.83
CA PRO U 527 22.91 37.88 -43.39
C PRO U 527 23.66 36.56 -43.21
N MET V 1 -62.54 -6.55 -30.47
CA MET V 1 -62.19 -5.24 -30.99
C MET V 1 -61.89 -4.23 -29.90
N THR V 2 -62.24 -2.97 -30.15
CA THR V 2 -61.99 -1.91 -29.17
C THR V 2 -62.86 -2.09 -27.94
N VAL V 3 -62.38 -1.63 -26.80
CA VAL V 3 -63.09 -1.82 -25.53
C VAL V 3 -62.80 -0.70 -24.55
N SER V 4 -63.80 -0.29 -23.78
CA SER V 4 -63.61 0.75 -22.79
C SER V 4 -64.18 0.34 -21.44
N ILE V 5 -63.50 -0.56 -20.75
CA ILE V 5 -63.98 -0.94 -19.45
C ILE V 5 -63.39 -0.02 -18.42
N HIS V 6 -64.10 1.06 -18.10
CA HIS V 6 -63.60 1.91 -17.01
C HIS V 6 -64.65 2.41 -16.03
N PRO V 7 -65.30 1.51 -15.29
CA PRO V 7 -66.20 2.02 -14.26
C PRO V 7 -65.35 2.65 -13.17
N PRO V 8 -65.84 3.72 -12.53
CA PRO V 8 -64.91 4.25 -11.54
C PRO V 8 -64.68 3.17 -10.51
N ALA V 9 -63.43 2.98 -10.12
CA ALA V 9 -63.06 1.92 -9.18
C ALA V 9 -63.84 2.00 -7.88
N THR V 10 -64.02 3.22 -7.37
CA THR V 10 -64.78 3.41 -6.14
C THR V 10 -66.22 3.75 -6.46
N LEU V 11 -67.08 2.74 -6.46
CA LEU V 11 -68.46 2.99 -6.81
C LEU V 11 -69.25 2.99 -5.56
N VAL V 12 -69.96 4.07 -5.30
CA VAL V 12 -70.69 4.17 -4.05
C VAL V 12 -72.14 3.82 -4.21
N ALA V 13 -72.70 3.16 -3.23
CA ALA V 13 -74.07 2.68 -3.34
C ALA V 13 -75.09 3.79 -3.35
N GLY V 14 -76.31 3.46 -3.78
CA GLY V 14 -77.36 4.45 -3.84
C GLY V 14 -77.09 5.66 -4.70
N ASP V 15 -75.96 5.64 -5.42
CA ASP V 15 -75.56 6.78 -6.21
C ASP V 15 -75.61 6.36 -7.65
N SER V 16 -75.86 7.30 -8.54
CA SER V 16 -75.95 6.99 -9.95
C SER V 16 -74.59 6.61 -10.48
N TRP V 17 -74.53 5.59 -11.32
CA TRP V 17 -73.24 5.12 -11.82
C TRP V 17 -73.13 5.28 -13.32
N ALA V 18 -72.04 5.87 -13.80
CA ALA V 18 -71.85 6.03 -15.23
C ALA V 18 -70.42 5.94 -15.77
N TRP V 19 -70.18 5.16 -16.83
CA TRP V 19 -68.84 5.21 -17.44
C TRP V 19 -68.91 5.78 -18.86
N GLU V 20 -70.05 5.63 -19.51
CA GLU V 20 -70.14 6.11 -20.89
C GLU V 20 -68.97 5.56 -21.71
N ALA V 21 -68.84 4.24 -21.76
CA ALA V 21 -67.69 3.62 -22.44
C ALA V 21 -67.49 4.02 -23.89
N GLY V 22 -66.24 4.35 -24.24
CA GLY V 22 -65.96 4.78 -25.60
C GLY V 22 -66.10 3.86 -26.79
N ALA V 23 -65.63 2.62 -26.71
CA ALA V 23 -65.66 1.76 -27.90
C ALA V 23 -65.80 0.26 -27.73
N VAL V 24 -66.25 -0.18 -26.58
CA VAL V 24 -66.30 -1.63 -26.32
C VAL V 24 -67.22 -2.36 -27.26
N PHE V 25 -68.37 -1.77 -27.58
CA PHE V 25 -69.34 -2.45 -28.39
C PHE V 25 -69.30 -1.98 -29.85
N GLU V 26 -68.15 -1.50 -30.30
CA GLU V 26 -68.12 -0.96 -31.64
C GLU V 26 -68.14 -2.14 -32.56
N ASP V 27 -67.57 -3.25 -32.14
CA ASP V 27 -67.71 -4.45 -32.94
C ASP V 27 -69.12 -4.92 -32.84
N HIS V 28 -69.64 -5.49 -33.91
CA HIS V 28 -71.03 -5.93 -33.94
C HIS V 28 -71.97 -4.81 -33.54
N PRO V 29 -71.72 -3.59 -34.05
CA PRO V 29 -72.58 -2.51 -33.56
C PRO V 29 -74.04 -2.63 -33.97
N ASP V 30 -74.30 -2.99 -35.22
CA ASP V 30 -75.67 -3.02 -35.71
C ASP V 30 -76.67 -3.99 -35.08
N PRO V 31 -76.28 -5.26 -34.89
CA PRO V 31 -77.31 -6.11 -34.31
C PRO V 31 -77.02 -6.64 -32.89
N TRP V 32 -76.00 -6.17 -32.21
CA TRP V 32 -75.69 -6.73 -30.89
C TRP V 32 -75.91 -5.73 -29.77
N ALA V 33 -76.38 -6.19 -28.60
CA ALA V 33 -76.70 -5.27 -27.50
C ALA V 33 -75.55 -4.85 -26.60
N ALA V 34 -75.80 -3.89 -25.70
CA ALA V 34 -74.77 -3.46 -24.73
C ALA V 34 -75.16 -4.01 -23.35
N SER V 35 -74.20 -4.45 -22.54
CA SER V 35 -74.56 -5.06 -21.25
C SER V 35 -73.87 -4.59 -19.99
N TYR V 36 -72.53 -4.56 -19.99
CA TYR V 36 -71.78 -4.16 -18.81
C TYR V 36 -72.33 -4.91 -17.61
N VAL V 37 -72.28 -6.23 -17.62
CA VAL V 37 -72.81 -7.03 -16.52
C VAL V 37 -72.09 -6.76 -15.22
N LEU V 38 -72.82 -6.56 -14.15
CA LEU V 38 -72.22 -6.34 -12.85
C LEU V 38 -72.68 -7.49 -12.00
N ARG V 39 -71.75 -8.25 -11.43
CA ARG V 39 -72.13 -9.42 -10.67
C ARG V 39 -71.50 -9.41 -9.32
N PRO V 40 -72.30 -9.68 -8.29
CA PRO V 40 -71.64 -9.78 -6.99
C PRO V 40 -70.81 -11.05 -6.98
N GLU V 41 -69.57 -10.97 -6.51
CA GLU V 41 -68.71 -12.13 -6.52
C GLU V 41 -69.18 -13.25 -5.60
N ALA V 42 -69.64 -12.92 -4.41
CA ALA V 42 -70.05 -13.94 -3.44
C ALA V 42 -71.54 -13.97 -3.22
N GLY V 43 -72.32 -14.51 -4.16
CA GLY V 43 -73.76 -14.43 -4.04
C GLY V 43 -74.36 -13.51 -5.08
N GLY V 44 -75.64 -13.20 -4.93
CA GLY V 44 -76.24 -12.23 -5.82
C GLY V 44 -76.67 -12.68 -7.19
N ASP V 45 -77.28 -11.76 -7.92
CA ASP V 45 -77.77 -12.08 -9.26
C ASP V 45 -77.23 -11.00 -10.14
N PRO V 46 -76.69 -11.39 -11.30
CA PRO V 46 -76.06 -10.34 -12.08
C PRO V 46 -77.05 -9.26 -12.46
N VAL V 47 -76.70 -7.99 -12.23
CA VAL V 47 -77.55 -6.91 -12.66
C VAL V 47 -76.92 -6.36 -13.93
N THR V 48 -77.72 -5.76 -14.80
CA THR V 48 -77.20 -5.27 -16.06
C THR V 48 -77.55 -3.85 -16.43
N VAL V 49 -76.70 -3.23 -17.24
CA VAL V 49 -76.93 -1.86 -17.67
C VAL V 49 -77.12 -1.80 -19.17
N SER V 50 -78.13 -1.09 -19.63
CA SER V 50 -78.39 -0.98 -21.07
C SER V 50 -77.84 0.32 -21.65
N GLY V 51 -78.57 0.89 -22.60
CA GLY V 51 -78.07 2.09 -23.26
C GLY V 51 -78.64 3.43 -22.83
N GLY V 52 -79.86 3.75 -23.22
CA GLY V 52 -80.41 5.07 -22.91
C GLY V 52 -79.44 6.12 -23.36
N LEU V 53 -79.00 6.06 -24.62
CA LEU V 53 -77.94 6.97 -25.06
C LEU V 53 -78.10 7.90 -26.23
N GLU V 54 -77.13 8.82 -26.39
CA GLU V 54 -77.09 9.64 -27.58
C GLU V 54 -76.43 8.73 -28.61
N VAL V 55 -76.82 8.84 -29.87
CA VAL V 55 -76.28 7.91 -30.88
C VAL V 55 -74.77 7.96 -31.11
N LEU V 56 -74.18 9.15 -31.22
CA LEU V 56 -72.75 9.24 -31.54
C LEU V 56 -71.87 8.63 -30.48
N ALA V 57 -72.15 8.94 -29.22
CA ALA V 57 -71.38 8.36 -28.15
C ALA V 57 -72.33 7.67 -27.18
N PRO V 58 -72.13 6.37 -26.98
CA PRO V 58 -72.97 5.67 -26.02
C PRO V 58 -72.71 6.15 -24.62
N VAL V 59 -73.76 6.38 -23.85
CA VAL V 59 -73.57 6.75 -22.46
C VAL V 59 -74.35 5.78 -21.60
N PHE V 60 -73.67 5.18 -20.62
CA PHE V 60 -74.31 4.16 -19.82
C PHE V 60 -74.66 4.75 -18.50
N ARG V 61 -75.87 4.51 -18.04
CA ARG V 61 -76.29 5.10 -16.80
C ARG V 61 -77.13 4.17 -15.96
N LEU V 62 -77.00 4.27 -14.64
CA LEU V 62 -77.83 3.49 -13.75
C LEU V 62 -78.52 4.42 -12.74
N PRO V 63 -79.83 4.27 -12.54
CA PRO V 63 -80.56 5.12 -11.59
C PRO V 63 -80.17 4.87 -10.16
N ALA V 64 -80.12 5.92 -9.37
CA ALA V 64 -79.72 5.78 -7.98
C ALA V 64 -80.65 4.93 -7.14
N SER V 65 -81.94 5.10 -7.35
CA SER V 65 -82.91 4.36 -6.55
C SER V 65 -82.77 2.88 -6.79
N VAL V 66 -82.51 2.49 -8.03
CA VAL V 66 -82.30 1.08 -8.33
C VAL V 66 -81.07 0.50 -7.61
N THR V 67 -80.01 1.29 -7.49
CA THR V 67 -78.80 0.80 -6.85
C THR V 67 -79.11 0.43 -5.42
N ALA V 68 -79.85 1.28 -4.72
CA ALA V 68 -80.30 0.99 -3.35
C ALA V 68 -79.75 -0.18 -2.58
N ASP V 69 -80.31 -1.36 -2.80
CA ASP V 69 -79.95 -2.52 -2.00
C ASP V 69 -78.78 -3.36 -2.47
N LEU V 70 -78.01 -2.86 -3.42
CA LEU V 70 -76.95 -3.68 -3.97
C LEU V 70 -75.96 -4.08 -2.89
N PRO V 71 -75.40 -5.30 -2.97
CA PRO V 71 -74.50 -5.79 -1.93
C PRO V 71 -73.24 -5.02 -1.62
N PRO V 72 -72.95 -4.79 -0.33
CA PRO V 72 -71.68 -4.15 0.04
C PRO V 72 -70.58 -5.17 -0.09
N GLY V 73 -69.42 -4.83 -0.66
CA GLY V 73 -68.39 -5.83 -0.88
C GLY V 73 -67.66 -5.68 -2.19
N GLU V 74 -67.26 -6.79 -2.80
CA GLU V 74 -66.55 -6.75 -4.07
C GLU V 74 -67.39 -7.17 -5.29
N TRP V 75 -67.30 -6.43 -6.39
CA TRP V 75 -68.11 -6.71 -7.56
C TRP V 75 -67.27 -6.79 -8.82
N THR V 76 -67.73 -7.55 -9.81
CA THR V 76 -66.97 -7.70 -11.05
C THR V 76 -67.65 -7.08 -12.27
N TRP V 77 -66.86 -6.60 -13.22
CA TRP V 77 -67.40 -5.96 -14.41
C TRP V 77 -67.03 -6.70 -15.67
N PHE V 78 -68.01 -7.22 -16.39
CA PHE V 78 -67.72 -7.90 -17.64
C PHE V 78 -68.69 -7.31 -18.69
N ALA V 79 -68.20 -7.00 -19.89
CA ALA V 79 -69.05 -6.41 -20.92
C ALA V 79 -69.34 -7.38 -22.04
N VAL V 80 -70.61 -7.61 -22.34
CA VAL V 80 -70.97 -8.59 -23.34
C VAL V 80 -71.87 -8.04 -24.43
N ALA V 81 -71.58 -8.38 -25.68
CA ALA V 81 -72.44 -7.96 -26.78
C ALA V 81 -73.07 -9.23 -27.30
N VAL V 82 -74.38 -9.26 -27.46
CA VAL V 82 -75.03 -10.51 -27.86
C VAL V 82 -76.07 -10.37 -28.98
N ASP V 83 -76.06 -11.29 -29.95
CA ASP V 83 -77.12 -11.27 -30.96
C ASP V 83 -77.77 -12.63 -31.11
N ALA V 84 -79.09 -12.67 -31.06
CA ALA V 84 -79.83 -13.93 -31.19
C ALA V 84 -79.70 -14.63 -32.54
N THR V 85 -79.75 -13.85 -33.63
CA THR V 85 -79.64 -14.45 -34.95
C THR V 85 -78.28 -15.08 -35.02
N THR V 86 -77.28 -14.38 -34.52
CA THR V 86 -75.93 -14.95 -34.49
C THR V 86 -75.79 -16.10 -33.50
N ASP V 87 -76.69 -16.18 -32.52
CA ASP V 87 -76.64 -17.22 -31.48
C ASP V 87 -75.29 -17.22 -30.82
N ALA V 88 -74.75 -16.03 -30.61
CA ALA V 88 -73.44 -15.90 -30.03
C ALA V 88 -73.42 -14.68 -29.15
N ARG V 89 -72.49 -14.65 -28.21
CA ARG V 89 -72.32 -13.49 -27.37
C ARG V 89 -70.87 -13.21 -27.57
N ALA V 90 -70.42 -12.01 -27.28
CA ALA V 90 -69.00 -11.73 -27.36
C ALA V 90 -68.54 -10.96 -26.14
N VAL V 91 -67.48 -11.39 -25.49
CA VAL V 91 -67.06 -10.70 -24.29
C VAL V 91 -65.78 -9.97 -24.54
N LEU V 92 -65.79 -8.66 -24.31
CA LEU V 92 -64.61 -7.86 -24.56
C LEU V 92 -64.00 -7.18 -23.34
N ALA V 93 -64.58 -7.36 -22.16
CA ALA V 93 -64.10 -6.61 -20.99
C ALA V 93 -63.86 -7.33 -19.66
N GLN V 94 -63.01 -6.75 -18.82
CA GLN V 94 -62.75 -7.32 -17.50
C GLN V 94 -62.48 -6.19 -16.51
N GLY V 95 -62.75 -6.40 -15.22
CA GLY V 95 -62.49 -5.38 -14.22
C GLY V 95 -62.92 -5.78 -12.83
N ARG V 96 -62.70 -4.92 -11.85
CA ARG V 96 -63.14 -5.20 -10.48
C ARG V 96 -63.45 -3.90 -9.76
N VAL V 97 -64.61 -3.82 -9.14
CA VAL V 97 -65.02 -2.59 -8.48
C VAL V 97 -65.58 -2.91 -7.10
N THR V 98 -65.43 -2.00 -6.15
CA THR V 98 -65.90 -2.26 -4.81
C THR V 98 -67.07 -1.37 -4.45
N VAL V 99 -68.06 -1.93 -3.77
CA VAL V 99 -69.22 -1.15 -3.40
C VAL V 99 -69.10 -0.71 -1.96
N ILE V 100 -68.99 0.59 -1.75
CA ILE V 100 -68.87 1.15 -0.41
C ILE V 100 -70.22 1.02 0.26
N PRO V 101 -70.25 0.71 1.56
CA PRO V 101 -71.59 0.57 2.13
C PRO V 101 -72.38 1.87 2.04
N ASP V 102 -73.68 1.79 1.74
CA ASP V 102 -74.51 2.98 1.60
C ASP V 102 -74.21 4.04 2.65
N PRO V 103 -73.77 5.24 2.22
CA PRO V 103 -73.42 6.16 3.29
C PRO V 103 -74.57 6.96 3.86
N LEU V 104 -75.74 6.90 3.25
CA LEU V 104 -76.82 7.75 3.72
C LEU V 104 -77.79 7.05 4.63
N ALA V 105 -77.51 5.80 4.99
CA ALA V 105 -78.45 5.04 5.79
C ALA V 105 -77.89 3.89 6.60
N GLY V 106 -78.68 3.39 7.54
CA GLY V 106 -78.28 2.20 8.30
C GLY V 106 -77.95 2.32 9.76
N THR V 107 -78.22 1.25 10.50
CA THR V 107 -77.90 1.25 11.93
C THR V 107 -76.41 1.24 12.29
N GLU V 108 -75.61 0.38 11.68
CA GLU V 108 -74.15 0.41 11.95
C GLU V 108 -73.22 -0.18 10.91
N ASP V 109 -72.05 0.44 10.73
CA ASP V 109 -71.02 -0.13 9.85
C ASP V 109 -69.74 0.19 10.57
N ARG V 110 -68.91 -0.80 10.83
CA ARG V 110 -67.63 -0.52 11.45
C ARG V 110 -66.57 -0.31 10.41
N ARG V 111 -65.33 -0.17 10.86
CA ARG V 111 -64.25 -0.03 9.90
C ARG V 111 -63.89 -1.37 9.31
N THR V 112 -62.98 -1.36 8.33
CA THR V 112 -62.53 -2.57 7.68
C THR V 112 -61.84 -3.40 8.75
N PRO V 113 -61.62 -4.69 8.47
CA PRO V 113 -61.08 -5.54 9.53
C PRO V 113 -59.82 -5.04 10.17
N ALA V 114 -58.99 -4.27 9.50
CA ALA V 114 -57.76 -3.88 10.15
C ALA V 114 -58.05 -3.15 11.45
N ARG V 115 -59.04 -2.27 11.45
CA ARG V 115 -59.38 -1.59 12.69
C ARG V 115 -59.88 -2.53 13.77
N ARG V 116 -60.70 -3.49 13.40
CA ARG V 116 -61.27 -4.38 14.39
C ARG V 116 -60.17 -5.16 15.09
N ILE V 117 -59.23 -5.69 14.33
CA ILE V 117 -58.22 -6.49 14.94
C ILE V 117 -57.42 -5.64 15.88
N LEU V 118 -57.10 -4.44 15.43
CA LEU V 118 -56.30 -3.55 16.24
C LEU V 118 -57.00 -3.18 17.53
N ALA V 119 -58.29 -2.88 17.45
CA ALA V 119 -59.00 -2.48 18.63
C ALA V 119 -59.02 -3.61 19.61
N ALA V 120 -59.25 -4.81 19.13
CA ALA V 120 -59.33 -5.94 20.02
C ALA V 120 -58.01 -6.18 20.73
N ILE V 121 -56.89 -6.02 20.02
CA ILE V 121 -55.59 -6.32 20.61
C ILE V 121 -55.41 -5.39 21.79
N GLU V 122 -55.82 -4.15 21.61
CA GLU V 122 -55.72 -3.22 22.71
C GLU V 122 -56.57 -3.69 23.87
N ALA V 123 -57.76 -4.21 23.58
CA ALA V 123 -58.58 -4.74 24.65
C ALA V 123 -58.00 -5.95 25.36
N THR V 124 -57.49 -6.93 24.61
CA THR V 124 -56.98 -8.13 25.26
C THR V 124 -55.75 -7.86 26.09
N LEU V 125 -54.89 -6.98 25.59
CA LEU V 125 -53.70 -6.64 26.33
C LEU V 125 -54.10 -6.00 27.64
N GLU V 126 -55.17 -5.21 27.60
CA GLU V 126 -55.60 -4.51 28.80
C GLU V 126 -55.93 -5.50 29.90
N GLY V 127 -56.63 -6.55 29.54
CA GLY V 127 -56.99 -7.55 30.52
C GLY V 127 -55.82 -8.27 31.10
N ARG V 128 -54.85 -8.63 30.26
CA ARG V 128 -53.75 -9.44 30.75
C ARG V 128 -52.71 -8.61 31.42
N ALA V 129 -52.88 -7.30 31.37
CA ALA V 129 -51.94 -6.48 32.10
C ALA V 129 -52.08 -6.78 33.57
N THR V 130 -53.31 -6.87 34.04
CA THR V 130 -53.56 -7.19 35.43
C THR V 130 -53.97 -8.63 35.42
N LYS V 131 -54.17 -9.23 36.59
CA LYS V 131 -54.64 -10.61 36.65
C LYS V 131 -53.73 -11.48 35.83
N ASP V 132 -52.44 -11.26 35.92
CA ASP V 132 -51.52 -11.99 35.06
C ASP V 132 -51.59 -13.47 35.25
N ALA V 133 -51.70 -14.21 34.16
CA ALA V 133 -51.82 -15.66 34.26
C ALA V 133 -51.60 -16.40 32.98
N ASP V 134 -50.69 -17.36 32.99
CA ASP V 134 -50.53 -18.18 31.81
C ASP V 134 -51.23 -19.51 31.96
N THR V 135 -51.76 -19.83 33.13
CA THR V 135 -52.55 -21.05 33.28
C THR V 135 -53.65 -20.96 34.33
N TYR V 136 -54.83 -20.55 33.95
CA TYR V 136 -55.90 -20.40 34.92
C TYR V 136 -56.50 -21.75 35.17
N SER V 137 -55.72 -22.68 35.72
CA SER V 137 -56.23 -24.04 35.84
C SER V 137 -56.96 -24.42 37.10
N ILE V 138 -58.28 -24.53 37.01
CA ILE V 138 -59.07 -24.88 38.18
C ILE V 138 -59.87 -26.13 37.98
N GLU V 139 -59.68 -27.11 38.84
CA GLU V 139 -60.43 -28.37 38.78
C GLU V 139 -60.22 -29.27 37.56
N GLY V 140 -60.72 -28.87 36.40
CA GLY V 140 -60.52 -29.64 35.20
C GLY V 140 -60.40 -28.75 33.99
N ARG V 141 -60.26 -27.46 34.20
CA ARG V 141 -60.22 -26.54 33.09
C ARG V 141 -58.91 -25.80 33.05
N SER V 142 -58.22 -25.78 31.92
CA SER V 142 -56.99 -25.00 31.82
C SER V 142 -56.91 -24.13 30.55
N ILE V 143 -56.98 -22.81 30.69
CA ILE V 143 -56.88 -21.93 29.55
C ILE V 143 -55.58 -21.71 28.78
N THR V 144 -54.44 -21.54 29.44
CA THR V 144 -53.14 -21.31 28.77
C THR V 144 -52.88 -20.22 27.69
N ARG V 145 -53.17 -18.94 27.94
CA ARG V 145 -52.97 -17.83 26.97
C ARG V 145 -51.78 -17.72 25.98
N THR V 146 -51.92 -16.92 24.91
CA THR V 146 -50.86 -16.77 23.91
C THR V 146 -49.75 -15.93 24.44
N PRO V 147 -48.52 -16.27 24.10
CA PRO V 147 -47.42 -15.55 24.72
C PRO V 147 -47.46 -14.06 24.43
N LEU V 148 -47.07 -13.26 25.42
CA LEU V 148 -47.10 -11.81 25.27
C LEU V 148 -46.22 -11.32 24.13
N PRO V 149 -45.04 -11.94 23.94
CA PRO V 149 -44.29 -11.45 22.78
C PRO V 149 -45.10 -11.63 21.49
N ASP V 150 -45.83 -12.73 21.36
CA ASP V 150 -46.58 -12.98 20.16
C ASP V 150 -47.67 -11.94 19.91
N LEU V 151 -48.38 -11.55 20.96
CA LEU V 151 -49.48 -10.62 20.77
C LEU V 151 -48.93 -9.32 20.26
N LEU V 152 -47.77 -8.94 20.76
CA LEU V 152 -47.21 -7.67 20.36
C LEU V 152 -46.94 -7.64 18.87
N ARG V 153 -46.46 -8.74 18.32
CA ARG V 153 -46.12 -8.74 16.91
C ARG V 153 -47.34 -8.48 16.07
N LEU V 154 -48.47 -9.05 16.46
CA LEU V 154 -49.69 -8.87 15.68
C LEU V 154 -50.06 -7.41 15.68
N ARG V 155 -49.88 -6.75 16.82
CA ARG V 155 -50.31 -5.38 16.88
C ARG V 155 -49.57 -4.56 15.87
N ALA V 156 -48.27 -4.77 15.78
CA ALA V 156 -47.49 -3.94 14.89
C ALA V 156 -47.87 -4.13 13.45
N VAL V 157 -48.06 -5.37 13.02
CA VAL V 157 -48.32 -5.58 11.61
C VAL V 157 -49.62 -4.91 11.25
N TYR V 158 -50.63 -5.12 12.08
CA TYR V 158 -51.91 -4.54 11.78
C TYR V 158 -51.88 -3.04 11.80
N ALA V 159 -51.15 -2.45 12.74
CA ALA V 159 -51.15 -1.01 12.86
C ALA V 159 -50.64 -0.40 11.60
N GLU V 160 -49.63 -1.04 11.02
CA GLU V 160 -49.09 -0.53 9.78
C GLU V 160 -50.16 -0.51 8.69
N GLN V 161 -50.97 -1.56 8.60
CA GLN V 161 -51.94 -1.58 7.54
C GLN V 161 -52.92 -0.44 7.72
N VAL V 162 -53.34 -0.18 8.96
CA VAL V 162 -54.33 0.85 9.12
C VAL V 162 -53.72 2.14 8.64
N ALA V 163 -52.45 2.32 8.94
CA ALA V 163 -51.78 3.52 8.49
C ALA V 163 -51.76 3.59 6.98
N ARG V 164 -51.49 2.47 6.33
CA ARG V 164 -51.40 2.49 4.87
C ARG V 164 -52.71 2.88 4.23
N GLU V 165 -53.80 2.31 4.73
CA GLU V 165 -55.11 2.60 4.16
C GLU V 165 -55.47 4.06 4.34
N THR V 166 -55.22 4.57 5.54
CA THR V 166 -55.50 5.97 5.80
C THR V 166 -54.59 6.81 4.90
N GLY V 167 -53.38 6.34 4.66
CA GLY V 167 -52.44 7.11 3.86
C GLY V 167 -51.47 7.94 4.68
N ARG V 168 -51.47 7.75 5.99
CA ARG V 168 -50.54 8.48 6.85
C ARG V 168 -49.30 7.62 7.07
N SER V 169 -49.19 6.51 6.34
CA SER V 169 -48.06 5.56 6.50
C SER V 169 -46.62 5.97 6.21
N PRO V 170 -46.40 7.02 5.41
CA PRO V 170 -45.00 7.29 5.13
C PRO V 170 -44.17 7.40 6.39
N TYR V 171 -42.99 6.81 6.37
CA TYR V 171 -42.16 6.80 7.56
C TYR V 171 -41.86 8.21 8.02
N ARG V 172 -41.94 8.45 9.31
CA ARG V 172 -41.78 9.80 9.85
C ARG V 172 -40.43 10.46 9.68
N GLN V 173 -40.41 11.78 9.57
CA GLN V 173 -39.16 12.51 9.38
C GLN V 173 -39.03 13.70 10.32
N ARG V 174 -37.96 13.78 11.08
CA ARG V 174 -37.72 14.92 11.95
C ARG V 174 -36.59 15.73 11.41
N ARG V 175 -36.78 17.02 11.17
CA ARG V 175 -35.72 17.78 10.54
C ARG V 175 -34.94 18.49 11.61
N VAL V 176 -33.62 18.30 11.66
CA VAL V 176 -32.87 18.89 12.75
C VAL V 176 -33.01 20.37 12.64
N SER V 177 -32.77 20.90 11.45
CA SER V 177 -32.98 22.33 11.23
C SER V 177 -32.39 23.16 12.36
N PHE V 178 -31.18 22.85 12.77
CA PHE V 178 -30.57 23.53 13.89
C PHE V 178 -31.55 23.74 15.02
N TYR W 32 -11.82 -15.83 -42.62
CA TYR W 32 -12.84 -16.12 -43.61
C TYR W 32 -14.21 -16.16 -42.96
N ARG W 33 -14.50 -17.20 -42.20
CA ARG W 33 -15.77 -17.32 -41.53
C ARG W 33 -15.66 -16.75 -40.12
N ALA W 34 -15.55 -15.44 -40.05
CA ALA W 34 -15.39 -14.77 -38.78
C ALA W 34 -16.66 -14.02 -38.44
N ALA W 35 -17.20 -13.31 -39.43
CA ALA W 35 -18.38 -12.50 -39.19
C ALA W 35 -19.59 -12.99 -39.97
N LYS W 36 -19.53 -14.22 -40.49
CA LYS W 36 -20.48 -14.76 -41.47
C LYS W 36 -21.95 -14.70 -41.06
N SER W 37 -22.24 -14.71 -39.75
CA SER W 37 -23.60 -14.70 -39.27
C SER W 37 -23.64 -14.29 -37.79
N ASP W 38 -24.81 -14.48 -37.20
CA ASP W 38 -25.13 -13.91 -35.89
C ASP W 38 -25.49 -15.00 -34.88
N ARG W 39 -24.67 -16.05 -34.79
CA ARG W 39 -24.96 -17.25 -34.02
C ARG W 39 -25.13 -16.92 -32.53
N ILE W 40 -24.09 -16.41 -31.88
CA ILE W 40 -24.22 -16.02 -30.48
C ILE W 40 -23.64 -14.64 -30.24
N ALA W 41 -22.87 -14.13 -31.21
CA ALA W 41 -22.15 -12.88 -31.05
C ALA W 41 -22.22 -12.00 -32.29
N GLY W 42 -23.40 -11.78 -32.84
CA GLY W 42 -23.48 -11.05 -34.08
C GLY W 42 -24.57 -10.00 -34.11
N GLY W 43 -25.22 -9.90 -35.26
CA GLY W 43 -26.20 -8.86 -35.53
C GLY W 43 -25.90 -8.21 -36.86
N PHE W 44 -25.09 -8.87 -37.69
CA PHE W 44 -24.46 -8.27 -38.86
C PHE W 44 -25.38 -8.23 -40.08
N GLY W 45 -26.62 -7.80 -39.87
CA GLY W 45 -27.61 -7.92 -40.92
C GLY W 45 -27.80 -9.36 -41.38
N VAL W 46 -28.28 -9.52 -42.61
CA VAL W 46 -28.43 -10.86 -43.18
C VAL W 46 -27.86 -10.79 -44.58
N PHE W 47 -28.09 -9.67 -45.27
CA PHE W 47 -27.56 -9.50 -46.61
C PHE W 47 -27.00 -8.09 -46.76
N PRO W 48 -26.00 -7.91 -47.65
CA PRO W 48 -25.48 -6.56 -47.87
C PRO W 48 -26.55 -5.63 -48.46
N THR W 49 -26.57 -4.38 -48.01
CA THR W 49 -27.59 -3.44 -48.49
C THR W 49 -26.96 -2.12 -48.91
N THR W 50 -27.64 -1.40 -49.81
CA THR W 50 -27.12 -0.12 -50.28
C THR W 50 -27.02 0.93 -49.15
N PRO W 51 -25.81 1.50 -48.89
CA PRO W 51 -25.80 2.50 -47.84
C PRO W 51 -26.75 3.60 -48.18
N ARG W 52 -27.09 3.84 -49.44
CA ARG W 52 -27.96 4.96 -49.79
C ARG W 52 -29.28 5.05 -49.00
N ASP W 53 -30.19 4.10 -49.17
CA ASP W 53 -31.52 4.21 -48.54
C ASP W 53 -31.38 4.25 -47.04
N GLU W 54 -30.50 3.38 -46.56
CA GLU W 54 -30.26 3.36 -45.14
C GLU W 54 -29.76 4.73 -44.85
N LEU W 55 -28.84 5.26 -45.67
CA LEU W 55 -28.24 6.55 -45.37
C LEU W 55 -29.32 7.60 -45.33
N ARG W 56 -30.24 7.67 -46.28
CA ARG W 56 -31.21 8.73 -46.23
C ARG W 56 -32.11 8.67 -44.99
N ARG W 57 -32.60 7.47 -44.67
CA ARG W 57 -33.51 7.45 -43.51
C ARG W 57 -32.73 7.84 -42.29
N GLU W 58 -31.52 7.29 -42.22
CA GLU W 58 -30.72 7.51 -41.05
C GLU W 58 -30.48 8.97 -40.90
N ILE W 59 -30.13 9.68 -41.96
CA ILE W 59 -29.84 11.10 -41.88
C ILE W 59 -31.04 11.94 -41.54
N ARG W 60 -32.23 11.67 -42.07
CA ARG W 60 -33.32 12.54 -41.63
C ARG W 60 -33.49 12.36 -40.11
N GLY W 61 -33.47 11.09 -39.71
CA GLY W 61 -33.72 10.86 -38.29
C GLY W 61 -32.65 11.53 -37.48
N LEU W 62 -31.41 11.45 -37.92
CA LEU W 62 -30.25 11.98 -37.21
C LEU W 62 -30.14 13.47 -37.21
N VAL W 63 -30.61 14.14 -38.24
CA VAL W 63 -30.52 15.57 -38.18
C VAL W 63 -31.45 15.84 -37.04
N GLY W 64 -32.62 15.19 -37.05
CA GLY W 64 -33.48 15.55 -35.94
C GLY W 64 -32.78 15.26 -34.62
N HIS W 65 -32.13 14.11 -34.50
CA HIS W 65 -31.50 13.71 -33.25
C HIS W 65 -30.37 14.59 -32.76
N SER W 66 -29.50 15.00 -33.66
CA SER W 66 -28.35 15.83 -33.32
C SER W 66 -28.87 17.16 -32.89
N ARG W 67 -29.90 17.63 -33.57
CA ARG W 67 -30.47 18.86 -33.11
C ARG W 67 -30.73 18.71 -31.63
N HIS W 68 -31.23 17.57 -31.19
CA HIS W 68 -31.65 17.47 -29.80
C HIS W 68 -30.44 17.36 -28.91
N ALA W 69 -29.48 16.52 -29.28
CA ALA W 69 -28.32 16.29 -28.41
C ALA W 69 -27.48 17.50 -28.18
N ALA W 70 -27.20 18.22 -29.26
CA ALA W 70 -26.32 19.34 -29.13
C ALA W 70 -27.00 20.27 -28.18
N GLN W 71 -28.29 20.46 -28.36
CA GLN W 71 -28.88 21.41 -27.43
C GLN W 71 -28.99 20.97 -25.99
N ASN W 72 -29.31 19.72 -25.72
CA ASN W 72 -29.55 19.34 -24.33
C ASN W 72 -28.49 18.61 -23.53
N PHE W 73 -27.56 17.93 -24.17
CA PHE W 73 -26.60 17.08 -23.44
C PHE W 73 -25.34 17.75 -23.01
N ASP W 74 -24.23 17.25 -23.47
CA ASP W 74 -22.97 17.97 -23.34
C ASP W 74 -22.00 17.33 -24.27
N TYR W 75 -20.72 17.70 -24.18
CA TYR W 75 -19.66 17.12 -25.02
C TYR W 75 -19.82 17.41 -26.50
N ALA W 76 -21.03 17.34 -27.01
CA ALA W 76 -21.25 17.65 -28.39
C ALA W 76 -21.30 19.15 -28.55
N ARG W 77 -21.89 19.83 -27.57
CA ARG W 77 -21.89 21.26 -27.65
C ARG W 77 -20.44 21.60 -27.76
N ALA W 78 -19.60 20.78 -27.16
CA ALA W 78 -18.18 21.04 -27.18
C ALA W 78 -17.60 20.73 -28.54
N TYR W 79 -18.03 19.63 -29.13
CA TYR W 79 -17.56 19.35 -30.48
C TYR W 79 -17.88 20.54 -31.33
N GLU W 80 -19.14 20.96 -31.31
CA GLU W 80 -19.54 22.08 -32.13
C GLU W 80 -18.61 23.23 -31.93
N MET W 81 -18.30 23.56 -30.68
CA MET W 81 -17.50 24.73 -30.45
C MET W 81 -16.14 24.47 -31.02
N LEU W 82 -15.64 23.26 -30.77
CA LEU W 82 -14.30 22.95 -31.21
C LEU W 82 -14.20 23.06 -32.70
N THR W 83 -15.18 22.49 -33.40
CA THR W 83 -15.06 22.45 -34.83
C THR W 83 -15.04 23.84 -35.30
N ARG W 84 -15.98 24.62 -34.81
CA ARG W 84 -16.04 25.92 -35.40
C ARG W 84 -14.76 26.63 -35.21
N ARG W 85 -14.27 26.67 -33.98
CA ARG W 85 -13.10 27.51 -33.83
C ARG W 85 -11.92 27.04 -34.62
N HIS W 86 -11.64 25.76 -34.52
CA HIS W 86 -10.42 25.30 -35.16
C HIS W 86 -10.47 25.45 -36.66
N VAL W 87 -11.64 25.23 -37.24
CA VAL W 87 -11.68 25.25 -38.70
C VAL W 87 -11.97 26.61 -39.32
N ILE W 88 -12.44 27.55 -38.51
CA ILE W 88 -12.84 28.82 -39.11
C ILE W 88 -11.80 29.89 -39.23
N GLY W 89 -11.48 30.58 -38.16
CA GLY W 89 -10.60 31.72 -38.28
C GLY W 89 -10.85 32.87 -37.34
N PHE W 90 -9.77 33.27 -36.67
CA PHE W 90 -9.70 34.62 -36.15
C PHE W 90 -9.70 35.62 -37.30
N ASN W 91 -8.95 35.31 -38.36
CA ASN W 91 -8.95 36.09 -39.58
C ASN W 91 -9.86 35.49 -40.63
N GLY W 92 -10.64 34.49 -40.26
CA GLY W 92 -11.50 33.79 -41.21
C GLY W 92 -10.65 32.95 -42.14
N ILE W 93 -11.08 32.87 -43.40
CA ILE W 93 -10.26 32.32 -44.48
C ILE W 93 -10.09 33.42 -45.51
N ARG W 94 -8.85 33.81 -45.78
CA ARG W 94 -8.63 34.94 -46.69
C ARG W 94 -8.37 34.51 -48.12
N LEU W 95 -8.36 35.47 -49.04
CA LEU W 95 -8.15 35.14 -50.46
C LEU W 95 -6.93 35.81 -51.06
N GLN W 96 -6.07 35.03 -51.71
CA GLN W 96 -4.92 35.61 -52.41
C GLN W 96 -5.01 35.07 -53.81
N MET W 97 -4.92 35.94 -54.81
CA MET W 97 -5.08 35.50 -56.19
C MET W 97 -3.86 35.85 -57.00
N ASP W 98 -3.37 34.90 -57.77
CA ASP W 98 -2.18 35.15 -58.57
C ASP W 98 -2.57 35.27 -60.02
N VAL W 99 -2.24 36.40 -60.63
CA VAL W 99 -2.67 36.62 -62.00
C VAL W 99 -2.08 35.60 -62.95
N ARG W 100 -0.77 35.41 -62.89
CA ARG W 100 -0.14 34.40 -63.72
C ARG W 100 1.08 33.85 -63.04
N ASP W 101 2.04 33.37 -63.83
CA ASP W 101 3.34 32.96 -63.28
C ASP W 101 3.88 34.01 -62.29
N PRO W 102 4.16 33.64 -61.05
CA PRO W 102 4.50 34.66 -60.03
C PRO W 102 5.92 35.19 -60.09
N GLY W 103 6.69 34.85 -61.14
CA GLY W 103 8.00 35.45 -61.29
C GLY W 103 7.92 36.91 -61.67
N GLY W 104 7.43 37.19 -62.88
CA GLY W 104 7.17 38.55 -63.31
C GLY W 104 5.84 38.65 -64.02
N LYS W 105 5.26 37.50 -64.34
CA LYS W 105 4.05 37.45 -65.14
C LYS W 105 2.79 37.65 -64.29
N LYS W 106 2.87 37.44 -62.98
CA LYS W 106 1.81 37.84 -62.06
C LYS W 106 2.10 39.28 -61.65
N ASP W 107 1.05 40.10 -61.56
CA ASP W 107 1.20 41.49 -61.14
C ASP W 107 0.31 41.77 -59.94
N VAL W 108 0.70 42.74 -59.13
CA VAL W 108 -0.04 43.01 -57.90
C VAL W 108 -1.26 43.88 -58.07
N ALA W 109 -1.38 44.63 -59.14
CA ALA W 109 -2.52 45.56 -59.23
C ALA W 109 -3.87 44.84 -59.22
N ALA W 110 -3.98 43.82 -60.05
CA ALA W 110 -5.23 43.09 -60.13
C ALA W 110 -5.51 42.43 -58.80
N GLY W 111 -4.45 41.92 -58.20
CA GLY W 111 -4.63 41.23 -56.94
C GLY W 111 -5.18 42.17 -55.90
N ALA W 112 -4.60 43.36 -55.82
CA ALA W 112 -5.02 44.28 -54.81
C ALA W 112 -6.45 44.59 -55.07
N GLN W 113 -6.79 44.86 -56.32
CA GLN W 113 -8.18 45.28 -56.54
C GLN W 113 -9.15 44.20 -56.11
N ILE W 114 -8.89 42.96 -56.51
CA ILE W 114 -9.86 41.93 -56.19
C ILE W 114 -9.97 41.70 -54.69
N GLU W 115 -8.82 41.70 -54.01
CA GLU W 115 -8.86 41.40 -52.60
C GLU W 115 -9.63 42.48 -51.92
N SER W 116 -9.37 43.71 -52.33
CA SER W 116 -9.98 44.82 -51.65
C SER W 116 -11.46 44.69 -51.84
N ALA W 117 -11.91 44.42 -53.05
CA ALA W 117 -13.34 44.39 -53.26
C ALA W 117 -13.99 43.30 -52.43
N TRP W 118 -13.39 42.11 -52.40
CA TRP W 118 -14.07 41.05 -51.67
C TRP W 118 -14.17 41.40 -50.21
N ALA W 119 -13.06 41.86 -49.66
CA ALA W 119 -13.08 42.12 -48.24
C ALA W 119 -14.07 43.21 -47.94
N ARG W 120 -14.14 44.25 -48.76
CA ARG W 120 -15.14 45.31 -48.55
C ARG W 120 -16.55 44.81 -48.18
N TRP W 121 -17.20 44.10 -49.10
CA TRP W 121 -18.55 43.58 -48.85
C TRP W 121 -18.56 42.53 -47.74
N GLY W 122 -17.43 41.86 -47.52
CA GLY W 122 -17.32 40.91 -46.43
C GLY W 122 -17.52 41.63 -45.11
N LYS W 123 -17.03 42.87 -45.01
CA LYS W 123 -17.21 43.67 -43.80
C LYS W 123 -18.67 44.06 -43.66
N MET W 124 -19.09 44.49 -42.47
CA MET W 124 -20.53 44.74 -42.25
C MET W 124 -21.10 45.72 -43.27
N LYS W 125 -22.16 45.29 -43.95
CA LYS W 125 -22.76 46.12 -45.00
C LYS W 125 -24.14 45.59 -45.34
N ASN W 126 -24.93 46.35 -46.09
CA ASN W 126 -26.22 45.87 -46.57
C ASN W 126 -26.04 44.72 -47.55
N SER W 127 -24.98 44.78 -48.36
CA SER W 127 -24.75 43.78 -49.42
C SER W 127 -24.56 42.29 -49.12
N PRO W 128 -23.86 41.92 -48.02
CA PRO W 128 -23.62 40.49 -47.82
C PRO W 128 -24.83 39.55 -47.68
N THR W 129 -25.92 39.94 -47.01
CA THR W 129 -27.03 39.00 -46.79
C THR W 129 -28.44 39.62 -46.85
N PRO W 130 -29.50 38.84 -47.22
CA PRO W 130 -30.84 39.42 -47.07
C PRO W 130 -31.25 39.63 -45.63
N CYS W 131 -30.47 39.09 -44.69
CA CYS W 131 -30.34 39.63 -43.35
C CYS W 131 -29.47 40.88 -43.37
N GLY W 132 -28.67 41.08 -42.36
CA GLY W 132 -28.11 42.37 -42.06
C GLY W 132 -27.69 42.50 -40.62
N ARG W 133 -27.80 41.41 -39.87
CA ARG W 133 -27.04 41.26 -38.63
C ARG W 133 -25.75 40.48 -38.84
N LEU W 134 -25.41 40.16 -40.10
CA LEU W 134 -24.31 39.24 -40.36
C LEU W 134 -23.26 39.81 -41.30
N SER W 135 -22.32 38.95 -41.68
CA SER W 135 -21.22 39.36 -42.55
C SER W 135 -20.61 38.07 -43.08
N TRP W 136 -19.53 38.17 -43.86
CA TRP W 136 -18.90 36.99 -44.46
C TRP W 136 -18.29 36.03 -43.48
N TRP W 137 -17.67 36.58 -42.47
CA TRP W 137 -17.06 35.76 -41.47
C TRP W 137 -18.16 34.96 -40.84
N GLY W 138 -19.26 35.64 -40.58
CA GLY W 138 -20.35 34.98 -39.94
C GLY W 138 -20.82 33.88 -40.85
N VAL W 139 -20.98 34.16 -42.12
CA VAL W 139 -21.49 33.07 -42.93
C VAL W 139 -20.53 31.90 -42.90
N GLU W 140 -19.23 32.09 -42.99
CA GLU W 140 -18.39 30.89 -42.98
C GLU W 140 -18.55 30.13 -41.70
N CYS W 141 -18.51 30.82 -40.58
CA CYS W 141 -18.55 30.09 -39.32
C CYS W 141 -19.83 29.31 -39.24
N GLN W 142 -20.90 29.96 -39.63
CA GLN W 142 -22.16 29.28 -39.50
C GLN W 142 -22.35 28.13 -40.41
N VAL W 143 -21.90 28.27 -41.64
CA VAL W 143 -22.08 27.21 -42.57
C VAL W 143 -21.29 26.05 -42.00
N ALA W 144 -20.12 26.31 -41.44
CA ALA W 144 -19.38 25.21 -40.82
C ALA W 144 -20.00 24.54 -39.61
N THR W 145 -20.63 25.31 -38.73
CA THR W 145 -21.32 24.69 -37.61
C THR W 145 -22.42 23.84 -38.13
N GLY W 146 -23.10 24.35 -39.15
CA GLY W 146 -24.25 23.65 -39.64
C GLY W 146 -23.72 22.38 -40.19
N ILE W 147 -22.56 22.48 -40.82
CA ILE W 147 -21.99 21.33 -41.42
C ILE W 147 -21.70 20.33 -40.38
N ALA W 148 -21.04 20.65 -39.30
CA ALA W 148 -20.80 19.52 -38.43
C ALA W 148 -22.14 18.93 -38.05
N ARG W 149 -22.91 19.63 -37.22
CA ARG W 149 -24.18 19.09 -36.71
C ARG W 149 -25.12 18.39 -37.70
N GLU W 150 -25.28 18.91 -38.89
CA GLU W 150 -26.23 18.31 -39.81
C GLU W 150 -25.58 17.58 -40.95
N GLY W 151 -24.27 17.40 -40.89
CA GLY W 151 -23.58 16.77 -42.01
C GLY W 151 -23.72 17.53 -43.31
N GLY W 152 -23.63 18.86 -43.25
CA GLY W 152 -23.71 19.67 -44.45
C GLY W 152 -24.93 20.56 -44.58
N SER W 153 -24.76 21.67 -45.28
CA SER W 153 -25.84 22.62 -45.41
C SER W 153 -25.67 23.38 -46.69
N PHE W 154 -26.67 24.14 -47.10
CA PHE W 154 -26.60 24.80 -48.39
C PHE W 154 -26.76 26.31 -48.33
N VAL W 155 -26.25 26.99 -49.33
CA VAL W 155 -26.42 28.44 -49.39
C VAL W 155 -26.93 28.79 -50.77
N ARG W 156 -27.69 29.88 -50.89
CA ARG W 156 -28.21 30.28 -52.17
C ARG W 156 -27.92 31.72 -52.48
N ILE W 157 -27.72 32.03 -53.76
CA ILE W 157 -27.36 33.38 -54.15
C ILE W 157 -28.48 34.10 -54.88
N HIS W 158 -28.67 35.38 -54.59
CA HIS W 158 -29.72 36.17 -55.23
C HIS W 158 -29.10 37.33 -55.99
N GLN W 159 -29.59 37.64 -57.17
CA GLN W 159 -29.07 38.82 -57.86
C GLN W 159 -30.14 39.83 -58.24
N GLY W 160 -29.81 41.13 -58.29
CA GLY W 160 -30.80 42.16 -58.64
C GLY W 160 -31.36 42.95 -57.47
N THR W 161 -31.97 42.29 -56.50
CA THR W 161 -32.43 42.98 -55.30
C THR W 161 -31.25 43.51 -54.51
N ASN W 162 -30.21 42.70 -54.29
CA ASN W 162 -28.99 43.09 -53.54
C ASN W 162 -29.23 43.49 -52.10
N PHE W 213 -25.22 46.36 -56.23
CA PHE W 213 -24.46 45.14 -56.14
C PHE W 213 -25.33 43.93 -56.46
N GLY W 214 -25.00 42.77 -55.89
CA GLY W 214 -25.74 41.56 -56.15
C GLY W 214 -25.04 40.35 -55.58
N PHE W 215 -25.52 39.15 -55.92
CA PHE W 215 -24.89 37.91 -55.43
C PHE W 215 -24.84 37.80 -53.91
N GLN W 216 -25.87 38.28 -53.23
CA GLN W 216 -25.92 38.11 -51.78
C GLN W 216 -26.17 36.65 -51.46
N VAL W 217 -25.53 36.13 -50.43
CA VAL W 217 -25.68 34.72 -50.11
C VAL W 217 -26.48 34.51 -48.84
N GLU W 218 -27.50 33.68 -48.91
CA GLU W 218 -28.33 33.41 -47.74
C GLU W 218 -28.32 31.92 -47.36
N PRO W 219 -28.05 31.59 -46.07
CA PRO W 219 -28.12 30.15 -45.79
C PRO W 219 -29.53 29.69 -45.50
N ILE W 220 -29.85 28.48 -45.91
CA ILE W 220 -31.18 27.94 -45.70
C ILE W 220 -31.10 26.74 -44.81
N PRO W 221 -32.04 26.61 -43.87
CA PRO W 221 -31.98 25.50 -42.92
C PRO W 221 -32.09 24.13 -43.59
N PHE W 222 -31.43 23.13 -43.03
CA PHE W 222 -31.42 21.79 -43.63
C PHE W 222 -32.79 21.18 -43.71
N ASP W 223 -33.63 21.40 -42.71
CA ASP W 223 -34.92 20.73 -42.68
C ASP W 223 -35.83 21.09 -43.83
N LEU W 224 -35.55 22.18 -44.51
CA LEU W 224 -36.36 22.62 -45.62
C LEU W 224 -36.45 21.56 -46.73
N LEU W 225 -35.40 20.77 -46.93
CA LEU W 225 -35.39 19.79 -48.01
C LEU W 225 -36.49 18.73 -47.89
N ASP W 226 -37.11 18.37 -49.01
CA ASP W 226 -38.21 17.39 -49.02
C ASP W 226 -37.71 15.98 -49.23
N LEU W 227 -37.75 15.16 -48.18
CA LEU W 227 -37.25 13.81 -48.32
C LEU W 227 -38.19 12.92 -49.13
N ASP W 228 -39.46 13.32 -49.18
CA ASP W 228 -40.46 12.46 -49.81
C ASP W 228 -40.56 12.45 -51.32
N LEU W 229 -40.16 13.53 -51.97
CA LEU W 229 -40.33 13.56 -53.41
C LEU W 229 -39.49 12.46 -53.99
N THR W 230 -40.13 11.60 -54.78
CA THR W 230 -39.46 10.45 -55.37
C THR W 230 -40.23 10.08 -56.61
N GLY W 231 -39.74 9.12 -57.38
CA GLY W 231 -40.44 8.65 -58.56
C GLY W 231 -39.93 9.32 -59.82
N PRO W 232 -39.49 8.52 -60.81
CA PRO W 232 -38.94 9.06 -62.05
C PRO W 232 -40.00 9.53 -63.04
N THR W 233 -39.63 10.44 -63.93
CA THR W 233 -40.56 10.87 -64.97
C THR W 233 -40.35 9.98 -66.21
N PRO W 234 -41.36 9.83 -67.11
CA PRO W 234 -41.07 8.94 -68.23
C PRO W 234 -39.87 9.43 -69.03
N GLY W 235 -39.76 10.73 -69.26
CA GLY W 235 -38.63 11.28 -69.96
C GLY W 235 -37.51 11.77 -69.05
N GLY W 236 -37.67 11.58 -67.73
CA GLY W 236 -36.68 12.10 -66.80
C GLY W 236 -36.17 11.17 -65.72
N GLY W 237 -35.00 11.49 -65.16
CA GLY W 237 -34.42 10.68 -64.12
C GLY W 237 -35.05 10.84 -62.74
N PHE W 238 -34.67 10.01 -61.78
CA PHE W 238 -35.27 10.03 -60.43
C PHE W 238 -35.15 11.34 -59.64
N VAL W 239 -36.19 11.68 -58.88
CA VAL W 239 -36.16 12.90 -58.06
C VAL W 239 -36.06 12.59 -56.55
N GLU W 240 -35.70 11.36 -56.20
CA GLU W 240 -35.55 10.93 -54.79
C GLU W 240 -34.78 11.88 -53.86
N SER W 241 -35.16 11.92 -52.58
CA SER W 241 -34.52 12.79 -51.61
C SER W 241 -34.34 14.18 -52.16
N GLY W 242 -35.31 14.63 -52.93
CA GLY W 242 -35.26 15.99 -53.43
C GLY W 242 -34.09 16.33 -54.30
N VAL W 243 -33.55 15.37 -55.04
CA VAL W 243 -32.48 15.71 -55.97
C VAL W 243 -32.93 15.39 -57.38
N GLU W 244 -32.81 16.34 -58.29
CA GLU W 244 -33.29 16.10 -59.63
C GLU W 244 -32.15 15.60 -60.45
N PHE W 245 -32.17 14.31 -60.76
CA PHE W 245 -31.15 13.75 -61.61
C PHE W 245 -31.52 14.04 -63.05
N ASP W 246 -30.58 13.89 -63.97
CA ASP W 246 -30.86 14.11 -65.38
C ASP W 246 -30.83 12.83 -66.17
N ALA W 247 -30.97 12.92 -67.48
CA ALA W 247 -30.79 11.76 -68.34
C ALA W 247 -29.37 11.23 -68.31
N THR W 248 -28.39 12.09 -68.02
CA THR W 248 -27.01 11.69 -67.78
C THR W 248 -26.84 11.22 -66.33
N ASP W 249 -27.92 11.34 -65.53
CA ASP W 249 -27.92 11.17 -64.08
C ASP W 249 -26.92 12.12 -63.44
N ARG W 250 -26.93 13.35 -63.94
CA ARG W 250 -26.13 14.47 -63.45
C ARG W 250 -27.04 15.40 -62.67
N VAL W 251 -26.44 16.12 -61.72
CA VAL W 251 -27.22 17.00 -60.87
C VAL W 251 -27.58 18.27 -61.63
N VAL W 252 -28.86 18.63 -61.60
CA VAL W 252 -29.32 19.85 -62.28
C VAL W 252 -30.28 20.63 -61.42
N ALA W 253 -31.12 19.96 -60.67
CA ALA W 253 -31.99 20.72 -59.80
C ALA W 253 -32.13 20.19 -58.40
N TYR W 254 -32.61 21.04 -57.51
CA TYR W 254 -32.83 20.62 -56.15
C TYR W 254 -34.27 20.91 -55.85
N HIS W 255 -34.84 20.20 -54.90
CA HIS W 255 -36.25 20.37 -54.61
C HIS W 255 -36.50 20.63 -53.14
N MET W 256 -36.21 21.84 -52.67
CA MET W 256 -36.49 22.17 -51.29
C MET W 256 -38.00 22.21 -51.13
N TRP W 257 -38.46 22.05 -49.89
CA TRP W 257 -39.89 22.20 -49.62
C TRP W 257 -40.29 23.54 -49.98
N SER W 258 -40.12 24.42 -49.07
CA SER W 258 -40.62 25.69 -49.40
C SER W 258 -40.09 26.69 -48.53
N ALA W 259 -40.60 27.86 -48.67
CA ALA W 259 -40.20 28.89 -47.80
C ALA W 259 -40.67 28.56 -46.47
N ALA W 260 -41.82 27.96 -46.41
CA ALA W 260 -42.34 27.73 -45.13
C ALA W 260 -41.38 26.87 -44.40
N ALA W 269 -45.51 30.19 -48.44
CA ALA W 269 -46.06 28.95 -47.97
C ALA W 269 -46.18 28.04 -49.14
N ARG W 270 -45.86 28.55 -50.31
CA ARG W 270 -46.10 27.74 -51.45
C ARG W 270 -45.03 26.81 -51.42
N ARG W 271 -45.39 25.59 -51.32
CA ARG W 271 -44.37 24.64 -51.19
C ARG W 271 -43.76 24.27 -52.52
N ARG W 272 -42.76 23.41 -52.50
CA ARG W 272 -42.09 22.94 -53.68
C ARG W 272 -41.48 23.95 -54.59
N LEU W 273 -40.15 24.14 -54.59
CA LEU W 273 -39.56 25.00 -55.57
C LEU W 273 -38.40 24.29 -56.16
N ARG W 274 -38.44 24.03 -57.44
CA ARG W 274 -37.30 23.44 -58.08
C ARG W 274 -36.33 24.59 -58.08
N ILE W 275 -35.11 24.36 -57.62
CA ILE W 275 -34.13 25.42 -57.67
C ILE W 275 -32.96 24.96 -58.49
N PRO W 276 -32.49 25.82 -59.40
CA PRO W 276 -31.39 25.44 -60.27
C PRO W 276 -30.17 25.20 -59.43
N ALA W 277 -29.34 24.27 -59.84
CA ALA W 277 -28.16 23.93 -59.07
C ALA W 277 -27.29 25.14 -58.90
N ALA W 278 -27.25 26.01 -59.90
CA ALA W 278 -26.33 27.11 -59.82
C ALA W 278 -26.64 27.92 -58.58
N GLN W 279 -27.91 28.03 -58.24
CA GLN W 279 -28.26 28.83 -57.09
C GLN W 279 -27.98 28.12 -55.78
N MET W 280 -28.12 26.81 -55.74
CA MET W 280 -27.95 26.12 -54.47
C MET W 280 -26.76 25.18 -54.46
N LEU W 281 -25.83 25.41 -53.55
CA LEU W 281 -24.65 24.56 -53.49
C LEU W 281 -24.60 23.86 -52.15
N TYR W 282 -24.43 22.53 -52.17
CA TYR W 282 -24.43 21.77 -50.93
C TYR W 282 -23.04 21.26 -50.67
N VAL W 283 -22.46 21.63 -49.53
CA VAL W 283 -21.14 21.12 -49.18
C VAL W 283 -21.39 19.74 -48.61
N LEU W 284 -20.47 18.81 -48.80
CA LEU W 284 -20.75 17.43 -48.39
C LEU W 284 -19.81 16.57 -47.56
N VAL W 285 -18.64 17.06 -47.16
CA VAL W 285 -17.65 16.21 -46.45
C VAL W 285 -17.67 14.71 -46.89
N PRO W 286 -17.09 14.37 -48.06
CA PRO W 286 -17.23 12.98 -48.50
C PRO W 286 -16.60 11.92 -47.66
N GLU W 287 -17.32 10.83 -47.42
CA GLU W 287 -16.77 9.71 -46.70
C GLU W 287 -16.87 8.55 -47.63
N GLU W 288 -17.93 7.78 -47.52
CA GLU W 288 -18.12 6.71 -48.49
C GLU W 288 -18.57 7.46 -49.71
N ILE W 289 -18.07 7.09 -50.87
CA ILE W 289 -18.39 7.85 -52.06
C ILE W 289 -19.85 7.82 -52.55
N GLY W 290 -20.50 6.66 -52.49
CA GLY W 290 -21.83 6.61 -53.07
C GLY W 290 -22.93 7.15 -52.20
N GLN W 291 -22.94 8.46 -52.00
CA GLN W 291 -23.99 9.07 -51.23
C GLN W 291 -24.50 10.34 -51.85
N ALA W 292 -25.77 10.65 -51.63
CA ALA W 292 -26.30 11.91 -52.10
C ALA W 292 -26.38 12.88 -50.95
N LEU W 293 -25.91 12.49 -49.78
CA LEU W 293 -26.04 13.34 -48.59
C LEU W 293 -25.00 13.06 -47.54
N GLY W 294 -24.85 13.97 -46.58
CA GLY W 294 -23.91 13.71 -45.49
C GLY W 294 -24.44 13.57 -44.07
N VAL W 295 -23.99 12.52 -43.38
CA VAL W 295 -24.46 12.24 -42.04
C VAL W 295 -23.89 13.17 -40.99
N PRO W 296 -24.63 13.39 -39.89
CA PRO W 296 -24.03 14.20 -38.83
C PRO W 296 -22.79 13.50 -38.34
N ARG W 297 -21.69 14.23 -38.16
CA ARG W 297 -20.43 13.61 -37.76
C ARG W 297 -20.49 13.14 -36.32
N SER W 298 -21.56 13.47 -35.62
CA SER W 298 -21.69 13.10 -34.21
C SER W 298 -22.44 11.79 -34.03
N ALA W 299 -22.77 11.12 -35.13
CA ALA W 299 -23.59 9.90 -35.03
C ALA W 299 -23.00 8.77 -34.20
N THR W 300 -21.70 8.54 -34.31
CA THR W 300 -21.08 7.44 -33.59
C THR W 300 -21.19 7.61 -32.08
N ALA W 301 -20.98 8.83 -31.59
CA ALA W 301 -21.05 9.08 -30.16
C ALA W 301 -22.42 9.54 -29.68
N LEU W 302 -23.37 9.70 -30.60
CA LEU W 302 -24.69 10.21 -30.22
C LEU W 302 -25.37 9.29 -29.22
N ARG W 303 -25.26 7.98 -29.46
CA ARG W 303 -25.85 7.03 -28.55
C ARG W 303 -25.14 7.04 -27.20
N LEU W 304 -23.81 6.98 -27.22
CA LEU W 304 -23.06 6.93 -25.95
C LEU W 304 -23.31 8.15 -25.07
N MET W 305 -23.35 9.35 -25.64
CA MET W 305 -23.55 10.60 -24.92
C MET W 305 -24.90 10.71 -24.26
N ASN W 306 -25.96 10.25 -24.92
CA ASN W 306 -27.24 10.37 -24.32
C ASN W 306 -27.17 9.56 -23.06
N LEU W 307 -26.63 8.35 -23.22
CA LEU W 307 -26.67 7.56 -22.01
C LEU W 307 -25.85 8.23 -20.91
N SER W 308 -24.70 8.77 -21.30
CA SER W 308 -23.84 9.37 -20.31
C SER W 308 -24.43 10.56 -19.58
N GLU W 309 -25.12 11.43 -20.28
CA GLU W 309 -25.76 12.55 -19.62
C GLU W 309 -26.85 12.09 -18.70
N LYS W 310 -27.62 11.10 -19.12
CA LYS W 310 -28.60 10.66 -18.15
C LYS W 310 -27.89 10.15 -16.88
N PHE W 311 -26.79 9.43 -17.07
CA PHE W 311 -26.05 8.95 -15.90
C PHE W 311 -25.53 10.06 -15.01
N GLN W 312 -24.98 11.11 -15.60
CA GLN W 312 -24.44 12.19 -14.78
C GLN W 312 -25.57 12.82 -14.03
N GLU W 313 -26.72 12.98 -14.66
CA GLU W 313 -27.85 13.53 -13.92
C GLU W 313 -28.33 12.66 -12.77
N SER W 314 -28.36 11.35 -12.94
CA SER W 314 -28.75 10.50 -11.81
C SER W 314 -27.80 10.45 -10.62
N ALA W 315 -26.51 10.28 -10.85
CA ALA W 315 -25.53 10.22 -9.78
C ALA W 315 -25.53 11.44 -8.89
N LEU W 316 -25.58 12.62 -9.48
CA LEU W 316 -25.54 13.76 -8.56
C LEU W 316 -26.75 13.68 -7.67
N THR W 317 -27.89 13.33 -8.26
CA THR W 317 -29.08 13.33 -7.43
C THR W 317 -29.02 12.32 -6.29
N ALA W 318 -28.50 11.15 -6.58
CA ALA W 318 -28.36 10.14 -5.55
C ALA W 318 -27.43 10.60 -4.45
N ALA W 319 -26.34 11.27 -4.81
CA ALA W 319 -25.46 11.78 -3.79
C ALA W 319 -26.16 12.78 -2.90
N ASN W 320 -26.93 13.67 -3.50
CA ASN W 320 -27.62 14.59 -2.64
C ASN W 320 -28.52 13.84 -1.68
N TYR W 321 -29.27 12.85 -2.17
CA TYR W 321 -30.19 12.19 -1.24
C TYR W 321 -29.43 11.52 -0.14
N GLY W 322 -28.31 10.90 -0.48
CA GLY W 322 -27.51 10.21 0.50
C GLY W 322 -26.97 11.12 1.58
N ALA W 323 -26.51 12.29 1.19
CA ALA W 323 -26.10 13.24 2.23
C ALA W 323 -27.27 13.70 3.08
N SER W 324 -28.42 13.93 2.47
CA SER W 324 -29.55 14.46 3.23
C SER W 324 -30.25 13.61 4.31
N ASN W 325 -30.46 12.32 4.10
CA ASN W 325 -31.22 11.51 5.04
C ASN W 325 -30.49 11.26 6.32
N MET W 326 -29.22 11.60 6.39
CA MET W 326 -28.48 11.47 7.65
C MET W 326 -28.63 10.09 8.28
N VAL W 327 -28.92 10.03 9.57
CA VAL W 327 -29.09 8.77 10.25
C VAL W 327 -30.47 8.14 10.15
N PHE W 328 -30.55 6.82 10.19
CA PHE W 328 -31.86 6.15 10.21
C PHE W 328 -31.99 5.54 11.60
N PHE W 329 -33.05 5.85 12.35
CA PHE W 329 -33.25 5.23 13.65
C PHE W 329 -34.05 3.94 13.57
N GLU W 330 -33.43 2.84 13.13
CA GLU W 330 -34.14 1.58 12.96
C GLU W 330 -34.60 0.93 14.24
N ARG W 331 -35.72 0.22 14.18
CA ARG W 331 -36.28 -0.37 15.38
C ARG W 331 -36.48 -1.86 15.26
N ALA W 332 -36.54 -2.56 16.39
CA ALA W 332 -36.82 -3.99 16.36
C ALA W 332 -38.30 -4.15 16.13
N ALA W 333 -38.76 -5.37 15.92
CA ALA W 333 -40.18 -5.56 15.61
C ALA W 333 -41.08 -5.63 16.83
N ASP W 334 -41.24 -4.51 17.53
CA ASP W 334 -42.12 -4.49 18.68
C ASP W 334 -43.16 -3.40 18.71
N ASN W 335 -42.73 -2.14 18.64
CA ASN W 335 -43.69 -1.05 18.80
C ASN W 335 -43.90 -0.12 17.64
N GLY W 336 -44.10 1.16 17.91
CA GLY W 336 -44.41 2.09 16.86
C GLY W 336 -45.90 1.98 16.66
N VAL W 337 -46.56 1.27 17.57
CA VAL W 337 -47.99 1.04 17.44
C VAL W 337 -48.84 2.27 17.52
N VAL W 338 -49.90 2.33 16.72
CA VAL W 338 -50.86 3.43 16.80
C VAL W 338 -50.24 4.79 16.75
N THR W 339 -49.26 4.97 15.89
CA THR W 339 -48.73 6.29 15.69
C THR W 339 -49.95 7.01 15.17
N GLY W 340 -50.46 7.97 15.91
CA GLY W 340 -51.71 8.60 15.53
C GLY W 340 -51.73 9.29 14.19
N PRO W 341 -52.80 9.06 13.42
CA PRO W 341 -52.92 9.67 12.10
C PRO W 341 -53.07 11.16 12.13
N GLU W 342 -53.83 11.71 13.07
CA GLU W 342 -54.12 13.14 13.03
C GLU W 342 -52.96 14.11 13.14
N ASP W 343 -52.02 13.84 14.02
CA ASP W 343 -50.90 14.74 14.22
C ASP W 343 -50.05 14.80 12.97
N ASP W 344 -50.06 13.76 12.17
CA ASP W 344 -49.18 13.70 11.01
C ASP W 344 -49.35 14.80 9.99
N ALA W 345 -50.59 15.14 9.69
CA ALA W 345 -50.82 16.11 8.63
C ALA W 345 -50.26 17.52 8.89
N GLN W 346 -50.37 18.04 10.10
CA GLN W 346 -49.97 19.42 10.36
C GLN W 346 -48.51 19.84 10.17
N ILE W 347 -47.55 19.09 10.68
CA ILE W 347 -46.17 19.52 10.58
C ILE W 347 -45.11 18.43 10.71
N PRO W 348 -43.92 18.66 10.14
CA PRO W 348 -42.83 17.70 10.38
C PRO W 348 -42.04 18.34 11.49
N ILE W 349 -41.87 17.66 12.61
CA ILE W 349 -41.23 18.28 13.76
C ILE W 349 -39.80 18.80 13.57
N ASP W 350 -39.48 19.96 14.15
CA ASP W 350 -38.10 20.47 14.09
C ASP W 350 -37.46 20.30 15.45
N GLN W 351 -36.30 19.63 15.50
CA GLN W 351 -35.60 19.39 16.77
C GLN W 351 -34.24 20.05 16.75
N ILE W 352 -33.89 20.77 17.80
CA ILE W 352 -32.63 21.54 17.78
C ILE W 352 -31.39 20.75 18.22
N GLU W 353 -30.41 20.63 17.33
CA GLU W 353 -29.18 19.95 17.67
C GLU W 353 -28.05 20.93 17.50
N ALA W 354 -28.38 22.21 17.51
CA ALA W 354 -27.38 23.22 17.26
C ALA W 354 -26.28 23.21 18.30
N GLY W 355 -26.62 22.94 19.54
CA GLY W 355 -25.61 23.01 20.56
C GLY W 355 -24.48 22.08 20.25
N THR W 356 -23.25 22.54 20.45
CA THR W 356 -22.09 21.72 20.15
C THR W 356 -22.18 20.33 20.72
N LEU W 357 -22.12 20.21 22.02
CA LEU W 357 -22.11 18.89 22.60
C LEU W 357 -23.54 18.50 22.80
N THR W 358 -23.95 17.45 22.15
CA THR W 358 -25.30 17.00 22.32
C THR W 358 -25.33 15.49 22.39
N GLU W 359 -24.80 14.92 23.44
CA GLU W 359 -24.90 13.49 23.58
C GLU W 359 -26.37 13.17 23.64
N LEU W 360 -26.80 12.14 22.92
CA LEU W 360 -28.22 11.83 22.86
C LEU W 360 -28.54 10.43 23.33
N PRO W 361 -29.59 10.26 24.14
CA PRO W 361 -30.00 8.91 24.54
C PRO W 361 -31.24 8.42 23.80
N PRO W 362 -31.18 7.23 23.18
CA PRO W 362 -32.30 6.69 22.40
C PRO W 362 -33.08 5.55 23.04
N GLY W 363 -34.38 5.44 22.76
CA GLY W 363 -35.16 4.32 23.26
C GLY W 363 -34.79 2.91 22.77
N VAL W 364 -34.38 2.76 21.49
CA VAL W 364 -34.06 1.42 20.91
C VAL W 364 -32.72 1.20 20.17
N LYS W 365 -32.53 1.76 18.96
CA LYS W 365 -31.24 1.61 18.24
C LYS W 365 -30.98 2.68 17.18
N ALA W 366 -29.74 2.80 16.72
CA ALA W 366 -29.40 3.78 15.67
C ALA W 366 -28.48 3.26 14.58
N VAL W 367 -28.57 3.82 13.38
CA VAL W 367 -27.66 3.41 12.31
C VAL W 367 -27.24 4.60 11.46
N SER W 368 -26.10 4.49 10.77
CA SER W 368 -25.60 5.62 9.99
C SER W 368 -25.63 5.29 8.53
N HIS W 369 -26.22 6.15 7.73
CA HIS W 369 -26.34 5.86 6.32
C HIS W 369 -24.99 5.90 5.69
N ASN W 370 -24.66 4.90 4.89
CA ASN W 370 -23.39 4.92 4.20
C ASN W 370 -23.72 5.17 2.75
N PRO W 371 -23.21 6.28 2.22
CA PRO W 371 -23.58 6.62 0.86
C PRO W 371 -22.89 5.68 -0.09
N ALA W 372 -23.63 5.15 -1.03
CA ALA W 372 -23.03 4.27 -2.02
C ALA W 372 -23.02 5.01 -3.31
N TYR W 373 -23.25 6.31 -3.25
CA TYR W 373 -23.32 7.07 -4.48
C TYR W 373 -21.99 6.89 -5.09
N PRO W 374 -21.96 6.70 -6.43
CA PRO W 374 -20.62 6.44 -6.96
C PRO W 374 -19.60 7.39 -6.39
N ASP W 375 -18.57 6.88 -5.74
CA ASP W 375 -17.64 7.76 -5.07
C ASP W 375 -16.39 8.09 -5.85
N ALA W 376 -15.51 7.13 -5.99
CA ALA W 376 -14.31 7.35 -6.75
C ALA W 376 -14.28 6.42 -7.93
N ALA W 377 -15.29 5.57 -8.02
CA ALA W 377 -15.38 4.66 -9.14
C ALA W 377 -15.58 5.45 -10.40
N VAL W 378 -16.30 6.54 -10.29
CA VAL W 378 -16.65 7.29 -11.48
C VAL W 378 -15.50 7.81 -12.33
N GLY W 379 -14.43 8.31 -11.76
CA GLY W 379 -13.42 8.89 -12.62
C GLY W 379 -12.82 7.92 -13.62
N PRO W 380 -12.41 6.73 -13.17
CA PRO W 380 -11.96 5.77 -14.17
C PRO W 380 -13.06 5.28 -15.13
N PHE W 381 -14.25 4.98 -14.62
CA PHE W 381 -15.30 4.44 -15.48
C PHE W 381 -15.67 5.43 -16.55
N LEU W 382 -15.84 6.68 -16.18
CA LEU W 382 -16.29 7.66 -17.16
C LEU W 382 -15.25 7.84 -18.23
N ARG W 383 -13.99 7.85 -17.86
CA ARG W 383 -12.97 8.12 -18.84
C ARG W 383 -12.96 7.07 -19.90
N GLN W 384 -13.09 5.81 -19.52
CA GLN W 384 -12.99 4.79 -20.54
C GLN W 384 -14.10 4.87 -21.57
N MET W 385 -15.33 5.08 -21.14
CA MET W 385 -16.42 5.24 -22.10
C MET W 385 -16.14 6.48 -22.92
N GLY W 386 -15.62 7.50 -22.27
CA GLY W 386 -15.32 8.74 -22.96
C GLY W 386 -14.28 8.60 -24.05
N THR W 387 -13.26 7.77 -23.84
CA THR W 387 -12.21 7.65 -24.83
C THR W 387 -12.84 7.14 -26.09
N SER W 388 -13.77 6.21 -25.93
CA SER W 388 -14.40 5.64 -27.11
C SER W 388 -15.11 6.70 -27.92
N GLN W 389 -15.82 7.60 -27.25
CA GLN W 389 -16.57 8.61 -27.97
C GLN W 389 -15.63 9.49 -28.74
N ALA W 390 -14.52 9.85 -28.13
CA ALA W 390 -13.60 10.75 -28.79
C ALA W 390 -13.05 10.14 -30.03
N ALA W 391 -12.71 8.86 -29.97
CA ALA W 391 -12.12 8.23 -31.11
C ALA W 391 -13.13 8.28 -32.22
N GLY W 392 -14.39 8.08 -31.86
CA GLY W 392 -15.46 8.13 -32.86
C GLY W 392 -15.62 9.46 -33.53
N LEU W 393 -15.46 10.54 -32.78
CA LEU W 393 -15.69 11.85 -33.35
C LEU W 393 -14.46 12.39 -34.04
N GLY W 394 -13.38 11.64 -34.04
CA GLY W 394 -12.19 12.07 -34.72
C GLY W 394 -11.48 13.23 -34.06
N VAL W 395 -11.52 13.29 -32.74
CA VAL W 395 -10.84 14.35 -32.01
C VAL W 395 -10.10 13.79 -30.80
N SER W 396 -9.03 14.45 -30.37
CA SER W 396 -8.29 14.01 -29.19
C SER W 396 -9.14 14.20 -27.96
N TYR W 397 -9.03 13.28 -27.01
CA TYR W 397 -9.88 13.34 -25.83
C TYR W 397 -9.65 14.60 -25.04
N GLU W 398 -8.40 15.01 -24.91
CA GLU W 398 -8.12 16.17 -24.08
C GLU W 398 -8.80 17.40 -24.63
N THR W 399 -8.78 17.58 -25.94
CA THR W 399 -9.50 18.72 -26.48
C THR W 399 -11.00 18.61 -26.29
N LEU W 400 -11.57 17.44 -26.54
CA LEU W 400 -13.01 17.30 -26.48
C LEU W 400 -13.56 17.50 -25.10
N THR W 401 -12.91 16.90 -24.13
CA THR W 401 -13.35 17.06 -22.76
C THR W 401 -12.13 17.51 -22.05
N ALA W 402 -12.22 18.55 -21.25
CA ALA W 402 -11.00 19.05 -20.64
C ALA W 402 -10.60 18.28 -19.40
N ASP W 403 -10.39 16.97 -19.52
CA ASP W 403 -9.88 16.21 -18.38
C ASP W 403 -8.48 16.70 -18.10
N LEU W 404 -7.66 16.83 -19.14
CA LEU W 404 -6.33 17.40 -18.97
C LEU W 404 -5.58 16.83 -17.80
N SER W 405 -5.58 15.52 -17.68
CA SER W 405 -4.93 14.91 -16.53
C SER W 405 -3.94 13.83 -16.94
N GLY W 406 -2.90 13.64 -16.15
CA GLY W 406 -1.91 12.64 -16.46
C GLY W 406 -1.33 12.80 -17.84
N ALA W 407 -0.85 13.99 -18.16
CA ALA W 407 -0.21 14.16 -19.45
C ALA W 407 1.17 14.77 -19.40
N ASN W 408 2.15 14.09 -19.98
CA ASN W 408 3.50 14.66 -20.06
C ASN W 408 3.53 15.53 -21.29
N PHE W 409 4.61 16.26 -21.49
CA PHE W 409 4.66 17.16 -22.61
C PHE W 409 4.49 16.39 -23.89
N SER W 410 5.13 15.25 -23.97
CA SER W 410 5.06 14.51 -25.21
C SER W 410 3.66 14.08 -25.55
N SER W 411 2.88 13.65 -24.55
CA SER W 411 1.56 13.13 -24.85
C SER W 411 0.72 14.22 -25.47
N LEU W 412 0.84 15.41 -24.95
CA LEU W 412 0.09 16.51 -25.48
C LEU W 412 0.49 16.80 -26.91
N ARG W 413 1.79 16.76 -27.20
CA ARG W 413 2.23 17.12 -28.53
C ARG W 413 1.65 16.14 -29.53
N ALA W 414 1.65 14.87 -29.19
CA ALA W 414 1.16 13.86 -30.12
C ALA W 414 -0.30 14.06 -30.41
N GLY W 415 -1.08 14.34 -29.38
CA GLY W 415 -2.50 14.48 -29.57
C GLY W 415 -2.80 15.62 -30.51
N LYS W 416 -2.08 16.71 -30.34
CA LYS W 416 -2.33 17.83 -31.18
C LYS W 416 -2.04 17.46 -32.60
N GLY W 417 -0.98 16.71 -32.82
CA GLY W 417 -0.61 16.41 -34.19
C GLY W 417 -1.69 15.66 -34.93
N GLU W 418 -2.31 14.67 -34.28
CA GLU W 418 -3.36 13.89 -34.93
C GLU W 418 -4.59 14.71 -35.25
N GLU W 419 -5.01 15.55 -34.32
CA GLU W 419 -6.14 16.40 -34.58
C GLU W 419 -5.82 17.34 -35.70
N ARG W 420 -4.59 17.82 -35.75
CA ARG W 420 -4.24 18.81 -36.75
C ARG W 420 -4.46 18.24 -38.12
N GLU W 421 -4.12 16.99 -38.32
CA GLU W 421 -4.37 16.44 -39.62
C GLU W 421 -5.85 16.48 -39.95
N GLU W 422 -6.69 16.10 -39.00
CA GLU W 422 -8.12 16.01 -39.30
C GLU W 422 -8.68 17.37 -39.65
N TRP W 423 -8.29 18.39 -38.90
CA TRP W 423 -8.83 19.71 -39.15
C TRP W 423 -8.41 20.15 -40.53
N ARG W 424 -7.18 19.83 -40.91
CA ARG W 424 -6.69 20.31 -42.17
C ARG W 424 -7.58 19.74 -43.23
N MET W 425 -7.94 18.48 -43.10
CA MET W 425 -8.72 17.85 -44.14
C MET W 425 -10.06 18.53 -44.30
N LEU W 426 -10.72 18.81 -43.19
CA LEU W 426 -12.02 19.46 -43.25
C LEU W 426 -11.87 20.85 -43.83
N GLN W 427 -10.79 21.53 -43.49
CA GLN W 427 -10.60 22.89 -43.96
C GLN W 427 -10.54 22.95 -45.47
N ARG W 428 -9.84 22.01 -46.07
CA ARG W 428 -9.71 22.02 -47.50
C ARG W 428 -11.06 21.83 -48.11
N ALA W 429 -11.83 20.89 -47.58
CA ALA W 429 -13.14 20.58 -48.16
C ALA W 429 -14.19 21.66 -48.12
N VAL W 430 -14.34 22.34 -47.00
CA VAL W 430 -15.40 23.32 -46.92
C VAL W 430 -15.16 24.40 -47.95
N PHE W 431 -13.92 24.84 -48.06
CA PHE W 431 -13.62 25.89 -49.01
C PHE W 431 -13.32 25.36 -50.37
N GLU W 432 -13.22 24.05 -50.51
CA GLU W 432 -13.04 23.49 -51.83
C GLU W 432 -14.31 23.85 -52.52
N GLY W 433 -15.41 23.75 -51.80
CA GLY W 433 -16.67 24.04 -52.41
C GLY W 433 -17.23 25.44 -52.33
N LEU W 434 -17.43 25.96 -51.13
CA LEU W 434 -18.08 27.26 -51.06
C LEU W 434 -17.28 28.38 -51.69
N HIS W 435 -16.00 28.47 -51.37
CA HIS W 435 -15.21 29.60 -51.86
C HIS W 435 -15.09 29.58 -53.34
N ASP W 436 -14.81 28.41 -53.88
CA ASP W 436 -14.55 28.37 -55.30
C ASP W 436 -15.79 28.77 -56.08
N ARG W 437 -16.94 28.23 -55.70
CA ARG W 437 -18.14 28.58 -56.40
C ARG W 437 -18.42 30.05 -56.21
N VAL W 438 -18.33 30.52 -54.97
CA VAL W 438 -18.68 31.91 -54.77
C VAL W 438 -17.74 32.87 -55.47
N PHE W 439 -16.44 32.62 -55.42
CA PHE W 439 -15.54 33.58 -56.01
C PHE W 439 -15.83 33.63 -57.47
N SER W 440 -15.97 32.47 -58.09
CA SER W 440 -16.14 32.49 -59.52
C SER W 440 -17.42 33.19 -59.89
N ARG W 441 -18.50 32.87 -59.20
CA ARG W 441 -19.76 33.47 -59.52
C ARG W 441 -19.74 34.95 -59.25
N TRP W 442 -19.13 35.36 -58.15
CA TRP W 442 -19.12 36.77 -57.78
C TRP W 442 -18.43 37.61 -58.79
N LEU W 443 -17.37 37.09 -59.38
CA LEU W 443 -16.59 37.96 -60.25
C LEU W 443 -17.32 38.56 -61.43
N PRO W 444 -18.12 37.78 -62.16
CA PRO W 444 -18.74 38.49 -63.28
C PRO W 444 -19.66 39.61 -62.87
N LEU W 445 -20.51 39.41 -61.89
CA LEU W 445 -21.45 40.48 -61.56
C LEU W 445 -20.71 41.69 -61.08
N ALA W 446 -19.71 41.45 -60.26
CA ALA W 446 -18.95 42.56 -59.72
C ALA W 446 -18.23 43.29 -60.83
N MET W 447 -17.69 42.56 -61.81
CA MET W 447 -17.06 43.22 -62.93
C MET W 447 -18.08 44.02 -63.74
N LEU W 448 -19.26 43.46 -63.95
CA LEU W 448 -20.31 44.15 -64.71
C LEU W 448 -20.80 45.40 -64.01
N SER W 449 -20.96 45.32 -62.70
CA SER W 449 -21.39 46.47 -61.91
C SER W 449 -20.26 47.44 -61.82
N GLY W 450 -19.08 47.01 -62.21
CA GLY W 450 -17.94 47.90 -62.21
C GLY W 450 -17.57 48.11 -60.77
N GLU W 451 -18.18 47.34 -59.87
CA GLU W 451 -17.78 47.45 -58.48
C GLU W 451 -16.28 47.27 -58.39
N VAL W 452 -15.75 46.33 -59.17
CA VAL W 452 -14.32 46.17 -59.21
C VAL W 452 -13.90 46.74 -60.53
N ARG W 453 -12.83 47.51 -60.53
CA ARG W 453 -12.39 48.14 -61.76
C ARG W 453 -11.38 47.28 -62.52
N LEU W 454 -11.78 46.73 -63.65
CA LEU W 454 -10.91 45.87 -64.46
C LEU W 454 -11.69 45.42 -65.73
N PRO W 455 -11.00 45.00 -66.82
CA PRO W 455 -11.84 44.64 -67.97
C PRO W 455 -12.38 43.22 -67.96
N LEU W 456 -13.64 43.04 -68.29
CA LEU W 456 -14.30 41.72 -68.26
C LEU W 456 -13.78 40.65 -69.21
N ALA W 457 -13.39 41.02 -70.41
CA ALA W 457 -13.04 39.99 -71.40
C ALA W 457 -11.90 39.03 -71.04
N LYS W 458 -10.81 39.51 -70.46
CA LYS W 458 -9.76 38.58 -70.04
C LYS W 458 -10.03 38.05 -68.64
N LEU W 459 -11.11 37.30 -68.48
CA LEU W 459 -11.48 36.78 -67.18
C LEU W 459 -10.45 35.84 -66.62
N ASP W 460 -9.84 35.03 -67.49
CA ASP W 460 -8.88 34.03 -67.06
C ASP W 460 -7.67 34.60 -66.34
N LYS W 461 -7.21 35.76 -66.76
CA LYS W 461 -6.03 36.35 -66.17
C LYS W 461 -6.26 36.58 -64.68
N PHE W 462 -7.44 37.02 -64.30
CA PHE W 462 -7.73 37.16 -62.88
C PHE W 462 -8.50 35.99 -62.29
N ASP W 463 -8.75 34.96 -63.08
CA ASP W 463 -9.56 33.83 -62.60
C ASP W 463 -8.97 33.06 -61.42
N ALA W 464 -7.67 32.85 -61.41
CA ALA W 464 -7.07 32.04 -60.35
C ALA W 464 -7.29 32.65 -58.99
N ALA W 465 -7.65 31.83 -58.01
CA ALA W 465 -7.93 32.33 -56.68
C ALA W 465 -7.54 31.29 -55.66
N THR W 466 -6.72 31.69 -54.69
CA THR W 466 -6.26 30.74 -53.69
C THR W 466 -6.75 31.12 -52.32
N TRP W 467 -7.30 30.16 -51.60
CA TRP W 467 -7.81 30.44 -50.27
C TRP W 467 -6.79 30.01 -49.23
N ARG W 468 -6.55 30.84 -48.22
CA ARG W 468 -5.51 30.50 -47.25
C ARG W 468 -6.04 30.18 -45.86
N PRO W 469 -5.80 28.96 -45.37
CA PRO W 469 -6.21 28.57 -44.01
C PRO W 469 -5.24 29.10 -42.97
N ARG W 470 -5.62 29.12 -41.71
CA ARG W 470 -4.69 29.54 -40.66
C ARG W 470 -4.26 28.43 -39.69
N GLY W 471 -2.96 28.23 -39.55
CA GLY W 471 -2.44 27.17 -38.70
C GLY W 471 -2.37 27.45 -37.23
N TRP W 472 -2.11 26.43 -36.44
CA TRP W 472 -2.03 26.60 -34.99
C TRP W 472 -0.62 26.61 -34.42
N PRO W 473 -0.32 27.57 -33.52
CA PRO W 473 1.03 27.72 -32.96
C PRO W 473 1.61 26.64 -32.05
N SER W 474 2.93 26.45 -32.09
CA SER W 474 3.61 25.43 -31.28
C SER W 474 3.91 25.76 -29.84
N VAL W 475 3.99 24.74 -28.99
CA VAL W 475 4.35 24.94 -27.58
C VAL W 475 5.78 25.42 -27.30
N ASN W 476 6.76 24.91 -28.04
CA ASN W 476 8.16 25.27 -27.80
C ASN W 476 8.71 26.17 -28.89
N PRO W 477 8.63 27.50 -28.74
CA PRO W 477 9.13 28.27 -29.87
C PRO W 477 10.61 28.24 -30.08
N LYS W 478 11.41 28.05 -29.06
CA LYS W 478 12.85 28.14 -29.28
C LYS W 478 13.31 27.08 -30.27
N ASP W 479 12.83 25.86 -30.08
CA ASP W 479 13.25 24.77 -30.95
C ASP W 479 12.82 25.05 -32.36
N ASP W 480 11.59 25.50 -32.50
CA ASP W 480 11.08 25.70 -33.83
C ASP W 480 11.92 26.73 -34.49
N ALA W 481 12.25 27.79 -33.79
CA ALA W 481 13.01 28.87 -34.40
C ALA W 481 14.38 28.42 -34.82
N THR W 482 15.05 27.64 -33.98
CA THR W 482 16.36 27.14 -34.37
C THR W 482 16.26 26.26 -35.61
N ALA W 483 15.26 25.40 -35.64
CA ALA W 483 15.11 24.52 -36.80
C ALA W 483 14.86 25.33 -38.04
N HIS W 484 14.04 26.36 -37.93
CA HIS W 484 13.71 27.17 -39.07
C HIS W 484 14.94 27.90 -39.59
N GLU W 485 15.77 28.41 -38.69
CA GLU W 485 16.98 29.06 -39.15
C GLU W 485 17.83 28.04 -39.89
N LYS W 486 17.96 26.86 -39.32
CA LYS W 486 18.81 25.89 -39.96
C LYS W 486 18.28 25.56 -41.35
N ASP W 487 16.98 25.43 -41.48
CA ASP W 487 16.36 25.12 -42.77
C ASP W 487 16.52 26.21 -43.81
N LEU W 488 16.39 27.45 -43.39
CA LEU W 488 16.55 28.55 -44.32
C LEU W 488 17.96 28.48 -44.79
N LYS W 489 18.87 28.15 -43.89
CA LYS W 489 20.25 27.98 -44.29
C LYS W 489 20.40 26.93 -45.37
N ASN W 490 19.75 25.78 -45.22
CA ASN W 490 20.03 24.72 -46.22
C ASN W 490 19.24 24.76 -47.56
N GLY W 491 18.64 25.88 -47.91
CA GLY W 491 17.79 26.05 -49.07
C GLY W 491 16.73 24.97 -49.15
N VAL W 492 16.46 24.30 -48.03
CA VAL W 492 15.47 23.22 -48.03
C VAL W 492 14.06 23.79 -47.89
N ARG W 493 13.81 24.60 -46.87
CA ARG W 493 12.57 25.35 -46.76
C ARG W 493 12.76 26.69 -47.44
N THR W 494 11.74 27.08 -48.20
CA THR W 494 11.75 28.39 -48.79
C THR W 494 11.13 29.26 -47.74
N ARG W 495 11.33 30.57 -47.84
CA ARG W 495 10.78 31.47 -46.86
C ARG W 495 9.27 31.42 -46.90
N THR W 496 8.69 31.27 -48.07
CA THR W 496 7.23 31.33 -48.18
C THR W 496 6.50 30.26 -47.38
N GLU W 497 7.04 29.05 -47.34
CA GLU W 497 6.32 27.98 -46.67
C GLU W 497 6.12 28.24 -45.19
N ILE W 498 7.12 28.79 -44.53
CA ILE W 498 7.01 28.98 -43.09
C ILE W 498 5.87 29.92 -42.80
N CYS W 499 5.76 30.98 -43.58
CA CYS W 499 4.69 31.93 -43.38
C CYS W 499 3.37 31.25 -43.59
N ALA W 500 3.33 30.35 -44.55
CA ALA W 500 2.08 29.68 -44.86
C ALA W 500 1.55 28.87 -43.72
N GLU W 501 2.42 28.23 -42.96
CA GLU W 501 1.92 27.39 -41.89
C GLU W 501 1.16 28.24 -40.91
N ARG W 502 1.69 29.40 -40.56
CA ARG W 502 0.94 30.30 -39.71
C ARG W 502 -0.29 30.74 -40.47
N GLY W 503 -0.15 30.94 -41.79
CA GLY W 503 -1.27 31.42 -42.61
C GLY W 503 -1.20 32.87 -43.00
N ARG W 504 -0.20 33.59 -42.49
CA ARG W 504 -0.02 34.99 -42.86
C ARG W 504 0.33 35.28 -44.30
N ASP W 505 1.27 34.57 -44.92
CA ASP W 505 1.73 34.90 -46.31
C ASP W 505 2.88 35.93 -46.57
N PHE W 506 3.74 35.59 -47.52
CA PHE W 506 4.91 36.43 -47.81
C PHE W 506 4.71 37.85 -48.33
N ALA W 507 3.70 38.08 -49.15
CA ALA W 507 3.45 39.44 -49.60
C ALA W 507 3.11 40.29 -48.40
N ASP W 508 2.30 39.72 -47.51
CA ASP W 508 1.89 40.47 -46.32
C ASP W 508 3.15 40.79 -45.56
N VAL W 509 4.00 39.77 -45.46
CA VAL W 509 5.20 40.00 -44.67
C VAL W 509 6.03 41.14 -45.28
N VAL W 510 6.22 41.15 -46.59
CA VAL W 510 7.01 42.20 -47.25
C VAL W 510 6.41 43.60 -47.13
N ALA W 511 5.09 43.72 -47.24
CA ALA W 511 4.49 45.05 -47.07
C ALA W 511 4.75 45.54 -45.66
N GLU W 512 4.59 44.63 -44.72
CA GLU W 512 4.81 45.03 -43.35
C GLU W 512 6.27 45.44 -43.14
N ALA W 513 7.18 44.75 -43.80
CA ALA W 513 8.60 45.10 -43.71
C ALA W 513 8.89 46.48 -44.28
N ALA W 514 8.24 46.83 -45.38
CA ALA W 514 8.41 48.18 -45.90
C ALA W 514 7.88 49.22 -44.88
N ALA W 515 6.77 48.89 -44.23
CA ALA W 515 6.31 49.82 -43.18
C ALA W 515 7.34 49.95 -42.06
N GLU W 516 7.95 48.83 -41.68
CA GLU W 516 8.97 48.86 -40.63
C GLU W 516 10.14 49.72 -41.08
N ARG W 517 10.52 49.65 -42.36
CA ARG W 517 11.58 50.51 -42.89
C ARG W 517 11.25 52.01 -42.82
N GLN W 518 10.02 52.37 -43.14
CA GLN W 518 9.66 53.80 -42.93
C GLN W 518 9.73 54.20 -41.44
N MET W 519 9.30 53.28 -40.59
CA MET W 519 9.42 53.59 -39.18
C MET W 519 10.87 53.73 -38.75
N MET W 520 11.79 53.17 -39.55
CA MET W 520 13.21 53.28 -39.25
C MET W 520 13.72 54.66 -39.57
N ARG W 521 13.14 55.29 -40.57
CA ARG W 521 13.65 56.59 -40.98
C ARG W 521 13.53 57.58 -39.84
N ASP W 522 12.40 57.57 -39.14
CA ASP W 522 12.23 58.44 -37.99
C ASP W 522 13.16 58.11 -36.82
N ALA W 523 13.36 56.82 -36.52
CA ALA W 523 14.20 56.42 -35.38
C ALA W 523 15.45 55.62 -35.76
N GLY W 524 15.33 54.30 -35.77
CA GLY W 524 16.46 53.44 -36.13
C GLY W 524 15.96 52.09 -36.59
N LEU W 525 16.80 51.31 -37.27
CA LEU W 525 16.41 49.96 -37.68
C LEU W 525 16.93 48.93 -36.71
N ASP W 526 17.93 48.16 -37.12
CA ASP W 526 18.41 47.09 -36.25
C ASP W 526 19.91 46.95 -36.27
N PRO W 527 20.48 46.35 -35.20
CA PRO W 527 21.93 46.09 -35.20
C PRO W 527 22.26 44.68 -35.68
N MET X 1 -67.10 17.38 -8.87
CA MET X 1 -66.52 18.70 -9.06
C MET X 1 -65.68 19.16 -7.88
N THR X 2 -65.70 20.45 -7.61
CA THR X 2 -64.93 21.01 -6.50
C THR X 2 -65.49 20.56 -5.17
N VAL X 3 -64.62 20.46 -4.17
CA VAL X 3 -65.04 19.97 -2.85
C VAL X 3 -64.21 20.55 -1.72
N SER X 4 -64.84 20.83 -0.60
CA SER X 4 -64.11 21.38 0.54
C SER X 4 -64.42 20.62 1.82
N ILE X 5 -63.90 19.41 1.95
CA ILE X 5 -64.15 18.67 3.16
C ILE X 5 -63.08 19.02 4.17
N HIS X 6 -63.34 20.02 5.01
CA HIS X 6 -62.38 20.30 6.07
C HIS X 6 -62.96 20.59 7.44
N PRO X 7 -63.65 19.62 8.06
CA PRO X 7 -64.09 19.87 9.43
C PRO X 7 -62.86 19.88 10.30
N PRO X 8 -62.85 20.70 11.36
CA PRO X 8 -61.59 20.63 12.10
C PRO X 8 -61.43 19.24 12.63
N ALA X 9 -60.25 18.67 12.52
CA ALA X 9 -59.99 17.30 12.94
C ALA X 9 -60.38 17.05 14.36
N THR X 10 -60.07 18.00 15.25
CA THR X 10 -60.42 17.85 16.66
C THR X 10 -61.73 18.56 16.94
N LEU X 11 -62.82 17.81 16.93
CA LEU X 11 -64.11 18.44 17.13
C LEU X 11 -64.54 18.12 18.52
N VAL X 12 -64.82 19.15 19.30
CA VAL X 12 -65.16 18.92 20.69
C VAL X 12 -66.64 18.94 20.91
N ALA X 13 -67.12 18.08 21.79
CA ALA X 13 -68.55 17.95 21.98
C ALA X 13 -69.18 19.15 22.65
N GLY X 14 -70.51 19.25 22.55
CA GLY X 14 -71.20 20.38 23.14
C GLY X 14 -70.79 21.74 22.64
N ASP X 15 -69.93 21.77 21.63
CA ASP X 15 -69.42 23.03 21.11
C ASP X 15 -69.94 23.19 19.71
N SER X 16 -70.11 24.42 19.28
CA SER X 16 -70.62 24.67 17.95
C SER X 16 -69.59 24.26 16.92
N TRP X 17 -70.03 23.64 15.84
CA TRP X 17 -69.10 23.14 14.83
C TRP X 17 -69.31 23.83 13.49
N ALA X 18 -68.25 24.33 12.89
CA ALA X 18 -68.37 24.96 11.58
C ALA X 18 -67.21 24.80 10.61
N TRP X 19 -67.46 24.45 9.35
CA TRP X 19 -66.36 24.46 8.38
C TRP X 19 -66.59 25.52 7.30
N GLU X 20 -67.86 25.84 7.03
CA GLU X 20 -68.12 26.80 5.97
C GLU X 20 -67.40 26.38 4.69
N ALA X 21 -67.67 25.18 4.20
CA ALA X 21 -66.95 24.64 3.03
C ALA X 21 -66.99 25.51 1.79
N GLY X 22 -65.83 25.70 1.17
CA GLY X 22 -65.76 26.53 -0.02
C GLY X 22 -66.46 26.17 -1.31
N ALA X 23 -66.37 24.91 -1.76
CA ALA X 23 -66.93 24.59 -3.08
C ALA X 23 -67.46 23.18 -3.32
N VAL X 24 -67.73 22.43 -2.27
CA VAL X 24 -68.15 21.04 -2.45
C VAL X 24 -69.44 20.90 -3.21
N PHE X 25 -70.40 21.77 -2.94
CA PHE X 25 -71.70 21.65 -3.56
C PHE X 25 -71.87 22.61 -4.73
N GLU X 26 -70.77 22.98 -5.38
CA GLU X 26 -70.90 23.96 -6.43
C GLU X 26 -71.49 23.24 -7.60
N ASP X 27 -71.19 21.96 -7.74
CA ASP X 27 -71.86 21.20 -8.78
C ASP X 27 -73.29 21.00 -8.36
N HIS X 28 -74.19 20.99 -9.32
CA HIS X 28 -75.61 20.85 -9.01
C HIS X 28 -76.05 21.91 -8.02
N PRO X 29 -75.59 23.16 -8.20
CA PRO X 29 -75.94 24.13 -7.16
C PRO X 29 -77.43 24.46 -7.09
N ASP X 30 -78.09 24.64 -8.23
CA ASP X 30 -79.47 25.06 -8.23
C ASP X 30 -80.53 24.14 -7.63
N PRO X 31 -80.49 22.84 -7.96
CA PRO X 31 -81.56 22.04 -7.35
C PRO X 31 -81.12 20.98 -6.33
N TRP X 32 -79.86 20.95 -5.91
CA TRP X 32 -79.43 19.90 -5.00
C TRP X 32 -79.06 20.43 -3.62
N ALA X 33 -79.36 19.68 -2.57
CA ALA X 33 -79.12 20.17 -1.20
C ALA X 33 -77.71 19.99 -0.64
N ALA X 34 -77.45 20.58 0.54
CA ALA X 34 -76.14 20.42 1.21
C ALA X 34 -76.33 19.49 2.40
N SER X 35 -75.38 18.61 2.68
CA SER X 35 -75.58 17.64 3.77
C SER X 35 -74.49 17.45 4.83
N TYR X 36 -73.26 17.24 4.40
CA TYR X 36 -72.17 17.02 5.33
C TYR X 36 -72.60 16.00 6.37
N VAL X 37 -72.93 14.78 5.94
CA VAL X 37 -73.41 13.76 6.87
C VAL X 37 -72.34 13.38 7.88
N LEU X 38 -72.71 13.31 9.15
CA LEU X 38 -71.77 12.92 10.16
C LEU X 38 -72.32 11.64 10.75
N ARG X 39 -71.55 10.56 10.73
CA ARG X 39 -72.08 9.29 11.20
C ARG X 39 -71.17 8.67 12.20
N PRO X 40 -71.73 8.21 13.31
CA PRO X 40 -70.83 7.50 14.22
C PRO X 40 -70.45 6.18 13.59
N GLU X 41 -69.17 5.85 13.63
CA GLU X 41 -68.71 4.63 13.00
C GLU X 41 -69.26 3.36 13.64
N ALA X 42 -69.30 3.32 14.96
CA ALA X 42 -69.74 2.10 15.67
C ALA X 42 -71.09 2.28 16.34
N GLY X 43 -72.18 2.29 15.59
CA GLY X 43 -73.46 2.60 16.19
C GLY X 43 -74.00 3.93 15.73
N GLY X 44 -75.05 4.41 16.37
CA GLY X 44 -75.54 5.73 16.06
C GLY X 44 -76.41 5.91 14.83
N ASP X 45 -76.87 7.13 14.64
CA ASP X 45 -77.72 7.44 13.51
C ASP X 45 -77.13 8.64 12.85
N PRO X 46 -77.02 8.60 11.54
CA PRO X 46 -76.32 9.74 10.93
C PRO X 46 -77.00 11.05 11.24
N VAL X 47 -76.25 12.05 11.71
CA VAL X 47 -76.82 13.36 11.92
C VAL X 47 -76.39 14.20 10.73
N THR X 48 -77.16 15.22 10.40
CA THR X 48 -76.84 16.03 9.25
C THR X 48 -76.83 17.53 9.44
N VAL X 49 -76.06 18.23 8.63
CA VAL X 49 -75.97 19.67 8.72
C VAL X 49 -76.48 20.32 7.44
N SER X 50 -77.33 21.34 7.57
CA SER X 50 -77.87 22.01 6.41
C SER X 50 -77.14 23.30 6.09
N GLY X 51 -77.87 24.31 5.64
CA GLY X 51 -77.21 25.55 5.25
C GLY X 51 -77.25 26.72 6.21
N GLY X 52 -78.38 27.40 6.36
CA GLY X 52 -78.42 28.57 7.20
C GLY X 52 -77.31 29.51 6.79
N LEU X 53 -77.23 29.86 5.51
CA LEU X 53 -76.08 30.63 5.03
C LEU X 53 -76.23 31.95 4.31
N GLU X 54 -75.11 32.64 4.12
CA GLU X 54 -75.12 33.83 3.27
C GLU X 54 -75.03 33.26 1.87
N VAL X 55 -75.65 33.90 0.90
CA VAL X 55 -75.66 33.32 -0.45
C VAL X 55 -74.31 33.17 -1.14
N LEU X 56 -73.45 34.17 -1.08
CA LEU X 56 -72.18 34.10 -1.81
C LEU X 56 -71.28 32.98 -1.33
N ALA X 57 -71.15 32.84 -0.01
CA ALA X 57 -70.35 31.76 0.53
C ALA X 57 -71.19 30.97 1.50
N PRO X 58 -71.34 29.68 1.24
CA PRO X 58 -72.09 28.85 2.16
C PRO X 58 -71.38 28.72 3.47
N VAL X 59 -72.09 28.85 4.58
CA VAL X 59 -71.48 28.62 5.87
C VAL X 59 -72.28 27.58 6.61
N PHE X 60 -71.60 26.55 7.09
CA PHE X 60 -72.30 25.44 7.71
C PHE X 60 -72.13 25.55 9.20
N ARG X 61 -73.22 25.40 9.92
CA ARG X 61 -73.13 25.55 11.34
C ARG X 61 -73.98 24.56 12.11
N LEU X 62 -73.51 24.15 13.28
CA LEU X 62 -74.30 23.26 14.12
C LEU X 62 -74.41 23.86 15.52
N PRO X 63 -75.63 23.91 16.08
CA PRO X 63 -75.82 24.47 17.43
C PRO X 63 -75.19 23.63 18.52
N ALA X 64 -74.65 24.30 19.52
CA ALA X 64 -73.97 23.57 20.59
C ALA X 64 -74.89 22.67 21.39
N SER X 65 -76.09 23.15 21.68
CA SER X 65 -77.01 22.36 22.49
C SER X 65 -77.38 21.08 21.79
N VAL X 66 -77.54 21.13 20.48
CA VAL X 66 -77.84 19.92 19.73
C VAL X 66 -76.70 18.90 19.80
N THR X 67 -75.46 19.36 19.79
CA THR X 67 -74.33 18.44 19.82
C THR X 67 -74.39 17.65 21.11
N ALA X 68 -74.66 18.30 22.22
CA ALA X 68 -74.82 17.61 23.52
C ALA X 68 -74.47 16.15 23.68
N ASP X 69 -75.39 15.28 23.31
CA ASP X 69 -75.21 13.86 23.57
C ASP X 69 -74.49 13.04 22.52
N LEU X 70 -73.85 13.70 21.57
CA LEU X 70 -73.23 12.95 20.47
C LEU X 70 -72.18 11.99 21.01
N PRO X 71 -72.04 10.82 20.39
CA PRO X 71 -71.11 9.80 20.89
C PRO X 71 -69.64 10.15 20.98
N PRO X 72 -68.99 9.83 22.12
CA PRO X 72 -67.54 10.03 22.22
C PRO X 72 -66.85 8.93 21.44
N GLY X 73 -65.82 9.23 20.65
CA GLY X 73 -65.21 8.20 19.82
C GLY X 73 -64.80 8.69 18.45
N GLU X 74 -64.91 7.83 17.45
CA GLU X 74 -64.54 8.19 16.08
C GLU X 74 -65.74 8.43 15.14
N TRP X 75 -65.71 9.49 14.35
CA TRP X 75 -66.82 9.82 13.47
C TRP X 75 -66.36 10.05 12.05
N THR X 76 -67.24 9.83 11.08
CA THR X 76 -66.89 10.00 9.68
C THR X 76 -67.63 11.14 8.99
N TRP X 77 -66.99 11.78 8.02
CA TRP X 77 -67.58 12.92 7.32
C TRP X 77 -67.76 12.63 5.84
N PHE X 78 -68.99 12.60 5.36
CA PHE X 78 -69.22 12.40 3.95
C PHE X 78 -70.19 13.51 3.49
N ALA X 79 -69.93 14.15 2.35
CA ALA X 79 -70.80 15.22 1.88
C ALA X 79 -71.63 14.81 0.68
N VAL X 80 -72.94 14.96 0.76
CA VAL X 80 -73.80 14.52 -0.31
C VAL X 80 -74.72 15.59 -0.84
N ALA X 81 -74.86 15.70 -2.16
CA ALA X 81 -75.80 16.64 -2.74
C ALA X 81 -76.87 15.80 -3.38
N VAL X 82 -78.14 16.09 -3.09
CA VAL X 82 -79.20 15.22 -3.62
C VAL X 82 -80.39 15.95 -4.23
N ASP X 83 -80.89 15.49 -5.38
CA ASP X 83 -82.10 16.08 -5.95
C ASP X 83 -83.13 15.03 -6.26
N ALA X 84 -84.36 15.23 -5.80
CA ALA X 84 -85.43 14.27 -6.05
C ALA X 84 -85.85 14.12 -7.51
N THR X 85 -85.92 15.22 -8.24
CA THR X 85 -86.32 15.15 -9.63
C THR X 85 -85.27 14.34 -10.34
N THR X 86 -84.01 14.59 -10.00
CA THR X 86 -82.92 13.81 -10.58
C THR X 86 -82.90 12.38 -10.08
N ASP X 87 -83.52 12.11 -8.94
CA ASP X 87 -83.53 10.77 -8.32
C ASP X 87 -82.11 10.27 -8.17
N ALA X 88 -81.22 11.18 -7.80
CA ALA X 88 -79.83 10.83 -7.67
C ALA X 88 -79.24 11.58 -6.53
N ARG X 89 -78.15 11.09 -5.99
CA ARG X 89 -77.45 11.80 -4.93
C ARG X 89 -76.07 11.86 -5.51
N ALA X 90 -75.23 12.76 -5.05
CA ALA X 90 -73.86 12.77 -5.50
C ALA X 90 -72.92 12.93 -4.31
N VAL X 91 -71.90 12.09 -4.22
CA VAL X 91 -71.03 12.18 -3.06
C VAL X 91 -69.68 12.71 -3.49
N LEU X 92 -69.26 13.82 -2.89
CA LEU X 92 -67.98 14.41 -3.27
C LEU X 92 -66.93 14.45 -2.17
N ALA X 93 -67.24 13.96 -0.98
CA ALA X 93 -66.29 14.11 0.14
C ALA X 93 -65.97 12.93 1.04
N GLN X 94 -64.80 12.98 1.68
CA GLN X 94 -64.41 11.91 2.62
C GLN X 94 -63.59 12.53 3.76
N GLY X 95 -63.60 11.91 4.95
CA GLY X 95 -62.81 12.41 6.05
C GLY X 95 -63.00 11.62 7.32
N ARG X 96 -62.31 12.00 8.39
CA ARG X 96 -62.46 11.32 9.68
C ARG X 96 -62.20 12.29 10.81
N VAL X 97 -63.11 12.37 11.77
CA VAL X 97 -62.97 13.32 12.86
C VAL X 97 -63.25 12.63 14.18
N THR X 98 -62.60 13.07 15.26
CA THR X 98 -62.79 12.42 16.54
C THR X 98 -63.53 13.34 17.50
N VAL X 99 -64.45 12.76 18.27
CA VAL X 99 -65.20 13.56 19.21
C VAL X 99 -64.63 13.40 20.60
N ILE X 100 -64.09 14.48 21.14
CA ILE X 100 -63.50 14.47 22.47
C ILE X 100 -64.62 14.36 23.47
N PRO X 101 -64.43 13.60 24.55
CA PRO X 101 -65.57 13.53 25.47
C PRO X 101 -65.95 14.89 26.02
N ASP X 102 -67.24 15.18 26.16
CA ASP X 102 -67.69 16.48 26.65
C ASP X 102 -66.85 17.00 27.81
N PRO X 103 -66.19 18.16 27.65
CA PRO X 103 -65.34 18.52 28.76
C PRO X 103 -66.03 19.27 29.88
N LEU X 104 -67.28 19.67 29.70
CA LEU X 104 -67.92 20.47 30.73
C LEU X 104 -68.81 19.68 31.65
N ALA X 105 -68.82 18.36 31.51
CA ALA X 105 -69.73 17.55 32.32
C ALA X 105 -69.35 16.10 32.52
N GLY X 106 -70.01 15.44 33.46
CA GLY X 106 -69.80 14.01 33.67
C GLY X 106 -69.11 13.53 34.90
N THR X 107 -69.49 12.33 35.34
CA THR X 107 -68.86 11.74 36.51
C THR X 107 -67.40 11.32 36.36
N GLU X 108 -67.06 10.59 35.29
CA GLU X 108 -65.64 10.24 35.07
C GLU X 108 -65.19 9.91 33.65
N ASP X 109 -63.98 10.31 33.28
CA ASP X 109 -63.41 9.93 32.00
C ASP X 109 -61.94 9.70 32.32
N ARG X 110 -61.41 8.54 31.99
CA ARG X 110 -59.98 8.32 32.21
C ARG X 110 -59.19 8.70 30.99
N ARG X 111 -57.91 8.43 31.03
CA ARG X 111 -57.09 8.69 29.87
C ARG X 111 -57.29 7.63 28.81
N THR X 112 -56.69 7.82 27.65
CA THR X 112 -56.79 6.87 26.56
C THR X 112 -56.13 5.59 27.04
N PRO X 113 -56.37 4.48 26.34
CA PRO X 113 -55.88 3.21 26.86
C PRO X 113 -54.40 3.18 27.18
N ALA X 114 -53.57 3.97 26.53
CA ALA X 114 -52.16 3.85 26.83
C ALA X 114 -51.90 4.09 28.30
N ARG X 115 -52.55 5.08 28.89
CA ARG X 115 -52.37 5.31 30.31
C ARG X 115 -52.85 4.15 31.17
N ARG X 116 -53.99 3.57 30.83
CA ARG X 116 -54.53 2.50 31.63
C ARG X 116 -53.59 1.32 31.67
N ILE X 117 -53.05 0.95 30.52
CA ILE X 117 -52.20 -0.21 30.50
C ILE X 117 -50.98 0.07 31.32
N LEU X 118 -50.44 1.27 31.18
CA LEU X 118 -49.24 1.62 31.92
C LEU X 118 -49.48 1.61 33.41
N ALA X 119 -50.60 2.17 33.84
CA ALA X 119 -50.86 2.23 35.26
C ALA X 119 -50.97 0.83 35.81
N ALA X 120 -51.66 -0.03 35.09
CA ALA X 120 -51.85 -1.37 35.60
C ALA X 120 -50.53 -2.11 35.72
N ILE X 121 -49.61 -1.92 34.77
CA ILE X 121 -48.36 -2.66 34.78
C ILE X 121 -47.63 -2.28 36.04
N GLU X 122 -47.69 -1.00 36.40
CA GLU X 122 -47.07 -0.59 37.63
C GLU X 122 -47.71 -1.29 38.81
N ALA X 123 -49.03 -1.42 38.79
CA ALA X 123 -49.69 -2.14 39.85
C ALA X 123 -49.34 -3.62 39.94
N THR X 124 -49.33 -4.32 38.81
CA THR X 124 -49.07 -5.76 38.87
C THR X 124 -47.65 -6.05 39.30
N LEU X 125 -46.71 -5.24 38.83
CA LEU X 125 -45.33 -5.43 39.19
C LEU X 125 -45.20 -5.25 40.69
N GLU X 126 -45.96 -4.31 41.24
CA GLU X 126 -45.87 -4.05 42.67
C GLU X 126 -46.20 -5.27 43.47
N GLY X 127 -47.25 -5.97 43.07
CA GLY X 127 -47.64 -7.17 43.77
C GLY X 127 -46.62 -8.27 43.68
N ARG X 128 -46.04 -8.47 42.52
CA ARG X 128 -45.15 -9.59 42.37
C ARG X 128 -43.77 -9.28 42.86
N ALA X 129 -43.55 -8.05 43.26
CA ALA X 129 -42.27 -7.75 43.85
C ALA X 129 -42.14 -8.55 45.13
N THR X 130 -43.18 -8.56 45.92
CA THR X 130 -43.18 -9.32 47.16
C THR X 130 -43.98 -10.55 46.86
N LYS X 131 -44.07 -11.49 47.79
CA LYS X 131 -44.89 -12.67 47.60
C LYS X 131 -44.51 -13.34 46.30
N ASP X 132 -43.22 -13.42 46.04
CA ASP X 132 -42.80 -13.94 44.74
C ASP X 132 -43.25 -15.34 44.50
N ALA X 133 -43.82 -15.59 43.33
CA ALA X 133 -44.33 -16.92 43.04
C ALA X 133 -44.66 -17.17 41.59
N ASP X 134 -44.10 -18.21 41.02
CA ASP X 134 -44.48 -18.56 39.67
C ASP X 134 -45.47 -19.69 39.63
N THR X 135 -45.78 -20.31 40.77
CA THR X 135 -46.83 -21.33 40.79
C THR X 135 -47.56 -21.41 42.13
N TYR X 136 -48.64 -20.67 42.29
CA TYR X 136 -49.34 -20.69 43.55
C TYR X 136 -50.24 -21.88 43.57
N SER X 137 -49.66 -23.08 43.53
CA SER X 137 -50.49 -24.27 43.41
C SER X 137 -50.99 -24.94 44.66
N ILE X 138 -52.26 -24.76 44.99
CA ILE X 138 -52.82 -25.36 46.19
C ILE X 138 -53.97 -26.26 45.89
N GLU X 139 -53.89 -27.51 46.32
CA GLU X 139 -54.96 -28.49 46.13
C GLU X 139 -55.32 -28.89 44.70
N GLY X 140 -55.94 -28.00 43.95
CA GLY X 140 -56.28 -28.30 42.57
C GLY X 140 -56.19 -27.07 41.71
N ARG X 141 -55.63 -26.00 42.24
CA ARG X 141 -55.58 -24.76 41.49
C ARG X 141 -54.16 -24.33 41.26
N SER X 142 -53.79 -24.03 40.02
CA SER X 142 -52.45 -23.51 39.76
C SER X 142 -52.43 -22.27 38.86
N ILE X 143 -52.07 -21.12 39.40
CA ILE X 143 -52.00 -19.91 38.60
C ILE X 143 -50.91 -19.66 37.54
N THR X 144 -49.65 -19.97 37.83
CA THR X 144 -48.53 -19.77 36.86
C THR X 144 -48.23 -18.42 36.13
N ARG X 145 -48.06 -17.30 36.83
CA ARG X 145 -47.79 -15.97 36.22
C ARG X 145 -46.89 -15.74 34.98
N THR X 146 -47.03 -14.59 34.29
CA THR X 146 -46.25 -14.29 33.10
C THR X 146 -44.86 -13.93 33.47
N PRO X 147 -43.91 -14.36 32.65
CA PRO X 147 -42.52 -14.13 33.06
C PRO X 147 -42.19 -12.67 33.26
N LEU X 148 -41.36 -12.39 34.26
CA LEU X 148 -40.99 -11.01 34.56
C LEU X 148 -40.31 -10.32 33.40
N PRO X 149 -39.44 -11.02 32.66
CA PRO X 149 -38.89 -10.29 31.52
C PRO X 149 -40.00 -9.83 30.57
N ASP X 150 -41.03 -10.64 30.37
CA ASP X 150 -42.08 -10.27 29.46
C ASP X 150 -42.85 -9.03 29.89
N LEU X 151 -43.14 -8.92 31.18
CA LEU X 151 -43.93 -7.80 31.66
C LEU X 151 -43.17 -6.53 31.40
N LEU X 152 -41.86 -6.58 31.59
CA LEU X 152 -41.06 -5.40 31.43
C LEU X 152 -41.16 -4.88 30.01
N ARG X 153 -41.17 -5.76 29.02
CA ARG X 153 -41.19 -5.31 27.65
C ARG X 153 -42.45 -4.52 27.37
N LEU X 154 -43.57 -4.97 27.92
CA LEU X 154 -44.83 -4.29 27.68
C LEU X 154 -44.74 -2.90 28.23
N ARG X 155 -44.12 -2.74 29.38
CA ARG X 155 -44.10 -1.43 30.00
C ARG X 155 -43.40 -0.47 29.09
N ALA X 156 -42.27 -0.87 28.52
CA ALA X 156 -41.54 0.06 27.71
C ALA X 156 -42.28 0.50 26.48
N VAL X 157 -42.92 -0.44 25.79
CA VAL X 157 -43.58 -0.06 24.55
C VAL X 157 -44.67 0.94 24.85
N TYR X 158 -45.46 0.65 25.86
CA TYR X 158 -46.54 1.52 26.17
C TYR X 158 -46.08 2.87 26.64
N ALA X 159 -45.01 2.91 27.41
CA ALA X 159 -44.55 4.18 27.95
C ALA X 159 -44.19 5.10 26.82
N GLU X 160 -43.60 4.55 25.80
CA GLU X 160 -43.24 5.37 24.66
C GLU X 160 -44.49 5.99 24.03
N GLN X 161 -45.55 5.23 23.90
CA GLN X 161 -46.72 5.79 23.26
C GLN X 161 -47.25 6.93 24.08
N VAL X 162 -47.26 6.79 25.40
CA VAL X 162 -47.85 7.87 26.19
C VAL X 162 -47.01 9.10 25.94
N ALA X 163 -45.70 8.91 25.84
CA ALA X 163 -44.85 10.04 25.57
C ALA X 163 -45.17 10.65 24.23
N ARG X 164 -45.41 9.83 23.23
CA ARG X 164 -45.66 10.36 21.90
C ARG X 164 -46.92 11.21 21.87
N GLU X 165 -47.98 10.72 22.50
CA GLU X 165 -49.23 11.46 22.50
C GLU X 165 -49.10 12.77 23.23
N THR X 166 -48.43 12.75 24.36
CA THR X 166 -48.21 13.98 25.10
C THR X 166 -47.35 14.90 24.26
N GLY X 167 -46.41 14.33 23.50
CA GLY X 167 -45.51 15.15 22.70
C GLY X 167 -44.17 15.40 23.35
N ARG X 168 -43.91 14.76 24.48
CA ARG X 168 -42.64 14.91 25.16
C ARG X 168 -41.69 13.81 24.71
N SER X 169 -42.09 13.05 23.69
CA SER X 169 -41.29 11.92 23.18
C SER X 169 -39.90 12.12 22.57
N PRO X 170 -39.58 13.33 22.10
CA PRO X 170 -38.27 13.41 21.46
C PRO X 170 -37.18 12.87 22.35
N TYR X 171 -36.25 12.12 21.78
CA TYR X 171 -35.21 11.51 22.57
C TYR X 171 -34.41 12.56 23.29
N ARG X 172 -34.10 12.31 24.56
CA ARG X 172 -33.43 13.31 25.39
C ARG X 172 -32.02 13.72 24.99
N GLN X 173 -31.65 14.96 25.28
CA GLN X 173 -30.32 15.45 24.91
C GLN X 173 -29.63 16.16 26.07
N ARG X 174 -28.42 15.74 26.43
CA ARG X 174 -27.67 16.42 27.48
C ARG X 174 -26.51 17.13 26.85
N ARG X 175 -26.36 18.42 27.08
CA ARG X 175 -25.31 19.15 26.40
C ARG X 175 -24.12 19.25 27.31
N VAL X 176 -22.94 18.81 26.87
CA VAL X 176 -21.81 18.79 27.78
C VAL X 176 -21.53 20.20 28.16
N SER X 177 -21.44 21.08 27.18
CA SER X 177 -21.27 22.50 27.47
C SER X 177 -20.21 22.72 28.54
N PHE X 178 -19.08 22.05 28.41
CA PHE X 178 -18.04 22.15 29.42
C PHE X 178 -18.63 22.10 30.82
#